data_8XB6
#
_entry.id   8XB6
#
loop_
_entity.id
_entity.type
_entity.pdbx_description
1 polymer 'Portal protein'
2 polymer 'Major capsid protein'
#
loop_
_entity_poly.entity_id
_entity_poly.type
_entity_poly.pdbx_seq_one_letter_code
_entity_poly.pdbx_strand_id
1 'polypeptide(L)'
;MRDSNNIKYVREDAKKMHKLWAHIRMAMEGSRAIKDNAKEFVPHPDNTKATTPEGVARYKAYIERAVWYGASANTVDGML
GQIFARDPVFTGPEDKFDMLINDVDGSGLSIHQQARDSAEDALSLGRGGLFVDYSYVTTNGVSEAQEESGEARPYIKFIA
AEDILNWRERWVNGAKRTTLLVFREESDADDDGYQIYKEEVWRELRLVDGTYWQRTWRENDGQLYVDDWISPTKADGSQF
DEIPFVIFGSKNNDPTIDMPPMRDLVELNIAHFRNSADYEEACFICGQPTLFLSGLTEHWVKNVLGGAVVIGSRDAVPLP
VNAKPELLQAEGNGMVKEAMDQKERQMVALGAKLIDSDKTQRTFGEASMEAAAQNSVLSRVSKNVSDAYTKALRWAAMFL
GLDEKIEYELNSDFDINKMSPEELAAVISAWQSNAISFTEMRWQIKKGGRAYLEDEDMRNESEQDDPLKLDITKPDPNED
PNASEDDQTDPNDETKEKDAETGGAE
;
A,B,C,D,E,F,G,H,I,J,K,L
2 'polypeptide(L)'
;MALSDLQVFNDWAYKTMSEVLDQQVELFNGATRGAIILRSAGNTGDLSEAAFWAKIQGLVRPRDPYSNADVAAKDLRQLV
DNTIKVASGTPPINIPPSMLRWIQKNPQEAGAVIGQQLAGDTMQDMLNNGLAAGKAAFTAGGAVHDISAAGTGLMTQRAF
NAAQRIFGDRSTDIQVWVSHSSPLFDLYDNALANAEQLYVFGTVNVRADAFGRPIIITDSPALVSGAAETLRHSTLGLTT
GAILIEQNQDFDSTVVDGTGKQNITRQYQAEWSYNLGVNGYAYDIATGGKAPNPTALATAANWDKISTSIKDTGGVVLVT
K
;
M,N,O,P,Q,R,S,T,U,V
#
# COMPACT_ATOMS: atom_id res chain seq x y z
N ASP A 3 -64.30 45.76 -19.86
CA ASP A 3 -62.86 45.82 -20.04
C ASP A 3 -62.13 45.31 -18.80
N SER A 4 -62.87 45.16 -17.70
CA SER A 4 -62.34 44.61 -16.45
C SER A 4 -63.17 43.38 -16.10
N ASN A 5 -62.57 42.20 -16.25
CA ASN A 5 -63.31 40.96 -16.07
C ASN A 5 -62.40 39.87 -15.52
N ASN A 6 -63.02 38.96 -14.77
CA ASN A 6 -62.39 37.70 -14.35
C ASN A 6 -61.07 37.92 -13.62
N ILE A 7 -61.04 38.94 -12.76
CA ILE A 7 -59.89 39.17 -11.90
C ILE A 7 -59.88 38.05 -10.87
N LYS A 8 -58.75 37.87 -10.17
CA LYS A 8 -58.60 36.83 -9.16
C LYS A 8 -58.82 35.45 -9.78
N TYR A 9 -58.44 35.34 -11.05
CA TYR A 9 -58.46 34.07 -11.77
C TYR A 9 -57.02 33.68 -12.08
N VAL A 10 -56.69 32.42 -11.83
CA VAL A 10 -55.32 31.92 -11.95
C VAL A 10 -55.21 31.09 -13.22
N ARG A 11 -54.17 31.36 -14.00
CA ARG A 11 -53.96 30.64 -15.25
C ARG A 11 -53.71 29.15 -14.98
N GLU A 12 -54.23 28.30 -15.86
CA GLU A 12 -54.30 26.87 -15.54
C GLU A 12 -52.94 26.22 -15.53
N ASP A 13 -51.95 26.78 -16.22
CA ASP A 13 -50.59 26.25 -16.11
C ASP A 13 -50.09 26.38 -14.68
N ALA A 14 -50.34 27.53 -14.05
CA ALA A 14 -50.05 27.68 -12.64
C ALA A 14 -50.86 26.70 -11.80
N LYS A 15 -52.09 26.37 -12.23
CA LYS A 15 -52.86 25.37 -11.51
C LYS A 15 -52.18 24.00 -11.55
N LYS A 16 -51.65 23.61 -12.70
CA LYS A 16 -50.91 22.36 -12.76
C LYS A 16 -49.64 22.43 -11.93
N MET A 17 -49.07 23.63 -11.78
CA MET A 17 -47.80 23.75 -11.10
C MET A 17 -47.90 23.99 -9.59
N HIS A 18 -49.08 24.33 -9.07
CA HIS A 18 -49.20 24.59 -7.63
C HIS A 18 -48.83 23.39 -6.79
N LYS A 19 -49.16 22.18 -7.21
CA LYS A 19 -48.85 21.02 -6.39
C LYS A 19 -47.34 20.86 -6.22
N LEU A 20 -46.60 20.98 -7.33
CA LEU A 20 -45.14 20.91 -7.26
C LEU A 20 -44.57 22.05 -6.43
N TRP A 21 -45.11 23.25 -6.59
CA TRP A 21 -44.62 24.39 -5.80
C TRP A 21 -44.86 24.17 -4.32
N ALA A 22 -46.04 23.66 -3.96
CA ALA A 22 -46.34 23.41 -2.55
C ALA A 22 -45.45 22.34 -1.98
N HIS A 23 -45.21 21.26 -2.73
CA HIS A 23 -44.31 20.22 -2.23
C HIS A 23 -42.89 20.76 -2.05
N ILE A 24 -42.43 21.61 -2.97
CA ILE A 24 -41.10 22.18 -2.84
C ILE A 24 -41.02 23.11 -1.63
N ARG A 25 -42.05 23.92 -1.40
CA ARG A 25 -42.06 24.79 -0.22
C ARG A 25 -42.06 23.96 1.05
N MET A 26 -42.81 22.86 1.07
CA MET A 26 -42.78 21.96 2.22
C MET A 26 -41.39 21.40 2.45
N ALA A 27 -40.70 21.00 1.36
CA ALA A 27 -39.33 20.50 1.50
C ALA A 27 -38.41 21.57 2.06
N MET A 28 -38.55 22.82 1.59
CA MET A 28 -37.72 23.90 2.12
C MET A 28 -38.02 24.16 3.59
N GLU A 29 -39.27 23.97 4.02
CA GLU A 29 -39.63 24.24 5.40
C GLU A 29 -38.84 23.37 6.37
N GLY A 30 -38.72 22.08 6.06
CA GLY A 30 -37.94 21.19 6.89
C GLY A 30 -38.74 19.95 7.25
N SER A 31 -38.33 19.30 8.35
CA SER A 31 -38.97 18.06 8.75
C SER A 31 -40.42 18.26 9.13
N ARG A 32 -40.74 19.36 9.81
CA ARG A 32 -42.06 19.53 10.40
C ARG A 32 -43.14 19.57 9.33
N ALA A 33 -42.90 20.28 8.22
CA ALA A 33 -43.88 20.34 7.15
C ALA A 33 -44.13 18.97 6.55
N ILE A 34 -43.06 18.21 6.30
CA ILE A 34 -43.20 16.90 5.69
C ILE A 34 -43.97 15.97 6.61
N LYS A 35 -43.61 15.96 7.90
CA LYS A 35 -44.31 15.09 8.85
C LYS A 35 -45.74 15.54 9.11
N ASP A 36 -46.04 16.82 8.86
CA ASP A 36 -47.41 17.29 9.02
C ASP A 36 -48.33 16.69 7.97
N ASN A 37 -47.81 16.42 6.78
CA ASN A 37 -48.57 15.85 5.68
C ASN A 37 -47.94 14.54 5.20
N ALA A 38 -47.59 13.66 6.15
CA ALA A 38 -46.98 12.39 5.80
C ALA A 38 -47.90 11.49 4.99
N LYS A 39 -49.21 11.74 5.03
CA LYS A 39 -50.14 10.92 4.25
C LYS A 39 -49.88 11.07 2.76
N GLU A 40 -49.58 12.28 2.30
CA GLU A 40 -49.31 12.49 0.88
C GLU A 40 -48.02 11.80 0.45
N PHE A 41 -46.99 11.83 1.29
CA PHE A 41 -45.69 11.32 0.90
C PHE A 41 -45.49 9.86 1.28
N VAL A 42 -45.81 9.50 2.52
CA VAL A 42 -45.58 8.15 3.03
C VAL A 42 -46.91 7.40 2.99
N PRO A 43 -47.09 6.43 2.10
CA PRO A 43 -48.31 5.63 2.14
C PRO A 43 -48.33 4.71 3.35
N HIS A 44 -49.53 4.44 3.84
CA HIS A 44 -49.67 3.55 4.98
C HIS A 44 -49.31 2.12 4.57
N PRO A 45 -48.46 1.43 5.34
CA PRO A 45 -48.08 0.06 4.95
C PRO A 45 -49.25 -0.91 4.88
N ASP A 46 -50.27 -0.72 5.71
CA ASP A 46 -51.46 -1.58 5.68
C ASP A 46 -52.70 -0.71 5.82
N ASN A 47 -53.53 -0.67 4.78
CA ASN A 47 -54.70 0.20 4.80
C ASN A 47 -55.81 -0.41 5.67
N THR A 48 -55.94 -1.73 5.66
CA THR A 48 -56.99 -2.38 6.44
C THR A 48 -56.85 -2.06 7.93
N LYS A 49 -55.62 -2.11 8.45
CA LYS A 49 -55.38 -1.63 9.80
C LYS A 49 -55.52 -0.12 9.87
N ALA A 50 -55.14 0.59 8.79
CA ALA A 50 -55.14 2.05 8.82
C ALA A 50 -56.51 2.62 9.10
N THR A 51 -57.56 1.98 8.57
CA THR A 51 -58.92 2.45 8.85
C THR A 51 -59.23 2.36 10.35
N THR A 52 -58.78 1.29 10.99
CA THR A 52 -59.10 1.05 12.39
C THR A 52 -58.35 2.03 13.30
N PRO A 53 -58.89 2.34 14.47
CA PRO A 53 -58.19 3.25 15.39
C PRO A 53 -56.84 2.72 15.86
N GLU A 54 -56.67 1.40 15.97
CA GLU A 54 -55.37 0.87 16.34
C GLU A 54 -54.35 1.00 15.21
N GLY A 55 -54.80 1.35 14.00
CA GLY A 55 -53.87 1.53 12.91
C GLY A 55 -53.36 2.95 12.77
N VAL A 56 -54.19 3.93 13.12
CA VAL A 56 -53.78 5.33 12.97
C VAL A 56 -52.68 5.67 13.96
N ALA A 57 -52.78 5.17 15.19
CA ALA A 57 -51.72 5.37 16.18
C ALA A 57 -50.42 4.73 15.71
N ARG A 58 -50.52 3.56 15.08
CA ARG A 58 -49.33 2.93 14.50
C ARG A 58 -48.73 3.82 13.43
N TYR A 59 -49.57 4.46 12.62
CA TYR A 59 -49.04 5.36 11.59
C TYR A 59 -48.34 6.57 12.21
N LYS A 60 -48.93 7.15 13.26
CA LYS A 60 -48.27 8.25 13.94
C LYS A 60 -46.91 7.83 14.47
N ALA A 61 -46.86 6.73 15.22
CA ALA A 61 -45.58 6.25 15.75
C ALA A 61 -44.61 5.92 14.63
N TYR A 62 -45.12 5.46 13.49
CA TYR A 62 -44.29 5.17 12.33
C TYR A 62 -43.65 6.45 11.78
N ILE A 63 -44.42 7.54 11.74
CA ILE A 63 -43.92 8.77 11.14
C ILE A 63 -42.98 9.51 12.09
N GLU A 64 -43.27 9.48 13.39
CA GLU A 64 -42.42 10.18 14.34
C GLU A 64 -41.00 9.62 14.34
N ARG A 65 -40.87 8.29 14.30
CA ARG A 65 -39.55 7.69 14.25
C ARG A 65 -38.79 8.04 12.98
N ALA A 66 -39.51 8.37 11.91
CA ALA A 66 -38.87 8.67 10.64
C ALA A 66 -38.03 9.93 10.75
N VAL A 67 -36.99 10.00 9.92
CA VAL A 67 -36.03 11.10 9.95
C VAL A 67 -36.05 11.80 8.60
N TRP A 68 -36.28 13.12 8.60
CA TRP A 68 -36.29 13.89 7.34
C TRP A 68 -34.88 14.41 7.04
N TYR A 69 -34.29 13.97 5.91
CA TYR A 69 -32.90 14.37 5.57
C TYR A 69 -32.86 15.87 5.32
N GLY A 70 -33.84 16.42 4.61
CA GLY A 70 -33.90 17.88 4.35
C GLY A 70 -32.65 18.39 3.66
N ALA A 71 -32.11 17.61 2.71
CA ALA A 71 -30.92 18.04 1.95
C ALA A 71 -31.32 19.14 0.95
N SER A 72 -32.58 19.12 0.49
CA SER A 72 -33.02 20.09 -0.49
C SER A 72 -32.82 21.53 0.00
N ALA A 73 -33.18 21.77 1.26
CA ALA A 73 -32.99 23.11 1.85
C ALA A 73 -31.52 23.49 1.77
N ASN A 74 -30.63 22.57 2.17
CA ASN A 74 -29.17 22.83 2.12
C ASN A 74 -28.77 23.06 0.65
N THR A 75 -29.25 22.21 -0.26
CA THR A 75 -28.96 22.38 -1.70
C THR A 75 -29.22 23.84 -2.09
N VAL A 76 -30.38 24.38 -1.70
CA VAL A 76 -30.73 25.74 -2.07
C VAL A 76 -29.84 26.73 -1.34
N ASP A 77 -29.60 26.51 -0.05
CA ASP A 77 -28.76 27.42 0.71
C ASP A 77 -27.33 27.44 0.18
N GLY A 78 -26.78 26.26 -0.16
CA GLY A 78 -25.44 26.22 -0.71
C GLY A 78 -25.34 26.91 -2.06
N MET A 79 -26.34 26.68 -2.92
CA MET A 79 -26.33 27.34 -4.22
C MET A 79 -26.41 28.85 -4.08
N LEU A 80 -27.29 29.33 -3.19
CA LEU A 80 -27.31 30.75 -2.88
C LEU A 80 -25.98 31.21 -2.28
N GLY A 81 -25.24 30.27 -1.71
CA GLY A 81 -23.93 30.60 -1.09
C GLY A 81 -22.94 31.13 -2.11
N GLN A 82 -22.45 30.27 -3.01
CA GLN A 82 -21.40 30.70 -3.99
C GLN A 82 -21.96 31.81 -4.89
N ILE A 83 -23.24 31.73 -5.28
CA ILE A 83 -23.82 32.73 -6.21
C ILE A 83 -23.67 34.13 -5.61
N PHE A 84 -23.91 34.28 -4.30
CA PHE A 84 -23.88 35.65 -3.71
C PHE A 84 -22.60 35.89 -2.91
N ALA A 85 -21.53 35.15 -3.20
CA ALA A 85 -20.26 35.45 -2.56
C ALA A 85 -19.92 36.92 -2.79
N ARG A 86 -19.40 37.57 -1.76
CA ARG A 86 -19.19 39.02 -1.77
C ARG A 86 -20.50 39.74 -2.04
N ASP A 87 -20.56 40.51 -3.12
CA ASP A 87 -21.74 41.28 -3.45
C ASP A 87 -21.82 41.51 -4.95
N PRO A 88 -23.01 41.74 -5.50
CA PRO A 88 -23.12 42.03 -6.92
C PRO A 88 -22.49 43.37 -7.27
N VAL A 89 -22.06 43.50 -8.51
CA VAL A 89 -21.46 44.73 -9.02
C VAL A 89 -22.56 45.56 -9.67
N PHE A 90 -22.48 46.87 -9.50
CA PHE A 90 -23.39 47.80 -10.14
C PHE A 90 -22.61 48.74 -11.05
N THR A 91 -23.07 48.86 -12.28
CA THR A 91 -22.40 49.67 -13.30
C THR A 91 -23.28 50.87 -13.60
N GLY A 92 -22.72 52.06 -13.42
CA GLY A 92 -23.47 53.28 -13.60
C GLY A 92 -23.23 54.24 -12.46
N PRO A 93 -23.86 55.42 -12.52
CA PRO A 93 -23.70 56.40 -11.44
C PRO A 93 -24.23 55.85 -10.12
N GLU A 94 -23.54 56.20 -9.04
CA GLU A 94 -23.94 55.77 -7.70
C GLU A 94 -24.61 56.87 -6.90
N ASP A 95 -24.19 58.12 -7.07
CA ASP A 95 -24.71 59.21 -6.25
C ASP A 95 -26.17 59.50 -6.54
N LYS A 96 -26.62 59.28 -7.78
CA LYS A 96 -28.01 59.49 -8.13
C LYS A 96 -28.84 58.21 -8.10
N PHE A 97 -28.24 57.08 -7.72
CA PHE A 97 -28.95 55.81 -7.65
C PHE A 97 -28.96 55.23 -6.25
N ASP A 98 -28.63 56.04 -5.23
CA ASP A 98 -28.59 55.53 -3.87
C ASP A 98 -29.98 55.16 -3.36
N MET A 99 -31.02 55.80 -3.89
CA MET A 99 -32.38 55.53 -3.42
C MET A 99 -32.82 54.10 -3.73
N LEU A 100 -32.36 53.55 -4.86
CA LEU A 100 -32.71 52.17 -5.18
C LEU A 100 -31.76 51.18 -4.51
N ILE A 101 -30.50 51.55 -4.34
CA ILE A 101 -29.52 50.63 -3.78
C ILE A 101 -29.75 50.44 -2.28
N ASN A 102 -29.89 51.55 -1.54
CA ASN A 102 -29.95 51.46 -0.09
C ASN A 102 -31.28 50.88 0.39
N ASP A 103 -32.38 51.35 -0.19
CA ASP A 103 -33.73 50.88 0.19
C ASP A 103 -34.60 50.73 -1.07
N VAL A 104 -34.59 49.52 -1.63
CA VAL A 104 -35.15 49.29 -2.95
C VAL A 104 -36.67 49.47 -2.95
N ASP A 105 -37.35 49.07 -1.87
CA ASP A 105 -38.80 49.14 -1.82
C ASP A 105 -39.31 50.08 -0.73
N GLY A 106 -38.45 50.95 -0.22
CA GLY A 106 -38.86 51.91 0.80
C GLY A 106 -38.94 51.35 2.21
N SER A 107 -38.58 50.09 2.41
CA SER A 107 -38.61 49.46 3.73
C SER A 107 -37.24 49.46 4.39
N GLY A 108 -36.27 50.19 3.83
CA GLY A 108 -34.91 50.14 4.31
C GLY A 108 -34.14 48.92 3.85
N LEU A 109 -34.74 48.06 3.04
CA LEU A 109 -34.10 46.83 2.60
C LEU A 109 -33.31 47.12 1.33
N SER A 110 -32.02 46.75 1.33
CA SER A 110 -31.14 47.04 0.22
C SER A 110 -31.52 46.21 -1.00
N ILE A 111 -31.10 46.68 -2.17
CA ILE A 111 -31.37 45.95 -3.40
C ILE A 111 -30.66 44.61 -3.40
N HIS A 112 -29.53 44.51 -2.70
CA HIS A 112 -28.80 43.25 -2.64
C HIS A 112 -29.62 42.18 -1.91
N GLN A 113 -30.29 42.54 -0.83
CA GLN A 113 -31.09 41.56 -0.10
C GLN A 113 -32.30 41.11 -0.90
N GLN A 114 -32.97 42.04 -1.59
CA GLN A 114 -34.07 41.65 -2.46
C GLN A 114 -33.58 40.77 -3.60
N ALA A 115 -32.39 41.07 -4.13
CA ALA A 115 -31.82 40.21 -5.15
C ALA A 115 -31.54 38.81 -4.62
N ARG A 116 -31.04 38.73 -3.38
CA ARG A 116 -30.80 37.42 -2.77
C ARG A 116 -32.10 36.64 -2.63
N ASP A 117 -33.16 37.32 -2.16
CA ASP A 117 -34.45 36.65 -2.02
C ASP A 117 -34.97 36.19 -3.37
N SER A 118 -34.87 37.04 -4.39
CA SER A 118 -35.37 36.67 -5.71
C SER A 118 -34.58 35.50 -6.29
N ALA A 119 -33.26 35.50 -6.11
CA ALA A 119 -32.45 34.40 -6.63
C ALA A 119 -32.77 33.10 -5.90
N GLU A 120 -32.96 33.15 -4.59
CA GLU A 120 -33.36 31.96 -3.86
C GLU A 120 -34.72 31.45 -4.32
N ASP A 121 -35.66 32.38 -4.54
CA ASP A 121 -36.99 32.01 -5.01
C ASP A 121 -36.92 31.37 -6.40
N ALA A 122 -36.11 31.94 -7.30
CA ALA A 122 -36.02 31.42 -8.65
C ALA A 122 -35.11 30.21 -8.76
N LEU A 123 -34.37 29.89 -7.71
CA LEU A 123 -33.58 28.66 -7.70
C LEU A 123 -34.30 27.50 -7.02
N SER A 124 -35.15 27.79 -6.04
CA SER A 124 -35.87 26.72 -5.35
C SER A 124 -36.98 26.16 -6.22
N LEU A 125 -37.95 26.99 -6.57
CA LEU A 125 -39.09 26.58 -7.40
C LEU A 125 -39.15 27.32 -8.73
N GLY A 126 -38.10 28.07 -9.06
CA GLY A 126 -37.92 28.51 -10.45
C GLY A 126 -38.97 29.47 -10.98
N ARG A 127 -39.39 30.45 -10.17
CA ARG A 127 -40.26 31.49 -10.68
C ARG A 127 -40.20 32.70 -9.76
N GLY A 128 -40.44 33.87 -10.34
CA GLY A 128 -40.46 35.11 -9.60
C GLY A 128 -40.77 36.25 -10.53
N GLY A 129 -41.01 37.42 -9.95
CA GLY A 129 -41.37 38.58 -10.73
C GLY A 129 -40.89 39.87 -10.08
N LEU A 130 -40.56 40.84 -10.93
CA LEU A 130 -40.19 42.17 -10.51
C LEU A 130 -41.18 43.18 -11.07
N PHE A 131 -41.45 44.22 -10.31
CA PHE A 131 -42.41 45.24 -10.72
C PHE A 131 -41.91 46.59 -10.21
N VAL A 132 -41.94 47.59 -11.10
CA VAL A 132 -41.54 48.95 -10.74
C VAL A 132 -42.70 49.88 -11.04
N ASP A 133 -43.04 50.73 -10.08
CA ASP A 133 -44.14 51.68 -10.23
C ASP A 133 -43.79 52.98 -9.52
N TYR A 134 -44.16 54.08 -10.17
CA TYR A 134 -43.91 55.40 -9.61
C TYR A 134 -44.72 55.60 -8.34
N SER A 135 -44.20 56.44 -7.44
CA SER A 135 -44.84 56.65 -6.15
C SER A 135 -46.17 57.40 -6.32
N ALA A 152 -40.99 61.92 -4.83
CA ALA A 152 -41.37 61.05 -5.94
C ALA A 152 -40.23 60.09 -6.23
N ARG A 153 -40.54 58.79 -6.19
CA ARG A 153 -39.50 57.78 -6.29
C ARG A 153 -40.10 56.45 -6.71
N PRO A 154 -39.53 55.76 -7.68
CA PRO A 154 -40.03 54.43 -8.04
C PRO A 154 -39.52 53.37 -7.09
N TYR A 155 -40.32 52.31 -6.95
CA TYR A 155 -40.00 51.19 -6.08
C TYR A 155 -39.94 49.92 -6.91
N ILE A 156 -38.87 49.16 -6.77
CA ILE A 156 -38.70 47.90 -7.49
C ILE A 156 -39.29 46.81 -6.60
N LYS A 157 -40.57 46.49 -6.81
CA LYS A 157 -41.27 45.52 -6.00
C LYS A 157 -40.70 44.13 -6.25
N PHE A 158 -41.17 43.15 -5.48
CA PHE A 158 -40.86 41.75 -5.73
C PHE A 158 -42.14 40.95 -5.57
N ILE A 159 -42.50 40.21 -6.62
CA ILE A 159 -43.73 39.42 -6.64
C ILE A 159 -43.35 37.96 -6.59
N ALA A 160 -43.84 37.24 -5.59
CA ALA A 160 -43.52 35.83 -5.43
C ALA A 160 -44.11 35.01 -6.57
N ALA A 161 -43.67 33.76 -6.67
CA ALA A 161 -44.12 32.88 -7.74
C ALA A 161 -45.62 32.61 -7.66
N GLU A 162 -46.15 32.53 -6.45
CA GLU A 162 -47.57 32.24 -6.27
C GLU A 162 -48.44 33.48 -6.33
N ASP A 163 -47.86 34.68 -6.30
CA ASP A 163 -48.65 35.89 -6.36
C ASP A 163 -48.97 36.29 -7.79
N ILE A 164 -48.06 36.00 -8.73
CA ILE A 164 -48.39 36.14 -10.14
C ILE A 164 -49.38 35.05 -10.53
N LEU A 165 -50.51 35.45 -11.10
CA LEU A 165 -51.57 34.49 -11.36
C LEU A 165 -52.29 34.67 -12.69
N ASN A 166 -51.89 35.61 -13.53
CA ASN A 166 -52.52 35.76 -14.83
C ASN A 166 -51.65 36.60 -15.74
N TRP A 167 -51.47 36.14 -16.97
CA TRP A 167 -50.72 36.89 -17.96
C TRP A 167 -51.23 36.52 -19.34
N ARG A 168 -50.98 37.39 -20.31
CA ARG A 168 -51.41 37.17 -21.68
C ARG A 168 -50.27 37.52 -22.63
N GLU A 169 -50.26 36.87 -23.79
CA GLU A 169 -49.20 37.04 -24.78
C GLU A 169 -49.84 37.00 -26.17
N ARG A 170 -50.17 38.16 -26.71
CA ARG A 170 -50.64 38.28 -28.08
C ARG A 170 -49.57 38.96 -28.93
N TRP A 171 -49.78 38.93 -30.25
CA TRP A 171 -48.81 39.39 -31.23
C TRP A 171 -49.35 40.65 -31.91
N VAL A 172 -48.83 41.80 -31.51
CA VAL A 172 -49.22 43.09 -32.06
C VAL A 172 -48.08 43.60 -32.91
N ASN A 173 -48.36 43.84 -34.19
CA ASN A 173 -47.33 44.15 -35.19
C ASN A 173 -46.23 43.11 -35.19
N GLY A 174 -46.62 41.84 -35.12
CA GLY A 174 -45.66 40.75 -35.24
C GLY A 174 -44.57 40.77 -34.18
N ALA A 175 -44.92 41.13 -32.95
CA ALA A 175 -43.96 41.20 -31.85
C ALA A 175 -44.53 40.50 -30.64
N LYS A 176 -43.73 39.61 -30.03
CA LYS A 176 -44.11 38.96 -28.79
C LYS A 176 -44.34 40.02 -27.71
N ARG A 177 -45.58 40.19 -27.28
CA ARG A 177 -45.93 41.23 -26.33
C ARG A 177 -46.76 40.66 -25.20
N THR A 178 -46.47 41.11 -23.98
CA THR A 178 -47.27 40.76 -22.81
C THR A 178 -48.34 41.84 -22.66
N THR A 179 -49.56 41.53 -23.07
CA THR A 179 -50.62 42.53 -23.06
C THR A 179 -51.24 42.68 -21.67
N LEU A 180 -51.67 41.57 -21.08
CA LEU A 180 -52.32 41.57 -19.78
C LEU A 180 -51.44 40.87 -18.75
N LEU A 181 -51.43 41.40 -17.53
CA LEU A 181 -50.72 40.76 -16.43
C LEU A 181 -51.36 41.22 -15.13
N VAL A 182 -51.79 40.27 -14.30
CA VAL A 182 -52.44 40.56 -13.03
C VAL A 182 -51.73 39.77 -11.93
N PHE A 183 -51.40 40.44 -10.84
CA PHE A 183 -50.76 39.80 -9.69
C PHE A 183 -51.42 40.29 -8.40
N ARG A 184 -51.22 39.52 -7.34
CA ARG A 184 -51.84 39.78 -6.05
C ARG A 184 -50.81 40.27 -5.05
N GLU A 185 -51.22 41.21 -4.20
CA GLU A 185 -50.37 41.74 -3.15
C GLU A 185 -51.12 41.71 -1.83
N GLU A 186 -50.43 41.36 -0.76
CA GLU A 186 -51.02 41.26 0.57
C GLU A 186 -50.59 42.46 1.41
N SER A 187 -51.51 42.99 2.20
CA SER A 187 -51.23 44.13 3.07
C SER A 187 -52.16 44.08 4.28
N ASP A 188 -51.76 44.78 5.34
CA ASP A 188 -52.54 44.86 6.56
C ASP A 188 -52.91 46.30 6.86
N ALA A 189 -54.21 46.60 6.85
CA ALA A 189 -54.68 47.94 7.15
C ALA A 189 -54.38 48.31 8.60
N ASP A 190 -54.08 49.58 8.82
CA ASP A 190 -53.64 50.07 10.14
C ASP A 190 -54.75 50.90 10.75
N ASP A 191 -55.47 50.31 11.70
CA ASP A 191 -56.39 51.07 12.52
C ASP A 191 -55.68 51.57 13.79
N ASP A 192 -56.44 52.18 14.69
CA ASP A 192 -55.85 52.63 15.94
C ASP A 192 -55.61 51.48 16.90
N GLY A 193 -56.16 50.30 16.59
CA GLY A 193 -55.92 49.13 17.41
C GLY A 193 -54.62 48.44 17.05
N TYR A 194 -54.40 47.30 17.69
CA TYR A 194 -53.19 46.51 17.50
C TYR A 194 -53.43 45.24 16.71
N GLN A 195 -54.61 45.08 16.11
CA GLN A 195 -54.96 43.81 15.49
C GLN A 195 -54.44 43.74 14.06
N ILE A 196 -54.41 42.53 13.50
CA ILE A 196 -53.88 42.28 12.17
C ILE A 196 -55.01 41.90 11.24
N TYR A 197 -55.15 42.67 10.14
CA TYR A 197 -56.12 42.35 9.11
C TYR A 197 -55.39 42.12 7.79
N LYS A 198 -56.09 41.63 6.78
CA LYS A 198 -55.46 41.32 5.50
C LYS A 198 -56.20 42.03 4.36
N GLU A 199 -55.43 42.58 3.43
CA GLU A 199 -55.97 43.23 2.24
C GLU A 199 -55.39 42.55 1.01
N GLU A 200 -56.25 41.85 0.27
CA GLU A 200 -55.81 41.18 -0.96
C GLU A 200 -55.96 42.15 -2.14
N VAL A 201 -55.06 43.13 -2.17
CA VAL A 201 -55.05 44.11 -3.24
C VAL A 201 -54.48 43.49 -4.51
N TRP A 202 -55.27 43.51 -5.58
CA TRP A 202 -54.78 43.06 -6.88
C TRP A 202 -54.34 44.25 -7.72
N ARG A 203 -53.48 43.97 -8.69
CA ARG A 203 -52.97 44.99 -9.60
C ARG A 203 -53.17 44.50 -11.03
N GLU A 204 -53.91 45.26 -11.81
CA GLU A 204 -54.23 44.89 -13.20
C GLU A 204 -53.35 45.70 -14.14
N LEU A 205 -52.56 45.00 -14.96
CA LEU A 205 -51.66 45.64 -15.91
C LEU A 205 -52.12 45.28 -17.32
N ARG A 206 -52.34 46.29 -18.15
CA ARG A 206 -52.82 46.10 -19.50
C ARG A 206 -51.97 46.89 -20.49
N LEU A 207 -51.88 46.39 -21.72
CA LEU A 207 -51.17 47.05 -22.81
C LEU A 207 -52.13 47.17 -23.98
N VAL A 208 -52.75 48.34 -24.11
CA VAL A 208 -53.62 48.66 -25.23
C VAL A 208 -52.84 49.50 -26.23
N ASP A 209 -53.01 49.19 -27.52
CA ASP A 209 -52.41 49.87 -28.67
C ASP A 209 -51.01 50.42 -28.39
N GLY A 210 -50.15 49.57 -27.81
CA GLY A 210 -48.79 49.96 -27.52
C GLY A 210 -48.65 51.04 -26.46
N THR A 211 -49.51 51.02 -25.44
CA THR A 211 -49.39 51.92 -24.30
C THR A 211 -49.65 51.13 -23.03
N TYR A 212 -49.06 51.58 -21.94
CA TYR A 212 -49.12 50.88 -20.66
C TYR A 212 -50.14 51.54 -19.74
N TRP A 213 -51.10 50.74 -19.27
CA TRP A 213 -52.13 51.19 -18.36
C TRP A 213 -52.19 50.21 -17.20
N GLN A 214 -52.59 50.71 -16.03
CA GLN A 214 -52.71 49.85 -14.85
C GLN A 214 -53.90 50.28 -14.00
N ARG A 215 -54.58 49.30 -13.43
CA ARG A 215 -55.73 49.51 -12.56
C ARG A 215 -55.41 48.86 -11.21
N THR A 216 -55.72 49.56 -10.13
CA THR A 216 -55.56 49.00 -8.81
C THR A 216 -56.93 48.80 -8.15
N TRP A 217 -57.03 47.79 -7.29
CA TRP A 217 -58.28 47.45 -6.62
C TRP A 217 -58.10 47.73 -5.14
N ARG A 218 -58.73 48.82 -4.66
CA ARG A 218 -58.52 49.26 -3.29
C ARG A 218 -58.83 48.16 -2.29
N GLU A 219 -60.01 47.55 -2.40
CA GLU A 219 -60.44 46.49 -1.49
C GLU A 219 -60.25 46.94 -0.04
N ASN A 220 -61.00 47.98 0.34
CA ASN A 220 -60.97 48.48 1.70
C ASN A 220 -61.29 47.37 2.68
N ASP A 221 -60.74 47.46 3.88
CA ASP A 221 -60.91 46.42 4.88
C ASP A 221 -62.39 46.19 5.16
N GLY A 222 -62.88 45.02 4.75
CA GLY A 222 -64.29 44.72 4.79
C GLY A 222 -65.07 45.10 3.55
N GLN A 223 -64.40 45.51 2.48
CA GLN A 223 -65.06 45.95 1.26
C GLN A 223 -64.21 45.55 0.06
N LEU A 224 -64.69 45.91 -1.13
CA LEU A 224 -63.94 45.70 -2.38
C LEU A 224 -64.19 46.90 -3.28
N TYR A 225 -63.20 47.78 -3.38
CA TYR A 225 -63.29 49.00 -4.16
C TYR A 225 -62.16 49.00 -5.18
N VAL A 226 -62.36 49.74 -6.28
CA VAL A 226 -61.41 49.70 -7.39
C VAL A 226 -61.08 51.12 -7.83
N ASP A 227 -59.79 51.35 -8.08
CA ASP A 227 -59.30 52.62 -8.61
C ASP A 227 -59.70 52.79 -10.07
N ASP A 228 -59.56 54.02 -10.56
CA ASP A 228 -59.85 54.35 -11.94
C ASP A 228 -58.63 54.05 -12.80
N TRP A 229 -58.82 54.00 -14.12
CA TRP A 229 -57.72 53.74 -15.04
C TRP A 229 -56.74 54.90 -15.03
N ILE A 230 -55.46 54.57 -15.20
CA ILE A 230 -54.41 55.58 -15.27
C ILE A 230 -53.19 54.96 -15.93
N SER A 231 -52.46 55.76 -16.68
CA SER A 231 -51.29 55.29 -17.42
C SER A 231 -50.04 55.99 -16.93
N PRO A 232 -49.17 55.31 -16.18
CA PRO A 232 -47.92 55.94 -15.76
C PRO A 232 -47.07 56.34 -16.95
N THR A 233 -46.40 57.48 -16.82
CA THR A 233 -45.61 58.06 -17.89
C THR A 233 -44.22 58.40 -17.38
N LYS A 234 -43.27 58.42 -18.32
CA LYS A 234 -41.87 58.66 -17.99
C LYS A 234 -41.63 60.12 -17.63
N ALA A 235 -40.37 60.47 -17.40
CA ALA A 235 -40.02 61.83 -17.00
C ALA A 235 -40.37 62.83 -18.09
N ASP A 236 -40.06 62.49 -19.35
CA ASP A 236 -40.40 63.37 -20.46
C ASP A 236 -41.84 63.18 -20.92
N GLY A 237 -42.34 61.94 -20.88
CA GLY A 237 -43.66 61.63 -21.37
C GLY A 237 -43.68 60.37 -22.20
N SER A 238 -44.43 60.38 -23.29
CA SER A 238 -44.50 59.30 -24.28
C SER A 238 -45.05 58.00 -23.71
N GLN A 239 -45.48 58.00 -22.46
CA GLN A 239 -46.08 56.82 -21.79
C GLN A 239 -45.12 55.64 -21.95
N PHE A 240 -45.58 54.48 -22.38
CA PHE A 240 -44.73 53.31 -22.51
C PHE A 240 -45.14 52.49 -23.71
N ASP A 241 -44.36 51.44 -23.97
CA ASP A 241 -44.65 50.46 -25.00
C ASP A 241 -44.58 49.03 -24.51
N GLU A 242 -44.13 48.81 -23.28
CA GLU A 242 -44.07 47.48 -22.69
C GLU A 242 -44.35 47.58 -21.20
N ILE A 243 -44.95 46.53 -20.65
CA ILE A 243 -45.29 46.51 -19.22
C ILE A 243 -44.00 46.40 -18.41
N PRO A 244 -43.81 47.23 -17.37
CA PRO A 244 -42.59 47.16 -16.55
C PRO A 244 -42.62 46.03 -15.52
N PHE A 245 -42.99 44.84 -15.97
CA PHE A 245 -43.04 43.65 -15.11
C PHE A 245 -42.28 42.55 -15.81
N VAL A 246 -41.18 42.12 -15.20
CA VAL A 246 -40.32 41.07 -15.75
C VAL A 246 -40.46 39.83 -14.88
N ILE A 247 -40.64 38.68 -15.52
CA ILE A 247 -40.75 37.40 -14.86
C ILE A 247 -39.49 36.60 -15.16
N PHE A 248 -38.72 36.29 -14.12
CA PHE A 248 -37.48 35.54 -14.27
C PHE A 248 -37.70 34.10 -13.82
N GLY A 249 -37.03 33.17 -14.53
CA GLY A 249 -37.15 31.74 -14.17
C GLY A 249 -35.81 31.05 -14.23
N SER A 250 -35.75 29.78 -13.83
CA SER A 250 -34.48 29.00 -13.90
C SER A 250 -34.00 28.92 -15.35
N LYS A 251 -34.93 28.66 -16.28
CA LYS A 251 -34.56 28.49 -17.71
C LYS A 251 -34.28 29.86 -18.34
N ASN A 252 -35.21 30.81 -18.22
CA ASN A 252 -35.05 32.14 -18.88
C ASN A 252 -36.01 33.17 -18.28
N ASN A 253 -36.25 34.27 -19.01
CA ASN A 253 -37.12 35.33 -18.52
C ASN A 253 -38.32 35.45 -19.46
N ASP A 254 -39.21 34.46 -19.39
CA ASP A 254 -40.40 34.43 -20.22
C ASP A 254 -41.61 34.22 -19.33
N PRO A 255 -42.78 34.70 -19.73
CA PRO A 255 -43.98 34.46 -18.90
C PRO A 255 -44.32 32.98 -18.74
N THR A 256 -43.88 32.13 -19.67
CA THR A 256 -44.21 30.71 -19.61
C THR A 256 -43.58 30.07 -18.37
N ILE A 257 -44.25 29.04 -17.87
CA ILE A 257 -43.80 28.34 -16.66
C ILE A 257 -42.51 27.58 -16.96
N ASP A 258 -41.58 27.64 -16.02
CA ASP A 258 -40.31 26.93 -16.13
C ASP A 258 -40.26 25.83 -15.07
N MET A 259 -39.56 24.75 -15.39
CA MET A 259 -39.47 23.63 -14.45
C MET A 259 -38.62 24.01 -13.26
N PRO A 260 -39.12 23.83 -12.03
CA PRO A 260 -38.30 24.12 -10.85
C PRO A 260 -37.08 23.22 -10.80
N PRO A 261 -35.92 23.77 -10.41
CA PRO A 261 -34.70 22.96 -10.42
C PRO A 261 -34.63 21.93 -9.30
N MET A 262 -35.49 22.03 -8.29
CA MET A 262 -35.40 21.19 -7.10
C MET A 262 -36.31 19.98 -7.15
N ARG A 263 -37.01 19.75 -8.27
CA ARG A 263 -38.04 18.71 -8.31
C ARG A 263 -37.45 17.33 -8.09
N ASP A 264 -36.40 16.98 -8.83
CA ASP A 264 -35.82 15.65 -8.72
C ASP A 264 -35.19 15.44 -7.36
N LEU A 265 -34.54 16.47 -6.81
CA LEU A 265 -33.92 16.34 -5.50
C LEU A 265 -34.98 16.18 -4.41
N VAL A 266 -36.11 16.86 -4.53
CA VAL A 266 -37.18 16.68 -3.56
C VAL A 266 -37.77 15.27 -3.67
N GLU A 267 -37.94 14.76 -4.88
CA GLU A 267 -38.45 13.40 -5.04
C GLU A 267 -37.50 12.39 -4.40
N LEU A 268 -36.19 12.54 -4.66
CA LEU A 268 -35.20 11.66 -4.05
C LEU A 268 -35.22 11.78 -2.54
N ASN A 269 -35.36 13.01 -2.02
CA ASN A 269 -35.41 13.21 -0.58
C ASN A 269 -36.63 12.54 0.04
N ILE A 270 -37.77 12.58 -0.65
CA ILE A 270 -38.98 11.95 -0.13
C ILE A 270 -38.83 10.43 -0.13
N ALA A 271 -38.26 9.87 -1.19
CA ALA A 271 -38.00 8.43 -1.19
C ALA A 271 -37.05 8.03 -0.07
N HIS A 272 -35.99 8.82 0.14
CA HIS A 272 -35.08 8.57 1.24
C HIS A 272 -35.80 8.66 2.58
N PHE A 273 -36.74 9.60 2.70
CA PHE A 273 -37.47 9.77 3.95
C PHE A 273 -38.33 8.56 4.25
N ARG A 274 -39.04 8.03 3.26
CA ARG A 274 -39.87 6.86 3.52
C ARG A 274 -39.03 5.62 3.80
N ASN A 275 -37.90 5.48 3.11
CA ASN A 275 -37.00 4.37 3.42
C ASN A 275 -36.41 4.53 4.81
N SER A 276 -36.17 5.76 5.25
CA SER A 276 -35.71 6.01 6.62
C SER A 276 -36.78 5.64 7.63
N ALA A 277 -38.05 5.90 7.30
CA ALA A 277 -39.14 5.45 8.16
C ALA A 277 -39.12 3.94 8.33
N ASP A 278 -38.99 3.21 7.22
CA ASP A 278 -38.90 1.75 7.31
C ASP A 278 -37.70 1.32 8.14
N TYR A 279 -36.55 1.93 7.90
CA TYR A 279 -35.33 1.55 8.61
C TYR A 279 -35.45 1.82 10.10
N GLU A 280 -36.05 2.95 10.48
CA GLU A 280 -36.16 3.29 11.89
C GLU A 280 -37.16 2.38 12.59
N GLU A 281 -38.25 2.00 11.91
CA GLU A 281 -39.15 1.02 12.50
C GLU A 281 -38.44 -0.31 12.73
N ALA A 282 -37.68 -0.77 11.73
CA ALA A 282 -36.92 -2.01 11.89
C ALA A 282 -35.92 -1.90 13.04
N CYS A 283 -35.27 -0.74 13.16
CA CYS A 283 -34.30 -0.54 14.24
C CYS A 283 -34.97 -0.57 15.60
N PHE A 284 -36.13 0.05 15.73
CA PHE A 284 -36.84 0.03 17.00
C PHE A 284 -37.29 -1.38 17.38
N ILE A 285 -37.75 -2.16 16.39
CA ILE A 285 -38.28 -3.48 16.71
C ILE A 285 -37.17 -4.49 16.96
N CYS A 286 -36.35 -4.76 15.95
CA CYS A 286 -35.39 -5.85 16.00
C CYS A 286 -33.97 -5.39 16.30
N GLY A 287 -33.76 -4.12 16.65
CA GLY A 287 -32.42 -3.66 16.95
C GLY A 287 -31.85 -4.29 18.21
N GLN A 288 -32.66 -4.36 19.26
CA GLN A 288 -32.21 -4.91 20.54
C GLN A 288 -32.03 -6.43 20.42
N PRO A 289 -30.93 -6.98 20.93
CA PRO A 289 -30.79 -8.44 20.93
C PRO A 289 -31.82 -9.09 21.84
N THR A 290 -32.22 -10.31 21.47
CA THR A 290 -33.26 -11.05 22.18
C THR A 290 -32.68 -12.37 22.67
N LEU A 291 -33.11 -12.78 23.87
CA LEU A 291 -32.52 -13.96 24.50
C LEU A 291 -32.86 -15.24 23.74
N PHE A 292 -34.14 -15.45 23.45
CA PHE A 292 -34.60 -16.63 22.70
C PHE A 292 -34.16 -17.94 23.36
N LEU A 293 -34.69 -18.17 24.56
CA LEU A 293 -34.49 -19.45 25.23
C LEU A 293 -35.28 -20.53 24.50
N SER A 294 -34.59 -21.44 23.84
CA SER A 294 -35.22 -22.48 23.05
C SER A 294 -35.07 -23.84 23.74
N GLY A 295 -35.91 -24.78 23.33
CA GLY A 295 -35.89 -26.12 23.91
C GLY A 295 -36.26 -26.13 25.38
N LEU A 296 -37.02 -25.12 25.82
CA LEU A 296 -37.37 -24.95 27.22
C LEU A 296 -38.73 -25.56 27.50
N THR A 297 -38.97 -25.87 28.77
CA THR A 297 -40.23 -26.43 29.23
C THR A 297 -40.81 -25.54 30.33
N GLU A 298 -42.14 -25.48 30.39
CA GLU A 298 -42.80 -24.70 31.42
C GLU A 298 -42.48 -25.21 32.81
N HIS A 299 -42.23 -26.52 32.94
CA HIS A 299 -41.77 -27.06 34.21
C HIS A 299 -40.48 -26.40 34.64
N TRP A 300 -39.50 -26.35 33.73
CA TRP A 300 -38.22 -25.71 34.04
C TRP A 300 -38.41 -24.24 34.37
N VAL A 301 -39.27 -23.55 33.61
CA VAL A 301 -39.54 -22.14 33.85
C VAL A 301 -40.04 -21.94 35.27
N LYS A 302 -41.15 -22.58 35.62
CA LYS A 302 -41.74 -22.38 36.94
C LYS A 302 -40.91 -22.93 38.08
N ASN A 303 -40.00 -23.87 37.80
CA ASN A 303 -39.13 -24.36 38.87
C ASN A 303 -37.99 -23.38 39.14
N VAL A 304 -37.13 -23.14 38.14
CA VAL A 304 -35.91 -22.37 38.37
C VAL A 304 -36.05 -20.91 37.93
N LEU A 305 -36.64 -20.66 36.76
CA LEU A 305 -36.67 -19.30 36.25
C LEU A 305 -37.64 -18.44 37.06
N GLY A 306 -38.84 -18.95 37.32
CA GLY A 306 -39.83 -18.19 38.07
C GLY A 306 -40.23 -16.88 37.41
N GLY A 307 -40.29 -16.87 36.08
CA GLY A 307 -40.64 -15.66 35.36
C GLY A 307 -39.64 -14.53 35.52
N ALA A 308 -38.36 -14.84 35.65
CA ALA A 308 -37.32 -13.83 35.81
C ALA A 308 -35.99 -14.47 35.52
N VAL A 309 -35.20 -13.86 34.63
CA VAL A 309 -33.88 -14.37 34.25
C VAL A 309 -32.85 -13.30 34.60
N VAL A 310 -31.80 -13.71 35.28
CA VAL A 310 -30.69 -12.82 35.61
C VAL A 310 -29.58 -13.04 34.59
N ILE A 311 -29.21 -11.98 33.89
CA ILE A 311 -28.35 -12.08 32.71
C ILE A 311 -26.99 -11.42 32.96
N GLY A 312 -26.74 -10.93 34.16
CA GLY A 312 -25.47 -10.29 34.45
C GLY A 312 -24.31 -11.26 34.34
N SER A 313 -23.09 -10.69 34.39
CA SER A 313 -21.89 -11.52 34.28
C SER A 313 -21.70 -12.38 35.52
N ARG A 314 -21.95 -11.81 36.70
CA ARG A 314 -21.71 -12.53 37.94
C ARG A 314 -22.61 -13.75 38.10
N ASP A 315 -23.81 -13.70 37.54
CA ASP A 315 -24.78 -14.78 37.67
C ASP A 315 -24.89 -15.54 36.36
N ALA A 316 -25.06 -16.86 36.48
CA ALA A 316 -25.33 -17.72 35.34
C ALA A 316 -26.74 -18.29 35.46
N VAL A 317 -27.19 -18.94 34.41
CA VAL A 317 -28.50 -19.59 34.43
C VAL A 317 -28.36 -21.02 33.92
N PRO A 318 -29.08 -21.97 34.49
CA PRO A 318 -29.04 -23.35 34.00
C PRO A 318 -30.11 -23.61 32.95
N LEU A 319 -29.84 -24.59 32.11
CA LEU A 319 -30.78 -25.00 31.08
C LEU A 319 -30.91 -26.51 31.06
N PRO A 320 -32.06 -27.04 30.63
CA PRO A 320 -32.23 -28.50 30.58
C PRO A 320 -31.40 -29.14 29.48
N VAL A 321 -31.54 -30.45 29.32
CA VAL A 321 -30.79 -31.17 28.30
C VAL A 321 -31.32 -30.78 26.92
N ASN A 322 -30.39 -30.51 26.00
CA ASN A 322 -30.72 -30.09 24.64
C ASN A 322 -31.51 -28.79 24.62
N ALA A 323 -30.95 -27.76 25.27
CA ALA A 323 -31.49 -26.42 25.23
C ALA A 323 -30.43 -25.48 24.68
N LYS A 324 -30.79 -24.69 23.68
CA LYS A 324 -29.84 -23.82 23.00
C LYS A 324 -30.32 -22.38 23.10
N PRO A 325 -29.62 -21.52 23.85
CA PRO A 325 -29.96 -20.09 23.85
C PRO A 325 -29.29 -19.39 22.68
N GLU A 326 -30.06 -18.58 21.96
CA GLU A 326 -29.58 -17.87 20.77
C GLU A 326 -29.86 -16.39 20.94
N LEU A 327 -28.81 -15.60 21.14
CA LEU A 327 -28.95 -14.15 21.24
C LEU A 327 -29.08 -13.59 19.83
N LEU A 328 -30.31 -13.54 19.34
CA LEU A 328 -30.58 -13.21 17.95
C LEU A 328 -31.06 -11.77 17.83
N GLN A 329 -30.55 -11.08 16.81
CA GLN A 329 -30.89 -9.68 16.58
C GLN A 329 -30.74 -9.37 15.10
N ALA A 330 -31.36 -8.27 14.68
CA ALA A 330 -31.22 -7.82 13.30
C ALA A 330 -29.76 -7.49 13.00
N GLU A 331 -29.30 -7.90 11.83
CA GLU A 331 -27.90 -7.73 11.48
C GLU A 331 -27.69 -6.43 10.71
N GLY A 332 -26.46 -5.95 10.73
CA GLY A 332 -26.12 -4.69 10.09
C GLY A 332 -26.06 -4.82 8.57
N ASN A 333 -25.84 -3.67 7.94
CA ASN A 333 -25.85 -3.57 6.48
C ASN A 333 -27.15 -4.12 5.90
N GLY A 334 -28.26 -3.73 6.53
CA GLY A 334 -29.56 -4.11 6.00
C GLY A 334 -29.79 -3.54 4.62
N MET A 335 -30.47 -4.31 3.78
CA MET A 335 -30.65 -3.90 2.39
C MET A 335 -31.51 -2.65 2.30
N VAL A 336 -32.34 -2.39 3.31
CA VAL A 336 -33.01 -1.10 3.40
C VAL A 336 -32.00 0.01 3.57
N LYS A 337 -31.00 -0.19 4.44
CA LYS A 337 -29.93 0.79 4.58
C LYS A 337 -29.13 0.91 3.29
N GLU A 338 -28.97 -0.19 2.56
CA GLU A 338 -28.27 -0.13 1.29
C GLU A 338 -29.04 0.73 0.28
N ALA A 339 -30.37 0.59 0.27
CA ALA A 339 -31.18 1.45 -0.58
C ALA A 339 -31.08 2.91 -0.16
N MET A 340 -31.06 3.16 1.15
CA MET A 340 -30.90 4.54 1.62
C MET A 340 -29.54 5.11 1.22
N ASP A 341 -28.50 4.28 1.25
CA ASP A 341 -27.19 4.70 0.78
C ASP A 341 -27.23 5.01 -0.71
N GLN A 342 -27.95 4.19 -1.48
CA GLN A 342 -28.15 4.50 -2.90
C GLN A 342 -28.81 5.85 -3.08
N LYS A 343 -29.83 6.14 -2.27
CA LYS A 343 -30.49 7.44 -2.37
C LYS A 343 -29.54 8.57 -2.05
N GLU A 344 -28.73 8.42 -0.99
CA GLU A 344 -27.77 9.47 -0.64
C GLU A 344 -26.77 9.69 -1.76
N ARG A 345 -26.25 8.61 -2.33
CA ARG A 345 -25.30 8.72 -3.44
C ARG A 345 -25.96 9.36 -4.65
N GLN A 346 -27.21 9.02 -4.93
CA GLN A 346 -27.91 9.58 -6.08
C GLN A 346 -28.14 11.07 -5.92
N MET A 347 -28.52 11.51 -4.71
CA MET A 347 -28.66 12.94 -4.47
C MET A 347 -27.31 13.64 -4.59
N VAL A 348 -26.24 13.02 -4.09
CA VAL A 348 -24.91 13.60 -4.26
C VAL A 348 -24.59 13.76 -5.73
N ALA A 349 -24.98 12.78 -6.55
CA ALA A 349 -24.71 12.84 -7.98
C ALA A 349 -25.45 14.00 -8.63
N LEU A 350 -26.65 14.32 -8.15
CA LEU A 350 -27.44 15.38 -8.75
C LEU A 350 -27.00 16.76 -8.25
N GLY A 351 -27.13 16.99 -6.94
CA GLY A 351 -26.76 18.29 -6.41
C GLY A 351 -25.26 18.44 -6.27
N ALA A 352 -24.76 19.63 -6.59
CA ALA A 352 -23.33 19.89 -6.51
C ALA A 352 -22.82 19.75 -5.08
N LYS A 353 -23.33 20.59 -4.17
CA LYS A 353 -22.93 20.54 -2.77
C LYS A 353 -24.15 20.65 -1.85
N LEU A 354 -25.04 19.67 -1.98
CA LEU A 354 -26.17 19.64 -1.01
C LEU A 354 -25.60 19.09 0.31
N ILE A 355 -24.73 18.07 0.21
CA ILE A 355 -24.08 17.47 1.42
C ILE A 355 -22.61 17.21 1.07
N ASP A 356 -21.75 17.03 2.07
CA ASP A 356 -20.30 16.81 1.82
C ASP A 356 -19.91 15.38 2.25
N SER A 357 -18.70 14.95 1.91
CA SER A 357 -18.24 13.61 2.26
C SER A 357 -16.78 13.69 2.72
N ASP A 358 -16.53 13.28 3.96
CA ASP A 358 -15.16 13.29 4.47
C ASP A 358 -14.34 12.13 3.92
N LYS A 359 -14.99 11.01 3.61
CA LYS A 359 -14.26 9.81 3.17
C LYS A 359 -13.61 10.01 1.81
N THR A 360 -14.33 10.63 0.87
CA THR A 360 -13.90 10.64 -0.52
C THR A 360 -12.71 11.59 -0.73
N GLN A 361 -11.92 11.29 -1.75
CA GLN A 361 -10.81 12.12 -2.17
C GLN A 361 -10.96 12.50 -3.63
N ARG A 362 -10.74 13.78 -3.94
CA ARG A 362 -10.93 14.31 -5.28
C ARG A 362 -9.59 14.77 -5.84
N THR A 363 -9.32 14.41 -7.09
CA THR A 363 -8.14 14.89 -7.80
C THR A 363 -8.36 16.31 -8.29
N PHE A 364 -7.42 17.19 -8.00
CA PHE A 364 -7.52 18.57 -8.45
C PHE A 364 -7.09 18.69 -9.91
N GLY A 365 -7.80 19.53 -10.65
CA GLY A 365 -7.55 19.70 -12.07
C GLY A 365 -8.54 18.95 -12.92
N GLU A 366 -8.87 17.72 -12.51
CA GLU A 366 -9.93 16.98 -13.18
C GLU A 366 -11.30 17.57 -12.83
N ALA A 367 -11.47 18.04 -11.59
CA ALA A 367 -12.72 18.69 -11.21
C ALA A 367 -12.90 20.04 -11.89
N SER A 368 -11.81 20.68 -12.31
CA SER A 368 -11.93 21.93 -13.05
C SER A 368 -12.62 21.72 -14.40
N MET A 369 -12.46 20.54 -14.99
CA MET A 369 -13.13 20.23 -16.25
C MET A 369 -14.64 20.23 -16.08
N GLU A 370 -15.14 19.63 -15.00
CA GLU A 370 -16.56 19.49 -14.77
C GLU A 370 -17.14 20.61 -13.92
N ALA A 371 -16.32 21.57 -13.48
CA ALA A 371 -16.85 22.67 -12.69
C ALA A 371 -17.86 23.49 -13.49
N ALA A 372 -17.60 23.72 -14.77
CA ALA A 372 -18.53 24.50 -15.59
C ALA A 372 -19.88 23.81 -15.71
N ALA A 373 -19.88 22.48 -15.84
CA ALA A 373 -21.13 21.75 -15.92
C ALA A 373 -21.83 21.70 -14.57
N GLN A 374 -21.05 21.65 -13.49
CA GLN A 374 -21.63 21.62 -12.13
C GLN A 374 -22.18 23.00 -11.75
N ASN A 375 -21.74 24.05 -12.46
CA ASN A 375 -22.21 25.43 -12.16
C ASN A 375 -23.20 25.87 -13.25
N SER A 376 -23.75 24.92 -14.02
CA SER A 376 -24.68 25.27 -15.13
C SER A 376 -25.89 26.03 -14.59
N VAL A 377 -26.59 25.46 -13.61
CA VAL A 377 -27.81 26.11 -13.05
C VAL A 377 -27.39 27.45 -12.43
N LEU A 378 -26.28 27.46 -11.69
CA LEU A 378 -25.80 28.70 -11.03
C LEU A 378 -25.60 29.79 -12.08
N SER A 379 -24.94 29.45 -13.19
CA SER A 379 -24.66 30.47 -14.25
C SER A 379 -25.98 31.00 -14.81
N ARG A 380 -26.91 30.11 -15.17
CA ARG A 380 -28.21 30.54 -15.74
C ARG A 380 -28.92 31.45 -14.74
N VAL A 381 -29.22 30.93 -13.55
CA VAL A 381 -29.96 31.72 -12.52
C VAL A 381 -29.31 33.10 -12.43
N SER A 382 -27.98 33.16 -12.32
CA SER A 382 -27.27 34.46 -12.18
C SER A 382 -27.66 35.38 -13.34
N LYS A 383 -27.51 34.91 -14.58
CA LYS A 383 -27.81 35.76 -15.77
C LYS A 383 -29.30 36.14 -15.75
N ASN A 384 -30.18 35.17 -15.51
CA ASN A 384 -31.64 35.45 -15.54
C ASN A 384 -31.98 36.54 -14.53
N VAL A 385 -31.40 36.46 -13.32
CA VAL A 385 -31.65 37.49 -12.28
C VAL A 385 -30.95 38.79 -12.70
N SER A 386 -29.69 38.71 -13.12
CA SER A 386 -28.98 39.92 -13.53
C SER A 386 -29.75 40.66 -14.62
N ASP A 387 -30.25 39.94 -15.62
CA ASP A 387 -31.02 40.58 -16.68
C ASP A 387 -32.30 41.20 -16.15
N ALA A 388 -33.00 40.48 -15.27
CA ALA A 388 -34.25 41.01 -14.72
C ALA A 388 -34.01 42.28 -13.94
N TYR A 389 -32.99 42.29 -13.08
CA TYR A 389 -32.72 43.47 -12.27
C TYR A 389 -32.18 44.62 -13.12
N THR A 390 -31.38 44.31 -14.15
CA THR A 390 -30.92 45.36 -15.05
C THR A 390 -32.10 46.02 -15.77
N LYS A 391 -33.05 45.20 -16.24
CA LYS A 391 -34.22 45.75 -16.91
C LYS A 391 -35.07 46.57 -15.97
N ALA A 392 -35.24 46.09 -14.73
CA ALA A 392 -36.00 46.86 -13.74
C ALA A 392 -35.33 48.19 -13.45
N LEU A 393 -34.00 48.20 -13.32
CA LEU A 393 -33.28 49.44 -13.07
C LEU A 393 -33.37 50.38 -14.26
N ARG A 394 -33.34 49.83 -15.48
CA ARG A 394 -33.50 50.67 -16.66
C ARG A 394 -34.89 51.30 -16.69
N TRP A 395 -35.91 50.55 -16.32
CA TRP A 395 -37.26 51.11 -16.25
C TRP A 395 -37.34 52.18 -15.17
N ALA A 396 -36.69 51.96 -14.03
CA ALA A 396 -36.66 52.99 -12.99
C ALA A 396 -35.97 54.25 -13.48
N ALA A 397 -34.88 54.10 -14.23
CA ALA A 397 -34.19 55.25 -14.81
C ALA A 397 -35.10 55.98 -15.80
N MET A 398 -35.85 55.22 -16.59
CA MET A 398 -36.82 55.85 -17.49
C MET A 398 -37.87 56.63 -16.71
N PHE A 399 -38.31 56.11 -15.57
CA PHE A 399 -39.21 56.85 -14.71
C PHE A 399 -38.57 58.15 -14.24
N LEU A 400 -37.33 58.07 -13.77
CA LEU A 400 -36.63 59.22 -13.21
C LEU A 400 -35.88 60.03 -14.26
N GLY A 401 -35.84 59.58 -15.51
CA GLY A 401 -35.12 60.30 -16.54
C GLY A 401 -33.62 60.33 -16.35
N LEU A 402 -33.04 59.26 -15.82
CA LEU A 402 -31.60 59.14 -15.64
C LEU A 402 -31.00 58.46 -16.87
N ASP A 403 -29.74 58.08 -16.79
CA ASP A 403 -29.07 57.42 -17.90
C ASP A 403 -29.61 56.00 -18.08
N GLU A 404 -29.53 55.51 -19.32
CA GLU A 404 -30.05 54.19 -19.66
C GLU A 404 -28.97 53.12 -19.72
N LYS A 405 -27.70 53.52 -19.84
CA LYS A 405 -26.60 52.56 -19.93
C LYS A 405 -26.09 52.24 -18.52
N ILE A 406 -26.91 51.48 -17.80
CA ILE A 406 -26.57 51.00 -16.46
C ILE A 406 -26.72 49.49 -16.45
N GLU A 407 -26.01 48.85 -15.51
CA GLU A 407 -26.01 47.41 -15.45
C GLU A 407 -25.90 46.95 -14.01
N TYR A 408 -26.62 45.87 -13.68
CA TYR A 408 -26.61 45.27 -12.36
C TYR A 408 -26.31 43.79 -12.57
N GLU A 409 -25.04 43.42 -12.49
CA GLU A 409 -24.57 42.09 -12.87
C GLU A 409 -24.12 41.36 -11.62
N LEU A 410 -24.70 40.19 -11.37
CA LEU A 410 -24.41 39.44 -10.10
C LEU A 410 -23.01 38.81 -10.14
N ASN A 411 -22.64 38.12 -9.06
CA ASN A 411 -21.32 37.43 -9.01
C ASN A 411 -21.43 36.10 -9.77
N SER A 412 -21.16 36.14 -11.08
CA SER A 412 -21.26 34.92 -11.93
C SER A 412 -20.11 33.96 -11.62
N ASP A 413 -19.10 34.43 -10.88
CA ASP A 413 -17.96 33.56 -10.49
C ASP A 413 -18.32 32.80 -9.22
N PHE A 414 -18.13 31.47 -9.23
CA PHE A 414 -18.50 30.64 -8.05
C PHE A 414 -17.24 29.94 -7.53
N ASP A 415 -17.40 29.05 -6.53
CA ASP A 415 -16.22 28.36 -5.94
C ASP A 415 -15.18 29.42 -5.55
N ILE A 416 -15.61 30.45 -4.81
CA ILE A 416 -14.70 31.58 -4.47
C ILE A 416 -13.76 31.17 -3.33
N ASN A 417 -12.66 31.90 -3.15
CA ASN A 417 -11.69 31.62 -2.05
C ASN A 417 -10.68 32.77 -1.96
N LYS A 418 -9.91 32.84 -0.86
CA LYS A 418 -8.89 33.86 -0.72
C LYS A 418 -7.93 33.80 -1.90
N MET A 419 -7.61 34.96 -2.46
CA MET A 419 -6.89 35.01 -3.72
C MET A 419 -5.38 35.00 -3.47
N SER A 420 -4.69 34.15 -4.24
CA SER A 420 -3.34 33.74 -3.90
C SER A 420 -2.33 34.86 -4.11
N PRO A 421 -1.23 34.83 -3.34
CA PRO A 421 -0.14 35.79 -3.57
C PRO A 421 0.38 35.80 -4.99
N GLU A 422 0.52 34.63 -5.62
CA GLU A 422 0.87 34.60 -7.05
C GLU A 422 -0.20 35.28 -7.89
N GLU A 423 -1.47 35.00 -7.61
CA GLU A 423 -2.54 35.70 -8.28
C GLU A 423 -2.49 37.20 -7.98
N LEU A 424 -2.07 37.56 -6.78
CA LEU A 424 -1.96 38.97 -6.42
C LEU A 424 -0.91 39.67 -7.27
N ALA A 425 0.28 39.06 -7.37
CA ALA A 425 1.31 39.63 -8.23
C ALA A 425 0.84 39.68 -9.69
N ALA A 426 0.11 38.65 -10.12
CA ALA A 426 -0.37 38.62 -11.50
C ALA A 426 -1.31 39.78 -11.78
N VAL A 427 -2.29 40.01 -10.89
CA VAL A 427 -3.25 41.08 -11.13
C VAL A 427 -2.57 42.45 -11.01
N ILE A 428 -1.62 42.60 -10.09
CA ILE A 428 -0.91 43.87 -9.99
C ILE A 428 -0.13 44.13 -11.28
N SER A 429 0.56 43.11 -11.80
CA SER A 429 1.30 43.28 -13.04
C SER A 429 0.37 43.57 -14.21
N ALA A 430 -0.81 42.94 -14.23
CA ALA A 430 -1.78 43.22 -15.28
C ALA A 430 -2.30 44.65 -15.20
N TRP A 431 -2.42 45.19 -13.98
CA TRP A 431 -2.81 46.58 -13.85
C TRP A 431 -1.69 47.53 -14.23
N GLN A 432 -0.43 47.14 -14.00
CA GLN A 432 0.69 47.95 -14.46
C GLN A 432 0.69 48.06 -15.97
N SER A 433 0.43 46.95 -16.66
CA SER A 433 0.16 46.99 -18.09
C SER A 433 -1.26 47.50 -18.32
N ASN A 434 -1.59 47.76 -19.58
CA ASN A 434 -2.94 48.20 -19.93
C ASN A 434 -3.78 47.00 -20.37
N ALA A 435 -3.90 46.04 -19.46
CA ALA A 435 -4.68 44.83 -19.71
C ALA A 435 -5.87 44.68 -18.78
N ILE A 436 -5.82 45.26 -17.58
CA ILE A 436 -6.96 45.28 -16.66
C ILE A 436 -7.13 46.71 -16.15
N SER A 437 -8.37 47.21 -16.21
CA SER A 437 -8.68 48.53 -15.69
C SER A 437 -8.50 48.56 -14.17
N PHE A 438 -8.35 49.77 -13.64
CA PHE A 438 -8.16 49.93 -12.20
C PHE A 438 -9.36 49.43 -11.43
N THR A 439 -10.57 49.73 -11.90
CA THR A 439 -11.77 49.28 -11.21
C THR A 439 -11.92 47.77 -11.30
N GLU A 440 -11.54 47.17 -12.43
CA GLU A 440 -11.57 45.71 -12.53
C GLU A 440 -10.63 45.08 -11.52
N MET A 441 -9.42 45.62 -11.39
CA MET A 441 -8.46 45.08 -10.43
C MET A 441 -8.94 45.29 -9.00
N ARG A 442 -9.60 46.42 -8.74
CA ARG A 442 -10.18 46.64 -7.41
C ARG A 442 -11.26 45.61 -7.10
N TRP A 443 -12.14 45.35 -8.06
CA TRP A 443 -13.18 44.35 -7.86
C TRP A 443 -12.56 42.97 -7.67
N GLN A 444 -11.47 42.68 -8.37
CA GLN A 444 -10.75 41.44 -8.17
C GLN A 444 -10.21 41.32 -6.75
N ILE A 445 -9.46 42.33 -6.30
CA ILE A 445 -8.81 42.26 -5.01
C ILE A 445 -9.85 42.29 -3.88
N LYS A 446 -11.02 42.87 -4.12
CA LYS A 446 -12.10 42.77 -3.14
C LYS A 446 -12.71 41.37 -3.13
N LYS A 447 -12.95 40.80 -4.31
CA LYS A 447 -13.54 39.48 -4.41
C LYS A 447 -12.63 38.41 -3.81
N GLY A 448 -11.33 38.64 -3.82
CA GLY A 448 -10.38 37.72 -3.24
C GLY A 448 -10.12 37.90 -1.77
N GLY A 449 -10.87 38.77 -1.11
CA GLY A 449 -10.70 38.99 0.32
C GLY A 449 -9.37 39.62 0.70
N ARG A 450 -8.94 40.66 -0.01
CA ARG A 450 -7.70 41.35 0.29
C ARG A 450 -7.86 42.84 0.49
N ALA A 451 -8.94 43.45 -0.02
CA ALA A 451 -9.23 44.85 0.20
C ALA A 451 -10.71 44.99 0.53
N TYR A 452 -11.04 46.03 1.29
CA TYR A 452 -12.42 46.21 1.71
C TYR A 452 -12.92 47.65 1.52
N LEU A 453 -12.01 48.61 1.45
CA LEU A 453 -12.41 49.99 1.21
C LEU A 453 -12.91 50.16 -0.21
N GLU A 454 -13.77 51.16 -0.41
CA GLU A 454 -14.20 51.51 -1.75
C GLU A 454 -13.05 52.12 -2.54
N ASP A 455 -13.23 52.18 -3.86
CA ASP A 455 -12.15 52.62 -4.73
C ASP A 455 -11.77 54.08 -4.47
N GLU A 456 -12.77 54.94 -4.29
CA GLU A 456 -12.49 56.37 -4.15
C GLU A 456 -11.71 56.66 -2.87
N ASP A 457 -12.05 55.98 -1.77
CA ASP A 457 -11.28 56.16 -0.54
C ASP A 457 -9.83 55.74 -0.72
N MET A 458 -9.61 54.59 -1.38
CA MET A 458 -8.24 54.15 -1.62
C MET A 458 -7.48 55.16 -2.47
N ARG A 459 -8.12 55.69 -3.51
CA ARG A 459 -7.47 56.71 -4.32
C ARG A 459 -7.09 57.91 -3.48
N ASN A 460 -8.09 58.54 -2.84
CA ASN A 460 -7.87 59.77 -2.10
C ASN A 460 -6.89 59.57 -0.95
N GLU A 461 -6.65 58.34 -0.51
CA GLU A 461 -5.53 58.11 0.40
C GLU A 461 -4.24 57.81 -0.36
N SER A 462 -4.36 57.40 -1.63
CA SER A 462 -3.16 57.07 -2.40
C SER A 462 -2.43 58.32 -2.87
N GLU A 463 -3.15 59.41 -3.19
CA GLU A 463 -2.41 60.62 -3.53
C GLU A 463 -1.75 61.27 -2.32
N GLN A 464 -2.04 60.79 -1.11
CA GLN A 464 -1.35 61.30 0.07
C GLN A 464 0.11 60.83 0.08
N ASP A 465 1.02 61.76 0.38
CA ASP A 465 2.46 61.47 0.34
C ASP A 465 2.91 60.96 1.71
N ASP A 466 2.57 59.70 1.98
CA ASP A 466 3.01 59.05 3.20
C ASP A 466 4.48 58.69 3.05
N PRO A 467 5.35 59.15 3.95
CA PRO A 467 6.78 58.76 3.86
C PRO A 467 6.99 57.27 3.90
N LEU A 468 6.19 56.55 4.70
CA LEU A 468 6.32 55.10 4.74
C LEU A 468 5.84 54.45 3.46
N ASP B 3 -38.01 -3.73 -47.86
CA ASP B 3 -36.63 -3.72 -47.40
C ASP B 3 -35.71 -3.05 -48.41
N SER B 4 -36.02 -3.23 -49.69
CA SER B 4 -35.25 -2.59 -50.76
C SER B 4 -35.55 -1.10 -50.74
N ASN B 5 -34.59 -0.30 -50.24
CA ASN B 5 -34.80 1.13 -50.12
C ASN B 5 -34.96 1.82 -51.46
N ASN B 6 -34.54 1.19 -52.55
CA ASN B 6 -34.78 1.77 -53.87
C ASN B 6 -36.26 1.76 -54.22
N ILE B 7 -37.01 0.82 -53.64
CA ILE B 7 -38.47 0.84 -53.77
C ILE B 7 -39.02 2.05 -53.03
N LYS B 8 -40.01 2.70 -53.64
CA LYS B 8 -40.51 3.97 -53.15
C LYS B 8 -40.98 3.85 -51.70
N TYR B 9 -40.63 4.86 -50.90
CA TYR B 9 -41.13 5.01 -49.54
C TYR B 9 -41.01 6.48 -49.15
N VAL B 10 -42.01 6.99 -48.44
CA VAL B 10 -42.01 8.36 -47.94
C VAL B 10 -41.74 8.31 -46.43
N ARG B 11 -40.67 8.98 -46.01
CA ARG B 11 -40.24 8.86 -44.62
C ARG B 11 -39.72 10.17 -44.03
N GLU B 12 -40.40 11.30 -44.27
CA GLU B 12 -39.99 12.55 -43.62
C GLU B 12 -41.25 13.37 -43.28
N ASP B 13 -41.54 13.43 -41.97
CA ASP B 13 -42.56 14.29 -41.39
C ASP B 13 -42.50 14.12 -39.88
N ALA B 14 -42.91 15.17 -39.16
CA ALA B 14 -42.86 15.14 -37.70
C ALA B 14 -43.75 14.05 -37.12
N LYS B 15 -44.69 13.54 -37.92
CA LYS B 15 -45.54 12.43 -37.51
C LYS B 15 -44.69 11.20 -37.20
N LYS B 16 -43.52 11.11 -37.84
CA LYS B 16 -42.54 10.07 -37.56
C LYS B 16 -42.01 10.17 -36.15
N MET B 17 -41.80 11.40 -35.67
CA MET B 17 -40.95 11.63 -34.51
C MET B 17 -41.71 12.13 -33.28
N HIS B 18 -43.02 12.36 -33.37
CA HIS B 18 -43.75 12.82 -32.19
C HIS B 18 -43.56 11.90 -30.97
N LYS B 19 -43.52 10.58 -31.18
CA LYS B 19 -43.43 9.67 -30.05
C LYS B 19 -42.17 9.93 -29.23
N LEU B 20 -41.00 9.93 -29.89
CA LEU B 20 -39.77 10.12 -29.15
C LEU B 20 -39.63 11.56 -28.68
N TRP B 21 -40.17 12.53 -29.43
CA TRP B 21 -40.13 13.91 -28.96
C TRP B 21 -40.92 14.06 -27.66
N ALA B 22 -42.10 13.44 -27.59
CA ALA B 22 -42.90 13.49 -26.37
C ALA B 22 -42.19 12.78 -25.23
N HIS B 23 -41.55 11.64 -25.51
CA HIS B 23 -40.80 10.94 -24.48
C HIS B 23 -39.67 11.81 -23.93
N ILE B 24 -38.95 12.49 -24.83
CA ILE B 24 -37.91 13.42 -24.41
C ILE B 24 -38.50 14.53 -23.54
N ARG B 25 -39.66 15.05 -23.94
CA ARG B 25 -40.27 16.14 -23.19
C ARG B 25 -40.65 15.70 -21.77
N MET B 26 -41.24 14.51 -21.64
CA MET B 26 -41.62 14.09 -20.29
C MET B 26 -40.41 13.67 -19.46
N ALA B 27 -39.35 13.17 -20.10
CA ALA B 27 -38.11 12.93 -19.37
C ALA B 27 -37.52 14.24 -18.87
N MET B 28 -37.60 15.30 -19.68
CA MET B 28 -37.11 16.61 -19.25
C MET B 28 -37.98 17.17 -18.14
N GLU B 29 -39.28 16.86 -18.17
CA GLU B 29 -40.20 17.37 -17.16
C GLU B 29 -39.80 16.91 -15.76
N GLY B 30 -39.45 15.64 -15.62
CA GLY B 30 -39.01 15.14 -14.35
C GLY B 30 -39.78 13.91 -13.89
N SER B 31 -39.80 13.67 -12.58
CA SER B 31 -40.45 12.48 -12.05
C SER B 31 -41.96 12.55 -12.13
N ARG B 32 -42.54 13.76 -12.15
CA ARG B 32 -44.00 13.87 -12.17
C ARG B 32 -44.59 13.22 -13.42
N ALA B 33 -44.09 13.59 -14.59
CA ALA B 33 -44.62 13.04 -15.83
C ALA B 33 -44.34 11.55 -15.95
N ILE B 34 -43.14 11.11 -15.56
CA ILE B 34 -42.77 9.71 -15.72
C ILE B 34 -43.60 8.82 -14.80
N LYS B 35 -43.69 9.18 -13.52
CA LYS B 35 -44.58 8.46 -12.61
C LYS B 35 -46.02 8.54 -13.09
N ASP B 36 -46.39 9.64 -13.74
CA ASP B 36 -47.76 9.82 -14.17
C ASP B 36 -48.10 8.90 -15.34
N ASN B 37 -47.25 8.88 -16.36
CA ASN B 37 -47.42 8.02 -17.53
C ASN B 37 -46.59 6.75 -17.40
N ALA B 38 -46.87 5.99 -16.34
CA ALA B 38 -46.00 4.87 -15.99
C ALA B 38 -46.11 3.72 -16.99
N LYS B 39 -47.28 3.56 -17.63
CA LYS B 39 -47.58 2.31 -18.31
C LYS B 39 -46.65 2.03 -19.49
N GLU B 40 -46.35 3.03 -20.32
CA GLU B 40 -45.55 2.74 -21.51
C GLU B 40 -44.09 2.46 -21.16
N PHE B 41 -43.65 2.93 -20.00
CA PHE B 41 -42.29 2.68 -19.55
C PHE B 41 -42.16 1.41 -18.72
N VAL B 42 -43.13 1.11 -17.88
CA VAL B 42 -43.10 -0.05 -17.00
C VAL B 42 -44.27 -0.96 -17.36
N PRO B 43 -44.03 -2.01 -18.15
CA PRO B 43 -45.09 -2.97 -18.42
C PRO B 43 -45.53 -3.69 -17.15
N HIS B 44 -46.79 -4.11 -17.14
CA HIS B 44 -47.33 -4.75 -15.95
C HIS B 44 -46.59 -6.06 -15.68
N PRO B 45 -46.36 -6.41 -14.41
CA PRO B 45 -45.71 -7.69 -14.12
C PRO B 45 -46.45 -8.90 -14.69
N ASP B 46 -47.78 -8.85 -14.74
CA ASP B 46 -48.56 -9.89 -15.39
C ASP B 46 -49.90 -9.31 -15.80
N ASN B 47 -50.30 -9.56 -17.04
CA ASN B 47 -51.57 -9.05 -17.54
C ASN B 47 -52.75 -9.78 -16.90
N THR B 48 -52.59 -11.07 -16.59
CA THR B 48 -53.65 -11.81 -15.93
C THR B 48 -54.00 -11.18 -14.58
N LYS B 49 -52.98 -10.84 -13.79
CA LYS B 49 -53.22 -10.07 -12.58
C LYS B 49 -53.79 -8.70 -12.92
N ALA B 50 -53.28 -8.07 -13.98
CA ALA B 50 -53.70 -6.71 -14.31
C ALA B 50 -55.19 -6.63 -14.61
N THR B 51 -55.78 -7.74 -15.07
CA THR B 51 -57.21 -7.74 -15.34
C THR B 51 -58.02 -7.49 -14.07
N THR B 52 -57.63 -8.09 -12.96
CA THR B 52 -58.36 -7.95 -11.70
C THR B 52 -58.18 -6.56 -11.10
N PRO B 53 -59.20 -6.05 -10.41
CA PRO B 53 -59.02 -4.75 -9.73
C PRO B 53 -57.96 -4.79 -8.64
N GLU B 54 -57.83 -5.91 -7.94
CA GLU B 54 -56.69 -6.04 -7.02
C GLU B 54 -55.38 -6.01 -7.78
N GLY B 55 -55.38 -6.44 -9.04
CA GLY B 55 -54.19 -6.33 -9.85
C GLY B 55 -53.79 -4.89 -10.14
N VAL B 56 -54.77 -4.05 -10.48
CA VAL B 56 -54.43 -2.66 -10.75
C VAL B 56 -54.06 -1.94 -9.45
N ALA B 57 -54.67 -2.32 -8.33
CA ALA B 57 -54.22 -1.77 -7.05
C ALA B 57 -52.78 -2.17 -6.76
N ARG B 58 -52.44 -3.43 -7.06
CA ARG B 58 -51.06 -3.87 -6.91
C ARG B 58 -50.12 -3.10 -7.83
N TYR B 59 -50.57 -2.80 -9.04
CA TYR B 59 -49.73 -2.04 -9.96
C TYR B 59 -49.49 -0.62 -9.46
N LYS B 60 -50.51 0.04 -8.90
CA LYS B 60 -50.25 1.35 -8.33
C LYS B 60 -49.33 1.27 -7.12
N ALA B 61 -49.52 0.24 -6.27
CA ALA B 61 -48.60 0.07 -5.15
C ALA B 61 -47.17 -0.13 -5.64
N TYR B 62 -47.02 -0.83 -6.77
CA TYR B 62 -45.71 -1.09 -7.34
C TYR B 62 -45.09 0.17 -7.94
N ILE B 63 -45.91 1.03 -8.56
CA ILE B 63 -45.38 2.20 -9.25
C ILE B 63 -45.11 3.33 -8.29
N GLU B 64 -46.05 3.63 -7.37
CA GLU B 64 -45.88 4.76 -6.47
C GLU B 64 -44.64 4.64 -5.61
N ARG B 65 -44.12 3.43 -5.44
CA ARG B 65 -42.92 3.18 -4.68
C ARG B 65 -41.64 3.42 -5.48
N ALA B 66 -41.76 3.51 -6.80
CA ALA B 66 -40.60 3.63 -7.66
C ALA B 66 -39.91 4.99 -7.47
N VAL B 67 -38.70 5.09 -8.02
CA VAL B 67 -37.89 6.30 -7.92
C VAL B 67 -37.37 6.63 -9.30
N TRP B 68 -37.65 7.85 -9.78
CA TRP B 68 -37.15 8.32 -11.06
C TRP B 68 -35.82 9.03 -10.83
N TYR B 69 -34.75 8.49 -11.44
CA TYR B 69 -33.42 9.06 -11.22
C TYR B 69 -33.32 10.46 -11.81
N GLY B 70 -33.86 10.67 -13.00
CA GLY B 70 -33.81 11.98 -13.62
C GLY B 70 -32.42 12.42 -14.03
N ALA B 71 -31.63 11.53 -14.60
CA ALA B 71 -30.28 11.88 -15.04
C ALA B 71 -30.26 12.69 -16.33
N SER B 72 -31.29 12.58 -17.17
CA SER B 72 -31.29 13.28 -18.44
C SER B 72 -31.47 14.79 -18.25
N ALA B 73 -32.31 15.19 -17.31
CA ALA B 73 -32.50 16.61 -17.03
C ALA B 73 -31.20 17.24 -16.56
N ASN B 74 -30.51 16.58 -15.63
CA ASN B 74 -29.21 17.08 -15.18
C ASN B 74 -28.19 17.04 -16.31
N THR B 75 -28.30 16.05 -17.21
CA THR B 75 -27.38 15.99 -18.33
C THR B 75 -27.51 17.22 -19.22
N VAL B 76 -28.73 17.47 -19.72
CA VAL B 76 -28.92 18.62 -20.66
C VAL B 76 -28.57 19.92 -19.91
N ASP B 77 -28.83 19.97 -18.60
CA ASP B 77 -28.49 21.17 -17.81
C ASP B 77 -26.98 21.40 -17.91
N GLY B 78 -26.18 20.38 -17.55
CA GLY B 78 -24.71 20.51 -17.63
C GLY B 78 -24.26 20.81 -19.04
N MET B 79 -24.85 20.14 -20.03
CA MET B 79 -24.46 20.34 -21.45
C MET B 79 -24.68 21.81 -21.83
N LEU B 80 -25.88 22.34 -21.55
CA LEU B 80 -26.18 23.76 -21.89
C LEU B 80 -25.23 24.66 -21.11
N GLY B 81 -25.03 24.37 -19.82
CA GLY B 81 -24.10 25.16 -19.00
C GLY B 81 -22.73 25.26 -19.65
N GLN B 82 -22.16 24.13 -20.04
CA GLN B 82 -20.85 24.14 -20.70
C GLN B 82 -20.88 24.99 -21.97
N ILE B 83 -21.94 24.86 -22.77
CA ILE B 83 -22.01 25.65 -24.00
C ILE B 83 -22.17 27.13 -23.66
N PHE B 84 -23.11 27.46 -22.78
CA PHE B 84 -23.40 28.86 -22.47
C PHE B 84 -22.70 29.26 -21.17
N ALA B 85 -21.38 29.21 -21.20
CA ALA B 85 -20.55 29.85 -20.19
C ALA B 85 -20.07 31.19 -20.74
N ARG B 86 -20.05 32.20 -19.87
CA ARG B 86 -19.87 33.60 -20.27
C ARG B 86 -21.01 33.93 -21.23
N ASP B 87 -20.74 34.56 -22.38
CA ASP B 87 -21.78 34.87 -23.34
C ASP B 87 -21.20 34.85 -24.75
N PRO B 88 -22.03 34.59 -25.76
CA PRO B 88 -21.53 34.57 -27.13
C PRO B 88 -21.01 35.94 -27.55
N VAL B 89 -20.04 35.92 -28.46
CA VAL B 89 -19.38 37.14 -28.94
C VAL B 89 -20.03 37.59 -30.23
N PHE B 90 -20.40 38.87 -30.28
CA PHE B 90 -21.04 39.46 -31.45
C PHE B 90 -20.01 40.24 -32.25
N THR B 91 -19.91 39.94 -33.54
CA THR B 91 -18.97 40.60 -34.44
C THR B 91 -19.74 41.57 -35.35
N GLY B 92 -19.25 42.80 -35.44
CA GLY B 92 -19.87 43.81 -36.27
C GLY B 92 -20.32 45.01 -35.46
N PRO B 93 -20.98 45.96 -36.12
CA PRO B 93 -21.46 47.14 -35.40
C PRO B 93 -22.48 46.77 -34.33
N GLU B 94 -22.42 47.48 -33.21
CA GLU B 94 -23.32 47.24 -32.08
C GLU B 94 -24.32 48.36 -31.87
N ASP B 95 -23.92 49.61 -32.09
CA ASP B 95 -24.85 50.73 -31.92
C ASP B 95 -26.00 50.66 -32.92
N LYS B 96 -25.80 49.95 -34.04
CA LYS B 96 -26.86 49.77 -35.01
C LYS B 96 -27.71 48.54 -34.73
N PHE B 97 -27.09 47.48 -34.20
CA PHE B 97 -27.78 46.22 -33.94
C PHE B 97 -28.25 46.11 -32.50
N ASP B 98 -28.16 47.18 -31.71
CA ASP B 98 -28.56 47.11 -30.31
C ASP B 98 -30.02 46.73 -30.15
N MET B 99 -30.87 47.15 -31.09
CA MET B 99 -32.30 46.85 -30.99
C MET B 99 -32.57 45.36 -31.14
N LEU B 100 -31.66 44.62 -31.79
CA LEU B 100 -31.81 43.18 -31.88
C LEU B 100 -31.18 42.46 -30.70
N ILE B 101 -30.07 42.98 -30.16
CA ILE B 101 -29.42 42.36 -29.02
C ILE B 101 -30.26 42.51 -27.76
N ASN B 102 -30.87 43.68 -27.59
CA ASN B 102 -31.57 43.98 -26.34
C ASN B 102 -32.88 43.21 -26.24
N ASP B 103 -33.64 43.13 -27.33
CA ASP B 103 -34.87 42.35 -27.39
C ASP B 103 -35.03 41.74 -28.78
N VAL B 104 -34.70 40.46 -28.89
CA VAL B 104 -34.60 39.82 -30.20
C VAL B 104 -35.98 39.68 -30.84
N ASP B 105 -37.01 39.36 -30.05
CA ASP B 105 -38.36 39.18 -30.57
C ASP B 105 -39.31 40.26 -30.08
N GLY B 106 -38.79 41.41 -29.65
CA GLY B 106 -39.63 42.51 -29.21
C GLY B 106 -40.42 42.23 -27.95
N SER B 107 -39.84 41.45 -27.02
CA SER B 107 -40.51 41.13 -25.76
C SER B 107 -39.63 41.42 -24.55
N GLY B 108 -38.51 42.12 -24.73
CA GLY B 108 -37.54 42.28 -23.67
C GLY B 108 -36.60 41.10 -23.51
N LEU B 109 -36.78 40.06 -24.32
CA LEU B 109 -35.91 38.88 -24.28
C LEU B 109 -34.70 39.13 -25.15
N SER B 110 -33.52 39.19 -24.54
CA SER B 110 -32.31 39.48 -25.29
C SER B 110 -31.99 38.32 -26.23
N ILE B 111 -31.08 38.59 -27.17
CA ILE B 111 -30.72 37.58 -28.17
C ILE B 111 -30.00 36.42 -27.50
N HIS B 112 -29.25 36.68 -26.43
CA HIS B 112 -28.50 35.62 -25.77
C HIS B 112 -29.45 34.60 -25.12
N GLN B 113 -30.54 35.07 -24.52
CA GLN B 113 -31.46 34.14 -23.86
C GLN B 113 -32.22 33.31 -24.88
N GLN B 114 -32.64 33.92 -25.99
CA GLN B 114 -33.29 33.12 -27.04
C GLN B 114 -32.31 32.13 -27.65
N ALA B 115 -31.04 32.52 -27.77
CA ALA B 115 -30.02 31.58 -28.22
C ALA B 115 -29.86 30.43 -27.24
N ARG B 116 -29.94 30.72 -25.94
CA ARG B 116 -29.86 29.66 -24.94
C ARG B 116 -31.04 28.70 -25.06
N ASP B 117 -32.25 29.23 -25.26
CA ASP B 117 -33.40 28.37 -25.44
C ASP B 117 -33.27 27.52 -26.70
N SER B 118 -32.77 28.11 -27.78
CA SER B 118 -32.57 27.36 -29.02
C SER B 118 -31.53 26.26 -28.82
N ALA B 119 -30.44 26.57 -28.13
CA ALA B 119 -29.43 25.55 -27.86
C ALA B 119 -29.98 24.44 -26.98
N GLU B 120 -30.82 24.78 -26.01
CA GLU B 120 -31.45 23.75 -25.19
C GLU B 120 -32.35 22.86 -26.02
N ASP B 121 -33.13 23.44 -26.93
CA ASP B 121 -33.97 22.63 -27.80
C ASP B 121 -33.14 21.73 -28.70
N ALA B 122 -32.03 22.25 -29.24
CA ALA B 122 -31.17 21.44 -30.09
C ALA B 122 -30.51 20.33 -29.31
N LEU B 123 -30.16 20.57 -28.04
CA LEU B 123 -29.55 19.54 -27.22
C LEU B 123 -30.56 18.47 -26.84
N SER B 124 -31.80 18.86 -26.55
CA SER B 124 -32.78 17.91 -26.03
C SER B 124 -33.32 17.00 -27.13
N LEU B 125 -34.00 17.56 -28.13
CA LEU B 125 -34.64 16.78 -29.17
C LEU B 125 -34.05 17.06 -30.56
N GLY B 126 -33.01 17.88 -30.65
CA GLY B 126 -32.28 18.02 -31.90
C GLY B 126 -33.05 18.61 -33.06
N ARG B 127 -33.87 19.64 -32.81
CA ARG B 127 -34.52 20.36 -33.88
C ARG B 127 -35.13 21.65 -33.35
N GLY B 128 -34.95 22.72 -34.12
CA GLY B 128 -35.55 24.02 -33.83
C GLY B 128 -35.52 24.86 -35.08
N GLY B 129 -36.17 26.01 -35.02
CA GLY B 129 -36.27 26.86 -36.18
C GLY B 129 -36.20 28.32 -35.80
N LEU B 130 -35.73 29.13 -36.74
CA LEU B 130 -35.64 30.58 -36.57
C LEU B 130 -36.38 31.24 -37.73
N PHE B 131 -37.16 32.28 -37.41
CA PHE B 131 -37.93 33.01 -38.39
C PHE B 131 -37.64 34.50 -38.27
N VAL B 132 -37.47 35.16 -39.41
CA VAL B 132 -37.27 36.60 -39.46
C VAL B 132 -38.34 37.19 -40.37
N ASP B 133 -39.15 38.10 -39.84
CA ASP B 133 -40.22 38.70 -40.60
C ASP B 133 -40.37 40.16 -40.22
N TYR B 134 -40.25 41.04 -41.22
CA TYR B 134 -40.44 42.46 -40.99
C TYR B 134 -41.87 42.73 -40.56
N SER B 135 -42.02 43.53 -39.50
CA SER B 135 -43.34 43.74 -38.91
C SER B 135 -44.30 44.39 -39.89
N ALA B 152 -41.19 50.53 -37.28
CA ALA B 152 -41.15 49.16 -37.79
C ALA B 152 -39.76 48.58 -37.53
N ARG B 153 -39.71 47.25 -37.38
CA ARG B 153 -38.49 46.59 -36.98
C ARG B 153 -38.57 45.11 -37.32
N PRO B 154 -37.50 44.50 -37.82
CA PRO B 154 -37.51 43.06 -38.04
C PRO B 154 -37.33 42.29 -36.72
N TYR B 155 -37.94 41.11 -36.69
CA TYR B 155 -37.96 40.28 -35.49
C TYR B 155 -37.43 38.89 -35.81
N ILE B 156 -36.52 38.40 -34.98
CA ILE B 156 -36.04 37.02 -35.08
C ILE B 156 -36.86 36.19 -34.11
N LYS B 157 -37.70 35.32 -34.64
CA LYS B 157 -38.54 34.46 -33.81
C LYS B 157 -37.90 33.09 -33.64
N PHE B 158 -38.31 32.41 -32.57
CA PHE B 158 -37.90 31.04 -32.31
C PHE B 158 -39.11 30.14 -32.47
N ILE B 159 -38.98 29.13 -33.33
CA ILE B 159 -40.06 28.20 -33.65
C ILE B 159 -39.65 26.82 -33.13
N ALA B 160 -40.51 26.23 -32.31
CA ALA B 160 -40.19 24.95 -31.71
C ALA B 160 -40.25 23.83 -32.74
N ALA B 161 -39.76 22.65 -32.32
CA ALA B 161 -39.73 21.51 -33.24
C ALA B 161 -41.12 21.03 -33.58
N GLU B 162 -42.05 21.08 -32.63
CA GLU B 162 -43.42 20.64 -32.90
C GLU B 162 -44.19 21.64 -33.75
N ASP B 163 -43.77 22.91 -33.78
CA ASP B 163 -44.51 23.91 -34.53
C ASP B 163 -44.24 23.79 -36.03
N ILE B 164 -43.03 23.36 -36.41
CA ILE B 164 -42.73 23.15 -37.82
C ILE B 164 -43.56 21.98 -38.34
N LEU B 165 -44.48 22.27 -39.26
CA LEU B 165 -45.48 21.29 -39.65
C LEU B 165 -45.05 20.63 -40.95
N ASN B 166 -44.85 21.39 -42.03
CA ASN B 166 -44.59 20.81 -43.34
C ASN B 166 -43.48 21.57 -44.06
N TRP B 167 -42.75 20.85 -44.91
CA TRP B 167 -41.73 21.43 -45.76
C TRP B 167 -41.48 20.49 -46.93
N ARG B 168 -41.02 21.06 -48.04
CA ARG B 168 -40.67 20.28 -49.23
C ARG B 168 -39.37 20.80 -49.81
N GLU B 169 -38.61 19.89 -50.42
CA GLU B 169 -37.35 20.23 -51.08
C GLU B 169 -37.43 19.82 -52.55
N ARG B 170 -37.29 20.81 -53.43
CA ARG B 170 -37.23 20.58 -54.87
C ARG B 170 -35.95 21.21 -55.40
N TRP B 171 -35.16 20.44 -56.12
CA TRP B 171 -33.92 20.98 -56.65
C TRP B 171 -34.21 21.87 -57.84
N VAL B 172 -33.73 23.11 -57.77
CA VAL B 172 -34.02 24.12 -58.77
C VAL B 172 -32.70 24.59 -59.38
N ASN B 173 -32.55 24.42 -60.69
CA ASN B 173 -31.34 24.80 -61.41
C ASN B 173 -30.09 24.19 -60.77
N GLY B 174 -30.21 22.94 -60.33
CA GLY B 174 -29.09 22.26 -59.70
C GLY B 174 -28.83 22.64 -58.27
N ALA B 175 -29.76 23.31 -57.59
CA ALA B 175 -29.61 23.71 -56.21
C ALA B 175 -30.77 23.16 -55.39
N LYS B 176 -30.46 22.59 -54.23
CA LYS B 176 -31.50 22.09 -53.32
C LYS B 176 -32.15 23.26 -52.59
N ARG B 177 -33.41 23.51 -52.85
CA ARG B 177 -34.11 24.66 -52.29
C ARG B 177 -35.33 24.20 -51.50
N THR B 178 -35.56 24.82 -50.34
CA THR B 178 -36.70 24.52 -49.50
C THR B 178 -37.85 25.44 -49.91
N THR B 179 -38.57 25.01 -50.96
CA THR B 179 -39.55 25.89 -51.60
C THR B 179 -40.70 26.25 -50.65
N LEU B 180 -41.17 25.28 -49.86
CA LEU B 180 -42.30 25.49 -48.97
C LEU B 180 -41.92 25.13 -47.54
N LEU B 181 -42.45 25.91 -46.60
CA LEU B 181 -42.31 25.58 -45.18
C LEU B 181 -43.50 26.18 -44.43
N VAL B 182 -44.15 25.37 -43.61
CA VAL B 182 -45.34 25.76 -42.86
C VAL B 182 -45.10 25.49 -41.39
N PHE B 183 -45.40 26.46 -40.53
CA PHE B 183 -45.24 26.29 -39.09
C PHE B 183 -46.38 26.95 -38.34
N ARG B 184 -46.80 26.32 -37.26
CA ARG B 184 -47.90 26.83 -36.45
C ARG B 184 -47.43 27.98 -35.56
N GLU B 185 -48.29 28.96 -35.37
CA GLU B 185 -47.94 30.18 -34.64
C GLU B 185 -48.91 30.29 -33.47
N GLU B 186 -48.46 29.93 -32.27
CA GLU B 186 -49.32 29.84 -31.10
C GLU B 186 -49.40 31.17 -30.36
N SER B 187 -50.62 31.63 -30.13
CA SER B 187 -50.84 32.87 -29.39
C SER B 187 -52.07 32.70 -28.52
N ASP B 188 -52.19 33.58 -27.53
CA ASP B 188 -53.29 33.55 -26.56
C ASP B 188 -54.25 34.68 -26.87
N ALA B 189 -55.54 34.35 -26.94
CA ALA B 189 -56.56 35.33 -27.27
C ALA B 189 -56.94 36.13 -26.02
N ASP B 190 -56.89 37.46 -26.14
CA ASP B 190 -57.29 38.36 -25.07
C ASP B 190 -58.57 39.09 -25.51
N ASP B 191 -59.70 38.54 -25.09
CA ASP B 191 -61.00 39.17 -25.35
C ASP B 191 -61.25 40.24 -24.30
N ASP B 192 -62.50 40.73 -24.24
CA ASP B 192 -62.86 41.70 -23.21
C ASP B 192 -62.72 41.10 -21.81
N GLY B 193 -62.95 39.79 -21.69
CA GLY B 193 -62.76 39.09 -20.44
C GLY B 193 -61.41 38.39 -20.37
N TYR B 194 -61.23 37.62 -19.30
CA TYR B 194 -60.03 36.81 -19.11
C TYR B 194 -60.28 35.34 -19.43
N GLN B 195 -61.23 35.03 -20.30
CA GLN B 195 -61.53 33.65 -20.65
C GLN B 195 -60.40 33.05 -21.47
N ILE B 196 -59.79 31.99 -20.93
CA ILE B 196 -58.58 31.42 -21.54
C ILE B 196 -58.97 30.69 -22.81
N TYR B 197 -58.53 31.21 -23.95
CA TYR B 197 -58.64 30.54 -25.24
C TYR B 197 -57.23 30.33 -25.81
N LYS B 198 -57.18 29.86 -27.04
CA LYS B 198 -55.90 29.70 -27.73
C LYS B 198 -56.16 29.73 -29.22
N GLU B 199 -55.77 30.82 -29.87
CA GLU B 199 -55.98 31.00 -31.30
C GLU B 199 -54.70 30.63 -32.05
N GLU B 200 -54.86 29.78 -33.07
CA GLU B 200 -53.74 29.25 -33.84
C GLU B 200 -53.63 29.96 -35.18
N VAL B 201 -52.40 30.18 -35.61
CA VAL B 201 -52.10 30.81 -36.89
C VAL B 201 -51.10 29.93 -37.62
N TRP B 202 -51.32 29.75 -38.93
CA TRP B 202 -50.43 28.97 -39.78
C TRP B 202 -49.79 29.90 -40.80
N ARG B 203 -48.47 29.83 -40.91
CA ARG B 203 -47.71 30.65 -41.85
C ARG B 203 -47.13 29.75 -42.93
N GLU B 204 -47.46 30.03 -44.18
CA GLU B 204 -46.92 29.32 -45.32
C GLU B 204 -45.87 30.19 -45.99
N LEU B 205 -44.63 29.70 -46.03
CA LEU B 205 -43.52 30.39 -46.67
C LEU B 205 -43.21 29.65 -47.96
N ARG B 206 -43.45 30.31 -49.10
CA ARG B 206 -43.34 29.68 -50.39
C ARG B 206 -42.28 30.39 -51.24
N LEU B 207 -41.53 29.59 -52.00
CA LEU B 207 -40.50 30.09 -52.90
C LEU B 207 -40.88 29.70 -54.33
N VAL B 208 -41.51 30.63 -55.05
CA VAL B 208 -41.83 30.44 -56.45
C VAL B 208 -40.86 31.26 -57.28
N ASP B 209 -40.45 30.69 -58.42
CA ASP B 209 -39.56 31.28 -59.44
C ASP B 209 -38.53 32.22 -58.84
N GLY B 210 -37.81 31.75 -57.82
CA GLY B 210 -36.76 32.55 -57.20
C GLY B 210 -37.24 33.79 -56.50
N THR B 211 -38.38 33.71 -55.81
CA THR B 211 -38.92 34.83 -55.06
C THR B 211 -39.49 34.32 -53.74
N TYR B 212 -39.49 35.19 -52.73
CA TYR B 212 -40.00 34.83 -51.41
C TYR B 212 -41.43 35.34 -51.25
N TRP B 213 -42.33 34.43 -50.89
CA TRP B 213 -43.74 34.74 -50.70
C TRP B 213 -44.22 34.14 -49.39
N GLN B 214 -45.23 34.78 -48.80
CA GLN B 214 -45.80 34.27 -47.55
C GLN B 214 -47.26 34.66 -47.47
N ARG B 215 -48.00 33.92 -46.63
CA ARG B 215 -49.39 34.22 -46.33
C ARG B 215 -49.75 33.57 -45.01
N THR B 216 -50.86 34.02 -44.43
CA THR B 216 -51.30 33.55 -43.12
C THR B 216 -52.65 32.88 -43.23
N TRP B 217 -52.77 31.71 -42.60
CA TRP B 217 -54.04 31.01 -42.47
C TRP B 217 -54.58 31.22 -41.06
N ARG B 218 -55.84 31.62 -40.96
CA ARG B 218 -56.46 31.90 -39.66
C ARG B 218 -57.73 31.06 -39.53
N GLU B 219 -57.85 30.37 -38.40
CA GLU B 219 -59.01 29.55 -38.09
C GLU B 219 -59.74 30.17 -36.92
N ASN B 220 -60.78 30.96 -37.21
CA ASN B 220 -61.60 31.59 -36.18
C ASN B 220 -62.95 30.89 -36.17
N ASP B 221 -63.24 30.20 -35.06
CA ASP B 221 -64.46 29.42 -34.90
C ASP B 221 -64.60 28.35 -36.00
N GLY B 222 -63.48 27.70 -36.32
CA GLY B 222 -63.49 26.52 -37.15
C GLY B 222 -63.28 26.73 -38.63
N GLN B 223 -63.50 27.94 -39.15
CA GLN B 223 -63.36 28.19 -40.57
C GLN B 223 -61.99 28.77 -40.89
N LEU B 224 -61.40 28.28 -41.98
CA LEU B 224 -60.03 28.61 -42.36
C LEU B 224 -60.04 29.81 -43.31
N TYR B 225 -59.97 31.00 -42.74
CA TYR B 225 -59.74 32.20 -43.55
C TYR B 225 -58.32 32.18 -44.10
N VAL B 226 -58.15 32.69 -45.31
CA VAL B 226 -56.86 32.75 -45.98
C VAL B 226 -56.60 34.18 -46.42
N ASP B 227 -55.43 34.70 -46.07
CA ASP B 227 -55.03 36.03 -46.52
C ASP B 227 -54.46 35.96 -47.93
N ASP B 228 -54.11 37.13 -48.46
CA ASP B 228 -53.56 37.20 -49.80
C ASP B 228 -52.04 37.19 -49.77
N TRP B 229 -51.44 36.65 -50.83
CA TRP B 229 -49.99 36.52 -50.90
C TRP B 229 -49.32 37.89 -50.80
N ILE B 230 -48.21 37.95 -50.07
CA ILE B 230 -47.39 39.15 -49.98
C ILE B 230 -45.94 38.76 -50.18
N SER B 231 -45.14 39.74 -50.59
CA SER B 231 -43.70 39.55 -50.79
C SER B 231 -42.93 40.51 -49.90
N PRO B 232 -42.48 40.08 -48.73
CA PRO B 232 -41.60 40.93 -47.92
C PRO B 232 -40.35 41.29 -48.71
N THR B 233 -40.12 42.59 -48.86
CA THR B 233 -39.03 43.09 -49.69
C THR B 233 -38.01 43.81 -48.82
N LYS B 234 -36.75 43.71 -49.25
CA LYS B 234 -35.65 44.28 -48.49
C LYS B 234 -35.74 45.81 -48.48
N ALA B 235 -34.83 46.44 -47.73
CA ALA B 235 -34.83 47.89 -47.61
C ALA B 235 -34.63 48.55 -48.97
N ASP B 236 -33.70 48.04 -49.76
CA ASP B 236 -33.50 48.57 -51.11
C ASP B 236 -34.56 48.06 -52.08
N GLY B 237 -35.20 46.94 -51.76
CA GLY B 237 -36.16 46.31 -52.65
C GLY B 237 -35.66 44.94 -53.08
N SER B 238 -35.92 44.61 -54.35
CA SER B 238 -35.40 43.41 -55.00
C SER B 238 -35.89 42.12 -54.36
N GLN B 239 -36.92 42.20 -53.52
CA GLN B 239 -37.55 41.03 -52.88
C GLN B 239 -36.47 40.19 -52.21
N PHE B 240 -36.51 38.86 -52.33
CA PHE B 240 -35.48 37.98 -51.79
C PHE B 240 -35.10 36.95 -52.84
N ASP B 241 -34.19 36.07 -52.44
CA ASP B 241 -33.87 34.87 -53.21
C ASP B 241 -33.83 33.62 -52.35
N GLU B 242 -34.12 33.75 -51.05
CA GLU B 242 -34.22 32.60 -50.17
C GLU B 242 -35.21 32.93 -49.06
N ILE B 243 -35.73 31.89 -48.42
CA ILE B 243 -36.77 32.05 -47.41
C ILE B 243 -36.12 32.33 -46.06
N PRO B 244 -36.51 33.42 -45.38
CA PRO B 244 -35.90 33.71 -44.07
C PRO B 244 -36.37 32.75 -42.98
N PHE B 245 -36.06 31.47 -43.16
CA PHE B 245 -36.36 30.44 -42.17
C PHE B 245 -35.24 29.41 -42.22
N VAL B 246 -34.62 29.16 -41.08
CA VAL B 246 -33.54 28.20 -40.96
C VAL B 246 -33.89 27.19 -39.89
N ILE B 247 -33.70 25.91 -40.20
CA ILE B 247 -33.94 24.82 -39.26
C ILE B 247 -32.58 24.30 -38.80
N PHE B 248 -32.40 24.18 -37.50
CA PHE B 248 -31.14 23.74 -36.92
C PHE B 248 -31.38 22.54 -36.02
N GLY B 249 -30.35 21.71 -35.91
CA GLY B 249 -30.41 20.52 -35.08
C GLY B 249 -29.03 20.05 -34.68
N SER B 250 -28.95 18.91 -34.00
CA SER B 250 -27.65 18.37 -33.62
C SER B 250 -26.87 17.94 -34.86
N LYS B 251 -27.56 17.41 -35.87
CA LYS B 251 -26.88 16.91 -37.06
C LYS B 251 -26.37 18.06 -37.93
N ASN B 252 -27.29 18.86 -38.48
CA ASN B 252 -26.90 19.96 -39.36
C ASN B 252 -28.08 20.90 -39.64
N ASN B 253 -27.83 21.95 -40.42
CA ASN B 253 -28.85 22.93 -40.76
C ASN B 253 -29.57 22.50 -42.04
N ASP B 254 -30.31 21.41 -41.93
CA ASP B 254 -31.07 20.88 -43.06
C ASP B 254 -32.52 20.71 -42.65
N PRO B 255 -33.44 20.83 -43.62
CA PRO B 255 -34.86 20.61 -43.29
C PRO B 255 -35.16 19.19 -42.85
N THR B 256 -34.36 18.20 -43.26
CA THR B 256 -34.61 16.83 -42.88
C THR B 256 -34.47 16.66 -41.37
N ILE B 257 -35.20 15.68 -40.83
CA ILE B 257 -35.26 15.50 -39.38
C ILE B 257 -33.90 15.07 -38.86
N ASP B 258 -33.41 15.79 -37.86
CA ASP B 258 -32.15 15.46 -37.21
C ASP B 258 -32.41 14.54 -36.03
N MET B 259 -31.41 13.75 -35.69
CA MET B 259 -31.59 12.73 -34.67
C MET B 259 -31.41 13.33 -33.28
N PRO B 260 -32.36 13.14 -32.37
CA PRO B 260 -32.22 13.68 -31.02
C PRO B 260 -30.97 13.14 -30.35
N PRO B 261 -30.20 13.98 -29.65
CA PRO B 261 -28.94 13.54 -29.07
C PRO B 261 -29.08 12.76 -27.78
N MET B 262 -30.30 12.55 -27.27
CA MET B 262 -30.50 11.93 -25.98
C MET B 262 -31.53 10.80 -26.04
N ARG B 263 -31.43 9.93 -27.03
CA ARG B 263 -32.36 8.81 -27.13
C ARG B 263 -31.90 7.62 -26.30
N ASP B 264 -30.64 7.21 -26.47
CA ASP B 264 -30.13 6.07 -25.71
C ASP B 264 -30.07 6.39 -24.22
N LEU B 265 -29.74 7.64 -23.89
CA LEU B 265 -29.71 8.04 -22.48
C LEU B 265 -31.10 7.94 -21.86
N VAL B 266 -32.14 8.34 -22.59
CA VAL B 266 -33.49 8.24 -22.07
C VAL B 266 -33.90 6.78 -21.93
N GLU B 267 -33.47 5.93 -22.87
CA GLU B 267 -33.72 4.50 -22.71
C GLU B 267 -33.08 3.97 -21.43
N LEU B 268 -31.82 4.35 -21.19
CA LEU B 268 -31.13 3.89 -19.99
C LEU B 268 -31.85 4.38 -18.74
N ASN B 269 -32.31 5.63 -18.75
CA ASN B 269 -33.02 6.16 -17.60
C ASN B 269 -34.33 5.41 -17.35
N ILE B 270 -35.04 5.07 -18.43
CA ILE B 270 -36.31 4.36 -18.28
C ILE B 270 -36.07 2.94 -17.75
N ALA B 271 -35.07 2.25 -18.28
CA ALA B 271 -34.74 0.92 -17.78
C ALA B 271 -34.32 0.97 -16.31
N HIS B 272 -33.51 1.96 -15.95
CA HIS B 272 -33.15 2.13 -14.55
C HIS B 272 -34.38 2.43 -13.70
N PHE B 273 -35.34 3.17 -14.25
CA PHE B 273 -36.58 3.45 -13.53
C PHE B 273 -37.35 2.17 -13.23
N ARG B 274 -37.48 1.29 -14.21
CA ARG B 274 -38.23 0.06 -13.97
C ARG B 274 -37.49 -0.85 -13.00
N ASN B 275 -36.16 -0.92 -13.11
CA ASN B 275 -35.39 -1.69 -12.14
C ASN B 275 -35.52 -1.11 -10.74
N SER B 276 -35.56 0.22 -10.64
CA SER B 276 -35.77 0.87 -9.35
C SER B 276 -37.14 0.53 -8.79
N ALA B 277 -38.16 0.49 -9.63
CA ALA B 277 -39.49 0.06 -9.18
C ALA B 277 -39.44 -1.34 -8.57
N ASP B 278 -38.81 -2.27 -9.29
CA ASP B 278 -38.71 -3.65 -8.78
C ASP B 278 -37.94 -3.68 -7.46
N TYR B 279 -36.80 -2.97 -7.41
CA TYR B 279 -35.97 -2.97 -6.22
C TYR B 279 -36.70 -2.38 -5.02
N GLU B 280 -37.45 -1.30 -5.23
CA GLU B 280 -38.14 -0.66 -4.12
C GLU B 280 -39.30 -1.51 -3.63
N GLU B 281 -40.00 -2.20 -4.55
CA GLU B 281 -41.02 -3.15 -4.11
C GLU B 281 -40.41 -4.25 -3.26
N ALA B 282 -39.26 -4.77 -3.70
CA ALA B 282 -38.56 -5.79 -2.91
C ALA B 282 -38.15 -5.25 -1.54
N CYS B 283 -37.64 -4.02 -1.50
CA CYS B 283 -37.21 -3.44 -0.24
C CYS B 283 -38.37 -3.25 0.72
N PHE B 284 -39.52 -2.79 0.20
CA PHE B 284 -40.69 -2.60 1.06
C PHE B 284 -41.18 -3.94 1.60
N ILE B 285 -41.18 -4.97 0.76
CA ILE B 285 -41.74 -6.25 1.20
C ILE B 285 -40.77 -7.00 2.11
N CYS B 286 -39.60 -7.35 1.59
CA CYS B 286 -38.67 -8.24 2.28
C CYS B 286 -37.49 -7.52 2.91
N GLY B 287 -37.52 -6.19 2.98
CA GLY B 287 -36.43 -5.48 3.63
C GLY B 287 -36.50 -5.49 5.15
N GLN B 288 -37.66 -5.73 5.70
CA GLN B 288 -37.88 -5.83 7.15
C GLN B 288 -37.53 -7.23 7.63
N PRO B 289 -36.69 -7.38 8.65
CA PRO B 289 -36.45 -8.70 9.22
C PRO B 289 -37.71 -9.27 9.84
N THR B 290 -37.83 -10.60 9.77
CA THR B 290 -39.01 -11.29 10.25
C THR B 290 -38.58 -12.47 11.11
N LEU B 291 -39.38 -12.76 12.15
CA LEU B 291 -38.95 -13.73 13.16
C LEU B 291 -38.91 -15.14 12.61
N PHE B 292 -39.92 -15.52 11.84
CA PHE B 292 -40.02 -16.88 11.27
C PHE B 292 -39.82 -17.95 12.34
N LEU B 293 -40.70 -17.95 13.33
CA LEU B 293 -40.62 -18.94 14.39
C LEU B 293 -40.94 -20.33 13.84
N SER B 294 -40.03 -21.27 14.06
CA SER B 294 -40.13 -22.60 13.48
C SER B 294 -40.26 -23.65 14.57
N GLY B 295 -40.86 -24.78 14.22
CA GLY B 295 -41.04 -25.87 15.15
C GLY B 295 -41.92 -25.49 16.33
N LEU B 296 -43.04 -24.83 16.05
CA LEU B 296 -43.89 -24.25 17.08
C LEU B 296 -45.28 -24.87 17.00
N THR B 297 -45.91 -25.00 18.17
CA THR B 297 -47.24 -25.59 18.29
C THR B 297 -48.21 -24.54 18.83
N GLU B 298 -49.43 -24.54 18.28
CA GLU B 298 -50.41 -23.52 18.66
C GLU B 298 -50.81 -23.65 20.12
N HIS B 299 -50.77 -24.87 20.67
CA HIS B 299 -51.07 -25.05 22.08
C HIS B 299 -50.07 -24.27 22.95
N TRP B 300 -48.77 -24.40 22.63
CA TRP B 300 -47.75 -23.65 23.35
C TRP B 300 -47.93 -22.15 23.15
N VAL B 301 -48.29 -21.73 21.93
CA VAL B 301 -48.56 -20.32 21.66
C VAL B 301 -49.63 -19.79 22.61
N LYS B 302 -50.81 -20.42 22.59
CA LYS B 302 -51.91 -19.95 23.43
C LYS B 302 -51.61 -20.11 24.91
N ASN B 303 -50.70 -21.01 25.27
CA ASN B 303 -50.31 -21.14 26.66
C ASN B 303 -49.47 -19.95 27.12
N VAL B 304 -48.31 -19.75 26.51
CA VAL B 304 -47.35 -18.76 26.98
C VAL B 304 -47.31 -17.52 26.10
N LEU B 305 -47.15 -17.68 24.79
CA LEU B 305 -47.01 -16.53 23.91
C LEU B 305 -48.30 -15.71 23.89
N GLY B 306 -49.45 -16.39 23.82
CA GLY B 306 -50.73 -15.70 23.83
C GLY B 306 -50.94 -14.78 22.66
N GLY B 307 -50.44 -15.15 21.49
CA GLY B 307 -50.58 -14.30 20.32
C GLY B 307 -49.88 -12.96 20.45
N ALA B 308 -48.72 -12.95 21.10
CA ALA B 308 -47.96 -11.72 21.29
C ALA B 308 -46.54 -12.09 21.69
N VAL B 309 -45.57 -11.35 21.17
CA VAL B 309 -44.15 -11.59 21.46
C VAL B 309 -43.54 -10.29 21.93
N VAL B 310 -42.78 -10.36 23.03
CA VAL B 310 -41.99 -9.24 23.51
C VAL B 310 -40.55 -9.46 23.07
N ILE B 311 -40.05 -8.57 22.20
CA ILE B 311 -38.77 -8.80 21.55
C ILE B 311 -37.65 -7.94 22.15
N GLY B 312 -38.00 -6.92 22.94
CA GLY B 312 -36.97 -6.06 23.50
C GLY B 312 -36.00 -6.82 24.39
N SER B 313 -34.82 -6.24 24.57
CA SER B 313 -33.76 -6.90 25.33
C SER B 313 -34.08 -7.02 26.81
N ARG B 314 -35.11 -6.34 27.31
CA ARG B 314 -35.48 -6.46 28.71
C ARG B 314 -36.21 -7.77 29.01
N ASP B 315 -36.91 -8.34 28.03
CA ASP B 315 -37.69 -9.55 28.23
C ASP B 315 -37.29 -10.62 27.23
N ALA B 316 -37.41 -11.87 27.66
CA ALA B 316 -37.11 -13.03 26.82
C ALA B 316 -38.39 -13.74 26.43
N VAL B 317 -38.27 -14.70 25.55
CA VAL B 317 -39.38 -15.54 25.11
C VAL B 317 -38.95 -17.00 25.13
N PRO B 318 -39.66 -17.88 25.85
CA PRO B 318 -39.29 -19.29 25.83
C PRO B 318 -39.86 -20.00 24.63
N LEU B 319 -39.17 -21.03 24.18
CA LEU B 319 -39.58 -21.81 23.02
C LEU B 319 -39.57 -23.29 23.35
N PRO B 320 -40.42 -24.08 22.69
CA PRO B 320 -40.43 -25.52 22.95
C PRO B 320 -39.24 -26.22 22.34
N VAL B 321 -39.18 -27.54 22.45
CA VAL B 321 -38.05 -28.30 21.94
C VAL B 321 -38.02 -28.22 20.42
N ASN B 322 -36.80 -28.25 19.87
CA ASN B 322 -36.58 -28.22 18.42
C ASN B 322 -37.16 -26.96 17.77
N ALA B 323 -36.92 -25.82 18.40
CA ALA B 323 -37.34 -24.53 17.86
C ALA B 323 -36.12 -23.74 17.41
N LYS B 324 -36.20 -23.15 16.23
CA LYS B 324 -35.09 -22.41 15.65
C LYS B 324 -35.60 -21.06 15.16
N PRO B 325 -35.58 -20.03 16.01
CA PRO B 325 -35.93 -18.68 15.54
C PRO B 325 -34.94 -18.21 14.48
N GLU B 326 -35.45 -17.52 13.46
CA GLU B 326 -34.64 -17.14 12.31
C GLU B 326 -35.07 -15.75 11.82
N LEU B 327 -34.34 -14.72 12.23
CA LEU B 327 -34.50 -13.41 11.59
C LEU B 327 -34.01 -13.50 10.16
N LEU B 328 -34.93 -13.46 9.20
CA LEU B 328 -34.61 -13.59 7.79
C LEU B 328 -35.00 -12.32 7.06
N GLN B 329 -34.07 -11.81 6.24
CA GLN B 329 -34.34 -10.66 5.40
C GLN B 329 -33.47 -10.76 4.16
N ALA B 330 -33.89 -10.06 3.11
CA ALA B 330 -33.16 -10.10 1.84
C ALA B 330 -31.75 -9.57 2.02
N GLU B 331 -30.77 -10.30 1.49
CA GLU B 331 -29.37 -9.95 1.66
C GLU B 331 -28.94 -8.98 0.56
N GLY B 332 -28.05 -8.07 0.92
CA GLY B 332 -27.68 -6.97 0.05
C GLY B 332 -26.87 -7.42 -1.15
N ASN B 333 -26.54 -6.43 -2.00
CA ASN B 333 -25.84 -6.66 -3.25
C ASN B 333 -26.55 -7.71 -4.10
N GLY B 334 -27.87 -7.57 -4.21
CA GLY B 334 -28.66 -8.47 -5.03
C GLY B 334 -28.44 -8.21 -6.51
N MET B 335 -29.01 -9.10 -7.32
CA MET B 335 -28.85 -8.97 -8.76
C MET B 335 -29.60 -7.77 -9.32
N VAL B 336 -30.73 -7.38 -8.70
CA VAL B 336 -31.40 -6.14 -9.07
C VAL B 336 -30.54 -4.94 -8.67
N LYS B 337 -29.97 -4.99 -7.47
CA LYS B 337 -29.00 -3.99 -7.04
C LYS B 337 -27.87 -3.85 -8.05
N GLU B 338 -27.31 -4.97 -8.49
CA GLU B 338 -26.23 -4.92 -9.47
C GLU B 338 -26.73 -4.36 -10.80
N ALA B 339 -27.95 -4.71 -11.19
CA ALA B 339 -28.49 -4.19 -12.46
C ALA B 339 -28.62 -2.68 -12.41
N MET B 340 -29.13 -2.14 -11.30
CA MET B 340 -29.22 -0.69 -11.15
C MET B 340 -27.85 -0.04 -11.18
N ASP B 341 -26.88 -0.62 -10.47
CA ASP B 341 -25.53 -0.08 -10.48
C ASP B 341 -24.93 -0.08 -11.88
N GLN B 342 -25.12 -1.18 -12.61
CA GLN B 342 -24.55 -1.28 -13.96
C GLN B 342 -25.22 -0.30 -14.90
N LYS B 343 -26.52 -0.06 -14.75
CA LYS B 343 -27.16 0.92 -15.62
C LYS B 343 -26.70 2.33 -15.28
N GLU B 344 -26.46 2.63 -14.00
CA GLU B 344 -25.89 3.93 -13.66
C GLU B 344 -24.52 4.11 -14.28
N ARG B 345 -23.66 3.09 -14.18
CA ARG B 345 -22.32 3.19 -14.75
C ARG B 345 -22.38 3.25 -16.27
N GLN B 346 -23.41 2.62 -16.87
CA GLN B 346 -23.57 2.70 -18.31
C GLN B 346 -24.00 4.10 -18.73
N MET B 347 -24.91 4.70 -17.98
CA MET B 347 -25.33 6.08 -18.24
C MET B 347 -24.15 7.02 -18.18
N VAL B 348 -23.31 6.89 -17.16
CA VAL B 348 -22.13 7.75 -17.09
C VAL B 348 -21.10 7.34 -18.15
N ALA B 349 -21.16 6.10 -18.62
CA ALA B 349 -20.19 5.62 -19.60
C ALA B 349 -20.45 6.23 -20.97
N LEU B 350 -21.72 6.38 -21.35
CA LEU B 350 -22.03 6.89 -22.68
C LEU B 350 -21.40 8.26 -22.92
N GLY B 351 -21.15 9.01 -21.86
CA GLY B 351 -20.43 10.26 -21.98
C GLY B 351 -21.19 11.43 -21.43
N ALA B 352 -22.39 11.17 -20.91
CA ALA B 352 -23.23 12.23 -20.41
C ALA B 352 -22.72 12.74 -19.07
N LYS B 353 -22.76 14.07 -18.91
CA LYS B 353 -22.34 14.72 -17.67
C LYS B 353 -23.49 14.66 -16.66
N LEU B 354 -23.93 13.43 -16.40
CA LEU B 354 -25.14 13.18 -15.62
C LEU B 354 -24.89 12.92 -14.14
N ILE B 355 -23.68 12.54 -13.75
CA ILE B 355 -23.35 12.40 -12.34
C ILE B 355 -21.97 13.00 -12.10
N ASP B 356 -21.69 13.30 -10.83
CA ASP B 356 -20.35 13.68 -10.39
C ASP B 356 -20.00 12.81 -9.18
N SER B 357 -19.50 11.61 -9.45
CA SER B 357 -19.17 10.66 -8.40
C SER B 357 -17.90 11.09 -7.69
N ASP B 358 -17.95 11.10 -6.35
CA ASP B 358 -16.80 11.54 -5.57
C ASP B 358 -15.71 10.49 -5.48
N LYS B 359 -16.04 9.21 -5.74
CA LYS B 359 -15.07 8.14 -5.54
C LYS B 359 -14.05 8.08 -6.67
N THR B 360 -14.46 8.38 -7.89
CA THR B 360 -13.61 8.14 -9.06
C THR B 360 -12.51 9.18 -9.17
N GLN B 361 -11.28 8.71 -9.38
CA GLN B 361 -10.12 9.56 -9.58
C GLN B 361 -9.65 9.47 -11.02
N ARG B 362 -9.13 10.58 -11.54
CA ARG B 362 -8.64 10.67 -12.91
C ARG B 362 -7.35 11.47 -12.96
N THR B 363 -6.37 10.95 -13.68
CA THR B 363 -5.13 11.69 -13.92
C THR B 363 -5.41 12.89 -14.83
N PHE B 364 -4.88 14.04 -14.46
CA PHE B 364 -5.07 15.23 -15.28
C PHE B 364 -4.23 15.14 -16.55
N GLY B 365 -4.84 15.47 -17.68
CA GLY B 365 -4.17 15.40 -18.96
C GLY B 365 -4.81 14.39 -19.89
N GLU B 366 -5.14 13.20 -19.37
CA GLU B 366 -5.90 12.23 -20.16
C GLU B 366 -7.33 12.70 -20.37
N ALA B 367 -7.91 13.40 -19.38
CA ALA B 367 -9.17 14.06 -19.60
C ALA B 367 -9.09 15.05 -20.76
N SER B 368 -7.98 15.77 -20.88
CA SER B 368 -7.77 16.61 -22.05
C SER B 368 -7.64 15.77 -23.32
N MET B 369 -7.08 14.57 -23.21
CA MET B 369 -6.99 13.69 -24.38
C MET B 369 -8.38 13.29 -24.88
N GLU B 370 -9.30 12.99 -23.96
CA GLU B 370 -10.63 12.56 -24.34
C GLU B 370 -11.62 13.71 -24.45
N ALA B 371 -11.20 14.95 -24.18
CA ALA B 371 -12.11 16.09 -24.24
C ALA B 371 -12.69 16.27 -25.64
N ALA B 372 -11.88 16.05 -26.68
CA ALA B 372 -12.36 16.26 -28.04
C ALA B 372 -13.54 15.34 -28.35
N ALA B 373 -13.45 14.08 -27.95
CA ALA B 373 -14.56 13.15 -28.17
C ALA B 373 -15.71 13.41 -27.22
N GLN B 374 -15.42 13.77 -25.96
CA GLN B 374 -16.48 13.99 -24.98
C GLN B 374 -17.30 15.23 -25.29
N ASN B 375 -16.72 16.20 -26.00
CA ASN B 375 -17.40 17.45 -26.33
C ASN B 375 -17.92 17.45 -27.76
N SER B 376 -18.14 16.26 -28.35
CA SER B 376 -18.57 16.17 -29.74
C SER B 376 -19.89 16.87 -29.97
N VAL B 377 -20.96 16.36 -29.34
CA VAL B 377 -22.30 16.90 -29.55
C VAL B 377 -22.38 18.35 -29.05
N LEU B 378 -21.67 18.68 -27.99
CA LEU B 378 -21.63 20.07 -27.52
C LEU B 378 -21.12 21.00 -28.60
N SER B 379 -19.97 20.67 -29.21
CA SER B 379 -19.41 21.51 -30.25
C SER B 379 -20.32 21.54 -31.48
N ARG B 380 -20.93 20.39 -31.80
CA ARG B 380 -21.83 20.34 -32.95
C ARG B 380 -23.01 21.30 -32.76
N VAL B 381 -23.64 21.26 -31.59
CA VAL B 381 -24.77 22.14 -31.31
C VAL B 381 -24.32 23.59 -31.29
N SER B 382 -23.15 23.86 -30.70
CA SER B 382 -22.64 25.23 -30.68
C SER B 382 -22.47 25.77 -32.08
N LYS B 383 -21.83 24.99 -32.96
CA LYS B 383 -21.63 25.43 -34.34
C LYS B 383 -22.96 25.63 -35.06
N ASN B 384 -23.90 24.70 -34.88
CA ASN B 384 -25.17 24.79 -35.59
C ASN B 384 -25.96 26.02 -35.17
N VAL B 385 -26.04 26.29 -33.87
CA VAL B 385 -26.76 27.47 -33.40
C VAL B 385 -26.04 28.74 -33.80
N SER B 386 -24.71 28.74 -33.77
CA SER B 386 -23.96 29.91 -34.21
C SER B 386 -24.24 30.22 -35.67
N ASP B 387 -24.24 29.20 -36.54
CA ASP B 387 -24.51 29.42 -37.95
C ASP B 387 -25.95 29.87 -38.17
N ALA B 388 -26.90 29.28 -37.45
CA ALA B 388 -28.30 29.68 -37.60
C ALA B 388 -28.50 31.14 -37.22
N TYR B 389 -27.88 31.56 -36.11
CA TYR B 389 -28.05 32.96 -35.70
C TYR B 389 -27.26 33.91 -36.59
N THR B 390 -26.14 33.46 -37.15
CA THR B 390 -25.47 34.27 -38.17
C THR B 390 -26.38 34.51 -39.35
N LYS B 391 -27.04 33.46 -39.83
CA LYS B 391 -27.99 33.62 -40.93
C LYS B 391 -29.13 34.56 -40.55
N ALA B 392 -29.67 34.40 -39.34
CA ALA B 392 -30.79 35.24 -38.91
C ALA B 392 -30.38 36.71 -38.85
N LEU B 393 -29.20 36.99 -38.31
CA LEU B 393 -28.74 38.37 -38.22
C LEU B 393 -28.45 38.94 -39.60
N ARG B 394 -27.89 38.14 -40.50
CA ARG B 394 -27.67 38.63 -41.86
C ARG B 394 -28.99 38.94 -42.56
N TRP B 395 -30.01 38.11 -42.34
CA TRP B 395 -31.31 38.38 -42.94
C TRP B 395 -31.95 39.63 -42.36
N ALA B 396 -31.79 39.84 -41.05
CA ALA B 396 -32.29 41.07 -40.45
C ALA B 396 -31.54 42.29 -40.99
N ALA B 397 -30.24 42.13 -41.26
CA ALA B 397 -29.47 43.21 -41.87
C ALA B 397 -29.98 43.50 -43.28
N MET B 398 -30.32 42.46 -44.04
CA MET B 398 -30.92 42.67 -45.35
C MET B 398 -32.23 43.41 -45.23
N PHE B 399 -33.04 43.07 -44.23
CA PHE B 399 -34.31 43.76 -44.02
C PHE B 399 -34.08 45.24 -43.69
N LEU B 400 -33.13 45.53 -42.81
CA LEU B 400 -32.82 46.90 -42.43
C LEU B 400 -31.83 47.58 -43.35
N GLY B 401 -31.30 46.87 -44.35
CA GLY B 401 -30.32 47.47 -45.24
C GLY B 401 -29.04 47.86 -44.53
N LEU B 402 -28.51 46.97 -43.69
CA LEU B 402 -27.33 47.24 -42.88
C LEU B 402 -26.16 46.40 -43.37
N ASP B 403 -25.05 46.46 -42.63
CA ASP B 403 -23.85 45.72 -43.01
C ASP B 403 -24.13 44.21 -42.96
N GLU B 404 -23.46 43.49 -43.84
CA GLU B 404 -23.69 42.05 -43.99
C GLU B 404 -22.66 41.20 -43.26
N LYS B 405 -21.42 41.68 -43.14
CA LYS B 405 -20.34 40.91 -42.53
C LYS B 405 -20.49 40.96 -41.00
N ILE B 406 -21.46 40.19 -40.51
CA ILE B 406 -21.75 40.10 -39.09
C ILE B 406 -21.75 38.63 -38.69
N GLU B 407 -21.11 38.34 -37.56
CA GLU B 407 -21.03 36.98 -37.05
C GLU B 407 -21.50 36.94 -35.61
N TYR B 408 -22.07 35.80 -35.23
CA TYR B 408 -22.54 35.57 -33.85
C TYR B 408 -22.29 34.10 -33.54
N GLU B 409 -21.23 33.82 -32.80
CA GLU B 409 -20.85 32.45 -32.46
C GLU B 409 -20.93 32.26 -30.96
N LEU B 410 -21.40 31.09 -30.54
CA LEU B 410 -21.45 30.74 -29.13
C LEU B 410 -20.04 30.39 -28.66
N ASN B 411 -19.94 29.94 -27.41
CA ASN B 411 -18.66 29.52 -26.87
C ASN B 411 -18.22 28.24 -27.56
N SER B 412 -16.99 28.22 -28.06
CA SER B 412 -16.45 27.06 -28.75
C SER B 412 -15.42 26.31 -27.93
N ASP B 413 -15.05 26.82 -26.75
CA ASP B 413 -14.08 26.19 -25.88
C ASP B 413 -14.76 25.80 -24.58
N PHE B 414 -14.70 24.51 -24.25
CA PHE B 414 -15.53 23.92 -23.21
C PHE B 414 -14.66 23.59 -22.01
N ASP B 415 -15.30 23.05 -20.96
CA ASP B 415 -14.63 22.78 -19.69
C ASP B 415 -13.91 24.02 -19.17
N ILE B 416 -14.61 25.15 -19.25
CA ILE B 416 -14.01 26.45 -18.96
C ILE B 416 -13.74 26.59 -17.47
N ASN B 417 -12.68 27.33 -17.13
CA ASN B 417 -12.31 27.56 -15.75
C ASN B 417 -11.57 28.88 -15.65
N LYS B 418 -11.39 29.36 -14.42
CA LYS B 418 -10.63 30.56 -14.18
C LYS B 418 -9.21 30.41 -14.73
N MET B 419 -8.73 31.47 -15.38
CA MET B 419 -7.44 31.40 -16.05
C MET B 419 -6.31 31.70 -15.07
N SER B 420 -5.23 30.92 -15.17
CA SER B 420 -4.16 30.94 -14.20
C SER B 420 -3.33 32.21 -14.32
N PRO B 421 -2.57 32.56 -13.27
CA PRO B 421 -1.62 33.67 -13.40
C PRO B 421 -0.61 33.49 -14.51
N GLU B 422 -0.16 32.26 -14.73
CA GLU B 422 0.75 31.99 -15.84
C GLU B 422 0.06 32.23 -17.17
N GLU B 423 -1.21 31.80 -17.29
CA GLU B 423 -1.97 32.09 -18.50
C GLU B 423 -2.18 33.59 -18.67
N LEU B 424 -2.40 34.29 -17.56
CA LEU B 424 -2.54 35.75 -17.62
C LEU B 424 -1.29 36.39 -18.17
N ALA B 425 -0.12 35.98 -17.64
CA ALA B 425 1.14 36.52 -18.14
C ALA B 425 1.34 36.16 -19.60
N ALA B 426 0.97 34.94 -19.99
CA ALA B 426 1.16 34.51 -21.37
C ALA B 426 0.33 35.34 -22.33
N VAL B 427 -0.95 35.57 -22.00
CA VAL B 427 -1.81 36.33 -22.90
C VAL B 427 -1.39 37.80 -22.94
N ILE B 428 -0.95 38.35 -21.79
CA ILE B 428 -0.48 39.73 -21.79
C ILE B 428 0.78 39.86 -22.65
N SER B 429 1.72 38.92 -22.50
CA SER B 429 2.94 38.97 -23.29
C SER B 429 2.65 38.79 -24.78
N ALA B 430 1.69 37.93 -25.11
CA ALA B 430 1.31 37.75 -26.50
C ALA B 430 0.70 39.03 -27.08
N TRP B 431 -0.15 39.70 -26.31
CA TRP B 431 -0.73 40.94 -26.80
C TRP B 431 0.33 42.03 -26.94
N GLN B 432 1.35 42.01 -26.07
CA GLN B 432 2.46 42.95 -26.23
C GLN B 432 3.19 42.71 -27.54
N SER B 433 3.22 41.47 -28.02
CA SER B 433 3.66 41.17 -29.37
C SER B 433 2.48 41.33 -30.32
N ASN B 434 2.74 41.14 -31.61
CA ASN B 434 1.69 41.28 -32.62
C ASN B 434 1.11 39.90 -32.94
N ALA B 435 0.45 39.33 -31.94
CA ALA B 435 -0.11 37.99 -32.05
C ALA B 435 -1.58 37.92 -31.66
N ILE B 436 -2.00 38.67 -30.65
CA ILE B 436 -3.38 38.70 -30.19
C ILE B 436 -3.86 40.13 -30.20
N SER B 437 -4.98 40.38 -30.86
CA SER B 437 -5.57 41.71 -30.88
C SER B 437 -6.04 42.10 -29.48
N PHE B 438 -6.20 43.41 -29.28
CA PHE B 438 -6.62 43.90 -27.97
C PHE B 438 -8.00 43.38 -27.61
N THR B 439 -8.93 43.37 -28.56
CA THR B 439 -10.25 42.80 -28.29
C THR B 439 -10.16 41.31 -28.03
N GLU B 440 -9.28 40.61 -28.75
CA GLU B 440 -9.10 39.18 -28.51
C GLU B 440 -8.55 38.92 -27.11
N MET B 441 -7.57 39.72 -26.69
CA MET B 441 -7.03 39.56 -25.34
C MET B 441 -8.08 39.86 -24.28
N ARG B 442 -8.88 40.91 -24.48
CA ARG B 442 -9.93 41.22 -23.52
C ARG B 442 -10.97 40.11 -23.47
N TRP B 443 -11.31 39.54 -24.63
CA TRP B 443 -12.23 38.41 -24.66
C TRP B 443 -11.66 37.22 -23.90
N GLN B 444 -10.38 36.92 -24.10
CA GLN B 444 -9.75 35.81 -23.41
C GLN B 444 -9.73 36.03 -21.90
N ILE B 445 -9.41 37.26 -21.48
CA ILE B 445 -9.25 37.52 -20.06
C ILE B 445 -10.61 37.56 -19.36
N LYS B 446 -11.63 38.11 -20.02
CA LYS B 446 -12.99 38.02 -19.48
C LYS B 446 -13.45 36.57 -19.41
N LYS B 447 -13.13 35.79 -20.43
CA LYS B 447 -13.50 34.37 -20.46
C LYS B 447 -12.88 33.62 -19.30
N GLY B 448 -11.75 34.08 -18.78
CA GLY B 448 -11.09 33.48 -17.65
C GLY B 448 -11.51 34.00 -16.31
N GLY B 449 -12.57 34.80 -16.24
CA GLY B 449 -13.02 35.36 -14.98
C GLY B 449 -12.06 36.35 -14.35
N ARG B 450 -11.50 37.26 -15.15
CA ARG B 450 -10.56 38.25 -14.64
C ARG B 450 -10.93 39.68 -15.00
N ALA B 451 -12.03 39.91 -15.71
CA ALA B 451 -12.49 41.25 -16.02
C ALA B 451 -13.98 41.19 -16.34
N TYR B 452 -14.65 42.34 -16.21
CA TYR B 452 -16.08 42.36 -16.49
C TYR B 452 -16.47 43.53 -17.39
N LEU B 453 -15.73 44.63 -17.36
CA LEU B 453 -16.05 45.77 -18.19
C LEU B 453 -15.69 45.52 -19.64
N GLU B 454 -16.40 46.20 -20.53
CA GLU B 454 -16.10 46.10 -21.96
C GLU B 454 -14.79 46.79 -22.29
N ASP B 455 -14.21 46.39 -23.42
CA ASP B 455 -12.90 46.91 -23.80
C ASP B 455 -12.92 48.41 -24.05
N GLU B 456 -13.98 48.91 -24.69
CA GLU B 456 -14.04 50.33 -25.01
C GLU B 456 -14.07 51.18 -23.74
N ASP B 457 -14.83 50.76 -22.73
CA ASP B 457 -14.85 51.50 -21.47
C ASP B 457 -13.50 51.44 -20.78
N MET B 458 -12.80 50.30 -20.89
CA MET B 458 -11.43 50.23 -20.41
C MET B 458 -10.55 51.26 -21.07
N ARG B 459 -10.64 51.39 -22.39
CA ARG B 459 -9.84 52.40 -23.08
C ARG B 459 -10.20 53.81 -22.60
N ASN B 460 -11.51 54.09 -22.47
CA ASN B 460 -11.94 55.40 -22.02
C ASN B 460 -11.42 55.71 -20.62
N GLU B 461 -11.28 54.69 -19.78
CA GLU B 461 -10.65 54.91 -18.48
C GLU B 461 -9.13 55.04 -18.62
N SER B 462 -8.55 54.47 -19.67
CA SER B 462 -7.11 54.33 -19.75
C SER B 462 -6.40 55.35 -20.63
N GLU B 463 -7.10 56.30 -21.28
CA GLU B 463 -6.34 57.33 -21.99
C GLU B 463 -5.49 58.16 -21.02
N GLN B 464 -6.07 58.55 -19.88
CA GLN B 464 -5.37 59.41 -18.94
C GLN B 464 -4.25 58.66 -18.25
N ASP B 465 -3.38 59.43 -17.59
CA ASP B 465 -2.15 58.91 -17.00
C ASP B 465 -2.48 57.94 -15.86
N ASP B 466 -1.42 57.35 -15.31
CA ASP B 466 -1.56 56.46 -14.18
C ASP B 466 -2.19 57.19 -12.99
N PRO B 467 -3.26 56.65 -12.40
CA PRO B 467 -3.89 57.35 -11.27
C PRO B 467 -2.94 57.62 -10.11
N LEU B 468 -2.02 56.71 -9.83
CA LEU B 468 -1.04 56.85 -8.76
C LEU B 468 -1.73 57.04 -7.41
N ASP C 3 -29.09 -4.23 -70.70
CA ASP C 3 -29.72 -3.65 -71.87
C ASP C 3 -31.17 -3.26 -71.56
N SER C 4 -31.89 -2.82 -72.58
CA SER C 4 -33.30 -2.43 -72.47
C SER C 4 -33.48 -1.24 -71.52
N ASN C 5 -32.41 -0.47 -71.31
CA ASN C 5 -32.47 0.77 -70.53
C ASN C 5 -33.01 0.51 -69.11
N ASN C 6 -32.31 -0.35 -68.37
CA ASN C 6 -32.70 -0.68 -67.00
C ASN C 6 -32.07 0.33 -66.06
N ILE C 7 -32.69 1.51 -66.01
CA ILE C 7 -32.12 2.64 -65.27
C ILE C 7 -32.04 2.37 -63.77
N LYS C 8 -32.99 1.62 -63.20
CA LYS C 8 -33.05 1.39 -61.78
C LYS C 8 -32.18 0.22 -61.34
N TYR C 9 -31.31 -0.27 -62.22
CA TYR C 9 -30.45 -1.40 -61.88
C TYR C 9 -29.46 -1.01 -60.78
N VAL C 10 -29.10 -2.01 -59.97
CA VAL C 10 -28.13 -1.83 -58.89
C VAL C 10 -27.08 -2.92 -59.01
N ARG C 11 -25.81 -2.55 -58.83
CA ARG C 11 -24.73 -3.51 -58.92
C ARG C 11 -24.88 -4.60 -57.86
N GLU C 12 -24.45 -5.82 -58.21
CA GLU C 12 -24.66 -6.96 -57.32
C GLU C 12 -23.88 -6.81 -56.02
N ASP C 13 -22.66 -6.29 -56.09
CA ASP C 13 -21.86 -6.12 -54.87
C ASP C 13 -22.49 -5.10 -53.94
N ALA C 14 -22.98 -3.99 -54.49
CA ALA C 14 -23.68 -3.00 -53.66
C ALA C 14 -24.95 -3.58 -53.07
N LYS C 15 -25.68 -4.38 -53.84
CA LYS C 15 -26.88 -5.01 -53.32
C LYS C 15 -26.54 -5.98 -52.18
N LYS C 16 -25.43 -6.70 -52.32
CA LYS C 16 -24.98 -7.58 -51.24
C LYS C 16 -24.62 -6.79 -50.00
N MET C 17 -23.96 -5.64 -50.18
CA MET C 17 -23.56 -4.80 -49.06
C MET C 17 -24.72 -4.01 -48.47
N HIS C 18 -25.87 -3.97 -49.15
CA HIS C 18 -27.00 -3.21 -48.65
C HIS C 18 -27.50 -3.71 -47.30
N LYS C 19 -27.45 -5.02 -47.06
CA LYS C 19 -27.90 -5.54 -45.77
C LYS C 19 -27.02 -5.03 -44.63
N LEU C 20 -25.70 -5.07 -44.82
CA LEU C 20 -24.79 -4.54 -43.79
C LEU C 20 -24.95 -3.04 -43.64
N TRP C 21 -25.17 -2.33 -44.76
CA TRP C 21 -25.43 -0.89 -44.67
C TRP C 21 -26.66 -0.61 -43.84
N ALA C 22 -27.73 -1.39 -44.06
CA ALA C 22 -28.95 -1.21 -43.28
C ALA C 22 -28.71 -1.52 -41.80
N HIS C 23 -27.91 -2.55 -41.52
CA HIS C 23 -27.58 -2.85 -40.12
C HIS C 23 -26.84 -1.69 -39.46
N ILE C 24 -25.84 -1.14 -40.15
CA ILE C 24 -25.08 -0.02 -39.59
C ILE C 24 -25.97 1.20 -39.40
N ARG C 25 -26.81 1.49 -40.39
CA ARG C 25 -27.70 2.65 -40.29
C ARG C 25 -28.69 2.47 -39.16
N MET C 26 -29.20 1.24 -38.96
CA MET C 26 -30.15 1.00 -37.88
C MET C 26 -29.47 1.09 -36.52
N ALA C 27 -28.22 0.66 -36.43
CA ALA C 27 -27.47 0.90 -35.20
C ALA C 27 -27.31 2.39 -34.95
N MET C 28 -27.08 3.16 -36.01
CA MET C 28 -27.05 4.61 -35.89
C MET C 28 -28.39 5.18 -35.47
N GLU C 29 -29.49 4.52 -35.85
CA GLU C 29 -30.82 5.04 -35.57
C GLU C 29 -31.07 5.17 -34.08
N GLY C 30 -30.74 4.14 -33.32
CA GLY C 30 -31.04 4.11 -31.91
C GLY C 30 -31.57 2.74 -31.52
N SER C 31 -32.51 2.74 -30.57
CA SER C 31 -33.02 1.47 -30.07
C SER C 31 -34.36 1.13 -30.68
N ARG C 32 -35.15 2.14 -31.06
CA ARG C 32 -36.47 1.86 -31.62
C ARG C 32 -36.36 1.08 -32.92
N ALA C 33 -35.39 1.43 -33.76
CA ALA C 33 -35.18 0.68 -35.00
C ALA C 33 -34.75 -0.74 -34.71
N ILE C 34 -33.93 -0.94 -33.68
CA ILE C 34 -33.45 -2.28 -33.35
C ILE C 34 -34.59 -3.14 -32.81
N LYS C 35 -35.40 -2.58 -31.92
CA LYS C 35 -36.51 -3.32 -31.36
C LYS C 35 -37.59 -3.60 -32.40
N ASP C 36 -37.81 -2.65 -33.31
CA ASP C 36 -38.77 -2.84 -34.39
C ASP C 36 -38.26 -3.89 -35.37
N ASN C 37 -36.98 -4.22 -35.28
CA ASN C 37 -36.37 -5.24 -36.13
C ASN C 37 -35.60 -6.24 -35.29
N ALA C 38 -36.11 -6.53 -34.09
CA ALA C 38 -35.41 -7.40 -33.17
C ALA C 38 -35.44 -8.86 -33.60
N LYS C 39 -36.43 -9.27 -34.39
CA LYS C 39 -36.51 -10.65 -34.83
C LYS C 39 -35.29 -11.08 -35.65
N GLU C 40 -34.58 -10.14 -36.25
CA GLU C 40 -33.40 -10.45 -37.05
C GLU C 40 -32.10 -10.26 -36.29
N PHE C 41 -32.16 -9.90 -35.01
CA PHE C 41 -30.96 -9.75 -34.18
C PHE C 41 -30.93 -10.72 -33.02
N VAL C 42 -32.03 -10.85 -32.29
CA VAL C 42 -32.12 -11.70 -31.12
C VAL C 42 -32.88 -12.97 -31.51
N PRO C 43 -32.24 -14.13 -31.54
CA PRO C 43 -32.96 -15.36 -31.87
C PRO C 43 -33.99 -15.69 -30.81
N HIS C 44 -35.09 -16.29 -31.25
CA HIS C 44 -36.11 -16.71 -30.31
C HIS C 44 -35.58 -17.86 -29.46
N PRO C 45 -35.84 -17.83 -28.15
CA PRO C 45 -35.40 -18.96 -27.30
C PRO C 45 -35.98 -20.29 -27.74
N ASP C 46 -37.16 -20.28 -28.36
CA ASP C 46 -37.73 -21.48 -28.96
C ASP C 46 -38.71 -21.04 -30.04
N ASN C 47 -38.46 -21.47 -31.29
CA ASN C 47 -39.31 -21.05 -32.40
C ASN C 47 -40.66 -21.76 -32.38
N THR C 48 -40.75 -22.90 -31.70
CA THR C 48 -42.04 -23.58 -31.59
C THR C 48 -43.08 -22.69 -30.93
N LYS C 49 -42.69 -21.97 -29.88
CA LYS C 49 -43.57 -20.97 -29.31
C LYS C 49 -43.77 -19.81 -30.28
N ALA C 50 -42.70 -19.39 -30.96
CA ALA C 50 -42.79 -18.26 -31.89
C ALA C 50 -43.86 -18.47 -32.95
N THR C 51 -44.12 -19.74 -33.32
CA THR C 51 -45.25 -20.02 -34.19
C THR C 51 -46.58 -19.65 -33.50
N THR C 52 -46.70 -19.97 -32.21
CA THR C 52 -47.93 -19.72 -31.48
C THR C 52 -48.07 -18.22 -31.15
N PRO C 53 -49.30 -17.75 -30.87
CA PRO C 53 -49.48 -16.33 -30.54
C PRO C 53 -49.00 -15.98 -29.14
N GLU C 54 -49.21 -16.86 -28.17
CA GLU C 54 -48.59 -16.63 -26.87
C GLU C 54 -47.08 -16.60 -26.99
N GLY C 55 -46.53 -17.33 -27.96
CA GLY C 55 -45.09 -17.27 -28.19
C GLY C 55 -44.62 -15.91 -28.67
N VAL C 56 -45.35 -15.30 -29.61
CA VAL C 56 -44.94 -13.98 -30.07
C VAL C 56 -45.17 -12.94 -28.99
N ALA C 57 -46.21 -13.10 -28.17
CA ALA C 57 -46.40 -12.20 -27.04
C ALA C 57 -45.22 -12.31 -26.06
N ARG C 58 -44.79 -13.55 -25.78
CA ARG C 58 -43.64 -13.75 -24.91
C ARG C 58 -42.38 -13.15 -25.52
N TYR C 59 -42.21 -13.29 -26.84
CA TYR C 59 -41.05 -12.72 -27.50
C TYR C 59 -41.05 -11.19 -27.43
N LYS C 60 -42.22 -10.58 -27.61
CA LYS C 60 -42.31 -9.12 -27.50
C LYS C 60 -42.02 -8.66 -26.08
N ALA C 61 -42.49 -9.41 -25.08
CA ALA C 61 -42.14 -9.08 -23.70
C ALA C 61 -40.65 -9.23 -23.46
N TYR C 62 -40.05 -10.28 -24.03
CA TYR C 62 -38.62 -10.53 -23.89
C TYR C 62 -37.80 -9.40 -24.50
N ILE C 63 -38.17 -8.95 -25.70
CA ILE C 63 -37.42 -7.90 -26.38
C ILE C 63 -37.64 -6.55 -25.70
N GLU C 64 -38.88 -6.26 -25.31
CA GLU C 64 -39.20 -4.93 -24.79
C GLU C 64 -38.46 -4.63 -23.49
N ARG C 65 -38.18 -5.66 -22.69
CA ARG C 65 -37.45 -5.44 -21.44
C ARG C 65 -35.96 -5.28 -21.66
N ALA C 66 -35.46 -5.58 -22.85
CA ALA C 66 -34.02 -5.52 -23.11
C ALA C 66 -33.55 -4.06 -23.16
N VAL C 67 -32.23 -3.90 -23.13
CA VAL C 67 -31.59 -2.59 -23.08
C VAL C 67 -30.60 -2.49 -24.23
N TRP C 68 -30.72 -1.44 -25.04
CA TRP C 68 -29.78 -1.18 -26.11
C TRP C 68 -28.68 -0.26 -25.60
N TYR C 69 -27.44 -0.75 -25.59
CA TYR C 69 -26.35 0.01 -25.00
C TYR C 69 -25.98 1.21 -25.87
N GLY C 70 -26.06 1.05 -27.18
CA GLY C 70 -25.85 2.15 -28.10
C GLY C 70 -24.45 2.71 -28.12
N ALA C 71 -23.44 1.84 -28.19
CA ALA C 71 -22.06 2.31 -28.24
C ALA C 71 -21.66 2.81 -29.62
N SER C 72 -22.25 2.29 -30.69
CA SER C 72 -21.84 2.67 -32.03
C SER C 72 -22.13 4.14 -32.33
N ALA C 73 -23.32 4.62 -31.95
CA ALA C 73 -23.67 6.01 -32.22
C ALA C 73 -22.75 6.95 -31.47
N ASN C 74 -22.46 6.63 -30.21
CA ASN C 74 -21.54 7.45 -29.43
C ASN C 74 -20.14 7.41 -30.01
N THR C 75 -19.73 6.25 -30.51
CA THR C 75 -18.44 6.13 -31.19
C THR C 75 -18.37 7.07 -32.38
N VAL C 76 -19.41 7.05 -33.22
CA VAL C 76 -19.41 7.89 -34.41
C VAL C 76 -19.42 9.36 -34.02
N ASP C 77 -20.18 9.72 -32.98
CA ASP C 77 -20.16 11.10 -32.50
C ASP C 77 -18.76 11.50 -32.07
N GLY C 78 -18.07 10.62 -31.34
CA GLY C 78 -16.71 10.92 -30.92
C GLY C 78 -15.76 11.08 -32.09
N MET C 79 -15.87 10.22 -33.10
CA MET C 79 -15.02 10.34 -34.27
C MET C 79 -15.25 11.67 -34.98
N LEU C 80 -16.52 12.07 -35.15
CA LEU C 80 -16.80 13.34 -35.81
C LEU C 80 -16.33 14.52 -34.98
N GLY C 81 -16.45 14.42 -33.66
CA GLY C 81 -15.94 15.49 -32.81
C GLY C 81 -14.44 15.62 -32.87
N GLN C 82 -13.73 14.48 -32.96
CA GLN C 82 -12.29 14.51 -33.05
C GLN C 82 -11.84 15.07 -34.39
N ILE C 83 -12.40 14.57 -35.49
CA ILE C 83 -11.99 15.03 -36.81
C ILE C 83 -12.39 16.49 -37.02
N PHE C 84 -13.64 16.82 -36.71
CA PHE C 84 -14.17 18.15 -36.97
C PHE C 84 -14.12 18.99 -35.69
N ALA C 85 -12.89 19.32 -35.29
CA ALA C 85 -12.63 20.28 -34.24
C ALA C 85 -12.06 21.54 -34.87
N ARG C 86 -12.56 22.69 -34.46
CA ARG C 86 -12.32 23.97 -35.15
C ARG C 86 -12.90 23.81 -36.56
N ASP C 87 -12.25 24.35 -37.58
CA ASP C 87 -12.80 24.30 -38.93
C ASP C 87 -11.70 23.91 -39.91
N PRO C 88 -12.05 23.19 -40.99
CA PRO C 88 -11.07 22.90 -42.03
C PRO C 88 -10.51 24.17 -42.65
N VAL C 89 -9.23 24.13 -42.97
CA VAL C 89 -8.53 25.29 -43.52
C VAL C 89 -8.68 25.29 -45.04
N PHE C 90 -8.84 26.48 -45.61
CA PHE C 90 -8.97 26.67 -47.05
C PHE C 90 -7.74 27.39 -47.58
N THR C 91 -7.11 26.81 -48.59
CA THR C 91 -5.91 27.37 -49.20
C THR C 91 -6.24 27.94 -50.57
N GLY C 92 -5.84 29.18 -50.80
CA GLY C 92 -6.13 29.86 -52.04
C GLY C 92 -7.01 31.06 -51.85
N PRO C 93 -7.37 31.74 -52.94
CA PRO C 93 -8.27 32.89 -52.83
C PRO C 93 -9.62 32.47 -52.25
N GLU C 94 -10.17 33.34 -51.40
CA GLU C 94 -11.41 33.05 -50.68
C GLU C 94 -12.60 33.82 -51.23
N ASP C 95 -12.44 35.12 -51.48
CA ASP C 95 -13.57 35.93 -51.93
C ASP C 95 -14.12 35.46 -53.28
N LYS C 96 -13.28 34.88 -54.13
CA LYS C 96 -13.77 34.33 -55.38
C LYS C 96 -14.51 33.02 -55.18
N PHE C 97 -14.21 32.27 -54.11
CA PHE C 97 -14.86 31.01 -53.82
C PHE C 97 -15.85 31.13 -52.66
N ASP C 98 -16.21 32.35 -52.26
CA ASP C 98 -17.09 32.53 -51.11
C ASP C 98 -18.46 31.92 -51.36
N MET C 99 -18.92 31.92 -52.62
CA MET C 99 -20.21 31.34 -52.93
C MET C 99 -20.25 29.85 -52.61
N LEU C 100 -19.16 29.14 -52.90
CA LEU C 100 -19.13 27.71 -52.61
C LEU C 100 -19.03 27.45 -51.11
N ILE C 101 -18.29 28.31 -50.39
CA ILE C 101 -18.13 28.11 -48.96
C ILE C 101 -19.44 28.40 -48.22
N ASN C 102 -20.20 29.40 -48.67
CA ASN C 102 -21.38 29.82 -47.93
C ASN C 102 -22.53 28.84 -48.13
N ASP C 103 -22.99 28.67 -49.36
CA ASP C 103 -24.03 27.72 -49.71
C ASP C 103 -23.44 26.72 -50.70
N VAL C 104 -23.01 25.56 -50.19
CA VAL C 104 -22.29 24.61 -51.03
C VAL C 104 -23.19 24.01 -52.09
N ASP C 105 -24.48 23.88 -51.83
CA ASP C 105 -25.41 23.31 -52.80
C ASP C 105 -26.66 24.17 -52.94
N GLY C 106 -26.55 25.46 -52.67
CA GLY C 106 -27.68 26.35 -52.83
C GLY C 106 -28.72 26.28 -51.75
N SER C 107 -28.56 25.39 -50.77
CA SER C 107 -29.49 25.24 -49.67
C SER C 107 -29.13 26.13 -48.48
N GLY C 108 -28.09 26.93 -48.60
CA GLY C 108 -27.55 27.66 -47.49
C GLY C 108 -26.67 26.83 -46.58
N LEU C 109 -26.58 25.53 -46.80
CA LEU C 109 -25.77 24.66 -45.96
C LEU C 109 -24.30 24.90 -46.28
N SER C 110 -23.53 25.26 -45.27
CA SER C 110 -22.13 25.62 -45.49
C SER C 110 -21.32 24.40 -45.91
N ILE C 111 -20.15 24.67 -46.49
CA ILE C 111 -19.28 23.59 -46.95
C ILE C 111 -18.77 22.78 -45.77
N HIS C 112 -18.55 23.42 -44.62
CA HIS C 112 -18.06 22.69 -43.45
C HIS C 112 -19.08 21.68 -42.95
N GLN C 113 -20.36 22.04 -42.93
CA GLN C 113 -21.38 21.12 -42.48
C GLN C 113 -21.54 19.95 -43.45
N GLN C 114 -21.47 20.22 -44.75
CA GLN C 114 -21.53 19.14 -45.73
C GLN C 114 -20.33 18.21 -45.61
N ALA C 115 -19.15 18.78 -45.35
CA ALA C 115 -17.98 17.96 -45.11
C ALA C 115 -18.15 17.11 -43.85
N ARG C 116 -18.77 17.68 -42.82
CA ARG C 116 -19.03 16.91 -41.59
C ARG C 116 -19.96 15.74 -41.88
N ASP C 117 -21.02 15.97 -42.64
CA ASP C 117 -21.92 14.88 -42.99
C ASP C 117 -21.21 13.82 -43.84
N SER C 118 -20.37 14.27 -44.77
CA SER C 118 -19.59 13.34 -45.59
C SER C 118 -18.67 12.50 -44.72
N ALA C 119 -17.99 13.13 -43.76
CA ALA C 119 -17.10 12.38 -42.87
C ALA C 119 -17.88 11.39 -42.02
N GLU C 120 -19.05 11.78 -41.53
CA GLU C 120 -19.85 10.86 -40.73
C GLU C 120 -20.30 9.66 -41.55
N ASP C 121 -20.72 9.89 -42.79
CA ASP C 121 -21.17 8.76 -43.61
C ASP C 121 -20.01 7.92 -44.11
N ALA C 122 -18.81 8.50 -44.21
CA ALA C 122 -17.65 7.70 -44.57
C ALA C 122 -17.03 7.00 -43.36
N LEU C 123 -17.42 7.41 -42.16
CA LEU C 123 -16.95 6.71 -40.96
C LEU C 123 -17.91 5.60 -40.55
N SER C 124 -19.22 5.84 -40.62
CA SER C 124 -20.19 4.85 -40.18
C SER C 124 -20.25 3.68 -41.15
N LEU C 125 -20.64 3.94 -42.40
CA LEU C 125 -20.76 2.88 -43.39
C LEU C 125 -19.75 3.02 -44.53
N GLY C 126 -18.79 3.93 -44.40
CA GLY C 126 -17.63 3.96 -45.28
C GLY C 126 -17.92 4.12 -46.76
N ARG C 127 -18.87 4.98 -47.12
CA ARG C 127 -19.12 5.26 -48.53
C ARG C 127 -19.91 6.54 -48.65
N GLY C 128 -19.78 7.19 -49.80
CA GLY C 128 -20.46 8.44 -50.05
C GLY C 128 -20.18 8.91 -51.45
N GLY C 129 -20.66 10.12 -51.76
CA GLY C 129 -20.44 10.68 -53.07
C GLY C 129 -20.54 12.19 -53.12
N LEU C 130 -19.63 12.83 -53.85
CA LEU C 130 -19.64 14.27 -54.06
C LEU C 130 -19.81 14.53 -55.54
N PHE C 131 -20.88 15.24 -55.91
CA PHE C 131 -21.23 15.51 -57.29
C PHE C 131 -21.18 17.00 -57.53
N VAL C 132 -20.61 17.40 -58.66
CA VAL C 132 -20.48 18.81 -59.03
C VAL C 132 -21.30 19.05 -60.28
N ASP C 133 -22.33 19.89 -60.17
CA ASP C 133 -23.24 20.18 -61.27
C ASP C 133 -23.27 21.67 -61.53
N TYR C 134 -23.33 22.03 -62.81
CA TYR C 134 -23.45 23.42 -63.22
C TYR C 134 -24.91 23.73 -63.50
N SER C 135 -25.32 24.94 -63.12
CA SER C 135 -26.74 25.29 -63.14
C SER C 135 -27.30 25.31 -64.56
N ALA C 152 -25.74 32.36 -62.76
CA ALA C 152 -25.04 31.10 -63.00
C ALA C 152 -24.14 30.78 -61.81
N ARG C 153 -24.03 29.49 -61.51
CA ARG C 153 -23.29 29.04 -60.34
C ARG C 153 -23.13 27.52 -60.36
N PRO C 154 -22.00 26.98 -59.96
CA PRO C 154 -21.87 25.55 -59.77
C PRO C 154 -22.17 25.14 -58.33
N TYR C 155 -22.55 23.88 -58.17
CA TYR C 155 -22.96 23.35 -56.87
C TYR C 155 -22.25 22.03 -56.61
N ILE C 156 -21.98 21.77 -55.33
CA ILE C 156 -21.38 20.51 -54.90
C ILE C 156 -22.44 19.74 -54.12
N LYS C 157 -22.79 18.56 -54.60
CA LYS C 157 -23.80 17.74 -53.96
C LYS C 157 -23.17 16.69 -53.04
N PHE C 158 -23.99 16.15 -52.15
CA PHE C 158 -23.62 14.99 -51.34
C PHE C 158 -24.60 13.88 -51.66
N ILE C 159 -24.07 12.72 -52.06
CA ILE C 159 -24.88 11.57 -52.41
C ILE C 159 -24.72 10.53 -51.33
N ALA C 160 -25.84 10.07 -50.76
CA ALA C 160 -25.79 9.07 -49.72
C ALA C 160 -25.25 7.76 -50.26
N ALA C 161 -24.64 6.98 -49.36
CA ALA C 161 -24.00 5.74 -49.78
C ALA C 161 -25.00 4.75 -50.35
N GLU C 162 -26.27 4.86 -49.98
CA GLU C 162 -27.29 4.01 -50.54
C GLU C 162 -27.79 4.49 -51.90
N ASP C 163 -27.47 5.73 -52.27
CA ASP C 163 -28.01 6.33 -53.49
C ASP C 163 -27.11 6.18 -54.70
N ILE C 164 -25.93 5.56 -54.56
CA ILE C 164 -25.14 5.21 -55.73
C ILE C 164 -25.58 3.84 -56.21
N LEU C 165 -25.98 3.75 -57.47
CA LEU C 165 -26.64 2.56 -57.99
C LEU C 165 -25.83 1.78 -59.01
N ASN C 166 -24.91 2.42 -59.74
CA ASN C 166 -24.20 1.73 -60.80
C ASN C 166 -22.93 2.50 -61.14
N TRP C 167 -21.89 1.76 -61.51
CA TRP C 167 -20.64 2.35 -61.95
C TRP C 167 -19.89 1.33 -62.78
N ARG C 168 -18.92 1.81 -63.55
CA ARG C 168 -18.13 0.94 -64.41
C ARG C 168 -16.67 1.40 -64.39
N GLU C 169 -15.78 0.46 -64.70
CA GLU C 169 -14.33 0.71 -64.73
C GLU C 169 -13.77 0.09 -66.01
N ARG C 170 -13.74 0.86 -67.08
CA ARG C 170 -13.19 0.44 -68.36
C ARG C 170 -11.89 1.17 -68.61
N TRP C 171 -10.84 0.43 -68.96
CA TRP C 171 -9.54 1.02 -69.21
C TRP C 171 -9.48 1.55 -70.64
N VAL C 172 -9.28 2.85 -70.78
CA VAL C 172 -9.03 3.47 -72.08
C VAL C 172 -7.56 3.85 -72.12
N ASN C 173 -6.84 3.27 -73.08
CA ASN C 173 -5.39 3.44 -73.19
C ASN C 173 -4.70 3.07 -71.87
N GLY C 174 -5.23 2.08 -71.17
CA GLY C 174 -4.68 1.66 -69.90
C GLY C 174 -4.78 2.69 -68.79
N ALA C 175 -5.90 3.40 -68.71
CA ALA C 175 -6.12 4.40 -67.66
C ALA C 175 -7.42 4.08 -66.94
N LYS C 176 -7.34 3.97 -65.61
CA LYS C 176 -8.50 3.61 -64.80
C LYS C 176 -9.52 4.73 -64.89
N ARG C 177 -10.63 4.48 -65.58
CA ARG C 177 -11.62 5.50 -65.85
C ARG C 177 -12.99 5.05 -65.36
N THR C 178 -13.75 5.99 -64.80
CA THR C 178 -15.13 5.75 -64.43
C THR C 178 -16.01 6.20 -65.59
N THR C 179 -16.53 5.24 -66.35
CA THR C 179 -17.30 5.55 -67.55
C THR C 179 -18.78 5.77 -67.23
N LEU C 180 -19.44 4.77 -66.67
CA LEU C 180 -20.84 4.86 -66.30
C LEU C 180 -20.97 5.15 -64.81
N LEU C 181 -21.97 5.93 -64.46
CA LEU C 181 -22.23 6.24 -63.05
C LEU C 181 -23.66 6.74 -62.92
N VAL C 182 -24.49 5.99 -62.19
CA VAL C 182 -25.90 6.31 -62.00
C VAL C 182 -26.16 6.44 -60.52
N PHE C 183 -26.78 7.55 -60.12
CA PHE C 183 -27.15 7.77 -58.73
C PHE C 183 -28.56 8.30 -58.63
N ARG C 184 -29.19 8.03 -57.50
CA ARG C 184 -30.59 8.40 -57.27
C ARG C 184 -30.66 9.75 -56.57
N GLU C 185 -31.40 10.68 -57.16
CA GLU C 185 -31.61 12.01 -56.60
C GLU C 185 -33.04 12.10 -56.09
N GLU C 186 -33.20 12.56 -54.86
CA GLU C 186 -34.48 12.56 -54.17
C GLU C 186 -34.97 13.99 -54.00
N SER C 187 -36.27 14.20 -54.24
CA SER C 187 -36.85 15.53 -54.15
C SER C 187 -38.36 15.44 -54.02
N ASP C 188 -38.95 16.47 -53.43
CA ASP C 188 -40.40 16.64 -53.42
C ASP C 188 -40.76 17.69 -54.47
N ALA C 189 -41.52 17.29 -55.48
CA ALA C 189 -41.86 18.19 -56.57
C ALA C 189 -42.68 19.37 -56.07
N ASP C 190 -42.30 20.57 -56.51
CA ASP C 190 -43.00 21.80 -56.10
C ASP C 190 -44.31 21.85 -56.87
N ASP C 191 -45.40 21.50 -56.19
CA ASP C 191 -46.71 21.42 -56.79
C ASP C 191 -47.71 22.09 -55.86
N ASP C 192 -48.99 21.98 -56.17
CA ASP C 192 -50.04 22.55 -55.34
C ASP C 192 -50.64 21.50 -54.40
N GLY C 193 -51.00 20.34 -54.94
CA GLY C 193 -51.59 19.30 -54.14
C GLY C 193 -50.57 18.63 -53.22
N TYR C 194 -51.09 18.06 -52.14
CA TYR C 194 -50.22 17.38 -51.19
C TYR C 194 -49.78 16.04 -51.78
N GLN C 195 -48.49 15.96 -52.12
CA GLN C 195 -47.92 14.74 -52.69
C GLN C 195 -47.38 13.88 -51.55
N ILE C 196 -48.16 12.88 -51.14
CA ILE C 196 -47.69 11.92 -50.15
C ILE C 196 -46.58 11.05 -50.69
N TYR C 197 -46.41 11.01 -52.01
CA TYR C 197 -45.39 10.17 -52.64
C TYR C 197 -44.05 10.90 -52.65
N LYS C 198 -42.97 10.13 -52.72
CA LYS C 198 -41.65 10.70 -52.97
C LYS C 198 -41.37 10.69 -54.47
N GLU C 199 -40.95 11.83 -54.99
CA GLU C 199 -40.53 11.92 -56.39
C GLU C 199 -39.08 11.50 -56.51
N GLU C 200 -38.82 10.51 -57.34
CA GLU C 200 -37.49 9.93 -57.49
C GLU C 200 -36.89 10.35 -58.82
N VAL C 201 -35.66 10.85 -58.80
CA VAL C 201 -34.96 11.31 -59.98
C VAL C 201 -33.66 10.52 -60.11
N TRP C 202 -33.45 9.91 -61.26
CA TRP C 202 -32.24 9.15 -61.55
C TRP C 202 -31.37 9.96 -62.50
N ARG C 203 -30.13 10.21 -62.11
CA ARG C 203 -29.16 10.92 -62.94
C ARG C 203 -28.18 9.92 -63.52
N GLU C 204 -28.01 9.95 -64.83
CA GLU C 204 -27.09 9.07 -65.54
C GLU C 204 -25.90 9.89 -66.02
N LEU C 205 -24.70 9.49 -65.62
CA LEU C 205 -23.47 10.14 -66.04
C LEU C 205 -22.66 9.15 -66.84
N ARG C 206 -22.26 9.54 -68.05
CA ARG C 206 -21.54 8.65 -68.94
C ARG C 206 -20.30 9.36 -69.48
N LEU C 207 -19.34 8.54 -69.91
CA LEU C 207 -18.09 9.02 -70.50
C LEU C 207 -17.87 8.27 -71.80
N VAL C 208 -17.94 8.98 -72.93
CA VAL C 208 -17.73 8.39 -74.24
C VAL C 208 -16.55 9.08 -74.91
N ASP C 209 -15.63 8.28 -75.44
CA ASP C 209 -14.41 8.73 -76.11
C ASP C 209 -13.79 9.94 -75.42
N GLY C 210 -13.66 9.84 -74.10
CA GLY C 210 -13.09 10.93 -73.33
C GLY C 210 -13.92 12.19 -73.32
N THR C 211 -15.24 12.06 -73.24
CA THR C 211 -16.14 13.20 -73.17
C THR C 211 -17.25 12.89 -72.17
N TYR C 212 -17.59 13.87 -71.34
CA TYR C 212 -18.54 13.68 -70.26
C TYR C 212 -19.94 14.05 -70.72
N TRP C 213 -20.88 13.12 -70.58
CA TRP C 213 -22.27 13.31 -70.95
C TRP C 213 -23.15 12.94 -69.78
N GLN C 214 -24.31 13.59 -69.68
CA GLN C 214 -25.25 13.32 -68.60
C GLN C 214 -26.68 13.52 -69.08
N ARG C 215 -27.59 12.81 -68.44
CA ARG C 215 -29.02 12.97 -68.69
C ARG C 215 -29.78 12.56 -67.44
N THR C 216 -31.07 12.89 -67.41
CA THR C 216 -31.90 12.74 -66.23
C THR C 216 -33.10 11.87 -66.54
N TRP C 217 -33.37 10.90 -65.66
CA TRP C 217 -34.53 10.02 -65.75
C TRP C 217 -35.54 10.44 -64.69
N ARG C 218 -36.78 10.70 -65.11
CA ARG C 218 -37.85 11.08 -64.21
C ARG C 218 -39.07 10.23 -64.50
N GLU C 219 -39.78 9.82 -63.44
CA GLU C 219 -40.93 8.93 -63.56
C GLU C 219 -42.20 9.64 -63.14
N ASN C 220 -43.33 9.16 -63.68
CA ASN C 220 -44.64 9.70 -63.35
C ASN C 220 -45.70 8.74 -63.86
N ASP C 221 -46.66 8.40 -63.00
CA ASP C 221 -47.74 7.48 -63.33
C ASP C 221 -47.22 6.14 -63.87
N GLY C 222 -46.03 5.75 -63.42
CA GLY C 222 -45.38 4.56 -63.94
C GLY C 222 -44.60 4.77 -65.22
N GLN C 223 -44.77 5.92 -65.88
CA GLN C 223 -44.00 6.27 -67.06
C GLN C 223 -42.56 6.58 -66.68
N LEU C 224 -41.66 6.51 -67.66
CA LEU C 224 -40.27 6.91 -67.51
C LEU C 224 -39.92 7.91 -68.60
N TYR C 225 -39.41 9.07 -68.21
CA TYR C 225 -38.99 10.10 -69.15
C TYR C 225 -37.47 10.11 -69.24
N VAL C 226 -36.97 10.33 -70.45
CA VAL C 226 -35.54 10.44 -70.70
C VAL C 226 -35.28 11.80 -71.34
N ASP C 227 -34.36 12.55 -70.74
CA ASP C 227 -33.97 13.86 -71.26
C ASP C 227 -32.82 13.69 -72.26
N ASP C 228 -32.69 14.68 -73.13
CA ASP C 228 -31.65 14.65 -74.15
C ASP C 228 -30.27 14.74 -73.50
N TRP C 229 -29.30 14.04 -74.11
CA TRP C 229 -27.92 14.12 -73.65
C TRP C 229 -27.42 15.56 -73.71
N ILE C 230 -26.81 16.02 -72.63
CA ILE C 230 -26.18 17.32 -72.57
C ILE C 230 -24.74 17.14 -72.08
N SER C 231 -23.79 17.77 -72.78
CA SER C 231 -22.38 17.71 -72.44
C SER C 231 -21.97 19.03 -71.82
N PRO C 232 -21.96 19.13 -70.48
CA PRO C 232 -21.57 20.39 -69.85
C PRO C 232 -20.14 20.76 -70.19
N THR C 233 -19.90 22.07 -70.30
CA THR C 233 -18.61 22.59 -70.72
C THR C 233 -18.05 23.52 -69.65
N LYS C 234 -16.72 23.60 -69.60
CA LYS C 234 -16.06 24.51 -68.68
C LYS C 234 -16.30 25.96 -69.11
N ALA C 235 -15.75 26.89 -68.34
CA ALA C 235 -15.91 28.30 -68.65
C ALA C 235 -15.29 28.63 -70.00
N ASP C 236 -14.09 28.11 -70.27
CA ASP C 236 -13.48 28.29 -71.57
C ASP C 236 -14.10 27.35 -72.61
N GLY C 237 -14.50 26.15 -72.17
CA GLY C 237 -15.07 25.17 -73.07
C GLY C 237 -14.40 23.81 -72.95
N SER C 238 -14.16 23.17 -74.10
CA SER C 238 -13.42 21.92 -74.19
C SER C 238 -14.13 20.75 -73.51
N GLN C 239 -15.33 21.00 -72.97
CA GLN C 239 -16.18 19.98 -72.34
C GLN C 239 -15.37 19.31 -71.22
N PHE C 240 -15.34 17.98 -71.14
CA PHE C 240 -14.57 17.29 -70.12
C PHE C 240 -13.97 16.01 -70.69
N ASP C 241 -13.02 15.46 -69.94
CA ASP C 241 -12.46 14.15 -70.20
C ASP C 241 -12.78 13.14 -69.11
N GLU C 242 -13.34 13.58 -67.99
CA GLU C 242 -13.68 12.71 -66.88
C GLU C 242 -14.99 13.16 -66.26
N ILE C 243 -15.68 12.23 -65.62
CA ILE C 243 -16.94 12.55 -64.95
C ILE C 243 -16.65 13.32 -63.66
N PRO C 244 -17.33 14.44 -63.41
CA PRO C 244 -17.09 15.20 -62.15
C PRO C 244 -17.84 14.60 -60.97
N PHE C 245 -17.35 13.46 -60.49
CA PHE C 245 -17.98 12.74 -59.40
C PHE C 245 -16.92 11.90 -58.70
N VAL C 246 -16.87 11.99 -57.38
CA VAL C 246 -15.94 11.22 -56.57
C VAL C 246 -16.72 10.42 -55.54
N ILE C 247 -16.35 9.16 -55.38
CA ILE C 247 -16.94 8.28 -54.39
C ILE C 247 -15.90 8.12 -53.27
N PHE C 248 -16.03 8.94 -52.24
CA PHE C 248 -15.10 8.89 -51.11
C PHE C 248 -15.49 7.77 -50.15
N GLY C 249 -14.47 7.17 -49.54
CA GLY C 249 -14.69 6.08 -48.61
C GLY C 249 -13.56 6.01 -47.60
N SER C 250 -13.70 5.05 -46.67
CA SER C 250 -12.69 4.88 -45.63
C SER C 250 -11.36 4.44 -46.22
N LYS C 251 -11.38 3.53 -47.19
CA LYS C 251 -10.14 2.99 -47.73
C LYS C 251 -9.49 3.96 -48.71
N ASN C 252 -10.17 4.26 -49.81
CA ASN C 252 -9.63 5.17 -50.81
C ASN C 252 -10.77 5.65 -51.69
N ASN C 253 -10.49 6.72 -52.44
CA ASN C 253 -11.51 7.39 -53.25
C ASN C 253 -11.68 6.64 -54.58
N ASP C 254 -12.20 5.43 -54.47
CA ASP C 254 -12.50 4.61 -55.64
C ASP C 254 -13.92 4.09 -55.56
N PRO C 255 -14.55 3.86 -56.71
CA PRO C 255 -15.92 3.31 -56.69
C PRO C 255 -16.02 1.93 -56.08
N THR C 256 -14.94 1.17 -56.07
CA THR C 256 -14.97 -0.17 -55.49
C THR C 256 -15.37 -0.10 -54.02
N ILE C 257 -16.20 -1.06 -53.60
CA ILE C 257 -16.76 -1.02 -52.25
C ILE C 257 -15.66 -1.09 -51.21
N ASP C 258 -15.73 -0.20 -50.22
CA ASP C 258 -14.83 -0.20 -49.09
C ASP C 258 -15.59 -0.67 -47.85
N MET C 259 -15.00 -1.60 -47.11
CA MET C 259 -15.67 -2.19 -45.97
C MET C 259 -15.92 -1.14 -44.89
N PRO C 260 -17.11 -1.08 -44.31
CA PRO C 260 -17.39 -0.07 -43.28
C PRO C 260 -16.52 -0.29 -42.06
N PRO C 261 -16.04 0.79 -41.44
CA PRO C 261 -15.19 0.62 -40.25
C PRO C 261 -15.94 0.18 -39.01
N MET C 262 -17.28 0.23 -39.01
CA MET C 262 -18.06 0.01 -37.80
C MET C 262 -18.77 -1.33 -37.77
N ARG C 263 -18.35 -2.30 -38.59
CA ARG C 263 -19.03 -3.58 -38.63
C ARG C 263 -18.86 -4.35 -37.32
N ASP C 264 -17.61 -4.47 -36.85
CA ASP C 264 -17.34 -5.25 -35.64
C ASP C 264 -17.98 -4.61 -34.41
N LEU C 265 -17.93 -3.29 -34.29
CA LEU C 265 -18.53 -2.63 -33.15
C LEU C 265 -20.04 -2.81 -33.15
N VAL C 266 -20.66 -2.74 -34.33
CA VAL C 266 -22.11 -2.92 -34.41
C VAL C 266 -22.50 -4.35 -34.03
N GLU C 267 -21.77 -5.34 -34.53
CA GLU C 267 -22.10 -6.71 -34.13
C GLU C 267 -21.83 -6.96 -32.65
N LEU C 268 -20.82 -6.30 -32.09
CA LEU C 268 -20.60 -6.39 -30.64
C LEU C 268 -21.77 -5.79 -29.88
N ASN C 269 -22.30 -4.66 -30.36
CA ASN C 269 -23.50 -4.09 -29.74
C ASN C 269 -24.68 -5.04 -29.84
N ILE C 270 -24.82 -5.72 -30.98
CA ILE C 270 -25.93 -6.67 -31.14
C ILE C 270 -25.80 -7.82 -30.14
N ALA C 271 -24.58 -8.35 -30.00
CA ALA C 271 -24.36 -9.44 -29.05
C ALA C 271 -24.62 -8.99 -27.62
N HIS C 272 -24.14 -7.79 -27.26
CA HIS C 272 -24.42 -7.27 -25.93
C HIS C 272 -25.92 -7.04 -25.73
N PHE C 273 -26.62 -6.62 -26.77
CA PHE C 273 -28.06 -6.40 -26.67
C PHE C 273 -28.80 -7.70 -26.38
N ARG C 274 -28.44 -8.78 -27.09
CA ARG C 274 -29.12 -10.05 -26.83
C ARG C 274 -28.77 -10.61 -25.45
N ASN C 275 -27.51 -10.46 -25.03
CA ASN C 275 -27.15 -10.85 -23.68
C ASN C 275 -27.89 -10.01 -22.64
N SER C 276 -28.10 -8.73 -22.93
CA SER C 276 -28.86 -7.88 -22.03
C SER C 276 -30.31 -8.31 -21.97
N ALA C 277 -30.88 -8.76 -23.09
CA ALA C 277 -32.24 -9.28 -23.08
C ALA C 277 -32.34 -10.49 -22.14
N ASP C 278 -31.39 -11.42 -22.26
CA ASP C 278 -31.40 -12.58 -21.36
C ASP C 278 -31.23 -12.15 -19.90
N TYR C 279 -30.31 -11.22 -19.65
CA TYR C 279 -30.05 -10.78 -18.29
C TYR C 279 -31.25 -10.06 -17.69
N GLU C 280 -31.95 -9.25 -18.49
CA GLU C 280 -33.14 -8.58 -18.01
C GLU C 280 -34.25 -9.56 -17.73
N GLU C 281 -34.38 -10.60 -18.55
CA GLU C 281 -35.36 -11.64 -18.24
C GLU C 281 -35.04 -12.30 -16.90
N ALA C 282 -33.77 -12.63 -16.68
CA ALA C 282 -33.37 -13.23 -15.40
C ALA C 282 -33.64 -12.29 -14.23
N CYS C 283 -33.34 -11.00 -14.40
CA CYS C 283 -33.54 -10.03 -13.34
C CYS C 283 -35.02 -9.85 -13.03
N PHE C 284 -35.86 -9.83 -14.06
CA PHE C 284 -37.30 -9.68 -13.84
C PHE C 284 -37.88 -10.91 -13.14
N ILE C 285 -37.43 -12.10 -13.51
CA ILE C 285 -38.01 -13.32 -12.94
C ILE C 285 -37.47 -13.57 -11.53
N CYS C 286 -36.16 -13.79 -11.41
CA CYS C 286 -35.56 -14.28 -10.17
C CYS C 286 -34.86 -13.18 -9.39
N GLY C 287 -35.06 -11.91 -9.73
CA GLY C 287 -34.40 -10.84 -9.01
C GLY C 287 -34.98 -10.55 -7.65
N GLN C 288 -36.21 -10.97 -7.39
CA GLN C 288 -36.89 -10.69 -6.13
C GLN C 288 -36.72 -11.87 -5.16
N PRO C 289 -36.52 -11.59 -3.88
CA PRO C 289 -36.47 -12.67 -2.90
C PRO C 289 -37.83 -13.33 -2.74
N THR C 290 -37.81 -14.63 -2.45
CA THR C 290 -39.02 -15.41 -2.27
C THR C 290 -38.86 -16.31 -1.06
N LEU C 291 -39.97 -16.50 -0.33
CA LEU C 291 -39.90 -17.20 0.95
C LEU C 291 -39.58 -18.67 0.78
N PHE C 292 -40.30 -19.36 -0.11
CA PHE C 292 -40.09 -20.79 -0.36
C PHE C 292 -40.18 -21.62 0.92
N LEU C 293 -41.38 -21.64 1.50
CA LEU C 293 -41.59 -22.43 2.70
C LEU C 293 -41.48 -23.92 2.38
N SER C 294 -40.68 -24.62 3.18
CA SER C 294 -40.49 -26.05 3.05
C SER C 294 -40.89 -26.75 4.34
N GLY C 295 -41.14 -28.04 4.24
CA GLY C 295 -41.62 -28.79 5.40
C GLY C 295 -42.95 -28.29 5.91
N LEU C 296 -43.86 -27.99 4.99
CA LEU C 296 -45.15 -27.39 5.33
C LEU C 296 -46.28 -28.23 4.76
N THR C 297 -47.33 -28.41 5.55
CA THR C 297 -48.50 -29.17 5.15
C THR C 297 -49.71 -28.24 5.03
N GLU C 298 -50.59 -28.57 4.10
CA GLU C 298 -51.74 -27.70 3.83
C GLU C 298 -52.66 -27.59 5.05
N HIS C 299 -52.64 -28.59 5.93
CA HIS C 299 -53.39 -28.49 7.19
C HIS C 299 -52.98 -27.24 7.95
N TRP C 300 -51.68 -27.06 8.16
CA TRP C 300 -51.17 -25.88 8.85
C TRP C 300 -51.54 -24.60 8.11
N VAL C 301 -51.42 -24.61 6.78
CA VAL C 301 -51.69 -23.41 6.00
C VAL C 301 -53.13 -22.96 6.20
N LYS C 302 -54.08 -23.88 5.98
CA LYS C 302 -55.49 -23.52 6.13
C LYS C 302 -55.87 -23.24 7.58
N ASN C 303 -55.16 -23.85 8.53
CA ASN C 303 -55.50 -23.65 9.94
C ASN C 303 -55.08 -22.26 10.40
N VAL C 304 -53.79 -21.94 10.32
CA VAL C 304 -53.24 -20.73 10.91
C VAL C 304 -52.82 -19.72 9.86
N LEU C 305 -52.25 -20.18 8.74
CA LEU C 305 -51.78 -19.23 7.74
C LEU C 305 -52.94 -18.52 7.05
N GLY C 306 -54.00 -19.27 6.74
CA GLY C 306 -55.17 -18.68 6.10
C GLY C 306 -54.91 -18.09 4.75
N GLY C 307 -53.97 -18.65 3.99
CA GLY C 307 -53.65 -18.14 2.67
C GLY C 307 -53.13 -16.72 2.66
N ALA C 308 -52.39 -16.32 3.69
CA ALA C 308 -51.85 -14.97 3.76
C ALA C 308 -50.71 -14.96 4.77
N VAL C 309 -49.62 -14.29 4.40
CA VAL C 309 -48.44 -14.16 5.26
C VAL C 309 -48.16 -12.68 5.46
N VAL C 310 -48.12 -12.25 6.71
CA VAL C 310 -47.68 -10.90 7.05
C VAL C 310 -46.22 -10.97 7.43
N ILE C 311 -45.38 -10.24 6.68
CA ILE C 311 -43.94 -10.46 6.71
C ILE C 311 -43.17 -9.29 7.32
N GLY C 312 -43.83 -8.18 7.63
CA GLY C 312 -43.15 -7.05 8.20
C GLY C 312 -42.56 -7.36 9.56
N SER C 313 -41.67 -6.47 10.00
CA SER C 313 -40.99 -6.66 11.28
C SER C 313 -41.95 -6.61 12.46
N ARG C 314 -43.15 -6.06 12.27
CA ARG C 314 -44.15 -5.99 13.32
C ARG C 314 -44.88 -7.31 13.53
N ASP C 315 -44.76 -8.25 12.59
CA ASP C 315 -45.51 -9.49 12.64
C ASP C 315 -44.57 -10.69 12.56
N ALA C 316 -44.83 -11.70 13.39
CA ALA C 316 -44.06 -12.94 13.41
C ALA C 316 -44.99 -14.10 13.09
N VAL C 317 -44.60 -14.93 12.13
CA VAL C 317 -45.42 -16.04 11.65
C VAL C 317 -44.85 -17.34 12.20
N PRO C 318 -45.67 -18.25 12.71
CA PRO C 318 -45.17 -19.55 13.17
C PRO C 318 -45.24 -20.62 12.10
N LEU C 319 -44.38 -21.63 12.26
CA LEU C 319 -44.31 -22.75 11.36
C LEU C 319 -44.28 -24.06 12.14
N PRO C 320 -44.76 -25.16 11.53
CA PRO C 320 -44.73 -26.45 12.23
C PRO C 320 -43.32 -27.00 12.39
N VAL C 321 -43.21 -28.17 13.01
CA VAL C 321 -41.92 -28.81 13.20
C VAL C 321 -41.32 -29.19 11.85
N ASN C 322 -40.00 -29.08 11.74
CA ASN C 322 -39.27 -29.39 10.51
C ASN C 322 -39.73 -28.50 9.35
N ALA C 323 -39.78 -27.20 9.60
CA ALA C 323 -40.08 -26.20 8.58
C ALA C 323 -38.94 -25.19 8.54
N LYS C 324 -38.48 -24.87 7.34
CA LYS C 324 -37.34 -23.97 7.16
C LYS C 324 -37.62 -22.99 6.04
N PRO C 325 -37.87 -21.71 6.36
CA PRO C 325 -38.01 -20.71 5.30
C PRO C 325 -36.66 -20.36 4.70
N GLU C 326 -36.63 -20.22 3.38
CA GLU C 326 -35.38 -20.06 2.63
C GLU C 326 -35.56 -18.94 1.60
N LEU C 327 -35.09 -17.74 1.94
CA LEU C 327 -35.14 -16.63 1.00
C LEU C 327 -34.20 -16.92 -0.17
N LEU C 328 -34.77 -17.08 -1.37
CA LEU C 328 -34.01 -17.47 -2.55
C LEU C 328 -34.14 -16.40 -3.62
N GLN C 329 -33.01 -15.86 -4.05
CA GLN C 329 -32.95 -14.98 -5.20
C GLN C 329 -31.61 -15.19 -5.89
N ALA C 330 -31.58 -14.92 -7.20
CA ALA C 330 -30.36 -15.11 -7.96
C ALA C 330 -29.28 -14.15 -7.49
N GLU C 331 -28.07 -14.68 -7.32
CA GLU C 331 -26.96 -13.87 -6.85
C GLU C 331 -26.28 -13.17 -8.02
N GLY C 332 -25.57 -12.09 -7.70
CA GLY C 332 -24.93 -11.28 -8.72
C GLY C 332 -23.67 -11.92 -9.26
N ASN C 333 -23.02 -11.20 -10.18
CA ASN C 333 -21.81 -11.67 -10.85
C ASN C 333 -22.06 -13.01 -11.55
N GLY C 334 -23.21 -13.14 -12.19
CA GLY C 334 -23.53 -14.33 -12.93
C GLY C 334 -22.76 -14.41 -14.24
N MET C 335 -22.94 -15.53 -14.94
CA MET C 335 -22.19 -15.77 -16.17
C MET C 335 -22.73 -14.94 -17.32
N VAL C 336 -24.03 -14.64 -17.32
CA VAL C 336 -24.57 -13.72 -18.33
C VAL C 336 -24.04 -12.31 -18.09
N LYS C 337 -23.96 -11.90 -16.82
CA LYS C 337 -23.35 -10.61 -16.50
C LYS C 337 -21.88 -10.60 -16.89
N GLU C 338 -21.17 -11.70 -16.65
CA GLU C 338 -19.77 -11.75 -17.03
C GLU C 338 -19.61 -11.63 -18.53
N ALA C 339 -20.48 -12.28 -19.30
CA ALA C 339 -20.44 -12.16 -20.75
C ALA C 339 -20.72 -10.73 -21.20
N MET C 340 -21.72 -10.09 -20.59
CA MET C 340 -22.05 -8.71 -20.94
C MET C 340 -20.87 -7.78 -20.67
N ASP C 341 -20.25 -7.92 -19.50
CA ASP C 341 -19.11 -7.08 -19.16
C ASP C 341 -17.92 -7.38 -20.06
N GLN C 342 -17.73 -8.65 -20.42
CA GLN C 342 -16.67 -9.02 -21.34
C GLN C 342 -16.88 -8.36 -22.71
N LYS C 343 -18.12 -8.35 -23.20
CA LYS C 343 -18.38 -7.73 -24.49
C LYS C 343 -18.21 -6.21 -24.42
N GLU C 344 -18.56 -5.60 -23.29
CA GLU C 344 -18.29 -4.17 -23.13
C GLU C 344 -16.78 -3.90 -23.15
N ARG C 345 -16.01 -4.74 -22.46
CA ARG C 345 -14.55 -4.58 -22.46
C ARG C 345 -13.99 -4.76 -23.85
N GLN C 346 -14.50 -5.74 -24.60
CA GLN C 346 -14.04 -5.94 -25.98
C GLN C 346 -14.38 -4.73 -26.84
N MET C 347 -15.60 -4.19 -26.70
CA MET C 347 -15.96 -2.96 -27.40
C MET C 347 -14.94 -1.87 -27.15
N VAL C 348 -14.59 -1.65 -25.88
CA VAL C 348 -13.57 -0.66 -25.55
C VAL C 348 -12.25 -1.02 -26.20
N ALA C 349 -11.93 -2.32 -26.25
CA ALA C 349 -10.63 -2.76 -26.75
C ALA C 349 -10.48 -2.47 -28.24
N LEU C 350 -11.56 -2.63 -29.02
CA LEU C 350 -11.48 -2.37 -30.45
C LEU C 350 -11.06 -0.95 -30.79
N GLY C 351 -10.92 -0.08 -29.80
CA GLY C 351 -10.32 1.22 -30.04
C GLY C 351 -11.31 2.34 -30.30
N ALA C 352 -12.60 2.08 -30.18
CA ALA C 352 -13.58 3.13 -30.39
C ALA C 352 -13.59 4.10 -29.22
N LYS C 353 -13.73 5.39 -29.53
CA LYS C 353 -13.85 6.44 -28.52
C LYS C 353 -15.27 6.42 -27.97
N LEU C 354 -15.64 5.28 -27.40
CA LEU C 354 -17.04 4.96 -27.15
C LEU C 354 -17.49 5.33 -25.74
N ILE C 355 -16.71 5.00 -24.71
CA ILE C 355 -17.08 5.38 -23.35
C ILE C 355 -15.88 5.94 -22.61
N ASP C 356 -16.19 6.73 -21.58
CA ASP C 356 -15.20 7.24 -20.64
C ASP C 356 -15.34 6.49 -19.33
N SER C 357 -14.33 5.71 -18.98
CA SER C 357 -14.34 4.89 -17.77
C SER C 357 -13.66 5.66 -16.65
N ASP C 358 -14.46 6.19 -15.72
CA ASP C 358 -13.90 6.97 -14.62
C ASP C 358 -13.03 6.11 -13.71
N LYS C 359 -13.39 4.85 -13.50
CA LYS C 359 -12.64 3.99 -12.59
C LYS C 359 -11.25 3.71 -13.15
N THR C 360 -11.16 3.29 -14.42
CA THR C 360 -9.87 2.97 -15.01
C THR C 360 -9.05 4.24 -15.23
N GLN C 361 -7.75 4.13 -15.01
CA GLN C 361 -6.83 5.25 -15.16
C GLN C 361 -5.78 4.93 -16.21
N ARG C 362 -5.30 5.99 -16.87
CA ARG C 362 -4.29 5.88 -17.92
C ARG C 362 -3.17 6.86 -17.64
N THR C 363 -1.94 6.42 -17.84
CA THR C 363 -0.78 7.26 -17.60
C THR C 363 -0.45 8.10 -18.83
N PHE C 364 -0.15 9.37 -18.60
CA PHE C 364 0.24 10.27 -19.68
C PHE C 364 1.63 9.89 -20.20
N GLY C 365 1.83 10.12 -21.50
CA GLY C 365 3.07 9.80 -22.17
C GLY C 365 3.08 8.44 -22.81
N GLU C 366 2.64 7.41 -22.08
CA GLU C 366 2.51 6.09 -22.67
C GLU C 366 1.49 6.08 -23.79
N ALA C 367 0.36 6.78 -23.60
CA ALA C 367 -0.69 6.82 -24.62
C ALA C 367 -0.24 7.53 -25.89
N SER C 368 0.82 8.34 -25.83
CA SER C 368 1.31 9.02 -27.01
C SER C 368 1.94 8.06 -28.01
N MET C 369 2.19 6.81 -27.61
CA MET C 369 2.71 5.82 -28.54
C MET C 369 1.58 5.12 -29.30
N GLU C 370 0.47 4.85 -28.63
CA GLU C 370 -0.70 4.25 -29.27
C GLU C 370 -1.65 5.30 -29.87
N ALA C 371 -1.34 6.59 -29.71
CA ALA C 371 -2.19 7.62 -30.29
C ALA C 371 -2.28 7.47 -31.80
N ALA C 372 -1.16 7.21 -32.47
CA ALA C 372 -1.18 7.04 -33.92
C ALA C 372 -1.93 5.78 -34.31
N ALA C 373 -1.93 4.76 -33.43
CA ALA C 373 -2.67 3.54 -33.73
C ALA C 373 -4.17 3.75 -33.63
N GLN C 374 -4.63 4.39 -32.55
CA GLN C 374 -6.07 4.59 -32.38
C GLN C 374 -6.64 5.51 -33.46
N ASN C 375 -5.89 6.55 -33.84
CA ASN C 375 -6.36 7.55 -34.78
C ASN C 375 -6.19 7.14 -36.23
N SER C 376 -6.01 5.84 -36.50
CA SER C 376 -5.78 5.39 -37.87
C SER C 376 -6.99 5.66 -38.75
N VAL C 377 -8.17 5.22 -38.34
CA VAL C 377 -9.37 5.41 -39.15
C VAL C 377 -9.70 6.90 -39.24
N LEU C 378 -9.46 7.65 -38.16
CA LEU C 378 -9.72 9.08 -38.18
C LEU C 378 -8.84 9.77 -39.23
N SER C 379 -7.55 9.46 -39.23
CA SER C 379 -6.64 10.07 -40.20
C SER C 379 -6.99 9.66 -41.62
N ARG C 380 -7.32 8.38 -41.82
CA ARG C 380 -7.69 7.91 -43.16
C ARG C 380 -8.91 8.66 -43.67
N VAL C 381 -9.95 8.79 -42.83
CA VAL C 381 -11.17 9.46 -43.26
C VAL C 381 -10.91 10.95 -43.50
N SER C 382 -10.11 11.58 -42.64
CA SER C 382 -9.80 12.99 -42.84
C SER C 382 -9.09 13.22 -44.16
N LYS C 383 -8.07 12.41 -44.45
CA LYS C 383 -7.34 12.55 -45.70
C LYS C 383 -8.25 12.30 -46.90
N ASN C 384 -9.08 11.26 -46.83
CA ASN C 384 -9.95 10.93 -47.96
C ASN C 384 -10.95 12.04 -48.24
N VAL C 385 -11.58 12.57 -47.18
CA VAL C 385 -12.57 13.62 -47.37
C VAL C 385 -11.90 14.89 -47.87
N SER C 386 -10.71 15.22 -47.36
CA SER C 386 -10.00 16.39 -47.85
C SER C 386 -9.66 16.25 -49.33
N ASP C 387 -9.20 15.06 -49.75
CA ASP C 387 -8.89 14.84 -51.16
C ASP C 387 -10.13 14.96 -52.02
N ALA C 388 -11.25 14.37 -51.57
CA ALA C 388 -12.49 14.45 -52.35
C ALA C 388 -12.96 15.89 -52.49
N TYR C 389 -12.89 16.67 -51.42
CA TYR C 389 -13.31 18.06 -51.52
C TYR C 389 -12.36 18.89 -52.35
N THR C 390 -11.06 18.58 -52.35
CA THR C 390 -10.15 19.26 -53.26
C THR C 390 -10.52 18.98 -54.71
N LYS C 391 -10.81 17.72 -55.03
CA LYS C 391 -11.22 17.40 -56.40
C LYS C 391 -12.50 18.12 -56.78
N ALA C 392 -13.48 18.14 -55.87
CA ALA C 392 -14.75 18.82 -56.15
C ALA C 392 -14.55 20.31 -56.38
N LEU C 393 -13.70 20.95 -55.56
CA LEU C 393 -13.46 22.37 -55.72
C LEU C 393 -12.68 22.67 -57.00
N ARG C 394 -11.77 21.78 -57.40
CA ARG C 394 -11.09 21.96 -58.67
C ARG C 394 -12.06 21.87 -59.83
N TRP C 395 -13.00 20.92 -59.78
CA TRP C 395 -14.00 20.85 -60.84
C TRP C 395 -14.92 22.07 -60.85
N ALA C 396 -15.29 22.57 -59.68
CA ALA C 396 -16.09 23.78 -59.62
C ALA C 396 -15.33 24.97 -60.19
N ALA C 397 -14.02 25.04 -59.93
CA ALA C 397 -13.20 26.09 -60.53
C ALA C 397 -13.16 25.93 -62.05
N MET C 398 -13.10 24.70 -62.54
CA MET C 398 -13.17 24.47 -63.98
C MET C 398 -14.48 25.00 -64.55
N PHE C 399 -15.58 24.81 -63.81
CA PHE C 399 -16.85 25.44 -64.20
C PHE C 399 -16.72 26.96 -64.23
N LEU C 400 -16.08 27.55 -63.23
CA LEU C 400 -15.99 29.01 -63.12
C LEU C 400 -14.73 29.58 -63.73
N GLY C 401 -13.80 28.76 -64.19
CA GLY C 401 -12.56 29.26 -64.75
C GLY C 401 -11.69 30.01 -63.75
N LEU C 402 -11.57 29.50 -62.54
CA LEU C 402 -10.74 30.08 -61.50
C LEU C 402 -9.45 29.29 -61.37
N ASP C 403 -8.65 29.63 -60.36
CA ASP C 403 -7.39 28.93 -60.14
C ASP C 403 -7.64 27.49 -59.70
N GLU C 404 -6.81 26.58 -60.19
CA GLU C 404 -6.93 25.17 -59.87
C GLU C 404 -6.18 24.80 -58.59
N LYS C 405 -5.04 25.45 -58.34
CA LYS C 405 -4.18 25.11 -57.21
C LYS C 405 -4.78 25.66 -55.92
N ILE C 406 -5.92 25.07 -55.54
CA ILE C 406 -6.58 25.36 -54.28
C ILE C 406 -6.81 24.04 -53.56
N GLU C 407 -6.87 24.10 -52.23
CA GLU C 407 -7.00 22.90 -51.42
C GLU C 407 -8.03 23.11 -50.32
N TYR C 408 -8.65 22.01 -49.90
CA TYR C 408 -9.54 21.98 -48.75
C TYR C 408 -9.08 20.85 -47.86
N GLU C 409 -8.45 21.19 -46.74
CA GLU C 409 -7.84 20.21 -45.86
C GLU C 409 -8.58 20.18 -44.54
N LEU C 410 -9.06 18.99 -44.15
CA LEU C 410 -9.72 18.83 -42.88
C LEU C 410 -8.72 18.95 -41.74
N ASN C 411 -9.24 18.98 -40.52
CA ASN C 411 -8.41 19.13 -39.33
C ASN C 411 -7.71 17.82 -39.05
N SER C 412 -6.50 17.66 -39.59
CA SER C 412 -5.78 16.40 -39.49
C SER C 412 -5.10 16.19 -38.15
N ASP C 413 -4.98 17.23 -37.33
CA ASP C 413 -4.36 17.13 -36.01
C ASP C 413 -5.45 16.81 -35.00
N PHE C 414 -5.32 15.66 -34.35
CA PHE C 414 -6.37 15.12 -33.51
C PHE C 414 -6.05 15.42 -32.05
N ASP C 415 -6.90 14.94 -31.13
CA ASP C 415 -6.68 15.09 -29.70
C ASP C 415 -6.52 16.56 -29.31
N ILE C 416 -7.38 17.40 -29.86
CA ILE C 416 -7.24 18.84 -29.68
C ILE C 416 -7.51 19.23 -28.23
N ASN C 417 -6.82 20.28 -27.78
CA ASN C 417 -7.02 20.84 -26.44
C ASN C 417 -6.37 22.20 -26.39
N LYS C 418 -6.68 22.95 -25.33
CA LYS C 418 -6.14 24.29 -25.17
C LYS C 418 -4.62 24.26 -25.05
N MET C 419 -3.97 25.19 -25.73
CA MET C 419 -2.52 25.30 -25.63
C MET C 419 -2.14 25.96 -24.31
N SER C 420 -1.19 25.36 -23.60
CA SER C 420 -0.71 25.93 -22.36
C SER C 420 0.14 27.17 -22.66
N PRO C 421 0.34 28.02 -21.64
CA PRO C 421 1.23 29.18 -21.82
C PRO C 421 2.56 28.84 -22.46
N GLU C 422 3.15 27.69 -22.08
CA GLU C 422 4.42 27.28 -22.70
C GLU C 422 4.24 27.02 -24.19
N GLU C 423 3.15 26.36 -24.57
CA GLU C 423 2.89 26.10 -25.98
C GLU C 423 2.72 27.40 -26.76
N LEU C 424 1.96 28.35 -26.20
CA LEU C 424 1.76 29.63 -26.86
C LEU C 424 3.08 30.38 -27.01
N ALA C 425 3.89 30.40 -25.96
CA ALA C 425 5.18 31.07 -26.02
C ALA C 425 6.09 30.43 -27.06
N ALA C 426 6.07 29.09 -27.14
CA ALA C 426 6.88 28.40 -28.14
C ALA C 426 6.41 28.73 -29.54
N VAL C 427 5.10 28.78 -29.77
CA VAL C 427 4.58 29.12 -31.09
C VAL C 427 5.00 30.54 -31.46
N ILE C 428 4.88 31.47 -30.53
CA ILE C 428 5.24 32.85 -30.82
C ILE C 428 6.72 32.96 -31.13
N SER C 429 7.57 32.32 -30.31
CA SER C 429 9.00 32.35 -30.55
C SER C 429 9.35 31.73 -31.89
N ALA C 430 8.65 30.66 -32.28
CA ALA C 430 8.82 30.11 -33.62
C ALA C 430 8.43 31.11 -34.69
N TRP C 431 7.43 31.95 -34.40
CA TRP C 431 7.04 32.97 -35.37
C TRP C 431 8.07 34.10 -35.42
N GLN C 432 8.72 34.41 -34.28
CA GLN C 432 9.76 35.42 -34.30
C GLN C 432 10.90 35.01 -35.21
N SER C 433 11.30 33.75 -35.16
CA SER C 433 12.19 33.20 -36.17
C SER C 433 11.43 33.02 -37.48
N ASN C 434 12.16 33.02 -38.58
CA ASN C 434 11.55 32.89 -39.90
C ASN C 434 11.36 31.41 -40.26
N ALA C 435 10.55 30.74 -39.44
CA ALA C 435 10.21 29.34 -39.66
C ALA C 435 8.71 29.06 -39.63
N ILE C 436 7.90 29.96 -39.11
CA ILE C 436 6.44 29.84 -39.12
C ILE C 436 5.85 31.06 -39.81
N SER C 437 5.00 30.82 -40.80
CA SER C 437 4.26 31.90 -41.43
C SER C 437 3.28 32.51 -40.45
N PHE C 438 3.00 33.80 -40.63
CA PHE C 438 2.05 34.49 -39.77
C PHE C 438 0.69 33.82 -39.82
N THR C 439 0.27 33.38 -41.02
CA THR C 439 -0.98 32.64 -41.14
C THR C 439 -0.91 31.31 -40.40
N GLU C 440 0.23 30.63 -40.47
CA GLU C 440 0.37 29.38 -39.72
C GLU C 440 0.34 29.64 -38.21
N MET C 441 0.95 30.73 -37.76
CA MET C 441 0.86 31.09 -36.35
C MET C 441 -0.58 31.33 -35.93
N ARG C 442 -1.33 32.08 -36.75
CA ARG C 442 -2.72 32.34 -36.42
C ARG C 442 -3.54 31.06 -36.41
N TRP C 443 -3.29 30.17 -37.37
CA TRP C 443 -3.99 28.90 -37.40
C TRP C 443 -3.70 28.08 -36.16
N GLN C 444 -2.44 28.07 -35.70
CA GLN C 444 -2.12 27.36 -34.48
C GLN C 444 -2.79 28.00 -33.27
N ILE C 445 -2.79 29.33 -33.19
CA ILE C 445 -3.39 30.01 -32.04
C ILE C 445 -4.88 29.74 -31.97
N LYS C 446 -5.58 29.83 -33.11
CA LYS C 446 -6.99 29.48 -33.14
C LYS C 446 -7.20 28.01 -32.81
N LYS C 447 -6.30 27.14 -33.30
CA LYS C 447 -6.40 25.72 -33.01
C LYS C 447 -6.35 25.46 -31.50
N GLY C 448 -5.61 26.29 -30.77
CA GLY C 448 -5.58 26.22 -29.33
C GLY C 448 -6.68 26.98 -28.63
N GLY C 449 -7.61 27.55 -29.38
CA GLY C 449 -8.71 28.30 -28.80
C GLY C 449 -8.30 29.58 -28.11
N ARG C 450 -7.29 30.28 -28.64
CA ARG C 450 -6.81 31.52 -28.07
C ARG C 450 -7.10 32.72 -28.97
N ALA C 451 -7.68 32.51 -30.16
CA ALA C 451 -8.01 33.60 -31.06
C ALA C 451 -9.27 33.23 -31.83
N TYR C 452 -10.05 34.24 -32.18
CA TYR C 452 -11.28 34.03 -32.93
C TYR C 452 -11.40 34.97 -34.12
N LEU C 453 -10.77 36.14 -34.02
CA LEU C 453 -10.82 37.08 -35.14
C LEU C 453 -9.93 36.61 -36.29
N GLU C 454 -10.30 37.05 -37.50
CA GLU C 454 -9.55 36.70 -38.69
C GLU C 454 -8.17 37.35 -38.66
N ASP C 455 -7.23 36.74 -39.38
CA ASP C 455 -5.87 37.25 -39.41
C ASP C 455 -5.80 38.65 -40.00
N GLU C 456 -6.50 38.88 -41.10
CA GLU C 456 -6.51 40.21 -41.71
C GLU C 456 -7.18 41.23 -40.81
N ASP C 457 -8.24 40.82 -40.11
CA ASP C 457 -8.93 41.72 -39.18
C ASP C 457 -7.99 42.17 -38.08
N MET C 458 -7.29 41.23 -37.43
CA MET C 458 -6.38 41.61 -36.37
C MET C 458 -5.22 42.43 -36.93
N ARG C 459 -4.78 42.09 -38.15
CA ARG C 459 -3.73 42.87 -38.80
C ARG C 459 -4.12 44.33 -38.90
N ASN C 460 -5.30 44.60 -39.45
CA ASN C 460 -5.76 45.98 -39.59
C ASN C 460 -5.98 46.62 -38.23
N GLU C 461 -6.41 45.83 -37.24
CA GLU C 461 -6.68 46.38 -35.92
C GLU C 461 -5.39 46.70 -35.16
N SER C 462 -4.29 46.02 -35.47
CA SER C 462 -3.05 46.16 -34.73
C SER C 462 -2.00 47.00 -35.46
N GLU C 463 -2.17 47.28 -36.75
CA GLU C 463 -1.23 48.16 -37.43
C GLU C 463 -1.21 49.56 -36.82
N GLN C 464 -2.31 49.97 -36.19
CA GLN C 464 -2.36 51.28 -35.58
C GLN C 464 -1.47 51.32 -34.34
N ASP C 465 -1.16 52.54 -33.89
CA ASP C 465 -0.25 52.72 -32.78
C ASP C 465 -0.83 52.16 -31.49
N ASP C 466 0.06 51.70 -30.61
CA ASP C 466 -0.36 51.09 -29.37
C ASP C 466 -1.00 52.11 -28.44
N PRO C 467 -1.93 51.68 -27.58
CA PRO C 467 -2.60 52.61 -26.66
C PRO C 467 -1.64 53.41 -25.81
N LEU C 468 -0.69 52.74 -25.15
CA LEU C 468 0.26 53.38 -24.24
C LEU C 468 -0.47 54.18 -23.15
N ASP D 3 -4.62 -25.29 -66.46
CA ASP D 3 -3.17 -25.39 -66.42
C ASP D 3 -2.58 -25.57 -67.81
N SER D 4 -1.72 -26.57 -67.96
CA SER D 4 -1.03 -26.89 -69.22
C SER D 4 -0.27 -25.66 -69.67
N ASN D 5 -0.23 -25.34 -70.96
CA ASN D 5 0.51 -24.19 -71.46
C ASN D 5 -0.37 -22.97 -71.64
N ASN D 6 -1.53 -22.94 -71.00
CA ASN D 6 -2.41 -21.79 -71.10
C ASN D 6 -1.78 -20.58 -70.42
N ILE D 7 -2.14 -19.40 -70.91
CA ILE D 7 -1.67 -18.16 -70.31
C ILE D 7 -2.13 -18.05 -68.86
N LYS D 8 -3.29 -18.63 -68.53
CA LYS D 8 -3.85 -18.57 -67.19
C LYS D 8 -3.33 -19.69 -66.29
N TYR D 9 -2.18 -20.26 -66.60
CA TYR D 9 -1.58 -21.27 -65.74
C TYR D 9 -1.14 -20.64 -64.43
N VAL D 10 -1.53 -21.25 -63.32
CA VAL D 10 -1.25 -20.73 -61.99
C VAL D 10 -0.13 -21.55 -61.37
N ARG D 11 0.88 -20.87 -60.83
CA ARG D 11 2.05 -21.54 -60.28
C ARG D 11 1.66 -22.38 -59.06
N GLU D 12 2.41 -23.45 -58.84
CA GLU D 12 2.09 -24.37 -57.75
C GLU D 12 2.19 -23.68 -56.40
N ASP D 13 3.12 -22.74 -56.24
CA ASP D 13 3.24 -22.03 -54.98
C ASP D 13 2.10 -21.05 -54.75
N ALA D 14 1.57 -20.45 -55.82
CA ALA D 14 0.33 -19.71 -55.67
C ALA D 14 -0.77 -20.61 -55.14
N LYS D 15 -0.80 -21.86 -55.60
CA LYS D 15 -1.75 -22.82 -55.05
C LYS D 15 -1.43 -23.16 -53.60
N LYS D 16 -0.14 -23.12 -53.24
CA LYS D 16 0.25 -23.23 -51.83
C LYS D 16 -0.46 -22.18 -51.00
N MET D 17 -0.39 -20.93 -51.45
CA MET D 17 -0.73 -19.78 -50.63
C MET D 17 -2.16 -19.27 -50.81
N HIS D 18 -2.92 -19.83 -51.77
CA HIS D 18 -4.26 -19.33 -52.01
C HIS D 18 -5.16 -19.49 -50.79
N LYS D 19 -5.07 -20.64 -50.11
CA LYS D 19 -5.92 -20.89 -48.94
C LYS D 19 -5.66 -19.87 -47.84
N LEU D 20 -4.39 -19.62 -47.52
CA LEU D 20 -4.07 -18.67 -46.48
C LEU D 20 -4.48 -17.26 -46.89
N TRP D 21 -4.28 -16.90 -48.16
CA TRP D 21 -4.69 -15.58 -48.62
C TRP D 21 -6.20 -15.40 -48.48
N ALA D 22 -6.97 -16.42 -48.86
CA ALA D 22 -8.43 -16.34 -48.72
C ALA D 22 -8.85 -16.23 -47.27
N HIS D 23 -8.21 -17.00 -46.38
CA HIS D 23 -8.56 -16.93 -44.97
C HIS D 23 -8.26 -15.56 -44.39
N ILE D 24 -7.12 -14.98 -44.76
CA ILE D 24 -6.78 -13.64 -44.28
C ILE D 24 -7.76 -12.61 -44.83
N ARG D 25 -8.18 -12.78 -46.09
CA ARG D 25 -9.18 -11.86 -46.64
C ARG D 25 -10.50 -11.97 -45.89
N MET D 26 -10.91 -13.19 -45.54
CA MET D 26 -12.11 -13.35 -44.71
C MET D 26 -11.94 -12.63 -43.37
N ALA D 27 -10.78 -12.80 -42.74
CA ALA D 27 -10.55 -12.16 -41.45
C ALA D 27 -10.62 -10.64 -41.54
N MET D 28 -10.01 -10.08 -42.60
CA MET D 28 -10.04 -8.62 -42.77
C MET D 28 -11.44 -8.13 -43.08
N GLU D 29 -12.22 -8.90 -43.85
CA GLU D 29 -13.51 -8.43 -44.30
C GLU D 29 -14.46 -8.16 -43.14
N GLY D 30 -14.47 -9.03 -42.14
CA GLY D 30 -15.32 -8.86 -41.00
C GLY D 30 -15.91 -10.17 -40.58
N SER D 31 -17.10 -10.10 -39.97
CA SER D 31 -17.78 -11.29 -39.47
C SER D 31 -18.76 -11.88 -40.46
N ARG D 32 -19.15 -11.11 -41.50
CA ARG D 32 -20.07 -11.64 -42.49
C ARG D 32 -19.47 -12.83 -43.22
N ALA D 33 -18.24 -12.67 -43.73
CA ALA D 33 -17.57 -13.76 -44.43
C ALA D 33 -17.30 -14.92 -43.49
N ILE D 34 -16.92 -14.63 -42.24
CA ILE D 34 -16.60 -15.69 -41.29
C ILE D 34 -17.83 -16.53 -41.00
N LYS D 35 -18.95 -15.88 -40.69
CA LYS D 35 -20.17 -16.62 -40.36
C LYS D 35 -20.78 -17.27 -41.60
N ASP D 36 -20.48 -16.74 -42.79
CA ASP D 36 -20.94 -17.40 -44.01
C ASP D 36 -20.09 -18.62 -44.33
N ASN D 37 -18.79 -18.57 -44.03
CA ASN D 37 -17.86 -19.66 -44.29
C ASN D 37 -17.40 -20.29 -42.98
N ALA D 38 -18.32 -20.41 -42.02
CA ALA D 38 -17.97 -20.93 -40.70
C ALA D 38 -17.52 -22.39 -40.75
N LYS D 39 -18.02 -23.16 -41.71
CA LYS D 39 -17.66 -24.58 -41.80
C LYS D 39 -16.16 -24.75 -42.01
N GLU D 40 -15.49 -23.75 -42.57
CA GLU D 40 -14.04 -23.79 -42.70
C GLU D 40 -13.37 -23.81 -41.34
N PHE D 41 -13.84 -22.96 -40.42
CA PHE D 41 -13.17 -22.73 -39.15
C PHE D 41 -13.71 -23.62 -38.04
N VAL D 42 -15.01 -23.50 -37.76
CA VAL D 42 -15.61 -24.12 -36.57
C VAL D 42 -16.26 -25.44 -37.02
N PRO D 43 -15.69 -26.59 -36.70
CA PRO D 43 -16.32 -27.85 -37.07
C PRO D 43 -17.58 -28.10 -36.26
N HIS D 44 -18.48 -28.88 -36.83
CA HIS D 44 -19.72 -29.22 -36.15
C HIS D 44 -19.41 -29.98 -34.87
N PRO D 45 -20.06 -29.66 -33.75
CA PRO D 45 -19.81 -30.41 -32.51
C PRO D 45 -20.16 -31.89 -32.61
N ASP D 46 -20.86 -32.32 -33.66
CA ASP D 46 -21.19 -33.73 -33.85
C ASP D 46 -21.49 -33.95 -35.33
N ASN D 47 -20.75 -34.88 -35.94
CA ASN D 47 -20.98 -35.18 -37.36
C ASN D 47 -22.25 -35.99 -37.56
N THR D 48 -22.51 -36.94 -36.66
CA THR D 48 -23.73 -37.73 -36.76
C THR D 48 -24.96 -36.84 -36.72
N LYS D 49 -24.97 -35.84 -35.83
CA LYS D 49 -26.05 -34.85 -35.86
C LYS D 49 -25.88 -33.87 -37.01
N ALA D 50 -24.65 -33.64 -37.46
CA ALA D 50 -24.44 -32.76 -38.60
C ALA D 50 -25.22 -33.25 -39.82
N THR D 51 -25.28 -34.56 -40.00
CA THR D 51 -26.15 -35.11 -41.04
C THR D 51 -27.63 -34.94 -40.67
N THR D 52 -27.95 -35.02 -39.39
CA THR D 52 -29.33 -34.93 -38.94
C THR D 52 -29.86 -33.50 -39.11
N PRO D 53 -31.12 -33.33 -39.55
CA PRO D 53 -31.66 -31.97 -39.66
C PRO D 53 -31.67 -31.20 -38.35
N GLU D 54 -31.98 -31.87 -37.24
CA GLU D 54 -31.95 -31.17 -35.95
C GLU D 54 -30.53 -30.76 -35.60
N GLY D 55 -29.55 -31.62 -35.92
CA GLY D 55 -28.17 -31.26 -35.67
C GLY D 55 -27.71 -30.06 -36.48
N VAL D 56 -28.11 -29.99 -37.76
CA VAL D 56 -27.69 -28.86 -38.56
C VAL D 56 -28.40 -27.58 -38.12
N ALA D 57 -29.65 -27.69 -37.67
CA ALA D 57 -30.31 -26.53 -37.08
C ALA D 57 -29.60 -26.07 -35.82
N ARG D 58 -29.17 -27.03 -34.99
CA ARG D 58 -28.42 -26.69 -33.79
C ARG D 58 -27.10 -26.01 -34.15
N TYR D 59 -26.43 -26.49 -35.20
CA TYR D 59 -25.20 -25.85 -35.64
C TYR D 59 -25.44 -24.44 -36.15
N LYS D 60 -26.55 -24.23 -36.86
CA LYS D 60 -26.88 -22.88 -37.32
C LYS D 60 -27.08 -21.95 -36.14
N ALA D 61 -27.82 -22.40 -35.12
CA ALA D 61 -27.99 -21.57 -33.92
C ALA D 61 -26.67 -21.40 -33.17
N TYR D 62 -25.82 -22.41 -33.19
CA TYR D 62 -24.53 -22.37 -32.52
C TYR D 62 -23.61 -21.31 -33.14
N ILE D 63 -23.57 -21.27 -34.47
CA ILE D 63 -22.75 -20.26 -35.15
C ILE D 63 -23.38 -18.89 -35.01
N GLU D 64 -24.71 -18.81 -35.05
CA GLU D 64 -25.39 -17.51 -34.99
C GLU D 64 -25.10 -16.81 -33.67
N ARG D 65 -25.08 -17.55 -32.57
CA ARG D 65 -24.86 -16.96 -31.25
C ARG D 65 -23.40 -16.61 -31.00
N ALA D 66 -22.48 -17.06 -31.86
CA ALA D 66 -21.06 -16.79 -31.65
C ALA D 66 -20.75 -15.31 -31.89
N VAL D 67 -19.55 -14.92 -31.45
CA VAL D 67 -19.09 -13.54 -31.58
C VAL D 67 -17.70 -13.55 -32.19
N TRP D 68 -17.49 -12.72 -33.20
CA TRP D 68 -16.19 -12.57 -33.85
C TRP D 68 -15.51 -11.33 -33.29
N TYR D 69 -14.38 -11.55 -32.60
CA TYR D 69 -13.71 -10.44 -31.91
C TYR D 69 -13.21 -9.40 -32.90
N GLY D 70 -12.69 -9.83 -34.04
CA GLY D 70 -12.25 -8.89 -35.06
C GLY D 70 -11.05 -8.06 -34.69
N ALA D 71 -10.03 -8.67 -34.09
CA ALA D 71 -8.79 -7.97 -33.80
C ALA D 71 -7.87 -7.90 -35.00
N SER D 72 -8.10 -8.70 -36.03
CA SER D 72 -7.19 -8.73 -37.18
C SER D 72 -7.33 -7.47 -38.04
N ALA D 73 -8.57 -7.12 -38.39
CA ALA D 73 -8.80 -5.92 -39.17
C ALA D 73 -8.37 -4.68 -38.41
N ASN D 74 -8.68 -4.63 -37.12
CA ASN D 74 -8.26 -3.51 -36.29
C ASN D 74 -6.75 -3.43 -36.20
N THR D 75 -6.08 -4.59 -36.10
CA THR D 75 -4.62 -4.61 -36.06
C THR D 75 -4.04 -4.03 -37.33
N VAL D 76 -4.50 -4.51 -38.49
CA VAL D 76 -3.96 -4.04 -39.76
C VAL D 76 -4.23 -2.55 -39.94
N ASP D 77 -5.43 -2.10 -39.54
CA ASP D 77 -5.75 -0.68 -39.64
C ASP D 77 -4.83 0.16 -38.75
N GLY D 78 -4.54 -0.32 -37.54
CA GLY D 78 -3.65 0.41 -36.67
C GLY D 78 -2.24 0.50 -37.22
N MET D 79 -1.72 -0.60 -37.77
CA MET D 79 -0.39 -0.55 -38.38
C MET D 79 -0.39 0.38 -39.59
N LEU D 80 -1.46 0.37 -40.38
CA LEU D 80 -1.55 1.28 -41.51
C LEU D 80 -1.53 2.73 -41.05
N GLY D 81 -2.29 3.05 -40.00
CA GLY D 81 -2.28 4.40 -39.47
C GLY D 81 -0.93 4.80 -38.92
N GLN D 82 -0.20 3.84 -38.34
CA GLN D 82 1.14 4.13 -37.85
C GLN D 82 2.09 4.45 -38.99
N ILE D 83 2.08 3.64 -40.05
CA ILE D 83 2.93 3.92 -41.20
C ILE D 83 2.49 5.20 -41.90
N PHE D 84 1.20 5.31 -42.21
CA PHE D 84 0.70 6.44 -42.99
C PHE D 84 0.18 7.54 -42.06
N ALA D 85 1.10 8.07 -41.28
CA ALA D 85 0.89 9.31 -40.54
C ALA D 85 1.54 10.44 -41.32
N ARG D 86 0.81 11.53 -41.48
CA ARG D 86 1.20 12.65 -42.36
C ARG D 86 1.32 12.08 -43.77
N ASP D 87 2.31 12.46 -44.56
CA ASP D 87 2.40 12.02 -45.95
C ASP D 87 3.80 11.55 -46.27
N PRO D 88 3.95 10.66 -47.24
CA PRO D 88 5.28 10.28 -47.71
C PRO D 88 5.97 11.46 -48.38
N VAL D 89 7.30 11.42 -48.39
CA VAL D 89 8.12 12.48 -48.96
C VAL D 89 8.63 12.03 -50.31
N PHE D 90 8.40 12.86 -51.33
CA PHE D 90 8.87 12.61 -52.69
C PHE D 90 10.03 13.55 -52.97
N THR D 91 11.17 12.97 -53.36
CA THR D 91 12.38 13.74 -53.63
C THR D 91 12.58 13.86 -55.13
N GLY D 92 12.81 15.08 -55.60
CA GLY D 92 13.02 15.34 -57.00
C GLY D 92 12.16 16.49 -57.50
N PRO D 93 12.13 16.68 -58.81
CA PRO D 93 11.29 17.75 -59.37
C PRO D 93 9.82 17.40 -59.28
N GLU D 94 9.07 18.25 -58.59
CA GLU D 94 7.64 18.03 -58.42
C GLU D 94 6.84 18.37 -59.68
N ASP D 95 7.22 19.42 -60.40
CA ASP D 95 6.46 19.82 -61.57
C ASP D 95 6.60 18.83 -62.72
N LYS D 96 7.75 18.20 -62.87
CA LYS D 96 7.93 17.20 -63.91
C LYS D 96 7.23 15.88 -63.58
N PHE D 97 6.97 15.61 -62.29
CA PHE D 97 6.27 14.41 -61.87
C PHE D 97 4.91 14.72 -61.28
N ASP D 98 4.38 15.91 -61.54
CA ASP D 98 3.10 16.30 -60.95
C ASP D 98 1.96 15.40 -61.42
N MET D 99 1.94 15.06 -62.70
CA MET D 99 0.86 14.22 -63.22
C MET D 99 0.89 12.83 -62.61
N LEU D 100 2.07 12.27 -62.38
CA LEU D 100 2.14 10.97 -61.73
C LEU D 100 1.64 11.03 -60.30
N ILE D 101 1.94 12.13 -59.60
CA ILE D 101 1.51 12.27 -58.21
C ILE D 101 0.00 12.41 -58.11
N ASN D 102 -0.59 13.30 -58.92
CA ASN D 102 -2.00 13.61 -58.77
C ASN D 102 -2.88 12.42 -59.16
N ASP D 103 -2.65 11.86 -60.35
CA ASP D 103 -3.41 10.71 -60.84
C ASP D 103 -2.46 9.63 -61.36
N VAL D 104 -2.21 8.63 -60.52
CA VAL D 104 -1.21 7.62 -60.86
C VAL D 104 -1.68 6.76 -62.02
N ASP D 105 -2.98 6.46 -62.09
CA ASP D 105 -3.52 5.60 -63.14
C ASP D 105 -4.79 6.20 -63.74
N GLY D 106 -4.82 7.51 -63.93
CA GLY D 106 -5.88 8.15 -64.69
C GLY D 106 -7.23 8.20 -64.02
N SER D 107 -7.30 7.92 -62.73
CA SER D 107 -8.57 7.94 -62.00
C SER D 107 -8.64 9.07 -60.97
N GLY D 108 -7.71 10.01 -61.00
CA GLY D 108 -7.65 11.00 -59.94
C GLY D 108 -7.17 10.45 -58.62
N LEU D 109 -6.59 9.25 -58.63
CA LEU D 109 -6.13 8.59 -57.41
C LEU D 109 -4.68 8.98 -57.17
N SER D 110 -4.42 9.68 -56.07
CA SER D 110 -3.08 10.14 -55.77
C SER D 110 -2.16 8.95 -55.52
N ILE D 111 -0.87 9.16 -55.77
CA ILE D 111 0.11 8.10 -55.56
C ILE D 111 0.17 7.69 -54.09
N HIS D 112 -0.18 8.62 -53.19
CA HIS D 112 -0.15 8.31 -51.77
C HIS D 112 -1.23 7.29 -51.39
N GLN D 113 -2.41 7.40 -52.00
CA GLN D 113 -3.47 6.45 -51.67
C GLN D 113 -3.18 5.07 -52.26
N GLN D 114 -2.61 5.02 -53.46
CA GLN D 114 -2.17 3.74 -53.99
C GLN D 114 -1.05 3.14 -53.15
N ALA D 115 -0.15 3.99 -52.63
CA ALA D 115 0.86 3.50 -51.69
C ALA D 115 0.23 2.97 -50.43
N ARG D 116 -0.84 3.60 -49.97
CA ARG D 116 -1.57 3.08 -48.80
C ARG D 116 -2.16 1.71 -49.09
N ASP D 117 -2.72 1.53 -50.29
CA ASP D 117 -3.23 0.21 -50.67
C ASP D 117 -2.10 -0.83 -50.72
N SER D 118 -0.95 -0.43 -51.25
CA SER D 118 0.21 -1.32 -51.28
C SER D 118 0.62 -1.71 -49.86
N ALA D 119 0.66 -0.74 -48.96
CA ALA D 119 1.02 -1.02 -47.57
C ALA D 119 0.01 -1.95 -46.92
N GLU D 120 -1.28 -1.75 -47.20
CA GLU D 120 -2.31 -2.60 -46.62
C GLU D 120 -2.14 -4.05 -47.09
N ASP D 121 -1.92 -4.24 -48.39
CA ASP D 121 -1.76 -5.61 -48.88
C ASP D 121 -0.45 -6.23 -48.44
N ALA D 122 0.61 -5.43 -48.26
CA ALA D 122 1.87 -5.97 -47.77
C ALA D 122 1.80 -6.31 -46.29
N LEU D 123 1.00 -5.57 -45.52
CA LEU D 123 0.81 -5.87 -44.11
C LEU D 123 -0.09 -7.09 -43.91
N SER D 124 -1.12 -7.22 -44.74
CA SER D 124 -2.07 -8.31 -44.56
C SER D 124 -1.61 -9.59 -45.25
N LEU D 125 -1.34 -9.52 -46.55
CA LEU D 125 -0.96 -10.69 -47.32
C LEU D 125 0.53 -10.80 -47.58
N GLY D 126 1.29 -9.73 -47.38
CA GLY D 126 2.72 -9.78 -47.63
C GLY D 126 3.09 -9.98 -49.08
N ARG D 127 2.30 -9.42 -49.99
CA ARG D 127 2.59 -9.54 -51.41
C ARG D 127 1.84 -8.44 -52.15
N GLY D 128 2.26 -8.19 -53.38
CA GLY D 128 1.64 -7.15 -54.18
C GLY D 128 2.31 -7.04 -55.52
N GLY D 129 2.16 -5.88 -56.16
CA GLY D 129 2.77 -5.64 -57.44
C GLY D 129 2.58 -4.23 -57.96
N LEU D 130 3.54 -3.77 -58.76
CA LEU D 130 3.50 -2.43 -59.34
C LEU D 130 3.96 -2.54 -60.79
N PHE D 131 3.00 -2.68 -61.71
CA PHE D 131 3.29 -2.77 -63.13
C PHE D 131 3.16 -1.38 -63.74
N VAL D 132 4.24 -0.87 -64.30
CA VAL D 132 4.25 0.43 -64.96
C VAL D 132 4.24 0.20 -66.47
N ASP D 133 3.30 0.85 -67.16
CA ASP D 133 3.10 0.64 -68.58
C ASP D 133 2.92 1.99 -69.26
N TYR D 134 3.03 1.96 -70.59
CA TYR D 134 2.93 3.16 -71.42
C TYR D 134 1.69 3.06 -72.28
N SER D 135 0.89 4.13 -72.30
CA SER D 135 -0.40 4.09 -73.00
C SER D 135 -0.21 3.96 -74.50
N ALA D 152 0.80 11.10 -74.45
CA ALA D 152 1.49 9.89 -73.99
C ALA D 152 1.92 10.09 -72.54
N ARG D 153 1.71 9.04 -71.73
CA ARG D 153 1.87 9.17 -70.29
C ARG D 153 2.06 7.79 -69.68
N PRO D 154 2.93 7.64 -68.69
CA PRO D 154 3.07 6.34 -68.04
C PRO D 154 2.08 6.15 -66.89
N TYR D 155 1.61 4.92 -66.75
CA TYR D 155 0.65 4.54 -65.72
C TYR D 155 1.29 3.49 -64.82
N ILE D 156 1.16 3.68 -63.52
CA ILE D 156 1.68 2.75 -62.53
C ILE D 156 0.50 1.95 -61.98
N LYS D 157 0.35 0.72 -62.46
CA LYS D 157 -0.79 -0.11 -62.10
C LYS D 157 -0.56 -0.76 -60.73
N PHE D 158 -1.64 -1.29 -60.17
CA PHE D 158 -1.59 -2.03 -58.92
C PHE D 158 -2.12 -3.44 -59.18
N ILE D 159 -1.36 -4.44 -58.76
CA ILE D 159 -1.69 -5.84 -59.02
C ILE D 159 -1.82 -6.55 -57.69
N ALA D 160 -2.95 -7.23 -57.49
CA ALA D 160 -3.23 -7.90 -56.23
C ALA D 160 -2.36 -9.15 -56.07
N ALA D 161 -2.27 -9.62 -54.83
CA ALA D 161 -1.40 -10.75 -54.52
C ALA D 161 -1.84 -12.02 -55.25
N GLU D 162 -3.15 -12.24 -55.35
CA GLU D 162 -3.65 -13.44 -56.00
C GLU D 162 -3.72 -13.31 -57.51
N ASP D 163 -3.34 -12.15 -58.07
CA ASP D 163 -3.37 -11.98 -59.51
C ASP D 163 -2.07 -12.35 -60.18
N ILE D 164 -0.93 -12.22 -59.49
CA ILE D 164 0.33 -12.68 -60.04
C ILE D 164 0.31 -14.21 -59.99
N LEU D 165 0.13 -14.84 -61.14
CA LEU D 165 -0.07 -16.28 -61.20
C LEU D 165 1.04 -17.06 -61.89
N ASN D 166 2.08 -16.39 -62.36
CA ASN D 166 3.20 -17.10 -62.98
C ASN D 166 4.42 -16.19 -63.02
N TRP D 167 5.59 -16.79 -62.84
CA TRP D 167 6.85 -16.08 -62.95
C TRP D 167 7.96 -17.09 -63.15
N ARG D 168 9.11 -16.60 -63.63
CA ARG D 168 10.29 -17.43 -63.80
C ARG D 168 11.51 -16.68 -63.32
N GLU D 169 12.53 -17.44 -62.92
CA GLU D 169 13.80 -16.89 -62.44
C GLU D 169 14.93 -17.65 -63.13
N ARG D 170 15.79 -16.92 -63.83
CA ARG D 170 16.90 -17.50 -64.57
C ARG D 170 18.16 -16.71 -64.28
N TRP D 171 19.30 -17.41 -64.28
CA TRP D 171 20.61 -16.77 -64.21
C TRP D 171 21.11 -16.54 -65.63
N VAL D 172 21.21 -15.28 -66.03
CA VAL D 172 21.77 -14.91 -67.33
C VAL D 172 23.04 -14.10 -67.09
N ASN D 173 24.14 -14.55 -67.68
CA ASN D 173 25.45 -13.95 -67.47
C ASN D 173 25.77 -13.85 -65.98
N GLY D 174 25.43 -14.90 -65.24
CA GLY D 174 25.67 -14.92 -63.80
C GLY D 174 24.87 -13.88 -63.03
N ALA D 175 23.72 -13.46 -63.54
CA ALA D 175 22.90 -12.45 -62.89
C ALA D 175 21.47 -12.95 -62.79
N LYS D 176 20.88 -12.81 -61.62
CA LYS D 176 19.47 -13.13 -61.43
C LYS D 176 18.62 -12.22 -62.29
N ARG D 177 17.64 -12.81 -62.99
CA ARG D 177 16.74 -12.06 -63.83
C ARG D 177 15.43 -12.83 -63.96
N THR D 178 14.32 -12.09 -64.01
CA THR D 178 13.00 -12.70 -64.21
C THR D 178 12.66 -12.66 -65.69
N THR D 179 12.56 -13.84 -66.30
CA THR D 179 12.33 -13.93 -67.74
C THR D 179 10.86 -14.12 -68.11
N LEU D 180 9.97 -14.15 -67.12
CA LEU D 180 8.54 -14.31 -67.38
C LEU D 180 7.76 -13.86 -66.15
N LEU D 181 6.63 -13.21 -66.39
CA LEU D 181 5.75 -12.80 -65.30
C LEU D 181 4.36 -12.60 -65.87
N VAL D 182 3.42 -13.45 -65.44
CA VAL D 182 2.04 -13.42 -65.93
C VAL D 182 1.14 -13.02 -64.78
N PHE D 183 0.34 -11.98 -65.00
CA PHE D 183 -0.64 -11.53 -64.01
C PHE D 183 -1.99 -11.34 -64.65
N ARG D 184 -3.01 -11.92 -64.03
CA ARG D 184 -4.38 -11.80 -64.53
C ARG D 184 -4.90 -10.40 -64.25
N GLU D 185 -5.86 -9.96 -65.05
CA GLU D 185 -6.38 -8.61 -64.96
C GLU D 185 -7.86 -8.60 -65.32
N GLU D 186 -8.64 -7.83 -64.56
CA GLU D 186 -10.09 -7.75 -64.75
C GLU D 186 -10.48 -6.33 -65.14
N SER D 187 -11.63 -6.20 -65.80
CA SER D 187 -12.11 -4.91 -66.25
C SER D 187 -13.62 -4.98 -66.47
N ASP D 188 -14.25 -3.81 -66.58
CA ASP D 188 -15.67 -3.71 -66.82
C ASP D 188 -15.92 -3.35 -68.28
N ALA D 189 -16.85 -4.06 -68.92
CA ALA D 189 -17.15 -3.87 -70.33
C ALA D 189 -18.16 -2.76 -70.53
N ASP D 190 -17.96 -1.96 -71.58
CA ASP D 190 -18.88 -0.87 -71.93
C ASP D 190 -19.80 -1.34 -73.05
N ASP D 191 -21.04 -1.65 -72.69
CA ASP D 191 -22.09 -1.83 -73.66
C ASP D 191 -23.07 -0.66 -73.57
N ASP D 192 -24.07 -0.64 -74.46
CA ASP D 192 -25.08 0.41 -74.40
C ASP D 192 -25.96 0.27 -73.18
N GLY D 193 -26.23 -0.95 -72.75
CA GLY D 193 -27.06 -1.20 -71.59
C GLY D 193 -26.31 -0.95 -70.29
N TYR D 194 -27.03 -1.21 -69.20
CA TYR D 194 -26.52 -0.92 -67.86
C TYR D 194 -26.10 -2.19 -67.12
N GLN D 195 -26.08 -3.33 -67.79
CA GLN D 195 -25.64 -4.57 -67.17
C GLN D 195 -24.15 -4.50 -66.86
N ILE D 196 -23.73 -5.19 -65.80
CA ILE D 196 -22.35 -5.20 -65.36
C ILE D 196 -21.73 -6.54 -65.67
N TYR D 197 -20.73 -6.54 -66.56
CA TYR D 197 -19.95 -7.72 -66.90
C TYR D 197 -18.59 -7.65 -66.24
N LYS D 198 -17.75 -8.64 -66.52
CA LYS D 198 -16.39 -8.69 -65.98
C LYS D 198 -15.50 -9.27 -67.07
N GLU D 199 -14.85 -8.39 -67.83
CA GLU D 199 -13.95 -8.80 -68.90
C GLU D 199 -12.56 -9.01 -68.32
N GLU D 200 -12.05 -10.23 -68.46
CA GLU D 200 -10.76 -10.61 -67.92
C GLU D 200 -9.68 -10.45 -68.99
N VAL D 201 -8.56 -9.86 -68.61
CA VAL D 201 -7.43 -9.64 -69.50
C VAL D 201 -6.20 -10.30 -68.88
N TRP D 202 -5.38 -10.92 -69.72
CA TRP D 202 -4.11 -11.48 -69.29
C TRP D 202 -2.97 -10.71 -69.94
N ARG D 203 -1.98 -10.36 -69.14
CA ARG D 203 -0.78 -9.67 -69.62
C ARG D 203 0.41 -10.60 -69.42
N GLU D 204 1.21 -10.77 -70.47
CA GLU D 204 2.39 -11.61 -70.43
C GLU D 204 3.62 -10.74 -70.65
N LEU D 205 4.48 -10.66 -69.64
CA LEU D 205 5.72 -9.91 -69.73
C LEU D 205 6.87 -10.91 -69.85
N ARG D 206 7.64 -10.80 -70.92
CA ARG D 206 8.74 -11.72 -71.20
C ARG D 206 10.02 -10.92 -71.44
N LEU D 207 11.14 -11.60 -71.28
CA LEU D 207 12.45 -11.00 -71.47
C LEU D 207 13.32 -12.00 -72.22
N VAL D 208 13.48 -11.78 -73.52
CA VAL D 208 14.29 -12.65 -74.37
C VAL D 208 15.50 -11.86 -74.86
N ASP D 209 16.69 -12.44 -74.69
CA ASP D 209 17.94 -11.84 -75.13
C ASP D 209 18.11 -10.42 -74.60
N GLY D 210 17.73 -10.22 -73.33
CA GLY D 210 17.88 -8.93 -72.71
C GLY D 210 16.96 -7.85 -73.24
N THR D 211 15.85 -8.23 -73.86
CA THR D 211 14.88 -7.28 -74.41
C THR D 211 13.53 -7.54 -73.78
N TYR D 212 12.87 -6.47 -73.35
CA TYR D 212 11.58 -6.58 -72.68
C TYR D 212 10.47 -6.67 -73.73
N TRP D 213 9.60 -7.67 -73.57
CA TRP D 213 8.49 -7.88 -74.48
C TRP D 213 7.19 -7.95 -73.69
N GLN D 214 6.08 -7.65 -74.36
CA GLN D 214 4.79 -7.52 -73.69
C GLN D 214 3.67 -7.85 -74.67
N ARG D 215 2.93 -8.91 -74.37
CA ARG D 215 1.80 -9.35 -75.18
C ARG D 215 0.55 -9.42 -74.31
N THR D 216 -0.57 -8.96 -74.86
CA THR D 216 -1.82 -8.88 -74.12
C THR D 216 -2.78 -9.98 -74.58
N TRP D 217 -3.35 -10.68 -73.61
CA TRP D 217 -4.32 -11.73 -73.88
C TRP D 217 -5.68 -11.30 -73.33
N ARG D 218 -6.69 -11.31 -74.18
CA ARG D 218 -8.01 -10.79 -73.83
C ARG D 218 -9.02 -11.93 -73.78
N GLU D 219 -9.95 -11.85 -72.84
CA GLU D 219 -11.04 -12.81 -72.74
C GLU D 219 -12.37 -12.13 -73.03
N ASN D 220 -13.15 -12.73 -73.92
CA ASN D 220 -14.54 -12.35 -74.19
C ASN D 220 -15.34 -13.65 -74.21
N ASP D 221 -15.99 -13.96 -73.09
CA ASP D 221 -16.75 -15.20 -72.92
C ASP D 221 -15.84 -16.43 -72.84
N GLY D 222 -14.58 -16.23 -72.45
CA GLY D 222 -13.62 -17.32 -72.44
C GLY D 222 -12.75 -17.31 -73.69
N GLN D 223 -12.46 -16.12 -74.17
CA GLN D 223 -11.80 -15.93 -75.46
C GLN D 223 -10.31 -15.69 -75.25
N LEU D 224 -9.54 -15.78 -76.33
CA LEU D 224 -8.13 -15.38 -76.35
C LEU D 224 -7.89 -14.48 -77.56
N TYR D 225 -7.91 -13.17 -77.35
CA TYR D 225 -7.47 -12.22 -78.36
C TYR D 225 -5.96 -12.04 -78.21
N VAL D 226 -5.19 -12.68 -79.07
CA VAL D 226 -3.73 -12.62 -79.02
C VAL D 226 -3.26 -11.39 -79.78
N ASP D 227 -2.26 -10.71 -79.25
CA ASP D 227 -1.67 -9.54 -79.86
C ASP D 227 -0.25 -9.85 -80.33
N ASP D 228 0.33 -8.89 -81.05
CA ASP D 228 1.70 -9.05 -81.52
C ASP D 228 2.67 -8.85 -80.37
N TRP D 229 3.89 -9.36 -80.55
CA TRP D 229 4.96 -9.10 -79.61
C TRP D 229 5.51 -7.70 -79.82
N ILE D 230 5.34 -6.85 -78.82
CA ILE D 230 5.78 -5.46 -78.91
C ILE D 230 6.78 -5.18 -77.80
N SER D 231 7.70 -4.27 -78.07
CA SER D 231 8.73 -3.87 -77.13
C SER D 231 8.59 -2.39 -76.79
N PRO D 232 8.02 -2.04 -75.64
CA PRO D 232 7.95 -0.63 -75.26
C PRO D 232 9.34 -0.02 -75.16
N THR D 233 9.44 1.25 -75.56
CA THR D 233 10.72 1.92 -75.70
C THR D 233 10.80 3.10 -74.75
N LYS D 234 12.03 3.43 -74.35
CA LYS D 234 12.27 4.56 -73.47
C LYS D 234 12.26 5.86 -74.27
N ALA D 235 12.69 6.95 -73.63
CA ALA D 235 12.73 8.24 -74.31
C ALA D 235 13.69 8.21 -75.49
N ASP D 236 14.92 7.74 -75.26
CA ASP D 236 15.89 7.63 -76.35
C ASP D 236 15.70 6.36 -77.16
N GLY D 237 14.89 5.42 -76.69
CA GLY D 237 14.72 4.14 -77.34
C GLY D 237 15.40 3.03 -76.56
N SER D 238 16.14 2.20 -77.28
CA SER D 238 16.99 1.14 -76.73
C SER D 238 16.21 0.10 -75.92
N GLN D 239 14.89 0.12 -75.98
CA GLN D 239 14.03 -0.90 -75.36
C GLN D 239 14.33 -0.95 -73.86
N PHE D 240 14.31 -2.11 -73.21
CA PHE D 240 14.53 -2.19 -71.78
C PHE D 240 15.44 -3.35 -71.45
N ASP D 241 16.25 -3.17 -70.40
CA ASP D 241 17.10 -4.24 -69.90
C ASP D 241 16.32 -5.22 -69.03
N GLU D 242 15.36 -4.72 -68.24
CA GLU D 242 14.61 -5.55 -67.31
C GLU D 242 13.13 -5.23 -67.40
N ILE D 243 12.30 -6.20 -67.01
CA ILE D 243 10.85 -6.04 -67.10
C ILE D 243 10.39 -4.94 -66.17
N PRO D 244 9.55 -4.00 -66.63
CA PRO D 244 9.03 -2.97 -65.73
C PRO D 244 7.99 -3.51 -64.76
N PHE D 245 8.41 -4.46 -63.91
CA PHE D 245 7.51 -5.03 -62.92
C PHE D 245 8.33 -5.34 -61.67
N VAL D 246 7.79 -5.00 -60.50
CA VAL D 246 8.40 -5.32 -59.23
C VAL D 246 7.34 -5.97 -58.34
N ILE D 247 7.72 -7.07 -57.69
CA ILE D 247 6.87 -7.77 -56.74
C ILE D 247 7.43 -7.50 -55.35
N PHE D 248 6.64 -6.83 -54.51
CA PHE D 248 7.06 -6.50 -53.16
C PHE D 248 6.33 -7.36 -52.15
N GLY D 249 7.00 -7.63 -51.03
CA GLY D 249 6.41 -8.42 -49.97
C GLY D 249 6.92 -7.97 -48.62
N SER D 250 6.41 -8.63 -47.58
CA SER D 250 6.88 -8.33 -46.22
C SER D 250 8.35 -8.66 -46.06
N LYS D 251 8.78 -9.80 -46.61
CA LYS D 251 10.17 -10.20 -46.45
C LYS D 251 11.09 -9.36 -47.31
N ASN D 252 10.92 -9.40 -48.63
CA ASN D 252 11.75 -8.65 -49.56
C ASN D 252 11.03 -8.56 -50.89
N ASN D 253 11.57 -7.74 -51.79
CA ASN D 253 11.02 -7.55 -53.13
C ASN D 253 11.58 -8.65 -54.02
N ASP D 254 10.97 -9.83 -53.95
CA ASP D 254 11.44 -11.00 -54.68
C ASP D 254 10.29 -11.66 -55.40
N PRO D 255 10.55 -12.32 -56.52
CA PRO D 255 9.53 -13.21 -57.10
C PRO D 255 9.13 -14.34 -56.17
N THR D 256 10.06 -14.78 -55.30
CA THR D 256 9.74 -15.83 -54.34
C THR D 256 8.68 -15.34 -53.35
N ILE D 257 7.85 -16.27 -52.91
CA ILE D 257 6.65 -15.95 -52.15
C ILE D 257 7.03 -15.66 -50.70
N ASP D 258 6.46 -14.59 -50.15
CA ASP D 258 6.73 -14.13 -48.80
C ASP D 258 5.49 -14.36 -47.96
N MET D 259 5.65 -15.04 -46.83
CA MET D 259 4.49 -15.39 -46.01
C MET D 259 3.90 -14.14 -45.38
N PRO D 260 2.57 -14.10 -45.19
CA PRO D 260 1.95 -12.89 -44.68
C PRO D 260 2.31 -12.65 -43.23
N PRO D 261 2.43 -11.39 -42.82
CA PRO D 261 2.72 -11.08 -41.41
C PRO D 261 1.54 -11.25 -40.47
N MET D 262 0.39 -11.69 -40.98
CA MET D 262 -0.85 -11.69 -40.21
C MET D 262 -1.39 -13.09 -39.96
N ARG D 263 -0.63 -14.13 -40.28
CA ARG D 263 -1.15 -15.50 -40.15
C ARG D 263 -1.39 -15.89 -38.70
N ASP D 264 -0.44 -15.58 -37.81
CA ASP D 264 -0.59 -15.95 -36.42
C ASP D 264 -1.79 -15.27 -35.78
N LEU D 265 -1.98 -13.97 -36.05
CA LEU D 265 -3.11 -13.26 -35.47
C LEU D 265 -4.43 -13.80 -36.01
N VAL D 266 -4.49 -14.13 -37.30
CA VAL D 266 -5.73 -14.68 -37.86
C VAL D 266 -6.05 -16.03 -37.23
N GLU D 267 -5.03 -16.88 -37.06
CA GLU D 267 -5.26 -18.17 -36.40
C GLU D 267 -5.76 -17.98 -34.97
N LEU D 268 -5.17 -17.02 -34.26
CA LEU D 268 -5.61 -16.75 -32.90
C LEU D 268 -7.04 -16.24 -32.86
N ASN D 269 -7.42 -15.37 -33.80
CA ASN D 269 -8.80 -14.91 -33.88
C ASN D 269 -9.76 -16.05 -34.18
N ILE D 270 -9.36 -16.98 -35.05
CA ILE D 270 -10.22 -18.13 -35.34
C ILE D 270 -10.43 -18.98 -34.09
N ALA D 271 -9.35 -19.24 -33.34
CA ALA D 271 -9.48 -20.00 -32.10
C ALA D 271 -10.36 -19.27 -31.11
N HIS D 272 -10.17 -17.95 -30.98
CA HIS D 272 -11.01 -17.16 -30.10
C HIS D 272 -12.47 -17.23 -30.53
N PHE D 273 -12.72 -17.26 -31.85
CA PHE D 273 -14.08 -17.31 -32.36
C PHE D 273 -14.75 -18.62 -31.99
N ARG D 274 -14.06 -19.74 -32.14
CA ARG D 274 -14.68 -21.02 -31.77
C ARG D 274 -14.87 -21.12 -30.25
N ASN D 275 -13.89 -20.62 -29.48
CA ASN D 275 -14.06 -20.61 -28.03
C ASN D 275 -15.25 -19.75 -27.62
N SER D 276 -15.41 -18.60 -28.27
CA SER D 276 -16.55 -17.74 -27.99
C SER D 276 -17.86 -18.38 -28.41
N ALA D 277 -17.85 -19.18 -29.48
CA ALA D 277 -19.05 -19.93 -29.85
C ALA D 277 -19.46 -20.88 -28.73
N ASP D 278 -18.51 -21.65 -28.22
CA ASP D 278 -18.82 -22.56 -27.10
C ASP D 278 -19.29 -21.78 -25.88
N TYR D 279 -18.60 -20.69 -25.55
CA TYR D 279 -18.96 -19.92 -24.37
C TYR D 279 -20.34 -19.30 -24.50
N GLU D 280 -20.69 -18.82 -25.70
CA GLU D 280 -22.01 -18.24 -25.91
C GLU D 280 -23.10 -19.30 -25.86
N GLU D 281 -22.82 -20.50 -26.36
CA GLU D 281 -23.78 -21.59 -26.22
C GLU D 281 -24.05 -21.87 -24.75
N ALA D 282 -22.99 -21.96 -23.95
CA ALA D 282 -23.15 -22.19 -22.51
C ALA D 282 -23.92 -21.04 -21.87
N CYS D 283 -23.59 -19.80 -22.23
CA CYS D 283 -24.23 -18.63 -21.63
C CYS D 283 -25.73 -18.62 -21.93
N PHE D 284 -26.10 -18.94 -23.17
CA PHE D 284 -27.52 -18.97 -23.51
C PHE D 284 -28.24 -20.11 -22.82
N ILE D 285 -27.66 -21.30 -22.81
CA ILE D 285 -28.38 -22.48 -22.33
C ILE D 285 -28.54 -22.45 -20.82
N CYS D 286 -27.44 -22.20 -20.10
CA CYS D 286 -27.42 -22.37 -18.65
C CYS D 286 -27.07 -21.09 -17.90
N GLY D 287 -27.25 -19.92 -18.52
CA GLY D 287 -27.02 -18.69 -17.81
C GLY D 287 -28.21 -18.20 -16.99
N GLN D 288 -29.39 -18.74 -17.25
CA GLN D 288 -30.61 -18.38 -16.55
C GLN D 288 -30.76 -19.25 -15.30
N PRO D 289 -30.94 -18.67 -14.12
CA PRO D 289 -31.19 -19.48 -12.93
C PRO D 289 -32.49 -20.27 -13.05
N THR D 290 -32.46 -21.49 -12.53
CA THR D 290 -33.60 -22.39 -12.58
C THR D 290 -33.88 -22.95 -11.19
N LEU D 291 -35.14 -23.31 -10.96
CA LEU D 291 -35.58 -23.59 -9.60
C LEU D 291 -35.13 -24.97 -9.12
N PHE D 292 -35.37 -26.00 -9.93
CA PHE D 292 -35.01 -27.38 -9.59
C PHE D 292 -35.59 -27.77 -8.23
N LEU D 293 -36.92 -27.78 -8.19
CA LEU D 293 -37.64 -28.06 -6.96
C LEU D 293 -37.58 -29.55 -6.61
N SER D 294 -36.52 -29.96 -5.93
CA SER D 294 -36.34 -31.36 -5.58
C SER D 294 -37.34 -31.79 -4.50
N GLY D 295 -37.61 -33.09 -4.47
CA GLY D 295 -38.47 -33.67 -3.45
C GLY D 295 -39.93 -33.26 -3.52
N LEU D 296 -40.53 -33.33 -4.70
CA LEU D 296 -41.96 -33.05 -4.88
C LEU D 296 -42.67 -34.31 -5.35
N THR D 297 -43.80 -34.61 -4.70
CA THR D 297 -44.71 -35.63 -5.19
C THR D 297 -45.72 -34.98 -6.14
N GLU D 298 -46.07 -35.72 -7.20
CA GLU D 298 -46.94 -35.15 -8.21
C GLU D 298 -48.33 -34.84 -7.68
N HIS D 299 -48.74 -35.54 -6.61
CA HIS D 299 -49.95 -35.14 -5.91
C HIS D 299 -49.88 -33.68 -5.48
N TRP D 300 -48.77 -33.30 -4.85
CA TRP D 300 -48.59 -31.91 -4.43
C TRP D 300 -48.62 -30.97 -5.63
N VAL D 301 -47.90 -31.31 -6.70
CA VAL D 301 -47.83 -30.44 -7.86
C VAL D 301 -49.24 -30.18 -8.41
N LYS D 302 -50.00 -31.25 -8.65
CA LYS D 302 -51.32 -31.11 -9.23
C LYS D 302 -52.28 -30.37 -8.29
N ASN D 303 -52.23 -30.68 -6.99
CA ASN D 303 -53.23 -30.13 -6.08
C ASN D 303 -52.99 -28.65 -5.79
N VAL D 304 -51.75 -28.25 -5.49
CA VAL D 304 -51.47 -26.88 -5.09
C VAL D 304 -50.66 -26.12 -6.15
N LEU D 305 -49.65 -26.76 -6.74
CA LEU D 305 -48.84 -26.06 -7.72
C LEU D 305 -49.62 -25.87 -9.02
N GLY D 306 -50.29 -26.91 -9.49
CA GLY D 306 -51.09 -26.80 -10.69
C GLY D 306 -50.30 -26.45 -11.93
N GLY D 307 -49.08 -26.96 -12.04
CA GLY D 307 -48.24 -26.68 -13.20
C GLY D 307 -47.93 -25.20 -13.37
N ALA D 308 -47.70 -24.49 -12.26
CA ALA D 308 -47.40 -23.07 -12.31
C ALA D 308 -46.83 -22.65 -10.97
N VAL D 309 -45.82 -21.80 -10.99
CA VAL D 309 -45.16 -21.31 -9.79
C VAL D 309 -45.06 -19.79 -9.86
N VAL D 310 -45.53 -19.11 -8.82
CA VAL D 310 -45.35 -17.67 -8.69
C VAL D 310 -44.08 -17.43 -7.87
N ILE D 311 -43.13 -16.72 -8.47
CA ILE D 311 -41.81 -16.57 -7.87
C ILE D 311 -41.56 -15.17 -7.32
N GLY D 312 -42.45 -14.22 -7.60
CA GLY D 312 -42.25 -12.86 -7.14
C GLY D 312 -42.30 -12.75 -5.62
N SER D 313 -41.86 -11.59 -5.14
CA SER D 313 -41.75 -11.36 -3.70
C SER D 313 -43.10 -11.30 -3.00
N ARG D 314 -44.18 -11.03 -3.74
CA ARG D 314 -45.48 -10.85 -3.10
C ARG D 314 -46.00 -12.17 -2.52
N ASP D 315 -45.96 -13.24 -3.30
CA ASP D 315 -46.53 -14.52 -2.90
C ASP D 315 -45.42 -15.52 -2.62
N ALA D 316 -45.65 -16.40 -1.65
CA ALA D 316 -44.70 -17.41 -1.24
C ALA D 316 -45.21 -18.80 -1.61
N VAL D 317 -44.33 -19.64 -2.12
CA VAL D 317 -44.67 -20.99 -2.57
C VAL D 317 -44.48 -21.95 -1.40
N PRO D 318 -45.50 -22.73 -1.04
CA PRO D 318 -45.32 -23.75 0.00
C PRO D 318 -44.95 -25.11 -0.60
N LEU D 319 -44.04 -25.80 0.09
CA LEU D 319 -43.53 -27.07 -0.38
C LEU D 319 -43.62 -28.11 0.74
N PRO D 320 -43.75 -29.40 0.39
CA PRO D 320 -43.88 -30.43 1.42
C PRO D 320 -42.59 -30.69 2.18
N VAL D 321 -42.61 -31.67 3.07
CA VAL D 321 -41.45 -31.98 3.89
C VAL D 321 -40.33 -32.55 3.02
N ASN D 322 -39.09 -32.23 3.38
CA ASN D 322 -37.89 -32.69 2.67
C ASN D 322 -37.88 -32.19 1.23
N ALA D 323 -38.29 -30.95 1.02
CA ALA D 323 -38.21 -30.29 -0.26
C ALA D 323 -37.08 -29.27 -0.21
N LYS D 324 -36.14 -29.38 -1.13
CA LYS D 324 -34.97 -28.49 -1.17
C LYS D 324 -34.95 -27.73 -2.48
N PRO D 325 -35.47 -26.51 -2.52
CA PRO D 325 -35.37 -25.70 -3.75
C PRO D 325 -34.01 -25.04 -3.83
N GLU D 326 -33.39 -25.11 -5.01
CA GLU D 326 -32.03 -24.61 -5.19
C GLU D 326 -31.94 -23.92 -6.55
N LEU D 327 -31.84 -22.59 -6.55
CA LEU D 327 -31.59 -21.87 -7.78
C LEU D 327 -30.25 -22.28 -8.35
N LEU D 328 -30.24 -22.71 -9.61
CA LEU D 328 -29.08 -23.33 -10.22
C LEU D 328 -28.73 -22.62 -11.52
N GLN D 329 -27.46 -22.26 -11.66
CA GLN D 329 -26.95 -21.67 -12.89
C GLN D 329 -25.44 -21.76 -12.87
N ALA D 330 -24.84 -21.75 -14.06
CA ALA D 330 -23.40 -21.79 -14.16
C ALA D 330 -22.79 -20.51 -13.61
N GLU D 331 -21.68 -20.64 -12.89
CA GLU D 331 -21.03 -19.49 -12.30
C GLU D 331 -20.03 -18.87 -13.26
N GLY D 332 -19.47 -17.73 -12.84
CA GLY D 332 -18.46 -17.06 -13.62
C GLY D 332 -17.09 -17.67 -13.44
N ASN D 333 -16.10 -17.02 -14.07
CA ASN D 333 -14.71 -17.49 -14.06
C ASN D 333 -14.63 -18.94 -14.54
N GLY D 334 -15.40 -19.25 -15.59
CA GLY D 334 -15.38 -20.57 -16.16
C GLY D 334 -14.07 -20.86 -16.85
N MET D 335 -13.83 -22.14 -17.11
CA MET D 335 -12.56 -22.53 -17.71
C MET D 335 -12.55 -22.21 -19.21
N VAL D 336 -13.71 -22.29 -19.86
CA VAL D 336 -13.83 -21.82 -21.23
C VAL D 336 -13.59 -20.32 -21.31
N LYS D 337 -14.16 -19.57 -20.37
CA LYS D 337 -14.01 -18.12 -20.38
C LYS D 337 -12.55 -17.72 -20.20
N GLU D 338 -11.85 -18.38 -19.28
CA GLU D 338 -10.45 -18.05 -19.06
C GLU D 338 -9.56 -18.56 -20.18
N ALA D 339 -9.98 -19.64 -20.87
CA ALA D 339 -9.31 -20.01 -22.11
C ALA D 339 -9.43 -18.90 -23.14
N MET D 340 -10.62 -18.33 -23.30
CA MET D 340 -10.80 -17.19 -24.19
C MET D 340 -9.97 -16.00 -23.74
N ASP D 341 -9.86 -15.81 -22.42
CA ASP D 341 -9.06 -14.72 -21.88
C ASP D 341 -7.59 -14.89 -22.25
N GLN D 342 -7.05 -16.10 -22.13
CA GLN D 342 -5.66 -16.29 -22.50
C GLN D 342 -5.49 -16.18 -24.01
N LYS D 343 -6.53 -16.52 -24.77
CA LYS D 343 -6.46 -16.30 -26.22
C LYS D 343 -6.31 -14.82 -26.53
N GLU D 344 -7.11 -13.98 -25.87
CA GLU D 344 -6.99 -12.54 -26.05
C GLU D 344 -5.64 -12.03 -25.59
N ARG D 345 -5.14 -12.54 -24.46
CA ARG D 345 -3.83 -12.12 -23.97
C ARG D 345 -2.72 -12.51 -24.93
N GLN D 346 -2.79 -13.72 -25.48
CA GLN D 346 -1.80 -14.15 -26.48
C GLN D 346 -1.89 -13.30 -27.73
N MET D 347 -3.10 -12.90 -28.12
CA MET D 347 -3.24 -12.00 -29.27
C MET D 347 -2.56 -10.67 -29.00
N VAL D 348 -2.80 -10.08 -27.83
CA VAL D 348 -2.20 -8.79 -27.51
C VAL D 348 -0.68 -8.91 -27.44
N ALA D 349 -0.18 -9.96 -26.79
CA ALA D 349 1.26 -10.14 -26.65
C ALA D 349 1.91 -10.41 -27.99
N LEU D 350 1.29 -11.24 -28.82
CA LEU D 350 1.77 -11.60 -30.15
C LEU D 350 1.23 -10.66 -31.20
N GLY D 351 1.42 -9.37 -31.00
CA GLY D 351 0.85 -8.39 -31.89
C GLY D 351 1.45 -7.01 -31.76
N ALA D 352 0.91 -6.05 -32.52
CA ALA D 352 1.44 -4.69 -32.51
C ALA D 352 0.28 -3.73 -32.70
N LYS D 353 0.01 -2.93 -31.67
CA LYS D 353 -0.96 -1.84 -31.73
C LYS D 353 -2.34 -2.32 -32.17
N LEU D 354 -2.87 -3.34 -31.51
CA LEU D 354 -4.06 -4.00 -32.02
C LEU D 354 -5.30 -3.64 -31.20
N ILE D 355 -5.23 -3.75 -29.87
CA ILE D 355 -6.30 -3.28 -29.00
C ILE D 355 -5.69 -2.49 -27.86
N ASP D 356 -6.51 -1.67 -27.23
CA ASP D 356 -6.12 -0.87 -26.07
C ASP D 356 -6.81 -1.37 -24.81
N SER D 357 -6.11 -1.31 -23.69
CA SER D 357 -6.62 -1.76 -22.40
C SER D 357 -6.47 -0.61 -21.41
N ASP D 358 -7.60 -0.04 -20.97
CA ASP D 358 -7.56 1.08 -20.04
C ASP D 358 -7.18 0.64 -18.62
N LYS D 359 -7.38 -0.64 -18.30
CA LYS D 359 -6.94 -1.14 -17.00
C LYS D 359 -5.42 -1.11 -16.88
N THR D 360 -4.71 -1.43 -17.96
CA THR D 360 -3.27 -1.61 -17.92
C THR D 360 -2.53 -0.28 -17.88
N GLN D 361 -1.44 -0.24 -17.13
CA GLN D 361 -0.54 0.91 -17.07
C GLN D 361 0.86 0.47 -17.45
N ARG D 362 1.54 1.29 -18.24
CA ARG D 362 2.86 0.98 -18.76
C ARG D 362 3.84 2.09 -18.41
N THR D 363 5.05 1.70 -18.02
CA THR D 363 6.09 2.66 -17.68
C THR D 363 6.51 3.45 -18.91
N PHE D 364 6.55 4.77 -18.78
CA PHE D 364 7.08 5.61 -19.85
C PHE D 364 8.59 5.53 -19.89
N GLY D 365 9.14 5.52 -21.11
CA GLY D 365 10.57 5.42 -21.28
C GLY D 365 11.03 3.98 -21.33
N GLU D 366 10.34 3.11 -20.59
CA GLU D 366 10.65 1.68 -20.64
C GLU D 366 10.36 1.10 -22.02
N ALA D 367 9.30 1.57 -22.66
CA ALA D 367 8.94 1.07 -23.98
C ALA D 367 9.87 1.58 -25.08
N SER D 368 10.76 2.52 -24.77
CA SER D 368 11.68 3.02 -25.79
C SER D 368 12.61 1.93 -26.30
N MET D 369 12.98 0.97 -25.44
CA MET D 369 13.84 -0.12 -25.88
C MET D 369 13.08 -1.13 -26.74
N GLU D 370 11.86 -1.47 -26.36
CA GLU D 370 11.08 -2.41 -27.15
C GLU D 370 10.44 -1.79 -28.37
N ALA D 371 10.51 -0.46 -28.52
CA ALA D 371 9.96 0.17 -29.71
C ALA D 371 10.65 -0.29 -30.99
N ALA D 372 11.91 -0.71 -30.89
CA ALA D 372 12.63 -1.15 -32.08
C ALA D 372 12.10 -2.49 -32.58
N ALA D 373 11.74 -3.40 -31.67
CA ALA D 373 11.25 -4.71 -32.08
C ALA D 373 9.74 -4.69 -32.33
N GLN D 374 9.02 -3.84 -31.61
CA GLN D 374 7.57 -3.75 -31.80
C GLN D 374 7.22 -3.28 -33.20
N ASN D 375 7.98 -2.31 -33.72
CA ASN D 375 7.72 -1.72 -35.03
C ASN D 375 8.48 -2.44 -36.15
N SER D 376 8.86 -3.70 -35.95
CA SER D 376 9.73 -4.38 -36.91
C SER D 376 9.04 -4.56 -38.26
N VAL D 377 7.85 -5.16 -38.27
CA VAL D 377 7.15 -5.37 -39.53
C VAL D 377 6.70 -4.05 -40.12
N LEU D 378 6.40 -3.07 -39.27
CA LEU D 378 6.03 -1.73 -39.77
C LEU D 378 7.15 -1.14 -40.60
N SER D 379 8.37 -1.11 -40.04
CA SER D 379 9.51 -0.56 -40.77
C SER D 379 9.83 -1.39 -42.00
N ARG D 380 9.74 -2.72 -41.88
CA ARG D 380 10.04 -3.59 -43.02
C ARG D 380 9.11 -3.28 -44.18
N VAL D 381 7.81 -3.20 -43.91
CA VAL D 381 6.84 -2.95 -44.97
C VAL D 381 7.00 -1.54 -45.53
N SER D 382 7.23 -0.56 -44.67
CA SER D 382 7.42 0.80 -45.15
C SER D 382 8.62 0.88 -46.09
N LYS D 383 9.74 0.27 -45.70
CA LYS D 383 10.93 0.31 -46.54
C LYS D 383 10.72 -0.44 -47.85
N ASN D 384 10.07 -1.59 -47.79
CA ASN D 384 9.86 -2.37 -49.02
C ASN D 384 8.96 -1.61 -49.99
N VAL D 385 7.88 -1.02 -49.50
CA VAL D 385 6.99 -0.26 -50.37
C VAL D 385 7.69 0.97 -50.92
N SER D 386 8.50 1.63 -50.09
CA SER D 386 9.25 2.79 -50.56
C SER D 386 10.19 2.41 -51.69
N ASP D 387 10.90 1.28 -51.54
CA ASP D 387 11.81 0.84 -52.59
C ASP D 387 11.04 0.48 -53.87
N ALA D 388 9.91 -0.22 -53.73
CA ALA D 388 9.13 -0.59 -54.90
C ALA D 388 8.62 0.62 -55.66
N TYR D 389 8.08 1.61 -54.93
CA TYR D 389 7.58 2.80 -55.59
C TYR D 389 8.70 3.64 -56.16
N THR D 390 9.86 3.67 -55.51
CA THR D 390 11.01 4.38 -56.08
C THR D 390 11.42 3.75 -57.41
N LYS D 391 11.48 2.42 -57.47
CA LYS D 391 11.85 1.75 -58.71
C LYS D 391 10.81 2.00 -59.80
N ALA D 392 9.52 1.94 -59.45
CA ALA D 392 8.48 2.20 -60.44
C ALA D 392 8.54 3.63 -60.94
N LEU D 393 8.80 4.59 -60.05
CA LEU D 393 8.92 5.98 -60.45
C LEU D 393 10.13 6.19 -61.36
N ARG D 394 11.23 5.50 -61.08
CA ARG D 394 12.39 5.58 -61.97
C ARG D 394 12.06 5.00 -63.36
N TRP D 395 11.31 3.90 -63.40
CA TRP D 395 10.92 3.32 -64.68
C TRP D 395 10.03 4.29 -65.46
N ALA D 396 9.09 4.94 -64.77
CA ALA D 396 8.28 5.96 -65.43
C ALA D 396 9.13 7.12 -65.92
N ALA D 397 10.17 7.47 -65.16
CA ALA D 397 11.10 8.50 -65.62
C ALA D 397 11.81 8.07 -66.90
N MET D 398 12.24 6.81 -66.97
CA MET D 398 12.83 6.33 -68.22
C MET D 398 11.82 6.36 -69.37
N PHE D 399 10.54 6.12 -69.09
CA PHE D 399 9.52 6.40 -70.10
C PHE D 399 9.55 7.86 -70.53
N LEU D 400 9.62 8.78 -69.57
CA LEU D 400 9.53 10.20 -69.89
C LEU D 400 10.89 10.86 -70.07
N GLY D 401 11.98 10.13 -69.87
CA GLY D 401 13.30 10.74 -69.98
C GLY D 401 13.53 11.87 -68.99
N LEU D 402 13.06 11.70 -67.76
CA LEU D 402 13.15 12.73 -66.74
C LEU D 402 14.38 12.49 -65.87
N ASP D 403 14.48 13.24 -64.77
CA ASP D 403 15.62 13.09 -63.87
C ASP D 403 15.55 11.74 -63.17
N GLU D 404 16.67 11.01 -63.18
CA GLU D 404 16.68 9.66 -62.65
C GLU D 404 16.68 9.64 -61.12
N LYS D 405 17.47 10.52 -60.49
CA LYS D 405 17.64 10.50 -59.03
C LYS D 405 16.37 11.07 -58.37
N ILE D 406 15.36 10.22 -58.28
CA ILE D 406 14.10 10.54 -57.63
C ILE D 406 13.82 9.49 -56.56
N GLU D 407 13.27 9.94 -55.44
CA GLU D 407 13.07 9.10 -54.27
C GLU D 407 11.66 9.26 -53.75
N TYR D 408 11.01 8.13 -53.45
CA TYR D 408 9.72 8.12 -52.78
C TYR D 408 9.93 7.47 -51.42
N GLU D 409 9.87 8.29 -50.37
CA GLU D 409 10.14 7.84 -49.01
C GLU D 409 8.87 7.94 -48.19
N LEU D 410 8.44 6.80 -47.64
CA LEU D 410 7.28 6.77 -46.77
C LEU D 410 7.69 7.06 -45.33
N ASN D 411 6.69 7.26 -44.48
CA ASN D 411 6.94 7.64 -43.08
C ASN D 411 7.50 6.44 -42.32
N SER D 412 8.81 6.46 -42.08
CA SER D 412 9.46 5.47 -41.23
C SER D 412 9.53 5.94 -39.78
N ASP D 413 8.88 7.04 -39.45
CA ASP D 413 8.89 7.62 -38.11
C ASP D 413 7.56 7.24 -37.47
N PHE D 414 7.54 6.10 -36.78
CA PHE D 414 6.34 5.65 -36.11
C PHE D 414 6.19 6.36 -34.76
N ASP D 415 5.11 6.01 -34.05
CA ASP D 415 4.76 6.67 -32.79
C ASP D 415 4.62 8.18 -32.98
N ILE D 416 3.90 8.56 -34.03
CA ILE D 416 3.71 9.96 -34.36
C ILE D 416 2.83 10.62 -33.31
N ASN D 417 3.24 11.80 -32.83
CA ASN D 417 2.47 12.55 -31.86
C ASN D 417 2.80 14.02 -32.03
N LYS D 418 1.95 14.88 -31.46
CA LYS D 418 2.16 16.31 -31.56
C LYS D 418 3.47 16.70 -30.88
N MET D 419 4.24 17.55 -31.54
CA MET D 419 5.54 17.93 -31.02
C MET D 419 5.40 18.91 -29.86
N SER D 420 6.20 18.69 -28.83
CA SER D 420 6.17 19.52 -27.63
C SER D 420 6.85 20.86 -27.89
N PRO D 421 6.59 21.86 -27.04
CA PRO D 421 7.29 23.14 -27.19
C PRO D 421 8.81 23.00 -27.17
N GLU D 422 9.34 22.12 -26.32
CA GLU D 422 10.78 21.93 -26.26
C GLU D 422 11.30 21.33 -27.56
N GLU D 423 10.55 20.39 -28.15
CA GLU D 423 10.97 19.81 -29.42
C GLU D 423 11.05 20.86 -30.52
N LEU D 424 10.03 21.72 -30.59
CA LEU D 424 10.02 22.78 -31.60
C LEU D 424 11.17 23.76 -31.37
N ALA D 425 11.40 24.14 -30.12
CA ALA D 425 12.53 25.02 -29.82
C ALA D 425 13.86 24.37 -30.20
N ALA D 426 13.99 23.07 -29.94
CA ALA D 426 15.22 22.37 -30.28
C ALA D 426 15.45 22.32 -31.79
N VAL D 427 14.40 22.02 -32.56
CA VAL D 427 14.59 21.97 -34.01
C VAL D 427 14.87 23.37 -34.56
N ILE D 428 14.26 24.40 -34.00
CA ILE D 428 14.58 25.77 -34.44
C ILE D 428 16.04 26.09 -34.13
N SER D 429 16.50 25.75 -32.92
CA SER D 429 17.88 26.02 -32.56
C SER D 429 18.85 25.26 -33.45
N ALA D 430 18.52 24.02 -33.79
CA ALA D 430 19.37 23.24 -34.68
C ALA D 430 19.41 23.84 -36.08
N TRP D 431 18.28 24.32 -36.58
CA TRP D 431 18.28 24.93 -37.91
C TRP D 431 19.05 26.25 -37.91
N GLN D 432 19.02 27.00 -36.81
CA GLN D 432 19.73 28.27 -36.76
C GLN D 432 21.23 28.09 -36.96
N SER D 433 21.76 26.93 -36.60
CA SER D 433 23.10 26.54 -36.98
C SER D 433 23.06 25.70 -38.25
N ASN D 434 24.20 25.57 -38.90
CA ASN D 434 24.30 24.76 -40.13
C ASN D 434 24.29 23.28 -39.77
N ALA D 435 23.17 22.85 -39.18
CA ALA D 435 23.01 21.52 -38.62
C ALA D 435 21.80 20.78 -39.17
N ILE D 436 20.70 21.47 -39.44
CA ILE D 436 19.54 20.90 -40.12
C ILE D 436 19.22 21.77 -41.32
N SER D 437 19.05 21.13 -42.47
CA SER D 437 18.59 21.84 -43.66
C SER D 437 17.21 22.45 -43.40
N PHE D 438 17.00 23.65 -43.92
CA PHE D 438 15.74 24.35 -43.67
C PHE D 438 14.54 23.51 -44.08
N THR D 439 14.65 22.81 -45.21
CA THR D 439 13.57 21.94 -45.65
C THR D 439 13.35 20.80 -44.66
N GLU D 440 14.43 20.26 -44.09
CA GLU D 440 14.27 19.24 -43.05
C GLU D 440 13.57 19.79 -41.83
N MET D 441 13.90 21.01 -41.42
CA MET D 441 13.23 21.62 -40.27
C MET D 441 11.75 21.81 -40.54
N ARG D 442 11.40 22.28 -41.74
CA ARG D 442 9.99 22.44 -42.07
C ARG D 442 9.28 21.10 -42.13
N TRP D 443 9.95 20.07 -42.63
CA TRP D 443 9.37 18.73 -42.63
C TRP D 443 9.12 18.26 -41.20
N GLN D 444 10.05 18.54 -40.29
CA GLN D 444 9.84 18.26 -38.88
C GLN D 444 8.60 18.96 -38.36
N ILE D 445 8.50 20.26 -38.61
CA ILE D 445 7.47 21.07 -37.97
C ILE D 445 6.09 20.83 -38.59
N LYS D 446 6.04 20.35 -39.84
CA LYS D 446 4.78 19.83 -40.35
C LYS D 446 4.49 18.45 -39.79
N LYS D 447 5.53 17.65 -39.56
CA LYS D 447 5.34 16.34 -38.95
C LYS D 447 4.77 16.46 -37.55
N GLY D 448 5.25 17.43 -36.79
CA GLY D 448 4.74 17.69 -35.45
C GLY D 448 3.44 18.45 -35.40
N GLY D 449 2.86 18.76 -36.56
CA GLY D 449 1.59 19.46 -36.61
C GLY D 449 1.63 20.89 -36.13
N ARG D 450 2.67 21.63 -36.48
CA ARG D 450 2.78 23.04 -36.14
C ARG D 450 2.82 23.95 -37.37
N ALA D 451 2.70 23.39 -38.57
CA ALA D 451 2.73 24.16 -39.80
C ALA D 451 2.18 23.31 -40.92
N TYR D 452 1.42 23.94 -41.81
CA TYR D 452 0.81 23.26 -42.94
C TYR D 452 1.10 23.89 -44.30
N LEU D 453 1.44 25.17 -44.36
CA LEU D 453 1.83 25.76 -45.63
C LEU D 453 3.09 25.12 -46.16
N GLU D 454 3.20 25.05 -47.49
CA GLU D 454 4.43 24.61 -48.11
C GLU D 454 5.56 25.57 -47.77
N ASP D 455 6.77 25.03 -47.64
CA ASP D 455 7.92 25.86 -47.28
C ASP D 455 8.11 27.00 -48.28
N GLU D 456 7.80 26.75 -49.56
CA GLU D 456 7.91 27.80 -50.56
C GLU D 456 6.96 28.96 -50.27
N ASP D 457 5.69 28.65 -50.01
CA ASP D 457 4.71 29.70 -49.74
C ASP D 457 5.05 30.45 -48.45
N MET D 458 5.50 29.72 -47.43
CA MET D 458 5.91 30.38 -46.19
C MET D 458 7.08 31.31 -46.44
N ARG D 459 8.05 30.88 -47.25
CA ARG D 459 9.18 31.74 -47.59
C ARG D 459 8.72 33.01 -48.28
N ASN D 460 7.90 32.87 -49.32
CA ASN D 460 7.46 34.05 -50.06
C ASN D 460 6.61 34.97 -49.19
N GLU D 461 5.87 34.42 -48.23
CA GLU D 461 5.08 35.29 -47.37
C GLU D 461 5.94 35.99 -46.33
N SER D 462 6.94 35.30 -45.78
CA SER D 462 7.75 35.86 -44.71
C SER D 462 8.94 36.66 -45.21
N GLU D 463 9.18 36.72 -46.53
CA GLU D 463 10.25 37.56 -47.04
C GLU D 463 9.99 39.03 -46.75
N GLN D 464 8.73 39.47 -46.89
CA GLN D 464 8.40 40.87 -46.66
C GLN D 464 8.56 41.24 -45.19
N ASP D 465 8.58 42.54 -44.93
CA ASP D 465 8.90 43.07 -43.62
C ASP D 465 7.82 42.70 -42.59
N ASP D 466 8.23 42.68 -41.33
CA ASP D 466 7.35 42.30 -40.25
C ASP D 466 6.28 43.37 -40.02
N PRO D 467 5.15 42.98 -39.41
CA PRO D 467 4.10 43.99 -39.12
C PRO D 467 4.57 45.14 -38.24
N LEU D 468 5.09 44.83 -37.06
CA LEU D 468 5.50 45.85 -36.09
C LEU D 468 4.39 46.85 -35.80
N ASP E 3 36.39 -42.07 -62.05
CA ASP E 3 36.46 -40.87 -61.23
C ASP E 3 35.35 -40.84 -60.19
N SER E 4 35.49 -39.96 -59.20
CA SER E 4 34.53 -39.94 -58.09
C SER E 4 33.13 -39.58 -58.57
N ASN E 5 33.00 -38.46 -59.29
CA ASN E 5 31.72 -38.03 -59.86
C ASN E 5 30.63 -37.97 -58.79
N ASN E 6 30.98 -37.46 -57.62
CA ASN E 6 30.04 -37.35 -56.51
C ASN E 6 29.85 -35.89 -56.13
N ILE E 7 29.63 -35.04 -57.13
CA ILE E 7 29.49 -33.61 -56.90
C ILE E 7 28.36 -33.31 -55.92
N LYS E 8 27.36 -34.18 -55.85
CA LYS E 8 26.21 -33.95 -54.97
C LYS E 8 26.40 -34.50 -53.56
N TYR E 9 27.57 -35.05 -53.23
CA TYR E 9 27.78 -35.61 -51.91
C TYR E 9 27.69 -34.51 -50.85
N VAL E 10 27.07 -34.86 -49.72
CA VAL E 10 26.87 -33.93 -48.61
C VAL E 10 27.60 -34.48 -47.39
N ARG E 11 28.24 -33.59 -46.64
CA ARG E 11 28.95 -34.00 -45.44
C ARG E 11 27.99 -34.61 -44.42
N GLU E 12 28.53 -35.47 -43.55
CA GLU E 12 27.70 -36.18 -42.59
C GLU E 12 27.06 -35.22 -41.59
N ASP E 13 27.83 -34.24 -41.13
CA ASP E 13 27.30 -33.27 -40.16
C ASP E 13 26.27 -32.35 -40.78
N ALA E 14 26.43 -31.99 -42.06
CA ALA E 14 25.38 -31.25 -42.75
C ALA E 14 24.11 -32.07 -42.84
N LYS E 15 24.24 -33.37 -43.13
CA LYS E 15 23.07 -34.25 -43.14
C LYS E 15 22.42 -34.29 -41.78
N LYS E 16 23.23 -34.30 -40.72
CA LYS E 16 22.67 -34.26 -39.36
C LYS E 16 21.89 -32.98 -39.12
N MET E 17 22.39 -31.86 -39.63
CA MET E 17 21.74 -30.57 -39.38
C MET E 17 20.55 -30.31 -40.29
N HIS E 18 20.37 -31.08 -41.38
CA HIS E 18 19.20 -30.89 -42.24
C HIS E 18 17.89 -30.99 -41.46
N LYS E 19 17.78 -31.97 -40.55
CA LYS E 19 16.52 -32.15 -39.83
C LYS E 19 16.20 -30.96 -38.95
N LEU E 20 17.19 -30.48 -38.19
CA LEU E 20 16.98 -29.31 -37.34
C LEU E 20 16.66 -28.08 -38.18
N TRP E 21 17.35 -27.91 -39.31
CA TRP E 21 17.07 -26.78 -40.18
C TRP E 21 15.64 -26.83 -40.70
N ALA E 22 15.19 -28.01 -41.13
CA ALA E 22 13.84 -28.15 -41.65
C ALA E 22 12.80 -27.86 -40.56
N HIS E 23 13.04 -28.35 -39.34
CA HIS E 23 12.08 -28.09 -38.27
C HIS E 23 12.06 -26.62 -37.88
N ILE E 24 13.21 -25.95 -37.92
CA ILE E 24 13.23 -24.51 -37.67
C ILE E 24 12.47 -23.77 -38.76
N ARG E 25 12.64 -24.18 -40.02
CA ARG E 25 11.86 -23.58 -41.10
C ARG E 25 10.37 -23.77 -40.88
N MET E 26 9.98 -24.98 -40.44
CA MET E 26 8.56 -25.23 -40.16
C MET E 26 8.05 -24.34 -39.03
N ALA E 27 8.84 -24.20 -37.96
CA ALA E 27 8.42 -23.35 -36.85
C ALA E 27 8.26 -21.91 -37.28
N MET E 28 9.19 -21.41 -38.10
CA MET E 28 9.04 -20.06 -38.63
C MET E 28 7.86 -19.96 -39.60
N GLU E 29 7.51 -21.07 -40.25
CA GLU E 29 6.53 -21.04 -41.32
C GLU E 29 5.17 -20.61 -40.81
N GLY E 30 4.72 -21.18 -39.69
CA GLY E 30 3.45 -20.81 -39.12
C GLY E 30 2.68 -22.04 -38.69
N SER E 31 1.38 -21.83 -38.44
CA SER E 31 0.54 -22.92 -37.95
C SER E 31 0.28 -23.98 -39.01
N ARG E 32 0.20 -23.58 -40.28
CA ARG E 32 -0.16 -24.53 -41.33
C ARG E 32 0.86 -25.65 -41.44
N ALA E 33 2.15 -25.29 -41.45
CA ALA E 33 3.19 -26.31 -41.60
C ALA E 33 3.21 -27.26 -40.41
N ILE E 34 3.03 -26.72 -39.20
CA ILE E 34 3.06 -27.56 -38.01
C ILE E 34 1.86 -28.50 -37.98
N LYS E 35 0.66 -27.98 -38.28
CA LYS E 35 -0.52 -28.84 -38.27
C LYS E 35 -0.48 -29.86 -39.40
N ASP E 36 0.19 -29.53 -40.50
CA ASP E 36 0.38 -30.53 -41.55
C ASP E 36 1.28 -31.66 -41.08
N ASN E 37 2.23 -31.35 -40.19
CA ASN E 37 3.17 -32.33 -39.67
C ASN E 37 3.12 -32.39 -38.14
N ALA E 38 1.93 -32.22 -37.56
CA ALA E 38 1.79 -32.39 -36.11
C ALA E 38 1.97 -33.84 -35.69
N LYS E 39 2.02 -34.74 -36.67
CA LYS E 39 2.32 -36.14 -36.42
C LYS E 39 3.60 -36.36 -35.62
N GLU E 40 4.65 -35.57 -35.88
CA GLU E 40 5.85 -35.73 -35.09
C GLU E 40 5.75 -35.01 -33.75
N PHE E 41 5.39 -33.72 -33.80
CA PHE E 41 5.46 -32.87 -32.63
C PHE E 41 4.47 -33.31 -31.56
N VAL E 42 3.28 -33.74 -31.97
CA VAL E 42 2.24 -34.18 -31.05
C VAL E 42 2.15 -35.70 -31.15
N PRO E 43 2.67 -36.44 -30.17
CA PRO E 43 2.44 -37.89 -30.16
C PRO E 43 0.97 -38.20 -29.88
N HIS E 44 0.50 -39.28 -30.50
CA HIS E 44 -0.87 -39.70 -30.26
C HIS E 44 -1.04 -40.11 -28.80
N PRO E 45 -2.14 -39.73 -28.15
CA PRO E 45 -2.35 -40.13 -26.75
C PRO E 45 -2.42 -41.64 -26.57
N ASP E 46 -2.71 -42.41 -27.63
CA ASP E 46 -2.75 -43.85 -27.54
C ASP E 46 -2.39 -44.43 -28.90
N ASN E 47 -1.26 -45.15 -28.96
CA ASN E 47 -0.84 -45.76 -30.22
C ASN E 47 -1.82 -46.86 -30.65
N THR E 48 -2.37 -47.60 -29.69
CA THR E 48 -3.36 -48.63 -30.02
C THR E 48 -4.55 -48.04 -30.75
N LYS E 49 -5.03 -46.88 -30.29
CA LYS E 49 -6.06 -46.16 -31.04
C LYS E 49 -5.46 -45.52 -32.28
N ALA E 50 -4.20 -45.07 -32.22
CA ALA E 50 -3.59 -44.39 -33.35
C ALA E 50 -3.58 -45.26 -34.59
N THR E 51 -3.42 -46.58 -34.42
CA THR E 51 -3.47 -47.46 -35.58
C THR E 51 -4.88 -47.58 -36.13
N THR E 52 -5.89 -47.50 -35.25
CA THR E 52 -7.28 -47.74 -35.62
C THR E 52 -7.87 -46.51 -36.33
N PRO E 53 -8.96 -46.72 -37.10
CA PRO E 53 -9.52 -45.59 -37.86
C PRO E 53 -10.21 -44.54 -36.98
N GLU E 54 -11.04 -44.95 -36.02
CA GLU E 54 -11.62 -43.96 -35.13
C GLU E 54 -10.54 -43.24 -34.33
N GLY E 55 -9.42 -43.92 -34.07
CA GLY E 55 -8.30 -43.26 -33.44
C GLY E 55 -7.72 -42.14 -34.29
N VAL E 56 -7.57 -42.38 -35.60
CA VAL E 56 -7.01 -41.32 -36.45
C VAL E 56 -8.02 -40.20 -36.65
N ALA E 57 -9.32 -40.53 -36.67
CA ALA E 57 -10.32 -39.47 -36.71
C ALA E 57 -10.26 -38.60 -35.46
N ARG E 58 -10.16 -39.23 -34.29
CA ARG E 58 -10.03 -38.48 -33.05
C ARG E 58 -8.75 -37.66 -33.04
N TYR E 59 -7.66 -38.21 -33.59
CA TYR E 59 -6.39 -37.50 -33.62
C TYR E 59 -6.46 -36.28 -34.53
N LYS E 60 -7.15 -36.41 -35.67
CA LYS E 60 -7.34 -35.25 -36.54
C LYS E 60 -8.17 -34.17 -35.85
N ALA E 61 -9.26 -34.58 -35.19
CA ALA E 61 -10.07 -33.61 -34.46
C ALA E 61 -9.31 -33.02 -33.28
N TYR E 62 -8.33 -33.76 -32.75
CA TYR E 62 -7.49 -33.29 -31.66
C TYR E 62 -6.50 -32.24 -32.15
N ILE E 63 -5.88 -32.49 -33.30
CA ILE E 63 -4.88 -31.55 -33.83
C ILE E 63 -5.56 -30.29 -34.34
N GLU E 64 -6.71 -30.42 -35.01
CA GLU E 64 -7.36 -29.25 -35.59
C GLU E 64 -7.75 -28.23 -34.53
N ARG E 65 -8.01 -28.68 -33.31
CA ARG E 65 -8.35 -27.75 -32.23
C ARG E 65 -7.12 -27.17 -31.54
N ALA E 66 -5.93 -27.74 -31.77
CA ALA E 66 -4.72 -27.19 -31.20
C ALA E 66 -4.42 -25.82 -31.80
N VAL E 67 -3.64 -25.04 -31.06
CA VAL E 67 -3.29 -23.69 -31.49
C VAL E 67 -1.78 -23.52 -31.44
N TRP E 68 -1.18 -23.26 -32.60
CA TRP E 68 0.25 -23.00 -32.69
C TRP E 68 0.52 -21.57 -32.26
N TYR E 69 1.16 -21.41 -31.10
CA TYR E 69 1.40 -20.07 -30.59
C TYR E 69 2.34 -19.28 -31.50
N GLY E 70 3.34 -19.93 -32.06
CA GLY E 70 4.16 -19.29 -33.08
C GLY E 70 4.91 -18.07 -32.62
N ALA E 71 5.57 -18.14 -31.46
CA ALA E 71 6.35 -17.00 -30.98
C ALA E 71 7.76 -16.98 -31.53
N SER E 72 8.20 -18.06 -32.21
CA SER E 72 9.51 -18.05 -32.84
C SER E 72 9.56 -17.06 -34.00
N ALA E 73 8.49 -17.02 -34.81
CA ALA E 73 8.43 -16.05 -35.90
C ALA E 73 8.45 -14.63 -35.38
N ASN E 74 7.68 -14.35 -34.32
CA ASN E 74 7.71 -13.03 -33.72
C ASN E 74 9.08 -12.71 -33.15
N THR E 75 9.73 -13.70 -32.53
CA THR E 75 11.10 -13.52 -32.08
C THR E 75 11.98 -13.03 -33.21
N VAL E 76 12.08 -13.83 -34.29
CA VAL E 76 13.00 -13.50 -35.38
C VAL E 76 12.64 -12.15 -35.99
N ASP E 77 11.34 -11.85 -36.11
CA ASP E 77 10.92 -10.57 -36.67
C ASP E 77 11.41 -9.42 -35.81
N GLY E 78 11.26 -9.53 -34.49
CA GLY E 78 11.72 -8.46 -33.61
C GLY E 78 13.24 -8.31 -33.63
N MET E 79 13.96 -9.43 -33.65
CA MET E 79 15.42 -9.35 -33.72
C MET E 79 15.87 -8.68 -34.99
N LEU E 80 15.28 -9.07 -36.13
CA LEU E 80 15.63 -8.43 -37.40
C LEU E 80 15.28 -6.95 -37.40
N GLY E 81 14.13 -6.60 -36.84
CA GLY E 81 13.74 -5.19 -36.78
C GLY E 81 14.70 -4.36 -35.95
N GLN E 82 15.17 -4.92 -34.84
CA GLN E 82 16.16 -4.20 -34.04
C GLN E 82 17.48 -4.08 -34.78
N ILE E 83 17.94 -5.17 -35.42
CA ILE E 83 19.20 -5.11 -36.15
C ILE E 83 19.08 -4.20 -37.38
N PHE E 84 18.06 -4.43 -38.19
CA PHE E 84 17.88 -3.67 -39.43
C PHE E 84 16.86 -2.56 -39.20
N ALA E 85 17.27 -1.56 -38.42
CA ALA E 85 16.44 -0.34 -38.27
C ALA E 85 17.20 0.74 -39.04
N ARG E 86 16.51 1.71 -39.65
CA ARG E 86 17.20 2.72 -40.50
C ARG E 86 17.85 1.99 -41.69
N ASP E 87 19.16 2.17 -41.89
CA ASP E 87 19.85 1.54 -43.07
C ASP E 87 21.36 1.39 -42.78
N PRO E 88 21.94 0.19 -42.98
CA PRO E 88 23.39 -0.04 -42.76
C PRO E 88 24.22 0.91 -43.60
N VAL E 89 25.32 1.39 -43.02
CA VAL E 89 26.13 2.45 -43.59
C VAL E 89 27.26 1.83 -44.40
N PHE E 90 27.42 2.30 -45.64
CA PHE E 90 28.50 1.87 -46.52
C PHE E 90 29.54 2.98 -46.58
N THR E 91 30.79 2.64 -46.27
CA THR E 91 31.89 3.59 -46.25
C THR E 91 32.81 3.29 -47.42
N GLY E 92 32.99 4.27 -48.31
CA GLY E 92 33.82 4.11 -49.48
C GLY E 92 33.32 4.96 -50.62
N PRO E 93 34.04 4.98 -51.74
CA PRO E 93 33.57 5.73 -52.91
C PRO E 93 32.28 5.11 -53.44
N GLU E 94 31.18 5.85 -53.27
CA GLU E 94 29.86 5.31 -53.57
C GLU E 94 29.58 5.24 -55.07
N ASP E 95 29.98 6.24 -55.85
CA ASP E 95 29.64 6.24 -57.26
C ASP E 95 30.37 5.17 -58.06
N LYS E 96 31.57 4.76 -57.63
CA LYS E 96 32.16 3.55 -58.19
C LYS E 96 31.37 2.31 -57.81
N PHE E 97 30.81 2.29 -56.59
CA PHE E 97 30.12 1.13 -56.05
C PHE E 97 28.60 1.27 -56.12
N ASP E 98 28.11 2.27 -56.87
CA ASP E 98 26.66 2.47 -56.97
C ASP E 98 25.98 1.28 -57.64
N MET E 99 26.62 0.67 -58.63
CA MET E 99 26.03 -0.48 -59.30
C MET E 99 25.82 -1.64 -58.32
N LEU E 100 26.77 -1.85 -57.40
CA LEU E 100 26.63 -2.91 -56.42
C LEU E 100 25.55 -2.59 -55.39
N ILE E 101 25.50 -1.34 -54.93
CA ILE E 101 24.53 -0.96 -53.91
C ILE E 101 23.11 -1.01 -54.47
N ASN E 102 22.95 -0.64 -55.74
CA ASN E 102 21.61 -0.55 -56.32
C ASN E 102 21.02 -1.93 -56.58
N ASP E 103 21.67 -2.73 -57.41
CA ASP E 103 21.24 -4.09 -57.72
C ASP E 103 22.41 -5.03 -57.40
N VAL E 104 22.37 -5.61 -56.21
CA VAL E 104 23.53 -6.35 -55.71
C VAL E 104 23.79 -7.61 -56.53
N ASP E 105 22.75 -8.25 -57.06
CA ASP E 105 22.90 -9.45 -57.87
C ASP E 105 22.31 -9.29 -59.26
N GLY E 106 22.12 -8.05 -59.71
CA GLY E 106 21.56 -7.82 -61.03
C GLY E 106 20.07 -8.05 -61.13
N SER E 107 19.38 -8.20 -60.00
CA SER E 107 17.95 -8.43 -59.99
C SER E 107 17.15 -7.27 -59.41
N GLY E 108 17.79 -6.11 -59.22
CA GLY E 108 17.11 -4.93 -58.73
C GLY E 108 17.04 -4.80 -57.23
N LEU E 109 17.48 -5.80 -56.47
CA LEU E 109 17.44 -5.74 -55.01
C LEU E 109 18.67 -4.99 -54.50
N SER E 110 18.43 -3.99 -53.65
CA SER E 110 19.52 -3.27 -53.04
C SER E 110 20.28 -4.18 -52.08
N ILE E 111 21.55 -3.82 -51.83
CA ILE E 111 22.38 -4.63 -50.95
C ILE E 111 21.78 -4.69 -49.55
N HIS E 112 20.99 -3.70 -49.16
CA HIS E 112 20.38 -3.70 -47.84
C HIS E 112 19.36 -4.82 -47.70
N GLN E 113 18.57 -5.08 -48.75
CA GLN E 113 17.58 -6.15 -48.67
C GLN E 113 18.24 -7.52 -48.62
N GLN E 114 19.28 -7.74 -49.41
CA GLN E 114 20.02 -8.99 -49.34
C GLN E 114 20.70 -9.15 -47.99
N ALA E 115 21.20 -8.04 -47.44
CA ALA E 115 21.77 -8.08 -46.10
C ALA E 115 20.73 -8.46 -45.06
N ARG E 116 19.50 -7.94 -45.21
CA ARG E 116 18.42 -8.31 -44.30
C ARG E 116 18.11 -9.79 -44.40
N ASP E 117 18.08 -10.31 -45.63
CA ASP E 117 17.83 -11.75 -45.81
C ASP E 117 18.93 -12.58 -45.16
N SER E 118 20.19 -12.18 -45.34
CA SER E 118 21.30 -12.90 -44.73
C SER E 118 21.23 -12.83 -43.20
N ALA E 119 20.88 -11.66 -42.66
CA ALA E 119 20.76 -11.53 -41.22
C ALA E 119 19.63 -12.40 -40.68
N GLU E 120 18.51 -12.48 -41.41
CA GLU E 120 17.42 -13.34 -40.98
C GLU E 120 17.84 -14.81 -41.00
N ASP E 121 18.58 -15.22 -42.04
CA ASP E 121 19.04 -16.59 -42.11
C ASP E 121 20.08 -16.90 -41.01
N ALA E 122 20.87 -15.90 -40.62
CA ALA E 122 21.83 -16.11 -39.54
C ALA E 122 21.13 -16.17 -38.18
N LEU E 123 20.13 -15.32 -37.96
CA LEU E 123 19.38 -15.35 -36.72
C LEU E 123 18.53 -16.61 -36.58
N SER E 124 18.03 -17.13 -37.70
CA SER E 124 17.08 -18.24 -37.65
C SER E 124 17.79 -19.58 -37.46
N LEU E 125 18.62 -19.97 -38.43
CA LEU E 125 19.28 -21.27 -38.39
C LEU E 125 20.80 -21.15 -38.41
N GLY E 126 21.34 -19.93 -38.25
CA GLY E 126 22.77 -19.76 -38.03
C GLY E 126 23.66 -20.21 -39.18
N ARG E 127 23.28 -19.90 -40.41
CA ARG E 127 24.13 -20.24 -41.54
C ARG E 127 23.78 -19.35 -42.72
N GLY E 128 24.68 -19.30 -43.69
CA GLY E 128 24.50 -18.49 -44.88
C GLY E 128 25.74 -18.57 -45.74
N GLY E 129 25.70 -17.83 -46.84
CA GLY E 129 26.83 -17.79 -47.74
C GLY E 129 26.72 -16.71 -48.80
N LEU E 130 27.78 -15.94 -48.95
CA LEU E 130 27.86 -14.89 -49.96
C LEU E 130 28.91 -15.27 -50.98
N PHE E 131 28.52 -15.31 -52.24
CA PHE E 131 29.41 -15.68 -53.33
C PHE E 131 29.52 -14.51 -54.31
N VAL E 132 30.74 -14.18 -54.69
CA VAL E 132 31.01 -13.13 -55.68
C VAL E 132 31.68 -13.77 -56.89
N ASP E 133 31.14 -13.50 -58.07
CA ASP E 133 31.66 -14.04 -59.31
C ASP E 133 31.58 -12.97 -60.39
N TYR E 134 32.27 -13.21 -61.49
CA TYR E 134 32.39 -12.23 -62.56
C TYR E 134 31.45 -12.60 -63.70
N SER E 135 30.81 -11.58 -64.27
CA SER E 135 29.77 -11.83 -65.27
C SER E 135 30.34 -12.51 -66.51
N ALA E 152 30.65 -5.80 -68.02
CA ALA E 152 31.34 -6.56 -67.00
C ALA E 152 30.94 -6.04 -65.63
N ARG E 153 30.67 -6.96 -64.70
CA ARG E 153 30.16 -6.59 -63.39
C ARG E 153 30.28 -7.77 -62.44
N PRO E 154 30.68 -7.55 -61.19
CA PRO E 154 30.64 -8.62 -60.19
C PRO E 154 29.30 -8.66 -59.50
N TYR E 155 28.89 -9.87 -59.14
CA TYR E 155 27.58 -10.12 -58.56
C TYR E 155 27.76 -10.83 -57.22
N ILE E 156 27.10 -10.30 -56.19
CA ILE E 156 27.16 -10.88 -54.86
C ILE E 156 25.98 -11.83 -54.72
N LYS E 157 26.25 -13.13 -54.82
CA LYS E 157 25.20 -14.13 -54.68
C LYS E 157 24.72 -14.19 -53.24
N PHE E 158 23.63 -14.93 -53.03
CA PHE E 158 23.18 -15.31 -51.70
C PHE E 158 22.90 -16.80 -51.72
N ILE E 159 23.75 -17.58 -51.06
CA ILE E 159 23.64 -19.03 -51.06
C ILE E 159 22.88 -19.44 -49.81
N ALA E 160 21.77 -20.15 -50.00
CA ALA E 160 20.94 -20.55 -48.88
C ALA E 160 21.69 -21.51 -47.96
N ALA E 161 21.24 -21.57 -46.71
CA ALA E 161 21.92 -22.39 -45.71
C ALA E 161 21.98 -23.85 -46.12
N GLU E 162 20.91 -24.36 -46.71
CA GLU E 162 20.89 -25.74 -47.17
C GLU E 162 21.64 -25.92 -48.48
N ASP E 163 21.94 -24.84 -49.19
CA ASP E 163 22.58 -24.96 -50.50
C ASP E 163 24.07 -25.30 -50.38
N ILE E 164 24.74 -24.81 -49.34
CA ILE E 164 26.11 -25.20 -49.09
C ILE E 164 26.10 -26.67 -48.66
N LEU E 165 26.54 -27.57 -49.54
CA LEU E 165 26.44 -28.99 -49.29
C LEU E 165 27.78 -29.68 -49.16
N ASN E 166 28.90 -28.96 -49.31
CA ASN E 166 30.21 -29.57 -49.13
C ASN E 166 31.25 -28.48 -48.92
N TRP E 167 32.22 -28.76 -48.07
CA TRP E 167 33.37 -27.88 -47.88
C TRP E 167 34.52 -28.70 -47.32
N ARG E 168 35.70 -28.11 -47.36
CA ARG E 168 36.92 -28.83 -46.98
C ARG E 168 37.94 -27.82 -46.45
N GLU E 169 38.67 -28.22 -45.40
CA GLU E 169 39.62 -27.36 -44.72
C GLU E 169 40.96 -28.08 -44.62
N ARG E 170 41.97 -27.53 -45.29
CA ARG E 170 43.31 -28.11 -45.33
C ARG E 170 44.34 -27.01 -45.08
N TRP E 171 45.36 -27.34 -44.30
CA TRP E 171 46.45 -26.42 -44.02
C TRP E 171 47.52 -26.50 -45.10
N VAL E 172 47.90 -25.33 -45.62
CA VAL E 172 49.10 -25.18 -46.44
C VAL E 172 49.92 -24.05 -45.83
N ASN E 173 51.22 -24.30 -45.65
CA ASN E 173 52.12 -23.34 -45.00
C ASN E 173 51.58 -22.94 -43.63
N GLY E 174 51.01 -23.91 -42.93
CA GLY E 174 50.50 -23.68 -41.59
C GLY E 174 49.41 -22.65 -41.48
N ALA E 175 48.43 -22.68 -42.38
CA ALA E 175 47.36 -21.70 -42.39
C ALA E 175 46.03 -22.37 -42.69
N LYS E 176 44.96 -21.86 -42.06
CA LYS E 176 43.60 -22.25 -42.38
C LYS E 176 43.25 -21.74 -43.78
N ARG E 177 43.25 -22.64 -44.75
CA ARG E 177 42.80 -22.33 -46.10
C ARG E 177 41.71 -23.31 -46.50
N THR E 178 40.66 -22.82 -47.12
CA THR E 178 39.57 -23.65 -47.60
C THR E 178 39.89 -24.11 -49.03
N THR E 179 39.93 -25.43 -49.22
CA THR E 179 40.35 -25.98 -50.51
C THR E 179 39.18 -26.32 -51.42
N LEU E 180 38.13 -26.93 -50.88
CA LEU E 180 36.97 -27.34 -51.67
C LEU E 180 35.71 -26.75 -51.06
N LEU E 181 34.81 -26.27 -51.91
CA LEU E 181 33.52 -25.77 -51.45
C LEU E 181 32.52 -25.91 -52.59
N VAL E 182 31.47 -26.70 -52.38
CA VAL E 182 30.47 -26.98 -53.40
C VAL E 182 29.12 -26.50 -52.89
N PHE E 183 28.41 -25.75 -53.72
CA PHE E 183 27.08 -25.27 -53.38
C PHE E 183 26.15 -25.40 -54.57
N ARG E 184 24.87 -25.60 -54.30
CA ARG E 184 23.87 -25.76 -55.33
C ARG E 184 23.26 -24.41 -55.70
N GLU E 185 23.08 -24.19 -57.00
CA GLU E 185 22.46 -23.00 -57.52
C GLU E 185 21.18 -23.38 -58.25
N GLU E 186 20.06 -22.80 -57.81
CA GLU E 186 18.74 -23.17 -58.31
C GLU E 186 18.27 -22.16 -59.35
N SER E 187 17.38 -22.61 -60.23
CA SER E 187 16.85 -21.76 -61.28
C SER E 187 15.61 -22.40 -61.88
N ASP E 188 15.02 -21.73 -62.85
CA ASP E 188 13.84 -22.21 -63.55
C ASP E 188 14.13 -22.21 -65.05
N ALA E 189 13.83 -23.32 -65.71
CA ALA E 189 14.16 -23.47 -67.12
C ALA E 189 13.39 -22.46 -67.97
N ASP E 190 14.06 -21.92 -68.99
CA ASP E 190 13.48 -20.90 -69.86
C ASP E 190 13.09 -21.54 -71.18
N ASP E 191 11.82 -21.91 -71.27
CA ASP E 191 11.22 -22.40 -72.51
C ASP E 191 10.08 -21.47 -72.92
N ASP E 192 9.54 -21.70 -74.11
CA ASP E 192 8.41 -20.93 -74.59
C ASP E 192 7.11 -21.27 -73.88
N GLY E 193 7.02 -22.47 -73.30
CA GLY E 193 5.83 -22.90 -72.63
C GLY E 193 5.65 -22.24 -71.27
N TYR E 194 4.73 -22.79 -70.49
CA TYR E 194 4.39 -22.24 -69.19
C TYR E 194 4.61 -23.21 -68.04
N GLN E 195 4.92 -24.48 -68.31
CA GLN E 195 5.38 -25.36 -67.25
C GLN E 195 6.69 -24.82 -66.67
N ILE E 196 6.84 -24.96 -65.36
CA ILE E 196 8.03 -24.49 -64.67
C ILE E 196 8.85 -25.70 -64.26
N TYR E 197 10.02 -25.85 -64.86
CA TYR E 197 10.97 -26.86 -64.42
C TYR E 197 11.69 -26.33 -63.19
N LYS E 198 12.61 -27.13 -62.65
CA LYS E 198 13.47 -26.67 -61.57
C LYS E 198 14.81 -27.36 -61.77
N GLU E 199 15.69 -26.71 -62.52
CA GLU E 199 16.97 -27.30 -62.91
C GLU E 199 18.09 -26.68 -62.08
N GLU E 200 18.98 -27.54 -61.60
CA GLU E 200 20.02 -27.16 -60.67
C GLU E 200 21.38 -27.24 -61.35
N VAL E 201 22.26 -26.30 -61.00
CA VAL E 201 23.64 -26.31 -61.44
C VAL E 201 24.53 -26.29 -60.19
N TRP E 202 25.52 -27.18 -60.17
CA TRP E 202 26.41 -27.32 -59.01
C TRP E 202 27.75 -26.67 -59.33
N ARG E 203 28.19 -25.77 -58.44
CA ARG E 203 29.45 -25.07 -58.60
C ARG E 203 30.48 -25.69 -57.69
N GLU E 204 31.64 -26.04 -58.26
CA GLU E 204 32.74 -26.63 -57.50
C GLU E 204 33.84 -25.58 -57.39
N LEU E 205 33.92 -24.93 -56.23
CA LEU E 205 34.96 -23.95 -55.95
C LEU E 205 36.16 -24.69 -55.36
N ARG E 206 37.26 -24.70 -56.08
CA ARG E 206 38.45 -25.44 -55.68
C ARG E 206 39.64 -24.50 -55.63
N LEU E 207 40.56 -24.79 -54.70
CA LEU E 207 41.78 -24.01 -54.52
C LEU E 207 42.96 -24.96 -54.56
N VAL E 208 43.80 -24.83 -55.59
CA VAL E 208 44.99 -25.66 -55.75
C VAL E 208 46.21 -24.75 -55.75
N ASP E 209 47.23 -25.14 -54.97
CA ASP E 209 48.47 -24.38 -54.79
C ASP E 209 48.22 -22.88 -54.73
N GLY E 210 47.30 -22.49 -53.85
CA GLY E 210 47.02 -21.08 -53.63
C GLY E 210 46.43 -20.37 -54.84
N THR E 211 45.62 -21.06 -55.63
CA THR E 211 44.99 -20.46 -56.80
C THR E 211 43.53 -20.90 -56.85
N TYR E 212 42.65 -19.96 -57.14
CA TYR E 212 41.21 -20.20 -57.12
C TYR E 212 40.76 -20.65 -58.51
N TRP E 213 40.17 -21.83 -58.59
CA TRP E 213 39.61 -22.38 -59.81
C TRP E 213 38.12 -22.59 -59.64
N GLN E 214 37.44 -22.94 -60.74
CA GLN E 214 35.99 -23.00 -60.73
C GLN E 214 35.48 -23.89 -61.85
N ARG E 215 34.49 -24.71 -61.54
CA ARG E 215 33.74 -25.47 -62.53
C ARG E 215 32.26 -25.38 -62.21
N THR E 216 31.44 -25.66 -63.22
CA THR E 216 30.01 -25.80 -63.06
C THR E 216 29.58 -27.15 -63.60
N TRP E 217 28.75 -27.86 -62.85
CA TRP E 217 28.22 -29.15 -63.26
C TRP E 217 26.78 -28.98 -63.70
N ARG E 218 26.47 -29.40 -64.92
CA ARG E 218 25.13 -29.31 -65.46
C ARG E 218 24.59 -30.70 -65.73
N GLU E 219 23.27 -30.81 -65.74
CA GLU E 219 22.57 -32.09 -65.68
C GLU E 219 21.33 -32.00 -66.55
N ASN E 220 21.34 -32.70 -67.69
CA ASN E 220 20.23 -32.64 -68.62
C ASN E 220 20.24 -33.87 -69.52
N ASP E 221 19.04 -34.35 -69.87
CA ASP E 221 18.86 -35.46 -70.80
C ASP E 221 19.65 -36.70 -70.35
N GLY E 222 19.61 -36.97 -69.05
CA GLY E 222 20.21 -38.17 -68.53
C GLY E 222 21.71 -38.18 -68.41
N GLN E 223 22.34 -37.00 -68.39
CA GLN E 223 23.79 -36.91 -68.30
C GLN E 223 24.20 -35.92 -67.22
N LEU E 224 25.50 -35.84 -67.00
CA LEU E 224 26.10 -34.93 -66.01
C LEU E 224 27.24 -34.19 -66.72
N TYR E 225 26.99 -32.93 -67.05
CA TYR E 225 28.00 -32.14 -67.75
C TYR E 225 29.13 -31.76 -66.82
N VAL E 226 30.31 -31.56 -67.40
CA VAL E 226 31.47 -31.00 -66.71
C VAL E 226 32.06 -29.93 -67.62
N ASP E 227 32.36 -28.77 -67.05
CA ASP E 227 32.95 -27.68 -67.81
C ASP E 227 34.42 -27.53 -67.47
N ASP E 228 35.12 -26.77 -68.30
CA ASP E 228 36.56 -26.62 -68.15
C ASP E 228 36.90 -25.83 -66.90
N TRP E 229 38.00 -26.22 -66.26
CA TRP E 229 38.55 -25.43 -65.17
C TRP E 229 38.88 -24.02 -65.65
N ILE E 230 38.45 -23.02 -64.89
CA ILE E 230 38.75 -21.63 -65.20
C ILE E 230 39.37 -20.99 -63.97
N SER E 231 40.18 -19.97 -64.20
CA SER E 231 40.83 -19.21 -63.13
C SER E 231 40.38 -17.77 -63.23
N PRO E 232 39.30 -17.39 -62.53
CA PRO E 232 38.87 -15.99 -62.57
C PRO E 232 39.96 -15.07 -62.05
N THR E 233 40.09 -13.93 -62.71
CA THR E 233 41.18 -13.00 -62.45
C THR E 233 40.63 -11.64 -62.06
N LYS E 234 41.46 -10.87 -61.34
CA LYS E 234 41.13 -9.49 -61.01
C LYS E 234 41.34 -8.61 -62.24
N ALA E 235 40.90 -7.35 -62.12
CA ALA E 235 41.17 -6.38 -63.18
C ALA E 235 42.67 -6.21 -63.42
N ASP E 236 43.48 -6.44 -62.38
CA ASP E 236 44.94 -6.37 -62.49
C ASP E 236 45.55 -7.74 -62.78
N GLY E 237 44.73 -8.76 -63.00
CA GLY E 237 45.26 -10.08 -63.24
C GLY E 237 45.64 -10.75 -61.93
N SER E 238 46.74 -11.51 -61.96
CA SER E 238 47.30 -12.19 -60.78
C SER E 238 46.34 -13.21 -60.17
N GLN E 239 45.27 -13.55 -60.89
CA GLN E 239 44.28 -14.52 -60.45
C GLN E 239 43.83 -14.28 -59.01
N PHE E 240 43.80 -15.33 -58.19
CA PHE E 240 43.29 -15.21 -56.83
C PHE E 240 44.13 -16.08 -55.91
N ASP E 241 44.10 -15.74 -54.62
CA ASP E 241 44.71 -16.53 -53.57
C ASP E 241 43.71 -17.13 -52.60
N GLU E 242 42.50 -16.58 -52.53
CA GLU E 242 41.45 -17.07 -51.65
C GLU E 242 40.20 -17.36 -52.46
N ILE E 243 39.49 -18.42 -52.08
CA ILE E 243 38.21 -18.70 -52.74
C ILE E 243 37.21 -17.62 -52.36
N PRO E 244 36.62 -16.92 -53.33
CA PRO E 244 35.71 -15.80 -53.02
C PRO E 244 34.36 -16.28 -52.51
N PHE E 245 34.37 -16.97 -51.38
CA PHE E 245 33.16 -17.48 -50.76
C PHE E 245 33.30 -17.35 -49.25
N VAL E 246 32.31 -16.75 -48.61
CA VAL E 246 32.32 -16.53 -47.17
C VAL E 246 31.07 -17.18 -46.58
N ILE E 247 31.25 -17.94 -45.50
CA ILE E 247 30.16 -18.58 -44.79
C ILE E 247 30.07 -17.96 -43.42
N PHE E 248 28.92 -17.37 -43.11
CA PHE E 248 28.71 -16.69 -41.84
C PHE E 248 27.68 -17.42 -41.00
N GLY E 249 27.61 -17.04 -39.73
CA GLY E 249 26.65 -17.63 -38.81
C GLY E 249 26.57 -16.84 -37.53
N SER E 250 25.93 -17.42 -36.50
CA SER E 250 25.85 -16.73 -35.21
C SER E 250 27.21 -16.70 -34.53
N LYS E 251 27.90 -17.84 -34.48
CA LYS E 251 29.19 -17.90 -33.80
C LYS E 251 30.22 -17.01 -34.49
N ASN E 252 30.57 -17.35 -35.73
CA ASN E 252 31.60 -16.63 -36.47
C ASN E 252 31.60 -17.12 -37.92
N ASN E 253 32.40 -16.46 -38.75
CA ASN E 253 32.53 -16.80 -40.16
C ASN E 253 33.45 -18.00 -40.29
N ASP E 254 32.92 -19.20 -40.06
CA ASP E 254 33.69 -20.43 -40.18
C ASP E 254 32.94 -21.41 -41.06
N PRO E 255 33.64 -22.30 -41.76
CA PRO E 255 32.95 -23.38 -42.47
C PRO E 255 32.17 -24.30 -41.55
N THR E 256 32.62 -24.50 -40.32
CA THR E 256 31.91 -25.36 -39.38
C THR E 256 30.57 -24.74 -39.00
N ILE E 257 29.56 -25.60 -38.83
CA ILE E 257 28.21 -25.15 -38.54
C ILE E 257 28.17 -24.47 -37.18
N ASP E 258 27.49 -23.33 -37.13
CA ASP E 258 27.20 -22.65 -35.88
C ASP E 258 25.84 -23.11 -35.38
N MET E 259 25.73 -23.31 -34.08
CA MET E 259 24.50 -23.85 -33.53
C MET E 259 23.37 -22.85 -33.74
N PRO E 260 22.25 -23.26 -34.31
CA PRO E 260 21.15 -22.33 -34.57
C PRO E 260 20.64 -21.71 -33.28
N PRO E 261 20.34 -20.41 -33.28
CA PRO E 261 19.93 -19.75 -32.03
C PRO E 261 18.49 -20.03 -31.62
N MET E 262 17.67 -20.60 -32.50
CA MET E 262 16.24 -20.75 -32.24
C MET E 262 15.89 -22.08 -31.60
N ARG E 263 16.87 -22.93 -31.30
CA ARG E 263 16.60 -24.28 -30.79
C ARG E 263 15.72 -24.23 -29.55
N ASP E 264 16.12 -23.44 -28.56
CA ASP E 264 15.37 -23.37 -27.31
C ASP E 264 13.94 -22.90 -27.56
N LEU E 265 13.79 -21.83 -28.34
CA LEU E 265 12.46 -21.30 -28.62
C LEU E 265 11.62 -22.30 -29.39
N VAL E 266 12.23 -23.02 -30.34
CA VAL E 266 11.49 -24.00 -31.13
C VAL E 266 10.98 -25.12 -30.25
N GLU E 267 11.83 -25.66 -29.38
CA GLU E 267 11.40 -26.75 -28.51
C GLU E 267 10.33 -26.29 -27.53
N LEU E 268 10.51 -25.11 -26.93
CA LEU E 268 9.50 -24.60 -26.02
C LEU E 268 8.18 -24.33 -26.74
N ASN E 269 8.24 -23.87 -27.99
CA ASN E 269 7.03 -23.61 -28.75
C ASN E 269 6.32 -24.92 -29.09
N ILE E 270 7.07 -25.97 -29.41
CA ILE E 270 6.45 -27.26 -29.69
C ILE E 270 5.78 -27.81 -28.44
N ALA E 271 6.45 -27.70 -27.29
CA ALA E 271 5.84 -28.14 -26.04
C ALA E 271 4.59 -27.34 -25.73
N HIS E 272 4.63 -26.02 -25.94
CA HIS E 272 3.45 -25.20 -25.74
C HIS E 272 2.33 -25.60 -26.68
N PHE E 273 2.69 -25.98 -27.92
CA PHE E 273 1.68 -26.41 -28.89
C PHE E 273 0.98 -27.68 -28.45
N ARG E 274 1.73 -28.67 -27.97
CA ARG E 274 1.08 -29.91 -27.55
C ARG E 274 0.28 -29.71 -26.27
N ASN E 275 0.78 -28.87 -25.35
CA ASN E 275 -0.01 -28.55 -24.17
C ASN E 275 -1.28 -27.80 -24.53
N SER E 276 -1.21 -26.94 -25.54
CA SER E 276 -2.41 -26.25 -26.01
C SER E 276 -3.38 -27.23 -26.64
N ALA E 277 -2.87 -28.25 -27.34
CA ALA E 277 -3.74 -29.29 -27.87
C ALA E 277 -4.50 -29.99 -26.75
N ASP E 278 -3.77 -30.39 -25.69
CA ASP E 278 -4.42 -31.05 -24.57
C ASP E 278 -5.44 -30.13 -23.90
N TYR E 279 -5.07 -28.87 -23.68
CA TYR E 279 -5.95 -27.94 -23.01
C TYR E 279 -7.20 -27.66 -23.84
N GLU E 280 -7.05 -27.57 -25.17
CA GLU E 280 -8.21 -27.32 -26.02
C GLU E 280 -9.14 -28.53 -26.08
N GLU E 281 -8.57 -29.74 -26.05
CA GLU E 281 -9.43 -30.92 -25.91
C GLU E 281 -10.20 -30.87 -24.62
N ALA E 282 -9.55 -30.47 -23.52
CA ALA E 282 -10.26 -30.33 -22.25
C ALA E 282 -11.35 -29.27 -22.34
N CYS E 283 -11.06 -28.14 -22.99
CA CYS E 283 -12.04 -27.08 -23.14
C CYS E 283 -13.26 -27.58 -23.91
N PHE E 284 -13.03 -28.31 -24.99
CA PHE E 284 -14.15 -28.79 -25.80
C PHE E 284 -14.98 -29.80 -25.01
N ILE E 285 -14.34 -30.77 -24.35
CA ILE E 285 -15.09 -31.85 -23.72
C ILE E 285 -15.69 -31.40 -22.39
N CYS E 286 -14.84 -31.05 -21.42
CA CYS E 286 -15.26 -30.84 -20.05
C CYS E 286 -15.50 -29.37 -19.72
N GLY E 287 -15.40 -28.47 -20.71
CA GLY E 287 -15.57 -27.06 -20.43
C GLY E 287 -17.00 -26.64 -20.19
N GLN E 288 -17.96 -27.30 -20.84
CA GLN E 288 -19.37 -26.94 -20.76
C GLN E 288 -20.02 -27.64 -19.57
N PRO E 289 -20.79 -26.93 -18.76
CA PRO E 289 -21.46 -27.58 -17.62
C PRO E 289 -22.57 -28.51 -18.06
N THR E 290 -22.89 -29.47 -17.20
CA THR E 290 -23.96 -30.43 -17.43
C THR E 290 -24.76 -30.61 -16.14
N LEU E 291 -26.04 -30.91 -16.31
CA LEU E 291 -26.96 -30.95 -15.17
C LEU E 291 -26.59 -32.05 -14.19
N PHE E 292 -26.37 -33.28 -14.69
CA PHE E 292 -25.99 -34.42 -13.85
C PHE E 292 -27.00 -34.65 -12.73
N LEU E 293 -28.23 -34.98 -13.14
CA LEU E 293 -29.30 -35.25 -12.17
C LEU E 293 -29.05 -36.60 -11.51
N SER E 294 -28.84 -36.58 -10.20
CA SER E 294 -28.58 -37.78 -9.42
C SER E 294 -29.79 -38.13 -8.57
N GLY E 295 -29.86 -39.39 -8.16
CA GLY E 295 -31.00 -39.88 -7.41
C GLY E 295 -32.27 -39.86 -8.24
N LEU E 296 -32.16 -40.31 -9.49
CA LEU E 296 -33.23 -40.20 -10.47
C LEU E 296 -33.63 -41.58 -10.96
N THR E 297 -34.94 -41.80 -11.06
CA THR E 297 -35.49 -43.05 -11.54
C THR E 297 -35.94 -42.92 -12.99
N GLU E 298 -35.93 -44.05 -13.70
CA GLU E 298 -36.37 -44.05 -15.09
C GLU E 298 -37.85 -43.69 -15.20
N HIS E 299 -38.66 -44.15 -14.24
CA HIS E 299 -40.10 -43.95 -14.33
C HIS E 299 -40.46 -42.47 -14.28
N TRP E 300 -39.80 -41.71 -13.39
CA TRP E 300 -40.01 -40.27 -13.31
C TRP E 300 -39.64 -39.58 -14.63
N VAL E 301 -38.51 -39.98 -15.21
CA VAL E 301 -38.06 -39.38 -16.46
C VAL E 301 -39.09 -39.62 -17.56
N LYS E 302 -39.49 -40.88 -17.73
CA LYS E 302 -40.47 -41.21 -18.76
C LYS E 302 -41.83 -40.59 -18.48
N ASN E 303 -42.13 -40.26 -17.23
CA ASN E 303 -43.38 -39.58 -16.93
C ASN E 303 -43.32 -38.12 -17.37
N VAL E 304 -42.41 -37.35 -16.79
CA VAL E 304 -42.44 -35.89 -16.93
C VAL E 304 -41.27 -35.35 -17.74
N LEU E 305 -40.07 -35.90 -17.53
CA LEU E 305 -38.91 -35.40 -18.26
C LEU E 305 -38.99 -35.79 -19.73
N GLY E 306 -39.29 -37.05 -20.00
CA GLY E 306 -39.45 -37.51 -21.37
C GLY E 306 -38.25 -37.27 -22.25
N GLY E 307 -37.06 -37.17 -21.66
CA GLY E 307 -35.87 -36.86 -22.42
C GLY E 307 -35.69 -35.40 -22.77
N ALA E 308 -36.55 -34.52 -22.26
CA ALA E 308 -36.48 -33.09 -22.55
C ALA E 308 -36.71 -32.30 -21.28
N VAL E 309 -35.72 -31.50 -20.89
CA VAL E 309 -35.77 -30.70 -19.68
C VAL E 309 -35.61 -29.25 -20.09
N VAL E 310 -36.68 -28.48 -19.98
CA VAL E 310 -36.61 -27.04 -20.27
C VAL E 310 -35.86 -26.37 -19.12
N ILE E 311 -34.84 -25.59 -19.46
CA ILE E 311 -33.90 -25.07 -18.47
C ILE E 311 -33.88 -23.54 -18.51
N GLY E 312 -34.96 -22.92 -18.98
CA GLY E 312 -35.05 -21.48 -18.92
C GLY E 312 -35.42 -20.98 -17.54
N SER E 313 -35.19 -19.69 -17.31
CA SER E 313 -35.59 -19.08 -16.05
C SER E 313 -37.10 -19.00 -15.91
N ARG E 314 -37.84 -18.98 -17.01
CA ARG E 314 -39.30 -18.97 -16.95
C ARG E 314 -39.83 -20.25 -16.34
N ASP E 315 -39.25 -21.39 -16.69
CA ASP E 315 -39.81 -22.70 -16.37
C ASP E 315 -39.00 -23.38 -15.28
N ALA E 316 -39.70 -23.98 -14.33
CA ALA E 316 -39.10 -24.73 -13.24
C ALA E 316 -39.43 -26.20 -13.41
N VAL E 317 -38.48 -27.07 -13.04
CA VAL E 317 -38.67 -28.51 -13.16
C VAL E 317 -38.51 -29.17 -11.79
N PRO E 318 -39.35 -30.15 -11.46
CA PRO E 318 -39.23 -30.81 -10.16
C PRO E 318 -38.38 -32.07 -10.25
N LEU E 319 -38.02 -32.59 -9.09
CA LEU E 319 -37.22 -33.79 -8.94
C LEU E 319 -37.81 -34.66 -7.84
N PRO E 320 -37.54 -35.97 -7.88
CA PRO E 320 -38.05 -36.86 -6.83
C PRO E 320 -37.39 -36.61 -5.48
N VAL E 321 -37.90 -37.27 -4.43
CA VAL E 321 -37.35 -37.10 -3.10
C VAL E 321 -35.93 -37.66 -3.05
N ASN E 322 -35.03 -36.91 -2.41
CA ASN E 322 -33.62 -37.28 -2.29
C ASN E 322 -32.94 -37.32 -3.66
N ALA E 323 -33.25 -36.34 -4.50
CA ALA E 323 -32.58 -36.16 -5.77
C ALA E 323 -31.76 -34.87 -5.73
N LYS E 324 -30.60 -34.88 -6.37
CA LYS E 324 -29.66 -33.77 -6.30
C LYS E 324 -29.15 -33.41 -7.68
N PRO E 325 -29.42 -32.20 -8.18
CA PRO E 325 -28.76 -31.72 -9.40
C PRO E 325 -27.48 -30.98 -9.07
N GLU E 326 -26.50 -31.10 -9.97
CA GLU E 326 -25.19 -30.50 -9.73
C GLU E 326 -24.51 -30.26 -11.07
N LEU E 327 -24.36 -28.99 -11.44
CA LEU E 327 -23.59 -28.65 -12.62
C LEU E 327 -22.13 -29.03 -12.40
N LEU E 328 -21.48 -29.54 -13.45
CA LEU E 328 -20.09 -29.95 -13.36
C LEU E 328 -19.36 -29.52 -14.63
N GLN E 329 -18.44 -28.57 -14.47
CA GLN E 329 -17.56 -28.14 -15.55
C GLN E 329 -16.15 -28.03 -14.98
N ALA E 330 -15.16 -28.20 -15.85
CA ALA E 330 -13.78 -28.07 -15.41
C ALA E 330 -13.55 -26.69 -14.85
N GLU E 331 -12.92 -26.63 -13.68
CA GLU E 331 -12.64 -25.34 -13.06
C GLU E 331 -11.31 -24.78 -13.56
N GLY E 332 -11.18 -23.46 -13.46
CA GLY E 332 -10.06 -22.75 -14.03
C GLY E 332 -8.78 -22.90 -13.22
N ASN E 333 -7.72 -22.28 -13.75
CA ASN E 333 -6.38 -22.38 -13.17
C ASN E 333 -5.93 -23.83 -13.04
N GLY E 334 -6.30 -24.65 -14.02
CA GLY E 334 -5.89 -26.03 -14.01
C GLY E 334 -4.39 -26.18 -14.13
N MET E 335 -3.92 -27.38 -13.78
CA MET E 335 -2.49 -27.64 -13.77
C MET E 335 -1.91 -27.65 -15.18
N VAL E 336 -2.70 -28.07 -16.18
CA VAL E 336 -2.25 -27.95 -17.57
C VAL E 336 -2.11 -26.49 -17.97
N LYS E 337 -3.05 -25.65 -17.56
CA LYS E 337 -2.92 -24.22 -17.85
C LYS E 337 -1.67 -23.65 -17.21
N GLU E 338 -1.37 -24.04 -15.98
CA GLU E 338 -0.18 -23.50 -15.33
C GLU E 338 1.08 -24.04 -15.98
N ALA E 339 1.03 -25.24 -16.54
CA ALA E 339 2.15 -25.73 -17.35
C ALA E 339 2.37 -24.85 -18.58
N MET E 340 1.28 -24.53 -19.30
CA MET E 340 1.43 -23.64 -20.45
C MET E 340 1.95 -22.28 -20.03
N ASP E 341 1.46 -21.78 -18.90
CA ASP E 341 1.90 -20.48 -18.40
C ASP E 341 3.39 -20.49 -18.08
N GLN E 342 3.88 -21.55 -17.43
CA GLN E 342 5.30 -21.57 -17.11
C GLN E 342 6.14 -21.70 -18.38
N LYS E 343 5.64 -22.45 -19.36
CA LYS E 343 6.41 -22.56 -20.61
C LYS E 343 6.46 -21.23 -21.35
N GLU E 344 5.35 -20.47 -21.33
CA GLU E 344 5.37 -19.15 -21.94
C GLU E 344 6.32 -18.21 -21.20
N ARG E 345 6.33 -18.29 -19.86
CA ARG E 345 7.26 -17.46 -19.09
C ARG E 345 8.70 -17.86 -19.39
N GLN E 346 8.95 -19.16 -19.60
CA GLN E 346 10.27 -19.59 -20.01
C GLN E 346 10.66 -19.02 -21.37
N MET E 347 9.72 -19.06 -22.32
CA MET E 347 9.99 -18.52 -23.65
C MET E 347 10.36 -17.04 -23.56
N VAL E 348 9.68 -16.31 -22.68
CA VAL E 348 10.07 -14.93 -22.41
C VAL E 348 11.45 -14.88 -21.77
N ALA E 349 11.73 -15.79 -20.83
CA ALA E 349 12.94 -15.70 -20.02
C ALA E 349 14.20 -15.94 -20.84
N LEU E 350 14.13 -16.81 -21.85
CA LEU E 350 15.31 -17.07 -22.68
C LEU E 350 15.77 -15.83 -23.43
N GLY E 351 15.06 -14.72 -23.29
CA GLY E 351 15.53 -13.44 -23.79
C GLY E 351 14.92 -13.00 -25.10
N ALA E 352 14.11 -13.85 -25.74
CA ALA E 352 13.54 -13.50 -27.03
C ALA E 352 12.54 -12.35 -26.88
N LYS E 353 12.65 -11.38 -27.79
CA LYS E 353 11.72 -10.26 -27.85
C LYS E 353 10.45 -10.71 -28.58
N LEU E 354 9.85 -11.77 -28.07
CA LEU E 354 8.79 -12.49 -28.79
C LEU E 354 7.42 -11.90 -28.48
N ILE E 355 7.17 -11.52 -27.23
CA ILE E 355 5.92 -10.90 -26.84
C ILE E 355 6.21 -9.73 -25.91
N ASP E 356 5.21 -8.87 -25.77
CA ASP E 356 5.18 -7.80 -24.79
C ASP E 356 4.11 -8.12 -23.73
N SER E 357 4.10 -7.33 -22.66
CA SER E 357 3.17 -7.57 -21.56
C SER E 357 2.68 -6.23 -21.03
N ASP E 358 1.38 -5.98 -21.16
CA ASP E 358 0.83 -4.70 -20.75
C ASP E 358 0.74 -4.56 -19.23
N LYS E 359 0.57 -5.68 -18.51
CA LYS E 359 0.44 -5.61 -17.05
C LYS E 359 1.80 -5.38 -16.39
N THR E 360 2.87 -5.90 -16.96
CA THR E 360 4.18 -5.76 -16.35
C THR E 360 4.66 -4.31 -16.41
N GLN E 361 5.29 -3.87 -15.33
CA GLN E 361 5.88 -2.53 -15.25
C GLN E 361 7.32 -2.65 -14.76
N ARG E 362 8.24 -2.04 -15.50
CA ARG E 362 9.66 -2.09 -15.19
C ARG E 362 10.14 -0.72 -14.75
N THR E 363 10.96 -0.68 -13.71
CA THR E 363 11.55 0.57 -13.25
C THR E 363 12.78 0.87 -14.08
N PHE E 364 12.77 2.00 -14.77
CA PHE E 364 13.87 2.34 -15.66
C PHE E 364 15.14 2.60 -14.87
N GLY E 365 16.28 2.51 -15.55
CA GLY E 365 17.58 2.51 -14.91
C GLY E 365 18.16 1.13 -14.71
N GLU E 366 17.33 0.09 -14.85
CA GLU E 366 17.79 -1.29 -14.78
C GLU E 366 17.75 -2.01 -16.11
N ALA E 367 16.98 -1.50 -17.08
CA ALA E 367 16.98 -2.12 -18.41
C ALA E 367 18.34 -2.00 -19.08
N SER E 368 18.96 -0.83 -18.98
CA SER E 368 20.29 -0.64 -19.55
C SER E 368 21.35 -1.45 -18.82
N MET E 369 21.06 -1.90 -17.60
CA MET E 369 22.02 -2.72 -16.86
C MET E 369 22.28 -4.04 -17.58
N GLU E 370 21.23 -4.64 -18.15
CA GLU E 370 21.32 -5.94 -18.81
C GLU E 370 21.03 -5.87 -20.30
N ALA E 371 20.87 -4.67 -20.87
CA ALA E 371 20.64 -4.56 -22.30
C ALA E 371 21.75 -5.24 -23.10
N ALA E 372 23.00 -5.08 -22.66
CA ALA E 372 24.12 -5.70 -23.38
C ALA E 372 24.02 -7.22 -23.37
N ALA E 373 23.34 -7.79 -22.36
CA ALA E 373 23.18 -9.23 -22.31
C ALA E 373 21.98 -9.70 -23.10
N GLN E 374 20.88 -8.94 -23.07
CA GLN E 374 19.71 -9.29 -23.87
C GLN E 374 20.01 -9.20 -25.37
N ASN E 375 20.92 -8.30 -25.74
CA ASN E 375 21.23 -8.03 -27.15
C ASN E 375 22.47 -8.79 -27.63
N SER E 376 22.84 -9.88 -26.95
CA SER E 376 24.11 -10.54 -27.24
C SER E 376 24.14 -11.13 -28.65
N VAL E 377 23.13 -11.95 -28.97
CA VAL E 377 23.11 -12.58 -30.28
C VAL E 377 22.89 -11.55 -31.38
N LEU E 378 22.16 -10.47 -31.08
CA LEU E 378 21.98 -9.40 -32.05
C LEU E 378 23.33 -8.78 -32.44
N SER E 379 24.14 -8.46 -31.44
CA SER E 379 25.46 -7.89 -31.73
C SER E 379 26.35 -8.90 -32.44
N ARG E 380 26.28 -10.18 -32.04
CA ARG E 380 27.10 -11.20 -32.68
C ARG E 380 26.76 -11.33 -34.16
N VAL E 381 25.46 -11.38 -34.47
CA VAL E 381 25.02 -11.49 -35.86
C VAL E 381 25.36 -10.23 -36.63
N SER E 382 25.21 -9.06 -36.01
CA SER E 382 25.58 -7.82 -36.66
C SER E 382 27.05 -7.83 -37.07
N LYS E 383 27.92 -8.19 -36.14
CA LYS E 383 29.36 -8.23 -36.44
C LYS E 383 29.67 -9.26 -37.51
N ASN E 384 29.08 -10.45 -37.42
CA ASN E 384 29.37 -11.50 -38.39
C ASN E 384 28.94 -11.09 -39.80
N VAL E 385 27.72 -10.57 -39.92
CA VAL E 385 27.21 -10.19 -41.24
C VAL E 385 27.98 -8.98 -41.78
N SER E 386 28.34 -8.04 -40.91
CA SER E 386 29.14 -6.91 -41.35
C SER E 386 30.48 -7.37 -41.89
N ASP E 387 31.14 -8.30 -41.20
CA ASP E 387 32.41 -8.81 -41.69
C ASP E 387 32.25 -9.55 -43.01
N ALA E 388 31.20 -10.37 -43.13
CA ALA E 388 31.00 -11.12 -44.36
C ALA E 388 30.76 -10.19 -45.55
N TYR E 389 29.91 -9.19 -45.38
CA TYR E 389 29.64 -8.27 -46.48
C TYR E 389 30.82 -7.37 -46.76
N THR E 390 31.59 -7.00 -45.74
CA THR E 390 32.83 -6.28 -45.98
C THR E 390 33.76 -7.10 -46.87
N LYS E 391 33.94 -8.38 -46.53
CA LYS E 391 34.82 -9.23 -47.32
C LYS E 391 34.31 -9.37 -48.76
N ALA E 392 33.01 -9.55 -48.93
CA ALA E 392 32.45 -9.67 -50.28
C ALA E 392 32.66 -8.39 -51.07
N LEU E 393 32.49 -7.23 -50.44
CA LEU E 393 32.71 -5.97 -51.13
C LEU E 393 34.18 -5.80 -51.51
N ARG E 394 35.10 -6.20 -50.63
CA ARG E 394 36.52 -6.14 -50.98
C ARG E 394 36.82 -7.02 -52.18
N TRP E 395 36.25 -8.23 -52.21
CA TRP E 395 36.49 -9.12 -53.34
C TRP E 395 35.92 -8.55 -54.64
N ALA E 396 34.74 -7.93 -54.56
CA ALA E 396 34.18 -7.27 -55.74
C ALA E 396 35.07 -6.13 -56.21
N ALA E 397 35.60 -5.34 -55.27
CA ALA E 397 36.52 -4.27 -55.64
C ALA E 397 37.76 -4.83 -56.31
N MET E 398 38.28 -5.94 -55.80
CA MET E 398 39.42 -6.59 -56.43
C MET E 398 39.09 -7.03 -57.85
N PHE E 399 37.87 -7.54 -58.06
CA PHE E 399 37.44 -7.88 -59.41
C PHE E 399 37.44 -6.65 -60.31
N LEU E 400 36.90 -5.54 -59.82
CA LEU E 400 36.90 -4.30 -60.61
C LEU E 400 38.23 -3.57 -60.57
N GLY E 401 39.13 -3.91 -59.66
CA GLY E 401 40.36 -3.16 -59.52
C GLY E 401 40.15 -1.75 -59.01
N LEU E 402 39.27 -1.58 -58.03
CA LEU E 402 38.99 -0.31 -57.39
C LEU E 402 39.47 -0.33 -55.95
N ASP E 403 39.11 0.72 -55.20
CA ASP E 403 39.65 0.93 -53.86
C ASP E 403 39.33 -0.24 -52.94
N GLU E 404 40.27 -0.55 -52.05
CA GLU E 404 40.16 -1.68 -51.14
C GLU E 404 39.74 -1.29 -49.73
N LYS E 405 39.95 -0.04 -49.31
CA LYS E 405 39.61 0.38 -47.95
C LYS E 405 38.14 0.77 -47.86
N ILE E 406 37.28 -0.20 -48.17
CA ILE E 406 35.83 -0.04 -48.07
C ILE E 406 35.31 -0.86 -46.92
N GLU E 407 34.20 -0.41 -46.34
CA GLU E 407 33.61 -1.06 -45.18
C GLU E 407 32.10 -1.14 -45.35
N TYR E 408 31.49 -2.10 -44.65
CA TYR E 408 30.04 -2.26 -44.61
C TYR E 408 29.66 -2.72 -43.21
N GLU E 409 28.99 -1.84 -42.46
CA GLU E 409 28.64 -2.12 -41.09
C GLU E 409 27.13 -1.96 -40.89
N LEU E 410 26.55 -2.87 -40.12
CA LEU E 410 25.12 -2.82 -39.84
C LEU E 410 24.87 -1.93 -38.63
N ASN E 411 23.59 -1.73 -38.30
CA ASN E 411 23.21 -0.96 -37.13
C ASN E 411 23.63 -1.71 -35.87
N SER E 412 24.64 -1.19 -35.18
CA SER E 412 25.18 -1.83 -34.00
C SER E 412 24.66 -1.23 -32.69
N ASP E 413 23.65 -0.36 -32.77
CA ASP E 413 23.08 0.28 -31.60
C ASP E 413 21.58 0.09 -31.63
N PHE E 414 21.09 -0.90 -30.88
CA PHE E 414 19.69 -1.29 -30.90
C PHE E 414 18.89 -0.36 -29.99
N ASP E 415 17.63 -0.69 -29.76
CA ASP E 415 16.73 0.11 -28.92
C ASP E 415 16.67 1.55 -29.41
N ILE E 416 16.61 1.71 -30.74
CA ILE E 416 16.61 3.06 -31.35
C ILE E 416 15.27 3.75 -31.07
N ASN E 417 15.25 5.09 -31.07
CA ASN E 417 14.01 5.86 -30.78
C ASN E 417 14.19 7.30 -31.27
N LYS E 418 13.12 8.11 -31.19
CA LYS E 418 13.22 9.54 -31.58
C LYS E 418 14.22 10.23 -30.64
N MET E 419 15.14 11.02 -31.19
CA MET E 419 16.18 11.69 -30.36
C MET E 419 15.52 12.80 -29.53
N SER E 420 15.85 12.86 -28.23
CA SER E 420 15.24 13.88 -27.32
C SER E 420 15.85 15.26 -27.61
N PRO E 421 15.11 16.37 -27.39
CA PRO E 421 15.69 17.72 -27.58
C PRO E 421 17.01 17.91 -26.84
N GLU E 422 17.12 17.37 -25.63
CA GLU E 422 18.40 17.42 -24.92
C GLU E 422 19.47 16.61 -25.64
N GLU E 423 19.09 15.44 -26.16
CA GLU E 423 20.03 14.63 -26.93
C GLU E 423 20.48 15.38 -28.18
N LEU E 424 19.54 16.00 -28.87
CA LEU E 424 19.88 16.78 -30.07
C LEU E 424 20.82 17.92 -29.71
N ALA E 425 20.52 18.64 -28.63
CA ALA E 425 21.38 19.75 -28.24
C ALA E 425 22.78 19.27 -27.89
N ALA E 426 22.88 18.14 -27.18
CA ALA E 426 24.19 17.61 -26.83
C ALA E 426 24.98 17.22 -28.08
N VAL E 427 24.33 16.56 -29.04
CA VAL E 427 25.01 16.18 -30.27
C VAL E 427 25.47 17.42 -31.02
N ILE E 428 24.61 18.43 -31.10
CA ILE E 428 24.96 19.65 -31.83
C ILE E 428 26.15 20.33 -31.17
N SER E 429 26.14 20.43 -29.84
CA SER E 429 27.27 21.04 -29.14
C SER E 429 28.53 20.21 -29.32
N ALA E 430 28.39 18.89 -29.42
CA ALA E 430 29.53 18.04 -29.72
C ALA E 430 30.12 18.37 -31.08
N TRP E 431 29.26 18.67 -32.05
CA TRP E 431 29.77 19.06 -33.37
C TRP E 431 30.39 20.44 -33.36
N GLN E 432 29.92 21.34 -32.49
CA GLN E 432 30.51 22.68 -32.42
C GLN E 432 31.99 22.59 -32.09
N SER E 433 32.34 21.83 -31.06
CA SER E 433 33.73 21.49 -30.83
C SER E 433 34.20 20.48 -31.88
N ASN E 434 35.51 20.45 -32.10
CA ASN E 434 36.11 19.50 -33.05
C ASN E 434 36.29 18.14 -32.37
N ALA E 435 35.20 17.64 -31.81
CA ALA E 435 35.19 16.38 -31.09
C ALA E 435 34.35 15.30 -31.77
N ILE E 436 33.40 15.67 -32.61
CA ILE E 436 32.63 14.72 -33.41
C ILE E 436 32.51 15.28 -34.81
N SER E 437 32.60 14.42 -35.81
CA SER E 437 32.62 14.88 -37.19
C SER E 437 31.21 15.28 -37.64
N PHE E 438 31.18 16.08 -38.70
CA PHE E 438 29.89 16.52 -39.26
C PHE E 438 29.10 15.33 -39.80
N THR E 439 29.77 14.41 -40.50
CA THR E 439 29.09 13.21 -40.96
C THR E 439 28.58 12.39 -39.79
N GLU E 440 29.34 12.35 -38.69
CA GLU E 440 28.85 11.65 -37.50
C GLU E 440 27.59 12.31 -36.95
N MET E 441 27.59 13.64 -36.83
CA MET E 441 26.39 14.32 -36.37
C MET E 441 25.21 14.02 -37.26
N ARG E 442 25.42 14.05 -38.59
CA ARG E 442 24.33 13.71 -39.49
C ARG E 442 23.87 12.27 -39.29
N TRP E 443 24.84 11.38 -39.06
CA TRP E 443 24.52 9.96 -38.83
C TRP E 443 23.60 9.84 -37.61
N GLN E 444 24.03 10.39 -36.47
CA GLN E 444 23.23 10.30 -35.21
C GLN E 444 21.86 10.95 -35.42
N ILE E 445 21.81 12.12 -36.05
CA ILE E 445 20.51 12.85 -36.19
C ILE E 445 19.56 12.01 -37.07
N LYS E 446 20.10 11.30 -38.07
CA LYS E 446 19.26 10.41 -38.92
C LYS E 446 18.80 9.21 -38.10
N LYS E 447 19.70 8.65 -37.27
CA LYS E 447 19.32 7.51 -36.38
C LYS E 447 18.21 7.97 -35.44
N GLY E 448 18.26 9.22 -34.98
CA GLY E 448 17.21 9.76 -34.10
C GLY E 448 15.96 10.14 -34.90
N GLY E 449 15.99 9.95 -36.21
CA GLY E 449 14.84 10.28 -37.07
C GLY E 449 14.62 11.78 -37.14
N ARG E 450 15.69 12.57 -36.97
CA ARG E 450 15.56 14.04 -36.98
C ARG E 450 16.13 14.60 -38.30
N ALA E 451 16.36 13.74 -39.30
CA ALA E 451 16.86 14.19 -40.61
C ALA E 451 16.59 13.09 -41.65
N TYR E 452 16.35 13.47 -42.91
CA TYR E 452 16.15 12.48 -43.95
C TYR E 452 17.01 12.64 -45.20
N LEU E 453 17.29 13.86 -45.66
CA LEU E 453 17.98 14.01 -46.93
C LEU E 453 19.48 13.84 -46.78
N GLU E 454 20.14 13.53 -47.90
CA GLU E 454 21.57 13.26 -47.89
C GLU E 454 22.36 14.49 -47.46
N ASP E 455 23.49 14.25 -46.78
CA ASP E 455 24.25 15.34 -46.19
C ASP E 455 24.82 16.27 -47.27
N GLU E 456 25.12 15.72 -48.45
CA GLU E 456 25.61 16.57 -49.54
C GLU E 456 24.54 17.56 -49.99
N ASP E 457 23.29 17.11 -50.09
CA ASP E 457 22.18 18.01 -50.38
C ASP E 457 22.03 19.04 -49.29
N MET E 458 22.20 18.63 -48.04
CA MET E 458 22.21 19.58 -46.93
C MET E 458 23.25 20.67 -47.14
N ARG E 459 24.50 20.28 -47.45
CA ARG E 459 25.56 21.26 -47.61
C ARG E 459 25.26 22.19 -48.77
N ASN E 460 24.77 21.63 -49.89
CA ASN E 460 24.44 22.44 -51.05
C ASN E 460 23.37 23.47 -50.71
N GLU E 461 22.33 23.06 -49.98
CA GLU E 461 21.27 24.01 -49.63
C GLU E 461 21.75 25.05 -48.62
N SER E 462 22.42 24.61 -47.55
CA SER E 462 22.75 25.48 -46.44
C SER E 462 23.94 26.38 -46.72
N GLU E 463 24.72 26.11 -47.77
CA GLU E 463 25.81 27.01 -48.10
C GLU E 463 25.30 28.38 -48.53
N GLN E 464 24.12 28.44 -49.15
CA GLN E 464 23.56 29.71 -49.58
C GLN E 464 23.15 30.56 -48.37
N ASP E 465 23.05 31.86 -48.62
CA ASP E 465 22.79 32.82 -47.56
C ASP E 465 21.39 32.64 -46.97
N ASP E 466 21.26 33.01 -45.70
CA ASP E 466 19.99 32.90 -45.02
C ASP E 466 18.95 33.82 -45.66
N PRO E 467 17.67 33.39 -45.71
CA PRO E 467 16.64 34.24 -46.31
C PRO E 467 16.45 35.56 -45.60
N LEU E 468 16.65 35.59 -44.27
CA LEU E 468 16.46 36.80 -43.47
C LEU E 468 15.03 37.33 -43.58
N ASP F 3 62.06 -38.16 -26.35
CA ASP F 3 61.93 -37.56 -27.67
C ASP F 3 60.82 -38.25 -28.48
N SER F 4 61.04 -39.52 -28.81
CA SER F 4 60.07 -40.30 -29.55
C SER F 4 59.32 -41.21 -28.59
N ASN F 5 58.00 -41.11 -28.58
CA ASN F 5 57.17 -41.87 -27.65
C ASN F 5 55.75 -41.88 -28.19
N ASN F 6 54.81 -42.32 -27.37
CA ASN F 6 53.39 -42.35 -27.75
C ASN F 6 52.87 -40.91 -27.79
N ILE F 7 52.87 -40.31 -28.98
CA ILE F 7 52.51 -38.91 -29.11
C ILE F 7 51.02 -38.66 -28.88
N LYS F 8 50.21 -39.71 -28.83
CA LYS F 8 48.79 -39.57 -28.58
C LYS F 8 48.42 -39.62 -27.11
N TYR F 9 49.41 -39.74 -26.22
CA TYR F 9 49.12 -39.91 -24.80
C TYR F 9 48.47 -38.66 -24.22
N VAL F 10 47.47 -38.85 -23.38
CA VAL F 10 46.73 -37.77 -22.75
C VAL F 10 47.07 -37.74 -21.27
N ARG F 11 47.36 -36.54 -20.76
CA ARG F 11 47.60 -36.38 -19.34
C ARG F 11 46.38 -36.86 -18.56
N GLU F 12 46.63 -37.65 -17.51
CA GLU F 12 45.55 -38.41 -16.89
C GLU F 12 44.51 -37.51 -16.24
N ASP F 13 44.88 -36.32 -15.79
CA ASP F 13 43.88 -35.40 -15.27
C ASP F 13 43.04 -34.78 -16.38
N ALA F 14 43.60 -34.63 -17.58
CA ALA F 14 42.75 -34.30 -18.72
C ALA F 14 41.73 -35.41 -18.96
N LYS F 15 42.16 -36.67 -18.80
CA LYS F 15 41.21 -37.78 -18.89
C LYS F 15 40.17 -37.71 -17.77
N LYS F 16 40.56 -37.19 -16.60
CA LYS F 16 39.58 -36.92 -15.55
C LYS F 16 38.53 -35.95 -16.07
N MET F 17 38.97 -34.89 -16.74
CA MET F 17 38.09 -33.79 -17.10
C MET F 17 37.32 -34.01 -18.41
N HIS F 18 37.65 -35.05 -19.18
CA HIS F 18 36.92 -35.28 -20.44
C HIS F 18 35.42 -35.44 -20.22
N LYS F 19 35.02 -36.23 -19.23
CA LYS F 19 33.59 -36.47 -19.03
C LYS F 19 32.85 -35.17 -18.74
N LEU F 20 33.39 -34.36 -17.83
CA LEU F 20 32.76 -33.08 -17.52
C LEU F 20 32.74 -32.16 -18.75
N TRP F 21 33.85 -32.10 -19.48
CA TRP F 21 33.92 -31.23 -20.65
C TRP F 21 32.88 -31.63 -21.69
N ALA F 22 32.73 -32.93 -21.92
CA ALA F 22 31.67 -33.41 -22.81
C ALA F 22 30.31 -33.02 -22.28
N HIS F 23 30.12 -33.04 -20.95
CA HIS F 23 28.83 -32.65 -20.40
C HIS F 23 28.51 -31.19 -20.67
N ILE F 24 29.49 -30.28 -20.50
CA ILE F 24 29.23 -28.88 -20.85
C ILE F 24 28.99 -28.72 -22.34
N ARG F 25 29.76 -29.44 -23.18
CA ARG F 25 29.52 -29.35 -24.62
C ARG F 25 28.10 -29.78 -24.96
N MET F 26 27.62 -30.87 -24.36
CA MET F 26 26.25 -31.33 -24.61
C MET F 26 25.23 -30.33 -24.10
N ALA F 27 25.45 -29.76 -22.91
CA ALA F 27 24.51 -28.80 -22.37
C ALA F 27 24.43 -27.56 -23.24
N MET F 28 25.53 -27.18 -23.86
CA MET F 28 25.50 -26.04 -24.77
C MET F 28 24.85 -26.41 -26.10
N GLU F 29 25.01 -27.67 -26.53
CA GLU F 29 24.49 -28.07 -27.84
C GLU F 29 22.97 -27.94 -27.91
N GLY F 30 22.27 -28.27 -26.83
CA GLY F 30 20.85 -27.98 -26.75
C GLY F 30 20.05 -29.17 -26.29
N SER F 31 18.74 -29.09 -26.56
CA SER F 31 17.83 -30.12 -26.09
C SER F 31 18.05 -31.45 -26.81
N ARG F 32 18.36 -31.41 -28.10
CA ARG F 32 18.52 -32.65 -28.86
C ARG F 32 19.70 -33.46 -28.35
N ALA F 33 20.83 -32.80 -28.06
CA ALA F 33 21.99 -33.52 -27.56
C ALA F 33 21.73 -34.15 -26.20
N ILE F 34 21.06 -33.41 -25.31
CA ILE F 34 20.74 -33.96 -24.00
C ILE F 34 19.79 -35.15 -24.12
N LYS F 35 18.75 -35.01 -24.94
CA LYS F 35 17.79 -36.09 -25.12
C LYS F 35 18.43 -37.32 -25.76
N ASP F 36 19.44 -37.10 -26.62
CA ASP F 36 20.07 -38.23 -27.29
C ASP F 36 20.76 -39.16 -26.29
N ASN F 37 21.41 -38.59 -25.28
CA ASN F 37 22.07 -39.35 -24.22
C ASN F 37 21.39 -39.14 -22.87
N ALA F 38 20.06 -39.14 -22.86
CA ALA F 38 19.32 -38.90 -21.63
C ALA F 38 19.57 -39.96 -20.57
N LYS F 39 20.10 -41.12 -20.96
CA LYS F 39 20.40 -42.16 -19.98
C LYS F 39 21.42 -41.68 -18.96
N GLU F 40 22.34 -40.82 -19.38
CA GLU F 40 23.38 -40.31 -18.48
C GLU F 40 22.88 -39.20 -17.56
N PHE F 41 21.66 -38.71 -17.78
CA PHE F 41 21.13 -37.59 -17.01
C PHE F 41 19.88 -37.94 -16.24
N VAL F 42 18.90 -38.56 -16.87
CA VAL F 42 17.62 -38.87 -16.24
C VAL F 42 17.57 -40.37 -15.97
N PRO F 43 17.64 -40.80 -14.70
CA PRO F 43 17.49 -42.22 -14.41
C PRO F 43 16.07 -42.70 -14.70
N HIS F 44 15.99 -43.95 -15.14
CA HIS F 44 14.69 -44.58 -15.34
C HIS F 44 14.00 -44.72 -13.98
N PRO F 45 12.71 -44.39 -13.88
CA PRO F 45 12.02 -44.54 -12.59
C PRO F 45 12.00 -45.97 -12.07
N ASP F 46 12.17 -46.96 -12.93
CA ASP F 46 12.32 -48.35 -12.50
C ASP F 46 13.24 -49.04 -13.50
N ASN F 47 14.49 -49.28 -13.11
CA ASN F 47 15.43 -49.94 -14.01
C ASN F 47 15.03 -51.38 -14.31
N THR F 48 14.37 -52.05 -13.36
CA THR F 48 13.82 -53.37 -13.63
C THR F 48 12.82 -53.31 -14.78
N LYS F 49 12.01 -52.24 -14.83
CA LYS F 49 11.22 -51.98 -16.03
C LYS F 49 12.11 -51.72 -17.23
N ALA F 50 13.18 -50.93 -17.04
CA ALA F 50 14.04 -50.54 -18.16
C ALA F 50 14.62 -51.76 -18.87
N THR F 51 14.82 -52.86 -18.15
CA THR F 51 15.25 -54.09 -18.79
C THR F 51 14.20 -54.59 -19.80
N THR F 52 12.92 -54.49 -19.45
CA THR F 52 11.87 -54.98 -20.32
C THR F 52 11.67 -54.04 -21.51
N PRO F 53 11.19 -54.57 -22.65
CA PRO F 53 10.94 -53.69 -23.79
C PRO F 53 9.84 -52.66 -23.54
N GLU F 54 8.80 -53.04 -22.79
CA GLU F 54 7.80 -52.05 -22.40
C GLU F 54 8.44 -50.94 -21.58
N GLY F 55 9.42 -51.30 -20.72
CA GLY F 55 10.11 -50.30 -19.94
C GLY F 55 10.92 -49.33 -20.79
N VAL F 56 11.63 -49.84 -21.80
CA VAL F 56 12.43 -48.95 -22.63
C VAL F 56 11.51 -48.06 -23.49
N ALA F 57 10.39 -48.60 -23.98
CA ALA F 57 9.45 -47.76 -24.71
C ALA F 57 8.87 -46.67 -23.82
N ARG F 58 8.52 -47.04 -22.57
CA ARG F 58 8.01 -46.05 -21.63
C ARG F 58 9.05 -44.99 -21.32
N TYR F 59 10.32 -45.40 -21.19
CA TYR F 59 11.38 -44.44 -20.94
C TYR F 59 11.56 -43.50 -22.13
N LYS F 60 11.45 -44.03 -23.35
CA LYS F 60 11.55 -43.18 -24.52
C LYS F 60 10.43 -42.13 -24.53
N ALA F 61 9.18 -42.57 -24.31
CA ALA F 61 8.08 -41.62 -24.28
C ALA F 61 8.24 -40.62 -23.14
N TYR F 62 8.74 -41.09 -21.99
CA TYR F 62 8.98 -40.23 -20.84
C TYR F 62 10.01 -39.15 -21.16
N ILE F 63 11.09 -39.52 -21.85
CA ILE F 63 12.12 -38.55 -22.20
C ILE F 63 11.60 -37.55 -23.22
N GLU F 64 10.84 -38.01 -24.21
CA GLU F 64 10.37 -37.12 -25.27
C GLU F 64 9.48 -36.00 -24.73
N ARG F 65 8.60 -36.34 -23.79
CA ARG F 65 7.69 -35.33 -23.25
C ARG F 65 8.40 -34.25 -22.46
N ALA F 66 9.63 -34.50 -22.00
CA ALA F 66 10.36 -33.52 -21.22
C ALA F 66 10.84 -32.38 -22.10
N VAL F 67 11.05 -31.21 -21.47
CA VAL F 67 11.53 -30.02 -22.15
C VAL F 67 12.81 -29.56 -21.48
N TRP F 68 13.84 -29.29 -22.30
CA TRP F 68 15.13 -28.83 -21.81
C TRP F 68 15.10 -27.31 -21.67
N TYR F 69 15.47 -26.81 -20.50
CA TYR F 69 15.29 -25.40 -20.21
C TYR F 69 16.30 -24.53 -20.94
N GLY F 70 17.50 -25.06 -21.21
CA GLY F 70 18.51 -24.31 -21.92
C GLY F 70 19.02 -23.07 -21.21
N ALA F 71 19.23 -23.16 -19.89
CA ALA F 71 19.74 -22.01 -19.15
C ALA F 71 21.24 -21.80 -19.36
N SER F 72 22.01 -22.88 -19.51
CA SER F 72 23.46 -22.75 -19.63
C SER F 72 23.86 -22.09 -20.95
N ALA F 73 23.20 -22.48 -22.04
CA ALA F 73 23.51 -21.87 -23.33
C ALA F 73 23.19 -20.38 -23.33
N ASN F 74 22.05 -20.00 -22.77
CA ASN F 74 21.70 -18.59 -22.65
C ASN F 74 22.69 -17.86 -21.76
N THR F 75 23.13 -18.51 -20.68
CA THR F 75 24.11 -17.89 -19.79
C THR F 75 25.41 -17.59 -20.54
N VAL F 76 25.92 -18.56 -21.29
CA VAL F 76 27.16 -18.36 -22.03
C VAL F 76 26.98 -17.29 -23.09
N ASP F 77 25.85 -17.32 -23.80
CA ASP F 77 25.60 -16.33 -24.84
C ASP F 77 25.56 -14.92 -24.26
N GLY F 78 24.84 -14.73 -23.16
CA GLY F 78 24.76 -13.41 -22.55
C GLY F 78 26.09 -12.94 -22.01
N MET F 79 26.86 -13.86 -21.41
CA MET F 79 28.17 -13.50 -20.91
C MET F 79 29.10 -13.06 -22.03
N LEU F 80 29.10 -13.81 -23.14
CA LEU F 80 29.91 -13.42 -24.30
C LEU F 80 29.46 -12.09 -24.87
N GLY F 81 28.15 -11.85 -24.92
CA GLY F 81 27.66 -10.58 -25.42
C GLY F 81 28.08 -9.41 -24.56
N GLN F 82 28.02 -9.58 -23.24
CA GLN F 82 28.48 -8.54 -22.33
C GLN F 82 29.97 -8.29 -22.48
N ILE F 83 30.77 -9.35 -22.59
CA ILE F 83 32.22 -9.18 -22.66
C ILE F 83 32.61 -8.38 -23.90
N PHE F 84 32.06 -8.74 -25.04
CA PHE F 84 32.46 -8.14 -26.32
C PHE F 84 31.53 -7.00 -26.73
N ALA F 85 31.37 -6.02 -25.85
CA ALA F 85 30.77 -4.76 -26.26
C ALA F 85 31.73 -4.03 -27.18
N ARG F 86 31.24 -3.66 -28.36
CA ARG F 86 32.05 -3.07 -29.42
C ARG F 86 33.21 -4.02 -29.71
N ASP F 87 34.44 -3.55 -29.86
CA ASP F 87 35.54 -4.42 -30.23
C ASP F 87 36.72 -4.14 -29.31
N PRO F 88 37.56 -5.14 -29.06
CA PRO F 88 38.82 -4.88 -28.36
C PRO F 88 39.70 -3.93 -29.16
N VAL F 89 40.44 -3.09 -28.45
CA VAL F 89 41.27 -2.08 -29.10
C VAL F 89 42.71 -2.56 -29.12
N PHE F 90 43.42 -2.24 -30.21
CA PHE F 90 44.83 -2.58 -30.38
C PHE F 90 45.68 -1.36 -30.05
N THR F 91 46.76 -1.58 -29.33
CA THR F 91 47.64 -0.50 -28.88
C THR F 91 49.01 -0.68 -29.53
N GLY F 92 49.51 0.40 -30.12
CA GLY F 92 50.78 0.38 -30.80
C GLY F 92 50.63 0.70 -32.27
N PRO F 93 51.51 0.13 -33.10
CA PRO F 93 51.36 0.33 -34.55
C PRO F 93 50.20 -0.49 -35.09
N GLU F 94 49.31 0.18 -35.82
CA GLU F 94 48.15 -0.48 -36.42
C GLU F 94 48.38 -0.87 -37.88
N ASP F 95 49.19 -0.10 -38.60
CA ASP F 95 49.48 -0.43 -39.99
C ASP F 95 50.42 -1.63 -40.10
N LYS F 96 51.37 -1.75 -39.17
CA LYS F 96 52.34 -2.83 -39.25
C LYS F 96 51.76 -4.18 -38.84
N PHE F 97 50.65 -4.20 -38.11
CA PHE F 97 50.06 -5.43 -37.60
C PHE F 97 48.75 -5.78 -38.31
N ASP F 98 48.52 -5.22 -39.50
CA ASP F 98 47.19 -5.32 -40.11
C ASP F 98 46.89 -6.75 -40.58
N MET F 99 47.91 -7.47 -41.07
CA MET F 99 47.68 -8.84 -41.51
C MET F 99 47.32 -9.76 -40.35
N LEU F 100 47.89 -9.53 -39.17
CA LEU F 100 47.49 -10.32 -38.01
C LEU F 100 46.07 -10.00 -37.58
N ILE F 101 45.62 -8.76 -37.79
CA ILE F 101 44.27 -8.38 -37.36
C ILE F 101 43.22 -8.92 -38.31
N ASN F 102 43.32 -8.59 -39.60
CA ASN F 102 42.24 -8.92 -40.53
C ASN F 102 42.12 -10.43 -40.73
N ASP F 103 43.24 -11.12 -40.95
CA ASP F 103 43.25 -12.57 -41.13
C ASP F 103 44.32 -13.19 -40.23
N VAL F 104 43.92 -13.47 -38.99
CA VAL F 104 44.88 -13.91 -37.97
C VAL F 104 45.42 -15.29 -38.31
N ASP F 105 44.56 -16.21 -38.74
CA ASP F 105 44.98 -17.57 -39.06
C ASP F 105 45.10 -17.79 -40.56
N GLY F 106 44.90 -16.76 -41.36
CA GLY F 106 44.97 -16.91 -42.80
C GLY F 106 43.68 -17.36 -43.46
N SER F 107 42.61 -17.50 -42.70
CA SER F 107 41.31 -17.89 -43.25
C SER F 107 40.37 -16.71 -43.45
N GLY F 108 40.86 -15.49 -43.33
CA GLY F 108 40.02 -14.32 -43.37
C GLY F 108 39.25 -14.07 -42.09
N LEU F 109 39.35 -14.96 -41.11
CA LEU F 109 38.68 -14.77 -39.84
C LEU F 109 39.45 -13.75 -39.00
N SER F 110 38.79 -12.65 -38.68
CA SER F 110 39.44 -11.55 -37.99
C SER F 110 39.87 -11.95 -36.59
N ILE F 111 40.84 -11.19 -36.03
CA ILE F 111 41.37 -11.52 -34.71
C ILE F 111 40.30 -11.39 -33.64
N HIS F 112 39.34 -10.48 -33.83
CA HIS F 112 38.29 -10.30 -32.84
C HIS F 112 37.37 -11.52 -32.78
N GLN F 113 37.12 -12.16 -33.92
CA GLN F 113 36.28 -13.36 -33.92
C GLN F 113 37.00 -14.53 -33.24
N GLN F 114 38.30 -14.68 -33.50
CA GLN F 114 39.06 -15.71 -32.80
C GLN F 114 39.09 -15.44 -31.30
N ALA F 115 39.21 -14.16 -30.92
CA ALA F 115 39.12 -13.80 -29.51
C ALA F 115 37.76 -14.14 -28.94
N ARG F 116 36.71 -13.97 -29.74
CA ARG F 116 35.37 -14.33 -29.29
C ARG F 116 35.26 -15.84 -29.03
N ASP F 117 35.83 -16.64 -29.94
CA ASP F 117 35.84 -18.08 -29.73
C ASP F 117 36.63 -18.47 -28.48
N SER F 118 37.78 -17.82 -28.29
CA SER F 118 38.60 -18.11 -27.11
C SER F 118 37.87 -17.75 -25.83
N ALA F 119 37.19 -16.59 -25.80
CA ALA F 119 36.44 -16.20 -24.62
C ALA F 119 35.26 -17.13 -24.39
N GLU F 120 34.61 -17.58 -25.47
CA GLU F 120 33.53 -18.54 -25.31
C GLU F 120 34.02 -19.83 -24.69
N ASP F 121 35.18 -20.33 -25.14
CA ASP F 121 35.75 -21.52 -24.53
C ASP F 121 36.12 -21.30 -23.07
N ALA F 122 36.72 -20.14 -22.77
CA ALA F 122 37.14 -19.88 -21.40
C ALA F 122 35.96 -19.66 -20.47
N LEU F 123 34.82 -19.21 -20.99
CA LEU F 123 33.63 -19.09 -20.16
C LEU F 123 32.90 -20.41 -20.00
N SER F 124 32.83 -21.21 -21.06
CA SER F 124 32.02 -22.42 -21.03
C SER F 124 32.74 -23.56 -20.31
N LEU F 125 33.87 -24.00 -20.84
CA LEU F 125 34.63 -25.09 -20.24
C LEU F 125 35.98 -24.64 -19.71
N GLY F 126 36.28 -23.35 -19.76
CA GLY F 126 37.40 -22.78 -19.01
C GLY F 126 38.77 -23.29 -19.38
N ARG F 127 39.05 -23.46 -20.67
CA ARG F 127 40.37 -23.87 -21.09
C ARG F 127 40.54 -23.61 -22.58
N GLY F 128 41.73 -23.20 -22.96
CA GLY F 128 42.06 -22.97 -24.35
C GLY F 128 43.55 -22.70 -24.48
N GLY F 129 44.00 -22.61 -25.72
CA GLY F 129 45.41 -22.38 -25.97
C GLY F 129 45.63 -21.60 -27.24
N LEU F 130 46.76 -20.90 -27.30
CA LEU F 130 47.16 -20.12 -28.46
C LEU F 130 48.53 -20.59 -28.91
N PHE F 131 48.67 -20.87 -30.19
CA PHE F 131 49.94 -21.29 -30.77
C PHE F 131 50.34 -20.29 -31.85
N VAL F 132 51.59 -19.84 -31.82
CA VAL F 132 52.10 -18.85 -32.76
C VAL F 132 53.32 -19.46 -33.42
N ASP F 133 53.25 -19.68 -34.74
CA ASP F 133 54.33 -20.32 -35.46
C ASP F 133 54.52 -19.65 -36.82
N TYR F 134 55.73 -19.75 -37.34
CA TYR F 134 56.10 -19.15 -38.60
C TYR F 134 55.67 -20.04 -39.76
N SER F 135 55.24 -19.41 -40.86
CA SER F 135 54.80 -20.17 -42.01
C SER F 135 55.95 -20.97 -42.62
N ALA F 152 56.16 -15.82 -45.83
CA ALA F 152 56.69 -15.61 -44.48
C ALA F 152 55.71 -14.74 -43.70
N ARG F 153 55.00 -15.36 -42.75
CA ARG F 153 54.03 -14.65 -41.93
C ARG F 153 53.67 -15.52 -40.74
N PRO F 154 53.71 -14.99 -39.51
CA PRO F 154 53.30 -15.77 -38.35
C PRO F 154 51.79 -15.98 -38.33
N TYR F 155 51.39 -17.10 -37.72
CA TYR F 155 49.98 -17.47 -37.62
C TYR F 155 49.67 -17.80 -36.17
N ILE F 156 48.62 -17.17 -35.64
CA ILE F 156 48.19 -17.40 -34.27
C ILE F 156 47.08 -18.44 -34.30
N LYS F 157 47.41 -19.67 -33.91
CA LYS F 157 46.42 -20.73 -33.87
C LYS F 157 45.46 -20.53 -32.70
N PHE F 158 44.37 -21.28 -32.71
CA PHE F 158 43.47 -21.41 -31.58
C PHE F 158 43.35 -22.90 -31.27
N ILE F 159 43.38 -23.25 -30.00
CA ILE F 159 43.43 -24.64 -29.57
C ILE F 159 42.25 -24.91 -28.65
N ALA F 160 41.51 -25.97 -28.94
CA ALA F 160 40.42 -26.37 -28.08
C ALA F 160 40.96 -27.00 -26.79
N ALA F 161 40.09 -27.07 -25.77
CA ALA F 161 40.50 -27.62 -24.49
C ALA F 161 40.89 -29.09 -24.63
N GLU F 162 40.10 -29.88 -25.35
CA GLU F 162 40.38 -31.29 -25.52
C GLU F 162 41.55 -31.55 -26.46
N ASP F 163 42.10 -30.52 -27.10
CA ASP F 163 43.22 -30.70 -28.02
C ASP F 163 44.56 -30.68 -27.30
N ILE F 164 44.73 -29.82 -26.31
CA ILE F 164 45.95 -29.83 -25.49
C ILE F 164 45.96 -31.13 -24.69
N LEU F 165 46.90 -32.01 -25.02
CA LEU F 165 46.88 -33.36 -24.47
C LEU F 165 48.07 -33.71 -23.59
N ASN F 166 49.08 -32.85 -23.48
CA ASN F 166 50.23 -33.16 -22.63
C ASN F 166 50.98 -31.88 -22.30
N TRP F 167 51.48 -31.79 -21.08
CA TRP F 167 52.33 -30.69 -20.65
C TRP F 167 53.03 -31.08 -19.35
N ARG F 168 54.28 -30.66 -19.22
CA ARG F 168 55.09 -30.99 -18.05
C ARG F 168 55.87 -29.76 -17.61
N GLU F 169 56.56 -29.88 -16.47
CA GLU F 169 57.28 -28.74 -15.90
C GLU F 169 58.45 -29.23 -15.03
N ARG F 170 59.66 -29.25 -15.60
CA ARG F 170 60.85 -29.24 -14.77
C ARG F 170 61.27 -27.82 -14.44
N TRP F 171 62.16 -27.70 -13.46
CA TRP F 171 62.70 -26.42 -13.05
C TRP F 171 64.13 -26.30 -13.56
N VAL F 172 64.36 -25.32 -14.43
CA VAL F 172 65.70 -24.92 -14.84
C VAL F 172 66.00 -23.59 -14.17
N ASN F 173 67.08 -23.55 -13.39
CA ASN F 173 67.41 -22.41 -12.54
C ASN F 173 66.24 -22.06 -11.62
N GLY F 174 65.51 -23.08 -11.16
CA GLY F 174 64.45 -22.92 -10.19
C GLY F 174 63.27 -22.06 -10.60
N ALA F 175 62.78 -22.22 -11.83
CA ALA F 175 61.68 -21.42 -12.34
C ALA F 175 60.61 -22.30 -12.95
N LYS F 176 59.38 -21.78 -12.95
CA LYS F 176 58.27 -22.39 -13.68
C LYS F 176 58.51 -22.32 -15.17
N ARG F 177 58.88 -23.43 -15.79
CA ARG F 177 59.11 -23.50 -17.23
C ARG F 177 58.41 -24.72 -17.79
N THR F 178 57.42 -24.50 -18.66
CA THR F 178 56.74 -25.60 -19.34
C THR F 178 57.71 -26.17 -20.36
N THR F 179 58.20 -27.38 -20.10
CA THR F 179 59.25 -27.96 -20.94
C THR F 179 58.71 -28.87 -22.03
N LEU F 180 57.48 -29.37 -21.89
CA LEU F 180 56.87 -30.23 -22.88
C LEU F 180 55.44 -29.75 -23.13
N LEU F 181 55.01 -29.84 -24.39
CA LEU F 181 53.64 -29.49 -24.74
C LEU F 181 53.31 -30.12 -26.08
N VAL F 182 52.36 -31.07 -26.07
CA VAL F 182 51.93 -31.77 -27.27
C VAL F 182 50.43 -31.58 -27.41
N PHE F 183 49.98 -31.25 -28.62
CA PHE F 183 48.57 -31.00 -28.88
C PHE F 183 48.19 -31.54 -30.24
N ARG F 184 46.94 -31.99 -30.35
CA ARG F 184 46.44 -32.59 -31.58
C ARG F 184 45.86 -31.54 -32.51
N GLU F 185 45.87 -31.86 -33.81
CA GLU F 185 45.30 -30.99 -34.83
C GLU F 185 44.41 -31.80 -35.77
N GLU F 186 43.33 -31.18 -36.21
CA GLU F 186 42.36 -31.82 -37.09
C GLU F 186 42.34 -31.13 -38.45
N SER F 187 42.37 -31.93 -39.51
CA SER F 187 42.34 -31.39 -40.86
C SER F 187 41.79 -32.45 -41.80
N ASP F 188 41.15 -31.99 -42.88
CA ASP F 188 40.53 -32.88 -43.85
C ASP F 188 41.45 -33.02 -45.06
N ALA F 189 41.79 -34.27 -45.38
CA ALA F 189 42.70 -34.53 -46.49
C ALA F 189 42.10 -34.04 -47.81
N ASP F 190 42.92 -33.35 -48.60
CA ASP F 190 42.48 -32.78 -49.87
C ASP F 190 42.68 -33.80 -51.00
N ASP F 191 41.89 -34.86 -50.95
CA ASP F 191 41.97 -35.91 -51.96
C ASP F 191 41.28 -35.46 -53.25
N ASP F 192 41.39 -36.31 -54.27
CA ASP F 192 40.81 -35.99 -55.57
C ASP F 192 39.28 -35.92 -55.50
N GLY F 193 38.66 -36.86 -54.79
CA GLY F 193 37.22 -36.95 -54.73
C GLY F 193 36.59 -35.89 -53.85
N TYR F 194 35.38 -36.19 -53.39
CA TYR F 194 34.59 -35.28 -52.57
C TYR F 194 34.29 -35.84 -51.19
N GLN F 195 35.01 -36.88 -50.76
CA GLN F 195 34.80 -37.43 -49.44
C GLN F 195 35.60 -36.64 -48.41
N ILE F 196 35.26 -36.85 -47.14
CA ILE F 196 35.87 -36.13 -46.03
C ILE F 196 36.57 -37.12 -45.11
N TYR F 197 37.89 -37.04 -45.03
CA TYR F 197 38.66 -37.81 -44.07
C TYR F 197 38.77 -36.99 -42.78
N LYS F 198 39.63 -37.43 -41.85
CA LYS F 198 39.99 -36.61 -40.70
C LYS F 198 41.46 -36.94 -40.40
N GLU F 199 42.35 -36.13 -40.95
CA GLU F 199 43.78 -36.32 -40.78
C GLU F 199 44.28 -35.58 -39.56
N GLU F 200 45.08 -36.26 -38.75
CA GLU F 200 45.56 -35.73 -37.48
C GLU F 200 47.02 -35.31 -37.62
N VAL F 201 47.35 -34.18 -37.00
CA VAL F 201 48.71 -33.66 -36.96
C VAL F 201 49.03 -33.29 -35.51
N TRP F 202 50.18 -33.72 -35.02
CA TRP F 202 50.62 -33.43 -33.66
C TRP F 202 51.89 -32.60 -33.70
N ARG F 203 51.93 -31.55 -32.90
CA ARG F 203 53.11 -30.73 -32.71
C ARG F 203 53.69 -30.99 -31.33
N GLU F 204 54.96 -31.34 -31.27
CA GLU F 204 55.65 -31.64 -30.01
C GLU F 204 56.56 -30.47 -29.69
N LEU F 205 56.09 -29.56 -28.84
CA LEU F 205 56.86 -28.38 -28.46
C LEU F 205 57.70 -28.72 -27.24
N ARG F 206 59.02 -28.70 -27.41
CA ARG F 206 59.96 -29.09 -26.36
C ARG F 206 60.91 -27.94 -26.09
N LEU F 207 61.12 -27.63 -24.81
CA LEU F 207 62.02 -26.57 -24.39
C LEU F 207 63.18 -27.20 -23.62
N VAL F 208 64.38 -27.12 -24.18
CA VAL F 208 65.58 -27.67 -23.57
C VAL F 208 66.60 -26.55 -23.40
N ASP F 209 67.20 -26.48 -22.21
CA ASP F 209 68.21 -25.48 -21.84
C ASP F 209 67.85 -24.09 -22.39
N GLY F 210 66.61 -23.69 -22.18
CA GLY F 210 66.16 -22.38 -22.61
C GLY F 210 66.17 -22.19 -24.11
N THR F 211 65.80 -23.24 -24.87
CA THR F 211 65.73 -23.16 -26.31
C THR F 211 64.46 -23.86 -26.79
N TYR F 212 63.80 -23.26 -27.78
CA TYR F 212 62.52 -23.77 -28.28
C TYR F 212 62.79 -24.76 -29.41
N TRP F 213 62.17 -25.94 -29.31
CA TRP F 213 62.24 -26.96 -30.34
C TRP F 213 60.84 -27.48 -30.62
N GLN F 214 60.63 -27.99 -31.83
CA GLN F 214 59.32 -28.50 -32.20
C GLN F 214 59.44 -29.54 -33.30
N ARG F 215 58.48 -30.46 -33.33
CA ARG F 215 58.33 -31.45 -34.38
C ARG F 215 56.93 -31.37 -34.96
N THR F 216 56.78 -31.92 -36.16
CA THR F 216 55.48 -32.09 -36.80
C THR F 216 55.27 -33.57 -37.03
N TRP F 217 54.06 -34.06 -36.72
CA TRP F 217 53.76 -35.47 -36.88
C TRP F 217 52.60 -35.68 -37.85
N ARG F 218 52.66 -35.03 -39.01
CA ARG F 218 51.65 -35.25 -40.03
C ARG F 218 51.55 -36.72 -40.37
N GLU F 219 50.32 -37.23 -40.43
CA GLU F 219 50.06 -38.64 -40.66
C GLU F 219 49.13 -38.80 -41.86
N ASN F 220 49.48 -38.10 -42.95
CA ASN F 220 48.70 -38.17 -44.17
C ASN F 220 48.70 -39.59 -44.72
N ASP F 221 47.51 -40.07 -45.07
CA ASP F 221 47.31 -41.44 -45.58
C ASP F 221 47.85 -42.46 -44.58
N GLY F 222 47.77 -42.14 -43.29
CA GLY F 222 48.37 -42.97 -42.27
C GLY F 222 49.88 -43.09 -42.36
N GLN F 223 50.49 -42.40 -43.32
CA GLN F 223 51.91 -42.51 -43.61
C GLN F 223 52.63 -41.48 -42.73
N LEU F 224 53.41 -41.96 -41.77
CA LEU F 224 54.07 -41.09 -40.81
C LEU F 224 55.19 -40.31 -41.49
N TYR F 225 54.93 -39.04 -41.77
CA TYR F 225 55.98 -38.12 -42.22
C TYR F 225 56.52 -37.35 -41.02
N VAL F 226 57.06 -38.11 -40.06
CA VAL F 226 57.67 -37.48 -38.90
C VAL F 226 58.85 -36.62 -39.35
N ASP F 227 59.00 -35.47 -38.72
CA ASP F 227 59.94 -34.46 -39.16
C ASP F 227 61.04 -34.24 -38.12
N ASP F 228 62.20 -33.83 -38.59
CA ASP F 228 63.34 -33.60 -37.72
C ASP F 228 63.09 -32.41 -36.81
N TRP F 229 63.74 -32.42 -35.65
CA TRP F 229 63.63 -31.30 -34.72
C TRP F 229 64.14 -30.01 -35.39
N ILE F 230 63.43 -28.92 -35.14
CA ILE F 230 63.79 -27.61 -35.67
C ILE F 230 63.76 -26.60 -34.54
N SER F 231 64.53 -25.53 -34.71
CA SER F 231 64.62 -24.46 -33.73
C SER F 231 64.19 -23.16 -34.39
N PRO F 232 62.96 -22.69 -34.16
CA PRO F 232 62.54 -21.43 -34.76
C PRO F 232 63.39 -20.27 -34.27
N THR F 233 63.59 -19.29 -35.14
CA THR F 233 64.47 -18.16 -34.86
C THR F 233 63.69 -16.86 -35.01
N LYS F 234 64.04 -15.88 -34.17
CA LYS F 234 63.49 -14.55 -34.31
C LYS F 234 64.06 -13.86 -35.55
N ALA F 235 63.55 -12.65 -35.81
CA ALA F 235 64.05 -11.89 -36.95
C ALA F 235 65.53 -11.58 -36.80
N ASP F 236 65.96 -11.22 -35.59
CA ASP F 236 67.37 -10.98 -35.33
C ASP F 236 68.13 -12.25 -34.94
N GLY F 237 67.43 -13.36 -34.79
CA GLY F 237 68.08 -14.60 -34.39
C GLY F 237 67.89 -14.91 -32.91
N SER F 238 68.95 -15.43 -32.28
CA SER F 238 68.99 -15.67 -30.84
C SER F 238 67.96 -16.70 -30.39
N GLN F 239 67.46 -17.51 -31.32
CA GLN F 239 66.47 -18.54 -31.05
C GLN F 239 65.34 -18.05 -30.16
N PHE F 240 64.92 -18.88 -29.20
CA PHE F 240 63.89 -18.50 -28.24
C PHE F 240 64.25 -18.99 -26.86
N ASP F 241 63.59 -18.40 -25.86
CA ASP F 241 63.75 -18.78 -24.48
C ASP F 241 62.50 -19.41 -23.87
N GLU F 242 61.34 -19.27 -24.52
CA GLU F 242 60.09 -19.77 -24.00
C GLU F 242 59.25 -20.32 -25.15
N ILE F 243 58.56 -21.43 -24.88
CA ILE F 243 57.68 -22.03 -25.87
C ILE F 243 56.49 -21.11 -26.09
N PRO F 244 56.25 -20.64 -27.30
CA PRO F 244 55.15 -19.68 -27.55
C PRO F 244 53.79 -20.36 -27.56
N PHE F 245 53.27 -20.64 -26.37
CA PHE F 245 51.96 -21.28 -26.23
C PHE F 245 51.40 -20.90 -24.86
N VAL F 246 50.48 -19.95 -24.84
CA VAL F 246 49.81 -19.53 -23.61
C VAL F 246 48.49 -20.26 -23.49
N ILE F 247 48.26 -20.90 -22.34
CA ILE F 247 47.06 -21.67 -22.09
C ILE F 247 46.14 -20.80 -21.25
N PHE F 248 45.26 -20.05 -21.90
CA PHE F 248 44.31 -19.20 -21.21
C PHE F 248 43.19 -20.03 -20.60
N GLY F 249 42.80 -19.67 -19.39
CA GLY F 249 41.76 -20.39 -18.68
C GLY F 249 40.82 -19.47 -17.92
N SER F 250 39.81 -20.05 -17.29
CA SER F 250 38.86 -19.25 -16.53
C SER F 250 39.53 -18.57 -15.34
N LYS F 251 40.43 -19.28 -14.66
CA LYS F 251 41.15 -18.69 -13.53
C LYS F 251 42.35 -17.88 -13.98
N ASN F 252 43.34 -18.52 -14.60
CA ASN F 252 44.58 -17.85 -14.92
C ASN F 252 45.31 -18.63 -16.01
N ASN F 253 46.40 -18.04 -16.49
CA ASN F 253 47.16 -18.58 -17.61
C ASN F 253 48.16 -19.61 -17.09
N ASP F 254 47.62 -20.67 -16.49
CA ASP F 254 48.46 -21.72 -15.92
C ASP F 254 48.22 -23.03 -16.66
N PRO F 255 49.27 -23.83 -16.85
CA PRO F 255 49.08 -25.13 -17.49
C PRO F 255 48.14 -26.05 -16.73
N THR F 256 48.03 -25.86 -15.41
CA THR F 256 47.11 -26.64 -14.61
C THR F 256 45.67 -26.40 -15.04
N ILE F 257 44.87 -27.46 -15.08
CA ILE F 257 43.48 -27.34 -15.49
C ILE F 257 42.70 -26.53 -14.47
N ASP F 258 41.88 -25.61 -14.95
CA ASP F 258 41.05 -24.78 -14.09
C ASP F 258 39.61 -25.29 -14.10
N MET F 259 38.92 -25.07 -12.99
CA MET F 259 37.54 -25.52 -12.87
C MET F 259 36.66 -24.79 -13.87
N PRO F 260 35.88 -25.51 -14.69
CA PRO F 260 34.95 -24.83 -15.60
C PRO F 260 33.93 -24.02 -14.84
N PRO F 261 33.57 -22.83 -15.35
CA PRO F 261 32.61 -22.00 -14.62
C PRO F 261 31.17 -22.50 -14.69
N MET F 262 30.84 -23.35 -15.65
CA MET F 262 29.46 -23.76 -15.89
C MET F 262 29.04 -25.03 -15.17
N ARG F 263 29.88 -25.57 -14.29
CA ARG F 263 29.57 -26.86 -13.67
C ARG F 263 28.27 -26.80 -12.87
N ASP F 264 28.15 -25.82 -11.98
CA ASP F 264 26.96 -25.72 -11.14
C ASP F 264 25.72 -25.44 -11.98
N LEU F 265 25.84 -24.55 -12.97
CA LEU F 265 24.68 -24.24 -13.81
C LEU F 265 24.24 -25.45 -14.62
N VAL F 266 25.21 -26.22 -15.14
CA VAL F 266 24.86 -27.42 -15.89
C VAL F 266 24.15 -28.43 -14.98
N GLU F 267 24.66 -28.60 -13.75
CA GLU F 267 24.00 -29.53 -12.83
C GLU F 267 22.58 -29.09 -12.50
N LEU F 268 22.39 -27.78 -12.28
CA LEU F 268 21.05 -27.27 -12.00
C LEU F 268 20.14 -27.48 -13.21
N ASN F 269 20.66 -27.26 -14.42
CA ASN F 269 19.86 -27.47 -15.61
C ASN F 269 19.45 -28.92 -15.76
N ILE F 270 20.36 -29.85 -15.45
CA ILE F 270 20.02 -31.27 -15.53
C ILE F 270 18.94 -31.62 -14.51
N ALA F 271 19.07 -31.10 -13.28
CA ALA F 271 18.05 -31.38 -12.26
C ALA F 271 16.70 -30.81 -12.66
N HIS F 272 16.68 -29.58 -13.17
CA HIS F 272 15.43 -29.00 -13.64
C HIS F 272 14.86 -29.77 -14.81
N PHE F 273 15.71 -30.33 -15.67
CA PHE F 273 15.24 -31.17 -16.76
C PHE F 273 14.56 -32.43 -16.25
N ARG F 274 15.14 -33.07 -15.22
CA ARG F 274 14.52 -34.26 -14.65
C ARG F 274 13.16 -33.92 -14.02
N ASN F 275 13.12 -32.84 -13.24
CA ASN F 275 11.85 -32.41 -12.66
C ASN F 275 10.84 -32.07 -13.76
N SER F 276 11.31 -31.48 -14.86
CA SER F 276 10.43 -31.20 -15.98
C SER F 276 9.89 -32.46 -16.60
N ALA F 277 10.72 -33.51 -16.71
CA ALA F 277 10.25 -34.78 -17.23
C ALA F 277 9.11 -35.33 -16.37
N ASP F 278 9.31 -35.33 -15.04
CA ASP F 278 8.25 -35.78 -14.15
C ASP F 278 6.99 -34.94 -14.32
N TYR F 279 7.16 -33.61 -14.38
CA TYR F 279 6.01 -32.72 -14.46
C TYR F 279 5.24 -32.91 -15.76
N GLU F 280 5.96 -33.10 -16.87
CA GLU F 280 5.30 -33.30 -18.16
C GLU F 280 4.59 -34.64 -18.21
N GLU F 281 5.17 -35.69 -17.62
CA GLU F 281 4.43 -36.95 -17.54
C GLU F 281 3.15 -36.78 -16.75
N ALA F 282 3.22 -36.05 -15.64
CA ALA F 282 2.00 -35.77 -14.86
C ALA F 282 0.99 -34.98 -15.69
N CYS F 283 1.47 -34.00 -16.45
CA CYS F 283 0.58 -33.22 -17.32
C CYS F 283 -0.14 -34.11 -18.31
N PHE F 284 0.60 -35.01 -18.95
CA PHE F 284 0.02 -35.84 -20.01
C PHE F 284 -0.95 -36.86 -19.43
N ILE F 285 -0.68 -37.35 -18.22
CA ILE F 285 -1.52 -38.41 -17.66
C ILE F 285 -2.73 -37.83 -16.93
N CYS F 286 -2.48 -37.08 -15.86
CA CYS F 286 -3.53 -36.72 -14.92
C CYS F 286 -3.92 -35.25 -14.95
N GLY F 287 -3.58 -34.52 -16.02
CA GLY F 287 -3.99 -33.14 -16.14
C GLY F 287 -5.39 -32.92 -16.69
N GLN F 288 -6.00 -33.97 -17.24
CA GLN F 288 -7.31 -33.93 -17.90
C GLN F 288 -8.40 -34.30 -16.91
N PRO F 289 -9.43 -33.47 -16.74
CA PRO F 289 -10.52 -33.83 -15.83
C PRO F 289 -11.30 -35.04 -16.34
N THR F 290 -11.87 -35.79 -15.40
CA THR F 290 -12.61 -37.00 -15.74
C THR F 290 -13.83 -37.09 -14.82
N LEU F 291 -14.92 -37.67 -15.34
CA LEU F 291 -16.20 -37.61 -14.66
C LEU F 291 -16.21 -38.47 -13.40
N PHE F 292 -15.66 -39.68 -13.48
CA PHE F 292 -15.58 -40.60 -12.33
C PHE F 292 -16.97 -40.84 -11.72
N LEU F 293 -17.81 -41.47 -12.52
CA LEU F 293 -19.20 -41.75 -12.13
C LEU F 293 -19.21 -42.84 -11.06
N SER F 294 -19.35 -42.44 -9.80
CA SER F 294 -19.37 -43.37 -8.70
C SER F 294 -20.80 -43.82 -8.40
N GLY F 295 -20.92 -44.85 -7.56
CA GLY F 295 -22.24 -45.35 -7.18
C GLY F 295 -23.06 -45.82 -8.35
N LEU F 296 -22.46 -46.56 -9.27
CA LEU F 296 -23.07 -46.87 -10.55
C LEU F 296 -23.12 -48.38 -10.76
N THR F 297 -24.14 -48.83 -11.50
CA THR F 297 -24.37 -50.25 -11.74
C THR F 297 -24.33 -50.55 -13.24
N GLU F 298 -23.97 -51.78 -13.57
CA GLU F 298 -23.89 -52.20 -14.97
C GLU F 298 -25.25 -52.11 -15.65
N HIS F 299 -26.32 -52.48 -14.93
CA HIS F 299 -27.67 -52.32 -15.45
C HIS F 299 -27.91 -50.89 -15.91
N TRP F 300 -27.62 -49.93 -15.03
CA TRP F 300 -27.87 -48.52 -15.35
C TRP F 300 -27.05 -48.10 -16.57
N VAL F 301 -25.77 -48.45 -16.61
CA VAL F 301 -24.92 -48.11 -17.75
C VAL F 301 -25.54 -48.63 -19.03
N LYS F 302 -25.69 -49.95 -19.14
CA LYS F 302 -26.12 -50.57 -20.39
C LYS F 302 -27.56 -50.18 -20.74
N ASN F 303 -28.34 -49.68 -19.78
CA ASN F 303 -29.73 -49.40 -20.09
C ASN F 303 -29.96 -47.95 -20.49
N VAL F 304 -29.44 -46.99 -19.73
CA VAL F 304 -29.65 -45.58 -20.04
C VAL F 304 -28.41 -44.93 -20.63
N LEU F 305 -27.21 -45.23 -20.11
CA LEU F 305 -26.02 -44.66 -20.72
C LEU F 305 -25.66 -45.37 -22.02
N GLY F 306 -25.77 -46.70 -22.03
CA GLY F 306 -25.40 -47.47 -23.21
C GLY F 306 -23.94 -47.38 -23.57
N GLY F 307 -23.07 -47.29 -22.57
CA GLY F 307 -21.64 -47.17 -22.83
C GLY F 307 -21.25 -45.90 -23.55
N ALA F 308 -21.97 -44.80 -23.32
CA ALA F 308 -21.68 -43.55 -23.97
C ALA F 308 -22.34 -42.43 -23.18
N VAL F 309 -21.58 -41.37 -22.88
CA VAL F 309 -22.06 -40.25 -22.09
C VAL F 309 -21.98 -39.00 -22.94
N VAL F 310 -23.08 -38.27 -23.01
CA VAL F 310 -23.11 -36.96 -23.67
C VAL F 310 -22.79 -35.90 -22.61
N ILE F 311 -21.82 -35.05 -22.90
CA ILE F 311 -21.28 -34.14 -21.90
C ILE F 311 -21.42 -32.68 -22.33
N GLY F 312 -22.07 -32.43 -23.46
CA GLY F 312 -22.36 -31.06 -23.84
C GLY F 312 -23.44 -30.45 -22.96
N SER F 313 -23.51 -29.12 -23.00
CA SER F 313 -24.50 -28.41 -22.18
C SER F 313 -25.92 -28.57 -22.72
N ARG F 314 -26.09 -29.11 -23.93
CA ARG F 314 -27.44 -29.29 -24.46
C ARG F 314 -28.18 -30.42 -23.75
N ASP F 315 -27.46 -31.50 -23.43
CA ASP F 315 -28.07 -32.70 -22.88
C ASP F 315 -27.72 -32.85 -21.40
N ALA F 316 -28.59 -33.54 -20.68
CA ALA F 316 -28.39 -33.86 -19.27
C ALA F 316 -28.29 -35.38 -19.13
N VAL F 317 -27.61 -35.82 -18.08
CA VAL F 317 -27.38 -37.24 -17.82
C VAL F 317 -28.02 -37.61 -16.50
N PRO F 318 -28.76 -38.71 -16.42
CA PRO F 318 -29.32 -39.17 -15.15
C PRO F 318 -28.42 -40.18 -14.46
N LEU F 319 -28.60 -40.28 -13.14
CA LEU F 319 -27.86 -41.22 -12.32
C LEU F 319 -28.81 -41.84 -11.31
N PRO F 320 -28.53 -43.07 -10.86
CA PRO F 320 -29.40 -43.71 -9.87
C PRO F 320 -29.28 -43.07 -8.50
N VAL F 321 -29.97 -43.64 -7.50
CA VAL F 321 -29.99 -43.07 -6.17
C VAL F 321 -28.59 -43.13 -5.57
N ASN F 322 -28.21 -42.07 -4.85
CA ASN F 322 -26.94 -41.97 -4.13
C ASN F 322 -25.75 -42.21 -5.05
N ALA F 323 -25.76 -41.55 -6.21
CA ALA F 323 -24.64 -41.57 -7.15
C ALA F 323 -24.04 -40.17 -7.21
N LYS F 324 -22.73 -40.08 -6.99
CA LYS F 324 -22.05 -38.80 -6.92
C LYS F 324 -20.98 -38.71 -8.00
N PRO F 325 -21.12 -37.80 -8.97
CA PRO F 325 -20.05 -37.61 -9.95
C PRO F 325 -19.00 -36.62 -9.45
N GLU F 326 -17.76 -36.83 -9.92
CA GLU F 326 -16.62 -36.13 -9.34
C GLU F 326 -15.62 -35.81 -10.45
N LEU F 327 -15.56 -34.55 -10.86
CA LEU F 327 -14.56 -34.11 -11.82
C LEU F 327 -13.20 -34.05 -11.15
N LEU F 328 -12.37 -35.07 -11.38
CA LEU F 328 -11.06 -35.20 -10.75
C LEU F 328 -9.98 -34.79 -11.74
N GLN F 329 -9.10 -33.89 -11.32
CA GLN F 329 -7.96 -33.51 -12.13
C GLN F 329 -6.87 -32.97 -11.21
N ALA F 330 -5.62 -33.22 -11.58
CA ALA F 330 -4.49 -32.76 -10.77
C ALA F 330 -4.56 -31.24 -10.60
N GLU F 331 -4.31 -30.79 -9.37
CA GLU F 331 -4.39 -29.37 -9.05
C GLU F 331 -3.02 -28.72 -9.14
N GLY F 332 -3.04 -27.40 -9.34
CA GLY F 332 -1.81 -26.64 -9.51
C GLY F 332 -1.09 -26.39 -8.20
N ASN F 333 0.05 -25.70 -8.32
CA ASN F 333 0.92 -25.40 -7.18
C ASN F 333 1.36 -26.69 -6.48
N GLY F 334 1.64 -27.71 -7.27
CA GLY F 334 2.11 -28.96 -6.71
C GLY F 334 3.54 -28.86 -6.23
N MET F 335 4.02 -29.95 -5.63
CA MET F 335 5.37 -29.96 -5.10
C MET F 335 6.41 -30.10 -6.19
N VAL F 336 6.08 -30.82 -7.27
CA VAL F 336 7.02 -30.96 -8.39
C VAL F 336 7.26 -29.60 -9.05
N LYS F 337 6.18 -28.88 -9.35
CA LYS F 337 6.35 -27.56 -9.96
C LYS F 337 6.97 -26.57 -8.99
N GLU F 338 6.75 -26.75 -7.69
CA GLU F 338 7.41 -25.91 -6.70
C GLU F 338 8.91 -26.13 -6.73
N ALA F 339 9.34 -27.39 -6.83
CA ALA F 339 10.77 -27.67 -6.97
C ALA F 339 11.31 -27.09 -8.27
N MET F 340 10.54 -27.18 -9.35
CA MET F 340 10.96 -26.59 -10.62
C MET F 340 11.15 -25.09 -10.49
N ASP F 341 10.22 -24.42 -9.81
CA ASP F 341 10.34 -22.97 -9.60
C ASP F 341 11.56 -22.64 -8.76
N GLN F 342 11.83 -23.43 -7.72
CA GLN F 342 13.00 -23.13 -6.91
C GLN F 342 14.28 -23.35 -7.68
N LYS F 343 14.35 -24.36 -8.55
CA LYS F 343 15.55 -24.52 -9.38
C LYS F 343 15.70 -23.37 -10.36
N GLU F 344 14.60 -22.89 -10.93
CA GLU F 344 14.69 -21.71 -11.79
C GLU F 344 15.25 -20.52 -11.03
N ARG F 345 14.74 -20.29 -9.82
CA ARG F 345 15.24 -19.18 -9.02
C ARG F 345 16.71 -19.37 -8.67
N GLN F 346 17.13 -20.61 -8.41
CA GLN F 346 18.53 -20.86 -8.08
C GLN F 346 19.44 -20.57 -9.27
N MET F 347 19.04 -20.98 -10.47
CA MET F 347 19.84 -20.66 -11.66
C MET F 347 19.90 -19.14 -11.86
N VAL F 348 18.79 -18.45 -11.64
CA VAL F 348 18.83 -16.98 -11.70
C VAL F 348 19.80 -16.45 -10.66
N ALA F 349 19.81 -17.04 -9.48
CA ALA F 349 20.53 -16.48 -8.34
C ALA F 349 22.03 -16.62 -8.49
N LEU F 350 22.50 -17.80 -8.90
CA LEU F 350 23.95 -18.00 -9.00
C LEU F 350 24.49 -17.75 -10.40
N GLY F 351 23.65 -17.28 -11.33
CA GLY F 351 24.10 -16.88 -12.64
C GLY F 351 24.38 -15.40 -12.74
N ALA F 352 24.52 -14.93 -13.97
CA ALA F 352 24.78 -13.52 -14.24
C ALA F 352 24.19 -13.16 -15.58
N LYS F 353 23.05 -12.47 -15.56
CA LYS F 353 22.34 -12.04 -16.78
C LYS F 353 22.03 -13.20 -17.71
N LEU F 354 21.64 -14.35 -17.17
CA LEU F 354 21.37 -15.50 -18.02
C LEU F 354 19.94 -15.48 -18.53
N ILE F 355 18.96 -15.20 -17.66
CA ILE F 355 17.58 -15.00 -18.08
C ILE F 355 17.05 -13.75 -17.38
N ASP F 356 15.92 -13.25 -17.86
CA ASP F 356 15.32 -12.03 -17.33
C ASP F 356 13.91 -12.29 -16.85
N SER F 357 13.54 -11.62 -15.76
CA SER F 357 12.22 -11.73 -15.15
C SER F 357 11.55 -10.37 -15.23
N ASP F 358 10.62 -10.22 -16.17
CA ASP F 358 9.92 -8.95 -16.33
C ASP F 358 9.04 -8.64 -15.12
N LYS F 359 8.61 -9.67 -14.39
CA LYS F 359 7.69 -9.46 -13.27
C LYS F 359 8.33 -8.66 -12.14
N THR F 360 9.52 -9.07 -11.71
CA THR F 360 10.19 -8.40 -10.60
C THR F 360 10.87 -7.12 -11.07
N GLN F 361 11.02 -6.19 -10.15
CA GLN F 361 11.70 -4.92 -10.41
C GLN F 361 12.94 -4.82 -9.54
N ARG F 362 13.94 -4.11 -10.06
CA ARG F 362 15.21 -3.93 -9.36
C ARG F 362 15.49 -2.43 -9.23
N THR F 363 15.85 -2.01 -8.03
CA THR F 363 16.09 -0.60 -7.76
C THR F 363 17.40 -0.14 -8.38
N PHE F 364 17.40 1.08 -8.92
CA PHE F 364 18.64 1.67 -9.39
C PHE F 364 19.46 2.15 -8.20
N GLY F 365 20.77 1.92 -8.26
CA GLY F 365 21.65 2.16 -7.15
C GLY F 365 21.87 0.98 -6.25
N GLU F 366 20.87 0.11 -6.08
CA GLU F 366 21.08 -1.15 -5.39
C GLU F 366 21.91 -2.10 -6.23
N ALA F 367 21.65 -2.17 -7.53
CA ALA F 367 22.46 -2.98 -8.44
C ALA F 367 23.80 -2.35 -8.76
N SER F 368 23.93 -1.03 -8.57
CA SER F 368 25.20 -0.37 -8.84
C SER F 368 26.28 -0.89 -7.89
N MET F 369 25.92 -1.15 -6.63
CA MET F 369 26.91 -1.63 -5.67
C MET F 369 27.26 -3.10 -5.91
N GLU F 370 26.34 -3.89 -6.45
CA GLU F 370 26.59 -5.31 -6.70
C GLU F 370 27.07 -5.59 -8.12
N ALA F 371 27.18 -4.55 -8.96
CA ALA F 371 27.65 -4.78 -10.33
C ALA F 371 29.01 -5.45 -10.36
N ALA F 372 29.95 -4.99 -9.52
CA ALA F 372 31.29 -5.58 -9.52
C ALA F 372 31.26 -7.04 -9.12
N ALA F 373 30.46 -7.39 -8.11
CA ALA F 373 30.35 -8.78 -7.69
C ALA F 373 29.69 -9.64 -8.75
N GLN F 374 28.68 -9.11 -9.44
CA GLN F 374 27.94 -9.89 -10.42
C GLN F 374 28.80 -10.22 -11.63
N ASN F 375 29.71 -9.32 -12.01
CA ASN F 375 30.50 -9.45 -13.22
C ASN F 375 31.91 -9.98 -12.95
N SER F 376 32.05 -10.88 -11.97
CA SER F 376 33.38 -11.37 -11.60
C SER F 376 34.00 -12.21 -12.71
N VAL F 377 33.30 -13.28 -13.11
CA VAL F 377 33.86 -14.19 -14.10
C VAL F 377 34.12 -13.47 -15.42
N LEU F 378 33.24 -12.54 -15.78
CA LEU F 378 33.44 -11.77 -17.00
C LEU F 378 34.76 -11.02 -16.97
N SER F 379 35.02 -10.28 -15.89
CA SER F 379 36.26 -9.52 -15.79
C SER F 379 37.46 -10.44 -15.75
N ARG F 380 37.36 -11.55 -15.03
CA ARG F 380 38.50 -12.47 -14.90
C ARG F 380 38.87 -13.06 -16.26
N VAL F 381 37.87 -13.54 -17.00
CA VAL F 381 38.13 -14.11 -18.32
C VAL F 381 38.61 -13.05 -19.29
N SER F 382 38.05 -11.84 -19.18
CA SER F 382 38.50 -10.74 -20.03
C SER F 382 39.99 -10.49 -19.84
N LYS F 383 40.42 -10.37 -18.57
CA LYS F 383 41.82 -10.09 -18.30
C LYS F 383 42.71 -11.25 -18.74
N ASN F 384 42.26 -12.49 -18.51
CA ASN F 384 43.04 -13.65 -18.91
C ASN F 384 43.26 -13.70 -20.42
N VAL F 385 42.18 -13.52 -21.18
CA VAL F 385 42.28 -13.59 -22.63
C VAL F 385 43.08 -12.40 -23.16
N SER F 386 42.92 -11.23 -22.53
CA SER F 386 43.72 -10.08 -22.94
C SER F 386 45.21 -10.36 -22.77
N ASP F 387 45.59 -10.93 -21.62
CA ASP F 387 46.99 -11.29 -21.40
C ASP F 387 47.46 -12.32 -22.42
N ALA F 388 46.65 -13.34 -22.67
CA ALA F 388 47.05 -14.40 -23.60
C ALA F 388 47.27 -13.84 -25.01
N TYR F 389 46.33 -13.00 -25.47
CA TYR F 389 46.44 -12.48 -26.83
C TYR F 389 47.55 -11.45 -26.95
N THR F 390 47.79 -10.65 -25.90
CA THR F 390 48.93 -9.75 -25.92
C THR F 390 50.24 -10.53 -26.00
N LYS F 391 50.35 -11.62 -25.23
CA LYS F 391 51.56 -12.43 -25.28
C LYS F 391 51.75 -13.04 -26.67
N ALA F 392 50.67 -13.55 -27.26
CA ALA F 392 50.76 -14.12 -28.60
C ALA F 392 51.18 -13.07 -29.62
N LEU F 393 50.63 -11.85 -29.51
CA LEU F 393 50.99 -10.77 -30.42
C LEU F 393 52.46 -10.39 -30.26
N ARG F 394 52.96 -10.36 -29.02
CA ARG F 394 54.38 -10.08 -28.81
C ARG F 394 55.24 -11.17 -29.44
N TRP F 395 54.82 -12.44 -29.31
CA TRP F 395 55.57 -13.53 -29.92
C TRP F 395 55.59 -13.39 -31.45
N ALA F 396 54.46 -13.05 -32.05
CA ALA F 396 54.42 -12.86 -33.49
C ALA F 396 55.28 -11.67 -33.91
N ALA F 397 55.28 -10.61 -33.11
CA ALA F 397 56.15 -9.48 -33.40
C ALA F 397 57.62 -9.89 -33.37
N MET F 398 58.00 -10.71 -32.38
CA MET F 398 59.38 -11.18 -32.34
C MET F 398 59.72 -12.09 -33.51
N PHE F 399 58.75 -12.85 -34.03
CA PHE F 399 58.93 -13.46 -35.33
C PHE F 399 59.25 -12.41 -36.39
N LEU F 400 58.42 -11.36 -36.47
CA LEU F 400 58.59 -10.34 -37.48
C LEU F 400 59.62 -9.28 -37.11
N GLY F 401 60.14 -9.31 -35.88
CA GLY F 401 61.05 -8.25 -35.45
C GLY F 401 60.37 -6.90 -35.37
N LEU F 402 59.14 -6.87 -34.87
CA LEU F 402 58.35 -5.66 -34.81
C LEU F 402 58.39 -5.08 -33.40
N ASP F 403 57.57 -4.06 -33.15
CA ASP F 403 57.51 -3.45 -31.83
C ASP F 403 57.03 -4.44 -30.79
N GLU F 404 57.57 -4.32 -29.58
CA GLU F 404 57.23 -5.22 -28.49
C GLU F 404 56.16 -4.67 -27.55
N LYS F 405 56.15 -3.36 -27.31
CA LYS F 405 55.19 -2.75 -26.38
C LYS F 405 53.84 -2.55 -27.07
N ILE F 406 53.11 -3.65 -27.20
CA ILE F 406 51.79 -3.67 -27.81
C ILE F 406 50.84 -4.38 -26.86
N GLU F 407 49.55 -4.07 -27.00
CA GLU F 407 48.53 -4.64 -26.13
C GLU F 407 47.28 -4.95 -26.93
N TYR F 408 46.51 -5.92 -26.44
CA TYR F 408 45.20 -6.29 -27.00
C TYR F 408 44.26 -6.60 -25.83
N GLU F 409 43.55 -5.58 -25.36
CA GLU F 409 42.71 -5.76 -24.19
C GLU F 409 41.25 -5.95 -24.62
N LEU F 410 40.61 -6.99 -24.10
CA LEU F 410 39.19 -7.17 -24.31
C LEU F 410 38.40 -6.16 -23.49
N ASN F 411 37.23 -5.79 -24.00
CA ASN F 411 36.42 -4.76 -23.37
C ASN F 411 36.16 -5.09 -21.90
N SER F 412 36.71 -4.27 -21.02
CA SER F 412 36.62 -4.50 -19.58
C SER F 412 35.55 -3.66 -18.91
N ASP F 413 35.09 -2.58 -19.52
CA ASP F 413 34.01 -1.76 -18.99
C ASP F 413 32.70 -2.39 -19.45
N PHE F 414 32.03 -3.09 -18.54
CA PHE F 414 30.83 -3.85 -18.85
C PHE F 414 29.63 -2.91 -18.80
N ASP F 415 28.43 -3.47 -18.97
CA ASP F 415 27.18 -2.72 -18.80
C ASP F 415 27.17 -1.48 -19.70
N ILE F 416 27.17 -1.74 -21.01
CA ILE F 416 27.32 -0.68 -22.00
C ILE F 416 25.96 -0.35 -22.60
N ASN F 417 25.66 0.94 -22.66
CA ASN F 417 24.41 1.44 -23.24
C ASN F 417 24.73 2.74 -23.96
N LYS F 418 23.73 3.29 -24.66
CA LYS F 418 23.89 4.58 -25.31
C LYS F 418 24.18 5.65 -24.27
N MET F 419 25.19 6.47 -24.54
CA MET F 419 25.71 7.38 -23.54
C MET F 419 24.88 8.65 -23.46
N SER F 420 24.60 9.09 -22.23
CA SER F 420 23.66 10.16 -21.98
C SER F 420 24.21 11.50 -22.48
N PRO F 421 23.33 12.46 -22.77
CA PRO F 421 23.80 13.80 -23.17
C PRO F 421 24.71 14.46 -22.15
N GLU F 422 24.38 14.32 -20.86
CA GLU F 422 25.25 14.90 -19.83
C GLU F 422 26.57 14.15 -19.75
N GLU F 423 26.58 12.85 -20.01
CA GLU F 423 27.83 12.13 -20.14
C GLU F 423 28.67 12.70 -21.27
N LEU F 424 28.03 13.03 -22.39
CA LEU F 424 28.74 13.63 -23.51
C LEU F 424 29.32 14.99 -23.12
N ALA F 425 28.53 15.83 -22.45
CA ALA F 425 29.05 17.11 -22.01
C ALA F 425 30.23 16.95 -21.07
N ALA F 426 30.14 15.99 -20.13
CA ALA F 426 31.21 15.77 -19.19
C ALA F 426 32.48 15.31 -19.88
N VAL F 427 32.37 14.36 -20.81
CA VAL F 427 33.57 13.86 -21.47
C VAL F 427 34.19 14.91 -22.37
N ILE F 428 33.36 15.75 -23.02
CA ILE F 428 33.92 16.82 -23.84
C ILE F 428 34.63 17.85 -22.97
N SER F 429 34.03 18.20 -21.83
CA SER F 429 34.70 19.12 -20.91
C SER F 429 36.01 18.53 -20.39
N ALA F 430 36.01 17.23 -20.10
CA ALA F 430 37.21 16.58 -19.58
C ALA F 430 38.31 16.54 -20.63
N TRP F 431 37.95 16.31 -21.90
CA TRP F 431 38.96 16.36 -22.95
C TRP F 431 39.42 17.79 -23.20
N GLN F 432 38.53 18.77 -23.00
CA GLN F 432 38.93 20.17 -23.17
C GLN F 432 39.96 20.55 -22.11
N SER F 433 39.83 20.03 -20.90
CA SER F 433 40.93 20.05 -19.96
C SER F 433 41.95 18.98 -20.33
N ASN F 434 43.14 19.07 -19.75
CA ASN F 434 44.21 18.12 -20.07
C ASN F 434 44.12 16.90 -19.17
N ALA F 435 42.93 16.29 -19.16
CA ALA F 435 42.65 15.12 -18.33
C ALA F 435 42.38 13.85 -19.11
N ILE F 436 41.79 13.94 -20.30
CA ILE F 436 41.52 12.79 -21.14
C ILE F 436 42.10 13.04 -22.53
N SER F 437 42.84 12.06 -23.05
CA SER F 437 43.45 12.18 -24.35
C SER F 437 42.40 12.15 -25.46
N PHE F 438 42.80 12.61 -26.64
CA PHE F 438 41.90 12.61 -27.79
C PHE F 438 41.50 11.21 -28.19
N THR F 439 42.46 10.28 -28.25
CA THR F 439 42.14 8.89 -28.54
C THR F 439 41.28 8.30 -27.43
N GLU F 440 41.58 8.64 -26.18
CA GLU F 440 40.72 8.22 -25.08
C GLU F 440 39.31 8.75 -25.25
N MET F 441 39.17 10.01 -25.64
CA MET F 441 37.83 10.58 -25.80
C MET F 441 37.08 9.93 -26.95
N ARG F 442 37.77 9.61 -28.06
CA ARG F 442 37.13 8.92 -29.16
C ARG F 442 36.70 7.52 -28.76
N TRP F 443 37.55 6.82 -27.99
CA TRP F 443 37.17 5.51 -27.47
C TRP F 443 35.93 5.63 -26.58
N GLN F 444 35.87 6.66 -25.74
CA GLN F 444 34.70 6.89 -24.91
C GLN F 444 33.45 7.11 -25.76
N ILE F 445 33.56 7.98 -26.77
CA ILE F 445 32.39 8.35 -27.56
C ILE F 445 31.92 7.20 -28.43
N LYS F 446 32.84 6.33 -28.86
CA LYS F 446 32.44 5.15 -29.62
C LYS F 446 31.83 4.09 -28.72
N LYS F 447 32.36 3.94 -27.50
CA LYS F 447 31.80 2.97 -26.57
C LYS F 447 30.35 3.30 -26.23
N GLY F 448 29.99 4.58 -26.25
CA GLY F 448 28.63 5.01 -26.02
C GLY F 448 27.75 5.02 -27.24
N GLY F 449 28.23 4.49 -28.36
CA GLY F 449 27.45 4.46 -29.58
C GLY F 449 27.14 5.83 -30.15
N ARG F 450 28.15 6.68 -30.22
CA ARG F 450 27.98 8.03 -30.73
C ARG F 450 28.88 8.35 -31.92
N ALA F 451 29.76 7.43 -32.32
CA ALA F 451 30.62 7.67 -33.47
C ALA F 451 31.00 6.33 -34.09
N TYR F 452 31.38 6.40 -35.37
CA TYR F 452 31.80 5.19 -36.10
C TYR F 452 33.07 5.34 -36.90
N LEU F 453 33.46 6.56 -37.31
CA LEU F 453 34.65 6.74 -38.11
C LEU F 453 35.90 6.66 -37.24
N GLU F 454 36.98 6.18 -37.84
CA GLU F 454 38.26 6.11 -37.15
C GLU F 454 38.73 7.51 -36.76
N ASP F 455 39.57 7.56 -35.73
CA ASP F 455 39.99 8.85 -35.17
C ASP F 455 40.71 9.69 -36.21
N GLU F 456 41.64 9.08 -36.97
CA GLU F 456 42.39 9.84 -37.96
C GLU F 456 41.49 10.39 -39.06
N ASP F 457 40.51 9.60 -39.49
CA ASP F 457 39.59 10.09 -40.51
C ASP F 457 38.75 11.25 -39.99
N MET F 458 38.29 11.15 -38.73
CA MET F 458 37.53 12.26 -38.15
C MET F 458 38.38 13.52 -38.07
N ARG F 459 39.65 13.37 -37.67
CA ARG F 459 40.56 14.50 -37.67
C ARG F 459 40.67 15.10 -39.06
N ASN F 460 40.90 14.26 -40.07
CA ASN F 460 41.11 14.74 -41.42
C ASN F 460 39.89 15.51 -41.92
N GLU F 461 38.69 15.02 -41.62
CA GLU F 461 37.49 15.75 -42.03
C GLU F 461 37.35 17.04 -41.24
N SER F 462 37.66 17.02 -39.95
CA SER F 462 37.40 18.20 -39.11
C SER F 462 38.45 19.28 -39.28
N GLU F 463 39.56 18.98 -39.97
CA GLU F 463 40.54 20.04 -40.23
C GLU F 463 39.96 21.13 -41.12
N GLN F 464 39.06 20.77 -42.05
CA GLN F 464 38.57 21.73 -43.02
C GLN F 464 37.67 22.77 -42.37
N ASP F 465 37.54 23.91 -43.03
CA ASP F 465 36.72 25.00 -42.52
C ASP F 465 35.24 24.65 -42.65
N ASP F 466 34.46 25.08 -41.67
CA ASP F 466 33.05 24.70 -41.62
C ASP F 466 32.27 25.48 -42.68
N PRO F 467 31.13 24.95 -43.15
CA PRO F 467 30.32 25.67 -44.15
C PRO F 467 29.88 27.05 -43.68
N LEU F 468 29.51 27.15 -42.40
CA LEU F 468 28.98 28.39 -41.82
C LEU F 468 27.78 28.90 -42.61
N LYS G 8 39.09 -27.31 29.83
CA LYS G 8 39.37 -26.26 28.86
C LYS G 8 39.34 -26.78 27.42
N TYR G 9 40.04 -26.10 26.53
CA TYR G 9 40.16 -26.53 25.15
C TYR G 9 41.52 -26.10 24.61
N VAL G 10 41.96 -26.80 23.57
CA VAL G 10 43.29 -26.55 23.02
C VAL G 10 43.33 -25.19 22.32
N ARG G 11 44.54 -24.67 22.15
CA ARG G 11 44.75 -23.44 21.38
C ARG G 11 44.19 -23.59 19.98
N GLU G 12 43.44 -22.57 19.54
CA GLU G 12 42.80 -22.58 18.22
C GLU G 12 41.98 -23.85 18.06
N ASP G 13 42.40 -24.71 17.14
CA ASP G 13 41.79 -26.03 16.98
C ASP G 13 42.88 -27.10 16.98
N ALA G 14 44.01 -26.80 17.63
CA ALA G 14 45.18 -27.67 17.65
C ALA G 14 45.69 -27.94 16.23
N LYS G 15 45.69 -26.90 15.40
CA LYS G 15 46.16 -26.99 14.02
C LYS G 15 45.44 -28.11 13.27
N LYS G 16 44.17 -28.30 13.61
CA LYS G 16 43.35 -29.36 13.05
C LYS G 16 42.46 -28.85 11.92
N MET G 17 42.96 -27.89 11.15
CA MET G 17 42.21 -27.40 10.00
C MET G 17 42.41 -28.25 8.76
N HIS G 18 43.05 -29.42 8.87
CA HIS G 18 43.27 -30.24 7.68
C HIS G 18 41.95 -30.73 7.10
N LYS G 19 41.08 -31.29 7.92
CA LYS G 19 39.79 -31.77 7.41
C LYS G 19 38.93 -30.60 6.94
N LEU G 20 39.01 -29.47 7.64
CA LEU G 20 38.25 -28.29 7.24
C LEU G 20 38.71 -27.78 5.87
N TRP G 21 40.03 -27.76 5.64
CA TRP G 21 40.55 -27.35 4.34
C TRP G 21 40.12 -28.34 3.25
N ALA G 22 40.17 -29.63 3.56
CA ALA G 22 39.73 -30.63 2.59
C ALA G 22 38.26 -30.42 2.24
N HIS G 23 37.42 -30.21 3.25
CA HIS G 23 35.99 -30.01 3.02
C HIS G 23 35.74 -28.75 2.21
N ILE G 24 36.48 -27.67 2.51
CA ILE G 24 36.32 -26.43 1.77
C ILE G 24 36.73 -26.62 0.31
N ARG G 25 37.84 -27.32 0.08
CA ARG G 25 38.27 -27.57 -1.29
C ARG G 25 37.25 -28.41 -2.06
N MET G 26 36.70 -29.43 -1.40
CA MET G 26 35.67 -30.23 -2.06
C MET G 26 34.43 -29.41 -2.37
N ALA G 27 34.02 -28.54 -1.45
CA ALA G 27 32.88 -27.67 -1.70
C ALA G 27 33.16 -26.74 -2.88
N MET G 28 34.37 -26.21 -2.96
CA MET G 28 34.73 -25.34 -4.09
C MET G 28 34.75 -26.09 -5.39
N GLU G 29 35.16 -27.36 -5.37
CA GLU G 29 35.26 -28.12 -6.62
C GLU G 29 33.91 -28.19 -7.33
N GLY G 30 32.83 -28.39 -6.59
CA GLY G 30 31.51 -28.34 -7.17
C GLY G 30 30.67 -29.51 -6.70
N SER G 31 29.66 -29.83 -7.51
CA SER G 31 28.73 -30.88 -7.15
C SER G 31 29.38 -32.25 -7.16
N ARG G 32 30.35 -32.47 -8.07
CA ARG G 32 30.96 -33.80 -8.19
C ARG G 32 31.70 -34.19 -6.92
N ALA G 33 32.51 -33.27 -6.38
CA ALA G 33 33.29 -33.58 -5.19
C ALA G 33 32.39 -33.85 -4.00
N ILE G 34 31.30 -33.10 -3.87
CA ILE G 34 30.37 -33.37 -2.78
C ILE G 34 29.67 -34.70 -2.97
N LYS G 35 29.31 -35.03 -4.22
CA LYS G 35 28.55 -36.26 -4.47
C LYS G 35 29.41 -37.51 -4.29
N ASP G 36 30.69 -37.46 -4.63
CA ASP G 36 31.57 -38.57 -4.30
C ASP G 36 32.10 -38.49 -2.87
N ASN G 37 31.45 -37.69 -2.02
CA ASN G 37 31.80 -37.59 -0.61
C ASN G 37 30.53 -37.60 0.24
N ALA G 38 29.45 -38.17 -0.28
CA ALA G 38 28.17 -38.12 0.42
C ALA G 38 28.22 -38.87 1.74
N LYS G 39 29.11 -39.85 1.87
CA LYS G 39 29.17 -40.63 3.10
C LYS G 39 29.57 -39.77 4.29
N GLU G 40 30.54 -38.86 4.10
CA GLU G 40 30.95 -37.99 5.19
C GLU G 40 29.98 -36.83 5.40
N PHE G 41 29.29 -36.40 4.35
CA PHE G 41 28.39 -35.25 4.46
C PHE G 41 26.96 -35.66 4.79
N VAL G 42 26.35 -36.50 3.96
CA VAL G 42 24.96 -36.91 4.14
C VAL G 42 24.96 -38.21 4.94
N PRO G 43 24.48 -38.21 6.17
CA PRO G 43 24.38 -39.47 6.93
C PRO G 43 23.38 -40.41 6.29
N HIS G 44 23.68 -41.70 6.36
CA HIS G 44 22.77 -42.71 5.83
C HIS G 44 21.48 -42.70 6.64
N PRO G 45 20.31 -42.69 6.00
CA PRO G 45 19.06 -42.69 6.78
C PRO G 45 18.91 -43.87 7.72
N ASP G 46 19.36 -45.06 7.30
CA ASP G 46 19.28 -46.26 8.13
C ASP G 46 20.61 -46.99 8.07
N ASN G 47 21.14 -47.36 9.25
CA ASN G 47 22.39 -48.12 9.28
C ASN G 47 22.16 -49.58 8.91
N THR G 48 21.00 -50.14 9.29
CA THR G 48 20.68 -51.51 8.94
C THR G 48 20.68 -51.70 7.43
N LYS G 49 20.05 -50.77 6.70
CA LYS G 49 20.18 -50.77 5.25
C LYS G 49 21.63 -50.50 4.84
N ALA G 50 22.29 -49.55 5.51
CA ALA G 50 23.64 -49.15 5.12
C ALA G 50 24.57 -50.35 5.04
N THR G 51 24.40 -51.33 5.92
CA THR G 51 25.18 -52.56 5.81
C THR G 51 24.78 -53.37 4.57
N THR G 52 23.48 -53.43 4.28
CA THR G 52 22.98 -54.32 3.24
C THR G 52 23.26 -53.77 1.84
N PRO G 53 23.24 -54.63 0.82
CA PRO G 53 23.47 -54.14 -0.56
C PRO G 53 22.28 -53.37 -1.12
N GLU G 54 21.05 -53.80 -0.83
CA GLU G 54 19.92 -52.96 -1.21
C GLU G 54 19.98 -51.62 -0.51
N GLY G 55 20.59 -51.58 0.68
CA GLY G 55 20.79 -50.31 1.35
C GLY G 55 21.76 -49.39 0.64
N VAL G 56 22.86 -49.95 0.13
CA VAL G 56 23.81 -49.09 -0.58
C VAL G 56 23.24 -48.65 -1.92
N ALA G 57 22.46 -49.50 -2.58
CA ALA G 57 21.77 -49.07 -3.80
C ALA G 57 20.76 -47.97 -3.49
N ARG G 58 20.05 -48.10 -2.37
CA ARG G 58 19.12 -47.07 -1.94
C ARG G 58 19.83 -45.76 -1.65
N TYR G 59 21.01 -45.83 -1.01
CA TYR G 59 21.76 -44.61 -0.73
C TYR G 59 22.28 -43.97 -2.00
N LYS G 60 22.70 -44.78 -2.98
CA LYS G 60 23.13 -44.23 -4.26
C LYS G 60 21.97 -43.50 -4.95
N ALA G 61 20.79 -44.12 -4.96
CA ALA G 61 19.63 -43.46 -5.56
C ALA G 61 19.25 -42.21 -4.78
N TYR G 62 19.41 -42.25 -3.46
CA TYR G 62 19.10 -41.12 -2.61
C TYR G 62 20.00 -39.94 -2.89
N ILE G 63 21.29 -40.19 -3.08
CA ILE G 63 22.25 -39.10 -3.25
C ILE G 63 22.26 -38.59 -4.68
N GLU G 64 22.09 -39.49 -5.66
CA GLU G 64 22.17 -39.07 -7.05
C GLU G 64 21.08 -38.07 -7.40
N ARG G 65 19.87 -38.28 -6.88
CA ARG G 65 18.76 -37.36 -7.13
C ARG G 65 18.94 -36.01 -6.45
N ALA G 66 19.91 -35.87 -5.55
CA ALA G 66 20.09 -34.62 -4.82
C ALA G 66 20.66 -33.53 -5.73
N VAL G 67 20.54 -32.29 -5.28
CA VAL G 67 21.01 -31.13 -6.03
C VAL G 67 21.96 -30.35 -5.14
N TRP G 68 23.17 -30.10 -5.64
CA TRP G 68 24.17 -29.33 -4.93
C TRP G 68 24.03 -27.86 -5.31
N TYR G 69 23.85 -26.99 -4.30
CA TYR G 69 23.54 -25.60 -4.59
C TYR G 69 24.77 -24.83 -5.04
N GLY G 70 25.93 -25.12 -4.44
CA GLY G 70 27.17 -24.50 -4.87
C GLY G 70 27.28 -23.01 -4.64
N ALA G 71 26.89 -22.53 -3.45
CA ALA G 71 26.95 -21.10 -3.17
C ALA G 71 28.33 -20.62 -2.75
N SER G 72 29.19 -21.51 -2.22
CA SER G 72 30.50 -21.09 -1.75
C SER G 72 31.39 -20.63 -2.89
N ALA G 73 31.36 -21.36 -4.00
CA ALA G 73 32.16 -20.95 -5.16
C ALA G 73 31.72 -19.59 -5.68
N ASN G 74 30.41 -19.35 -5.70
CA ASN G 74 29.91 -18.05 -6.10
C ASN G 74 30.33 -16.97 -5.11
N THR G 75 30.36 -17.30 -3.82
CA THR G 75 30.82 -16.35 -2.81
C THR G 75 32.24 -15.91 -3.07
N VAL G 76 33.14 -16.89 -3.28
CA VAL G 76 34.53 -16.56 -3.55
C VAL G 76 34.67 -15.80 -4.85
N ASP G 77 33.91 -16.20 -5.88
CA ASP G 77 34.00 -15.51 -7.16
C ASP G 77 33.59 -14.05 -7.02
N GLY G 78 32.51 -13.79 -6.30
CA GLY G 78 32.09 -12.42 -6.07
C GLY G 78 33.11 -11.62 -5.27
N MET G 79 33.69 -12.24 -4.23
CA MET G 79 34.68 -11.53 -3.44
C MET G 79 35.91 -11.20 -4.27
N LEU G 80 36.37 -12.14 -5.10
CA LEU G 80 37.51 -11.85 -5.97
C LEU G 80 37.18 -10.76 -6.96
N GLY G 81 35.99 -10.80 -7.55
CA GLY G 81 35.59 -9.76 -8.49
C GLY G 81 35.56 -8.39 -7.84
N GLN G 82 35.07 -8.32 -6.60
CA GLN G 82 35.06 -7.04 -5.88
C GLN G 82 36.48 -6.58 -5.57
N ILE G 83 37.35 -7.50 -5.14
CA ILE G 83 38.71 -7.12 -4.78
C ILE G 83 39.51 -6.75 -6.03
N PHE G 84 39.43 -7.57 -7.07
CA PHE G 84 40.28 -7.40 -8.25
C PHE G 84 39.51 -6.69 -9.35
N ALA G 85 39.55 -5.37 -9.32
CA ALA G 85 39.05 -4.53 -10.40
C ALA G 85 40.21 -3.69 -10.92
N ARG G 86 40.20 -3.45 -12.24
CA ARG G 86 41.29 -2.76 -12.94
C ARG G 86 42.55 -3.59 -12.70
N ASP G 87 43.62 -3.02 -12.14
CA ASP G 87 44.82 -3.76 -11.78
C ASP G 87 45.38 -3.21 -10.48
N PRO G 88 46.11 -4.04 -9.72
CA PRO G 88 46.75 -3.53 -8.50
C PRO G 88 47.77 -2.45 -8.83
N VAL G 89 47.90 -1.51 -7.91
CA VAL G 89 48.81 -0.38 -8.11
C VAL G 89 50.20 -0.75 -7.61
N PHE G 90 51.21 -0.38 -8.40
CA PHE G 90 52.60 -0.60 -8.05
C PHE G 90 53.32 0.73 -7.91
N THR G 91 54.05 0.90 -6.81
CA THR G 91 54.74 2.15 -6.51
C THR G 91 56.23 1.91 -6.53
N GLY G 92 56.97 2.80 -7.20
CA GLY G 92 58.39 2.67 -7.33
C GLY G 92 58.84 2.70 -8.78
N PRO G 93 60.05 2.24 -9.05
CA PRO G 93 60.53 2.18 -10.44
C PRO G 93 59.84 1.06 -11.20
N GLU G 94 58.90 1.44 -12.08
CA GLU G 94 58.19 0.47 -12.91
C GLU G 94 59.06 -0.09 -14.02
N ASP G 95 59.99 0.72 -14.56
CA ASP G 95 60.86 0.24 -15.62
C ASP G 95 61.82 -0.83 -15.12
N LYS G 96 62.35 -0.66 -13.91
CA LYS G 96 63.30 -1.60 -13.37
C LYS G 96 62.65 -2.89 -12.88
N PHE G 97 61.40 -2.82 -12.43
CA PHE G 97 60.70 -3.99 -11.91
C PHE G 97 59.79 -4.64 -12.94
N ASP G 98 59.85 -4.20 -14.20
CA ASP G 98 59.02 -4.81 -15.23
C ASP G 98 59.39 -6.27 -15.41
N MET G 99 60.68 -6.60 -15.30
CA MET G 99 61.14 -7.98 -15.43
C MET G 99 60.86 -8.81 -14.17
N LEU G 100 60.32 -8.20 -13.12
CA LEU G 100 59.68 -8.94 -12.04
C LEU G 100 58.18 -9.11 -12.28
N ILE G 101 57.51 -8.05 -12.76
CA ILE G 101 56.06 -8.07 -12.89
C ILE G 101 55.62 -9.00 -14.01
N ASN G 102 56.30 -8.96 -15.15
CA ASN G 102 55.83 -9.72 -16.31
C ASN G 102 55.95 -11.22 -16.08
N ASP G 103 57.10 -11.68 -15.60
CA ASP G 103 57.34 -13.09 -15.31
C ASP G 103 57.79 -13.24 -13.85
N VAL G 104 56.79 -13.37 -12.96
CA VAL G 104 57.09 -13.33 -11.53
C VAL G 104 57.85 -14.58 -11.09
N ASP G 105 57.65 -15.71 -11.76
CA ASP G 105 58.35 -16.94 -11.40
C ASP G 105 58.87 -17.68 -12.63
N GLY G 106 59.26 -16.94 -13.67
CA GLY G 106 59.88 -17.56 -14.82
C GLY G 106 58.94 -18.19 -15.82
N SER G 107 57.63 -18.03 -15.64
CA SER G 107 56.65 -18.66 -16.52
C SER G 107 55.91 -17.66 -17.40
N GLY G 108 56.21 -16.38 -17.32
CA GLY G 108 55.46 -15.37 -18.04
C GLY G 108 54.14 -14.99 -17.41
N LEU G 109 53.80 -15.58 -16.27
CA LEU G 109 52.56 -15.26 -15.57
C LEU G 109 52.76 -13.95 -14.81
N SER G 110 51.90 -12.98 -15.09
CA SER G 110 52.06 -11.67 -14.48
C SER G 110 51.82 -11.74 -12.97
N ILE G 111 52.42 -10.80 -12.24
CA ILE G 111 52.30 -10.79 -10.79
C ILE G 111 50.85 -10.59 -10.36
N HIS G 112 50.04 -9.95 -11.21
CA HIS G 112 48.65 -9.72 -10.86
C HIS G 112 47.87 -11.03 -10.79
N GLN G 113 48.15 -11.96 -11.70
CA GLN G 113 47.44 -13.23 -11.69
C GLN G 113 47.84 -14.09 -10.50
N GLN G 114 49.13 -14.10 -10.15
CA GLN G 114 49.55 -14.80 -8.94
C GLN G 114 48.95 -14.14 -7.70
N ALA G 115 48.85 -12.81 -7.70
CA ALA G 115 48.19 -12.12 -6.58
C ALA G 115 46.72 -12.54 -6.49
N ARG G 116 46.06 -12.69 -7.63
CA ARG G 116 44.67 -13.15 -7.64
C ARG G 116 44.56 -14.57 -7.08
N ASP G 117 45.48 -15.46 -7.46
CA ASP G 117 45.46 -16.82 -6.95
C ASP G 117 45.66 -16.83 -5.44
N SER G 118 46.64 -16.05 -4.96
CA SER G 118 46.87 -15.97 -3.52
C SER G 118 45.69 -15.35 -2.80
N ALA G 119 45.00 -14.40 -3.43
CA ALA G 119 43.81 -13.80 -2.83
C ALA G 119 42.70 -14.83 -2.69
N GLU G 120 42.50 -15.67 -3.71
CA GLU G 120 41.50 -16.72 -3.58
C GLU G 120 41.90 -17.72 -2.49
N ASP G 121 43.18 -18.05 -2.39
CA ASP G 121 43.61 -18.95 -1.32
C ASP G 121 43.36 -18.34 0.05
N ALA G 122 43.61 -17.03 0.19
CA ALA G 122 43.34 -16.35 1.45
C ALA G 122 41.85 -16.33 1.76
N LEU G 123 41.02 -16.09 0.76
CA LEU G 123 39.57 -16.00 0.99
C LEU G 123 38.93 -17.35 1.24
N SER G 124 39.47 -18.42 0.65
CA SER G 124 38.84 -19.73 0.72
C SER G 124 39.17 -20.45 2.03
N LEU G 125 40.45 -20.71 2.27
CA LEU G 125 40.88 -21.44 3.45
C LEU G 125 41.84 -20.65 4.32
N GLY G 126 42.03 -19.37 4.06
CA GLY G 126 42.75 -18.49 4.96
C GLY G 126 44.20 -18.86 5.22
N ARG G 127 44.93 -19.26 4.19
CA ARG G 127 46.35 -19.54 4.34
C ARG G 127 47.02 -19.57 2.99
N GLY G 128 48.31 -19.24 2.99
CA GLY G 128 49.12 -19.26 1.78
C GLY G 128 50.55 -18.97 2.16
N GLY G 129 51.38 -18.78 1.14
CA GLY G 129 52.77 -18.47 1.39
C GLY G 129 53.53 -17.93 0.19
N LEU G 130 54.31 -16.87 0.42
CA LEU G 130 55.18 -16.29 -0.59
C LEU G 130 56.62 -16.60 -0.24
N PHE G 131 57.39 -17.07 -1.21
CA PHE G 131 58.78 -17.45 -0.99
C PHE G 131 59.62 -16.81 -2.08
N VAL G 132 60.48 -15.87 -1.71
CA VAL G 132 61.34 -15.16 -2.65
C VAL G 132 62.70 -15.85 -2.61
N ASP G 133 63.00 -16.62 -3.64
CA ASP G 133 64.29 -17.30 -3.75
C ASP G 133 65.11 -16.70 -4.87
N TYR G 134 66.40 -17.02 -4.87
CA TYR G 134 67.34 -16.52 -5.87
C TYR G 134 67.86 -17.69 -6.68
N SER G 135 67.80 -17.58 -8.00
CA SER G 135 68.08 -18.73 -8.86
C SER G 135 69.53 -19.19 -8.73
N ALA G 152 70.86 -14.94 -13.40
CA ALA G 152 70.31 -14.90 -12.06
C ALA G 152 69.13 -13.94 -11.99
N ARG G 153 68.10 -14.32 -11.25
CA ARG G 153 66.90 -13.52 -11.14
C ARG G 153 66.06 -13.97 -9.95
N PRO G 154 65.64 -13.05 -9.08
CA PRO G 154 64.76 -13.44 -7.97
C PRO G 154 63.42 -13.93 -8.46
N TYR G 155 62.87 -14.89 -7.73
CA TYR G 155 61.61 -15.54 -8.09
C TYR G 155 60.66 -15.46 -6.90
N ILE G 156 59.49 -14.86 -7.11
CA ILE G 156 58.49 -14.73 -6.07
C ILE G 156 57.54 -15.91 -6.19
N LYS G 157 57.81 -16.96 -5.44
CA LYS G 157 57.05 -18.19 -5.49
C LYS G 157 55.69 -18.02 -4.82
N PHE G 158 54.80 -18.98 -5.09
CA PHE G 158 53.54 -19.09 -4.38
C PHE G 158 53.41 -20.52 -3.89
N ILE G 159 53.17 -20.68 -2.59
CA ILE G 159 53.14 -22.00 -1.95
C ILE G 159 51.75 -22.22 -1.37
N ALA G 160 51.16 -23.37 -1.70
CA ALA G 160 49.82 -23.68 -1.24
C ALA G 160 49.80 -23.88 0.27
N ALA G 161 48.59 -23.84 0.83
CA ALA G 161 48.43 -23.96 2.27
C ALA G 161 48.88 -25.33 2.77
N GLU G 162 48.50 -26.40 2.06
CA GLU G 162 48.85 -27.74 2.49
C GLU G 162 50.33 -28.03 2.32
N ASP G 163 51.03 -27.27 1.49
CA ASP G 163 52.46 -27.52 1.26
C ASP G 163 53.30 -27.11 2.45
N ILE G 164 52.92 -26.03 3.14
CA ILE G 164 53.64 -25.61 4.34
C ILE G 164 53.37 -26.64 5.42
N LEU G 165 54.42 -27.33 5.88
CA LEU G 165 54.27 -28.45 6.79
C LEU G 165 55.10 -28.32 8.06
N ASN G 166 55.68 -27.16 8.34
CA ASN G 166 56.42 -26.94 9.57
C ASN G 166 56.71 -25.46 9.73
N TRP G 167 56.57 -24.95 10.95
CA TRP G 167 56.94 -23.58 11.27
C TRP G 167 57.13 -23.46 12.78
N ARG G 168 58.04 -22.57 13.18
CA ARG G 168 58.48 -22.43 14.56
C ARG G 168 58.35 -21.00 15.03
N GLU G 169 58.22 -20.84 16.35
CA GLU G 169 58.14 -19.53 16.98
C GLU G 169 59.15 -19.35 18.10
N ARG G 170 60.37 -19.90 17.98
CA ARG G 170 61.38 -19.52 18.94
C ARG G 170 61.68 -18.03 18.86
N TRP G 171 61.45 -17.35 19.98
CA TRP G 171 61.74 -15.93 20.08
C TRP G 171 63.11 -15.71 20.69
N VAL G 172 63.97 -15.01 19.95
CA VAL G 172 65.35 -14.78 20.37
C VAL G 172 65.57 -13.28 20.45
N ASN G 173 66.44 -12.89 21.39
CA ASN G 173 66.68 -11.48 21.71
C ASN G 173 65.36 -10.79 22.09
N GLY G 174 64.51 -11.51 22.81
CA GLY G 174 63.24 -10.93 23.25
C GLY G 174 62.36 -10.43 22.12
N ALA G 175 62.29 -11.19 21.02
CA ALA G 175 61.52 -10.76 19.87
C ALA G 175 60.91 -11.98 19.19
N LYS G 176 59.61 -11.89 18.89
CA LYS G 176 58.92 -12.94 18.16
C LYS G 176 59.59 -13.17 16.82
N ARG G 177 60.19 -14.35 16.65
CA ARG G 177 60.93 -14.67 15.45
C ARG G 177 60.49 -16.03 14.93
N THR G 178 60.48 -16.17 13.60
CA THR G 178 60.21 -17.44 12.94
C THR G 178 61.55 -18.03 12.54
N THR G 179 61.92 -19.14 13.18
CA THR G 179 63.26 -19.70 13.00
C THR G 179 63.31 -20.79 11.92
N LEU G 180 62.34 -21.69 11.92
CA LEU G 180 62.34 -22.81 11.00
C LEU G 180 61.04 -22.84 10.21
N LEU G 181 61.14 -23.26 8.95
CA LEU G 181 59.97 -23.40 8.10
C LEU G 181 60.34 -24.32 6.93
N VAL G 182 59.59 -25.41 6.77
CA VAL G 182 59.80 -26.37 5.70
C VAL G 182 58.48 -26.54 4.97
N PHE G 183 58.54 -26.45 3.63
CA PHE G 183 57.33 -26.56 2.82
C PHE G 183 57.57 -27.50 1.66
N ARG G 184 56.51 -28.18 1.24
CA ARG G 184 56.57 -29.15 0.17
C ARG G 184 56.43 -28.45 -1.18
N GLU G 185 57.28 -28.84 -2.12
CA GLU G 185 57.39 -28.17 -3.40
C GLU G 185 57.28 -29.20 -4.52
N GLU G 186 56.45 -28.90 -5.51
CA GLU G 186 55.90 -29.90 -6.41
C GLU G 186 56.41 -29.67 -7.83
N SER G 187 56.68 -30.77 -8.54
CA SER G 187 57.16 -30.71 -9.92
C SER G 187 56.95 -32.05 -10.60
N ASP G 188 56.92 -32.01 -11.94
CA ASP G 188 56.77 -33.21 -12.75
C ASP G 188 57.93 -33.32 -13.74
N ALA G 189 58.38 -34.54 -13.98
CA ALA G 189 59.60 -34.79 -14.74
C ALA G 189 59.27 -35.14 -16.19
N ASP G 190 59.98 -34.51 -17.14
CA ASP G 190 59.76 -34.88 -18.58
C ASP G 190 60.85 -35.85 -19.05
N ASP G 191 60.78 -37.11 -18.62
CA ASP G 191 61.76 -38.13 -19.09
C ASP G 191 61.45 -38.49 -20.54
N ASP G 192 62.44 -39.00 -21.28
CA ASP G 192 62.24 -39.37 -22.71
C ASP G 192 60.84 -39.96 -22.89
N GLY G 193 60.52 -41.02 -22.13
CA GLY G 193 59.20 -41.64 -22.21
C GLY G 193 58.14 -40.80 -21.51
N TYR G 194 57.02 -40.53 -22.18
CA TYR G 194 55.98 -39.64 -21.60
C TYR G 194 55.43 -40.28 -20.32
N GLN G 195 56.16 -41.26 -19.77
CA GLN G 195 55.73 -41.92 -18.50
C GLN G 195 55.55 -40.84 -17.43
N ILE G 196 54.41 -40.84 -16.72
CA ILE G 196 54.13 -39.78 -15.71
C ILE G 196 55.08 -39.97 -14.52
N TYR G 197 56.03 -39.05 -14.34
CA TYR G 197 56.98 -39.13 -13.20
C TYR G 197 56.71 -37.97 -12.23
N LYS G 198 56.20 -38.28 -11.03
CA LYS G 198 55.94 -37.23 -10.02
C LYS G 198 57.09 -37.21 -9.00
N GLU G 199 57.92 -36.16 -9.05
CA GLU G 199 59.03 -36.04 -8.13
C GLU G 199 58.90 -34.78 -7.30
N GLU G 200 59.47 -34.82 -6.09
CA GLU G 200 59.21 -33.81 -5.08
C GLU G 200 60.50 -33.12 -4.68
N VAL G 201 60.36 -31.86 -4.27
CA VAL G 201 61.45 -31.06 -3.74
C VAL G 201 60.99 -30.47 -2.42
N TRP G 202 61.83 -30.58 -1.39
CA TRP G 202 61.54 -29.98 -0.09
C TRP G 202 62.56 -28.90 0.21
N ARG G 203 62.14 -27.65 0.12
CA ARG G 203 62.95 -26.52 0.54
C ARG G 203 62.91 -26.42 2.05
N GLU G 204 64.05 -26.12 2.66
CA GLU G 204 64.24 -26.20 4.10
C GLU G 204 64.82 -24.88 4.58
N LEU G 205 63.98 -24.02 5.14
CA LEU G 205 64.39 -22.70 5.60
C LEU G 205 64.62 -22.72 7.10
N ARG G 206 65.79 -22.23 7.52
CA ARG G 206 66.18 -22.22 8.92
C ARG G 206 66.78 -20.87 9.26
N LEU G 207 66.72 -20.51 10.54
CA LEU G 207 67.28 -19.24 11.02
C LEU G 207 68.13 -19.55 12.25
N VAL G 208 69.45 -19.48 12.09
CA VAL G 208 70.40 -19.65 13.18
C VAL G 208 71.04 -18.29 13.45
N ASP G 209 71.29 -18.01 14.73
CA ASP G 209 71.80 -16.73 15.25
C ASP G 209 71.32 -15.54 14.44
N GLY G 210 70.02 -15.50 14.14
CA GLY G 210 69.46 -14.43 13.34
C GLY G 210 69.99 -14.38 11.93
N THR G 211 70.30 -15.53 11.34
CA THR G 211 70.89 -15.59 10.01
C THR G 211 70.21 -16.69 9.21
N TYR G 212 70.01 -16.44 7.92
CA TYR G 212 69.20 -17.29 7.07
C TYR G 212 70.05 -18.35 6.38
N TRP G 213 69.67 -19.61 6.54
CA TRP G 213 70.30 -20.74 5.87
C TRP G 213 69.24 -21.62 5.25
N GLN G 214 69.58 -22.28 4.14
CA GLN G 214 68.63 -23.14 3.46
C GLN G 214 69.33 -24.37 2.92
N ARG G 215 68.54 -25.42 2.71
CA ARG G 215 68.97 -26.61 1.99
C ARG G 215 67.78 -27.14 1.21
N THR G 216 68.06 -27.81 0.09
CA THR G 216 67.03 -28.33 -0.79
C THR G 216 67.19 -29.83 -0.95
N TRP G 217 66.09 -30.52 -1.22
CA TRP G 217 66.08 -31.97 -1.42
C TRP G 217 65.52 -32.28 -2.79
N ARG G 218 66.16 -33.19 -3.50
CA ARG G 218 65.66 -33.71 -4.76
C ARG G 218 65.29 -35.17 -4.57
N GLU G 219 64.07 -35.54 -4.97
CA GLU G 219 63.54 -36.88 -4.75
C GLU G 219 63.29 -37.54 -6.10
N ASN G 220 63.83 -38.74 -6.29
CA ASN G 220 63.73 -39.47 -7.57
C ASN G 220 63.02 -40.80 -7.28
N ASP G 221 61.69 -40.78 -7.32
CA ASP G 221 60.87 -41.95 -7.01
C ASP G 221 61.29 -42.56 -5.67
N GLY G 222 61.58 -41.68 -4.71
CA GLY G 222 62.08 -42.12 -3.42
C GLY G 222 63.58 -42.11 -3.29
N GLN G 223 64.26 -41.11 -3.88
CA GLN G 223 65.71 -40.95 -3.76
C GLN G 223 65.96 -39.52 -3.30
N LEU G 224 65.91 -39.30 -1.99
CA LEU G 224 66.08 -37.96 -1.43
C LEU G 224 67.56 -37.61 -1.43
N TYR G 225 67.96 -36.74 -2.35
CA TYR G 225 69.32 -36.26 -2.42
C TYR G 225 69.41 -34.91 -1.72
N VAL G 226 70.06 -34.88 -0.57
CA VAL G 226 70.13 -33.70 0.29
C VAL G 226 71.32 -32.85 -0.11
N ASP G 227 71.16 -31.54 -0.01
CA ASP G 227 72.22 -30.59 -0.29
C ASP G 227 72.71 -29.96 1.01
N ASP G 228 73.98 -29.55 1.01
CA ASP G 228 74.56 -28.93 2.19
C ASP G 228 73.90 -27.59 2.47
N TRP G 229 73.96 -27.17 3.73
CA TRP G 229 73.37 -25.89 4.12
C TRP G 229 74.11 -24.75 3.44
N ILE G 230 73.34 -23.79 2.93
CA ILE G 230 73.87 -22.71 2.11
C ILE G 230 73.37 -21.38 2.67
N SER G 231 74.11 -20.32 2.37
CA SER G 231 73.86 -18.99 2.92
C SER G 231 73.68 -17.99 1.78
N PRO G 232 72.45 -17.79 1.32
CA PRO G 232 72.20 -16.76 0.30
C PRO G 232 72.50 -15.37 0.83
N THR G 233 72.95 -14.48 -0.05
CA THR G 233 73.31 -13.12 0.30
C THR G 233 72.62 -12.15 -0.64
N LYS G 234 72.49 -10.90 -0.18
CA LYS G 234 71.93 -9.85 -1.02
C LYS G 234 72.94 -9.47 -2.10
N ALA G 235 72.56 -8.48 -2.92
CA ALA G 235 73.45 -8.03 -3.98
C ALA G 235 74.72 -7.41 -3.42
N ASP G 236 74.60 -6.57 -2.40
CA ASP G 236 75.78 -5.97 -1.78
C ASP G 236 76.53 -6.96 -0.90
N GLY G 237 75.80 -7.90 -0.29
CA GLY G 237 76.34 -8.78 0.73
C GLY G 237 75.51 -8.73 1.99
N SER G 238 76.19 -8.85 3.14
CA SER G 238 75.59 -8.82 4.47
C SER G 238 74.63 -9.98 4.72
N GLN G 239 74.43 -10.82 3.71
CA GLN G 239 73.62 -12.05 3.81
C GLN G 239 72.19 -11.64 4.20
N PHE G 240 71.51 -12.35 5.08
CA PHE G 240 70.12 -12.05 5.40
C PHE G 240 69.89 -12.10 6.90
N ASP G 241 68.92 -11.31 7.35
CA ASP G 241 68.56 -11.22 8.76
C ASP G 241 67.30 -11.99 9.10
N GLU G 242 66.38 -12.14 8.13
CA GLU G 242 65.14 -12.88 8.36
C GLU G 242 64.86 -13.76 7.15
N ILE G 243 64.04 -14.78 7.37
CA ILE G 243 63.73 -15.76 6.33
C ILE G 243 62.93 -15.09 5.22
N PRO G 244 63.25 -15.33 3.95
CA PRO G 244 62.43 -14.76 2.86
C PRO G 244 61.17 -15.58 2.62
N PHE G 245 60.23 -15.49 3.56
CA PHE G 245 59.01 -16.26 3.50
C PHE G 245 57.97 -15.59 4.38
N VAL G 246 56.80 -15.33 3.81
CA VAL G 246 55.68 -14.73 4.55
C VAL G 246 54.46 -15.63 4.39
N ILE G 247 53.77 -15.88 5.49
CA ILE G 247 52.54 -16.67 5.50
C ILE G 247 51.38 -15.70 5.67
N PHE G 248 50.65 -15.45 4.59
CA PHE G 248 49.52 -14.53 4.61
C PHE G 248 48.24 -15.30 4.86
N GLY G 249 47.38 -14.75 5.72
CA GLY G 249 46.10 -15.35 6.01
C GLY G 249 44.99 -14.31 5.95
N SER G 250 43.76 -14.80 6.05
CA SER G 250 42.61 -13.91 6.11
C SER G 250 42.68 -13.05 7.37
N LYS G 251 43.13 -13.62 8.48
CA LYS G 251 43.21 -12.88 9.74
C LYS G 251 44.39 -11.93 9.74
N ASN G 252 45.60 -12.48 9.63
CA ASN G 252 46.81 -11.67 9.63
C ASN G 252 47.95 -12.49 9.05
N ASN G 253 49.06 -11.82 8.75
CA ASN G 253 50.24 -12.48 8.18
C ASN G 253 51.11 -13.02 9.31
N ASP G 254 50.61 -14.09 9.94
CA ASP G 254 51.30 -14.73 11.04
C ASP G 254 51.47 -16.21 10.77
N PRO G 255 52.56 -16.81 11.25
CA PRO G 255 52.74 -18.26 11.05
C PRO G 255 51.65 -19.11 11.68
N THR G 256 50.98 -18.61 12.71
CA THR G 256 49.89 -19.36 13.33
C THR G 256 48.75 -19.54 12.35
N ILE G 257 48.02 -20.65 12.49
CA ILE G 257 46.94 -20.93 11.55
C ILE G 257 45.76 -20.02 11.80
N ASP G 258 45.30 -19.35 10.75
CA ASP G 258 44.16 -18.46 10.79
C ASP G 258 42.93 -19.22 10.30
N MET G 259 41.78 -18.93 10.90
CA MET G 259 40.56 -19.63 10.52
C MET G 259 40.14 -19.28 9.10
N PRO G 260 39.73 -20.27 8.30
CA PRO G 260 39.18 -19.98 6.98
C PRO G 260 37.93 -19.13 7.10
N PRO G 261 37.71 -18.19 6.18
CA PRO G 261 36.55 -17.31 6.28
C PRO G 261 35.22 -17.99 5.96
N MET G 262 35.22 -19.20 5.39
CA MET G 262 34.00 -19.82 4.90
C MET G 262 33.66 -21.11 5.62
N ARG G 263 34.02 -21.20 6.90
CA ARG G 263 33.78 -22.45 7.66
C ARG G 263 32.27 -22.66 7.84
N ASP G 264 31.59 -21.71 8.49
CA ASP G 264 30.13 -21.83 8.74
C ASP G 264 29.39 -21.85 7.40
N LEU G 265 29.92 -21.16 6.39
CA LEU G 265 29.27 -21.11 5.06
C LEU G 265 29.21 -22.52 4.47
N VAL G 266 30.32 -23.26 4.55
CA VAL G 266 30.34 -24.67 4.06
C VAL G 266 29.32 -25.49 4.85
N GLU G 267 29.27 -25.28 6.17
CA GLU G 267 28.31 -26.02 7.04
C GLU G 267 26.88 -25.77 6.53
N LEU G 268 26.54 -24.51 6.27
CA LEU G 268 25.18 -24.17 5.76
C LEU G 268 24.96 -24.86 4.42
N ASN G 269 25.95 -24.81 3.53
CA ASN G 269 25.81 -25.41 2.18
C ASN G 269 25.59 -26.92 2.31
N ILE G 270 26.36 -27.59 3.20
CA ILE G 270 26.22 -29.03 3.35
C ILE G 270 24.85 -29.39 3.94
N ALA G 271 24.40 -28.63 4.94
CA ALA G 271 23.07 -28.88 5.51
C ALA G 271 21.99 -28.68 4.46
N HIS G 272 22.10 -27.62 3.66
CA HIS G 272 21.15 -27.40 2.59
C HIS G 272 21.19 -28.54 1.58
N PHE G 273 22.38 -29.06 1.30
CA PHE G 273 22.50 -30.16 0.35
C PHE G 273 21.78 -31.41 0.84
N ARG G 274 21.95 -31.76 2.11
CA ARG G 274 21.26 -32.95 2.62
C ARG G 274 19.75 -32.74 2.69
N ASN G 275 19.31 -31.53 3.05
CA ASN G 275 17.88 -31.24 3.02
C ASN G 275 17.33 -31.33 1.60
N SER G 276 18.11 -30.86 0.63
CA SER G 276 17.70 -30.98 -0.77
C SER G 276 17.66 -32.43 -1.22
N ALA G 277 18.55 -33.28 -0.69
CA ALA G 277 18.47 -34.71 -0.99
C ALA G 277 17.14 -35.29 -0.51
N ASP G 278 16.76 -34.96 0.73
CA ASP G 278 15.46 -35.42 1.23
C ASP G 278 14.32 -34.89 0.37
N TYR G 279 14.39 -33.59 0.01
CA TYR G 279 13.34 -32.98 -0.78
C TYR G 279 13.22 -33.63 -2.16
N GLU G 280 14.34 -33.96 -2.78
CA GLU G 280 14.31 -34.56 -4.10
C GLU G 280 13.79 -35.99 -4.04
N GLU G 281 14.12 -36.73 -2.97
CA GLU G 281 13.50 -38.04 -2.81
C GLU G 281 11.99 -37.92 -2.67
N ALA G 282 11.53 -36.95 -1.89
CA ALA G 282 10.09 -36.73 -1.74
C ALA G 282 9.45 -36.38 -3.07
N CYS G 283 10.09 -35.48 -3.84
CA CYS G 283 9.54 -35.08 -5.12
C CYS G 283 9.47 -36.25 -6.10
N PHE G 284 10.51 -37.08 -6.13
CA PHE G 284 10.51 -38.23 -7.03
C PHE G 284 9.42 -39.23 -6.66
N ILE G 285 9.28 -39.54 -5.38
CA ILE G 285 8.37 -40.61 -4.97
C ILE G 285 6.94 -40.10 -4.89
N CYS G 286 6.68 -39.17 -3.98
CA CYS G 286 5.31 -38.75 -3.67
C CYS G 286 4.85 -37.54 -4.47
N GLY G 287 5.67 -37.03 -5.39
CA GLY G 287 5.26 -35.87 -6.17
C GLY G 287 4.19 -36.16 -7.21
N GLN G 288 4.09 -37.41 -7.66
CA GLN G 288 3.12 -37.78 -8.68
C GLN G 288 1.80 -38.16 -8.02
N PRO G 289 0.69 -37.53 -8.40
CA PRO G 289 -0.60 -37.93 -7.82
C PRO G 289 -1.06 -39.28 -8.33
N THR G 290 -1.89 -39.93 -7.52
CA THR G 290 -2.41 -41.26 -7.82
C THR G 290 -3.92 -41.30 -7.57
N LEU G 291 -4.58 -42.30 -8.16
CA LEU G 291 -6.03 -42.35 -8.13
C LEU G 291 -6.57 -42.69 -6.74
N PHE G 292 -5.99 -43.70 -6.10
CA PHE G 292 -6.45 -44.18 -4.80
C PHE G 292 -7.96 -44.47 -4.80
N LEU G 293 -8.33 -45.45 -5.62
CA LEU G 293 -9.73 -45.85 -5.75
C LEU G 293 -10.13 -46.63 -4.51
N SER G 294 -10.54 -45.90 -3.47
CA SER G 294 -10.97 -46.55 -2.24
C SER G 294 -12.34 -47.19 -2.42
N GLY G 295 -12.65 -48.12 -1.53
CA GLY G 295 -13.94 -48.80 -1.59
C GLY G 295 -14.15 -49.61 -2.84
N LEU G 296 -13.08 -50.19 -3.38
CA LEU G 296 -13.13 -50.94 -4.62
C LEU G 296 -13.09 -52.44 -4.32
N THR G 297 -13.90 -53.20 -5.05
CA THR G 297 -13.93 -54.64 -4.94
C THR G 297 -13.26 -55.26 -6.17
N GLU G 298 -12.40 -56.25 -5.93
CA GLU G 298 -11.66 -56.89 -7.03
C GLU G 298 -12.61 -57.44 -8.07
N HIS G 299 -13.81 -57.86 -7.67
CA HIS G 299 -14.78 -58.34 -8.63
C HIS G 299 -15.18 -57.25 -9.60
N TRP G 300 -15.42 -56.04 -9.09
CA TRP G 300 -15.71 -54.89 -9.95
C TRP G 300 -14.55 -54.59 -10.89
N VAL G 301 -13.32 -54.67 -10.37
CA VAL G 301 -12.14 -54.47 -11.19
C VAL G 301 -12.15 -55.43 -12.37
N LYS G 302 -12.17 -56.73 -12.08
CA LYS G 302 -12.14 -57.73 -13.14
C LYS G 302 -13.38 -57.67 -14.03
N ASN G 303 -14.48 -57.09 -13.55
CA ASN G 303 -15.67 -56.96 -14.38
C ASN G 303 -15.49 -55.86 -15.42
N VAL G 304 -15.29 -54.62 -14.98
CA VAL G 304 -15.34 -53.47 -15.86
C VAL G 304 -13.96 -52.84 -16.04
N LEU G 305 -13.19 -52.70 -14.96
CA LEU G 305 -11.87 -52.09 -15.08
C LEU G 305 -10.93 -52.96 -15.91
N GLY G 306 -10.95 -54.27 -15.68
CA GLY G 306 -10.08 -55.17 -16.42
C GLY G 306 -8.61 -54.90 -16.20
N GLY G 307 -8.23 -54.45 -15.01
CA GLY G 307 -6.83 -54.16 -14.73
C GLY G 307 -6.25 -53.05 -15.58
N ALA G 308 -7.07 -52.08 -15.97
CA ALA G 308 -6.60 -50.96 -16.79
C ALA G 308 -7.59 -49.82 -16.65
N VAL G 309 -7.12 -48.68 -16.15
CA VAL G 309 -7.97 -47.51 -15.93
C VAL G 309 -7.57 -46.44 -16.94
N VAL G 310 -8.53 -46.02 -17.77
CA VAL G 310 -8.33 -44.91 -18.68
C VAL G 310 -8.83 -43.64 -18.01
N ILE G 311 -7.95 -42.64 -17.90
CA ILE G 311 -8.24 -41.45 -17.10
C ILE G 311 -8.41 -40.20 -17.96
N GLY G 312 -8.14 -40.26 -19.26
CA GLY G 312 -8.26 -39.09 -20.10
C GLY G 312 -9.66 -38.49 -20.08
N SER G 313 -9.75 -37.25 -20.56
CA SER G 313 -11.02 -36.54 -20.53
C SER G 313 -12.04 -37.10 -21.51
N ARG G 314 -11.62 -37.93 -22.47
CA ARG G 314 -12.56 -38.52 -23.40
C ARG G 314 -13.37 -39.63 -22.76
N ASP G 315 -12.79 -40.33 -21.78
CA ASP G 315 -13.42 -41.50 -21.17
C ASP G 315 -13.70 -41.23 -19.69
N ALA G 316 -14.78 -41.84 -19.20
CA ALA G 316 -15.17 -41.77 -17.80
C ALA G 316 -15.16 -43.17 -17.22
N VAL G 317 -14.74 -43.29 -15.97
CA VAL G 317 -14.58 -44.57 -15.29
C VAL G 317 -15.74 -44.77 -14.32
N PRO G 318 -16.44 -45.90 -14.37
CA PRO G 318 -17.50 -46.16 -13.40
C PRO G 318 -17.00 -46.91 -12.19
N LEU G 319 -17.66 -46.65 -11.06
CA LEU G 319 -17.26 -47.24 -9.79
C LEU G 319 -18.48 -47.78 -9.06
N PRO G 320 -18.30 -48.77 -8.17
CA PRO G 320 -19.44 -49.33 -7.45
C PRO G 320 -20.02 -48.38 -6.43
N VAL G 321 -21.02 -48.84 -5.67
CA VAL G 321 -21.72 -47.96 -4.74
C VAL G 321 -20.79 -47.56 -3.60
N ASN G 322 -20.85 -46.27 -3.26
CA ASN G 322 -20.12 -45.72 -2.11
C ASN G 322 -18.61 -45.98 -2.22
N ALA G 323 -18.03 -45.63 -3.36
CA ALA G 323 -16.59 -45.64 -3.56
C ALA G 323 -16.14 -44.22 -3.84
N LYS G 324 -15.04 -43.82 -3.22
CA LYS G 324 -14.58 -42.42 -3.24
C LYS G 324 -13.19 -42.32 -3.86
N PRO G 325 -13.10 -42.09 -5.17
CA PRO G 325 -11.80 -41.78 -5.76
C PRO G 325 -11.29 -40.43 -5.27
N GLU G 326 -9.97 -40.30 -5.19
CA GLU G 326 -9.38 -39.09 -4.63
C GLU G 326 -7.91 -39.01 -5.02
N LEU G 327 -7.52 -37.93 -5.69
CA LEU G 327 -6.15 -37.75 -6.14
C LEU G 327 -5.28 -37.28 -4.98
N LEU G 328 -4.25 -38.05 -4.65
CA LEU G 328 -3.34 -37.72 -3.57
C LEU G 328 -1.96 -37.40 -4.13
N GLN G 329 -1.49 -36.19 -3.84
CA GLN G 329 -0.13 -35.78 -4.16
C GLN G 329 0.38 -34.92 -3.03
N ALA G 330 1.67 -35.06 -2.72
CA ALA G 330 2.27 -34.23 -1.69
C ALA G 330 2.27 -32.78 -2.14
N GLU G 331 1.76 -31.90 -1.29
CA GLU G 331 1.66 -30.49 -1.65
C GLU G 331 2.91 -29.74 -1.22
N GLY G 332 2.92 -28.43 -1.46
CA GLY G 332 4.05 -27.59 -1.12
C GLY G 332 3.96 -27.07 0.30
N ASN G 333 4.87 -26.13 0.60
CA ASN G 333 4.95 -25.48 1.91
C ASN G 333 5.18 -26.50 3.03
N GLY G 334 5.82 -27.61 2.70
CA GLY G 334 6.20 -28.58 3.72
C GLY G 334 7.36 -28.09 4.54
N MET G 335 7.74 -28.90 5.53
CA MET G 335 8.82 -28.49 6.42
C MET G 335 10.19 -28.61 5.74
N VAL G 336 10.34 -29.53 4.79
CA VAL G 336 11.62 -29.69 4.12
C VAL G 336 11.95 -28.47 3.29
N LYS G 337 11.00 -28.03 2.45
CA LYS G 337 11.23 -26.83 1.67
C LYS G 337 11.27 -25.59 2.54
N GLU G 338 10.55 -25.61 3.66
CA GLU G 338 10.65 -24.53 4.63
C GLU G 338 12.07 -24.40 5.15
N ALA G 339 12.70 -25.52 5.50
CA ALA G 339 14.09 -25.50 5.95
C ALA G 339 15.04 -25.10 4.83
N MET G 340 14.76 -25.53 3.60
CA MET G 340 15.62 -25.15 2.48
C MET G 340 15.56 -23.65 2.24
N ASP G 341 14.36 -23.06 2.27
CA ASP G 341 14.23 -21.62 2.14
C ASP G 341 14.89 -20.90 3.30
N GLN G 342 14.76 -21.46 4.52
CA GLN G 342 15.44 -20.88 5.67
C GLN G 342 16.94 -20.84 5.48
N LYS G 343 17.52 -21.93 4.98
CA LYS G 343 18.97 -21.97 4.82
C LYS G 343 19.45 -21.09 3.68
N GLU G 344 18.68 -20.98 2.59
CA GLU G 344 19.02 -20.02 1.55
C GLU G 344 18.98 -18.59 2.10
N ARG G 345 17.96 -18.31 2.91
CA ARG G 345 17.86 -16.97 3.56
C ARG G 345 19.09 -16.78 4.46
N GLN G 346 19.47 -17.81 5.22
CA GLN G 346 20.62 -17.71 6.15
C GLN G 346 21.86 -17.30 5.36
N MET G 347 22.09 -17.91 4.19
CA MET G 347 23.27 -17.58 3.37
C MET G 347 23.24 -16.10 3.00
N VAL G 348 22.10 -15.63 2.48
CA VAL G 348 21.94 -14.20 2.11
C VAL G 348 22.07 -13.35 3.37
N ALA G 349 21.45 -13.78 4.47
CA ALA G 349 21.51 -13.03 5.74
C ALA G 349 22.97 -12.89 6.18
N LEU G 350 23.75 -13.96 6.07
CA LEU G 350 25.19 -13.90 6.44
C LEU G 350 25.82 -12.69 5.73
N GLY G 351 25.36 -12.38 4.52
CA GLY G 351 25.87 -11.19 3.81
C GLY G 351 26.90 -11.56 2.76
N ALA G 352 27.25 -12.84 2.68
CA ALA G 352 28.22 -13.30 1.66
C ALA G 352 27.64 -13.01 0.27
N LYS G 353 28.36 -12.22 -0.54
CA LYS G 353 27.89 -11.92 -1.92
C LYS G 353 27.89 -13.22 -2.72
N LEU G 354 26.86 -14.05 -2.54
CA LEU G 354 26.82 -15.35 -3.21
C LEU G 354 25.75 -15.41 -4.28
N ILE G 355 24.55 -14.89 -4.00
CA ILE G 355 23.48 -14.84 -4.98
C ILE G 355 22.82 -13.48 -4.93
N ASP G 356 22.10 -13.17 -6.01
CA ASP G 356 21.26 -11.99 -6.11
C ASP G 356 19.79 -12.40 -6.11
N SER G 357 18.95 -11.53 -5.57
CA SER G 357 17.52 -11.81 -5.42
C SER G 357 16.74 -10.78 -6.21
N ASP G 358 16.10 -11.22 -7.29
CA ASP G 358 15.27 -10.31 -8.08
C ASP G 358 14.01 -9.87 -7.33
N LYS G 359 13.53 -10.72 -6.41
CA LYS G 359 12.30 -10.40 -5.67
C LYS G 359 12.51 -9.22 -4.74
N THR G 360 13.57 -9.26 -3.93
CA THR G 360 13.79 -8.24 -2.91
C THR G 360 14.50 -7.03 -3.48
N GLN G 361 14.22 -5.87 -2.87
CA GLN G 361 14.82 -4.60 -3.27
C GLN G 361 15.30 -3.85 -2.04
N ARG G 362 16.40 -3.11 -2.21
CA ARG G 362 16.98 -2.32 -1.13
C ARG G 362 17.16 -0.88 -1.59
N THR G 363 16.70 0.06 -0.76
CA THR G 363 16.83 1.47 -1.08
C THR G 363 18.30 1.88 -1.09
N PHE G 364 18.66 2.73 -2.04
CA PHE G 364 20.02 3.27 -2.10
C PHE G 364 20.27 4.18 -0.90
N GLY G 365 21.42 3.99 -0.26
CA GLY G 365 21.79 4.73 0.92
C GLY G 365 21.64 3.95 2.22
N GLU G 366 20.70 2.99 2.28
CA GLU G 366 20.62 2.13 3.44
C GLU G 366 21.80 1.17 3.50
N ALA G 367 22.19 0.62 2.35
CA ALA G 367 23.35 -0.25 2.27
C ALA G 367 24.67 0.51 2.38
N SER G 368 24.65 1.84 2.25
CA SER G 368 25.87 2.62 2.41
C SER G 368 26.42 2.48 3.83
N MET G 369 25.54 2.46 4.83
CA MET G 369 25.99 2.35 6.22
C MET G 369 26.65 1.00 6.48
N GLU G 370 26.08 -0.08 5.97
CA GLU G 370 26.60 -1.42 6.21
C GLU G 370 27.61 -1.88 5.17
N ALA G 371 27.93 -1.04 4.19
CA ALA G 371 28.96 -1.41 3.21
C ALA G 371 30.29 -1.71 3.89
N ALA G 372 30.61 -0.95 4.93
CA ALA G 372 31.87 -1.17 5.68
C ALA G 372 31.87 -2.58 6.27
N ALA G 373 30.79 -2.96 6.98
CA ALA G 373 30.73 -4.28 7.64
C ALA G 373 30.75 -5.41 6.60
N GLN G 374 29.96 -5.28 5.54
CA GLN G 374 29.86 -6.36 4.52
C GLN G 374 31.25 -6.63 3.92
N ASN G 375 32.02 -5.58 3.64
CA ASN G 375 33.32 -5.74 3.01
C ASN G 375 34.46 -5.86 4.02
N SER G 376 34.16 -6.35 5.22
CA SER G 376 35.20 -6.48 6.25
C SER G 376 36.24 -7.53 5.86
N VAL G 377 35.78 -8.72 5.47
CA VAL G 377 36.71 -9.77 5.05
C VAL G 377 37.43 -9.36 3.77
N LEU G 378 36.73 -8.65 2.88
CA LEU G 378 37.37 -8.16 1.67
C LEU G 378 38.54 -7.23 2.00
N SER G 379 38.30 -6.26 2.87
CA SER G 379 39.36 -5.32 3.25
C SER G 379 40.50 -6.03 3.96
N ARG G 380 40.17 -6.96 4.86
CA ARG G 380 41.20 -7.67 5.60
C ARG G 380 42.10 -8.46 4.65
N VAL G 381 41.49 -9.22 3.74
CA VAL G 381 42.28 -10.02 2.80
C VAL G 381 43.08 -9.13 1.87
N SER G 382 42.47 -8.03 1.38
CA SER G 382 43.18 -7.11 0.51
C SER G 382 44.42 -6.56 1.18
N LYS G 383 44.28 -6.05 2.41
CA LYS G 383 45.43 -5.49 3.11
C LYS G 383 46.47 -6.54 3.42
N ASN G 384 46.05 -7.74 3.82
CA ASN G 384 47.01 -8.79 4.14
C ASN G 384 47.83 -9.19 2.92
N VAL G 385 47.16 -9.42 1.79
CA VAL G 385 47.87 -9.83 0.58
C VAL G 385 48.73 -8.69 0.07
N SER G 386 48.26 -7.44 0.18
CA SER G 386 49.07 -6.31 -0.24
C SER G 386 50.35 -6.21 0.59
N ASP G 387 50.25 -6.38 1.91
CA ASP G 387 51.44 -6.35 2.75
C ASP G 387 52.38 -7.50 2.43
N ALA G 388 51.83 -8.70 2.21
CA ALA G 388 52.67 -9.84 1.89
C ALA G 388 53.43 -9.62 0.59
N TYR G 389 52.75 -9.14 -0.44
CA TYR G 389 53.41 -8.90 -1.72
C TYR G 389 54.39 -7.74 -1.62
N THR G 390 54.09 -6.73 -0.81
CA THR G 390 55.04 -5.66 -0.58
C THR G 390 56.32 -6.19 0.02
N LYS G 391 56.20 -7.04 1.05
CA LYS G 391 57.38 -7.62 1.69
C LYS G 391 58.16 -8.49 0.71
N ALA G 392 57.45 -9.27 -0.11
CA ALA G 392 58.13 -10.08 -1.11
C ALA G 392 58.90 -9.22 -2.10
N LEU G 393 58.31 -8.08 -2.50
CA LEU G 393 58.99 -7.18 -3.41
C LEU G 393 60.20 -6.53 -2.75
N ARG G 394 60.10 -6.22 -1.45
CA ARG G 394 61.28 -5.71 -0.74
C ARG G 394 62.40 -6.74 -0.76
N TRP G 395 62.08 -8.01 -0.52
CA TRP G 395 63.10 -9.04 -0.53
C TRP G 395 63.70 -9.22 -1.92
N ALA G 396 62.87 -9.15 -2.96
CA ALA G 396 63.38 -9.24 -4.33
C ALA G 396 64.31 -8.07 -4.64
N ALA G 397 63.94 -6.86 -4.23
CA ALA G 397 64.81 -5.70 -4.44
C ALA G 397 66.11 -5.84 -3.67
N MET G 398 66.05 -6.39 -2.45
CA MET G 398 67.26 -6.68 -1.70
C MET G 398 68.16 -7.63 -2.47
N PHE G 399 67.56 -8.68 -3.06
CA PHE G 399 68.35 -9.64 -3.81
C PHE G 399 68.99 -9.00 -5.04
N LEU G 400 68.26 -8.10 -5.70
CA LEU G 400 68.78 -7.41 -6.89
C LEU G 400 69.47 -6.09 -6.55
N GLY G 401 69.47 -5.68 -5.29
CA GLY G 401 70.11 -4.42 -4.93
C GLY G 401 69.46 -3.19 -5.53
N LEU G 402 68.13 -3.18 -5.58
CA LEU G 402 67.37 -2.05 -6.09
C LEU G 402 66.79 -1.24 -4.93
N ASP G 403 65.93 -0.28 -5.26
CA ASP G 403 65.33 0.59 -4.26
C ASP G 403 64.41 -0.20 -3.33
N GLU G 404 64.30 0.28 -2.09
CA GLU G 404 63.48 -0.38 -1.08
C GLU G 404 62.09 0.23 -0.97
N LYS G 405 61.91 1.47 -1.38
CA LYS G 405 60.62 2.17 -1.23
C LYS G 405 59.68 1.77 -2.37
N ILE G 406 59.25 0.51 -2.32
CA ILE G 406 58.31 -0.03 -3.30
C ILE G 406 57.10 -0.57 -2.55
N GLU G 407 55.92 -0.36 -3.14
CA GLU G 407 54.67 -0.79 -2.53
C GLU G 407 53.80 -1.46 -3.59
N TYR G 408 52.90 -2.32 -3.13
CA TYR G 408 51.98 -3.05 -4.00
C TYR G 408 50.64 -3.13 -3.27
N GLU G 409 49.77 -2.16 -3.55
CA GLU G 409 48.50 -2.03 -2.87
C GLU G 409 47.36 -2.46 -3.79
N LEU G 410 46.54 -3.39 -3.32
CA LEU G 410 45.38 -3.83 -4.09
C LEU G 410 44.30 -2.75 -4.07
N ASN G 411 43.17 -3.06 -4.72
CA ASN G 411 42.04 -2.14 -4.76
C ASN G 411 41.34 -2.16 -3.41
N SER G 412 41.51 -1.09 -2.63
CA SER G 412 40.84 -0.98 -1.35
C SER G 412 39.42 -0.40 -1.47
N ASP G 413 38.98 -0.06 -2.67
CA ASP G 413 37.66 0.51 -2.89
C ASP G 413 36.84 -0.50 -3.70
N PHE G 414 36.02 -1.27 -3.00
CA PHE G 414 35.19 -2.29 -3.63
C PHE G 414 33.97 -1.62 -4.28
N ASP G 415 33.04 -2.44 -4.76
CA ASP G 415 31.79 -2.01 -5.40
C ASP G 415 31.99 -0.86 -6.39
N ILE G 416 33.12 -0.87 -7.09
CA ILE G 416 33.42 0.21 -8.04
C ILE G 416 32.53 0.06 -9.27
N ASN G 417 32.07 1.20 -9.79
CA ASN G 417 31.21 1.23 -10.96
C ASN G 417 31.65 2.39 -11.86
N LYS G 418 30.99 2.51 -13.00
CA LYS G 418 31.27 3.62 -13.92
C LYS G 418 30.91 4.94 -13.25
N MET G 419 31.91 5.81 -13.12
CA MET G 419 31.73 7.04 -12.36
C MET G 419 30.84 8.03 -13.12
N SER G 420 30.06 8.80 -12.35
CA SER G 420 29.02 9.65 -12.91
C SER G 420 29.61 10.90 -13.54
N PRO G 421 28.88 11.53 -14.48
CA PRO G 421 29.39 12.78 -15.07
C PRO G 421 29.63 13.88 -14.05
N GLU G 422 28.75 14.02 -13.06
CA GLU G 422 29.00 14.96 -11.98
C GLU G 422 30.25 14.56 -11.21
N GLU G 423 30.52 13.26 -11.10
CA GLU G 423 31.76 12.82 -10.48
C GLU G 423 32.97 13.17 -11.33
N LEU G 424 32.85 13.12 -12.66
CA LEU G 424 33.92 13.63 -13.51
C LEU G 424 34.16 15.11 -13.26
N ALA G 425 33.08 15.90 -13.21
CA ALA G 425 33.22 17.32 -12.94
C ALA G 425 33.92 17.55 -11.63
N ALA G 426 33.55 16.79 -10.59
CA ALA G 426 34.20 16.91 -9.29
C ALA G 426 35.68 16.55 -9.38
N VAL G 427 36.02 15.48 -10.10
CA VAL G 427 37.40 15.03 -10.15
C VAL G 427 38.29 16.07 -10.83
N ILE G 428 37.89 16.56 -12.00
CA ILE G 428 38.69 17.58 -12.66
C ILE G 428 38.72 18.88 -11.85
N SER G 429 37.58 19.28 -11.28
CA SER G 429 37.57 20.49 -10.45
C SER G 429 38.52 20.35 -9.26
N ALA G 430 38.65 19.13 -8.73
CA ALA G 430 39.58 18.88 -7.65
C ALA G 430 41.02 18.90 -8.14
N TRP G 431 41.25 18.48 -9.38
CA TRP G 431 42.62 18.47 -9.90
C TRP G 431 43.09 19.87 -10.27
N GLN G 432 42.18 20.75 -10.68
CA GLN G 432 42.58 22.13 -10.97
C GLN G 432 43.06 22.82 -9.71
N SER G 433 42.42 22.57 -8.58
CA SER G 433 43.00 22.90 -7.30
C SER G 433 44.13 21.92 -6.99
N ASN G 434 45.07 22.35 -6.16
CA ASN G 434 46.25 21.54 -5.88
C ASN G 434 46.02 20.62 -4.68
N ALA G 435 44.94 19.84 -4.74
CA ALA G 435 44.58 18.92 -3.68
C ALA G 435 44.70 17.45 -4.06
N ILE G 436 44.84 17.15 -5.35
CA ILE G 436 45.00 15.78 -5.83
C ILE G 436 46.06 15.78 -6.92
N SER G 437 46.93 14.77 -6.88
CA SER G 437 47.99 14.69 -7.88
C SER G 437 47.43 14.28 -9.23
N PHE G 438 48.21 14.54 -10.27
CA PHE G 438 47.81 14.14 -11.61
C PHE G 438 47.70 12.62 -11.72
N THR G 439 48.67 11.90 -11.16
CA THR G 439 48.59 10.44 -11.18
C THR G 439 47.41 9.94 -10.36
N GLU G 440 47.12 10.59 -9.25
CA GLU G 440 45.95 10.22 -8.45
C GLU G 440 44.65 10.45 -9.23
N MET G 441 44.56 11.57 -9.94
CA MET G 441 43.38 11.85 -10.75
C MET G 441 43.25 10.83 -11.88
N ARG G 442 44.36 10.49 -12.52
CA ARG G 442 44.31 9.49 -13.59
C ARG G 442 43.90 8.13 -13.05
N TRP G 443 44.38 7.76 -11.86
CA TRP G 443 43.96 6.50 -11.25
C TRP G 443 42.48 6.52 -10.91
N GLN G 444 41.98 7.67 -10.45
CA GLN G 444 40.54 7.82 -10.23
C GLN G 444 39.76 7.58 -11.50
N ILE G 445 40.18 8.22 -12.59
CA ILE G 445 39.46 8.08 -13.86
C ILE G 445 39.54 6.65 -14.39
N LYS G 446 40.74 6.05 -14.33
CA LYS G 446 40.91 4.68 -14.81
C LYS G 446 40.06 3.69 -14.01
N LYS G 447 40.07 3.82 -12.69
CA LYS G 447 39.30 2.91 -11.85
C LYS G 447 37.80 3.11 -12.06
N GLY G 448 37.39 4.29 -12.48
CA GLY G 448 36.01 4.56 -12.82
C GLY G 448 35.61 4.14 -14.21
N GLY G 449 36.49 3.49 -14.95
CA GLY G 449 36.18 3.02 -16.29
C GLY G 449 35.96 4.12 -17.30
N ARG G 450 36.82 5.15 -17.30
CA ARG G 450 36.70 6.25 -18.23
C ARG G 450 37.99 6.52 -19.00
N ALA G 451 39.03 5.72 -18.80
CA ALA G 451 40.28 5.86 -19.55
C ALA G 451 41.05 4.55 -19.46
N TYR G 452 41.92 4.33 -20.45
CA TYR G 452 42.69 3.09 -20.47
C TYR G 452 44.18 3.34 -20.75
N LEU G 453 44.51 4.46 -21.37
CA LEU G 453 45.91 4.73 -21.68
C LEU G 453 46.66 5.18 -20.44
N GLU G 454 47.95 4.86 -20.41
CA GLU G 454 48.79 5.23 -19.28
C GLU G 454 48.96 6.74 -19.20
N ASP G 455 49.20 7.23 -17.99
CA ASP G 455 49.31 8.67 -17.79
C ASP G 455 50.50 9.25 -18.53
N GLU G 456 51.62 8.53 -18.58
CA GLU G 456 52.78 9.00 -19.35
C GLU G 456 52.43 9.11 -20.83
N ASP G 457 51.72 8.12 -21.37
CA ASP G 457 51.34 8.15 -22.78
C ASP G 457 50.39 9.30 -23.07
N MET G 458 49.42 9.54 -22.18
CA MET G 458 48.52 10.67 -22.38
C MET G 458 49.27 11.99 -22.32
N ARG G 459 50.23 12.11 -21.40
CA ARG G 459 51.03 13.33 -21.33
C ARG G 459 51.81 13.53 -22.61
N ASN G 460 52.43 12.47 -23.12
CA ASN G 460 53.19 12.56 -24.36
C ASN G 460 52.30 12.99 -25.52
N GLU G 461 51.08 12.46 -25.59
CA GLU G 461 50.18 12.82 -26.68
C GLU G 461 49.64 14.24 -26.53
N SER G 462 49.32 14.67 -25.32
CA SER G 462 48.68 15.96 -25.09
C SER G 462 49.66 17.11 -24.95
N GLU G 463 50.96 16.85 -24.85
CA GLU G 463 51.93 17.94 -24.75
C GLU G 463 52.03 18.74 -26.03
N GLN G 464 51.47 18.25 -27.14
CA GLN G 464 51.54 18.96 -28.40
C GLN G 464 50.44 20.01 -28.50
N ASP G 465 50.46 20.75 -29.61
CA ASP G 465 49.48 21.80 -29.83
C ASP G 465 48.09 21.20 -30.10
N ASP G 466 47.07 22.01 -29.84
CA ASP G 466 45.71 21.55 -30.01
C ASP G 466 45.40 21.29 -31.48
N PRO G 467 44.59 20.27 -31.79
CA PRO G 467 44.22 20.04 -33.20
C PRO G 467 43.40 21.17 -33.79
N LEU G 468 42.30 21.55 -33.14
CA LEU G 468 41.38 22.58 -33.64
C LEU G 468 40.92 22.30 -35.06
N ASP H 3 61.67 -15.22 47.60
CA ASP H 3 61.60 -14.00 46.81
C ASP H 3 60.27 -13.89 46.06
N SER H 4 59.79 -15.01 45.54
CA SER H 4 58.55 -15.03 44.77
C SER H 4 57.81 -16.33 45.06
N ASN H 5 56.50 -16.29 44.82
CA ASN H 5 55.65 -17.46 44.95
C ASN H 5 55.56 -18.16 43.61
N ASN H 6 54.60 -19.08 43.48
CA ASN H 6 54.42 -19.82 42.24
C ASN H 6 54.23 -18.87 41.05
N ILE H 7 55.02 -19.10 40.00
CA ILE H 7 55.01 -18.20 38.85
C ILE H 7 53.70 -18.30 38.09
N LYS H 8 53.00 -19.43 38.18
CA LYS H 8 51.63 -19.53 37.68
C LYS H 8 50.70 -19.53 38.88
N TYR H 9 49.75 -18.60 38.89
CA TYR H 9 48.69 -18.55 39.87
C TYR H 9 47.59 -17.69 39.31
N VAL H 10 46.45 -18.30 39.01
CA VAL H 10 45.35 -17.62 38.35
C VAL H 10 44.47 -16.98 39.42
N ARG H 11 44.34 -15.65 39.35
CA ARG H 11 43.40 -14.95 40.20
C ARG H 11 42.00 -15.49 39.94
N GLU H 12 41.23 -15.69 41.02
CA GLU H 12 40.00 -16.45 40.90
C GLU H 12 39.02 -15.82 39.91
N ASP H 13 39.13 -14.50 39.70
CA ASP H 13 38.30 -13.86 38.69
C ASP H 13 38.62 -14.38 37.30
N ALA H 14 39.89 -14.52 36.97
CA ALA H 14 40.25 -15.08 35.67
C ALA H 14 39.80 -16.54 35.56
N LYS H 15 39.87 -17.29 36.66
CA LYS H 15 39.38 -18.66 36.64
C LYS H 15 37.88 -18.71 36.38
N LYS H 16 37.12 -17.79 37.00
CA LYS H 16 35.68 -17.73 36.75
C LYS H 16 35.41 -17.34 35.30
N MET H 17 36.17 -16.38 34.77
CA MET H 17 35.97 -15.89 33.41
C MET H 17 36.48 -16.85 32.35
N HIS H 18 37.27 -17.86 32.74
CA HIS H 18 37.78 -18.81 31.77
C HIS H 18 36.68 -19.56 31.04
N LYS H 19 35.62 -19.95 31.76
CA LYS H 19 34.52 -20.67 31.13
C LYS H 19 33.85 -19.80 30.06
N LEU H 20 33.55 -18.56 30.40
CA LEU H 20 32.91 -17.67 29.43
C LEU H 20 33.84 -17.35 28.27
N TRP H 21 35.13 -17.18 28.54
CA TRP H 21 36.08 -16.92 27.47
C TRP H 21 36.18 -18.11 26.52
N ALA H 22 36.20 -19.33 27.07
CA ALA H 22 36.23 -20.52 26.23
C ALA H 22 34.94 -20.63 25.41
N HIS H 23 33.79 -20.33 26.03
CA HIS H 23 32.53 -20.37 25.29
C HIS H 23 32.53 -19.38 24.13
N ILE H 24 33.00 -18.16 24.38
CA ILE H 24 33.00 -17.14 23.33
C ILE H 24 34.02 -17.50 22.25
N ARG H 25 35.19 -18.01 22.65
CA ARG H 25 36.18 -18.44 21.68
C ARG H 25 35.64 -19.55 20.79
N MET H 26 34.94 -20.51 21.38
CA MET H 26 34.40 -21.62 20.60
C MET H 26 33.22 -21.19 19.75
N ALA H 27 32.49 -20.17 20.18
CA ALA H 27 31.48 -19.57 19.30
C ALA H 27 32.13 -18.91 18.10
N MET H 28 33.26 -18.23 18.32
CA MET H 28 34.03 -17.70 17.20
C MET H 28 34.56 -18.82 16.31
N GLU H 29 34.87 -19.98 16.90
CA GLU H 29 35.45 -21.08 16.14
C GLU H 29 34.52 -21.54 15.02
N GLY H 30 33.23 -21.68 15.32
CA GLY H 30 32.29 -22.16 14.34
C GLY H 30 31.61 -23.45 14.73
N SER H 31 31.07 -24.18 13.75
CA SER H 31 30.33 -25.40 14.04
C SER H 31 31.23 -26.49 14.63
N ARG H 32 32.50 -26.50 14.25
CA ARG H 32 33.38 -27.59 14.67
C ARG H 32 33.53 -27.65 16.18
N ALA H 33 33.89 -26.53 16.80
CA ALA H 33 34.10 -26.51 18.24
C ALA H 33 32.80 -26.78 18.99
N ILE H 34 31.70 -26.21 18.53
CA ILE H 34 30.42 -26.39 19.21
C ILE H 34 29.99 -27.85 19.17
N LYS H 35 30.11 -28.48 18.00
CA LYS H 35 29.74 -29.89 17.90
C LYS H 35 30.72 -30.80 18.61
N ASP H 36 31.98 -30.37 18.74
CA ASP H 36 32.96 -31.17 19.48
C ASP H 36 32.69 -31.12 20.98
N ASN H 37 32.06 -30.05 21.46
CA ASN H 37 31.75 -29.87 22.87
C ASN H 37 30.26 -29.63 23.09
N ALA H 38 29.42 -30.33 22.33
CA ALA H 38 27.98 -30.11 22.38
C ALA H 38 27.38 -30.41 23.74
N LYS H 39 28.03 -31.25 24.55
CA LYS H 39 27.46 -31.63 25.84
C LYS H 39 27.26 -30.42 26.74
N GLU H 40 28.15 -29.42 26.63
CA GLU H 40 28.05 -28.26 27.52
C GLU H 40 26.93 -27.33 27.09
N PHE H 41 26.57 -27.30 25.82
CA PHE H 41 25.56 -26.38 25.30
C PHE H 41 24.20 -27.04 25.13
N VAL H 42 24.14 -28.12 24.35
CA VAL H 42 22.87 -28.76 23.99
C VAL H 42 22.52 -29.75 25.10
N PRO H 43 21.47 -29.52 25.88
CA PRO H 43 21.08 -30.50 26.89
C PRO H 43 20.59 -31.78 26.26
N HIS H 44 20.90 -32.89 26.91
CA HIS H 44 20.48 -34.18 26.40
C HIS H 44 18.96 -34.31 26.50
N PRO H 45 18.28 -34.71 25.43
CA PRO H 45 16.82 -34.84 25.51
C PRO H 45 16.36 -35.82 26.56
N ASP H 46 17.15 -36.86 26.84
CA ASP H 46 16.78 -37.84 27.86
C ASP H 46 18.06 -38.47 28.38
N ASN H 47 18.47 -38.06 29.60
CA ASN H 47 19.70 -38.58 30.18
C ASN H 47 19.61 -40.08 30.47
N THR H 48 18.40 -40.59 30.69
CA THR H 48 18.22 -42.02 30.84
C THR H 48 18.70 -42.75 29.60
N LYS H 49 18.40 -42.22 28.42
CA LYS H 49 19.02 -42.71 27.20
C LYS H 49 20.52 -42.50 27.22
N ALA H 50 20.96 -41.31 27.65
CA ALA H 50 22.38 -40.96 27.62
C ALA H 50 23.23 -41.98 28.36
N THR H 51 22.69 -42.59 29.41
CA THR H 51 23.41 -43.66 30.08
C THR H 51 23.65 -44.83 29.14
N THR H 52 22.65 -45.19 28.35
CA THR H 52 22.75 -46.32 27.43
C THR H 52 23.63 -45.99 26.24
N PRO H 53 24.19 -47.02 25.57
CA PRO H 53 25.00 -46.75 24.38
C PRO H 53 24.16 -46.31 23.18
N GLU H 54 22.98 -46.90 23.00
CA GLU H 54 22.10 -46.40 21.95
C GLU H 54 21.70 -44.97 22.21
N GLY H 55 21.69 -44.56 23.48
CA GLY H 55 21.44 -43.16 23.79
C GLY H 55 22.53 -42.24 23.30
N VAL H 56 23.80 -42.63 23.46
CA VAL H 56 24.88 -41.78 22.98
C VAL H 56 24.92 -41.80 21.45
N ALA H 57 24.55 -42.93 20.83
CA ALA H 57 24.42 -42.95 19.37
C ALA H 57 23.32 -42.00 18.92
N ARG H 58 22.18 -42.00 19.61
CA ARG H 58 21.10 -41.08 19.31
C ARG H 58 21.55 -39.63 19.46
N TYR H 59 22.29 -39.32 20.52
CA TYR H 59 22.74 -37.95 20.73
C TYR H 59 23.73 -37.52 19.65
N LYS H 60 24.63 -38.42 19.24
CA LYS H 60 25.56 -38.10 18.17
C LYS H 60 24.81 -37.83 16.87
N ALA H 61 23.85 -38.68 16.53
CA ALA H 61 23.07 -38.46 15.32
C ALA H 61 22.24 -37.19 15.40
N TYR H 62 21.76 -36.85 16.60
CA TYR H 62 20.91 -35.67 16.78
C TYR H 62 21.74 -34.39 16.79
N ILE H 63 23.03 -34.48 17.08
CA ILE H 63 23.88 -33.29 17.07
C ILE H 63 24.50 -33.07 15.70
N GLU H 64 24.94 -34.13 15.02
CA GLU H 64 25.59 -33.95 13.73
C GLU H 64 24.64 -33.35 12.69
N ARG H 65 23.33 -33.52 12.86
CA ARG H 65 22.38 -32.94 11.93
C ARG H 65 22.11 -31.47 12.21
N ALA H 66 22.51 -30.97 13.38
CA ALA H 66 22.24 -29.59 13.75
C ALA H 66 22.97 -28.62 12.83
N VAL H 67 22.53 -27.37 12.87
CA VAL H 67 23.07 -26.30 12.03
C VAL H 67 23.56 -25.18 12.94
N TRP H 68 24.82 -24.78 12.77
CA TRP H 68 25.39 -23.67 13.58
C TRP H 68 25.34 -22.37 12.78
N TYR H 69 24.56 -21.39 13.25
CA TYR H 69 24.42 -20.10 12.52
C TYR H 69 25.74 -19.32 12.60
N GLY H 70 26.28 -19.13 13.81
CA GLY H 70 27.55 -18.43 13.97
C GLY H 70 27.44 -16.94 13.73
N ALA H 71 26.24 -16.36 13.88
CA ALA H 71 26.08 -14.93 13.74
C ALA H 71 27.10 -14.13 14.55
N SER H 72 27.68 -14.73 15.60
CA SER H 72 28.66 -14.04 16.41
C SER H 72 29.95 -13.78 15.64
N ALA H 73 30.41 -14.80 14.89
CA ALA H 73 31.63 -14.63 14.07
C ALA H 73 31.39 -13.49 13.07
N ASN H 74 30.22 -13.50 12.42
CA ASN H 74 29.89 -12.45 11.42
C ASN H 74 29.85 -11.09 12.11
N THR H 75 29.27 -11.02 13.31
CA THR H 75 29.24 -9.74 14.08
C THR H 75 30.67 -9.24 14.28
N VAL H 76 31.53 -10.09 14.84
CA VAL H 76 32.94 -9.70 15.11
C VAL H 76 33.55 -9.18 13.80
N ASP H 77 33.39 -9.94 12.71
CA ASP H 77 33.96 -9.51 11.43
C ASP H 77 33.45 -8.13 11.04
N GLY H 78 32.13 -7.95 11.09
CA GLY H 78 31.54 -6.65 10.69
C GLY H 78 32.08 -5.51 11.53
N MET H 79 32.08 -5.68 12.86
CA MET H 79 32.58 -4.61 13.77
C MET H 79 34.06 -4.33 13.46
N LEU H 80 34.86 -5.38 13.29
CA LEU H 80 36.31 -5.21 13.02
C LEU H 80 36.50 -4.46 11.70
N GLY H 81 35.74 -4.82 10.67
CA GLY H 81 35.84 -4.10 9.38
C GLY H 81 35.46 -2.65 9.52
N GLN H 82 34.41 -2.36 10.32
CA GLN H 82 33.94 -0.97 10.50
C GLN H 82 34.98 -0.16 11.28
N ILE H 83 35.60 -0.77 12.30
CA ILE H 83 36.57 -0.02 13.16
C ILE H 83 37.89 0.14 12.40
N PHE H 84 38.25 -0.83 11.54
CA PHE H 84 39.46 -0.71 10.74
C PHE H 84 39.18 -0.65 9.24
N ALA H 85 38.17 0.12 8.83
CA ALA H 85 38.19 0.65 7.48
C ALA H 85 39.32 1.67 7.37
N ARG H 86 39.97 1.70 6.21
CA ARG H 86 41.16 2.53 5.98
C ARG H 86 42.22 2.11 6.99
N ASP H 87 43.08 3.01 7.46
CA ASP H 87 44.18 2.65 8.34
C ASP H 87 44.28 3.67 9.47
N PRO H 88 44.73 3.24 10.65
CA PRO H 88 44.99 4.20 11.72
C PRO H 88 46.12 5.15 11.35
N VAL H 89 46.01 6.39 11.81
CA VAL H 89 46.98 7.43 11.51
C VAL H 89 47.94 7.58 12.67
N PHE H 90 49.18 7.91 12.34
CA PHE H 90 50.24 8.12 13.32
C PHE H 90 50.69 9.58 13.27
N THR H 91 50.72 10.23 14.43
CA THR H 91 51.13 11.62 14.54
C THR H 91 52.45 11.68 15.29
N GLY H 92 53.45 12.32 14.67
CA GLY H 92 54.77 12.39 15.24
C GLY H 92 55.83 12.01 14.23
N PRO H 93 57.08 11.91 14.68
CA PRO H 93 58.16 11.48 13.76
C PRO H 93 57.90 10.08 13.23
N GLU H 94 58.06 9.93 11.92
CA GLU H 94 57.76 8.67 11.24
C GLU H 94 59.00 7.91 10.78
N ASP H 95 60.03 8.61 10.31
CA ASP H 95 61.26 7.93 9.94
C ASP H 95 61.96 7.33 11.15
N LYS H 96 61.86 7.99 12.30
CA LYS H 96 62.47 7.48 13.53
C LYS H 96 61.73 6.26 14.07
N PHE H 97 60.39 6.26 13.97
CA PHE H 97 59.56 5.20 14.52
C PHE H 97 59.24 4.12 13.50
N ASP H 98 59.84 4.17 12.31
CA ASP H 98 59.43 3.30 11.22
C ASP H 98 59.62 1.83 11.56
N MET H 99 60.65 1.49 12.34
CA MET H 99 60.87 0.08 12.67
C MET H 99 59.81 -0.46 13.63
N LEU H 100 59.21 0.40 14.45
CA LEU H 100 58.09 -0.02 15.27
C LEU H 100 56.81 -0.18 14.44
N ILE H 101 56.73 0.51 13.30
CA ILE H 101 55.56 0.42 12.45
C ILE H 101 55.63 -0.83 11.58
N ASN H 102 56.79 -1.08 10.96
CA ASN H 102 56.89 -2.16 9.99
C ASN H 102 56.91 -3.53 10.67
N ASP H 103 57.79 -3.73 11.65
CA ASP H 103 57.82 -4.96 12.42
C ASP H 103 57.77 -4.64 13.92
N VAL H 104 56.54 -4.64 14.46
CA VAL H 104 56.34 -4.21 15.83
C VAL H 104 56.81 -5.25 16.84
N ASP H 105 56.97 -6.52 16.42
CA ASP H 105 57.51 -7.55 17.30
C ASP H 105 58.69 -8.28 16.67
N GLY H 106 59.27 -7.72 15.61
CA GLY H 106 60.40 -8.34 14.96
C GLY H 106 60.05 -9.42 13.96
N SER H 107 58.75 -9.68 13.74
CA SER H 107 58.32 -10.73 12.83
C SER H 107 57.66 -10.18 11.58
N GLY H 108 58.02 -8.97 11.18
CA GLY H 108 57.46 -8.39 9.97
C GLY H 108 55.98 -8.08 10.02
N LEU H 109 55.38 -8.09 11.20
CA LEU H 109 53.97 -7.79 11.36
C LEU H 109 53.80 -6.30 11.62
N SER H 110 53.12 -5.60 10.72
CA SER H 110 52.95 -4.17 10.87
C SER H 110 52.07 -3.86 12.08
N ILE H 111 52.26 -2.67 12.63
CA ILE H 111 51.52 -2.27 13.83
C ILE H 111 50.02 -2.26 13.58
N HIS H 112 49.61 -2.01 12.33
CA HIS H 112 48.19 -1.97 12.01
C HIS H 112 47.55 -3.35 12.15
N GLN H 113 48.25 -4.40 11.72
CA GLN H 113 47.70 -5.75 11.84
C GLN H 113 47.62 -6.18 13.30
N GLN H 114 48.64 -5.87 14.10
CA GLN H 114 48.59 -6.21 15.51
C GLN H 114 47.48 -5.45 16.21
N ALA H 115 47.31 -4.16 15.86
CA ALA H 115 46.21 -3.38 16.42
C ALA H 115 44.86 -3.97 16.03
N ARG H 116 44.74 -4.45 14.79
CA ARG H 116 43.51 -5.09 14.35
C ARG H 116 43.22 -6.34 15.18
N ASP H 117 44.24 -7.17 15.41
CA ASP H 117 44.03 -8.39 16.19
C ASP H 117 43.67 -8.07 17.64
N SER H 118 44.35 -7.08 18.23
CA SER H 118 44.05 -6.69 19.60
C SER H 118 42.64 -6.13 19.73
N ALA H 119 42.22 -5.31 18.75
CA ALA H 119 40.86 -4.80 18.78
C ALA H 119 39.85 -5.92 18.55
N GLU H 120 40.22 -6.94 17.78
CA GLU H 120 39.33 -8.09 17.61
C GLU H 120 39.12 -8.81 18.94
N ASP H 121 40.20 -9.04 19.68
CA ASP H 121 40.06 -9.65 21.00
C ASP H 121 39.26 -8.74 21.94
N ALA H 122 39.45 -7.42 21.82
CA ALA H 122 38.65 -6.50 22.62
C ALA H 122 37.16 -6.60 22.30
N LEU H 123 36.81 -6.71 21.02
CA LEU H 123 35.41 -6.89 20.64
C LEU H 123 34.87 -8.23 21.14
N SER H 124 35.65 -9.30 21.03
CA SER H 124 35.16 -10.63 21.39
C SER H 124 35.19 -10.86 22.90
N LEU H 125 36.38 -10.85 23.49
CA LEU H 125 36.53 -11.18 24.90
C LEU H 125 36.59 -9.97 25.82
N GLY H 126 36.79 -8.77 25.27
CA GLY H 126 36.86 -7.58 26.10
C GLY H 126 38.05 -7.54 27.04
N ARG H 127 39.20 -8.05 26.59
CA ARG H 127 40.40 -8.03 27.41
C ARG H 127 41.62 -8.26 26.51
N GLY H 128 42.71 -7.58 26.82
CA GLY H 128 43.94 -7.73 26.07
C GLY H 128 45.08 -7.10 26.81
N GLY H 129 46.24 -7.08 26.16
CA GLY H 129 47.41 -6.48 26.77
C GLY H 129 48.57 -6.24 25.82
N LEU H 130 49.20 -5.08 25.95
CA LEU H 130 50.39 -4.74 25.18
C LEU H 130 51.59 -4.70 26.13
N PHE H 131 52.66 -5.37 25.73
CA PHE H 131 53.89 -5.42 26.52
C PHE H 131 55.02 -4.81 25.71
N VAL H 132 55.75 -3.87 26.31
CA VAL H 132 56.89 -3.21 25.69
C VAL H 132 58.12 -3.58 26.49
N ASP H 133 59.10 -4.19 25.83
CA ASP H 133 60.32 -4.64 26.49
C ASP H 133 61.53 -4.26 25.64
N TYR H 134 62.70 -4.41 26.23
CA TYR H 134 63.98 -4.15 25.58
C TYR H 134 64.80 -5.43 25.54
N SER H 135 65.38 -5.71 24.36
CA SER H 135 66.10 -6.97 24.17
C SER H 135 67.31 -7.07 25.09
N ALA H 152 70.33 -3.84 19.30
CA ALA H 152 69.22 -3.96 20.24
C ALA H 152 68.18 -2.88 19.96
N ARG H 153 66.92 -3.27 20.10
CA ARG H 153 65.80 -2.36 19.86
C ARG H 153 64.61 -2.86 20.67
N PRO H 154 63.68 -1.98 21.03
CA PRO H 154 62.50 -2.42 21.79
C PRO H 154 61.43 -3.00 20.89
N TYR H 155 60.61 -3.87 21.48
CA TYR H 155 59.53 -4.53 20.79
C TYR H 155 58.25 -4.37 21.58
N ILE H 156 57.12 -4.36 20.89
CA ILE H 156 55.81 -4.30 21.51
C ILE H 156 55.14 -5.66 21.35
N LYS H 157 54.86 -6.32 22.46
CA LYS H 157 54.26 -7.64 22.45
C LYS H 157 52.75 -7.54 22.42
N PHE H 158 52.10 -8.68 22.21
CA PHE H 158 50.65 -8.81 22.35
C PHE H 158 50.37 -10.02 23.21
N ILE H 159 49.57 -9.83 24.26
CA ILE H 159 49.26 -10.89 25.21
C ILE H 159 47.75 -11.05 25.26
N ALA H 160 47.28 -12.27 25.03
CA ALA H 160 45.86 -12.53 24.98
C ALA H 160 45.23 -12.41 26.37
N ALA H 161 43.91 -12.51 26.41
CA ALA H 161 43.18 -12.41 27.67
C ALA H 161 43.49 -13.60 28.57
N GLU H 162 43.58 -14.80 28.01
CA GLU H 162 43.84 -15.99 28.82
C GLU H 162 45.24 -15.98 29.42
N ASP H 163 46.20 -15.37 28.73
CA ASP H 163 47.59 -15.44 29.16
C ASP H 163 47.87 -14.55 30.37
N ILE H 164 47.12 -13.45 30.53
CA ILE H 164 47.30 -12.59 31.70
C ILE H 164 46.65 -13.29 32.89
N LEU H 165 47.45 -13.97 33.70
CA LEU H 165 46.93 -14.85 34.73
C LEU H 165 46.96 -14.27 36.13
N ASN H 166 47.55 -13.09 36.33
CA ASN H 166 47.47 -12.42 37.62
C ASN H 166 47.87 -10.97 37.47
N TRP H 167 47.43 -10.15 38.42
CA TRP H 167 47.78 -8.74 38.48
C TRP H 167 47.62 -8.28 39.92
N ARG H 168 47.91 -7.01 40.17
CA ARG H 168 47.89 -6.47 41.52
C ARG H 168 47.75 -4.97 41.46
N GLU H 169 46.97 -4.41 42.39
CA GLU H 169 46.75 -2.97 42.49
C GLU H 169 47.01 -2.54 43.92
N ARG H 170 47.83 -1.50 44.10
CA ARG H 170 48.11 -0.93 45.41
C ARG H 170 47.99 0.58 45.35
N TRP H 171 47.56 1.16 46.47
CA TRP H 171 47.46 2.61 46.62
C TRP H 171 48.66 3.10 47.40
N VAL H 172 49.68 3.56 46.69
CA VAL H 172 50.88 4.12 47.31
C VAL H 172 50.87 5.63 47.04
N ASN H 173 50.99 6.42 48.11
CA ASN H 173 50.89 7.88 48.03
C ASN H 173 49.59 8.29 47.35
N GLY H 174 48.52 7.58 47.66
CA GLY H 174 47.22 7.89 47.10
C GLY H 174 47.08 7.65 45.61
N ALA H 175 48.02 6.94 45.00
CA ALA H 175 48.02 6.69 43.57
C ALA H 175 47.79 5.20 43.31
N LYS H 176 46.77 4.90 42.50
CA LYS H 176 46.53 3.52 42.08
C LYS H 176 47.70 3.05 41.24
N ARG H 177 48.50 2.12 41.78
CA ARG H 177 49.69 1.63 41.12
C ARG H 177 49.60 0.14 40.92
N THR H 178 50.03 -0.33 39.75
CA THR H 178 50.05 -1.76 39.45
C THR H 178 51.34 -2.35 40.00
N THR H 179 51.25 -2.96 41.19
CA THR H 179 52.45 -3.49 41.83
C THR H 179 52.95 -4.75 41.13
N LEU H 180 52.05 -5.67 40.80
CA LEU H 180 52.43 -6.94 40.20
C LEU H 180 51.55 -7.22 39.01
N LEU H 181 52.16 -7.78 37.95
CA LEU H 181 51.41 -8.18 36.77
C LEU H 181 52.18 -9.28 36.04
N VAL H 182 51.77 -10.52 36.21
CA VAL H 182 52.45 -11.66 35.60
C VAL H 182 51.59 -12.22 34.48
N PHE H 183 52.24 -12.49 33.35
CA PHE H 183 51.54 -13.02 32.18
C PHE H 183 52.33 -14.18 31.60
N ARG H 184 51.61 -15.18 31.10
CA ARG H 184 52.22 -16.38 30.53
C ARG H 184 52.42 -16.15 29.04
N GLU H 185 53.66 -15.98 28.63
CA GLU H 185 53.99 -15.70 27.23
C GLU H 185 54.30 -17.02 26.54
N GLU H 186 53.41 -17.46 25.66
CA GLU H 186 53.60 -18.72 24.96
C GLU H 186 54.76 -18.64 23.98
N SER H 187 55.55 -19.70 23.90
CA SER H 187 56.69 -19.75 22.99
C SER H 187 56.80 -21.12 22.35
N ASP H 188 57.94 -21.39 21.69
CA ASP H 188 58.17 -22.66 21.02
C ASP H 188 59.66 -22.93 20.98
N ALA H 189 60.01 -24.21 21.02
CA ALA H 189 61.40 -24.65 21.00
C ALA H 189 61.77 -25.14 19.61
N ASP H 190 62.79 -24.53 19.01
CA ASP H 190 63.33 -24.96 17.72
C ASP H 190 64.56 -25.81 18.01
N ASP H 191 64.31 -27.08 18.29
CA ASP H 191 65.38 -28.03 18.59
C ASP H 191 66.19 -28.34 17.35
N ASP H 192 67.19 -29.21 17.51
CA ASP H 192 68.06 -29.57 16.38
C ASP H 192 67.24 -30.09 15.20
N GLY H 193 66.25 -30.92 15.47
CA GLY H 193 65.41 -31.45 14.43
C GLY H 193 64.22 -30.57 14.13
N TYR H 194 63.23 -31.18 13.49
CA TYR H 194 61.99 -30.53 13.06
C TYR H 194 60.82 -30.96 13.91
N GLN H 195 61.07 -31.09 15.21
CA GLN H 195 60.31 -31.93 16.12
C GLN H 195 59.56 -31.08 17.14
N ILE H 196 58.25 -31.30 17.22
CA ILE H 196 57.33 -30.35 17.87
C ILE H 196 57.53 -30.40 19.37
N TYR H 197 58.05 -29.30 19.92
CA TYR H 197 58.07 -29.02 21.35
C TYR H 197 57.31 -27.73 21.60
N LYS H 198 56.60 -27.67 22.72
CA LYS H 198 55.85 -26.48 23.10
C LYS H 198 56.30 -26.05 24.49
N GLU H 199 57.20 -25.07 24.55
CA GLU H 199 57.74 -24.56 25.80
C GLU H 199 57.13 -23.20 26.09
N GLU H 200 57.03 -22.87 27.38
CA GLU H 200 56.33 -21.67 27.82
C GLU H 200 57.29 -20.75 28.57
N VAL H 201 57.00 -19.46 28.50
CA VAL H 201 57.80 -18.44 29.19
C VAL H 201 56.85 -17.58 30.02
N TRP H 202 57.09 -17.52 31.32
CA TRP H 202 56.30 -16.69 32.23
C TRP H 202 57.11 -15.45 32.60
N ARG H 203 56.49 -14.29 32.48
CA ARG H 203 57.14 -13.02 32.79
C ARG H 203 56.42 -12.39 33.98
N GLU H 204 57.18 -12.08 35.03
CA GLU H 204 56.63 -11.42 36.21
C GLU H 204 57.09 -9.96 36.22
N LEU H 205 56.14 -9.04 36.30
CA LEU H 205 56.42 -7.62 36.34
C LEU H 205 56.07 -7.08 37.72
N ARG H 206 57.07 -6.51 38.40
CA ARG H 206 56.90 -6.00 39.74
C ARG H 206 57.23 -4.52 39.79
N LEU H 207 56.62 -3.83 40.76
CA LEU H 207 56.89 -2.42 41.02
C LEU H 207 57.16 -2.27 42.52
N VAL H 208 58.44 -2.17 42.89
CA VAL H 208 58.85 -2.01 44.28
C VAL H 208 59.60 -0.69 44.41
N ASP H 209 59.36 0.01 45.52
CA ASP H 209 59.92 1.33 45.82
C ASP H 209 59.92 2.23 44.57
N GLY H 210 58.81 2.16 43.84
CA GLY H 210 58.67 2.97 42.63
C GLY H 210 59.67 2.63 41.54
N THR H 211 60.05 1.35 41.43
CA THR H 211 60.97 0.91 40.40
C THR H 211 60.40 -0.31 39.71
N TYR H 212 60.54 -0.36 38.39
CA TYR H 212 60.00 -1.47 37.60
C TYR H 212 61.02 -2.59 37.53
N TRP H 213 60.61 -3.80 37.91
CA TRP H 213 61.48 -4.96 37.93
C TRP H 213 60.86 -6.08 37.09
N GLN H 214 61.72 -6.90 36.51
CA GLN H 214 61.30 -7.86 35.49
C GLN H 214 62.05 -9.17 35.67
N ARG H 215 61.30 -10.27 35.77
CA ARG H 215 61.87 -11.61 35.67
C ARG H 215 61.19 -12.41 34.58
N THR H 216 61.98 -13.18 33.86
CA THR H 216 61.50 -14.17 32.89
C THR H 216 61.83 -15.56 33.43
N TRP H 217 60.81 -16.42 33.48
CA TRP H 217 61.04 -17.83 33.78
C TRP H 217 61.20 -18.54 32.45
N ARG H 218 62.43 -18.49 31.94
CA ARG H 218 62.71 -18.96 30.59
C ARG H 218 62.39 -20.44 30.42
N GLU H 219 62.82 -21.28 31.37
CA GLU H 219 62.63 -22.72 31.30
C GLU H 219 63.13 -23.28 29.96
N ASN H 220 64.11 -22.60 29.38
CA ASN H 220 64.77 -23.12 28.18
C ASN H 220 65.49 -24.42 28.54
N ASP H 221 65.42 -25.39 27.63
CA ASP H 221 66.01 -26.71 27.83
C ASP H 221 65.31 -27.42 29.00
N GLY H 222 64.20 -26.85 29.45
CA GLY H 222 63.45 -27.37 30.57
C GLY H 222 64.20 -27.35 31.89
N GLN H 223 64.94 -26.27 32.14
CA GLN H 223 65.72 -26.12 33.37
C GLN H 223 65.60 -24.69 33.88
N LEU H 224 66.13 -24.47 35.07
CA LEU H 224 66.05 -23.17 35.73
C LEU H 224 66.90 -22.11 35.05
N TYR H 225 66.25 -21.24 34.27
CA TYR H 225 66.89 -20.03 33.76
C TYR H 225 66.15 -18.79 34.25
N VAL H 226 65.61 -18.84 35.47
CA VAL H 226 64.90 -17.70 36.03
C VAL H 226 65.84 -16.51 36.16
N ASP H 227 65.47 -15.40 35.52
CA ASP H 227 66.29 -14.21 35.61
C ASP H 227 66.10 -13.55 36.98
N ASP H 228 67.12 -12.78 37.38
CA ASP H 228 67.18 -12.21 38.72
C ASP H 228 66.36 -10.92 38.79
N TRP H 229 66.56 -10.16 39.87
CA TRP H 229 66.10 -8.78 39.96
C TRP H 229 66.85 -7.96 38.91
N ILE H 230 66.19 -7.63 37.80
CA ILE H 230 66.77 -6.76 36.80
C ILE H 230 65.79 -5.63 36.51
N SER H 231 66.32 -4.41 36.39
CA SER H 231 65.52 -3.24 36.06
C SER H 231 65.91 -2.73 34.68
N PRO H 232 65.08 -2.92 33.66
CA PRO H 232 65.36 -2.29 32.37
C PRO H 232 65.43 -0.78 32.54
N THR H 233 66.37 -0.16 31.82
CA THR H 233 66.70 1.24 32.01
C THR H 233 66.50 2.00 30.72
N LYS H 234 66.12 3.27 30.84
CA LYS H 234 65.92 4.12 29.69
C LYS H 234 67.25 4.43 29.01
N ALA H 235 67.17 5.05 27.84
CA ALA H 235 68.38 5.46 27.14
C ALA H 235 69.17 6.45 27.96
N ASP H 236 68.49 7.43 28.56
CA ASP H 236 69.16 8.38 29.46
C ASP H 236 69.42 7.76 30.82
N GLY H 237 68.53 6.88 31.28
CA GLY H 237 68.70 6.25 32.58
C GLY H 237 67.49 6.37 33.48
N SER H 238 67.71 6.40 34.79
CA SER H 238 66.69 6.63 35.80
C SER H 238 65.67 5.50 35.90
N GLN H 239 65.91 4.38 35.23
CA GLN H 239 65.07 3.17 35.30
C GLN H 239 63.65 3.56 34.88
N PHE H 240 62.62 3.05 35.55
CA PHE H 240 61.23 3.33 35.19
C PHE H 240 60.44 3.71 36.43
N ASP H 241 59.36 4.45 36.23
CA ASP H 241 58.44 4.80 37.29
C ASP H 241 57.19 3.92 37.32
N GLU H 242 56.86 3.27 36.20
CA GLU H 242 55.65 2.48 36.10
C GLU H 242 55.93 1.26 35.23
N ILE H 243 55.21 0.18 35.50
CA ILE H 243 55.37 -1.06 34.73
C ILE H 243 54.93 -0.81 33.30
N PRO H 244 55.76 -1.09 32.29
CA PRO H 244 55.35 -0.90 30.89
C PRO H 244 54.48 -2.04 30.38
N PHE H 245 53.25 -2.10 30.90
CA PHE H 245 52.28 -3.10 30.47
C PHE H 245 50.90 -2.52 30.69
N VAL H 246 50.06 -2.56 29.66
CA VAL H 246 48.74 -1.95 29.68
C VAL H 246 47.69 -3.01 29.44
N ILE H 247 46.63 -2.99 30.23
CA ILE H 247 45.49 -3.89 30.09
C ILE H 247 44.36 -3.10 29.46
N PHE H 248 44.17 -3.26 28.15
CA PHE H 248 43.07 -2.61 27.46
C PHE H 248 41.88 -3.54 27.38
N GLY H 249 40.68 -2.98 27.57
CA GLY H 249 39.46 -3.75 27.53
C GLY H 249 38.35 -2.97 26.86
N SER H 250 37.21 -3.65 26.71
CA SER H 250 36.05 -3.02 26.07
C SER H 250 35.54 -1.84 26.89
N LYS H 251 35.66 -1.92 28.22
CA LYS H 251 35.16 -0.84 29.08
C LYS H 251 36.20 0.26 29.24
N ASN H 252 37.36 -0.07 29.80
CA ASN H 252 38.45 0.90 29.95
C ASN H 252 39.75 0.16 30.18
N ASN H 253 40.83 0.94 30.33
CA ASN H 253 42.17 0.41 30.48
C ASN H 253 42.47 0.13 31.95
N ASP H 254 41.76 -0.87 32.48
CA ASP H 254 41.91 -1.24 33.88
C ASP H 254 42.47 -2.65 34.00
N PRO H 255 43.27 -2.91 35.04
CA PRO H 255 43.62 -4.30 35.33
C PRO H 255 42.41 -5.17 35.64
N THR H 256 41.34 -4.58 36.19
CA THR H 256 40.14 -5.33 36.52
C THR H 256 39.42 -5.79 35.26
N ILE H 257 38.65 -6.86 35.42
CA ILE H 257 38.06 -7.55 34.27
C ILE H 257 36.94 -6.72 33.67
N ASP H 258 36.90 -6.65 32.34
CA ASP H 258 35.86 -5.96 31.59
C ASP H 258 35.00 -7.00 30.89
N MET H 259 33.70 -6.98 31.19
CA MET H 259 32.83 -8.06 30.76
C MET H 259 32.71 -8.07 29.24
N PRO H 260 32.75 -9.24 28.61
CA PRO H 260 32.87 -9.30 27.15
C PRO H 260 31.65 -8.71 26.47
N PRO H 261 31.84 -8.03 25.34
CA PRO H 261 30.69 -7.51 24.59
C PRO H 261 29.94 -8.56 23.79
N MET H 262 30.41 -9.80 23.77
CA MET H 262 29.88 -10.84 22.91
C MET H 262 29.04 -11.86 23.66
N ARG H 263 28.88 -11.70 24.98
CA ARG H 263 28.30 -12.77 25.80
C ARG H 263 26.85 -13.07 25.41
N ASP H 264 26.03 -12.03 25.30
CA ASP H 264 24.60 -12.24 25.05
C ASP H 264 24.34 -12.76 23.64
N LEU H 265 25.11 -12.29 22.65
CA LEU H 265 25.00 -12.84 21.32
C LEU H 265 25.38 -14.32 21.30
N VAL H 266 26.43 -14.69 22.04
CA VAL H 266 26.83 -16.09 22.10
C VAL H 266 25.73 -16.93 22.75
N GLU H 267 25.11 -16.40 23.80
CA GLU H 267 23.98 -17.10 24.42
C GLU H 267 22.84 -17.31 23.42
N LEU H 268 22.51 -16.26 22.68
CA LEU H 268 21.44 -16.36 21.69
C LEU H 268 21.77 -17.36 20.59
N ASN H 269 23.03 -17.36 20.13
CA ASN H 269 23.43 -18.33 19.09
C ASN H 269 23.39 -19.76 19.62
N ILE H 270 23.75 -19.96 20.89
CA ILE H 270 23.69 -21.30 21.47
C ILE H 270 22.24 -21.78 21.55
N ALA H 271 21.34 -20.90 22.00
CA ALA H 271 19.93 -21.27 22.05
C ALA H 271 19.38 -21.54 20.65
N HIS H 272 19.75 -20.71 19.68
CA HIS H 272 19.34 -20.95 18.31
C HIS H 272 19.91 -22.25 17.77
N PHE H 273 21.11 -22.61 18.21
CA PHE H 273 21.70 -23.88 17.79
C PHE H 273 20.92 -25.06 18.32
N ARG H 274 20.53 -25.03 19.59
CA ARG H 274 19.76 -26.15 20.13
C ARG H 274 18.36 -26.22 19.48
N ASN H 275 17.74 -25.07 19.26
CA ASN H 275 16.47 -25.06 18.55
C ASN H 275 16.63 -25.58 17.12
N SER H 276 17.75 -25.26 16.48
CA SER H 276 18.03 -25.77 15.14
C SER H 276 18.21 -27.28 15.16
N ALA H 277 18.87 -27.81 16.18
CA ALA H 277 19.01 -29.27 16.29
C ALA H 277 17.64 -29.92 16.41
N ASP H 278 16.77 -29.36 17.26
CA ASP H 278 15.42 -29.91 17.40
C ASP H 278 14.67 -29.82 16.07
N TYR H 279 14.78 -28.68 15.38
CA TYR H 279 14.10 -28.49 14.12
C TYR H 279 14.60 -29.47 13.06
N GLU H 280 15.91 -29.70 13.01
CA GLU H 280 16.47 -30.63 12.05
C GLU H 280 16.02 -32.05 12.32
N GLU H 281 15.96 -32.44 13.60
CA GLU H 281 15.42 -33.77 13.91
C GLU H 281 13.98 -33.90 13.44
N ALA H 282 13.15 -32.88 13.73
CA ALA H 282 11.76 -32.92 13.32
C ALA H 282 11.62 -33.01 11.80
N CYS H 283 12.41 -32.22 11.08
CA CYS H 283 12.34 -32.21 9.61
C CYS H 283 12.83 -33.53 9.03
N PHE H 284 13.89 -34.11 9.61
CA PHE H 284 14.40 -35.37 9.10
C PHE H 284 13.43 -36.51 9.34
N ILE H 285 12.72 -36.49 10.48
CA ILE H 285 11.84 -37.61 10.79
C ILE H 285 10.47 -37.44 10.13
N CYS H 286 9.77 -36.35 10.44
CA CYS H 286 8.39 -36.17 10.02
C CYS H 286 8.25 -35.35 8.73
N GLY H 287 9.36 -34.90 8.14
CA GLY H 287 9.28 -34.07 6.96
C GLY H 287 8.72 -34.75 5.74
N GLN H 288 9.17 -35.97 5.48
CA GLN H 288 8.72 -36.69 4.29
C GLN H 288 7.25 -37.04 4.41
N PRO H 289 6.47 -36.91 3.34
CA PRO H 289 5.07 -37.34 3.39
C PRO H 289 4.95 -38.85 3.59
N THR H 290 3.87 -39.27 4.24
CA THR H 290 3.63 -40.67 4.55
C THR H 290 2.18 -41.00 4.25
N LEU H 291 1.94 -42.16 3.65
CA LEU H 291 0.59 -42.50 3.18
C LEU H 291 -0.38 -42.69 4.33
N PHE H 292 0.00 -43.48 5.34
CA PHE H 292 -0.87 -43.80 6.47
C PHE H 292 -2.20 -44.40 6.01
N LEU H 293 -2.11 -45.55 5.35
CA LEU H 293 -3.31 -46.26 4.93
C LEU H 293 -4.09 -46.74 6.14
N SER H 294 -5.39 -46.46 6.17
CA SER H 294 -6.24 -46.80 7.30
C SER H 294 -7.48 -47.51 6.78
N GLY H 295 -8.20 -48.17 7.70
CA GLY H 295 -9.35 -48.96 7.32
C GLY H 295 -8.95 -50.13 6.44
N LEU H 296 -7.85 -50.79 6.81
CA LEU H 296 -7.25 -51.83 6.00
C LEU H 296 -7.23 -53.14 6.78
N THR H 297 -7.05 -54.23 6.04
CA THR H 297 -6.89 -55.55 6.63
C THR H 297 -5.72 -56.27 5.97
N GLU H 298 -5.09 -57.17 6.72
CA GLU H 298 -3.95 -57.91 6.18
C GLU H 298 -4.37 -58.80 5.03
N HIS H 299 -5.61 -59.30 5.05
CA HIS H 299 -6.11 -60.15 3.98
C HIS H 299 -6.06 -59.41 2.65
N TRP H 300 -6.59 -58.19 2.60
CA TRP H 300 -6.54 -57.39 1.39
C TRP H 300 -5.12 -57.03 1.00
N VAL H 301 -4.28 -56.71 1.99
CA VAL H 301 -2.89 -56.35 1.71
C VAL H 301 -2.20 -57.48 0.98
N LYS H 302 -2.32 -58.70 1.48
CA LYS H 302 -1.69 -59.84 0.82
C LYS H 302 -2.43 -60.23 -0.45
N ASN H 303 -3.70 -59.83 -0.58
CA ASN H 303 -4.43 -60.09 -1.81
C ASN H 303 -3.87 -59.28 -2.97
N VAL H 304 -3.71 -57.97 -2.78
CA VAL H 304 -3.40 -57.05 -3.87
C VAL H 304 -2.03 -56.40 -3.70
N LEU H 305 -1.79 -55.77 -2.54
CA LEU H 305 -0.59 -54.97 -2.39
C LEU H 305 0.67 -55.83 -2.38
N GLY H 306 0.65 -56.91 -1.60
CA GLY H 306 1.79 -57.82 -1.56
C GLY H 306 3.08 -57.18 -1.08
N GLY H 307 2.99 -56.30 -0.09
CA GLY H 307 4.19 -55.69 0.47
C GLY H 307 4.93 -54.76 -0.46
N ALA H 308 4.29 -54.30 -1.54
CA ALA H 308 4.93 -53.39 -2.48
C ALA H 308 3.84 -52.58 -3.17
N VAL H 309 3.80 -51.29 -2.89
CA VAL H 309 2.78 -50.39 -3.43
C VAL H 309 3.43 -49.50 -4.47
N VAL H 310 2.89 -49.50 -5.67
CA VAL H 310 3.34 -48.59 -6.73
C VAL H 310 2.59 -47.27 -6.57
N ILE H 311 3.35 -46.17 -6.58
CA ILE H 311 2.81 -44.86 -6.28
C ILE H 311 3.10 -43.85 -7.39
N GLY H 312 3.54 -44.32 -8.55
CA GLY H 312 3.70 -43.44 -9.69
C GLY H 312 2.37 -43.00 -10.26
N SER H 313 2.44 -41.97 -11.11
CA SER H 313 1.21 -41.47 -11.74
C SER H 313 0.62 -42.47 -12.73
N ARG H 314 1.46 -43.28 -13.37
CA ARG H 314 0.99 -44.24 -14.36
C ARG H 314 0.32 -45.47 -13.74
N ASP H 315 0.37 -45.61 -12.42
CA ASP H 315 -0.18 -46.78 -11.74
C ASP H 315 -1.08 -46.36 -10.60
N ALA H 316 -2.24 -47.02 -10.50
CA ALA H 316 -3.22 -46.73 -9.46
C ALA H 316 -3.37 -47.95 -8.55
N VAL H 317 -3.79 -47.70 -7.31
CA VAL H 317 -3.97 -48.77 -6.34
C VAL H 317 -5.33 -48.66 -5.68
N PRO H 318 -6.08 -49.76 -5.57
CA PRO H 318 -7.39 -49.71 -4.93
C PRO H 318 -7.31 -50.08 -3.45
N LEU H 319 -8.38 -49.74 -2.74
CA LEU H 319 -8.53 -50.04 -1.32
C LEU H 319 -9.93 -50.55 -1.04
N PRO H 320 -10.11 -51.37 0.00
CA PRO H 320 -11.44 -51.91 0.30
C PRO H 320 -12.40 -50.85 0.80
N VAL H 321 -13.61 -51.28 1.17
CA VAL H 321 -14.66 -50.34 1.58
C VAL H 321 -14.27 -49.67 2.88
N ASN H 322 -14.56 -48.37 2.98
CA ASN H 322 -14.30 -47.57 4.18
C ASN H 322 -12.82 -47.55 4.53
N ALA H 323 -11.97 -47.42 3.52
CA ALA H 323 -10.53 -47.25 3.70
C ALA H 323 -10.15 -45.85 3.24
N LYS H 324 -9.51 -45.09 4.12
CA LYS H 324 -9.25 -43.66 3.89
C LYS H 324 -7.76 -43.36 3.92
N PRO H 325 -7.10 -43.28 2.78
CA PRO H 325 -5.69 -42.85 2.78
C PRO H 325 -5.57 -41.39 3.18
N GLU H 326 -4.55 -41.10 4.01
CA GLU H 326 -4.35 -39.75 4.54
C GLU H 326 -2.86 -39.45 4.49
N LEU H 327 -2.40 -38.86 3.38
CA LEU H 327 -1.00 -38.52 3.23
C LEU H 327 -0.64 -37.42 4.21
N LEU H 328 0.12 -37.75 5.25
CA LEU H 328 0.44 -36.84 6.33
C LEU H 328 1.90 -36.40 6.27
N GLN H 329 2.13 -35.13 6.58
CA GLN H 329 3.48 -34.61 6.72
C GLN H 329 3.43 -33.46 7.72
N ALA H 330 4.60 -33.14 8.28
CA ALA H 330 4.69 -32.05 9.25
C ALA H 330 4.40 -30.73 8.54
N GLU H 331 3.48 -29.95 9.09
CA GLU H 331 3.10 -28.70 8.48
C GLU H 331 4.15 -27.62 8.76
N GLY H 332 4.06 -26.54 8.00
CA GLY H 332 4.95 -25.41 8.19
C GLY H 332 4.49 -24.48 9.29
N ASN H 333 5.31 -23.46 9.54
CA ASN H 333 5.01 -22.44 10.56
C ASN H 333 4.79 -23.07 11.93
N GLY H 334 5.54 -24.11 12.23
CA GLY H 334 5.47 -24.71 13.55
C GLY H 334 6.05 -23.81 14.62
N MET H 335 5.86 -24.23 15.87
CA MET H 335 6.38 -23.45 17.00
C MET H 335 7.90 -23.39 17.01
N VAL H 336 8.57 -24.43 16.49
CA VAL H 336 10.03 -24.43 16.48
C VAL H 336 10.55 -23.34 15.55
N LYS H 337 9.96 -23.20 14.37
CA LYS H 337 10.34 -22.10 13.50
C LYS H 337 10.05 -20.77 14.15
N GLU H 338 8.94 -20.67 14.88
CA GLU H 338 8.59 -19.42 15.53
C GLU H 338 9.65 -19.02 16.55
N ALA H 339 10.09 -19.98 17.37
CA ALA H 339 11.16 -19.71 18.34
C ALA H 339 12.46 -19.35 17.65
N MET H 340 12.82 -20.09 16.61
CA MET H 340 14.06 -19.80 15.89
C MET H 340 14.02 -18.41 15.26
N ASP H 341 12.88 -18.04 14.68
CA ASP H 341 12.74 -16.73 14.08
C ASP H 341 12.80 -15.62 15.11
N GLN H 342 12.16 -15.80 16.26
CA GLN H 342 12.21 -14.74 17.27
C GLN H 342 13.63 -14.62 17.81
N LYS H 343 14.35 -15.73 17.93
CA LYS H 343 15.72 -15.63 18.42
C LYS H 343 16.63 -14.93 17.41
N GLU H 344 16.45 -15.21 16.12
CA GLU H 344 17.21 -14.48 15.11
C GLU H 344 16.87 -13.00 15.12
N ARG H 345 15.58 -12.67 15.25
CA ARG H 345 15.17 -11.28 15.30
C ARG H 345 15.71 -10.59 16.55
N GLN H 346 15.80 -11.33 17.66
CA GLN H 346 16.42 -10.77 18.87
C GLN H 346 17.90 -10.51 18.65
N MET H 347 18.60 -11.45 18.02
CA MET H 347 20.00 -11.25 17.71
C MET H 347 20.20 -9.98 16.88
N VAL H 348 19.28 -9.76 15.94
CA VAL H 348 19.36 -8.53 15.08
C VAL H 348 18.96 -7.32 15.94
N ALA H 349 17.94 -7.47 16.78
CA ALA H 349 17.45 -6.33 17.60
C ALA H 349 18.60 -5.75 18.44
N LEU H 350 19.37 -6.63 19.10
CA LEU H 350 20.52 -6.16 19.93
C LEU H 350 21.28 -5.07 19.17
N GLY H 351 21.08 -4.97 17.86
CA GLY H 351 21.73 -3.91 17.07
C GLY H 351 23.05 -4.38 16.48
N ALA H 352 23.42 -5.64 16.75
CA ALA H 352 24.69 -6.20 16.23
C ALA H 352 24.60 -6.37 14.71
N LYS H 353 25.72 -6.19 14.01
CA LYS H 353 25.74 -6.34 12.52
C LYS H 353 26.03 -7.80 12.16
N LEU H 354 25.30 -8.74 12.78
CA LEU H 354 25.53 -10.19 12.52
C LEU H 354 25.00 -10.56 11.13
N ILE H 355 23.76 -10.19 10.81
CA ILE H 355 23.15 -10.61 9.51
C ILE H 355 22.34 -9.44 8.94
N ASP H 356 21.87 -9.58 7.70
CA ASP H 356 21.06 -8.50 7.07
C ASP H 356 19.74 -9.09 6.56
N SER H 357 18.86 -8.25 6.00
CA SER H 357 17.57 -8.70 5.49
C SER H 357 17.16 -7.77 4.36
N ASP H 358 17.13 -8.30 3.13
CA ASP H 358 16.75 -7.49 1.98
C ASP H 358 15.25 -7.22 1.92
N LYS H 359 14.44 -8.06 2.57
CA LYS H 359 13.00 -7.80 2.63
C LYS H 359 12.72 -6.51 3.40
N THR H 360 13.41 -6.30 4.52
CA THR H 360 13.19 -5.13 5.35
C THR H 360 13.67 -3.86 4.63
N GLN H 361 13.10 -2.73 5.05
CA GLN H 361 13.50 -1.43 4.53
C GLN H 361 13.63 -0.44 5.69
N ARG H 362 14.63 0.43 5.58
CA ARG H 362 14.89 1.48 6.57
C ARG H 362 14.87 2.83 5.88
N THR H 363 14.23 3.81 6.52
CA THR H 363 14.21 5.16 5.98
C THR H 363 15.56 5.83 6.20
N PHE H 364 16.13 6.39 5.14
CA PHE H 364 17.37 7.13 5.26
C PHE H 364 17.14 8.42 6.02
N GLY H 365 18.07 8.75 6.91
CA GLY H 365 17.94 9.88 7.80
C GLY H 365 17.38 9.55 9.16
N GLU H 366 16.72 8.40 9.30
CA GLU H 366 16.25 7.96 10.61
C GLU H 366 17.38 7.34 11.42
N ALA H 367 18.19 6.49 10.78
CA ALA H 367 19.33 5.90 11.47
C ALA H 367 20.38 6.95 11.85
N SER H 368 20.27 8.17 11.30
CA SER H 368 21.20 9.22 11.64
C SER H 368 21.09 9.63 13.10
N MET H 369 19.94 9.37 13.74
CA MET H 369 19.79 9.72 15.15
C MET H 369 20.36 8.62 16.05
N GLU H 370 20.23 7.36 15.64
CA GLU H 370 20.64 6.23 16.48
C GLU H 370 22.05 5.74 16.16
N ALA H 371 22.71 6.29 15.13
CA ALA H 371 24.06 5.87 14.80
C ALA H 371 25.01 6.00 15.99
N ALA H 372 24.80 7.02 16.82
CA ALA H 372 25.64 7.16 18.01
C ALA H 372 25.47 6.00 18.97
N ALA H 373 24.23 5.56 19.16
CA ALA H 373 23.95 4.45 20.10
C ALA H 373 24.38 3.12 19.49
N GLN H 374 24.16 2.93 18.19
CA GLN H 374 24.47 1.63 17.52
C GLN H 374 25.99 1.38 17.52
N ASN H 375 26.79 2.43 17.28
CA ASN H 375 28.26 2.24 17.18
C ASN H 375 28.93 2.56 18.52
N SER H 376 28.24 2.26 19.63
CA SER H 376 28.81 2.53 20.98
C SER H 376 30.04 1.66 21.23
N VAL H 377 29.86 0.34 21.28
CA VAL H 377 30.98 -0.55 21.58
C VAL H 377 32.15 -0.28 20.65
N LEU H 378 31.86 0.07 19.40
CA LEU H 378 32.93 0.38 18.45
C LEU H 378 33.72 1.60 18.89
N SER H 379 33.03 2.66 19.31
CA SER H 379 33.72 3.85 19.79
C SER H 379 34.51 3.56 21.05
N ARG H 380 33.93 2.79 21.98
CA ARG H 380 34.62 2.49 23.23
C ARG H 380 35.90 1.71 22.97
N VAL H 381 35.83 0.67 22.13
CA VAL H 381 37.03 -0.10 21.83
C VAL H 381 38.03 0.73 21.03
N SER H 382 37.55 1.61 20.15
CA SER H 382 38.46 2.48 19.42
C SER H 382 39.28 3.35 20.38
N LYS H 383 38.61 4.03 21.29
CA LYS H 383 39.32 4.90 22.22
C LYS H 383 40.22 4.09 23.15
N ASN H 384 39.76 2.93 23.61
CA ASN H 384 40.57 2.11 24.51
C ASN H 384 41.86 1.63 23.84
N VAL H 385 41.73 1.05 22.64
CA VAL H 385 42.91 0.55 21.94
C VAL H 385 43.81 1.70 21.52
N SER H 386 43.23 2.84 21.15
CA SER H 386 44.04 4.00 20.80
C SER H 386 44.88 4.45 21.97
N ASP H 387 44.27 4.53 23.16
CA ASP H 387 45.02 4.91 24.35
C ASP H 387 46.09 3.88 24.68
N ALA H 388 45.76 2.60 24.56
CA ALA H 388 46.74 1.55 24.84
C ALA H 388 47.94 1.66 23.93
N TYR H 389 47.71 1.82 22.62
CA TYR H 389 48.83 1.89 21.69
C TYR H 389 49.60 3.20 21.82
N THR H 390 48.92 4.30 22.14
CA THR H 390 49.63 5.54 22.41
C THR H 390 50.56 5.39 23.59
N LYS H 391 50.08 4.78 24.68
CA LYS H 391 50.91 4.58 25.85
C LYS H 391 52.07 3.64 25.56
N ALA H 392 51.82 2.56 24.81
CA ALA H 392 52.90 1.64 24.47
C ALA H 392 53.96 2.32 23.61
N LEU H 393 53.53 3.14 22.65
CA LEU H 393 54.49 3.87 21.82
C LEU H 393 55.28 4.87 22.64
N ARG H 394 54.63 5.52 23.61
CA ARG H 394 55.36 6.42 24.51
C ARG H 394 56.39 5.65 25.33
N TRP H 395 56.03 4.46 25.80
CA TRP H 395 56.99 3.65 26.56
C TRP H 395 58.19 3.28 25.70
N ALA H 396 57.94 2.89 24.45
CA ALA H 396 59.05 2.57 23.55
C ALA H 396 59.90 3.81 23.27
N ALA H 397 59.27 4.96 23.09
CA ALA H 397 60.01 6.20 22.88
C ALA H 397 60.90 6.50 24.08
N MET H 398 60.37 6.36 25.29
CA MET H 398 61.19 6.53 26.49
C MET H 398 62.33 5.53 26.54
N PHE H 399 62.08 4.30 26.10
CA PHE H 399 63.15 3.32 25.96
C PHE H 399 64.27 3.85 25.07
N LEU H 400 63.91 4.41 23.92
CA LEU H 400 64.91 4.94 23.00
C LEU H 400 65.09 6.45 23.11
N GLY H 401 64.40 7.12 24.02
CA GLY H 401 64.60 8.55 24.24
C GLY H 401 64.23 9.46 23.09
N LEU H 402 63.11 9.20 22.42
CA LEU H 402 62.63 10.05 21.35
C LEU H 402 61.66 11.09 21.91
N ASP H 403 60.94 11.76 21.01
CA ASP H 403 59.86 12.65 21.41
C ASP H 403 58.76 11.88 22.12
N GLU H 404 58.13 12.53 23.09
CA GLU H 404 57.09 11.90 23.90
C GLU H 404 55.68 12.19 23.41
N LYS H 405 55.45 13.35 22.80
CA LYS H 405 54.12 13.74 22.35
C LYS H 405 53.85 13.09 20.99
N ILE H 406 53.48 11.81 21.04
CA ILE H 406 53.10 11.06 19.84
C ILE H 406 51.75 10.41 20.10
N GLU H 407 51.07 10.05 19.01
CA GLU H 407 49.73 9.53 19.09
C GLU H 407 49.53 8.42 18.06
N TYR H 408 48.45 7.65 18.26
CA TYR H 408 48.05 6.59 17.33
C TYR H 408 46.52 6.56 17.38
N GLU H 409 45.89 7.27 16.45
CA GLU H 409 44.45 7.53 16.49
C GLU H 409 43.76 6.61 15.50
N LEU H 410 43.02 5.63 16.02
CA LEU H 410 42.33 4.67 15.17
C LEU H 410 41.20 5.35 14.39
N ASN H 411 40.57 4.57 13.51
CA ASN H 411 39.51 5.10 12.64
C ASN H 411 38.24 5.27 13.48
N SER H 412 38.02 6.50 13.93
CA SER H 412 36.86 6.79 14.76
C SER H 412 35.56 6.88 13.97
N ASP H 413 35.60 7.30 12.71
CA ASP H 413 34.39 7.50 11.94
C ASP H 413 33.90 6.18 11.36
N PHE H 414 32.61 5.90 11.53
CA PHE H 414 32.01 4.64 11.12
C PHE H 414 31.06 4.88 9.96
N ASP H 415 30.47 3.78 9.47
CA ASP H 415 29.56 3.82 8.32
C ASP H 415 30.22 4.49 7.13
N ILE H 416 31.50 4.15 6.91
CA ILE H 416 32.29 4.83 5.89
C ILE H 416 31.74 4.52 4.50
N ASN H 417 31.88 5.50 3.60
CA ASN H 417 31.39 5.38 2.24
C ASN H 417 32.21 6.29 1.34
N LYS H 418 32.16 6.03 0.04
CA LYS H 418 32.86 6.88 -0.91
C LYS H 418 32.28 8.29 -0.87
N MET H 419 33.16 9.27 -0.80
CA MET H 419 32.72 10.65 -0.59
C MET H 419 32.04 11.19 -1.84
N SER H 420 31.03 12.03 -1.61
CA SER H 420 30.22 12.59 -2.67
C SER H 420 30.94 13.73 -3.36
N PRO H 421 30.55 14.05 -4.61
CA PRO H 421 31.07 15.28 -5.23
C PRO H 421 30.76 16.52 -4.42
N GLU H 422 29.59 16.57 -3.79
CA GLU H 422 29.29 17.68 -2.88
C GLU H 422 30.22 17.67 -1.68
N GLU H 423 30.49 16.49 -1.12
CA GLU H 423 31.42 16.40 -0.01
C GLU H 423 32.82 16.81 -0.43
N LEU H 424 33.26 16.37 -1.61
CA LEU H 424 34.57 16.76 -2.12
C LEU H 424 34.66 18.27 -2.28
N ALA H 425 33.63 18.88 -2.88
CA ALA H 425 33.64 20.32 -3.07
C ALA H 425 33.67 21.07 -1.75
N ALA H 426 32.87 20.61 -0.78
CA ALA H 426 32.85 21.26 0.52
C ALA H 426 34.20 21.14 1.24
N VAL H 427 34.82 19.97 1.16
CA VAL H 427 36.12 19.79 1.79
C VAL H 427 37.18 20.68 1.15
N ILE H 428 37.18 20.74 -0.19
CA ILE H 428 38.15 21.61 -0.87
C ILE H 428 37.91 23.06 -0.51
N SER H 429 36.64 23.49 -0.45
CA SER H 429 36.34 24.87 -0.07
C SER H 429 36.82 25.15 1.35
N ALA H 430 36.62 24.21 2.25
CA ALA H 430 37.08 24.38 3.63
C ALA H 430 38.59 24.49 3.69
N TRP H 431 39.30 23.67 2.89
CA TRP H 431 40.76 23.72 2.90
C TRP H 431 41.28 25.05 2.37
N GLN H 432 40.65 25.59 1.33
CA GLN H 432 41.10 26.86 0.78
C GLN H 432 40.89 28.00 1.78
N SER H 433 39.82 27.95 2.55
CA SER H 433 39.69 28.81 3.71
C SER H 433 40.63 28.33 4.81
N ASN H 434 40.99 29.24 5.71
CA ASN H 434 41.90 28.91 6.81
C ASN H 434 41.13 28.27 7.96
N ALA H 435 40.47 27.15 7.65
CA ALA H 435 39.67 26.44 8.64
C ALA H 435 40.19 25.03 8.87
N ILE H 436 40.38 24.27 7.80
CA ILE H 436 40.82 22.89 7.88
C ILE H 436 42.21 22.78 7.24
N SER H 437 43.13 22.14 7.94
CA SER H 437 44.51 22.07 7.49
C SER H 437 44.64 21.23 6.23
N PHE H 438 45.75 21.44 5.52
CA PHE H 438 46.02 20.67 4.31
C PHE H 438 46.13 19.18 4.61
N THR H 439 46.86 18.83 5.67
CA THR H 439 46.98 17.43 6.05
C THR H 439 45.64 16.85 6.45
N GLU H 440 44.80 17.63 7.14
CA GLU H 440 43.45 17.20 7.47
C GLU H 440 42.66 16.90 6.20
N MET H 441 42.74 17.79 5.21
CA MET H 441 42.03 17.58 3.96
C MET H 441 42.52 16.33 3.25
N ARG H 442 43.84 16.11 3.24
CA ARG H 442 44.38 14.92 2.60
C ARG H 442 43.93 13.65 3.29
N TRP H 443 43.91 13.66 4.62
CA TRP H 443 43.42 12.51 5.37
C TRP H 443 41.95 12.25 5.06
N GLN H 444 41.15 13.32 4.96
CA GLN H 444 39.75 13.15 4.61
C GLN H 444 39.59 12.58 3.19
N ILE H 445 40.38 13.07 2.24
CA ILE H 445 40.31 12.57 0.87
C ILE H 445 40.69 11.11 0.80
N LYS H 446 41.77 10.72 1.50
CA LYS H 446 42.12 9.32 1.58
C LYS H 446 41.02 8.50 2.23
N LYS H 447 40.30 9.08 3.20
CA LYS H 447 39.23 8.36 3.87
C LYS H 447 38.12 7.96 2.90
N GLY H 448 37.77 8.87 1.99
CA GLY H 448 36.71 8.63 1.02
C GLY H 448 37.13 7.91 -0.23
N GLY H 449 38.35 7.39 -0.28
CA GLY H 449 38.83 6.66 -1.44
C GLY H 449 39.01 7.51 -2.68
N ARG H 450 39.51 8.74 -2.52
CA ARG H 450 39.77 9.64 -3.65
C ARG H 450 41.26 9.93 -3.82
N ALA H 451 42.11 9.25 -3.07
CA ALA H 451 43.55 9.45 -3.20
C ALA H 451 44.27 8.26 -2.60
N TYR H 452 45.50 8.04 -3.07
CA TYR H 452 46.35 6.98 -2.52
C TYR H 452 47.79 7.40 -2.25
N LEU H 453 48.28 8.46 -2.87
CA LEU H 453 49.65 8.90 -2.67
C LEU H 453 49.80 9.62 -1.33
N GLU H 454 51.03 9.63 -0.82
CA GLU H 454 51.32 10.31 0.43
C GLU H 454 51.28 11.83 0.25
N ASP H 455 51.09 12.53 1.36
CA ASP H 455 50.96 14.00 1.31
C ASP H 455 52.21 14.64 0.75
N GLU H 456 53.38 14.29 1.29
CA GLU H 456 54.62 14.88 0.81
C GLU H 456 54.89 14.49 -0.64
N ASP H 457 54.51 13.28 -1.03
CA ASP H 457 54.67 12.85 -2.42
C ASP H 457 53.84 13.71 -3.36
N MET H 458 52.58 13.96 -2.99
CA MET H 458 51.73 14.79 -3.85
C MET H 458 52.25 16.22 -3.89
N ARG H 459 52.72 16.74 -2.76
CA ARG H 459 53.26 18.09 -2.74
C ARG H 459 54.49 18.20 -3.64
N ASN H 460 55.38 17.20 -3.58
CA ASN H 460 56.56 17.20 -4.42
C ASN H 460 56.18 17.14 -5.90
N GLU H 461 55.21 16.30 -6.25
CA GLU H 461 54.82 16.17 -7.65
C GLU H 461 54.10 17.41 -8.16
N SER H 462 53.24 18.01 -7.33
CA SER H 462 52.39 19.10 -7.77
C SER H 462 53.00 20.47 -7.52
N GLU H 463 54.20 20.54 -6.95
CA GLU H 463 54.87 21.83 -6.82
C GLU H 463 55.13 22.45 -8.18
N GLN H 464 55.53 21.65 -9.15
CA GLN H 464 55.80 22.16 -10.49
C GLN H 464 54.53 22.68 -11.15
N ASP H 465 54.69 23.64 -12.05
CA ASP H 465 53.56 24.19 -12.78
C ASP H 465 53.00 23.17 -13.75
N ASP H 466 51.78 23.43 -14.20
CA ASP H 466 51.09 22.51 -15.10
C ASP H 466 51.86 22.37 -16.42
N PRO H 467 52.20 21.16 -16.84
CA PRO H 467 52.88 21.01 -18.14
C PRO H 467 52.06 21.49 -19.31
N LEU H 468 50.74 21.44 -19.21
CA LEU H 468 49.83 21.87 -20.27
C LEU H 468 50.10 21.14 -21.58
N ASP I 3 30.67 -5.37 65.17
CA ASP I 3 30.23 -4.27 66.01
C ASP I 3 29.64 -3.14 65.18
N SER I 4 28.41 -2.73 65.51
CA SER I 4 27.81 -1.58 64.87
C SER I 4 28.38 -0.28 65.46
N ASN I 5 27.94 0.85 64.92
CA ASN I 5 28.50 2.16 65.25
C ASN I 5 30.01 2.16 65.05
N ASN I 6 30.46 1.42 64.05
CA ASN I 6 31.87 1.29 63.73
C ASN I 6 32.22 2.20 62.55
N ILE I 7 33.47 2.11 62.11
CA ILE I 7 33.87 2.78 60.88
C ILE I 7 33.21 2.15 59.67
N LYS I 8 32.67 0.94 59.82
CA LYS I 8 32.08 0.20 58.72
C LYS I 8 30.56 0.11 58.81
N TYR I 9 29.94 0.92 59.66
CA TYR I 9 28.49 0.98 59.72
C TYR I 9 27.92 1.61 58.45
N VAL I 10 26.81 1.06 57.97
CA VAL I 10 26.19 1.50 56.72
C VAL I 10 24.81 2.05 57.03
N ARG I 11 24.46 3.17 56.41
CA ARG I 11 23.15 3.78 56.60
C ARG I 11 22.05 2.81 56.21
N GLU I 12 20.87 3.04 56.79
CA GLU I 12 19.74 2.14 56.57
C GLU I 12 19.33 2.12 55.10
N ASP I 13 19.11 3.31 54.53
CA ASP I 13 18.61 3.39 53.15
C ASP I 13 19.59 2.79 52.15
N ALA I 14 20.88 2.88 52.40
CA ALA I 14 21.84 2.19 51.55
C ALA I 14 21.66 0.68 51.64
N LYS I 15 21.39 0.17 52.84
CA LYS I 15 21.12 -1.26 52.99
C LYS I 15 19.86 -1.66 52.25
N LYS I 16 18.83 -0.82 52.29
CA LYS I 16 17.62 -1.11 51.52
C LYS I 16 17.90 -1.11 50.03
N MET I 17 18.73 -0.18 49.56
CA MET I 17 19.01 -0.03 48.14
C MET I 17 19.99 -1.09 47.62
N HIS I 18 20.70 -1.77 48.52
CA HIS I 18 21.69 -2.75 48.08
C HIS I 18 21.06 -3.87 47.26
N LYS I 19 19.86 -4.32 47.63
CA LYS I 19 19.22 -5.40 46.89
C LYS I 19 18.93 -4.98 45.46
N LEU I 20 18.37 -3.79 45.27
CA LEU I 20 18.09 -3.30 43.93
C LEU I 20 19.38 -3.11 43.14
N TRP I 21 20.42 -2.59 43.80
CA TRP I 21 21.70 -2.42 43.12
C TRP I 21 22.27 -3.77 42.68
N ALA I 22 22.13 -4.79 43.53
CA ALA I 22 22.61 -6.12 43.17
C ALA I 22 21.85 -6.67 41.98
N HIS I 23 20.53 -6.49 41.96
CA HIS I 23 19.75 -6.96 40.81
C HIS I 23 20.15 -6.23 39.54
N ILE I 24 20.40 -4.92 39.64
CA ILE I 24 20.82 -4.16 38.47
C ILE I 24 22.18 -4.63 37.98
N ARG I 25 23.12 -4.89 38.90
CA ARG I 25 24.43 -5.39 38.51
C ARG I 25 24.33 -6.76 37.85
N MET I 26 23.47 -7.62 38.38
CA MET I 26 23.27 -8.94 37.76
C MET I 26 22.69 -8.81 36.37
N ALA I 27 21.73 -7.89 36.19
CA ALA I 27 21.18 -7.66 34.86
C ALA I 27 22.25 -7.15 33.90
N MET I 28 23.12 -6.25 34.38
CA MET I 28 24.23 -5.77 33.56
C MET I 28 25.19 -6.90 33.19
N GLU I 29 25.44 -7.84 34.12
CA GLU I 29 26.40 -8.90 33.84
C GLU I 29 25.95 -9.76 32.67
N GLY I 30 24.71 -10.26 32.71
CA GLY I 30 24.18 -10.99 31.57
C GLY I 30 23.53 -12.28 31.99
N SER I 31 23.61 -13.27 31.11
CA SER I 31 22.89 -14.52 31.29
C SER I 31 23.40 -15.30 32.49
N ARG I 32 24.73 -15.32 32.69
CA ARG I 32 25.31 -16.16 33.72
C ARG I 32 24.79 -15.78 35.11
N ALA I 33 24.83 -14.50 35.45
CA ALA I 33 24.40 -14.07 36.77
C ALA I 33 22.93 -14.39 37.01
N ILE I 34 22.09 -14.12 36.02
CA ILE I 34 20.65 -14.36 36.18
C ILE I 34 20.38 -15.85 36.33
N LYS I 35 21.04 -16.68 35.53
CA LYS I 35 20.80 -18.12 35.60
C LYS I 35 21.29 -18.70 36.92
N ASP I 36 22.48 -18.31 37.38
CA ASP I 36 22.98 -18.81 38.64
C ASP I 36 22.10 -18.35 39.81
N ASN I 37 21.66 -17.10 39.79
CA ASN I 37 20.79 -16.55 40.83
C ASN I 37 19.33 -16.52 40.42
N ALA I 38 18.89 -17.52 39.64
CA ALA I 38 17.50 -17.57 39.20
C ALA I 38 16.56 -18.05 40.29
N LYS I 39 17.07 -18.33 41.49
CA LYS I 39 16.20 -18.86 42.55
C LYS I 39 15.11 -17.87 42.92
N GLU I 40 15.44 -16.58 42.96
CA GLU I 40 14.45 -15.56 43.29
C GLU I 40 13.83 -14.92 42.06
N PHE I 41 14.54 -14.89 40.93
CA PHE I 41 14.00 -14.26 39.73
C PHE I 41 12.83 -15.06 39.18
N VAL I 42 13.01 -16.38 39.03
CA VAL I 42 11.98 -17.25 38.47
C VAL I 42 11.43 -18.11 39.61
N PRO I 43 10.22 -17.83 40.10
CA PRO I 43 9.65 -18.67 41.16
C PRO I 43 9.41 -20.09 40.67
N HIS I 44 9.61 -21.04 41.58
CA HIS I 44 9.38 -22.43 41.28
C HIS I 44 7.90 -22.64 40.94
N PRO I 45 7.58 -23.46 39.93
CA PRO I 45 6.16 -23.71 39.61
C PRO I 45 5.39 -24.31 40.76
N ASP I 46 6.04 -25.03 41.66
CA ASP I 46 5.36 -25.60 42.82
C ASP I 46 6.38 -25.87 43.91
N ASN I 47 5.96 -25.66 45.17
CA ASN I 47 6.85 -25.92 46.30
C ASN I 47 6.95 -27.41 46.61
N THR I 48 5.94 -28.19 46.25
CA THR I 48 5.92 -29.61 46.59
C THR I 48 7.15 -30.32 46.04
N LYS I 49 7.41 -30.16 44.74
CA LYS I 49 8.65 -30.70 44.18
C LYS I 49 9.86 -29.87 44.53
N ALA I 50 9.68 -28.57 44.79
CA ALA I 50 10.81 -27.72 45.15
C ALA I 50 11.50 -28.23 46.41
N THR I 51 10.73 -28.82 47.33
CA THR I 51 11.34 -29.47 48.47
C THR I 51 12.17 -30.68 48.05
N THR I 52 11.65 -31.49 47.12
CA THR I 52 12.30 -32.72 46.71
C THR I 52 13.53 -32.43 45.85
N PRO I 53 14.46 -33.41 45.73
CA PRO I 53 15.62 -33.20 44.85
C PRO I 53 15.29 -33.44 43.38
N GLU I 54 14.29 -34.28 43.11
CA GLU I 54 13.80 -34.40 41.75
C GLU I 54 13.23 -33.08 41.26
N GLY I 55 12.52 -32.38 42.14
CA GLY I 55 12.00 -31.08 41.78
C GLY I 55 13.08 -30.05 41.49
N VAL I 56 14.15 -30.05 42.28
CA VAL I 56 15.22 -29.08 42.03
C VAL I 56 16.00 -29.45 40.77
N ALA I 57 16.11 -30.75 40.46
CA ALA I 57 16.69 -31.14 39.18
C ALA I 57 15.83 -30.67 38.02
N ARG I 58 14.50 -30.81 38.15
CA ARG I 58 13.60 -30.29 37.12
C ARG I 58 13.73 -28.79 36.98
N TYR I 59 13.85 -28.07 38.10
CA TYR I 59 14.02 -26.63 38.06
C TYR I 59 15.33 -26.24 37.39
N LYS I 60 16.39 -27.01 37.65
CA LYS I 60 17.67 -26.76 36.97
C LYS I 60 17.51 -26.93 35.46
N ALA I 61 16.83 -27.99 35.03
CA ALA I 61 16.58 -28.17 33.60
C ALA I 61 15.72 -27.04 33.05
N TYR I 62 14.74 -26.58 33.84
CA TYR I 62 13.85 -25.51 33.43
C TYR I 62 14.62 -24.22 33.19
N ILE I 63 15.47 -23.83 34.15
CA ILE I 63 16.20 -22.58 34.03
C ILE I 63 17.28 -22.67 32.96
N GLU I 64 18.02 -23.78 32.92
CA GLU I 64 19.14 -23.89 31.99
C GLU I 64 18.68 -23.80 30.54
N ARG I 65 17.46 -24.24 30.25
CA ARG I 65 16.92 -24.13 28.91
C ARG I 65 16.52 -22.70 28.56
N ALA I 66 16.23 -21.87 29.56
CA ALA I 66 15.71 -20.53 29.33
C ALA I 66 16.72 -19.67 28.57
N VAL I 67 16.25 -18.49 28.16
CA VAL I 67 17.04 -17.55 27.38
C VAL I 67 16.95 -16.18 28.03
N TRP I 68 18.09 -15.57 28.32
CA TRP I 68 18.15 -14.24 28.89
C TRP I 68 18.37 -13.24 27.76
N TYR I 69 17.41 -12.32 27.59
CA TYR I 69 17.45 -11.40 26.47
C TYR I 69 18.63 -10.44 26.56
N GLY I 70 18.86 -9.90 27.77
CA GLY I 70 19.98 -8.97 27.97
C GLY I 70 19.84 -7.70 27.13
N ALA I 71 18.73 -6.99 27.29
CA ALA I 71 18.51 -5.72 26.55
C ALA I 71 18.85 -4.53 27.45
N SER I 72 18.67 -4.68 28.76
CA SER I 72 18.94 -3.56 29.71
C SER I 72 20.41 -3.15 29.63
N ALA I 73 21.32 -4.13 29.57
CA ALA I 73 22.77 -3.83 29.45
C ALA I 73 23.03 -3.09 28.13
N ASN I 74 22.40 -3.53 27.05
CA ASN I 74 22.56 -2.87 25.72
C ASN I 74 22.07 -1.42 25.82
N THR I 75 20.94 -1.22 26.51
CA THR I 75 20.41 0.16 26.70
C THR I 75 21.52 1.03 27.30
N VAL I 76 22.14 0.55 28.38
CA VAL I 76 23.23 1.31 29.05
C VAL I 76 24.34 1.55 28.03
N ASP I 77 24.87 0.48 27.42
CA ASP I 77 25.98 0.66 26.48
C ASP I 77 25.62 1.70 25.42
N GLY I 78 24.42 1.60 24.86
CA GLY I 78 24.00 2.55 23.85
C GLY I 78 23.88 3.97 24.40
N MET I 79 23.33 4.11 25.61
CA MET I 79 23.22 5.44 26.19
C MET I 79 24.60 6.04 26.42
N LEU I 80 25.54 5.23 26.92
CA LEU I 80 26.90 5.71 27.14
C LEU I 80 27.56 6.12 25.84
N GLY I 81 27.36 5.32 24.78
CA GLY I 81 27.89 5.69 23.49
C GLY I 81 27.30 7.00 22.99
N GLN I 82 26.02 7.23 23.27
CA GLN I 82 25.41 8.50 22.91
C GLN I 82 26.04 9.66 23.67
N ILE I 83 26.31 9.47 24.96
CA ILE I 83 26.97 10.51 25.74
C ILE I 83 28.37 10.77 25.21
N PHE I 84 29.13 9.72 24.95
CA PHE I 84 30.57 9.83 24.72
C PHE I 84 30.88 9.63 23.25
N ALA I 85 30.95 10.74 22.51
CA ALA I 85 31.48 10.77 21.16
C ALA I 85 32.56 11.84 21.11
N ARG I 86 33.66 11.54 20.43
CA ARG I 86 34.87 12.37 20.43
C ARG I 86 35.35 12.45 21.88
N ASP I 87 35.71 13.63 22.40
CA ASP I 87 36.19 13.74 23.76
C ASP I 87 35.56 14.96 24.43
N PRO I 88 35.30 14.88 25.73
CA PRO I 88 34.79 16.06 26.46
C PRO I 88 35.80 17.20 26.40
N VAL I 89 35.28 18.42 26.30
CA VAL I 89 36.14 19.60 26.18
C VAL I 89 36.58 20.04 27.57
N PHE I 90 37.70 20.75 27.62
CA PHE I 90 38.28 21.26 28.86
C PHE I 90 38.60 22.72 28.68
N THR I 91 38.10 23.55 29.60
CA THR I 91 38.33 25.00 29.55
C THR I 91 39.37 25.37 30.60
N GLY I 92 40.34 26.17 30.19
CA GLY I 92 41.39 26.62 31.08
C GLY I 92 42.75 26.09 30.68
N PRO I 93 43.76 26.33 31.52
CA PRO I 93 45.11 25.87 31.19
C PRO I 93 45.16 24.36 31.03
N GLU I 94 45.90 23.91 30.03
CA GLU I 94 46.06 22.49 29.74
C GLU I 94 47.39 21.93 30.18
N ASP I 95 48.51 22.56 29.79
CA ASP I 95 49.81 22.13 30.28
C ASP I 95 49.95 22.29 31.78
N LYS I 96 49.15 23.17 32.38
CA LYS I 96 49.15 23.37 33.82
C LYS I 96 48.22 22.41 34.54
N PHE I 97 47.44 21.62 33.79
CA PHE I 97 46.63 20.52 34.32
C PHE I 97 46.94 19.21 33.62
N ASP I 98 48.08 19.12 32.93
CA ASP I 98 48.37 17.94 32.10
C ASP I 98 48.50 16.69 32.94
N MET I 99 49.00 16.80 34.16
CA MET I 99 49.16 15.61 35.00
C MET I 99 47.81 14.98 35.32
N LEU I 100 46.75 15.79 35.41
CA LEU I 100 45.42 15.25 35.65
C LEU I 100 44.86 14.61 34.39
N ILE I 101 45.14 15.18 33.22
CA ILE I 101 44.62 14.63 31.98
C ILE I 101 45.28 13.30 31.64
N ASN I 102 46.60 13.21 31.81
CA ASN I 102 47.31 12.00 31.43
C ASN I 102 46.96 10.83 32.33
N ASP I 103 47.01 11.05 33.66
CA ASP I 103 46.64 10.00 34.62
C ASP I 103 45.93 10.64 35.81
N VAL I 104 44.60 10.53 35.81
CA VAL I 104 43.80 11.21 36.82
C VAL I 104 44.06 10.67 38.21
N ASP I 105 44.44 9.39 38.33
CA ASP I 105 44.72 8.79 39.63
C ASP I 105 46.00 7.97 39.59
N GLY I 106 46.99 8.46 38.85
CA GLY I 106 48.31 7.84 38.84
C GLY I 106 48.36 6.44 38.27
N SER I 107 47.32 6.02 37.55
CA SER I 107 47.27 4.68 36.97
C SER I 107 47.26 4.71 35.45
N GLY I 108 47.67 5.82 34.85
CA GLY I 108 47.62 5.96 33.41
C GLY I 108 46.24 6.14 32.84
N LEU I 109 45.21 6.19 33.67
CA LEU I 109 43.84 6.33 33.21
C LEU I 109 43.53 7.80 32.99
N SER I 110 43.23 8.16 31.74
CA SER I 110 42.86 9.53 31.44
C SER I 110 41.53 9.88 32.10
N ILE I 111 41.33 11.17 32.35
CA ILE I 111 40.09 11.62 32.95
C ILE I 111 38.89 11.30 32.09
N HIS I 112 39.10 11.13 30.77
CA HIS I 112 38.00 10.77 29.89
C HIS I 112 37.43 9.39 30.25
N GLN I 113 38.30 8.41 30.50
CA GLN I 113 37.82 7.07 30.79
C GLN I 113 37.19 6.98 32.18
N GLN I 114 37.77 7.69 33.16
CA GLN I 114 37.14 7.72 34.47
C GLN I 114 35.78 8.40 34.40
N ALA I 115 35.67 9.47 33.62
CA ALA I 115 34.37 10.11 33.43
C ALA I 115 33.39 9.18 32.74
N ARG I 116 33.88 8.39 31.78
CA ARG I 116 33.02 7.41 31.12
C ARG I 116 32.49 6.38 32.11
N ASP I 117 33.36 5.88 32.98
CA ASP I 117 32.91 4.92 33.99
C ASP I 117 31.95 5.55 34.99
N SER I 118 32.20 6.82 35.37
CA SER I 118 31.30 7.51 36.27
C SER I 118 29.93 7.68 35.65
N ALA I 119 29.87 8.03 34.36
CA ALA I 119 28.58 8.14 33.69
C ALA I 119 27.92 6.78 33.55
N GLU I 120 28.71 5.72 33.34
CA GLU I 120 28.16 4.38 33.28
C GLU I 120 27.48 4.01 34.59
N ASP I 121 28.12 4.31 35.72
CA ASP I 121 27.51 3.99 37.02
C ASP I 121 26.35 4.93 37.34
N ALA I 122 26.40 6.17 36.87
CA ALA I 122 25.27 7.08 37.06
C ALA I 122 24.09 6.73 36.16
N LEU I 123 24.31 5.96 35.11
CA LEU I 123 23.22 5.51 34.25
C LEU I 123 22.66 4.17 34.69
N SER I 124 23.52 3.23 35.09
CA SER I 124 23.06 1.89 35.44
C SER I 124 22.35 1.89 36.79
N LEU I 125 23.07 2.24 37.86
CA LEU I 125 22.47 2.28 39.20
C LEU I 125 22.35 3.70 39.73
N GLY I 126 22.85 4.70 39.01
CA GLY I 126 22.59 6.08 39.35
C GLY I 126 23.16 6.61 40.64
N ARG I 127 24.43 6.29 40.94
CA ARG I 127 25.08 6.89 42.10
C ARG I 127 26.59 6.69 41.96
N GLY I 128 27.33 7.69 42.42
CA GLY I 128 28.78 7.64 42.38
C GLY I 128 29.37 8.70 43.27
N GLY I 129 30.69 8.82 43.23
CA GLY I 129 31.38 9.81 44.02
C GLY I 129 32.76 10.07 43.51
N LEU I 130 33.21 11.32 43.63
CA LEU I 130 34.56 11.73 43.24
C LEU I 130 35.26 12.31 44.46
N PHE I 131 36.45 11.82 44.74
CA PHE I 131 37.21 12.23 45.92
C PHE I 131 38.56 12.79 45.48
N VAL I 132 38.86 14.00 45.92
CA VAL I 132 40.09 14.69 45.57
C VAL I 132 40.99 14.70 46.80
N ASP I 133 42.18 14.10 46.67
CA ASP I 133 43.10 13.98 47.79
C ASP I 133 44.51 14.36 47.34
N TYR I 134 45.34 14.69 48.32
CA TYR I 134 46.74 15.02 48.08
C TYR I 134 47.61 13.87 48.57
N SER I 135 48.81 13.75 47.99
CA SER I 135 49.64 12.58 48.25
C SER I 135 50.22 12.61 49.66
N ALA I 152 54.67 16.08 44.11
CA ALA I 152 53.43 16.59 44.68
C ALA I 152 52.38 16.69 43.59
N ARG I 153 51.23 16.05 43.82
CA ARG I 153 50.18 15.95 42.82
C ARG I 153 48.85 15.53 43.47
N PRO I 154 47.74 16.17 43.13
CA PRO I 154 46.45 15.73 43.63
C PRO I 154 45.83 14.66 42.76
N TYR I 155 45.22 13.68 43.42
CA TYR I 155 44.59 12.55 42.75
C TYR I 155 43.09 12.63 42.92
N ILE I 156 42.36 12.36 41.85
CA ILE I 156 40.90 12.35 41.86
C ILE I 156 40.46 10.89 41.84
N LYS I 157 39.86 10.45 42.94
CA LYS I 157 39.45 9.06 43.08
C LYS I 157 38.11 8.83 42.38
N PHE I 158 37.77 7.57 42.20
CA PHE I 158 36.42 7.16 41.83
C PHE I 158 35.97 6.10 42.82
N ILE I 159 34.80 6.30 43.43
CA ILE I 159 34.25 5.40 44.42
C ILE I 159 32.90 4.92 43.94
N ALA I 160 32.70 3.61 43.91
CA ALA I 160 31.44 3.05 43.47
C ALA I 160 30.37 3.29 44.52
N ALA I 161 29.10 3.24 44.08
CA ALA I 161 27.99 3.43 44.99
C ALA I 161 27.92 2.33 46.04
N GLU I 162 28.43 1.14 45.72
CA GLU I 162 28.45 0.05 46.68
C GLU I 162 29.41 0.33 47.82
N ASP I 163 30.39 1.20 47.60
CA ASP I 163 31.38 1.53 48.61
C ASP I 163 31.01 2.75 49.44
N ILE I 164 30.15 3.63 48.92
CA ILE I 164 29.60 4.68 49.75
C ILE I 164 28.74 4.04 50.83
N LEU I 165 29.03 4.33 52.08
CA LEU I 165 28.36 3.68 53.19
C LEU I 165 27.90 4.61 54.30
N ASN I 166 28.29 5.88 54.30
CA ASN I 166 27.82 6.78 55.34
C ASN I 166 27.96 8.23 54.88
N TRP I 167 26.99 9.05 55.27
CA TRP I 167 27.05 10.48 55.06
C TRP I 167 26.13 11.13 56.08
N ARG I 168 26.35 12.43 56.31
CA ARG I 168 25.60 13.14 57.33
C ARG I 168 25.36 14.57 56.89
N GLU I 169 24.14 15.05 57.11
CA GLU I 169 23.73 16.39 56.68
C GLU I 169 23.34 17.21 57.91
N ARG I 170 23.69 18.49 57.88
CA ARG I 170 23.32 19.42 58.94
C ARG I 170 22.96 20.77 58.33
N TRP I 171 22.13 21.51 59.05
CA TRP I 171 21.84 22.90 58.73
C TRP I 171 22.76 23.77 59.58
N VAL I 172 23.97 24.01 59.09
CA VAL I 172 24.96 24.83 59.79
C VAL I 172 24.72 26.27 59.39
N ASN I 173 24.14 27.04 60.31
CA ASN I 173 23.74 28.43 60.03
C ASN I 173 22.82 28.50 58.82
N GLY I 174 21.98 27.49 58.66
CA GLY I 174 21.05 27.43 57.55
C GLY I 174 21.62 26.84 56.27
N ALA I 175 22.86 26.36 56.27
CA ALA I 175 23.49 25.81 55.10
C ALA I 175 23.60 24.29 55.22
N LYS I 176 23.19 23.59 54.15
CA LYS I 176 23.40 22.15 54.08
C LYS I 176 24.89 21.85 54.05
N ARG I 177 25.42 21.30 55.14
CA ARG I 177 26.84 21.00 55.24
C ARG I 177 27.01 19.51 55.46
N THR I 178 27.76 18.86 54.56
CA THR I 178 28.07 17.44 54.71
C THR I 178 29.19 17.31 55.73
N THR I 179 28.83 16.89 56.94
CA THR I 179 29.80 16.83 58.02
C THR I 179 30.59 15.53 58.00
N LEU I 180 29.89 14.40 58.00
CA LEU I 180 30.53 13.09 58.02
C LEU I 180 30.31 12.38 56.71
N LEU I 181 31.32 11.62 56.28
CA LEU I 181 31.17 10.75 55.12
C LEU I 181 32.28 9.70 55.18
N VAL I 182 31.90 8.43 55.21
CA VAL I 182 32.85 7.32 55.26
C VAL I 182 32.63 6.46 54.03
N PHE I 183 33.69 6.28 53.24
CA PHE I 183 33.63 5.46 52.04
C PHE I 183 34.69 4.36 52.11
N ARG I 184 34.35 3.20 51.57
CA ARG I 184 35.22 2.02 51.65
C ARG I 184 36.30 2.12 50.59
N GLU I 185 37.54 1.84 51.00
CA GLU I 185 38.72 1.98 50.15
C GLU I 185 39.46 0.64 50.12
N GLU I 186 39.78 0.17 48.91
CA GLU I 186 40.25 -1.19 48.72
C GLU I 186 41.60 -1.20 48.00
N SER I 187 42.49 -2.09 48.43
CA SER I 187 43.82 -2.20 47.85
C SER I 187 44.41 -3.56 48.20
N ASP I 188 45.16 -4.15 47.26
CA ASP I 188 45.77 -5.46 47.49
C ASP I 188 46.90 -5.34 48.50
N ALA I 189 46.88 -6.20 49.51
CA ALA I 189 47.90 -6.18 50.54
C ALA I 189 49.20 -6.77 50.02
N ASP I 190 50.29 -6.00 50.14
CA ASP I 190 51.59 -6.44 49.65
C ASP I 190 52.69 -6.30 50.71
N ASP I 191 52.34 -6.18 51.99
CA ASP I 191 53.31 -5.90 53.04
C ASP I 191 53.93 -7.20 53.55
N ASP I 192 54.82 -7.75 52.72
CA ASP I 192 55.54 -8.97 53.03
C ASP I 192 54.60 -10.09 53.43
N GLY I 193 54.96 -10.85 54.46
CA GLY I 193 54.11 -11.94 54.92
C GLY I 193 53.84 -12.95 53.83
N TYR I 194 52.57 -13.30 53.68
CA TYR I 194 52.14 -14.21 52.62
C TYR I 194 51.02 -13.66 51.75
N GLN I 195 50.58 -12.43 51.96
CA GLN I 195 49.49 -11.83 51.18
C GLN I 195 48.25 -12.73 51.22
N ILE I 196 47.72 -12.92 52.43
CA ILE I 196 46.59 -13.83 52.61
C ILE I 196 45.35 -13.26 51.92
N TYR I 197 44.84 -12.15 52.41
CA TYR I 197 43.84 -11.34 51.72
C TYR I 197 44.34 -9.91 51.57
N LYS I 198 43.67 -9.18 50.69
CA LYS I 198 43.99 -7.78 50.47
C LYS I 198 43.53 -6.95 51.65
N GLU I 199 44.37 -5.97 52.02
CA GLU I 199 44.05 -5.08 53.12
C GLU I 199 42.94 -4.11 52.71
N GLU I 200 42.13 -3.73 53.69
CA GLU I 200 40.92 -2.97 53.41
C GLU I 200 40.93 -1.70 54.24
N VAL I 201 40.55 -0.59 53.62
CA VAL I 201 40.71 0.74 54.18
C VAL I 201 39.35 1.43 54.26
N TRP I 202 39.17 2.27 55.27
CA TRP I 202 38.01 3.14 55.36
C TRP I 202 38.50 4.56 55.61
N ARG I 203 37.91 5.52 54.93
CA ARG I 203 38.29 6.92 55.06
C ARG I 203 37.16 7.69 55.73
N GLU I 204 37.41 8.19 56.93
CA GLU I 204 36.43 8.96 57.69
C GLU I 204 36.66 10.43 57.41
N LEU I 205 35.74 11.05 56.68
CA LEU I 205 35.84 12.47 56.33
C LEU I 205 34.92 13.27 57.25
N ARG I 206 35.49 14.18 58.02
CA ARG I 206 34.73 14.93 59.01
C ARG I 206 34.96 16.43 58.82
N LEU I 207 33.93 17.20 59.16
CA LEU I 207 33.98 18.65 59.07
C LEU I 207 33.58 19.23 60.42
N VAL I 208 34.46 20.03 61.01
CA VAL I 208 34.18 20.72 62.27
C VAL I 208 34.56 22.19 62.12
N ASP I 209 33.66 23.07 62.55
CA ASP I 209 33.87 24.51 62.57
C ASP I 209 34.52 25.02 61.28
N GLY I 210 33.99 24.56 60.15
CA GLY I 210 34.55 24.95 58.87
C GLY I 210 35.97 24.52 58.66
N THR I 211 36.29 23.26 58.97
CA THR I 211 37.63 22.72 58.76
C THR I 211 37.51 21.26 58.34
N TYR I 212 38.25 20.88 57.30
CA TYR I 212 38.18 19.53 56.75
C TYR I 212 39.18 18.64 57.47
N TRP I 213 38.68 17.63 58.18
CA TRP I 213 39.50 16.63 58.83
C TRP I 213 39.26 15.27 58.20
N GLN I 214 40.21 14.35 58.40
CA GLN I 214 40.06 13.00 57.87
C GLN I 214 40.90 12.03 58.69
N ARG I 215 40.48 10.76 58.65
CA ARG I 215 41.25 9.66 59.22
C ARG I 215 41.35 8.55 58.19
N THR I 216 42.15 7.54 58.52
CA THR I 216 42.32 6.36 57.70
C THR I 216 42.30 5.13 58.58
N TRP I 217 41.25 4.31 58.45
CA TRP I 217 41.07 3.12 59.28
C TRP I 217 41.46 1.91 58.44
N ARG I 218 42.49 1.19 58.88
CA ARG I 218 43.00 0.03 58.19
C ARG I 218 42.76 -1.22 59.03
N GLU I 219 42.15 -2.24 58.44
CA GLU I 219 41.90 -3.50 59.11
C GLU I 219 42.97 -4.49 58.64
N ASN I 220 44.06 -4.58 59.39
CA ASN I 220 45.16 -5.49 59.10
C ASN I 220 45.24 -6.54 60.19
N ASP I 221 45.22 -7.81 59.77
CA ASP I 221 45.32 -8.97 60.67
C ASP I 221 44.17 -9.02 61.68
N GLY I 222 43.03 -8.41 61.34
CA GLY I 222 41.89 -8.40 62.23
C GLY I 222 41.81 -7.23 63.17
N GLN I 223 42.78 -6.32 63.16
CA GLN I 223 42.78 -5.16 64.03
C GLN I 223 42.53 -3.90 63.21
N LEU I 224 41.65 -3.03 63.72
CA LEU I 224 41.31 -1.78 63.05
C LEU I 224 42.31 -0.71 63.48
N TYR I 225 43.34 -0.49 62.67
CA TYR I 225 44.25 0.62 62.91
C TYR I 225 43.52 1.93 62.71
N VAL I 226 44.00 2.98 63.37
CA VAL I 226 43.50 4.33 63.18
C VAL I 226 44.69 5.26 63.10
N ASP I 227 44.53 6.35 62.34
CA ASP I 227 45.58 7.34 62.17
C ASP I 227 45.16 8.65 62.83
N ASP I 228 46.16 9.46 63.19
CA ASP I 228 45.88 10.75 63.80
C ASP I 228 45.15 11.65 62.82
N TRP I 229 44.26 12.49 63.37
CA TRP I 229 43.52 13.43 62.54
C TRP I 229 44.46 14.36 61.80
N ILE I 230 44.19 14.56 60.52
CA ILE I 230 44.96 15.48 59.69
C ILE I 230 44.00 16.35 58.90
N SER I 231 44.34 17.64 58.83
CA SER I 231 43.57 18.59 58.02
C SER I 231 44.34 18.89 56.76
N PRO I 232 43.94 18.36 55.61
CA PRO I 232 44.61 18.73 54.36
C PRO I 232 44.50 20.22 54.11
N THR I 233 45.60 20.81 53.66
CA THR I 233 45.69 22.25 53.51
C THR I 233 46.02 22.59 52.06
N LYS I 234 45.49 23.73 51.61
CA LYS I 234 45.72 24.20 50.26
C LYS I 234 47.14 24.73 50.13
N ALA I 235 47.49 25.18 48.92
CA ALA I 235 48.81 25.77 48.71
C ALA I 235 48.98 27.02 49.53
N ASP I 236 47.99 27.91 49.53
CA ASP I 236 48.06 29.12 50.34
C ASP I 236 47.76 28.86 51.81
N GLY I 237 47.05 27.77 52.11
CA GLY I 237 46.67 27.45 53.47
C GLY I 237 45.17 27.59 53.68
N SER I 238 44.80 28.08 54.87
CA SER I 238 43.43 28.38 55.26
C SER I 238 42.54 27.14 55.37
N GLN I 239 43.09 25.96 55.11
CA GLN I 239 42.38 24.68 55.24
C GLN I 239 41.15 24.70 54.34
N PHE I 240 40.03 24.11 54.74
CA PHE I 240 38.87 23.97 53.87
C PHE I 240 37.59 24.24 54.67
N ASP I 241 36.55 24.64 53.95
CA ASP I 241 35.21 24.74 54.51
C ASP I 241 34.27 23.65 54.03
N GLU I 242 34.66 22.91 52.99
CA GLU I 242 33.84 21.84 52.43
C GLU I 242 34.69 20.59 52.27
N ILE I 243 34.04 19.44 52.35
CA ILE I 243 34.72 18.17 52.18
C ILE I 243 34.95 17.92 50.69
N PRO I 244 36.19 17.68 50.26
CA PRO I 244 36.44 17.45 48.83
C PRO I 244 35.90 16.12 48.36
N PHE I 245 34.57 15.99 48.36
CA PHE I 245 33.90 14.78 47.91
C PHE I 245 32.52 15.15 47.43
N VAL I 246 32.21 14.80 46.19
CA VAL I 246 30.91 15.10 45.59
C VAL I 246 30.24 13.78 45.21
N ILE I 247 28.98 13.63 45.58
CA ILE I 247 28.19 12.46 45.23
C ILE I 247 27.25 12.87 44.10
N PHE I 248 27.50 12.34 42.91
CA PHE I 248 26.68 12.62 41.74
C PHE I 248 25.74 11.46 41.48
N GLY I 249 24.52 11.77 41.07
CA GLY I 249 23.54 10.74 40.78
C GLY I 249 22.72 11.06 39.56
N SER I 250 21.62 10.32 39.36
CA SER I 250 20.73 10.61 38.25
C SER I 250 19.87 11.84 38.51
N LYS I 251 19.50 12.08 39.77
CA LYS I 251 18.64 13.22 40.09
C LYS I 251 19.46 14.50 40.26
N ASN I 252 20.38 14.51 41.21
CA ASN I 252 21.12 15.72 41.53
C ASN I 252 22.40 15.34 42.27
N ASN I 253 23.29 16.33 42.42
CA ASN I 253 24.57 16.11 43.08
C ASN I 253 24.43 16.38 44.58
N ASP I 254 23.66 15.52 45.23
CA ASP I 254 23.51 15.54 46.67
C ASP I 254 23.69 14.16 47.26
N PRO I 255 24.14 14.06 48.52
CA PRO I 255 24.36 12.73 49.12
C PRO I 255 23.09 11.92 49.29
N THR I 256 21.92 12.56 49.30
CA THR I 256 20.67 11.82 49.39
C THR I 256 20.56 10.85 48.22
N ILE I 257 20.13 9.62 48.52
CA ILE I 257 20.10 8.58 47.51
C ILE I 257 19.06 8.90 46.45
N ASP I 258 19.45 8.78 45.19
CA ASP I 258 18.58 9.03 44.04
C ASP I 258 18.31 7.70 43.35
N MET I 259 17.04 7.47 43.00
CA MET I 259 16.64 6.17 42.50
C MET I 259 17.28 5.88 41.16
N PRO I 260 17.58 4.61 40.87
CA PRO I 260 18.34 4.27 39.66
C PRO I 260 17.45 4.37 38.43
N PRO I 261 17.99 4.89 37.33
CA PRO I 261 17.19 4.96 36.09
C PRO I 261 16.77 3.61 35.54
N MET I 262 17.55 2.56 35.76
CA MET I 262 17.37 1.29 35.06
C MET I 262 16.50 0.29 35.82
N ARG I 263 15.73 0.74 36.81
CA ARG I 263 14.95 -0.20 37.61
C ARG I 263 13.82 -0.82 36.79
N ASP I 264 13.05 0.03 36.11
CA ASP I 264 11.90 -0.45 35.30
C ASP I 264 12.38 -1.46 34.24
N LEU I 265 13.39 -1.07 33.45
CA LEU I 265 13.87 -1.96 32.35
C LEU I 265 14.33 -3.30 32.94
N VAL I 266 15.11 -3.25 34.02
CA VAL I 266 15.54 -4.51 34.70
C VAL I 266 14.30 -5.35 35.02
N GLU I 267 13.25 -4.72 35.58
CA GLU I 267 12.08 -5.49 35.96
C GLU I 267 11.38 -6.09 34.74
N LEU I 268 11.24 -5.30 33.68
CA LEU I 268 10.64 -5.82 32.45
C LEU I 268 11.49 -6.93 31.86
N ASN I 269 12.83 -6.78 31.91
CA ASN I 269 13.71 -7.81 31.40
C ASN I 269 13.57 -9.11 32.19
N ILE I 270 13.42 -9.00 33.51
CA ILE I 270 13.25 -10.20 34.34
C ILE I 270 11.94 -10.90 34.00
N ALA I 271 10.86 -10.13 33.85
CA ALA I 271 9.59 -10.73 33.47
C ALA I 271 9.68 -11.40 32.10
N HIS I 272 10.34 -10.74 31.15
CA HIS I 272 10.54 -11.34 29.84
C HIS I 272 11.37 -12.62 29.95
N PHE I 273 12.35 -12.64 30.85
CA PHE I 273 13.16 -13.83 31.04
C PHE I 273 12.35 -15.01 31.55
N ARG I 274 11.46 -14.77 32.52
CA ARG I 274 10.66 -15.89 33.03
C ARG I 274 9.65 -16.36 31.99
N ASN I 275 9.05 -15.43 31.24
CA ASN I 275 8.19 -15.85 30.14
C ASN I 275 8.97 -16.63 29.09
N SER I 276 10.22 -16.24 28.84
CA SER I 276 11.05 -16.99 27.90
C SER I 276 11.34 -18.39 28.42
N ALA I 277 11.55 -18.53 29.73
CA ALA I 277 11.72 -19.86 30.30
C ALA I 277 10.50 -20.73 30.05
N ASP I 278 9.31 -20.17 30.30
CA ASP I 278 8.08 -20.92 30.05
C ASP I 278 7.94 -21.29 28.57
N TYR I 279 8.23 -20.33 27.69
CA TYR I 279 8.13 -20.58 26.26
C TYR I 279 9.08 -21.66 25.81
N GLU I 280 10.31 -21.65 26.33
CA GLU I 280 11.28 -22.68 25.97
C GLU I 280 10.89 -24.04 26.49
N GLU I 281 10.32 -24.13 27.68
CA GLU I 281 9.81 -25.41 28.15
C GLU I 281 8.71 -25.92 27.21
N ALA I 282 7.78 -25.04 26.82
CA ALA I 282 6.71 -25.45 25.92
C ALA I 282 7.27 -25.89 24.56
N CYS I 283 8.24 -25.16 24.03
CA CYS I 283 8.83 -25.51 22.75
C CYS I 283 9.57 -26.84 22.83
N PHE I 284 10.26 -27.08 23.95
CA PHE I 284 10.98 -28.35 24.12
C PHE I 284 10.00 -29.52 24.13
N ILE I 285 8.94 -29.42 24.93
CA ILE I 285 8.04 -30.56 25.09
C ILE I 285 7.13 -30.72 23.89
N CYS I 286 6.28 -29.72 23.63
CA CYS I 286 5.22 -29.83 22.64
C CYS I 286 5.61 -29.29 21.27
N GLY I 287 6.88 -28.91 21.07
CA GLY I 287 7.29 -28.36 19.79
C GLY I 287 7.48 -29.39 18.70
N GLN I 288 7.64 -30.66 19.05
CA GLN I 288 7.85 -31.73 18.08
C GLN I 288 6.51 -32.33 17.65
N PRO I 289 6.27 -32.46 16.35
CA PRO I 289 5.07 -33.19 15.90
C PRO I 289 5.11 -34.63 16.38
N THR I 290 3.93 -35.17 16.67
CA THR I 290 3.82 -36.51 17.27
C THR I 290 2.69 -37.25 16.58
N LEU I 291 2.80 -38.58 16.52
CA LEU I 291 1.89 -39.37 15.70
C LEU I 291 0.49 -39.45 16.30
N PHE I 292 0.37 -39.94 17.53
CA PHE I 292 -0.92 -40.14 18.20
C PHE I 292 -1.86 -40.98 17.35
N LEU I 293 -1.46 -42.23 17.14
CA LEU I 293 -2.33 -43.19 16.46
C LEU I 293 -3.52 -43.52 17.35
N SER I 294 -4.72 -43.33 16.82
CA SER I 294 -5.95 -43.54 17.57
C SER I 294 -6.71 -44.73 16.99
N GLY I 295 -7.49 -45.38 17.84
CA GLY I 295 -8.20 -46.58 17.44
C GLY I 295 -7.30 -47.75 17.14
N LEU I 296 -6.20 -47.89 17.85
CA LEU I 296 -5.25 -48.99 17.68
C LEU I 296 -5.39 -49.99 18.82
N THR I 297 -5.23 -51.26 18.49
CA THR I 297 -5.27 -52.35 19.46
C THR I 297 -3.88 -52.97 19.60
N GLU I 298 -3.68 -53.64 20.73
CA GLU I 298 -2.40 -54.30 20.98
C GLU I 298 -2.13 -55.40 19.95
N HIS I 299 -3.18 -56.13 19.56
CA HIS I 299 -3.00 -57.23 18.62
C HIS I 299 -2.44 -56.73 17.29
N TRP I 300 -3.08 -55.72 16.70
CA TRP I 300 -2.63 -55.21 15.40
C TRP I 300 -1.22 -54.66 15.48
N VAL I 301 -0.92 -53.89 16.53
CA VAL I 301 0.41 -53.32 16.69
C VAL I 301 1.45 -54.43 16.77
N LYS I 302 1.19 -55.43 17.61
CA LYS I 302 2.18 -56.49 17.81
C LYS I 302 2.33 -57.37 16.57
N ASN I 303 1.28 -57.52 15.77
CA ASN I 303 1.43 -58.29 14.53
C ASN I 303 2.21 -57.51 13.49
N VAL I 304 1.72 -56.35 13.07
CA VAL I 304 2.28 -55.66 11.90
C VAL I 304 3.26 -54.57 12.29
N LEU I 305 2.92 -53.73 13.28
CA LEU I 305 3.86 -52.69 13.69
C LEU I 305 5.06 -53.29 14.42
N GLY I 306 4.80 -54.17 15.37
CA GLY I 306 5.88 -54.79 16.13
C GLY I 306 6.70 -53.81 16.93
N GLY I 307 6.06 -52.84 17.56
CA GLY I 307 6.77 -51.91 18.43
C GLY I 307 7.71 -50.96 17.73
N ALA I 308 7.53 -50.74 16.42
CA ALA I 308 8.39 -49.83 15.68
C ALA I 308 7.67 -49.45 14.39
N VAL I 309 7.61 -48.16 14.11
CA VAL I 309 6.91 -47.64 12.94
C VAL I 309 7.93 -46.97 12.03
N VAL I 310 8.03 -47.46 10.80
CA VAL I 310 8.83 -46.80 9.77
C VAL I 310 7.99 -45.71 9.12
N ILE I 311 8.53 -44.50 9.06
CA ILE I 311 7.76 -43.32 8.68
C ILE I 311 8.35 -42.62 7.45
N GLY I 312 9.28 -43.27 6.76
CA GLY I 312 9.89 -42.65 5.60
C GLY I 312 8.91 -42.50 4.45
N SER I 313 9.35 -41.75 3.43
CA SER I 313 8.49 -41.50 2.27
C SER I 313 8.18 -42.79 1.52
N ARG I 314 9.18 -43.65 1.33
CA ARG I 314 8.97 -44.88 0.58
C ARG I 314 8.37 -45.98 1.44
N ASP I 315 8.35 -45.80 2.76
CA ASP I 315 7.84 -46.80 3.68
C ASP I 315 6.43 -46.40 4.10
N ALA I 316 5.46 -47.25 3.81
CA ALA I 316 4.06 -47.01 4.14
C ALA I 316 3.65 -47.86 5.32
N VAL I 317 2.57 -47.46 5.99
CA VAL I 317 2.10 -48.18 7.16
C VAL I 317 0.59 -48.42 7.03
N PRO I 318 0.10 -49.63 7.34
CA PRO I 318 -1.34 -49.85 7.40
C PRO I 318 -1.88 -49.66 8.81
N LEU I 319 -3.18 -49.38 8.88
CA LEU I 319 -3.87 -49.20 10.14
C LEU I 319 -5.21 -49.89 10.08
N PRO I 320 -5.75 -50.33 11.22
CA PRO I 320 -7.04 -51.05 11.21
C PRO I 320 -8.21 -50.14 10.90
N VAL I 321 -9.41 -50.71 10.92
CA VAL I 321 -10.61 -49.94 10.59
C VAL I 321 -10.84 -48.86 11.64
N ASN I 322 -11.30 -47.70 11.17
CA ASN I 322 -11.59 -46.55 12.03
C ASN I 322 -10.38 -46.13 12.85
N ALA I 323 -9.22 -46.11 12.20
CA ALA I 323 -7.98 -45.63 12.82
C ALA I 323 -7.60 -44.31 12.18
N LYS I 324 -7.42 -43.28 13.01
CA LYS I 324 -7.16 -41.93 12.52
C LYS I 324 -5.81 -41.43 13.01
N PRO I 325 -4.79 -41.38 12.14
CA PRO I 325 -3.52 -40.77 12.55
C PRO I 325 -3.55 -39.26 12.37
N GLU I 326 -3.13 -38.51 13.39
CA GLU I 326 -3.15 -37.06 13.31
C GLU I 326 -1.91 -36.48 14.01
N LEU I 327 -1.10 -35.75 13.25
CA LEU I 327 0.09 -35.14 13.82
C LEU I 327 -0.31 -33.98 14.72
N LEU I 328 0.34 -33.88 15.88
CA LEU I 328 0.01 -32.87 16.88
C LEU I 328 1.25 -32.14 17.34
N GLN I 329 1.21 -30.81 17.29
CA GLN I 329 2.21 -29.97 17.91
C GLN I 329 1.58 -28.62 18.18
N ALA I 330 2.06 -27.96 19.23
CA ALA I 330 1.51 -26.66 19.62
C ALA I 330 1.77 -25.64 18.52
N GLU I 331 0.73 -24.90 18.15
CA GLU I 331 0.84 -23.94 17.07
C GLU I 331 1.42 -22.62 17.58
N GLY I 332 1.77 -21.75 16.63
CA GLY I 332 2.34 -20.46 16.96
C GLY I 332 1.30 -19.47 17.42
N ASN I 333 1.77 -18.25 17.67
CA ASN I 333 0.93 -17.16 18.16
C ASN I 333 0.22 -17.55 19.46
N GLY I 334 0.95 -18.25 20.34
CA GLY I 334 0.40 -18.64 21.62
C GLY I 334 0.34 -17.47 22.57
N MET I 335 -0.27 -17.72 23.74
CA MET I 335 -0.46 -16.64 24.70
C MET I 335 0.83 -16.28 25.41
N VAL I 336 1.72 -17.25 25.64
CA VAL I 336 3.01 -16.97 26.26
C VAL I 336 3.87 -16.11 25.33
N LYS I 337 3.93 -16.49 24.05
CA LYS I 337 4.67 -15.68 23.10
C LYS I 337 4.04 -14.31 22.94
N GLU I 338 2.71 -14.23 22.98
CA GLU I 338 2.03 -12.95 22.90
C GLU I 338 2.42 -12.06 24.08
N ALA I 339 2.48 -12.64 25.28
CA ALA I 339 2.87 -11.88 26.46
C ALA I 339 4.32 -11.40 26.36
N MET I 340 5.22 -12.27 25.88
CA MET I 340 6.62 -11.86 25.84
C MET I 340 6.86 -10.83 24.73
N ASP I 341 6.11 -10.91 23.63
CA ASP I 341 6.17 -9.85 22.63
C ASP I 341 5.63 -8.54 23.18
N GLN I 342 4.57 -8.61 23.99
CA GLN I 342 4.07 -7.41 24.67
C GLN I 342 5.15 -6.81 25.56
N LYS I 343 5.87 -7.66 26.30
CA LYS I 343 6.94 -7.14 27.16
C LYS I 343 8.09 -6.55 26.36
N GLU I 344 8.41 -7.15 25.21
CA GLU I 344 9.45 -6.57 24.35
C GLU I 344 9.02 -5.19 23.86
N ARG I 345 7.76 -5.05 23.48
CA ARG I 345 7.24 -3.75 23.08
C ARG I 345 7.31 -2.75 24.24
N GLN I 346 6.93 -3.21 25.44
CA GLN I 346 6.96 -2.34 26.64
C GLN I 346 8.41 -1.89 26.89
N MET I 347 9.36 -2.80 26.73
CA MET I 347 10.79 -2.47 26.99
C MET I 347 11.24 -1.38 26.01
N VAL I 348 10.96 -1.57 24.71
CA VAL I 348 11.38 -0.57 23.67
C VAL I 348 10.54 0.70 23.85
N ALA I 349 9.31 0.56 24.35
CA ALA I 349 8.45 1.74 24.60
C ALA I 349 9.09 2.59 25.71
N LEU I 350 9.69 1.95 26.72
CA LEU I 350 10.38 2.70 27.79
C LEU I 350 11.87 2.82 27.42
N GLY I 351 12.17 3.56 26.35
CA GLY I 351 13.56 3.71 25.90
C GLY I 351 13.89 2.74 24.78
N ALA I 352 14.39 3.25 23.64
CA ALA I 352 14.66 2.37 22.47
C ALA I 352 16.16 2.18 22.30
N LYS I 353 16.97 2.59 23.28
CA LYS I 353 18.44 2.41 23.21
C LYS I 353 18.77 0.92 23.31
N LEU I 354 17.91 0.13 23.95
CA LEU I 354 18.18 -1.31 24.15
C LEU I 354 18.24 -2.04 22.80
N ILE I 355 17.23 -1.89 21.95
CA ILE I 355 17.18 -2.66 20.67
C ILE I 355 16.57 -1.80 19.56
N ASP I 356 16.78 -2.19 18.30
CA ASP I 356 16.17 -1.46 17.15
C ASP I 356 15.32 -2.44 16.34
N SER I 357 14.55 -1.94 15.37
CA SER I 357 13.70 -2.81 14.56
C SER I 357 13.71 -2.29 13.14
N ASP I 358 14.30 -3.06 12.22
CA ASP I 358 14.34 -2.66 10.83
C ASP I 358 12.95 -2.70 10.19
N LYS I 359 12.05 -3.51 10.74
CA LYS I 359 10.67 -3.51 10.25
C LYS I 359 10.00 -2.17 10.52
N THR I 360 10.27 -1.56 11.66
CA THR I 360 9.69 -0.26 11.97
C THR I 360 10.30 0.82 11.06
N GLN I 361 9.45 1.51 10.33
CA GLN I 361 9.86 2.61 9.48
C GLN I 361 9.47 3.93 10.13
N ARG I 362 10.46 4.77 10.42
CA ARG I 362 10.24 6.09 10.98
C ARG I 362 10.81 7.13 10.02
N THR I 363 9.96 8.07 9.60
CA THR I 363 10.42 9.11 8.68
C THR I 363 11.17 10.19 9.43
N PHE I 364 12.20 10.73 8.80
CA PHE I 364 12.99 11.79 9.39
C PHE I 364 12.19 13.09 9.47
N GLY I 365 12.55 13.94 10.42
CA GLY I 365 11.89 15.20 10.63
C GLY I 365 10.77 15.18 11.66
N GLU I 366 10.34 13.99 12.09
CA GLU I 366 9.32 13.89 13.13
C GLU I 366 9.93 13.74 14.52
N ALA I 367 11.07 13.06 14.62
CA ALA I 367 11.66 12.78 15.93
C ALA I 367 12.24 14.02 16.59
N SER I 368 12.32 15.15 15.88
CA SER I 368 12.86 16.36 16.50
C SER I 368 11.94 16.90 17.59
N MET I 369 10.65 16.54 17.55
CA MET I 369 9.75 16.97 18.61
C MET I 369 10.01 16.20 19.90
N GLU I 370 10.18 14.89 19.81
CA GLU I 370 10.39 14.05 20.98
C GLU I 370 11.86 13.89 21.35
N ALA I 371 12.78 14.49 20.60
CA ALA I 371 14.19 14.38 20.93
C ALA I 371 14.49 14.94 22.33
N ALA I 372 13.77 15.98 22.72
CA ALA I 372 14.00 16.61 24.05
C ALA I 372 13.52 15.69 25.16
N ALA I 373 12.28 15.21 25.08
CA ALA I 373 11.71 14.36 26.15
C ALA I 373 12.49 13.04 26.26
N GLN I 374 12.86 12.43 25.14
CA GLN I 374 13.54 11.12 25.17
C GLN I 374 14.90 11.21 25.88
N ASN I 375 15.82 12.02 25.34
CA ASN I 375 17.17 12.10 25.91
C ASN I 375 17.19 12.82 27.25
N SER I 376 16.10 12.72 28.01
CA SER I 376 16.06 13.37 29.32
C SER I 376 17.10 12.78 30.26
N VAL I 377 17.18 11.46 30.33
CA VAL I 377 18.15 10.81 31.22
C VAL I 377 19.57 11.12 30.76
N LEU I 378 19.80 11.15 29.44
CA LEU I 378 21.12 11.49 28.93
C LEU I 378 21.54 12.89 29.34
N SER I 379 20.65 13.87 29.16
CA SER I 379 20.98 15.24 29.50
C SER I 379 21.21 15.39 31.00
N ARG I 380 20.36 14.76 31.82
CA ARG I 380 20.52 14.88 33.27
C ARG I 380 21.84 14.27 33.72
N VAL I 381 22.17 13.07 33.21
CA VAL I 381 23.41 12.42 33.60
C VAL I 381 24.62 13.23 33.13
N SER I 382 24.57 13.73 31.89
CA SER I 382 25.68 14.52 31.38
C SER I 382 25.91 15.77 32.22
N LYS I 383 24.83 16.48 32.56
CA LYS I 383 25.00 17.69 33.35
C LYS I 383 25.50 17.37 34.75
N ASN I 384 24.99 16.30 35.37
CA ASN I 384 25.42 15.93 36.72
C ASN I 384 26.89 15.59 36.73
N VAL I 385 27.35 14.77 35.77
CA VAL I 385 28.75 14.37 35.75
C VAL I 385 29.64 15.56 35.41
N SER I 386 29.18 16.45 34.53
CA SER I 386 29.96 17.64 34.22
C SER I 386 30.14 18.53 35.44
N ASP I 387 29.05 18.74 36.20
CA ASP I 387 29.15 19.56 37.41
C ASP I 387 30.06 18.90 38.45
N ALA I 388 29.92 17.59 38.63
CA ALA I 388 30.76 16.89 39.61
C ALA I 388 32.23 16.97 39.24
N TYR I 389 32.55 16.79 37.96
CA TYR I 389 33.95 16.82 37.56
C TYR I 389 34.50 18.24 37.56
N THR I 390 33.67 19.25 37.27
CA THR I 390 34.11 20.62 37.42
C THR I 390 34.44 20.93 38.87
N LYS I 391 33.59 20.48 39.81
CA LYS I 391 33.87 20.70 41.21
C LYS I 391 35.15 19.97 41.64
N ALA I 392 35.33 18.74 41.18
CA ALA I 392 36.53 17.97 41.54
C ALA I 392 37.78 18.64 40.99
N LEU I 393 37.72 19.14 39.75
CA LEU I 393 38.89 19.83 39.19
C LEU I 393 39.16 21.14 39.91
N ARG I 394 38.12 21.85 40.34
CA ARG I 394 38.33 23.06 41.11
C ARG I 394 38.99 22.75 42.45
N TRP I 395 38.58 21.67 43.11
CA TRP I 395 39.23 21.29 44.36
C TRP I 395 40.68 20.86 44.13
N ALA I 396 40.95 20.16 43.02
CA ALA I 396 42.32 19.82 42.68
C ALA I 396 43.16 21.07 42.44
N ALA I 397 42.57 22.07 41.77
CA ALA I 397 43.26 23.34 41.58
C ALA I 397 43.54 24.02 42.92
N MET I 398 42.58 23.97 43.85
CA MET I 398 42.80 24.51 45.18
C MET I 398 43.96 23.81 45.87
N PHE I 399 44.06 22.49 45.70
CA PHE I 399 45.21 21.76 46.22
C PHE I 399 46.50 22.28 45.60
N LEU I 400 46.51 22.45 44.27
CA LEU I 400 47.68 22.95 43.55
C LEU I 400 47.83 24.46 43.58
N GLY I 401 46.79 25.20 43.99
CA GLY I 401 46.85 26.65 43.89
C GLY I 401 46.82 27.15 42.45
N LEU I 402 46.00 26.52 41.61
CA LEU I 402 45.85 26.89 40.21
C LEU I 402 44.63 27.79 40.01
N ASP I 403 44.40 28.16 38.76
CA ASP I 403 43.27 29.03 38.44
C ASP I 403 41.97 28.24 38.53
N GLU I 404 41.02 28.77 39.31
CA GLU I 404 39.77 28.07 39.57
C GLU I 404 38.79 28.14 38.41
N LYS I 405 38.88 29.18 37.56
CA LYS I 405 37.91 29.39 36.49
C LYS I 405 38.13 28.39 35.38
N ILE I 406 37.74 27.14 35.65
CA ILE I 406 37.83 26.05 34.71
C ILE I 406 36.54 25.26 34.72
N GLU I 407 36.27 24.57 33.61
CA GLU I 407 35.07 23.75 33.48
C GLU I 407 35.41 22.52 32.66
N TYR I 408 34.71 21.42 32.95
CA TYR I 408 34.85 20.15 32.23
C TYR I 408 33.44 19.65 31.95
N GLU I 409 32.92 19.98 30.77
CA GLU I 409 31.57 19.66 30.39
C GLU I 409 31.57 18.55 29.35
N LEU I 410 30.70 17.56 29.54
CA LEU I 410 30.58 16.45 28.61
C LEU I 410 29.75 16.85 27.39
N ASN I 411 29.51 15.88 26.51
CA ASN I 411 28.73 16.11 25.30
C ASN I 411 27.26 16.20 25.67
N SER I 412 26.66 17.37 25.42
CA SER I 412 25.22 17.54 25.56
C SER I 412 24.50 17.51 24.23
N ASP I 413 25.20 17.19 23.14
CA ASP I 413 24.61 17.16 21.79
C ASP I 413 24.53 15.70 21.35
N PHE I 414 23.41 15.07 21.68
CA PHE I 414 23.22 13.65 21.40
C PHE I 414 22.80 13.44 19.96
N ASP I 415 22.59 12.17 19.58
CA ASP I 415 22.24 11.81 18.21
C ASP I 415 23.24 12.37 17.22
N ILE I 416 24.48 11.89 17.31
CA ILE I 416 25.57 12.46 16.53
C ILE I 416 25.80 11.62 15.27
N ASN I 417 26.32 12.29 14.24
CA ASN I 417 26.64 11.65 12.98
C ASN I 417 27.64 12.52 12.24
N LYS I 418 28.17 11.98 11.14
CA LYS I 418 29.04 12.77 10.28
C LYS I 418 28.28 13.97 9.74
N MET I 419 28.95 15.13 9.73
CA MET I 419 28.28 16.38 9.41
C MET I 419 28.32 16.63 7.90
N SER I 420 27.18 17.06 7.37
CA SER I 420 26.96 17.20 5.94
C SER I 420 27.72 18.38 5.38
N PRO I 421 27.97 18.39 4.06
CA PRO I 421 28.63 19.56 3.45
C PRO I 421 27.93 20.88 3.73
N GLU I 422 26.60 20.88 3.74
CA GLU I 422 25.87 22.10 4.03
C GLU I 422 26.11 22.55 5.47
N GLU I 423 26.20 21.60 6.40
CA GLU I 423 26.52 21.94 7.78
C GLU I 423 27.90 22.59 7.88
N LEU I 424 28.87 22.05 7.15
CA LEU I 424 30.21 22.63 7.16
C LEU I 424 30.20 24.03 6.56
N ALA I 425 29.48 24.22 5.46
CA ALA I 425 29.39 25.55 4.87
C ALA I 425 28.75 26.53 5.85
N ALA I 426 27.71 26.09 6.55
CA ALA I 426 27.04 26.96 7.51
C ALA I 426 27.97 27.34 8.66
N VAL I 427 28.71 26.38 9.21
CA VAL I 427 29.58 26.70 10.34
C VAL I 427 30.73 27.59 9.90
N ILE I 428 31.26 27.38 8.69
CA ILE I 428 32.32 28.25 8.19
C ILE I 428 31.78 29.67 7.99
N SER I 429 30.59 29.80 7.41
CA SER I 429 29.99 31.12 7.25
C SER I 429 29.76 31.77 8.61
N ALA I 430 29.41 30.97 9.61
CA ALA I 430 29.24 31.50 10.96
C ALA I 430 30.56 31.98 11.53
N TRP I 431 31.67 31.31 11.20
CA TRP I 431 32.96 31.76 11.69
C TRP I 431 33.47 32.97 10.92
N GLN I 432 33.16 33.06 9.63
CA GLN I 432 33.59 34.21 8.85
C GLN I 432 32.98 35.49 9.39
N SER I 433 31.70 35.47 9.74
CA SER I 433 31.13 36.52 10.56
C SER I 433 31.59 36.34 12.01
N ASN I 434 31.52 37.42 12.77
CA ASN I 434 31.94 37.37 14.18
C ASN I 434 30.80 36.82 15.05
N ALA I 435 30.51 35.54 14.83
CA ALA I 435 29.44 34.86 15.54
C ALA I 435 29.84 33.54 16.17
N ILE I 436 30.84 32.85 15.64
CA ILE I 436 31.41 31.65 16.27
C ILE I 436 32.93 31.80 16.24
N SER I 437 33.55 31.73 17.42
CA SER I 437 34.99 31.88 17.51
C SER I 437 35.68 30.66 16.90
N PHE I 438 36.98 30.81 16.65
CA PHE I 438 37.74 29.77 15.95
C PHE I 438 37.74 28.47 16.74
N THR I 439 37.92 28.54 18.06
CA THR I 439 37.89 27.34 18.87
C THR I 439 36.53 26.65 18.81
N GLU I 440 35.45 27.42 18.90
CA GLU I 440 34.12 26.84 18.82
C GLU I 440 33.86 26.22 17.45
N MET I 441 34.29 26.89 16.38
CA MET I 441 34.11 26.33 15.04
C MET I 441 34.91 25.05 14.86
N ARG I 442 36.15 25.03 15.35
CA ARG I 442 36.96 23.82 15.23
C ARG I 442 36.36 22.68 16.04
N TRP I 443 35.84 22.98 17.23
CA TRP I 443 35.18 21.95 18.02
C TRP I 443 33.92 21.44 17.32
N GLN I 444 33.20 22.34 16.66
CA GLN I 444 32.02 21.92 15.89
C GLN I 444 32.41 21.01 14.73
N ILE I 445 33.51 21.34 14.04
CA ILE I 445 33.95 20.51 12.92
C ILE I 445 34.41 19.14 13.42
N LYS I 446 35.19 19.12 14.50
CA LYS I 446 35.61 17.85 15.09
C LYS I 446 34.41 17.06 15.61
N LYS I 447 33.31 17.76 15.95
CA LYS I 447 32.11 17.08 16.41
C LYS I 447 31.55 16.18 15.32
N GLY I 448 31.56 16.65 14.08
CA GLY I 448 31.07 15.91 12.94
C GLY I 448 32.08 15.03 12.24
N GLY I 449 33.25 14.84 12.82
CA GLY I 449 34.25 13.95 12.24
C GLY I 449 34.83 14.41 10.91
N ARG I 450 35.06 15.71 10.75
CA ARG I 450 35.72 16.24 9.57
C ARG I 450 37.16 16.65 9.83
N ALA I 451 37.63 16.56 11.08
CA ALA I 451 38.99 16.94 11.42
C ALA I 451 39.42 16.20 12.67
N TYR I 452 40.74 16.07 12.84
CA TYR I 452 41.27 15.40 14.03
C TYR I 452 42.38 16.21 14.69
N LEU I 453 43.09 17.02 13.91
CA LEU I 453 44.20 17.79 14.46
C LEU I 453 43.70 18.84 15.44
N GLU I 454 44.46 19.05 16.51
CA GLU I 454 44.09 20.03 17.51
C GLU I 454 44.26 21.45 16.97
N ASP I 455 43.76 22.42 17.73
CA ASP I 455 43.70 23.80 17.25
C ASP I 455 45.09 24.37 17.02
N GLU I 456 45.99 24.21 18.01
CA GLU I 456 47.30 24.85 17.92
C GLU I 456 48.11 24.31 16.75
N ASP I 457 48.05 23.00 16.52
CA ASP I 457 48.79 22.42 15.39
C ASP I 457 48.28 22.97 14.06
N MET I 458 46.96 23.10 13.92
CA MET I 458 46.41 23.65 12.69
C MET I 458 46.81 25.12 12.52
N ARG I 459 46.81 25.88 13.61
CA ARG I 459 47.26 27.26 13.54
C ARG I 459 48.70 27.34 13.05
N ASN I 460 49.60 26.55 13.65
CA ASN I 460 51.01 26.58 13.27
C ASN I 460 51.21 26.09 11.84
N GLU I 461 50.37 25.16 11.38
CA GLU I 461 50.49 24.68 10.00
C GLU I 461 49.99 25.71 9.01
N SER I 462 48.93 26.44 9.35
CA SER I 462 48.40 27.46 8.45
C SER I 462 49.16 28.77 8.55
N GLU I 463 50.08 28.90 9.51
CA GLU I 463 50.94 30.08 9.54
C GLU I 463 51.77 30.18 8.27
N GLN I 464 52.15 29.05 7.69
CA GLN I 464 52.96 29.05 6.48
C GLN I 464 52.17 29.61 5.30
N ASP I 465 52.89 29.99 4.26
CA ASP I 465 52.24 30.49 3.05
C ASP I 465 51.57 29.34 2.30
N ASP I 466 50.76 29.70 1.32
CA ASP I 466 50.04 28.70 0.54
C ASP I 466 51.03 27.82 -0.22
N PRO I 467 50.74 26.52 -0.39
CA PRO I 467 51.68 25.66 -1.12
C PRO I 467 51.99 26.13 -2.52
N LEU I 468 50.98 26.28 -3.37
CA LEU I 468 51.14 26.68 -4.76
C LEU I 468 52.17 25.80 -5.49
N ASP J 3 0.95 31.54 71.29
CA ASP J 3 0.76 30.97 72.63
C ASP J 3 1.54 29.68 72.80
N SER J 4 2.54 29.46 71.94
CA SER J 4 3.33 28.23 71.93
C SER J 4 2.41 27.01 71.79
N ASN J 5 1.62 27.01 70.72
CA ASN J 5 0.58 26.01 70.54
C ASN J 5 1.14 24.79 69.82
N ASN J 6 0.25 23.91 69.36
CA ASN J 6 0.68 22.68 68.69
C ASN J 6 1.32 22.99 67.35
N ILE J 7 2.65 22.97 67.29
CA ILE J 7 3.34 23.35 66.07
C ILE J 7 3.40 22.21 65.06
N LYS J 8 3.37 20.97 65.50
CA LYS J 8 3.30 19.84 64.59
C LYS J 8 1.89 19.57 64.10
N TYR J 9 1.00 20.55 64.23
CA TYR J 9 -0.37 20.42 63.72
C TYR J 9 -0.35 20.50 62.20
N VAL J 10 -0.74 19.40 61.56
CA VAL J 10 -0.86 19.33 60.11
C VAL J 10 -2.30 19.66 59.73
N ARG J 11 -2.45 20.53 58.74
CA ARG J 11 -3.77 21.03 58.39
C ARG J 11 -4.63 19.94 57.78
N GLU J 12 -5.95 20.11 57.88
CA GLU J 12 -6.87 19.05 57.46
C GLU J 12 -6.76 18.75 55.98
N ASP J 13 -6.62 19.79 55.14
CA ASP J 13 -6.46 19.55 53.72
C ASP J 13 -5.13 18.88 53.40
N ALA J 14 -4.08 19.18 54.19
CA ALA J 14 -2.82 18.49 54.01
C ALA J 14 -2.96 17.00 54.31
N LYS J 15 -3.64 16.65 55.40
CA LYS J 15 -3.90 15.24 55.70
C LYS J 15 -4.75 14.61 54.60
N LYS J 16 -5.70 15.37 54.06
CA LYS J 16 -6.52 14.90 52.97
C LYS J 16 -5.70 14.56 51.74
N MET J 17 -4.68 15.39 51.44
CA MET J 17 -3.88 15.18 50.24
C MET J 17 -2.71 14.23 50.44
N HIS J 18 -2.35 13.91 51.69
CA HIS J 18 -1.22 13.00 51.92
C HIS J 18 -1.41 11.65 51.26
N LYS J 19 -2.65 11.15 51.20
CA LYS J 19 -2.87 9.83 50.62
C LYS J 19 -2.48 9.81 49.14
N LEU J 20 -2.97 10.78 48.37
CA LEU J 20 -2.63 10.85 46.95
C LEU J 20 -1.16 11.17 46.77
N TRP J 21 -0.59 12.02 47.63
CA TRP J 21 0.84 12.32 47.53
C TRP J 21 1.68 11.07 47.72
N ALA J 22 1.34 10.26 48.73
CA ALA J 22 2.08 9.02 48.97
C ALA J 22 1.92 8.05 47.81
N HIS J 23 0.69 7.92 47.28
CA HIS J 23 0.49 7.02 46.15
C HIS J 23 1.30 7.46 44.94
N ILE J 24 1.34 8.75 44.66
CA ILE J 24 2.15 9.26 43.56
C ILE J 24 3.62 8.97 43.80
N ARG J 25 4.08 9.14 45.05
CA ARG J 25 5.48 8.85 45.35
C ARG J 25 5.81 7.38 45.11
N MET J 26 4.94 6.47 45.56
CA MET J 26 5.20 5.05 45.30
C MET J 26 5.18 4.75 43.82
N ALA J 27 4.29 5.40 43.06
CA ALA J 27 4.30 5.21 41.61
C ALA J 27 5.61 5.68 41.00
N MET J 28 6.19 6.76 41.54
CA MET J 28 7.46 7.25 41.02
C MET J 28 8.61 6.31 41.37
N GLU J 29 8.62 5.76 42.59
CA GLU J 29 9.73 4.88 42.97
C GLU J 29 9.66 3.55 42.22
N GLY J 30 8.53 3.23 41.63
CA GLY J 30 8.43 2.11 40.71
C GLY J 30 7.91 0.85 41.39
N SER J 31 8.18 -0.28 40.72
CA SER J 31 7.61 -1.56 41.14
C SER J 31 8.04 -1.96 42.53
N ARG J 32 9.25 -1.55 42.96
CA ARG J 32 9.74 -1.92 44.28
C ARG J 32 8.77 -1.51 45.38
N ALA J 33 8.19 -0.31 45.25
CA ALA J 33 7.24 0.18 46.23
C ALA J 33 5.82 -0.26 45.94
N ILE J 34 5.46 -0.39 44.66
CA ILE J 34 4.09 -0.76 44.30
C ILE J 34 3.80 -2.19 44.76
N LYS J 35 4.71 -3.12 44.47
CA LYS J 35 4.53 -4.49 44.91
C LYS J 35 4.58 -4.61 46.42
N ASP J 36 5.40 -3.78 47.07
CA ASP J 36 5.50 -3.81 48.53
C ASP J 36 4.17 -3.42 49.18
N ASN J 37 3.50 -2.41 48.65
CA ASN J 37 2.25 -1.91 49.19
C ASN J 37 1.06 -2.32 48.32
N ALA J 38 1.09 -3.57 47.84
CA ALA J 38 0.11 -4.03 46.87
C ALA J 38 -1.31 -4.09 47.43
N LYS J 39 -1.46 -4.04 48.76
CA LYS J 39 -2.80 -4.10 49.34
C LYS J 39 -3.64 -2.89 48.93
N GLU J 40 -3.02 -1.71 48.89
CA GLU J 40 -3.77 -0.51 48.56
C GLU J 40 -4.18 -0.46 47.10
N PHE J 41 -3.39 -1.07 46.22
CA PHE J 41 -3.62 -0.93 44.78
C PHE J 41 -4.48 -2.06 44.21
N VAL J 42 -4.03 -3.31 44.36
CA VAL J 42 -4.66 -4.45 43.73
C VAL J 42 -5.56 -5.14 44.77
N PRO J 43 -6.88 -5.07 44.63
CA PRO J 43 -7.76 -5.83 45.54
C PRO J 43 -7.57 -7.32 45.33
N HIS J 44 -7.74 -8.06 46.42
CA HIS J 44 -7.61 -9.51 46.36
C HIS J 44 -8.74 -10.09 45.52
N PRO J 45 -8.45 -11.04 44.63
CA PRO J 45 -9.52 -11.67 43.85
C PRO J 45 -10.59 -12.32 44.72
N ASP J 46 -10.21 -12.92 45.84
CA ASP J 46 -11.18 -13.55 46.75
C ASP J 46 -10.70 -13.32 48.17
N ASN J 47 -11.40 -12.46 48.91
CA ASN J 47 -10.99 -12.15 50.28
C ASN J 47 -11.28 -13.30 51.25
N THR J 48 -12.33 -14.07 50.97
CA THR J 48 -12.65 -15.20 51.85
C THR J 48 -11.50 -16.20 51.89
N LYS J 49 -10.92 -16.51 50.74
CA LYS J 49 -9.68 -17.28 50.74
C LYS J 49 -8.54 -16.47 51.34
N ALA J 50 -8.50 -15.17 51.06
CA ALA J 50 -7.38 -14.32 51.49
C ALA J 50 -7.18 -14.36 52.99
N THR J 51 -8.25 -14.58 53.76
CA THR J 51 -8.08 -14.73 55.21
C THR J 51 -7.18 -15.91 55.54
N THR J 52 -7.36 -17.03 54.83
CA THR J 52 -6.60 -18.24 55.10
C THR J 52 -5.15 -18.09 54.67
N PRO J 53 -4.24 -18.87 55.28
CA PRO J 53 -2.83 -18.80 54.85
C PRO J 53 -2.61 -19.19 53.40
N GLU J 54 -3.36 -20.17 52.89
CA GLU J 54 -3.25 -20.46 51.47
C GLU J 54 -3.73 -19.28 50.63
N GLY J 55 -4.67 -18.49 51.17
CA GLY J 55 -5.09 -17.29 50.46
C GLY J 55 -4.00 -16.24 50.38
N VAL J 56 -3.27 -16.02 51.47
CA VAL J 56 -2.21 -15.02 51.42
C VAL J 56 -1.05 -15.52 50.56
N ALA J 57 -0.78 -16.83 50.58
CA ALA J 57 0.22 -17.37 49.65
C ALA J 57 -0.21 -17.18 48.20
N ARG J 58 -1.48 -17.42 47.91
CA ARG J 58 -1.99 -17.22 46.56
C ARG J 58 -1.88 -15.76 46.15
N TYR J 59 -2.18 -14.84 47.07
CA TYR J 59 -2.08 -13.43 46.74
C TYR J 59 -0.62 -13.00 46.53
N LYS J 60 0.30 -13.55 47.32
CA LYS J 60 1.71 -13.25 47.10
C LYS J 60 2.17 -13.74 45.73
N ALA J 61 1.75 -14.94 45.35
CA ALA J 61 2.07 -15.44 44.00
C ALA J 61 1.42 -14.57 42.93
N TYR J 62 0.19 -14.12 43.18
CA TYR J 62 -0.54 -13.29 42.22
C TYR J 62 0.15 -11.94 42.02
N ILE J 63 0.66 -11.35 43.10
CA ILE J 63 1.30 -10.04 43.02
C ILE J 63 2.70 -10.15 42.44
N GLU J 64 3.47 -11.16 42.85
CA GLU J 64 4.86 -11.26 42.39
C GLU J 64 4.94 -11.47 40.89
N ARG J 65 3.94 -12.13 40.29
CA ARG J 65 3.93 -12.32 38.85
C ARG J 65 3.56 -11.04 38.10
N ALA J 66 2.95 -10.08 38.78
CA ALA J 66 2.51 -8.86 38.15
C ALA J 66 3.69 -8.03 37.68
N VAL J 67 3.47 -7.23 36.64
CA VAL J 67 4.48 -6.38 36.04
C VAL J 67 4.00 -4.94 36.10
N TRP J 68 4.72 -4.09 36.83
CA TRP J 68 4.40 -2.68 36.90
C TRP J 68 4.98 -1.97 35.68
N TYR J 69 4.13 -1.22 34.98
CA TYR J 69 4.53 -0.69 33.68
C TYR J 69 5.55 0.43 33.81
N GLY J 70 5.48 1.21 34.88
CA GLY J 70 6.43 2.28 35.09
C GLY J 70 6.34 3.40 34.07
N ALA J 71 5.12 3.81 33.72
CA ALA J 71 4.93 4.91 32.78
C ALA J 71 4.94 6.27 33.45
N SER J 72 4.61 6.34 34.75
CA SER J 72 4.64 7.61 35.45
C SER J 72 6.05 8.17 35.57
N ALA J 73 6.99 7.29 35.90
CA ALA J 73 8.41 7.72 36.02
C ALA J 73 8.88 8.29 34.69
N ASN J 74 8.63 7.57 33.59
CA ASN J 74 9.10 8.01 32.25
C ASN J 74 8.41 9.33 31.89
N THR J 75 7.11 9.45 32.17
CA THR J 75 6.37 10.71 31.87
C THR J 75 7.05 11.87 32.59
N VAL J 76 7.29 11.72 33.89
CA VAL J 76 7.97 12.80 34.69
C VAL J 76 9.34 13.07 34.05
N ASP J 77 10.15 12.02 33.86
CA ASP J 77 11.48 12.22 33.30
C ASP J 77 11.43 12.97 31.98
N GLY J 78 10.50 12.58 31.11
CA GLY J 78 10.36 13.24 29.79
C GLY J 78 9.98 14.71 29.94
N MET J 79 9.06 15.00 30.86
CA MET J 79 8.59 16.40 31.07
C MET J 79 9.79 17.27 31.45
N LEU J 80 10.60 16.82 32.42
CA LEU J 80 11.76 17.60 32.89
C LEU J 80 12.76 17.76 31.75
N GLY J 81 12.92 16.73 30.91
CA GLY J 81 13.84 16.82 29.76
C GLY J 81 13.48 17.99 28.85
N GLN J 82 12.19 18.15 28.54
CA GLN J 82 11.73 19.29 27.70
C GLN J 82 11.91 20.60 28.48
N ILE J 83 11.61 20.58 29.78
CA ILE J 83 11.71 21.83 30.61
C ILE J 83 13.17 22.24 30.76
N PHE J 84 14.07 21.27 30.99
CA PHE J 84 15.47 21.61 31.24
C PHE J 84 16.31 21.11 30.07
N ALA J 85 16.43 21.96 29.06
CA ALA J 85 17.38 21.78 27.97
C ALA J 85 18.36 22.94 28.01
N ARG J 86 19.65 22.62 27.84
CA ARG J 86 20.74 23.57 28.03
C ARG J 86 20.65 24.07 29.47
N ASP J 87 20.43 25.36 29.71
CA ASP J 87 20.38 25.87 31.08
C ASP J 87 19.35 26.98 31.20
N PRO J 88 18.75 27.14 32.38
CA PRO J 88 17.90 28.31 32.62
C PRO J 88 18.69 29.60 32.52
N VAL J 89 18.01 30.67 32.12
CA VAL J 89 18.67 31.95 31.89
C VAL J 89 18.48 32.85 33.10
N PHE J 90 19.57 33.46 33.56
CA PHE J 90 19.55 34.42 34.65
C PHE J 90 19.67 35.82 34.07
N THR J 91 18.83 36.73 34.57
CA THR J 91 18.77 38.10 34.07
C THR J 91 19.20 39.05 35.17
N GLY J 92 20.13 39.94 34.85
CA GLY J 92 20.63 40.90 35.81
C GLY J 92 22.11 40.74 36.05
N PRO J 93 22.62 41.36 37.11
CA PRO J 93 24.04 41.18 37.46
C PRO J 93 24.34 39.73 37.78
N GLU J 94 25.55 39.31 37.42
CA GLU J 94 25.95 37.91 37.55
C GLU J 94 27.15 37.71 38.46
N ASP J 95 28.14 38.62 38.43
CA ASP J 95 29.27 38.49 39.34
C ASP J 95 28.90 38.88 40.76
N LYS J 96 27.90 39.74 40.92
CA LYS J 96 27.41 40.13 42.23
C LYS J 96 26.41 39.13 42.81
N PHE J 97 26.09 38.07 42.08
CA PHE J 97 25.10 37.09 42.51
C PHE J 97 25.65 35.66 42.42
N ASP J 98 26.97 35.52 42.25
CA ASP J 98 27.54 34.19 41.98
C ASP J 98 27.37 33.24 43.15
N MET J 99 27.22 33.75 44.37
CA MET J 99 27.09 32.85 45.51
C MET J 99 25.73 32.16 45.53
N LEU J 100 24.67 32.83 45.04
CA LEU J 100 23.38 32.16 44.94
C LEU J 100 23.31 31.22 43.75
N ILE J 101 24.23 31.33 42.81
CA ILE J 101 24.19 30.51 41.60
C ILE J 101 25.05 29.26 41.75
N ASN J 102 26.29 29.41 42.23
CA ASN J 102 27.19 28.26 42.29
C ASN J 102 26.81 27.29 43.40
N ASP J 103 26.49 27.82 44.59
CA ASP J 103 26.09 27.00 45.73
C ASP J 103 24.88 27.64 46.41
N VAL J 104 23.69 27.26 45.94
CA VAL J 104 22.46 27.99 46.28
C VAL J 104 22.17 27.94 47.77
N ASP J 105 22.28 26.76 48.39
CA ASP J 105 21.97 26.61 49.81
C ASP J 105 23.20 26.22 50.62
N GLY J 106 24.37 26.70 50.21
CA GLY J 106 25.60 26.41 50.95
C GLY J 106 25.97 24.95 50.98
N SER J 107 25.67 24.21 49.92
CA SER J 107 26.02 22.79 49.84
C SER J 107 26.75 22.45 48.55
N GLY J 108 27.18 23.44 47.77
CA GLY J 108 27.74 23.19 46.48
C GLY J 108 26.74 22.90 45.38
N LEU J 109 25.44 22.93 45.71
CA LEU J 109 24.40 22.67 44.72
C LEU J 109 24.07 23.96 43.99
N SER J 110 24.11 23.89 42.65
CA SER J 110 23.84 25.07 41.84
C SER J 110 22.36 25.44 41.92
N ILE J 111 22.06 26.67 41.51
CA ILE J 111 20.67 27.12 41.49
C ILE J 111 19.85 26.33 40.49
N HIS J 112 20.47 25.94 39.37
CA HIS J 112 19.74 25.22 38.33
C HIS J 112 19.38 23.80 38.77
N GLN J 113 20.21 23.18 39.60
CA GLN J 113 19.87 21.83 40.06
C GLN J 113 18.73 21.87 41.08
N GLN J 114 18.72 22.87 41.96
CA GLN J 114 17.56 23.04 42.83
C GLN J 114 16.32 23.38 42.01
N ALA J 115 16.49 24.15 40.94
CA ALA J 115 15.37 24.42 40.05
C ALA J 115 14.85 23.14 39.42
N ARG J 116 15.76 22.25 39.02
CA ARG J 116 15.35 20.96 38.47
C ARG J 116 14.56 20.16 39.49
N ASP J 117 15.06 20.10 40.73
CA ASP J 117 14.36 19.37 41.77
C ASP J 117 12.98 19.96 42.03
N SER J 118 12.90 21.29 42.11
CA SER J 118 11.62 21.94 42.38
C SER J 118 10.64 21.73 41.24
N ALA J 119 11.10 21.84 39.99
CA ALA J 119 10.23 21.62 38.85
C ALA J 119 9.73 20.18 38.81
N GLU J 120 10.61 19.22 39.12
CA GLU J 120 10.19 17.83 39.19
C GLU J 120 9.14 17.62 40.27
N ASP J 121 9.36 18.21 41.44
CA ASP J 121 8.42 18.03 42.54
C ASP J 121 7.09 18.69 42.26
N ALA J 122 7.10 19.80 41.50
CA ALA J 122 5.85 20.46 41.11
C ALA J 122 5.14 19.72 39.99
N LEU J 123 5.88 19.09 39.09
CA LEU J 123 5.29 18.28 38.03
C LEU J 123 4.75 16.95 38.55
N SER J 124 5.27 16.44 39.66
CA SER J 124 4.89 15.11 40.14
C SER J 124 3.64 15.17 41.03
N LEU J 125 3.69 15.97 42.10
CA LEU J 125 2.57 16.04 43.03
C LEU J 125 2.06 17.47 43.22
N GLY J 126 2.48 18.40 42.37
CA GLY J 126 1.86 19.71 42.30
C GLY J 126 1.93 20.57 43.54
N ARG J 127 3.10 20.64 44.17
CA ARG J 127 3.30 21.55 45.30
C ARG J 127 4.79 21.69 45.55
N GLY J 128 5.15 22.68 46.36
CA GLY J 128 6.54 22.94 46.68
C GLY J 128 6.66 24.13 47.59
N GLY J 129 7.90 24.56 47.79
CA GLY J 129 8.18 25.71 48.61
C GLY J 129 9.62 26.20 48.52
N LEU J 130 9.80 27.51 48.52
CA LEU J 130 11.12 28.13 48.50
C LEU J 130 11.21 29.13 49.64
N PHE J 131 12.12 28.87 50.58
CA PHE J 131 12.30 29.72 51.75
C PHE J 131 13.61 30.48 51.64
N VAL J 132 13.61 31.73 52.09
CA VAL J 132 14.79 32.58 52.07
C VAL J 132 15.08 33.00 53.50
N ASP J 133 16.29 32.71 53.97
CA ASP J 133 16.70 33.05 55.33
C ASP J 133 18.14 33.56 55.32
N TYR J 134 18.42 34.47 56.25
CA TYR J 134 19.70 35.18 56.29
C TYR J 134 20.50 34.65 57.48
N SER J 135 21.77 34.32 57.23
CA SER J 135 22.53 33.52 58.19
C SER J 135 22.70 34.23 59.53
N ALA J 152 28.34 36.59 55.80
CA ALA J 152 26.90 36.39 55.74
C ALA J 152 26.46 36.16 54.30
N ARG J 153 25.32 35.49 54.15
CA ARG J 153 24.78 35.11 52.85
C ARG J 153 23.34 34.65 53.01
N PRO J 154 22.44 35.00 52.07
CA PRO J 154 21.08 34.44 52.13
C PRO J 154 21.06 33.04 51.55
N TYR J 155 20.24 32.19 52.14
CA TYR J 155 20.16 30.79 51.76
C TYR J 155 18.75 30.49 51.24
N ILE J 156 18.67 30.02 50.01
CA ILE J 156 17.40 29.60 49.43
C ILE J 156 17.16 28.15 49.86
N LYS J 157 15.98 27.88 50.38
CA LYS J 157 15.64 26.54 50.83
C LYS J 157 14.85 25.82 49.74
N PHE J 158 14.54 24.55 50.00
CA PHE J 158 13.56 23.81 49.22
C PHE J 158 12.78 22.96 50.20
N ILE J 159 11.47 23.16 50.25
CA ILE J 159 10.61 22.48 51.21
C ILE J 159 9.61 21.63 50.45
N ALA J 160 9.59 20.34 50.76
CA ALA J 160 8.75 19.41 50.02
C ALA J 160 7.27 19.71 50.27
N ALA J 161 6.42 19.10 49.43
CA ALA J 161 4.98 19.27 49.58
C ALA J 161 4.51 18.68 50.91
N GLU J 162 5.14 17.60 51.35
CA GLU J 162 4.72 16.92 52.56
C GLU J 162 5.20 17.60 53.84
N ASP J 163 6.06 18.62 53.71
CA ASP J 163 6.63 19.24 54.90
C ASP J 163 5.86 20.48 55.33
N ILE J 164 5.33 21.24 54.38
CA ILE J 164 4.49 22.38 54.73
C ILE J 164 3.20 21.87 55.35
N LEU J 165 2.96 22.24 56.61
CA LEU J 165 1.86 21.64 57.37
C LEU J 165 0.91 22.64 57.98
N ASN J 166 1.09 23.95 57.76
CA ASN J 166 0.14 24.94 58.22
C ASN J 166 0.35 26.24 57.48
N TRP J 167 -0.75 26.86 57.04
CA TRP J 167 -0.70 28.19 56.44
C TRP J 167 -2.04 28.87 56.70
N ARG J 168 -1.99 30.12 57.15
CA ARG J 168 -3.17 30.89 57.47
C ARG J 168 -3.23 32.13 56.59
N GLU J 169 -4.38 32.37 55.96
CA GLU J 169 -4.58 33.50 55.06
C GLU J 169 -5.76 34.33 55.55
N ARG J 170 -5.57 35.66 55.60
CA ARG J 170 -6.60 36.62 55.98
C ARG J 170 -6.45 37.86 55.12
N TRP J 171 -7.24 38.90 55.43
CA TRP J 171 -7.05 40.22 54.85
C TRP J 171 -6.30 41.09 55.85
N VAL J 172 -5.11 41.52 55.44
CA VAL J 172 -4.40 42.60 56.12
C VAL J 172 -4.49 43.81 55.21
N ASN J 173 -5.10 44.88 55.70
CA ASN J 173 -5.42 46.06 54.89
C ASN J 173 -6.25 45.67 53.67
N GLY J 174 -7.17 44.74 53.87
CA GLY J 174 -8.11 44.36 52.82
C GLY J 174 -7.50 43.70 51.61
N ALA J 175 -6.48 42.86 51.81
CA ALA J 175 -5.87 42.10 50.73
C ALA J 175 -5.52 40.71 51.22
N LYS J 176 -5.59 39.74 50.31
CA LYS J 176 -5.27 38.36 50.65
C LYS J 176 -3.81 38.27 51.07
N ARG J 177 -3.57 38.04 52.37
CA ARG J 177 -2.24 38.03 52.92
C ARG J 177 -2.01 36.73 53.68
N THR J 178 -0.76 36.29 53.71
CA THR J 178 -0.37 35.11 54.46
C THR J 178 0.17 35.55 55.82
N THR J 179 -0.46 35.08 56.89
CA THR J 179 -0.06 35.46 58.23
C THR J 179 0.81 34.39 58.89
N LEU J 180 0.33 33.16 58.92
CA LEU J 180 1.03 32.06 59.58
C LEU J 180 1.50 31.06 58.52
N LEU J 181 2.68 30.50 58.73
CA LEU J 181 3.21 29.46 57.84
C LEU J 181 4.24 28.65 58.61
N VAL J 182 3.97 27.36 58.78
CA VAL J 182 4.82 26.46 59.54
C VAL J 182 5.28 25.33 58.63
N PHE J 183 6.58 25.05 58.65
CA PHE J 183 7.15 23.98 57.84
C PHE J 183 8.17 23.22 58.68
N ARG J 184 8.62 22.09 58.14
CA ARG J 184 9.43 21.12 58.86
C ARG J 184 10.86 21.10 58.32
N GLU J 185 11.82 20.98 59.23
CA GLU J 185 13.23 20.92 58.88
C GLU J 185 13.86 19.72 59.59
N GLU J 186 14.77 19.04 58.92
CA GLU J 186 15.27 17.74 59.36
C GLU J 186 16.79 17.74 59.31
N SER J 187 17.43 17.37 60.43
CA SER J 187 18.88 17.45 60.56
C SER J 187 19.40 16.17 61.20
N ASP J 188 20.72 15.98 61.08
CA ASP J 188 21.39 14.77 61.53
C ASP J 188 22.48 15.15 62.53
N ALA J 189 22.25 14.84 63.81
CA ALA J 189 23.08 15.36 64.89
C ALA J 189 24.54 14.98 64.72
N ASP J 190 25.43 15.93 65.06
CA ASP J 190 26.88 15.71 65.00
C ASP J 190 27.35 15.17 66.34
N ASP J 191 27.19 13.85 66.52
CA ASP J 191 27.71 13.18 67.70
C ASP J 191 29.16 12.79 67.44
N ASP J 192 29.74 12.00 68.37
CA ASP J 192 31.12 11.57 68.20
C ASP J 192 31.22 10.32 67.35
N GLY J 193 30.15 9.53 67.27
CA GLY J 193 30.17 8.26 66.60
C GLY J 193 29.83 8.36 65.12
N TYR J 194 29.46 7.21 64.56
CA TYR J 194 29.17 7.10 63.13
C TYR J 194 27.70 6.82 62.85
N GLN J 195 26.92 6.53 63.88
CA GLN J 195 25.48 6.34 63.72
C GLN J 195 24.82 7.57 63.12
N ILE J 196 23.59 7.38 62.67
CA ILE J 196 22.79 8.46 62.08
C ILE J 196 21.52 8.64 62.90
N TYR J 197 21.23 9.88 63.26
CA TYR J 197 20.00 10.27 63.93
C TYR J 197 19.33 11.37 63.14
N LYS J 198 18.03 11.53 63.36
CA LYS J 198 17.21 12.47 62.59
C LYS J 198 16.64 13.48 63.58
N GLU J 199 17.41 14.54 63.87
CA GLU J 199 16.93 15.61 64.72
C GLU J 199 16.08 16.57 63.90
N GLU J 200 14.97 17.00 64.46
CA GLU J 200 13.89 17.61 63.72
C GLU J 200 13.67 19.05 64.20
N VAL J 201 13.43 19.95 63.26
CA VAL J 201 13.30 21.37 63.52
C VAL J 201 12.02 21.88 62.88
N TRP J 202 11.28 22.71 63.62
CA TRP J 202 10.05 23.33 63.13
C TRP J 202 10.22 24.84 63.11
N ARG J 203 9.94 25.46 61.97
CA ARG J 203 10.04 26.90 61.81
C ARG J 203 8.64 27.50 61.71
N GLU J 204 8.39 28.54 62.47
CA GLU J 204 7.11 29.23 62.49
C GLU J 204 7.30 30.63 61.92
N LEU J 205 6.70 30.89 60.77
CA LEU J 205 6.76 32.20 60.14
C LEU J 205 5.44 32.93 60.40
N ARG J 206 5.53 34.12 60.99
CA ARG J 206 4.36 34.89 61.37
C ARG J 206 4.45 36.28 60.75
N LEU J 207 3.30 36.83 60.40
CA LEU J 207 3.19 38.17 59.83
C LEU J 207 2.14 38.94 60.62
N VAL J 208 2.57 39.69 61.62
CA VAL J 208 1.69 40.54 62.40
C VAL J 208 1.84 41.97 61.90
N ASP J 209 0.72 42.70 61.90
CA ASP J 209 0.58 44.12 61.58
C ASP J 209 1.59 44.59 60.53
N GLY J 210 1.68 43.84 59.43
CA GLY J 210 2.58 44.21 58.36
C GLY J 210 4.04 44.14 58.71
N THR J 211 4.42 43.15 59.52
CA THR J 211 5.81 42.99 59.95
C THR J 211 6.14 41.51 60.03
N TYR J 212 7.22 41.12 59.36
CA TYR J 212 7.66 39.74 59.36
C TYR J 212 8.28 39.35 60.70
N TRP J 213 8.05 38.10 61.10
CA TRP J 213 8.62 37.54 62.31
C TRP J 213 8.99 36.08 62.05
N GLN J 214 9.93 35.58 62.84
CA GLN J 214 10.43 34.22 62.67
C GLN J 214 10.80 33.64 64.03
N ARG J 215 10.39 32.40 64.27
CA ARG J 215 10.72 31.69 65.49
C ARG J 215 11.05 30.25 65.13
N THR J 216 11.83 29.58 65.99
CA THR J 216 12.34 28.25 65.71
C THR J 216 11.98 27.30 66.83
N TRP J 217 11.54 26.11 66.46
CA TRP J 217 11.27 25.02 67.40
C TRP J 217 12.15 23.84 66.99
N ARG J 218 12.83 23.23 67.96
CA ARG J 218 13.61 22.02 67.73
C ARG J 218 13.42 21.05 68.88
N GLU J 219 13.62 19.76 68.58
CA GLU J 219 13.58 18.72 69.59
C GLU J 219 14.87 17.90 69.51
N ASN J 220 15.39 17.52 70.68
CA ASN J 220 16.57 16.66 70.78
C ASN J 220 16.69 16.20 72.22
N ASP J 221 16.95 14.90 72.40
CA ASP J 221 17.08 14.30 73.72
C ASP J 221 15.84 14.57 74.58
N GLY J 222 14.67 14.37 73.97
CA GLY J 222 13.42 14.48 74.71
C GLY J 222 13.15 15.85 75.29
N GLN J 223 13.34 16.91 74.50
CA GLN J 223 13.10 18.27 74.98
C GLN J 223 12.71 19.12 73.79
N LEU J 224 11.55 19.78 73.87
CA LEU J 224 11.14 20.74 72.86
C LEU J 224 11.61 22.13 73.27
N TYR J 225 12.38 22.78 72.39
CA TYR J 225 12.90 24.11 72.64
C TYR J 225 12.12 25.14 71.84
N VAL J 226 12.06 26.34 72.38
CA VAL J 226 11.47 27.49 71.69
C VAL J 226 12.47 28.63 71.75
N ASP J 227 12.62 29.33 70.63
CA ASP J 227 13.54 30.45 70.54
C ASP J 227 12.77 31.75 70.58
N ASP J 228 13.50 32.85 70.75
CA ASP J 228 12.85 34.15 70.81
C ASP J 228 12.40 34.59 69.42
N TRP J 229 11.33 35.37 69.39
CA TRP J 229 10.86 35.96 68.14
C TRP J 229 11.89 36.93 67.60
N ILE J 230 12.18 36.82 66.30
CA ILE J 230 13.10 37.72 65.63
C ILE J 230 12.45 38.25 64.36
N SER J 231 12.84 39.46 63.97
CA SER J 231 12.35 40.11 62.76
C SER J 231 13.56 40.35 61.86
N PRO J 232 13.84 39.45 60.92
CA PRO J 232 14.95 39.69 59.99
C PRO J 232 14.73 40.99 59.21
N THR J 233 15.80 41.77 59.10
CA THR J 233 15.73 43.09 58.51
C THR J 233 16.57 43.14 57.24
N LYS J 234 16.15 43.99 56.31
CA LYS J 234 16.92 44.22 55.10
C LYS J 234 18.19 44.99 55.42
N ALA J 235 19.09 45.06 54.43
CA ALA J 235 20.33 45.80 54.62
C ALA J 235 20.04 47.27 54.90
N ASP J 236 19.08 47.85 54.18
CA ASP J 236 18.69 49.23 54.44
C ASP J 236 17.71 49.34 55.61
N GLY J 237 17.26 48.22 56.15
CA GLY J 237 16.39 48.24 57.32
C GLY J 237 14.92 48.01 57.00
N SER J 238 14.05 48.55 57.85
CA SER J 238 12.60 48.51 57.69
C SER J 238 12.04 47.09 57.72
N GLN J 239 12.83 46.12 58.16
CA GLN J 239 12.38 44.74 58.40
C GLN J 239 11.84 44.17 57.09
N PHE J 240 10.83 43.30 57.14
CA PHE J 240 10.21 42.75 55.93
C PHE J 240 8.71 42.92 56.03
N ASP J 241 8.07 43.07 54.86
CA ASP J 241 6.63 43.25 54.77
C ASP J 241 5.89 42.02 54.29
N GLU J 242 6.59 40.95 53.90
CA GLU J 242 5.96 39.73 53.45
C GLU J 242 6.88 38.55 53.74
N ILE J 243 6.26 37.39 53.96
CA ILE J 243 7.03 36.19 54.30
C ILE J 243 7.85 35.74 53.09
N PRO J 244 9.15 35.51 53.23
CA PRO J 244 9.94 35.01 52.09
C PRO J 244 9.72 33.52 51.86
N PHE J 245 8.52 33.19 51.35
CA PHE J 245 8.14 31.81 51.08
C PHE J 245 7.08 31.79 50.00
N VAL J 246 7.37 31.08 48.91
CA VAL J 246 6.43 30.88 47.82
C VAL J 246 6.05 29.41 47.76
N ILE J 247 4.75 29.14 47.72
CA ILE J 247 4.24 27.78 47.54
C ILE J 247 3.93 27.64 46.05
N PHE J 248 4.92 27.23 45.28
CA PHE J 248 4.75 27.05 43.84
C PHE J 248 4.11 25.69 43.58
N GLY J 249 3.08 25.69 42.74
CA GLY J 249 2.37 24.47 42.43
C GLY J 249 2.06 24.33 40.96
N SER J 250 1.08 23.48 40.63
CA SER J 250 0.68 23.31 39.24
C SER J 250 -0.08 24.52 38.73
N LYS J 251 -0.99 25.06 39.54
CA LYS J 251 -1.84 26.15 39.07
C LYS J 251 -1.21 27.51 39.33
N ASN J 252 -0.95 27.85 40.58
CA ASN J 252 -0.45 29.18 40.91
C ASN J 252 0.20 29.14 42.29
N ASN J 253 0.92 30.22 42.60
CA ASN J 253 1.66 30.34 43.86
C ASN J 253 0.74 30.82 44.98
N ASP J 254 -0.35 30.09 45.17
CA ASP J 254 -1.28 30.38 46.25
C ASP J 254 -1.19 29.31 47.32
N PRO J 255 -1.46 29.66 48.59
CA PRO J 255 -1.39 28.66 49.66
C PRO J 255 -2.34 27.49 49.46
N THR J 256 -3.47 27.69 48.78
CA THR J 256 -4.42 26.62 48.56
C THR J 256 -3.77 25.50 47.75
N ILE J 257 -4.10 24.26 48.10
CA ILE J 257 -3.48 23.11 47.45
C ILE J 257 -3.86 23.06 45.98
N ASP J 258 -2.87 22.95 45.11
CA ASP J 258 -3.09 22.74 43.69
C ASP J 258 -3.05 21.25 43.40
N MET J 259 -4.06 20.78 42.67
CA MET J 259 -4.21 19.34 42.45
C MET J 259 -2.99 18.78 41.73
N PRO J 260 -2.51 17.60 42.12
CA PRO J 260 -1.34 17.02 41.47
C PRO J 260 -1.63 16.72 40.01
N PRO J 261 -0.74 17.12 39.10
CA PRO J 261 -0.99 16.89 37.68
C PRO J 261 -0.85 15.43 37.26
N MET J 262 -0.24 14.59 38.08
CA MET J 262 0.08 13.23 37.70
C MET J 262 -0.99 12.22 38.09
N ARG J 263 -2.11 12.67 38.63
CA ARG J 263 -3.07 11.75 39.25
C ARG J 263 -3.66 10.79 38.23
N ASP J 264 -4.19 11.31 37.13
CA ASP J 264 -4.87 10.44 36.12
C ASP J 264 -3.90 9.36 35.64
N LEU J 265 -2.69 9.77 35.22
CA LEU J 265 -1.71 8.80 34.68
C LEU J 265 -1.45 7.71 35.72
N VAL J 266 -1.30 8.09 36.99
CA VAL J 266 -1.10 7.10 38.07
C VAL J 266 -2.29 6.13 38.08
N GLU J 267 -3.51 6.66 38.12
CA GLU J 267 -4.69 5.79 38.19
C GLU J 267 -4.71 4.80 37.02
N LEU J 268 -4.44 5.30 35.81
CA LEU J 268 -4.40 4.42 34.65
C LEU J 268 -3.30 3.38 34.78
N ASN J 269 -2.14 3.78 35.31
CA ASN J 269 -1.05 2.84 35.47
C ASN J 269 -1.37 1.78 36.51
N ILE J 270 -2.07 2.15 37.58
CA ILE J 270 -2.49 1.18 38.58
C ILE J 270 -3.47 0.18 37.98
N ALA J 271 -4.43 0.68 37.19
CA ALA J 271 -5.37 -0.22 36.53
C ALA J 271 -4.64 -1.17 35.59
N HIS J 272 -3.70 -0.64 34.81
CA HIS J 272 -2.90 -1.49 33.93
C HIS J 272 -2.09 -2.49 34.72
N PHE J 273 -1.61 -2.10 35.91
CA PHE J 273 -0.83 -3.00 36.75
C PHE J 273 -1.67 -4.18 37.22
N ARG J 274 -2.89 -3.91 37.69
CA ARG J 274 -3.73 -5.01 38.17
C ARG J 274 -4.19 -5.90 37.01
N ASN J 275 -4.50 -5.30 35.85
CA ASN J 275 -4.85 -6.11 34.70
C ASN J 275 -3.65 -6.93 34.22
N SER J 276 -2.45 -6.38 34.37
CA SER J 276 -1.24 -7.14 34.04
C SER J 276 -1.07 -8.32 35.00
N ALA J 277 -1.38 -8.11 36.27
CA ALA J 277 -1.36 -9.22 37.23
C ALA J 277 -2.31 -10.32 36.79
N ASP J 278 -3.54 -9.94 36.43
CA ASP J 278 -4.53 -10.89 35.96
C ASP J 278 -4.04 -11.64 34.71
N TYR J 279 -3.48 -10.89 33.75
CA TYR J 279 -2.98 -11.48 32.51
C TYR J 279 -1.84 -12.44 32.78
N GLU J 280 -0.94 -12.09 33.70
CA GLU J 280 0.21 -12.94 33.97
C GLU J 280 -0.18 -14.20 34.72
N GLU J 281 -1.16 -14.10 35.62
CA GLU J 281 -1.69 -15.31 36.24
C GLU J 281 -2.27 -16.24 35.17
N ALA J 282 -3.04 -15.66 34.23
CA ALA J 282 -3.57 -16.47 33.13
C ALA J 282 -2.47 -17.10 32.29
N CYS J 283 -1.43 -16.33 31.98
CA CYS J 283 -0.34 -16.83 31.15
C CYS J 283 0.40 -17.96 31.84
N PHE J 284 0.65 -17.83 33.15
CA PHE J 284 1.38 -18.86 33.86
C PHE J 284 0.56 -20.14 33.99
N ILE J 285 -0.73 -20.02 34.27
CA ILE J 285 -1.56 -21.20 34.49
C ILE J 285 -1.92 -21.86 33.16
N CYS J 286 -2.64 -21.14 32.30
CA CYS J 286 -3.20 -21.72 31.08
C CYS J 286 -2.46 -21.28 29.83
N GLY J 287 -1.16 -21.05 29.91
CA GLY J 287 -0.40 -20.65 28.75
C GLY J 287 0.32 -21.78 28.05
N GLN J 288 0.43 -22.92 28.74
CA GLN J 288 1.14 -24.06 28.17
C GLN J 288 0.15 -25.06 27.62
N PRO J 289 0.42 -25.65 26.45
CA PRO J 289 -0.49 -26.66 25.90
C PRO J 289 -0.56 -27.90 26.79
N THR J 290 -1.73 -28.54 26.79
CA THR J 290 -1.95 -29.78 27.51
C THR J 290 -2.61 -30.79 26.59
N LEU J 291 -2.33 -32.07 26.82
CA LEU J 291 -2.74 -33.10 25.88
C LEU J 291 -4.25 -33.36 25.97
N PHE J 292 -4.79 -33.49 27.17
CA PHE J 292 -6.22 -33.69 27.38
C PHE J 292 -6.72 -34.92 26.61
N LEU J 293 -6.17 -36.08 26.99
CA LEU J 293 -6.48 -37.33 26.31
C LEU J 293 -7.88 -37.78 26.71
N SER J 294 -8.86 -37.48 25.88
CA SER J 294 -10.22 -37.92 26.11
C SER J 294 -10.43 -39.32 25.55
N GLY J 295 -11.44 -40.00 26.08
CA GLY J 295 -11.69 -41.37 25.67
C GLY J 295 -10.60 -42.33 26.08
N LEU J 296 -10.11 -42.22 27.31
CA LEU J 296 -9.02 -43.05 27.81
C LEU J 296 -9.47 -43.77 29.07
N THR J 297 -9.09 -45.04 29.18
CA THR J 297 -9.45 -45.86 30.33
C THR J 297 -8.20 -46.18 31.15
N GLU J 298 -8.42 -46.38 32.45
CA GLU J 298 -7.31 -46.69 33.34
C GLU J 298 -6.64 -48.00 32.97
N HIS J 299 -7.38 -48.93 32.36
CA HIS J 299 -6.80 -50.16 31.84
C HIS J 299 -5.70 -49.83 30.83
N TRP J 300 -6.05 -49.04 29.81
CA TRP J 300 -5.08 -48.66 28.79
C TRP J 300 -3.92 -47.89 29.40
N VAL J 301 -4.22 -46.90 30.24
CA VAL J 301 -3.18 -46.09 30.85
C VAL J 301 -2.18 -46.99 31.57
N LYS J 302 -2.65 -47.72 32.58
CA LYS J 302 -1.77 -48.49 33.45
C LYS J 302 -1.08 -49.64 32.73
N ASN J 303 -1.63 -50.15 31.63
CA ASN J 303 -0.91 -51.23 30.95
C ASN J 303 0.08 -50.69 29.91
N VAL J 304 -0.41 -49.99 28.89
CA VAL J 304 0.45 -49.59 27.78
C VAL J 304 1.08 -48.22 28.02
N LEU J 305 0.32 -47.28 28.57
CA LEU J 305 0.90 -45.96 28.86
C LEU J 305 1.87 -46.05 30.02
N GLY J 306 1.49 -46.77 31.07
CA GLY J 306 2.36 -46.93 32.22
C GLY J 306 2.63 -45.64 32.97
N GLY J 307 1.62 -44.78 33.08
CA GLY J 307 1.76 -43.54 33.82
C GLY J 307 2.74 -42.55 33.24
N ALA J 308 3.14 -42.73 31.98
CA ALA J 308 4.08 -41.83 31.35
C ALA J 308 3.84 -41.83 29.85
N VAL J 309 4.10 -40.69 29.22
CA VAL J 309 3.88 -40.51 27.79
C VAL J 309 5.17 -39.97 27.18
N VAL J 310 5.55 -40.48 26.01
CA VAL J 310 6.65 -39.94 25.23
C VAL J 310 6.05 -39.15 24.09
N ILE J 311 6.37 -37.85 24.03
CA ILE J 311 5.68 -36.91 23.16
C ILE J 311 6.53 -36.47 21.98
N GLY J 312 7.82 -36.79 21.97
CA GLY J 312 8.69 -36.36 20.90
C GLY J 312 8.35 -37.00 19.57
N SER J 313 9.02 -36.52 18.52
CA SER J 313 8.77 -37.03 17.18
C SER J 313 9.38 -38.40 16.96
N ARG J 314 10.37 -38.79 17.75
CA ARG J 314 11.02 -40.08 17.55
C ARG J 314 10.12 -41.23 17.94
N ASP J 315 9.29 -41.05 18.98
CA ASP J 315 8.40 -42.10 19.46
C ASP J 315 6.96 -41.75 19.16
N ALA J 316 6.17 -42.78 18.86
CA ALA J 316 4.76 -42.64 18.54
C ALA J 316 3.93 -43.33 19.59
N VAL J 317 2.91 -42.66 20.10
CA VAL J 317 2.06 -43.17 21.16
C VAL J 317 0.76 -43.67 20.55
N PRO J 318 0.30 -44.88 20.88
CA PRO J 318 -1.00 -45.35 20.40
C PRO J 318 -2.11 -45.05 21.38
N LEU J 319 -3.33 -45.00 20.86
CA LEU J 319 -4.50 -44.74 21.67
C LEU J 319 -5.62 -45.71 21.32
N PRO J 320 -6.52 -45.98 22.27
CA PRO J 320 -7.63 -46.90 22.00
C PRO J 320 -8.66 -46.30 21.05
N VAL J 321 -9.76 -47.05 20.83
CA VAL J 321 -10.81 -46.56 19.96
C VAL J 321 -11.49 -45.35 20.58
N ASN J 322 -11.89 -44.40 19.74
CA ASN J 322 -12.60 -43.19 20.16
C ASN J 322 -11.79 -42.38 21.17
N ALA J 323 -10.46 -42.42 21.02
CA ALA J 323 -9.55 -41.65 21.87
C ALA J 323 -9.08 -40.45 21.07
N LYS J 324 -9.62 -39.27 21.39
CA LYS J 324 -9.31 -38.07 20.64
C LYS J 324 -8.35 -37.21 21.44
N PRO J 325 -7.10 -37.07 21.01
CA PRO J 325 -6.19 -36.11 21.66
C PRO J 325 -6.28 -34.74 21.00
N GLU J 326 -6.14 -33.70 21.81
CA GLU J 326 -6.22 -32.34 21.29
C GLU J 326 -5.53 -31.39 22.26
N LEU J 327 -4.58 -30.61 21.75
CA LEU J 327 -3.83 -29.68 22.57
C LEU J 327 -4.69 -28.45 22.89
N LEU J 328 -4.70 -28.05 24.16
CA LEU J 328 -5.47 -26.89 24.59
C LEU J 328 -4.52 -25.84 25.18
N GLN J 329 -4.71 -24.59 24.76
CA GLN J 329 -4.02 -23.46 25.32
C GLN J 329 -4.90 -22.23 25.13
N ALA J 330 -4.80 -21.29 26.05
CA ALA J 330 -5.60 -20.08 25.95
C ALA J 330 -5.18 -19.28 24.72
N GLU J 331 -6.14 -18.97 23.86
CA GLU J 331 -5.83 -18.28 22.62
C GLU J 331 -5.44 -16.83 22.91
N GLY J 332 -4.71 -16.25 21.96
CA GLY J 332 -4.25 -14.88 22.09
C GLY J 332 -5.34 -13.87 21.82
N ASN J 333 -4.97 -12.61 21.93
CA ASN J 333 -5.89 -11.48 21.72
C ASN J 333 -7.11 -11.58 22.63
N GLY J 334 -6.87 -12.02 23.87
CA GLY J 334 -7.95 -12.10 24.83
C GLY J 334 -8.41 -10.72 25.27
N MET J 335 -9.53 -10.69 25.99
CA MET J 335 -10.10 -9.42 26.39
C MET J 335 -9.27 -8.74 27.48
N VAL J 336 -8.53 -9.51 28.27
CA VAL J 336 -7.60 -8.90 29.22
C VAL J 336 -6.52 -8.14 28.48
N LYS J 337 -5.95 -8.74 27.43
CA LYS J 337 -4.91 -8.06 26.68
C LYS J 337 -5.46 -6.87 25.92
N GLU J 338 -6.69 -6.94 25.42
CA GLU J 338 -7.24 -5.78 24.76
C GLU J 338 -7.50 -4.66 25.76
N ALA J 339 -7.88 -5.00 26.99
CA ALA J 339 -7.99 -3.99 28.04
C ALA J 339 -6.64 -3.35 28.33
N MET J 340 -5.58 -4.17 28.40
CA MET J 340 -4.24 -3.62 28.64
C MET J 340 -3.81 -2.70 27.51
N ASP J 341 -4.03 -3.11 26.26
CA ASP J 341 -3.68 -2.28 25.12
C ASP J 341 -4.49 -0.99 25.12
N GLN J 342 -5.77 -1.07 25.46
CA GLN J 342 -6.60 0.12 25.53
C GLN J 342 -6.13 1.07 26.61
N LYS J 343 -5.68 0.56 27.76
CA LYS J 343 -5.17 1.45 28.80
C LYS J 343 -3.83 2.05 28.42
N GLU J 344 -2.99 1.31 27.69
CA GLU J 344 -1.79 1.92 27.12
C GLU J 344 -2.15 3.06 26.18
N ARG J 345 -3.15 2.81 25.33
CA ARG J 345 -3.59 3.85 24.35
C ARG J 345 -4.26 5.00 25.10
N GLN J 346 -5.02 4.69 26.16
CA GLN J 346 -5.70 5.74 26.96
C GLN J 346 -4.65 6.67 27.58
N MET J 347 -3.57 6.09 28.12
CA MET J 347 -2.47 6.91 28.69
C MET J 347 -1.86 7.78 27.58
N VAL J 348 -1.66 7.19 26.40
CA VAL J 348 -1.13 7.98 25.24
C VAL J 348 -2.15 9.07 24.88
N ALA J 349 -3.45 8.73 24.88
CA ALA J 349 -4.50 9.71 24.56
C ALA J 349 -4.46 10.84 25.60
N LEU J 350 -4.21 10.51 26.87
CA LEU J 350 -4.12 11.53 27.93
C LEU J 350 -2.92 12.46 27.65
N GLY J 351 -2.37 12.40 26.43
CA GLY J 351 -1.25 13.27 26.06
C GLY J 351 -0.11 13.17 27.05
N ALA J 352 0.36 11.96 27.35
CA ALA J 352 1.45 11.78 28.33
C ALA J 352 2.70 11.23 27.62
N LYS J 353 3.86 11.81 27.91
CA LYS J 353 5.13 11.36 27.26
C LYS J 353 5.72 10.19 28.07
N LEU J 354 5.01 9.05 28.11
CA LEU J 354 5.47 7.89 28.92
C LEU J 354 6.20 6.88 28.01
N ILE J 355 5.74 6.71 26.77
CA ILE J 355 6.35 5.67 25.89
C ILE J 355 6.55 6.24 24.48
N ASP J 356 7.46 5.65 23.70
CA ASP J 356 7.66 6.09 22.29
C ASP J 356 7.45 4.89 21.36
N SER J 357 6.59 5.03 20.35
CA SER J 357 6.30 3.92 19.46
C SER J 357 6.94 4.21 18.11
N ASP J 358 7.84 3.32 17.68
CA ASP J 358 8.42 3.45 16.34
C ASP J 358 7.46 2.98 15.26
N LYS J 359 6.54 2.08 15.60
CA LYS J 359 5.60 1.57 14.60
C LYS J 359 4.71 2.69 14.05
N THR J 360 4.20 3.55 14.92
CA THR J 360 3.36 4.65 14.48
C THR J 360 4.19 5.67 13.73
N GLN J 361 3.58 6.30 12.73
CA GLN J 361 4.24 7.31 11.91
C GLN J 361 3.42 8.60 11.93
N ARG J 362 4.10 9.71 11.63
CA ARG J 362 3.47 11.03 11.61
C ARG J 362 3.88 11.75 10.35
N THR J 363 2.90 12.35 9.67
CA THR J 363 3.19 13.27 8.58
C THR J 363 3.55 14.63 9.16
N PHE J 364 4.74 15.13 8.83
CA PHE J 364 5.25 16.33 9.48
C PHE J 364 4.40 17.55 9.12
N GLY J 365 4.38 18.52 10.02
CA GLY J 365 3.58 19.71 9.88
C GLY J 365 2.25 19.67 10.61
N GLU J 366 1.83 18.47 11.05
CA GLU J 366 0.57 18.35 11.77
C GLU J 366 0.74 18.65 13.26
N ALA J 367 1.74 18.05 13.90
CA ALA J 367 1.93 18.24 15.34
C ALA J 367 2.35 19.66 15.68
N SER J 368 2.75 20.46 14.70
CA SER J 368 3.10 21.85 14.97
C SER J 368 1.90 22.63 15.50
N MET J 369 0.69 22.24 15.10
CA MET J 369 -0.51 22.89 15.64
C MET J 369 -0.77 22.49 17.08
N GLU J 370 -0.68 21.21 17.39
CA GLU J 370 -1.03 20.71 18.71
C GLU J 370 0.08 20.91 19.74
N ALA J 371 1.30 21.24 19.32
CA ALA J 371 2.40 21.39 20.27
C ALA J 371 2.08 22.41 21.36
N ALA J 372 1.24 23.40 21.05
CA ALA J 372 0.84 24.37 22.06
C ALA J 372 0.05 23.70 23.19
N ALA J 373 -0.86 22.78 22.81
CA ALA J 373 -1.70 22.10 23.81
C ALA J 373 -0.94 20.92 24.41
N GLN J 374 -0.03 20.32 23.64
CA GLN J 374 0.75 19.15 24.10
C GLN J 374 1.58 19.54 25.33
N ASN J 375 2.10 20.77 25.36
CA ASN J 375 2.99 21.19 26.48
C ASN J 375 2.32 22.27 27.32
N SER J 376 1.01 22.15 27.58
CA SER J 376 0.34 23.11 28.44
C SER J 376 0.88 23.04 29.85
N VAL J 377 0.87 21.84 30.42
CA VAL J 377 1.38 21.65 31.82
C VAL J 377 2.81 22.19 31.89
N LEU J 378 3.62 21.91 30.86
CA LEU J 378 5.03 22.38 30.85
C LEU J 378 5.06 23.91 30.84
N SER J 379 4.30 24.53 29.93
CA SER J 379 4.30 26.02 29.82
C SER J 379 3.74 26.64 31.10
N ARG J 380 3.08 25.84 31.94
CA ARG J 380 2.45 26.38 33.14
C ARG J 380 3.36 26.21 34.35
N VAL J 381 3.89 25.00 34.55
CA VAL J 381 4.79 24.76 35.67
C VAL J 381 6.08 25.54 35.49
N SER J 382 6.55 25.69 34.24
CA SER J 382 7.75 26.47 34.00
C SER J 382 7.55 27.91 34.43
N LYS J 383 6.41 28.51 34.08
CA LYS J 383 6.14 29.88 34.48
C LYS J 383 6.01 29.99 36.00
N ASN J 384 5.34 29.03 36.63
CA ASN J 384 5.17 29.07 38.09
C ASN J 384 6.51 29.00 38.80
N VAL J 385 7.35 28.03 38.42
CA VAL J 385 8.65 27.89 39.06
C VAL J 385 9.52 29.11 38.77
N SER J 386 9.44 29.63 37.54
CA SER J 386 10.26 30.76 37.15
C SER J 386 9.94 32.00 37.98
N ASP J 387 8.66 32.37 38.09
CA ASP J 387 8.37 33.58 38.85
C ASP J 387 8.47 33.35 40.35
N ALA J 388 8.29 32.11 40.83
CA ALA J 388 8.56 31.83 42.23
C ALA J 388 10.05 32.05 42.55
N TYR J 389 10.94 31.54 41.69
CA TYR J 389 12.36 31.75 41.91
C TYR J 389 12.74 33.22 41.75
N THR J 390 12.10 33.92 40.83
CA THR J 390 12.34 35.35 40.69
C THR J 390 11.97 36.10 41.96
N LYS J 391 10.82 35.77 42.55
CA LYS J 391 10.42 36.40 43.80
C LYS J 391 11.40 36.07 44.92
N ALA J 392 11.85 34.82 45.01
CA ALA J 392 12.82 34.45 46.03
C ALA J 392 14.13 35.21 45.86
N LEU J 393 14.58 35.37 44.61
CA LEU J 393 15.82 36.10 44.37
C LEU J 393 15.66 37.59 44.66
N ARG J 394 14.46 38.14 44.43
CA ARG J 394 14.21 39.53 44.84
C ARG J 394 14.27 39.67 46.35
N TRP J 395 13.74 38.68 47.08
CA TRP J 395 13.87 38.69 48.54
C TRP J 395 15.33 38.64 48.96
N ALA J 396 16.13 37.79 48.32
CA ALA J 396 17.56 37.75 48.64
C ALA J 396 18.23 39.08 48.35
N ALA J 397 17.88 39.70 47.22
CA ALA J 397 18.44 41.01 46.89
C ALA J 397 18.09 42.04 47.95
N MET J 398 16.83 42.05 48.41
CA MET J 398 16.47 42.99 49.48
C MET J 398 17.20 42.65 50.78
N PHE J 399 17.55 41.38 50.99
CA PHE J 399 18.45 41.06 52.10
C PHE J 399 19.79 41.76 51.93
N LEU J 400 20.35 41.75 50.73
CA LEU J 400 21.63 42.38 50.47
C LEU J 400 21.52 43.76 49.82
N GLY J 401 20.31 44.27 49.61
CA GLY J 401 20.18 45.58 48.98
C GLY J 401 20.75 45.64 47.58
N LEU J 402 20.80 44.51 46.88
CA LEU J 402 21.36 44.45 45.54
C LEU J 402 20.32 44.96 44.53
N ASP J 403 20.58 44.74 43.25
CA ASP J 403 19.63 45.12 42.23
C ASP J 403 18.33 44.33 42.41
N GLU J 404 17.20 45.04 42.36
CA GLU J 404 15.91 44.41 42.56
C GLU J 404 15.20 44.04 41.28
N LYS J 405 15.62 44.58 40.14
CA LYS J 405 14.99 44.28 38.85
C LYS J 405 15.72 43.14 38.15
N ILE J 406 15.79 42.00 38.83
CA ILE J 406 16.39 40.79 38.29
C ILE J 406 15.29 39.75 38.11
N GLU J 407 15.55 38.79 37.22
CA GLU J 407 14.58 37.75 36.92
C GLU J 407 15.29 36.41 36.78
N TYR J 408 14.50 35.35 36.70
CA TYR J 408 15.01 34.00 36.47
C TYR J 408 13.97 33.26 35.63
N GLU J 409 14.35 32.87 34.42
CA GLU J 409 13.43 32.25 33.47
C GLU J 409 13.93 30.86 33.10
N LEU J 410 13.01 29.91 33.04
CA LEU J 410 13.31 28.56 32.58
C LEU J 410 13.18 28.49 31.07
N ASN J 411 13.49 27.32 30.51
CA ASN J 411 13.37 27.13 29.06
C ASN J 411 11.91 27.08 28.67
N SER J 412 11.43 28.13 28.01
CA SER J 412 10.05 28.21 27.55
C SER J 412 9.84 27.61 26.18
N ASP J 413 10.90 27.17 25.50
CA ASP J 413 10.81 26.60 24.16
C ASP J 413 11.12 25.11 24.27
N PHE J 414 10.07 24.29 24.30
CA PHE J 414 10.23 22.85 24.43
C PHE J 414 10.46 22.21 23.06
N ASP J 415 10.61 20.88 23.05
CA ASP J 415 10.90 20.13 21.83
C ASP J 415 12.15 20.66 21.15
N ILE J 416 13.21 20.85 21.94
CA ILE J 416 14.44 21.43 21.46
C ILE J 416 15.12 20.48 20.47
N ASN J 417 15.86 21.06 19.52
CA ASN J 417 16.60 20.29 18.53
C ASN J 417 17.72 21.14 17.99
N LYS J 418 18.66 20.49 17.30
CA LYS J 418 19.80 21.20 16.73
C LYS J 418 19.33 22.18 15.66
N MET J 419 20.11 23.25 15.49
CA MET J 419 19.77 24.27 14.51
C MET J 419 20.26 23.86 13.12
N SER J 420 19.37 23.96 12.14
CA SER J 420 19.73 23.64 10.77
C SER J 420 20.60 24.74 10.18
N PRO J 421 21.30 24.44 9.08
CA PRO J 421 22.09 25.50 8.42
C PRO J 421 21.26 26.71 8.03
N GLU J 422 20.03 26.51 7.58
CA GLU J 422 19.15 27.64 7.31
C GLU J 422 18.84 28.40 8.58
N GLU J 423 18.58 27.68 9.68
CA GLU J 423 18.31 28.34 10.95
C GLU J 423 19.50 29.20 11.39
N LEU J 424 20.70 28.62 11.36
CA LEU J 424 21.88 29.36 11.78
C LEU J 424 22.13 30.57 10.88
N ALA J 425 22.02 30.39 9.57
CA ALA J 425 22.24 31.51 8.65
C ALA J 425 21.21 32.61 8.88
N ALA J 426 19.96 32.24 9.11
CA ALA J 426 18.93 33.24 9.36
C ALA J 426 19.18 33.99 10.66
N VAL J 427 19.66 33.28 11.69
CA VAL J 427 20.00 33.97 12.94
C VAL J 427 21.15 34.94 12.70
N ILE J 428 22.16 34.53 11.94
CA ILE J 428 23.29 35.42 11.67
C ILE J 428 22.81 36.67 10.93
N SER J 429 21.95 36.49 9.91
CA SER J 429 21.44 37.63 9.18
C SER J 429 20.55 38.51 10.04
N ALA J 430 19.80 37.91 10.97
CA ALA J 430 18.97 38.68 11.88
C ALA J 430 19.81 39.46 12.88
N TRP J 431 21.03 39.02 13.14
CA TRP J 431 21.93 39.81 13.98
C TRP J 431 22.64 40.89 13.17
N GLN J 432 23.02 40.58 11.93
CA GLN J 432 23.63 41.59 11.07
C GLN J 432 22.70 42.76 10.85
N SER J 433 21.40 42.50 10.82
CA SER J 433 20.39 43.55 10.94
C SER J 433 20.12 43.81 12.42
N ASN J 434 19.70 45.04 12.71
CA ASN J 434 19.47 45.43 14.11
C ASN J 434 18.10 44.94 14.58
N ALA J 435 17.95 43.63 14.61
CA ALA J 435 16.70 42.98 14.96
C ALA J 435 16.79 42.05 16.15
N ILE J 436 17.93 41.40 16.36
CA ILE J 436 18.16 40.52 17.50
C ILE J 436 19.46 40.93 18.17
N SER J 437 19.47 40.90 19.50
CA SER J 437 20.65 41.27 20.25
C SER J 437 21.76 40.21 20.08
N PHE J 438 23.00 40.66 20.22
CA PHE J 438 24.13 39.74 20.09
C PHE J 438 24.07 38.65 21.15
N THR J 439 23.79 39.03 22.39
CA THR J 439 23.63 38.03 23.45
C THR J 439 22.47 37.09 23.14
N GLU J 440 21.40 37.63 22.55
CA GLU J 440 20.28 36.78 22.13
C GLU J 440 20.71 35.82 21.04
N MET J 441 21.52 36.29 20.08
CA MET J 441 22.07 35.40 19.07
C MET J 441 22.89 34.27 19.69
N ARG J 442 23.74 34.61 20.66
CA ARG J 442 24.58 33.59 21.29
C ARG J 442 23.73 32.60 22.07
N TRP J 443 22.68 33.09 22.72
CA TRP J 443 21.76 32.19 23.41
C TRP J 443 21.04 31.27 22.43
N GLN J 444 20.70 31.79 21.24
CA GLN J 444 20.17 30.95 20.17
C GLN J 444 21.15 29.84 19.81
N ILE J 445 22.39 30.22 19.54
CA ILE J 445 23.37 29.26 19.04
C ILE J 445 23.69 28.22 20.10
N LYS J 446 23.79 28.63 21.37
CA LYS J 446 24.00 27.69 22.46
C LYS J 446 22.80 26.76 22.63
N LYS J 447 21.59 27.31 22.54
CA LYS J 447 20.40 26.48 22.69
C LYS J 447 20.32 25.43 21.59
N GLY J 448 20.65 25.81 20.36
CA GLY J 448 20.70 24.86 19.27
C GLY J 448 21.92 23.97 19.24
N GLY J 449 22.80 24.10 20.22
CA GLY J 449 24.00 23.27 20.31
C GLY J 449 25.01 23.49 19.21
N ARG J 450 25.29 24.75 18.88
CA ARG J 450 26.30 25.07 17.88
C ARG J 450 27.47 25.87 18.44
N ALA J 451 27.40 26.33 19.68
CA ALA J 451 28.52 26.97 20.35
C ALA J 451 28.43 26.69 21.84
N TYR J 452 29.57 26.76 22.52
CA TYR J 452 29.63 26.36 23.92
C TYR J 452 30.32 27.38 24.84
N LEU J 453 31.27 28.15 24.31
CA LEU J 453 31.94 29.13 25.16
C LEU J 453 31.02 30.30 25.49
N GLU J 454 31.36 31.01 26.57
CA GLU J 454 30.61 32.18 26.99
C GLU J 454 30.78 33.31 25.98
N ASP J 455 29.84 34.26 26.02
CA ASP J 455 29.85 35.36 25.06
C ASP J 455 31.10 36.23 25.23
N GLU J 456 31.45 36.56 26.48
CA GLU J 456 32.58 37.46 26.70
C GLU J 456 33.90 36.82 26.33
N ASP J 457 34.05 35.52 26.60
CA ASP J 457 35.26 34.81 26.17
C ASP J 457 35.38 34.82 24.65
N MET J 458 34.26 34.62 23.95
CA MET J 458 34.28 34.74 22.50
C MET J 458 34.67 36.14 22.05
N ARG J 459 34.13 37.17 22.70
CA ARG J 459 34.49 38.53 22.33
C ARG J 459 35.98 38.78 22.52
N ASN J 460 36.54 38.28 23.63
CA ASN J 460 37.96 38.43 23.87
C ASN J 460 38.78 37.68 22.81
N GLU J 461 38.32 36.52 22.39
CA GLU J 461 39.06 35.76 21.38
C GLU J 461 38.94 36.40 20.01
N SER J 462 37.84 37.09 19.74
CA SER J 462 37.62 37.74 18.46
C SER J 462 38.13 39.19 18.42
N GLU J 463 38.59 39.72 19.56
CA GLU J 463 39.19 41.05 19.54
C GLU J 463 40.47 41.08 18.73
N GLN J 464 41.26 40.01 18.76
CA GLN J 464 42.53 39.99 18.06
C GLN J 464 42.32 39.98 16.55
N ASP J 465 43.36 40.38 15.82
CA ASP J 465 43.30 40.42 14.37
C ASP J 465 43.15 39.02 13.79
N ASP J 466 42.50 38.93 12.63
CA ASP J 466 42.25 37.64 12.02
C ASP J 466 43.57 37.01 11.54
N PRO J 467 43.65 35.69 11.56
CA PRO J 467 44.89 35.02 11.15
C PRO J 467 45.25 35.27 9.69
N LEU J 468 44.32 34.94 8.79
CA LEU J 468 44.53 35.10 7.35
C LEU J 468 45.82 34.45 6.87
N ASP K 3 -36.04 31.97 50.34
CA ASP K 3 -36.33 33.17 49.57
C ASP K 3 -36.81 34.30 50.46
N SER K 4 -35.86 34.92 51.17
CA SER K 4 -36.17 35.99 52.09
C SER K 4 -35.32 37.20 51.73
N ASN K 5 -35.77 38.38 52.16
CA ASN K 5 -35.06 39.64 51.89
C ASN K 5 -33.83 39.69 52.80
N ASN K 6 -32.90 38.78 52.54
CA ASN K 6 -31.71 38.61 53.35
C ASN K 6 -30.46 38.80 52.50
N ILE K 7 -29.36 39.16 53.16
CA ILE K 7 -28.11 39.40 52.45
C ILE K 7 -27.64 38.15 51.73
N LYS K 8 -28.03 36.98 52.21
CA LYS K 8 -27.59 35.72 51.60
C LYS K 8 -28.56 35.21 50.55
N TYR K 9 -29.51 36.02 50.09
CA TYR K 9 -30.40 35.61 49.02
C TYR K 9 -29.60 35.28 47.77
N VAL K 10 -29.81 34.08 47.23
CA VAL K 10 -29.13 33.62 46.04
C VAL K 10 -30.13 33.57 44.89
N ARG K 11 -29.72 34.08 43.74
CA ARG K 11 -30.57 34.05 42.56
C ARG K 11 -30.99 32.62 42.23
N GLU K 12 -32.26 32.44 41.90
CA GLU K 12 -32.76 31.11 41.56
C GLU K 12 -32.02 30.52 40.38
N ASP K 13 -31.59 31.36 39.43
CA ASP K 13 -30.89 30.87 38.25
C ASP K 13 -29.52 30.32 38.61
N ALA K 14 -28.78 31.06 39.45
CA ALA K 14 -27.43 30.63 39.85
C ALA K 14 -27.51 29.30 40.62
N LYS K 15 -28.55 29.14 41.44
CA LYS K 15 -28.72 27.89 42.23
C LYS K 15 -28.82 26.70 41.27
N LYS K 16 -29.65 26.82 40.23
CA LYS K 16 -29.80 25.73 39.24
C LYS K 16 -28.44 25.48 38.58
N MET K 17 -27.70 26.55 38.28
CA MET K 17 -26.39 26.41 37.58
C MET K 17 -25.38 25.73 38.50
N HIS K 18 -25.54 25.85 39.81
CA HIS K 18 -24.60 25.22 40.78
C HIS K 18 -24.47 23.73 40.45
N LYS K 19 -25.56 23.10 40.04
CA LYS K 19 -25.54 21.65 39.67
C LYS K 19 -24.45 21.42 38.61
N LEU K 20 -24.62 21.98 37.41
CA LEU K 20 -23.63 21.83 36.36
C LEU K 20 -22.26 22.28 36.86
N TRP K 21 -22.21 23.34 37.66
CA TRP K 21 -20.93 23.78 38.20
C TRP K 21 -20.28 22.68 39.04
N ALA K 22 -21.09 22.02 39.87
CA ALA K 22 -20.58 20.96 40.73
C ALA K 22 -20.08 19.77 39.92
N HIS K 23 -20.85 19.35 38.91
CA HIS K 23 -20.35 18.26 38.07
C HIS K 23 -19.06 18.64 37.35
N ILE K 24 -18.96 19.87 36.85
CA ILE K 24 -17.75 20.27 36.14
C ILE K 24 -16.55 20.24 37.07
N ARG K 25 -16.73 20.78 38.28
CA ARG K 25 -15.62 20.77 39.28
C ARG K 25 -15.30 19.33 39.68
N MET K 26 -16.33 18.51 39.89
CA MET K 26 -16.12 17.10 40.32
C MET K 26 -15.30 16.37 39.26
N ALA K 27 -15.65 16.55 37.98
CA ALA K 27 -14.94 15.85 36.88
C ALA K 27 -13.51 16.39 36.76
N MET K 28 -13.35 17.72 36.77
CA MET K 28 -12.03 18.31 36.58
C MET K 28 -11.05 17.86 37.65
N GLU K 29 -11.48 17.78 38.92
CA GLU K 29 -10.51 17.55 39.99
C GLU K 29 -9.97 16.12 39.97
N GLY K 30 -10.73 15.17 39.44
CA GLY K 30 -10.15 13.87 39.14
C GLY K 30 -11.05 12.72 39.51
N SER K 31 -10.44 11.54 39.54
CA SER K 31 -11.17 10.28 39.63
C SER K 31 -11.69 10.02 41.03
N ARG K 32 -10.94 10.44 42.05
CA ARG K 32 -11.26 10.07 43.42
C ARG K 32 -12.63 10.62 43.85
N ALA K 33 -12.93 11.87 43.47
CA ALA K 33 -14.22 12.44 43.83
C ALA K 33 -15.35 11.80 43.04
N ILE K 34 -15.05 11.38 41.80
CA ILE K 34 -16.04 10.67 41.01
C ILE K 34 -16.36 9.33 41.66
N LYS K 35 -15.35 8.67 42.22
CA LYS K 35 -15.60 7.41 42.93
C LYS K 35 -16.18 7.66 44.32
N ASP K 36 -16.18 8.93 44.74
CA ASP K 36 -16.82 9.27 46.04
C ASP K 36 -18.30 9.59 45.77
N ASN K 37 -18.60 10.09 44.56
CA ASN K 37 -20.01 10.37 44.17
C ASN K 37 -20.51 9.24 43.27
N ALA K 38 -19.93 8.05 43.41
CA ALA K 38 -20.33 6.90 42.56
C ALA K 38 -21.86 6.82 42.45
N LYS K 39 -22.57 6.82 43.59
CA LYS K 39 -24.02 6.67 43.56
C LYS K 39 -24.66 7.66 42.61
N GLU K 40 -24.06 8.85 42.47
CA GLU K 40 -24.61 9.86 41.58
C GLU K 40 -24.35 9.51 40.13
N PHE K 41 -23.09 9.21 39.80
CA PHE K 41 -22.69 9.09 38.40
C PHE K 41 -23.02 7.72 37.83
N VAL K 42 -22.75 6.67 38.58
CA VAL K 42 -22.99 5.29 38.14
C VAL K 42 -24.19 4.76 38.91
N PRO K 43 -25.36 4.63 38.30
CA PRO K 43 -26.49 4.01 38.99
C PRO K 43 -26.20 2.56 39.31
N HIS K 44 -26.68 2.12 40.47
CA HIS K 44 -26.50 0.73 40.87
C HIS K 44 -27.24 -0.17 39.89
N PRO K 45 -26.60 -1.24 39.38
CA PRO K 45 -27.31 -2.12 38.43
C PRO K 45 -28.60 -2.70 38.97
N ASP K 46 -28.68 -2.99 40.27
CA ASP K 46 -29.90 -3.48 40.89
C ASP K 46 -30.10 -2.75 42.21
N ASN K 47 -31.13 -1.91 42.29
CA ASN K 47 -31.39 -1.16 43.52
C ASN K 47 -31.91 -2.07 44.62
N THR K 48 -32.65 -3.13 44.25
CA THR K 48 -33.04 -4.14 45.23
C THR K 48 -31.83 -4.68 45.98
N LYS K 49 -30.75 -4.95 45.25
CA LYS K 49 -29.50 -5.30 45.90
C LYS K 49 -28.88 -4.10 46.60
N ALA K 50 -29.09 -2.89 46.08
CA ALA K 50 -28.49 -1.70 46.68
C ALA K 50 -28.99 -1.50 48.11
N THR K 51 -30.22 -1.93 48.39
CA THR K 51 -30.68 -1.92 49.78
C THR K 51 -29.89 -2.90 50.64
N THR K 52 -29.58 -4.06 50.09
CA THR K 52 -28.96 -5.21 50.75
C THR K 52 -27.49 -4.94 51.05
N PRO K 53 -26.97 -5.45 52.18
CA PRO K 53 -25.55 -5.19 52.51
C PRO K 53 -24.55 -5.77 51.52
N GLU K 54 -24.63 -7.05 51.18
CA GLU K 54 -23.71 -7.55 50.16
C GLU K 54 -23.96 -6.86 48.83
N GLY K 55 -25.13 -6.28 48.63
CA GLY K 55 -25.35 -5.44 47.47
C GLY K 55 -24.43 -4.23 47.45
N VAL K 56 -24.33 -3.52 48.58
CA VAL K 56 -23.45 -2.35 48.60
C VAL K 56 -21.98 -2.79 48.59
N ALA K 57 -21.66 -3.94 49.17
CA ALA K 57 -20.30 -4.45 49.06
C ALA K 57 -19.92 -4.73 47.61
N ARG K 58 -20.81 -5.39 46.87
CA ARG K 58 -20.56 -5.66 45.46
C ARG K 58 -20.53 -4.37 44.65
N TYR K 59 -21.32 -3.36 45.08
CA TYR K 59 -21.26 -2.06 44.42
C TYR K 59 -19.90 -1.40 44.61
N LYS K 60 -19.34 -1.49 45.82
CA LYS K 60 -18.03 -0.92 46.06
C LYS K 60 -16.96 -1.65 45.25
N ALA K 61 -17.06 -2.98 45.18
CA ALA K 61 -16.14 -3.74 44.34
C ALA K 61 -16.31 -3.37 42.86
N TYR K 62 -17.53 -3.05 42.45
CA TYR K 62 -17.81 -2.64 41.08
C TYR K 62 -17.17 -1.29 40.77
N ILE K 63 -17.33 -0.33 41.68
CA ILE K 63 -16.81 1.01 41.44
C ILE K 63 -15.28 1.04 41.52
N GLU K 64 -14.70 0.29 42.46
CA GLU K 64 -13.25 0.34 42.65
C GLU K 64 -12.53 -0.17 41.41
N ARG K 65 -13.01 -1.26 40.82
CA ARG K 65 -12.38 -1.81 39.62
C ARG K 65 -12.45 -0.85 38.44
N ALA K 66 -13.35 0.14 38.49
CA ALA K 66 -13.57 1.03 37.35
C ALA K 66 -12.36 1.93 37.12
N VAL K 67 -12.37 2.58 35.97
CA VAL K 67 -11.34 3.54 35.58
C VAL K 67 -12.02 4.81 35.10
N TRP K 68 -11.61 5.95 35.69
CA TRP K 68 -12.20 7.27 35.30
C TRP K 68 -11.34 7.90 34.20
N TYR K 69 -11.93 8.16 33.03
CA TYR K 69 -11.16 8.72 31.88
C TYR K 69 -10.64 10.11 32.25
N GLY K 70 -11.51 10.97 32.79
CA GLY K 70 -11.10 12.32 33.21
C GLY K 70 -10.48 13.14 32.09
N ALA K 71 -11.05 13.07 30.88
CA ALA K 71 -10.56 13.89 29.76
C ALA K 71 -10.89 15.37 30.03
N SER K 72 -11.92 15.63 30.84
CA SER K 72 -12.34 17.00 31.10
C SER K 72 -11.17 17.85 31.59
N ALA K 73 -10.44 17.34 32.59
CA ALA K 73 -9.31 18.10 33.15
C ALA K 73 -8.29 18.39 32.05
N ASN K 74 -7.86 17.35 31.33
CA ASN K 74 -6.84 17.52 30.25
C ASN K 74 -7.36 18.54 29.23
N THR K 75 -8.62 18.39 28.81
CA THR K 75 -9.23 19.35 27.85
C THR K 75 -9.03 20.77 28.38
N VAL K 76 -9.45 21.04 29.61
CA VAL K 76 -9.35 22.39 30.17
C VAL K 76 -7.89 22.83 30.20
N ASP K 77 -7.00 21.94 30.64
CA ASP K 77 -5.59 22.31 30.74
C ASP K 77 -4.99 22.59 29.36
N GLY K 78 -5.31 21.76 28.36
CA GLY K 78 -4.82 22.01 27.02
C GLY K 78 -5.39 23.28 26.42
N MET K 79 -6.67 23.56 26.70
CA MET K 79 -7.29 24.79 26.22
C MET K 79 -6.60 26.00 26.81
N LEU K 80 -6.29 25.95 28.10
CA LEU K 80 -5.53 27.02 28.74
C LEU K 80 -4.16 27.17 28.09
N GLY K 81 -3.47 26.05 27.88
CA GLY K 81 -2.14 26.12 27.28
C GLY K 81 -2.15 26.69 25.88
N GLN K 82 -3.22 26.42 25.12
CA GLN K 82 -3.38 27.06 23.82
C GLN K 82 -3.61 28.56 23.98
N ILE K 83 -4.50 28.94 24.90
CA ILE K 83 -4.77 30.37 25.09
C ILE K 83 -3.55 31.07 25.69
N PHE K 84 -2.99 30.49 26.75
CA PHE K 84 -1.90 31.15 27.49
C PHE K 84 -0.56 30.63 26.97
N ALA K 85 -0.09 31.22 25.88
CA ALA K 85 1.28 31.07 25.42
C ALA K 85 1.96 32.43 25.48
N ARG K 86 3.19 32.46 25.99
CA ARG K 86 3.88 33.70 26.33
C ARG K 86 3.02 34.45 27.34
N ASP K 87 2.88 35.78 27.24
CA ASP K 87 2.14 36.54 28.22
C ASP K 87 1.22 37.53 27.52
N PRO K 88 0.12 37.91 28.17
CA PRO K 88 -0.71 39.00 27.62
C PRO K 88 0.10 40.29 27.51
N VAL K 89 -0.19 41.06 26.47
CA VAL K 89 0.57 42.28 26.22
C VAL K 89 -0.11 43.45 26.92
N PHE K 90 0.67 44.17 27.73
CA PHE K 90 0.18 45.35 28.43
C PHE K 90 0.65 46.59 27.69
N THR K 91 -0.30 47.43 27.29
CA THR K 91 -0.01 48.64 26.53
C THR K 91 -0.27 49.86 27.41
N GLY K 92 0.73 50.75 27.47
CA GLY K 92 0.63 51.93 28.30
C GLY K 92 1.87 52.12 29.15
N PRO K 93 1.74 52.86 30.25
CA PRO K 93 2.89 53.09 31.13
C PRO K 93 3.15 51.86 32.00
N GLU K 94 4.25 51.17 31.72
CA GLU K 94 4.63 49.97 32.45
C GLU K 94 5.17 50.27 33.85
N ASP K 95 5.90 51.37 34.03
CA ASP K 95 6.45 51.68 35.34
C ASP K 95 5.37 52.18 36.29
N LYS K 96 4.40 52.93 35.77
CA LYS K 96 3.34 53.49 36.60
C LYS K 96 2.22 52.51 36.88
N PHE K 97 2.28 51.31 36.30
CA PHE K 97 1.33 50.25 36.60
C PHE K 97 2.04 48.99 37.09
N ASP K 98 3.28 49.13 37.57
CA ASP K 98 4.07 47.98 37.99
C ASP K 98 3.56 47.43 39.32
N MET K 99 3.04 48.29 40.19
CA MET K 99 2.46 47.82 41.45
C MET K 99 1.20 47.00 41.22
N LEU K 100 0.63 47.04 40.02
CA LEU K 100 -0.48 46.17 39.68
C LEU K 100 -0.04 44.94 38.87
N ILE K 101 1.06 45.06 38.12
CA ILE K 101 1.59 43.91 37.40
C ILE K 101 2.20 42.90 38.36
N ASN K 102 2.95 43.39 39.35
CA ASN K 102 3.65 42.48 40.26
C ASN K 102 2.66 41.76 41.18
N ASP K 103 1.74 42.50 41.78
CA ASP K 103 0.70 41.89 42.62
C ASP K 103 -0.62 42.59 42.38
N VAL K 104 -1.69 41.80 42.24
CA VAL K 104 -3.01 42.37 42.01
C VAL K 104 -3.80 42.43 43.31
N ASP K 105 -3.47 41.59 44.29
CA ASP K 105 -4.14 41.58 45.57
C ASP K 105 -3.17 41.43 46.74
N GLY K 106 -1.91 41.81 46.55
CA GLY K 106 -0.92 41.74 47.60
C GLY K 106 -0.58 40.34 48.07
N SER K 107 -0.54 39.37 47.15
CA SER K 107 -0.18 38.01 47.48
C SER K 107 0.93 37.47 46.58
N GLY K 108 1.68 38.36 45.92
CA GLY K 108 2.73 37.95 45.02
C GLY K 108 2.25 37.46 43.67
N LEU K 109 1.00 37.04 43.53
CA LEU K 109 0.48 36.59 42.25
C LEU K 109 0.44 37.76 41.27
N SER K 110 1.21 37.65 40.18
CA SER K 110 1.19 38.68 39.16
C SER K 110 -0.17 38.68 38.45
N ILE K 111 -0.38 39.71 37.63
CA ILE K 111 -1.62 39.82 36.87
C ILE K 111 -1.76 38.64 35.92
N HIS K 112 -0.63 38.07 35.47
CA HIS K 112 -0.69 36.97 34.51
C HIS K 112 -1.27 35.70 35.13
N GLN K 113 -0.89 35.39 36.37
CA GLN K 113 -1.43 34.20 37.02
C GLN K 113 -2.93 34.35 37.29
N GLN K 114 -3.36 35.54 37.73
CA GLN K 114 -4.78 35.76 37.94
C GLN K 114 -5.54 35.70 36.62
N ALA K 115 -4.93 36.19 35.55
CA ALA K 115 -5.55 36.07 34.23
C ALA K 115 -5.69 34.61 33.82
N ARG K 116 -4.67 33.80 34.11
CA ARG K 116 -4.76 32.37 33.82
C ARG K 116 -5.87 31.72 34.61
N ASP K 117 -6.02 32.08 35.88
CA ASP K 117 -7.10 31.53 36.70
C ASP K 117 -8.47 31.95 36.18
N SER K 118 -8.60 33.22 35.77
CA SER K 118 -9.86 33.68 35.19
C SER K 118 -10.17 32.95 33.90
N ALA K 119 -9.15 32.72 33.07
CA ALA K 119 -9.36 31.96 31.84
C ALA K 119 -9.80 30.53 32.14
N GLU K 120 -9.23 29.92 33.18
CA GLU K 120 -9.72 28.62 33.62
C GLU K 120 -11.19 28.68 34.02
N ASP K 121 -11.57 29.69 34.78
CA ASP K 121 -12.95 29.79 35.23
C ASP K 121 -13.89 30.00 34.06
N ALA K 122 -13.44 30.70 33.02
CA ALA K 122 -14.27 30.89 31.83
C ALA K 122 -14.34 29.63 30.97
N LEU K 123 -13.24 28.91 30.82
CA LEU K 123 -13.24 27.70 29.98
C LEU K 123 -14.04 26.58 30.63
N SER K 124 -13.79 26.33 31.92
CA SER K 124 -14.39 25.17 32.59
C SER K 124 -15.89 25.33 32.72
N LEU K 125 -16.36 26.48 33.18
CA LEU K 125 -17.78 26.65 33.46
C LEU K 125 -18.34 28.01 33.04
N GLY K 126 -17.56 28.87 32.41
CA GLY K 126 -18.08 30.08 31.80
C GLY K 126 -18.70 31.10 32.74
N ARG K 127 -18.04 31.40 33.85
CA ARG K 127 -18.47 32.49 34.71
C ARG K 127 -17.30 32.91 35.59
N GLY K 128 -17.40 34.13 36.11
CA GLY K 128 -16.34 34.65 36.95
C GLY K 128 -16.66 36.05 37.41
N GLY K 129 -15.62 36.83 37.66
CA GLY K 129 -15.82 38.21 38.06
C GLY K 129 -14.55 38.90 38.54
N LEU K 130 -14.38 40.16 38.14
CA LEU K 130 -13.26 40.98 38.56
C LEU K 130 -13.79 42.15 39.38
N PHE K 131 -13.27 42.31 40.60
CA PHE K 131 -13.69 43.38 41.49
C PHE K 131 -12.51 44.28 41.80
N VAL K 132 -12.72 45.58 41.74
CA VAL K 132 -11.69 46.58 42.00
C VAL K 132 -12.10 47.39 43.23
N ASP K 133 -11.25 47.39 44.25
CA ASP K 133 -11.51 48.14 45.47
C ASP K 133 -10.25 48.84 45.92
N TYR K 134 -10.42 49.86 46.76
CA TYR K 134 -9.34 50.71 47.22
C TYR K 134 -9.11 50.46 48.70
N SER K 135 -7.86 50.23 49.08
CA SER K 135 -7.51 49.72 50.40
C SER K 135 -7.97 50.65 51.53
N ALA K 152 -1.52 53.10 50.34
CA ALA K 152 -2.84 52.79 49.79
C ALA K 152 -2.71 52.51 48.30
N ARG K 153 -3.40 51.47 47.84
CA ARG K 153 -3.36 51.07 46.43
C ARG K 153 -4.62 50.30 46.12
N PRO K 154 -5.03 50.25 44.85
CA PRO K 154 -6.20 49.44 44.49
C PRO K 154 -5.84 47.97 44.35
N TYR K 155 -6.81 47.12 44.68
CA TYR K 155 -6.67 45.68 44.55
C TYR K 155 -7.70 45.18 43.56
N ILE K 156 -7.28 44.30 42.65
CA ILE K 156 -8.16 43.72 41.66
C ILE K 156 -8.44 42.28 42.11
N LYS K 157 -9.60 42.08 42.74
CA LYS K 157 -9.95 40.78 43.27
C LYS K 157 -10.29 39.81 42.13
N PHE K 158 -10.62 38.58 42.52
CA PHE K 158 -11.15 37.58 41.60
C PHE K 158 -12.19 36.78 42.35
N ILE K 159 -13.44 36.87 41.90
CA ILE K 159 -14.56 36.26 42.58
C ILE K 159 -15.01 35.04 41.78
N ALA K 160 -14.97 33.88 42.40
CA ALA K 160 -15.35 32.65 41.71
C ALA K 160 -16.84 32.68 41.39
N ALA K 161 -17.23 31.87 40.40
CA ALA K 161 -18.58 31.92 39.85
C ALA K 161 -19.63 31.67 40.92
N GLU K 162 -19.43 30.66 41.76
CA GLU K 162 -20.42 30.32 42.76
C GLU K 162 -20.57 31.42 43.81
N ASP K 163 -19.56 32.29 43.94
CA ASP K 163 -19.60 33.32 44.97
C ASP K 163 -20.53 34.47 44.56
N ILE K 164 -20.52 34.86 43.28
CA ILE K 164 -21.46 35.86 42.81
C ILE K 164 -22.86 35.28 42.93
N LEU K 165 -23.67 35.85 43.83
CA LEU K 165 -24.93 35.25 44.21
C LEU K 165 -26.15 36.15 44.05
N ASN K 166 -25.98 37.42 43.69
CA ASN K 166 -27.14 38.27 43.45
C ASN K 166 -26.72 39.45 42.58
N TRP K 167 -27.63 39.92 41.74
CA TRP K 167 -27.39 41.08 40.89
C TRP K 167 -28.72 41.55 40.33
N ARG K 168 -28.71 42.72 39.72
CA ARG K 168 -29.91 43.32 39.15
C ARG K 168 -29.55 44.11 37.91
N GLU K 169 -30.56 44.35 37.07
CA GLU K 169 -30.42 45.19 35.88
C GLU K 169 -31.69 46.01 35.76
N ARG K 170 -31.57 47.32 35.93
CA ARG K 170 -32.67 48.25 35.79
C ARG K 170 -32.39 49.21 34.65
N TRP K 171 -33.39 49.44 33.80
CA TRP K 171 -33.24 50.39 32.71
C TRP K 171 -33.40 51.81 33.24
N VAL K 172 -32.30 52.56 33.27
CA VAL K 172 -32.29 53.92 33.77
C VAL K 172 -31.91 54.84 32.62
N ASN K 173 -32.84 55.73 32.26
CA ASN K 173 -32.65 56.66 31.15
C ASN K 173 -32.23 55.94 29.87
N GLY K 174 -32.88 54.81 29.61
CA GLY K 174 -32.59 54.02 28.43
C GLY K 174 -31.21 53.39 28.43
N ALA K 175 -30.72 52.97 29.59
CA ALA K 175 -29.43 52.31 29.69
C ALA K 175 -29.52 51.16 30.69
N LYS K 176 -28.77 50.09 30.40
CA LYS K 176 -28.70 48.95 31.31
C LYS K 176 -27.69 49.25 32.40
N ARG K 177 -28.18 49.51 33.62
CA ARG K 177 -27.34 49.80 34.76
C ARG K 177 -27.49 48.69 35.80
N THR K 178 -26.38 48.10 36.21
CA THR K 178 -26.38 47.04 37.21
C THR K 178 -26.51 47.69 38.58
N THR K 179 -27.74 47.77 39.09
CA THR K 179 -27.98 48.52 40.32
C THR K 179 -27.50 47.77 41.56
N LEU K 180 -27.44 46.45 41.51
CA LEU K 180 -27.06 45.65 42.66
C LEU K 180 -26.14 44.52 42.23
N LEU K 181 -25.20 44.17 43.11
CA LEU K 181 -24.36 42.99 42.90
C LEU K 181 -23.76 42.60 44.24
N VAL K 182 -24.02 41.37 44.68
CA VAL K 182 -23.60 40.87 45.97
C VAL K 182 -22.78 39.60 45.77
N PHE K 183 -21.64 39.51 46.45
CA PHE K 183 -20.76 38.36 46.32
C PHE K 183 -20.12 38.05 47.67
N ARG K 184 -19.57 36.85 47.76
CA ARG K 184 -19.04 36.26 49.00
C ARG K 184 -17.51 36.33 49.03
N GLU K 185 -16.95 36.57 50.21
CA GLU K 185 -15.52 36.47 50.46
C GLU K 185 -15.27 35.66 51.73
N GLU K 186 -14.26 34.80 51.68
CA GLU K 186 -14.06 33.73 52.66
C GLU K 186 -12.64 33.74 53.19
N SER K 187 -12.49 33.67 54.52
CA SER K 187 -11.18 33.75 55.15
C SER K 187 -11.16 32.91 56.43
N ASP K 188 -9.98 32.90 57.07
CA ASP K 188 -9.74 32.16 58.30
C ASP K 188 -9.80 33.10 59.50
N ALA K 189 -9.59 32.53 60.69
CA ALA K 189 -9.61 33.28 61.94
C ALA K 189 -8.22 33.39 62.52
N ASP K 190 -7.89 34.58 63.02
CA ASP K 190 -6.56 34.85 63.59
C ASP K 190 -6.63 34.63 65.10
N ASP K 191 -7.05 33.44 65.48
CA ASP K 191 -6.85 33.00 66.86
C ASP K 191 -5.36 32.81 67.11
N ASP K 192 -4.93 33.13 68.32
CA ASP K 192 -3.51 32.99 68.64
C ASP K 192 -3.08 31.53 68.56
N GLY K 193 -4.02 30.60 68.72
CA GLY K 193 -3.73 29.21 68.46
C GLY K 193 -3.55 28.94 66.98
N TYR K 194 -3.04 27.75 66.68
CA TYR K 194 -2.74 27.41 65.29
C TYR K 194 -3.94 26.79 64.59
N GLN K 195 -5.09 26.75 65.25
CA GLN K 195 -6.30 26.17 64.67
C GLN K 195 -6.91 27.10 63.64
N ILE K 196 -7.53 26.52 62.61
CA ILE K 196 -8.04 27.27 61.46
C ILE K 196 -9.56 27.21 61.43
N TYR K 197 -10.20 28.37 61.41
CA TYR K 197 -11.65 28.51 61.24
C TYR K 197 -11.98 29.04 59.86
N LYS K 198 -13.29 29.21 59.62
CA LYS K 198 -13.78 29.70 58.34
C LYS K 198 -14.70 30.89 58.61
N GLU K 199 -14.29 32.08 58.19
CA GLU K 199 -15.09 33.28 58.34
C GLU K 199 -15.65 33.71 56.98
N GLU K 200 -16.76 34.46 57.03
CA GLU K 200 -17.49 34.85 55.85
C GLU K 200 -17.67 36.36 55.80
N VAL K 201 -17.51 36.93 54.61
CA VAL K 201 -17.69 38.36 54.37
C VAL K 201 -18.54 38.53 53.13
N TRP K 202 -19.61 39.31 53.25
CA TRP K 202 -20.48 39.64 52.12
C TRP K 202 -20.28 41.10 51.75
N ARG K 203 -19.85 41.34 50.51
CA ARG K 203 -19.66 42.69 50.00
C ARG K 203 -20.84 43.07 49.14
N GLU K 204 -21.48 44.19 49.48
CA GLU K 204 -22.67 44.66 48.79
C GLU K 204 -22.32 45.85 47.92
N LEU K 205 -22.55 45.73 46.63
CA LEU K 205 -22.34 46.81 45.67
C LEU K 205 -23.69 47.33 45.21
N ARG K 206 -23.88 48.63 45.30
CA ARG K 206 -25.16 49.27 44.99
C ARG K 206 -24.93 50.47 44.10
N LEU K 207 -25.94 50.80 43.30
CA LEU K 207 -25.88 51.92 42.37
C LEU K 207 -27.21 52.67 42.42
N VAL K 208 -27.22 53.81 43.10
CA VAL K 208 -28.42 54.64 43.23
C VAL K 208 -28.09 56.06 42.78
N ASP K 209 -28.96 56.64 41.96
CA ASP K 209 -28.80 58.00 41.46
C ASP K 209 -27.48 58.18 40.71
N GLY K 210 -27.01 57.13 40.06
CA GLY K 210 -25.74 57.21 39.35
C GLY K 210 -24.54 57.34 40.26
N THR K 211 -24.65 56.86 41.49
CA THR K 211 -23.55 56.91 42.46
C THR K 211 -23.23 55.51 42.93
N TYR K 212 -21.94 55.22 43.07
CA TYR K 212 -21.48 53.91 43.49
C TYR K 212 -21.38 53.88 45.01
N TRP K 213 -22.19 53.03 45.64
CA TRP K 213 -22.18 52.84 47.08
C TRP K 213 -21.72 51.43 47.40
N GLN K 214 -21.34 51.20 48.64
CA GLN K 214 -20.73 49.93 49.03
C GLN K 214 -20.95 49.68 50.51
N ARG K 215 -21.07 48.40 50.87
CA ARG K 215 -21.24 47.97 52.25
C ARG K 215 -20.38 46.74 52.50
N THR K 216 -20.58 46.12 53.66
CA THR K 216 -19.84 44.92 54.05
C THR K 216 -20.58 44.24 55.18
N TRP K 217 -20.84 42.94 55.02
CA TRP K 217 -21.46 42.13 56.06
C TRP K 217 -20.44 41.07 56.51
N ARG K 218 -20.21 40.99 57.81
CA ARG K 218 -19.26 40.07 58.39
C ARG K 218 -19.96 39.13 59.36
N GLU K 219 -19.57 37.87 59.33
CA GLU K 219 -20.18 36.83 60.17
C GLU K 219 -19.14 36.35 61.18
N ASN K 220 -19.39 36.65 62.46
CA ASN K 220 -18.53 36.21 63.56
C ASN K 220 -19.40 35.46 64.56
N ASP K 221 -19.40 34.12 64.46
CA ASP K 221 -20.13 33.25 65.39
C ASP K 221 -21.62 33.58 65.42
N GLY K 222 -22.26 33.40 64.26
CA GLY K 222 -23.70 33.60 64.19
C GLY K 222 -24.19 35.01 64.38
N GLN K 223 -23.49 35.99 63.83
CA GLN K 223 -23.92 37.39 63.90
C GLN K 223 -23.63 38.07 62.57
N LEU K 224 -24.59 38.86 62.10
CA LEU K 224 -24.45 39.61 60.85
C LEU K 224 -24.16 41.06 61.18
N TYR K 225 -22.95 41.51 60.85
CA TYR K 225 -22.58 42.91 60.99
C TYR K 225 -22.91 43.66 59.70
N VAL K 226 -23.00 44.98 59.82
CA VAL K 226 -23.22 45.85 58.67
C VAL K 226 -22.39 47.11 58.86
N ASP K 227 -21.82 47.60 57.77
CA ASP K 227 -21.04 48.82 57.77
C ASP K 227 -21.84 49.94 57.13
N ASP K 228 -21.57 51.17 57.56
CA ASP K 228 -22.28 52.32 57.00
C ASP K 228 -21.96 52.47 55.52
N TRP K 229 -22.93 53.02 54.79
CA TRP K 229 -22.76 53.19 53.35
C TRP K 229 -21.63 54.17 53.06
N ILE K 230 -20.74 53.77 52.17
CA ILE K 230 -19.63 54.62 51.74
C ILE K 230 -19.63 54.69 50.22
N SER K 231 -19.13 55.79 49.69
CA SER K 231 -19.01 56.00 48.24
C SER K 231 -17.54 56.19 47.88
N PRO K 232 -16.86 55.15 47.39
CA PRO K 232 -15.46 55.31 46.98
C PRO K 232 -15.34 56.34 45.86
N THR K 233 -14.29 57.13 45.93
CA THR K 233 -14.08 58.24 45.02
C THR K 233 -12.84 58.00 44.17
N LYS K 234 -12.83 58.58 42.98
CA LYS K 234 -11.65 58.53 42.13
C LYS K 234 -10.56 59.44 42.70
N ALA K 235 -9.36 59.34 42.11
CA ALA K 235 -8.24 60.12 42.60
C ALA K 235 -8.52 61.61 42.54
N ASP K 236 -9.10 62.07 41.44
CA ASP K 236 -9.48 63.48 41.35
C ASP K 236 -10.77 63.77 42.09
N GLY K 237 -11.57 62.74 42.39
CA GLY K 237 -12.82 62.89 43.09
C GLY K 237 -14.00 62.48 42.22
N SER K 238 -15.10 63.23 42.34
CA SER K 238 -16.30 63.07 41.53
C SER K 238 -16.97 61.71 41.69
N GLN K 239 -16.56 60.93 42.69
CA GLN K 239 -17.12 59.61 42.94
C GLN K 239 -17.09 58.73 41.69
N PHE K 240 -18.07 57.85 41.56
CA PHE K 240 -18.19 56.98 40.41
C PHE K 240 -19.59 57.13 39.84
N ASP K 241 -19.83 56.45 38.72
CA ASP K 241 -21.15 56.45 38.09
C ASP K 241 -21.57 55.02 37.76
N GLU K 242 -20.67 54.05 37.93
CA GLU K 242 -20.96 52.65 37.66
C GLU K 242 -20.37 51.81 38.78
N ILE K 243 -20.75 50.54 38.81
CA ILE K 243 -20.19 49.61 39.80
C ILE K 243 -18.94 48.96 39.22
N PRO K 244 -17.79 49.07 39.89
CA PRO K 244 -16.53 48.52 39.34
C PRO K 244 -16.46 47.01 39.45
N PHE K 245 -17.49 46.33 38.94
CA PHE K 245 -17.54 44.88 38.92
C PHE K 245 -17.92 44.44 37.51
N VAL K 246 -17.15 43.52 36.95
CA VAL K 246 -17.39 42.99 35.61
C VAL K 246 -17.47 41.48 35.72
N ILE K 247 -18.50 40.90 35.10
CA ILE K 247 -18.71 39.46 35.13
C ILE K 247 -18.38 38.86 33.78
N PHE K 248 -17.13 38.45 33.59
CA PHE K 248 -16.74 37.80 32.36
C PHE K 248 -17.32 36.40 32.29
N GLY K 249 -17.53 35.91 31.07
CA GLY K 249 -18.12 34.60 30.88
C GLY K 249 -17.76 34.04 29.53
N SER K 250 -18.23 32.82 29.28
CA SER K 250 -17.98 32.18 27.99
C SER K 250 -18.66 32.92 26.86
N LYS K 251 -19.88 33.41 27.10
CA LYS K 251 -20.62 34.11 26.04
C LYS K 251 -20.17 35.56 25.94
N ASN K 252 -20.35 36.33 27.01
CA ASN K 252 -19.99 37.75 27.01
C ASN K 252 -19.99 38.23 28.45
N ASN K 253 -19.61 39.49 28.65
CA ASN K 253 -19.53 40.09 29.98
C ASN K 253 -20.92 40.59 30.36
N ASP K 254 -21.84 39.66 30.55
CA ASP K 254 -23.20 39.97 30.96
C ASP K 254 -23.45 39.38 32.34
N PRO K 255 -24.17 40.09 33.21
CA PRO K 255 -24.56 39.48 34.49
C PRO K 255 -25.43 38.26 34.33
N THR K 256 -26.14 38.14 33.20
CA THR K 256 -26.92 36.95 32.93
C THR K 256 -26.00 35.74 32.82
N ILE K 257 -26.41 34.63 33.44
CA ILE K 257 -25.58 33.44 33.52
C ILE K 257 -25.32 32.90 32.12
N ASP K 258 -24.08 32.56 31.84
CA ASP K 258 -23.69 31.98 30.57
C ASP K 258 -23.53 30.47 30.73
N MET K 259 -24.09 29.71 29.79
CA MET K 259 -24.03 28.26 29.90
C MET K 259 -22.57 27.80 29.85
N PRO K 260 -22.19 26.84 30.70
CA PRO K 260 -20.80 26.39 30.73
C PRO K 260 -20.40 25.78 29.41
N PRO K 261 -19.16 26.00 28.98
CA PRO K 261 -18.68 25.40 27.72
C PRO K 261 -18.41 23.91 27.82
N MET K 262 -18.52 23.31 29.01
CA MET K 262 -17.98 21.99 29.25
C MET K 262 -19.03 21.01 29.79
N ARG K 263 -20.31 21.28 29.54
CA ARG K 263 -21.35 20.36 30.00
C ARG K 263 -21.30 19.04 29.23
N ASP K 264 -21.19 19.11 27.90
CA ASP K 264 -21.24 17.91 27.09
C ASP K 264 -20.05 17.00 27.35
N LEU K 265 -18.86 17.58 27.51
CA LEU K 265 -17.67 16.75 27.73
C LEU K 265 -17.73 16.07 29.10
N VAL K 266 -18.25 16.76 30.12
CA VAL K 266 -18.40 16.13 31.43
C VAL K 266 -19.42 15.00 31.36
N GLU K 267 -20.53 15.22 30.65
CA GLU K 267 -21.52 14.15 30.49
C GLU K 267 -20.92 12.94 29.79
N LEU K 268 -20.14 13.18 28.73
CA LEU K 268 -19.50 12.09 28.02
C LEU K 268 -18.50 11.36 28.92
N ASN K 269 -17.78 12.10 29.74
CA ASN K 269 -16.84 11.48 30.67
C ASN K 269 -17.56 10.59 31.67
N ILE K 270 -18.70 11.05 32.17
CA ILE K 270 -19.47 10.24 33.12
C ILE K 270 -19.97 8.96 32.45
N ALA K 271 -20.49 9.08 31.22
CA ALA K 271 -20.97 7.89 30.51
C ALA K 271 -19.83 6.92 30.24
N HIS K 272 -18.67 7.43 29.81
CA HIS K 272 -17.53 6.56 29.59
C HIS K 272 -17.07 5.90 30.88
N PHE K 273 -17.16 6.62 31.99
CA PHE K 273 -16.77 6.04 33.27
C PHE K 273 -17.69 4.89 33.67
N ARG K 274 -19.00 5.06 33.50
CA ARG K 274 -19.91 3.98 33.87
C ARG K 274 -19.74 2.77 32.95
N ASN K 275 -19.56 3.01 31.65
CA ASN K 275 -19.29 1.90 30.75
C ASN K 275 -17.95 1.23 31.08
N SER K 276 -16.96 2.00 31.52
CA SER K 276 -15.69 1.43 31.91
C SER K 276 -15.83 0.58 33.16
N ALA K 277 -16.67 1.01 34.11
CA ALA K 277 -16.96 0.18 35.27
C ALA K 277 -17.54 -1.16 34.84
N ASP K 278 -18.54 -1.12 33.96
CA ASP K 278 -19.15 -2.35 33.49
C ASP K 278 -18.14 -3.25 32.79
N TYR K 279 -17.35 -2.67 31.87
CA TYR K 279 -16.42 -3.45 31.09
C TYR K 279 -15.28 -4.00 31.95
N GLU K 280 -14.83 -3.25 32.95
CA GLU K 280 -13.77 -3.75 33.82
C GLU K 280 -14.27 -4.85 34.75
N GLU K 281 -15.50 -4.75 35.23
CA GLU K 281 -16.08 -5.86 35.96
C GLU K 281 -16.15 -7.11 35.08
N ALA K 282 -16.56 -6.94 33.82
CA ALA K 282 -16.57 -8.06 32.89
C ALA K 282 -15.17 -8.64 32.72
N CYS K 283 -14.17 -7.78 32.55
CA CYS K 283 -12.80 -8.26 32.33
C CYS K 283 -12.28 -9.00 33.55
N PHE K 284 -12.57 -8.50 34.75
CA PHE K 284 -12.13 -9.20 35.95
C PHE K 284 -12.81 -10.56 36.11
N ILE K 285 -14.12 -10.62 35.89
CA ILE K 285 -14.85 -11.85 36.15
C ILE K 285 -14.56 -12.90 35.09
N CYS K 286 -14.67 -12.53 33.82
CA CYS K 286 -14.60 -13.49 32.72
C CYS K 286 -13.34 -13.34 31.87
N GLY K 287 -12.31 -12.63 32.36
CA GLY K 287 -11.09 -12.50 31.59
C GLY K 287 -10.22 -13.73 31.58
N GLN K 288 -10.16 -14.45 32.69
CA GLN K 288 -9.41 -15.70 32.77
C GLN K 288 -10.06 -16.77 31.90
N PRO K 289 -9.26 -17.67 31.32
CA PRO K 289 -9.84 -18.85 30.66
C PRO K 289 -10.11 -19.94 31.68
N THR K 290 -11.20 -20.68 31.45
CA THR K 290 -11.62 -21.75 32.35
C THR K 290 -11.65 -23.07 31.58
N LEU K 291 -11.25 -24.15 32.25
CA LEU K 291 -11.13 -25.43 31.56
C LEU K 291 -12.48 -26.01 31.20
N PHE K 292 -13.45 -25.95 32.12
CA PHE K 292 -14.82 -26.41 31.89
C PHE K 292 -14.83 -27.85 31.36
N LEU K 293 -14.32 -28.77 32.18
CA LEU K 293 -14.31 -30.19 31.81
C LEU K 293 -15.74 -30.68 31.69
N SER K 294 -16.12 -31.12 30.50
CA SER K 294 -17.47 -31.57 30.24
C SER K 294 -17.52 -33.08 30.05
N GLY K 295 -18.70 -33.65 30.26
CA GLY K 295 -18.88 -35.09 30.15
C GLY K 295 -18.06 -35.84 31.18
N LEU K 296 -18.11 -35.39 32.43
CA LEU K 296 -17.28 -35.92 33.49
C LEU K 296 -18.16 -36.43 34.62
N THR K 297 -17.67 -37.45 35.31
CA THR K 297 -18.43 -38.12 36.36
C THR K 297 -17.68 -38.04 37.68
N GLU K 298 -18.43 -38.16 38.79
CA GLU K 298 -17.84 -38.07 40.11
C GLU K 298 -16.85 -39.21 40.35
N HIS K 299 -17.14 -40.39 39.82
CA HIS K 299 -16.22 -41.52 39.96
C HIS K 299 -14.84 -41.16 39.42
N TRP K 300 -14.79 -40.68 38.17
CA TRP K 300 -13.50 -40.35 37.56
C TRP K 300 -12.78 -39.25 38.32
N VAL K 301 -13.50 -38.21 38.72
CA VAL K 301 -12.90 -37.11 39.47
C VAL K 301 -12.27 -37.63 40.75
N LYS K 302 -13.08 -38.25 41.61
CA LYS K 302 -12.57 -38.68 42.91
C LYS K 302 -11.57 -39.82 42.81
N ASN K 303 -11.51 -40.52 41.68
CA ASN K 303 -10.51 -41.57 41.53
C ASN K 303 -9.18 -41.01 41.05
N VAL K 304 -9.14 -40.41 39.87
CA VAL K 304 -7.87 -39.97 39.27
C VAL K 304 -7.63 -38.48 39.47
N LEU K 305 -8.66 -37.65 39.30
CA LEU K 305 -8.49 -36.21 39.50
C LEU K 305 -8.27 -35.91 40.97
N GLY K 306 -9.14 -36.44 41.84
CA GLY K 306 -9.01 -36.23 43.26
C GLY K 306 -9.09 -34.77 43.68
N GLY K 307 -9.92 -33.97 43.00
CA GLY K 307 -10.01 -32.57 43.30
C GLY K 307 -8.85 -31.73 42.82
N ALA K 308 -7.95 -32.30 42.03
CA ALA K 308 -6.77 -31.59 41.55
C ALA K 308 -6.57 -31.92 40.07
N VAL K 309 -5.95 -30.99 39.35
CA VAL K 309 -5.62 -31.18 37.94
C VAL K 309 -4.33 -30.45 37.64
N VAL K 310 -3.39 -31.13 36.97
CA VAL K 310 -2.16 -30.48 36.55
C VAL K 310 -2.33 -29.98 35.13
N ILE K 311 -1.94 -28.73 34.90
CA ILE K 311 -2.30 -28.04 33.66
C ILE K 311 -1.03 -27.56 32.99
N GLY K 312 0.12 -27.93 33.52
CA GLY K 312 1.37 -27.64 32.86
C GLY K 312 1.58 -28.51 31.64
N SER K 313 2.52 -28.08 30.78
CA SER K 313 2.84 -28.87 29.60
C SER K 313 3.64 -30.12 29.94
N ARG K 314 4.21 -30.20 31.14
CA ARG K 314 5.00 -31.36 31.52
C ARG K 314 4.11 -32.58 31.75
N ASP K 315 2.86 -32.38 32.17
CA ASP K 315 1.99 -33.48 32.55
C ASP K 315 0.67 -33.37 31.81
N ALA K 316 0.10 -34.54 31.48
CA ALA K 316 -1.16 -34.63 30.76
C ALA K 316 -2.19 -35.34 31.63
N VAL K 317 -3.45 -34.94 31.48
CA VAL K 317 -4.54 -35.54 32.26
C VAL K 317 -5.45 -36.33 31.34
N PRO K 318 -5.84 -37.55 31.72
CA PRO K 318 -6.78 -38.32 30.89
C PRO K 318 -8.23 -38.01 31.24
N LEU K 319 -9.10 -38.33 30.30
CA LEU K 319 -10.53 -38.12 30.45
C LEU K 319 -11.30 -39.35 30.00
N PRO K 320 -12.49 -39.57 30.56
CA PRO K 320 -13.31 -40.70 30.11
C PRO K 320 -13.89 -40.47 28.72
N VAL K 321 -14.62 -41.45 28.20
CA VAL K 321 -15.19 -41.32 26.87
C VAL K 321 -16.27 -40.25 26.86
N ASN K 322 -16.53 -39.71 25.67
CA ASN K 322 -17.57 -38.69 25.47
C ASN K 322 -17.34 -37.46 26.34
N ALA K 323 -16.08 -37.07 26.49
CA ALA K 323 -15.70 -35.89 27.26
C ALA K 323 -15.12 -34.85 26.32
N LYS K 324 -15.53 -33.59 26.51
CA LYS K 324 -15.08 -32.48 25.69
C LYS K 324 -14.56 -31.34 26.55
N PRO K 325 -13.24 -31.23 26.74
CA PRO K 325 -12.69 -30.10 27.51
C PRO K 325 -12.57 -28.87 26.62
N GLU K 326 -13.27 -27.80 26.98
CA GLU K 326 -13.35 -26.60 26.15
C GLU K 326 -12.98 -25.38 26.99
N LEU K 327 -11.94 -24.67 26.55
CA LEU K 327 -11.54 -23.45 27.23
C LEU K 327 -12.51 -22.32 26.88
N LEU K 328 -13.20 -21.79 27.88
CA LEU K 328 -14.15 -20.70 27.71
C LEU K 328 -13.59 -19.42 28.31
N GLN K 329 -13.63 -18.34 27.55
CA GLN K 329 -13.29 -17.02 28.05
C GLN K 329 -13.99 -16.00 27.17
N ALA K 330 -14.19 -14.80 27.73
CA ALA K 330 -14.91 -13.76 27.02
C ALA K 330 -14.16 -13.34 25.78
N GLU K 331 -14.82 -13.38 24.63
CA GLU K 331 -14.18 -13.02 23.38
C GLU K 331 -13.98 -11.51 23.31
N GLY K 332 -13.00 -11.12 22.49
CA GLY K 332 -12.67 -9.72 22.33
C GLY K 332 -13.66 -9.00 21.43
N ASN K 333 -13.44 -7.69 21.30
CA ASN K 333 -14.30 -6.82 20.49
C ASN K 333 -15.75 -6.91 20.93
N GLY K 334 -15.98 -6.85 22.24
CA GLY K 334 -17.34 -6.84 22.74
C GLY K 334 -18.04 -5.53 22.43
N MET K 335 -19.37 -5.55 22.58
CA MET K 335 -20.14 -4.36 22.24
C MET K 335 -19.99 -3.27 23.29
N VAL K 336 -19.68 -3.64 24.53
CA VAL K 336 -19.36 -2.63 25.53
C VAL K 336 -18.08 -1.89 25.14
N LYS K 337 -17.11 -2.62 24.61
CA LYS K 337 -15.86 -1.99 24.20
C LYS K 337 -16.08 -1.00 23.06
N GLU K 338 -16.86 -1.39 22.05
CA GLU K 338 -17.12 -0.46 20.96
C GLU K 338 -17.96 0.72 21.42
N ALA K 339 -18.84 0.51 22.40
CA ALA K 339 -19.57 1.62 22.99
C ALA K 339 -18.60 2.62 23.63
N MET K 340 -17.68 2.12 24.46
CA MET K 340 -16.67 2.98 25.06
C MET K 340 -15.85 3.68 23.99
N ASP K 341 -15.51 2.97 22.92
CA ASP K 341 -14.70 3.56 21.86
C ASP K 341 -15.46 4.67 21.15
N GLN K 342 -16.77 4.53 20.98
CA GLN K 342 -17.49 5.61 20.33
C GLN K 342 -17.67 6.80 21.26
N LYS K 343 -17.80 6.57 22.58
CA LYS K 343 -17.73 7.73 23.47
C LYS K 343 -16.38 8.44 23.40
N GLU K 344 -15.29 7.68 23.32
CA GLU K 344 -13.98 8.31 23.16
C GLU K 344 -13.88 9.09 21.85
N ARG K 345 -14.42 8.52 20.77
CA ARG K 345 -14.42 9.19 19.48
C ARG K 345 -15.26 10.47 19.53
N GLN K 346 -16.43 10.42 20.15
CA GLN K 346 -17.26 11.61 20.29
C GLN K 346 -16.56 12.65 21.14
N MET K 347 -15.86 12.22 22.18
CA MET K 347 -15.05 13.12 22.99
C MET K 347 -14.05 13.86 22.12
N VAL K 348 -13.14 13.12 21.49
CA VAL K 348 -12.05 13.75 20.75
C VAL K 348 -12.59 14.57 19.59
N ALA K 349 -13.75 14.18 19.05
CA ALA K 349 -14.31 14.91 17.92
C ALA K 349 -14.97 16.21 18.36
N LEU K 350 -15.65 16.19 19.50
CA LEU K 350 -16.32 17.38 20.01
C LEU K 350 -15.41 18.09 21.01
N GLY K 351 -14.27 18.53 20.51
CA GLY K 351 -13.30 19.20 21.35
C GLY K 351 -12.02 19.46 20.58
N ALA K 352 -11.20 20.35 21.14
CA ALA K 352 -9.98 20.83 20.49
C ALA K 352 -8.78 20.39 21.33
N LYS K 353 -7.98 19.47 20.79
CA LYS K 353 -6.72 19.05 21.40
C LYS K 353 -6.92 18.48 22.80
N LEU K 354 -8.09 17.88 23.03
CA LEU K 354 -8.35 17.32 24.36
C LEU K 354 -7.58 16.02 24.57
N ILE K 355 -7.54 15.17 23.55
CA ILE K 355 -6.71 13.92 23.61
C ILE K 355 -6.02 13.77 22.25
N ASP K 356 -4.93 12.98 22.19
CA ASP K 356 -4.16 12.87 20.92
C ASP K 356 -4.08 11.39 20.50
N SER K 357 -4.03 11.13 19.19
CA SER K 357 -3.97 9.74 18.67
C SER K 357 -2.80 9.60 17.70
N ASP K 358 -1.78 8.82 18.07
CA ASP K 358 -0.62 8.63 17.20
C ASP K 358 -0.97 7.98 15.87
N LYS K 359 -1.91 7.03 15.89
CA LYS K 359 -2.22 6.26 14.68
C LYS K 359 -2.84 7.14 13.59
N THR K 360 -3.47 8.24 13.97
CA THR K 360 -4.12 9.10 13.00
C THR K 360 -3.12 10.04 12.34
N GLN K 361 -3.28 10.26 11.04
CA GLN K 361 -2.45 11.19 10.30
C GLN K 361 -3.34 12.12 9.48
N ARG K 362 -2.90 13.37 9.36
CA ARG K 362 -3.68 14.43 8.71
C ARG K 362 -2.91 15.01 7.54
N THR K 363 -3.65 15.42 6.51
CA THR K 363 -3.08 16.21 5.42
C THR K 363 -3.09 17.68 5.82
N PHE K 364 -1.90 18.27 5.93
CA PHE K 364 -1.80 19.66 6.37
C PHE K 364 -2.39 20.58 5.30
N GLY K 365 -2.92 21.71 5.75
CA GLY K 365 -3.68 22.59 4.88
C GLY K 365 -5.16 22.27 4.84
N GLU K 366 -5.59 21.14 5.40
CA GLU K 366 -7.01 20.85 5.53
C GLU K 366 -7.54 21.38 6.85
N ALA K 367 -6.92 20.99 7.97
CA ALA K 367 -7.27 21.55 9.27
C ALA K 367 -6.98 23.05 9.35
N SER K 368 -6.14 23.57 8.46
CA SER K 368 -5.94 25.01 8.39
C SER K 368 -7.23 25.74 8.02
N MET K 369 -8.12 25.06 7.30
CA MET K 369 -9.38 25.68 6.91
C MET K 369 -10.30 25.87 8.12
N GLU K 370 -10.46 24.84 8.94
CA GLU K 370 -11.39 24.91 10.06
C GLU K 370 -10.70 25.21 11.39
N ALA K 371 -9.43 25.63 11.37
CA ALA K 371 -8.80 26.10 12.60
C ALA K 371 -9.62 27.18 13.30
N ALA K 372 -10.26 28.03 12.51
CA ALA K 372 -11.12 29.09 13.09
C ALA K 372 -12.18 28.46 14.01
N ALA K 373 -12.94 27.49 13.49
CA ALA K 373 -14.02 26.87 14.29
C ALA K 373 -13.44 26.08 15.47
N GLN K 374 -12.42 25.25 15.22
CA GLN K 374 -11.82 24.40 16.29
C GLN K 374 -11.42 25.28 17.47
N ASN K 375 -11.17 26.58 17.22
CA ASN K 375 -10.74 27.50 18.27
C ASN K 375 -11.81 28.53 18.61
N SER K 376 -13.09 28.22 18.38
CA SER K 376 -14.15 29.19 18.62
C SER K 376 -14.23 29.58 20.09
N VAL K 377 -14.32 28.59 20.98
CA VAL K 377 -14.43 28.89 22.40
C VAL K 377 -13.16 29.55 22.92
N LEU K 378 -12.00 29.14 22.38
CA LEU K 378 -10.74 29.77 22.78
C LEU K 378 -10.74 31.25 22.45
N SER K 379 -11.10 31.61 21.22
CA SER K 379 -11.12 33.02 20.84
C SER K 379 -12.17 33.79 21.64
N ARG K 380 -13.33 33.18 21.86
CA ARG K 380 -14.38 33.85 22.63
C ARG K 380 -13.90 34.16 24.04
N VAL K 381 -13.31 33.16 24.71
CA VAL K 381 -12.86 33.34 26.08
C VAL K 381 -11.69 34.32 26.14
N SER K 382 -10.78 34.25 25.18
CA SER K 382 -9.65 35.18 25.15
C SER K 382 -10.14 36.62 25.02
N LYS K 383 -11.08 36.86 24.10
CA LYS K 383 -11.60 38.21 23.93
C LYS K 383 -12.34 38.67 25.18
N ASN K 384 -13.15 37.79 25.77
CA ASN K 384 -13.91 38.17 26.96
C ASN K 384 -12.98 38.54 28.11
N VAL K 385 -11.95 37.72 28.35
CA VAL K 385 -11.04 37.96 29.45
C VAL K 385 -10.20 39.21 29.19
N SER K 386 -9.78 39.42 27.94
CA SER K 386 -9.04 40.62 27.60
C SER K 386 -9.88 41.87 27.88
N ASP K 387 -11.14 41.86 27.47
CA ASP K 387 -12.01 43.02 27.70
C ASP K 387 -12.23 43.23 29.19
N ALA K 388 -12.46 42.15 29.94
CA ALA K 388 -12.68 42.27 31.37
C ALA K 388 -11.47 42.87 32.08
N TYR K 389 -10.28 42.38 31.74
CA TYR K 389 -9.07 42.89 32.40
C TYR K 389 -8.76 44.32 31.96
N THR K 390 -9.02 44.65 30.69
CA THR K 390 -8.85 46.04 30.27
C THR K 390 -9.76 46.96 31.05
N LYS K 391 -11.03 46.57 31.23
CA LYS K 391 -11.96 47.40 31.97
C LYS K 391 -11.54 47.52 33.44
N ALA K 392 -11.09 46.41 34.04
CA ALA K 392 -10.66 46.46 35.43
C ALA K 392 -9.44 47.35 35.61
N LEU K 393 -8.46 47.24 34.70
CA LEU K 393 -7.28 48.09 34.78
C LEU K 393 -7.64 49.55 34.57
N ARG K 394 -8.59 49.84 33.68
CA ARG K 394 -9.05 51.22 33.53
C ARG K 394 -9.70 51.73 34.80
N TRP K 395 -10.50 50.91 35.47
CA TRP K 395 -11.10 51.33 36.73
C TRP K 395 -10.04 51.59 37.79
N ALA K 396 -9.01 50.74 37.85
CA ALA K 396 -7.91 50.97 38.76
C ALA K 396 -7.20 52.29 38.44
N ALA K 397 -7.02 52.58 37.15
CA ALA K 397 -6.42 53.84 36.75
C ALA K 397 -7.28 55.02 37.21
N MET K 398 -8.60 54.89 37.11
CA MET K 398 -9.48 55.94 37.64
C MET K 398 -9.28 56.11 39.14
N PHE K 399 -9.13 54.99 39.85
CA PHE K 399 -8.86 55.06 41.28
C PHE K 399 -7.57 55.82 41.57
N LEU K 400 -6.52 55.56 40.78
CA LEU K 400 -5.24 56.19 40.98
C LEU K 400 -5.03 57.45 40.14
N GLY K 401 -5.95 57.76 39.23
CA GLY K 401 -5.85 58.96 38.41
C GLY K 401 -4.72 58.97 37.40
N LEU K 402 -4.47 57.84 36.75
CA LEU K 402 -3.47 57.73 35.70
C LEU K 402 -4.11 57.73 34.32
N ASP K 403 -3.30 57.49 33.29
CA ASP K 403 -3.78 57.42 31.93
C ASP K 403 -4.80 56.30 31.77
N GLU K 404 -5.82 56.56 30.95
CA GLU K 404 -6.92 55.62 30.78
C GLU K 404 -6.79 54.75 29.54
N LYS K 405 -6.13 55.23 28.49
CA LYS K 405 -6.03 54.47 27.25
C LYS K 405 -5.03 53.33 27.38
N ILE K 406 -5.35 52.36 28.22
CA ILE K 406 -4.51 51.18 28.44
C ILE K 406 -5.30 49.95 28.05
N GLU K 407 -4.57 48.87 27.73
CA GLU K 407 -5.19 47.65 27.24
C GLU K 407 -4.45 46.45 27.80
N TYR K 408 -5.15 45.32 27.83
CA TYR K 408 -4.60 44.04 28.27
C TYR K 408 -5.06 42.99 27.27
N GLU K 409 -4.24 42.72 26.27
CA GLU K 409 -4.59 41.86 25.15
C GLU K 409 -3.93 40.50 25.35
N LEU K 410 -4.72 39.49 25.69
CA LEU K 410 -4.21 38.14 25.82
C LEU K 410 -3.86 37.58 24.45
N ASN K 411 -3.16 36.45 24.45
CA ASN K 411 -2.76 35.79 23.21
C ASN K 411 -3.97 35.33 22.43
N SER K 412 -4.19 35.95 21.27
CA SER K 412 -5.26 35.53 20.37
C SER K 412 -4.75 34.67 19.21
N ASP K 413 -3.47 34.30 19.23
CA ASP K 413 -2.91 33.43 18.19
C ASP K 413 -2.67 32.08 18.86
N PHE K 414 -3.58 31.14 18.63
CA PHE K 414 -3.44 29.81 19.18
C PHE K 414 -2.64 28.92 18.24
N ASP K 415 -2.30 27.73 18.73
CA ASP K 415 -1.48 26.77 17.99
C ASP K 415 -0.15 27.38 17.57
N ILE K 416 0.50 28.11 18.47
CA ILE K 416 1.74 28.80 18.15
C ILE K 416 2.92 27.89 18.43
N ASN K 417 3.99 28.06 17.65
CA ASN K 417 5.18 27.25 17.75
C ASN K 417 6.39 28.10 17.42
N LYS K 418 7.57 27.46 17.43
CA LYS K 418 8.79 28.14 17.01
C LYS K 418 8.67 28.56 15.56
N MET K 419 9.02 29.81 15.27
CA MET K 419 8.82 30.35 13.93
C MET K 419 9.98 29.99 13.03
N SER K 420 9.65 29.65 11.78
CA SER K 420 10.61 29.16 10.81
C SER K 420 11.59 30.26 10.42
N PRO K 421 12.80 29.91 9.98
CA PRO K 421 13.76 30.95 9.59
C PRO K 421 13.30 31.77 8.39
N GLU K 422 12.58 31.16 7.46
CA GLU K 422 11.98 31.94 6.38
C GLU K 422 10.96 32.93 6.93
N GLU K 423 10.19 32.51 7.94
CA GLU K 423 9.30 33.44 8.62
C GLU K 423 10.07 34.57 9.27
N LEU K 424 11.24 34.27 9.85
CA LEU K 424 12.08 35.31 10.44
C LEU K 424 12.52 36.31 9.38
N ALA K 425 12.98 35.82 8.22
CA ALA K 425 13.38 36.71 7.15
C ALA K 425 12.20 37.58 6.70
N ALA K 426 11.02 36.98 6.57
CA ALA K 426 9.85 37.73 6.14
C ALA K 426 9.47 38.82 7.14
N VAL K 427 9.48 38.50 8.44
CA VAL K 427 9.10 39.51 9.43
C VAL K 427 10.14 40.61 9.51
N ILE K 428 11.43 40.27 9.36
CA ILE K 428 12.45 41.31 9.35
C ILE K 428 12.28 42.22 8.15
N SER K 429 12.08 41.64 6.97
CA SER K 429 11.84 42.44 5.77
C SER K 429 10.60 43.31 5.94
N ALA K 430 9.58 42.79 6.61
CA ALA K 430 8.41 43.61 6.94
C ALA K 430 8.79 44.76 7.86
N TRP K 431 9.76 44.55 8.75
CA TRP K 431 10.25 45.64 9.58
C TRP K 431 11.28 46.48 8.83
N GLN K 432 12.01 45.86 7.89
CA GLN K 432 12.88 46.65 7.01
C GLN K 432 12.06 47.62 6.19
N SER K 433 10.91 47.18 5.70
CA SER K 433 9.90 48.10 5.21
C SER K 433 9.18 48.75 6.40
N ASN K 434 8.48 49.84 6.12
CA ASN K 434 7.80 50.58 7.18
C ASN K 434 6.35 50.12 7.30
N ALA K 435 6.20 48.82 7.55
CA ALA K 435 4.89 48.19 7.66
C ALA K 435 4.61 47.60 9.04
N ILE K 436 5.62 47.20 9.79
CA ILE K 436 5.46 46.64 11.13
C ILE K 436 6.29 47.47 12.10
N SER K 437 5.65 47.91 13.19
CA SER K 437 6.34 48.67 14.20
C SER K 437 7.45 47.84 14.83
N PHE K 438 8.52 48.52 15.25
CA PHE K 438 9.66 47.82 15.84
C PHE K 438 9.23 46.96 17.03
N THR K 439 8.38 47.51 17.90
CA THR K 439 7.88 46.73 19.02
C THR K 439 7.02 45.56 18.55
N GLU K 440 6.28 45.74 17.46
CA GLU K 440 5.49 44.62 16.92
C GLU K 440 6.39 43.53 16.38
N MET K 441 7.46 43.90 15.67
CA MET K 441 8.40 42.90 15.20
C MET K 441 9.07 42.18 16.36
N ARG K 442 9.41 42.92 17.42
CA ARG K 442 9.98 42.29 18.60
C ARG K 442 8.98 41.34 19.26
N TRP K 443 7.71 41.74 19.33
CA TRP K 443 6.69 40.86 19.89
C TRP K 443 6.55 39.59 19.07
N GLN K 444 6.56 39.71 17.74
CA GLN K 444 6.45 38.54 16.90
C GLN K 444 7.66 37.62 17.04
N ILE K 445 8.87 38.20 17.06
CA ILE K 445 10.06 37.38 17.15
C ILE K 445 10.17 36.70 18.52
N LYS K 446 9.72 37.38 19.59
CA LYS K 446 9.65 36.75 20.89
C LYS K 446 8.61 35.62 20.90
N LYS K 447 7.46 35.86 20.27
CA LYS K 447 6.38 34.87 20.27
C LYS K 447 6.83 33.56 19.64
N GLY K 448 7.70 33.62 18.64
CA GLY K 448 8.21 32.43 17.99
C GLY K 448 9.39 31.79 18.68
N GLY K 449 9.69 32.18 19.91
CA GLY K 449 10.84 31.65 20.62
C GLY K 449 12.16 32.03 20.01
N ARG K 450 12.26 33.23 19.45
CA ARG K 450 13.50 33.70 18.84
C ARG K 450 14.06 34.94 19.53
N ALA K 451 13.55 35.30 20.70
CA ALA K 451 14.01 36.49 21.42
C ALA K 451 13.46 36.45 22.83
N TYR K 452 14.29 36.78 23.80
CA TYR K 452 13.84 36.76 25.19
C TYR K 452 14.03 38.11 25.88
N LEU K 453 15.11 38.82 25.59
CA LEU K 453 15.38 40.08 26.26
C LEU K 453 14.32 41.12 25.94
N GLU K 454 14.07 42.01 26.91
CA GLU K 454 13.13 43.09 26.69
C GLU K 454 13.64 44.02 25.59
N ASP K 455 12.71 44.61 24.86
CA ASP K 455 13.07 45.40 23.68
C ASP K 455 13.94 46.60 24.05
N GLU K 456 13.63 47.26 25.17
CA GLU K 456 14.43 48.42 25.57
C GLU K 456 15.86 48.03 25.90
N ASP K 457 16.04 46.89 26.57
CA ASP K 457 17.39 46.41 26.86
C ASP K 457 18.16 46.13 25.56
N MET K 458 17.49 45.51 24.59
CA MET K 458 18.13 45.25 23.30
C MET K 458 18.52 46.55 22.60
N ARG K 459 17.63 47.54 22.62
CA ARG K 459 17.93 48.81 22.00
C ARG K 459 19.12 49.50 22.67
N ASN K 460 19.15 49.48 24.00
CA ASN K 460 20.26 50.09 24.73
C ASN K 460 21.57 49.39 24.40
N GLU K 461 21.54 48.06 24.32
CA GLU K 461 22.76 47.32 24.00
C GLU K 461 23.22 47.60 22.56
N SER K 462 22.31 47.52 21.60
CA SER K 462 22.66 47.65 20.20
C SER K 462 22.89 49.09 19.77
N GLU K 463 22.55 50.07 20.61
CA GLU K 463 22.91 51.45 20.29
C GLU K 463 24.43 51.61 20.22
N GLN K 464 25.17 50.79 20.96
CA GLN K 464 26.62 50.76 20.82
C GLN K 464 26.98 50.24 19.43
N ASP K 465 28.11 50.73 18.91
CA ASP K 465 28.55 50.34 17.58
C ASP K 465 28.81 48.84 17.51
N ASP K 466 28.87 48.33 16.28
CA ASP K 466 29.21 46.94 16.10
C ASP K 466 30.65 46.70 16.56
N PRO K 467 30.87 45.82 17.55
CA PRO K 467 32.24 45.63 18.06
C PRO K 467 33.21 45.15 17.00
N LEU K 468 32.76 44.32 16.06
CA LEU K 468 33.58 43.81 14.98
C LEU K 468 34.85 43.14 15.49
N ASP L 3 -56.08 51.93 20.71
CA ASP L 3 -56.07 51.00 21.82
C ASP L 3 -57.44 50.33 21.98
N SER L 4 -57.93 49.73 20.89
CA SER L 4 -59.18 48.99 20.91
C SER L 4 -59.14 47.80 21.85
N ASN L 5 -57.95 47.28 22.14
CA ASN L 5 -57.79 46.20 23.10
C ASN L 5 -56.52 46.45 23.89
N ASN L 6 -56.09 45.44 24.63
CA ASN L 6 -54.82 45.53 25.35
C ASN L 6 -53.66 45.57 24.38
N ILE L 7 -52.61 46.31 24.76
CA ILE L 7 -51.42 46.43 23.92
C ILE L 7 -50.67 45.12 23.83
N LYS L 8 -50.95 44.17 24.71
CA LYS L 8 -50.18 42.95 24.81
C LYS L 8 -50.61 41.87 23.81
N TYR L 9 -51.29 42.25 22.74
CA TYR L 9 -51.65 41.28 21.71
C TYR L 9 -50.41 40.81 20.96
N VAL L 10 -50.32 39.50 20.75
CA VAL L 10 -49.23 38.89 20.01
C VAL L 10 -49.78 38.31 18.71
N ARG L 11 -49.10 38.59 17.61
CA ARG L 11 -49.54 38.09 16.31
C ARG L 11 -49.62 36.57 16.31
N GLU L 12 -50.41 36.03 15.38
CA GLU L 12 -50.63 34.59 15.34
C GLU L 12 -49.33 33.84 15.05
N ASP L 13 -48.54 34.33 14.10
CA ASP L 13 -47.34 33.60 13.69
C ASP L 13 -46.30 33.58 14.80
N ALA L 14 -46.16 34.67 15.56
CA ALA L 14 -45.24 34.67 16.68
C ALA L 14 -45.66 33.64 17.74
N LYS L 15 -46.97 33.55 18.00
CA LYS L 15 -47.46 32.54 18.93
C LYS L 15 -47.17 31.14 18.42
N LYS L 16 -47.38 30.90 17.12
CA LYS L 16 -47.07 29.59 16.56
C LYS L 16 -45.58 29.29 16.63
N MET L 17 -44.73 30.32 16.60
CA MET L 17 -43.29 30.10 16.58
C MET L 17 -42.64 30.08 17.96
N HIS L 18 -43.35 30.51 19.01
CA HIS L 18 -42.77 30.39 20.35
C HIS L 18 -42.41 28.95 20.69
N LYS L 19 -43.22 27.98 20.25
CA LYS L 19 -42.92 26.59 20.55
C LYS L 19 -41.62 26.14 19.88
N LEU L 20 -41.45 26.48 18.61
CA LEU L 20 -40.22 26.10 17.91
C LEU L 20 -39.02 26.81 18.50
N TRP L 21 -39.18 28.09 18.88
CA TRP L 21 -38.08 28.81 19.51
C TRP L 21 -37.70 28.18 20.83
N ALA L 22 -38.69 27.76 21.62
CA ALA L 22 -38.40 27.07 22.88
C ALA L 22 -37.67 25.75 22.63
N HIS L 23 -38.08 25.00 21.61
CA HIS L 23 -37.37 23.77 21.27
C HIS L 23 -35.92 24.06 20.89
N ILE L 24 -35.69 25.09 20.07
CA ILE L 24 -34.32 25.41 19.68
C ILE L 24 -33.49 25.81 20.88
N ARG L 25 -34.05 26.65 21.76
CA ARG L 25 -33.30 27.07 22.94
C ARG L 25 -32.97 25.89 23.85
N MET L 26 -33.94 24.99 24.02
CA MET L 26 -33.71 23.82 24.86
C MET L 26 -32.63 22.93 24.27
N ALA L 27 -32.61 22.78 22.94
CA ALA L 27 -31.53 22.03 22.31
C ALA L 27 -30.19 22.74 22.51
N MET L 28 -30.18 24.07 22.43
CA MET L 28 -28.92 24.81 22.53
C MET L 28 -28.32 24.71 23.92
N GLU L 29 -29.15 24.76 24.97
CA GLU L 29 -28.61 24.88 26.32
C GLU L 29 -27.72 23.70 26.68
N GLY L 30 -28.09 22.50 26.24
CA GLY L 30 -27.32 21.32 26.61
C GLY L 30 -28.15 20.05 26.78
N SER L 31 -27.72 19.19 27.70
CA SER L 31 -28.31 17.87 27.88
C SER L 31 -29.26 17.78 29.08
N ARG L 32 -29.06 18.59 30.11
CA ARG L 32 -29.85 18.45 31.33
C ARG L 32 -31.32 18.75 31.07
N ALA L 33 -31.62 19.81 30.31
CA ALA L 33 -33.02 20.11 30.03
C ALA L 33 -33.60 19.17 28.98
N ILE L 34 -32.77 18.62 28.10
CA ILE L 34 -33.25 17.62 27.15
C ILE L 34 -33.70 16.36 27.88
N LYS L 35 -32.87 15.87 28.80
CA LYS L 35 -33.29 14.73 29.61
C LYS L 35 -34.45 15.10 30.52
N ASP L 36 -34.54 16.37 30.92
CA ASP L 36 -35.67 16.81 31.72
C ASP L 36 -36.97 16.70 30.94
N ASN L 37 -36.94 17.05 29.65
CA ASN L 37 -38.13 17.10 28.82
C ASN L 37 -38.18 15.95 27.81
N ALA L 38 -37.50 14.85 28.12
CA ALA L 38 -37.39 13.73 27.19
C ALA L 38 -38.71 13.01 26.95
N LYS L 39 -39.73 13.29 27.76
CA LYS L 39 -41.02 12.63 27.57
C LYS L 39 -41.62 12.97 26.21
N GLU L 40 -41.54 14.24 25.82
CA GLU L 40 -42.10 14.66 24.54
C GLU L 40 -41.36 14.04 23.37
N PHE L 41 -40.03 14.01 23.43
CA PHE L 41 -39.23 13.51 22.31
C PHE L 41 -39.16 11.98 22.28
N VAL L 42 -38.65 11.38 23.35
CA VAL L 42 -38.45 9.94 23.38
C VAL L 42 -39.78 9.24 23.65
N PRO L 43 -40.26 8.39 22.74
CA PRO L 43 -41.48 7.63 23.04
C PRO L 43 -41.17 6.49 24.01
N HIS L 44 -41.98 6.39 25.05
CA HIS L 44 -41.77 5.35 26.05
C HIS L 44 -41.92 3.99 25.38
N PRO L 45 -41.00 3.06 25.62
CA PRO L 45 -40.98 1.83 24.82
C PRO L 45 -42.25 1.00 24.86
N ASP L 46 -43.16 1.29 25.79
CA ASP L 46 -44.46 0.62 25.82
C ASP L 46 -45.42 1.46 26.63
N ASN L 47 -46.52 1.89 26.01
CA ASN L 47 -47.49 2.72 26.72
C ASN L 47 -48.19 1.94 27.83
N THR L 48 -48.41 0.64 27.62
CA THR L 48 -49.03 -0.17 28.68
C THR L 48 -48.18 -0.16 29.94
N LYS L 49 -46.87 -0.32 29.79
CA LYS L 49 -45.97 -0.17 30.94
C LYS L 49 -45.97 1.28 31.44
N ALA L 50 -45.96 2.24 30.50
CA ALA L 50 -45.86 3.65 30.89
C ALA L 50 -47.02 4.08 31.78
N THR L 51 -48.18 3.44 31.64
CA THR L 51 -49.30 3.76 32.52
C THR L 51 -48.97 3.46 33.98
N THR L 52 -48.31 2.33 34.23
CA THR L 52 -48.03 1.88 35.59
C THR L 52 -46.84 2.63 36.18
N PRO L 53 -46.79 2.77 37.51
CA PRO L 53 -45.64 3.46 38.13
C PRO L 53 -44.32 2.76 37.92
N GLU L 54 -44.29 1.44 37.89
CA GLU L 54 -43.05 0.75 37.58
C GLU L 54 -42.59 1.08 36.16
N GLY L 55 -43.53 1.31 35.25
CA GLY L 55 -43.18 1.72 33.91
C GLY L 55 -42.52 3.09 33.88
N VAL L 56 -43.02 4.04 34.67
CA VAL L 56 -42.40 5.36 34.66
C VAL L 56 -41.05 5.32 35.37
N ALA L 57 -40.90 4.48 36.39
CA ALA L 57 -39.58 4.32 37.01
C ALA L 57 -38.58 3.75 36.00
N ARG L 58 -39.01 2.73 35.25
CA ARG L 58 -38.16 2.19 34.20
C ARG L 58 -37.87 3.22 33.12
N TYR L 59 -38.83 4.11 32.84
CA TYR L 59 -38.59 5.15 31.84
C TYR L 59 -37.56 6.16 32.31
N LYS L 60 -37.61 6.54 33.58
CA LYS L 60 -36.57 7.44 34.11
C LYS L 60 -35.21 6.76 34.07
N ALA L 61 -35.14 5.48 34.46
CA ALA L 61 -33.87 4.77 34.38
C ALA L 61 -33.42 4.60 32.93
N TYR L 62 -34.37 4.60 32.00
CA TYR L 62 -34.06 4.51 30.58
C TYR L 62 -33.47 5.81 30.06
N ILE L 63 -34.07 6.93 30.44
CA ILE L 63 -33.61 8.24 29.98
C ILE L 63 -32.27 8.60 30.61
N GLU L 64 -32.09 8.30 31.89
CA GLU L 64 -30.86 8.67 32.58
C GLU L 64 -29.65 7.98 31.96
N ARG L 65 -29.80 6.70 31.58
CA ARG L 65 -28.67 5.96 31.02
C ARG L 65 -28.27 6.49 29.65
N ALA L 66 -29.18 7.15 28.96
CA ALA L 66 -28.90 7.66 27.62
C ALA L 66 -27.87 8.80 27.67
N VAL L 67 -27.32 9.11 26.50
CA VAL L 67 -26.31 10.15 26.35
C VAL L 67 -26.76 11.14 25.28
N TRP L 68 -26.63 12.43 25.56
CA TRP L 68 -26.98 13.48 24.62
C TRP L 68 -25.72 13.96 23.91
N TYR L 69 -25.75 13.90 22.57
CA TYR L 69 -24.56 14.21 21.79
C TYR L 69 -24.27 15.71 21.79
N GLY L 70 -25.30 16.53 21.63
CA GLY L 70 -25.11 17.97 21.66
C GLY L 70 -24.31 18.53 20.51
N ALA L 71 -24.58 18.07 19.28
CA ALA L 71 -23.85 18.58 18.14
C ALA L 71 -24.34 19.97 17.74
N SER L 72 -25.58 20.31 18.10
CA SER L 72 -26.13 21.59 17.70
C SER L 72 -25.40 22.75 18.39
N ALA L 73 -25.16 22.59 19.69
CA ALA L 73 -24.45 23.65 20.45
C ALA L 73 -23.07 23.86 19.83
N ASN L 74 -22.32 22.78 19.60
CA ASN L 74 -20.95 22.89 19.04
C ASN L 74 -21.02 23.56 17.67
N THR L 75 -21.99 23.15 16.83
CA THR L 75 -22.12 23.75 15.47
C THR L 75 -22.30 25.26 15.61
N VAL L 76 -23.24 25.69 16.46
CA VAL L 76 -23.46 27.15 16.68
C VAL L 76 -22.15 27.79 17.14
N ASP L 77 -21.53 27.23 18.19
CA ASP L 77 -20.32 27.84 18.70
C ASP L 77 -19.24 27.93 17.62
N GLY L 78 -19.06 26.84 16.87
CA GLY L 78 -18.05 26.83 15.80
C GLY L 78 -18.38 27.86 14.73
N MET L 79 -19.64 27.88 14.28
CA MET L 79 -20.06 28.84 13.23
C MET L 79 -19.87 30.27 13.74
N LEU L 80 -20.27 30.54 14.98
CA LEU L 80 -20.15 31.90 15.56
C LEU L 80 -18.66 32.29 15.60
N GLY L 81 -17.79 31.35 16.01
CA GLY L 81 -16.35 31.64 16.07
C GLY L 81 -15.79 31.98 14.70
N GLN L 82 -16.24 31.27 13.67
CA GLN L 82 -15.78 31.54 12.27
C GLN L 82 -16.20 32.96 11.88
N ILE L 83 -17.42 33.36 12.27
CA ILE L 83 -17.94 34.72 11.91
C ILE L 83 -17.26 35.77 12.79
N PHE L 84 -16.94 35.43 14.04
CA PHE L 84 -16.36 36.41 14.96
C PHE L 84 -14.93 36.00 15.30
N ALA L 85 -14.03 36.24 14.37
CA ALA L 85 -12.60 36.21 14.60
C ALA L 85 -12.03 37.58 14.30
N ARG L 86 -10.90 37.90 14.93
CA ARG L 86 -10.35 39.26 14.92
C ARG L 86 -11.44 40.18 15.46
N ASP L 87 -11.94 41.14 14.69
CA ASP L 87 -12.94 42.06 15.21
C ASP L 87 -13.64 42.73 14.04
N PRO L 88 -14.93 43.02 14.15
CA PRO L 88 -15.61 43.78 13.10
C PRO L 88 -14.97 45.14 12.89
N VAL L 89 -14.87 45.55 11.63
CA VAL L 89 -14.19 46.78 11.26
C VAL L 89 -15.22 47.89 11.13
N PHE L 90 -14.98 49.01 11.81
CA PHE L 90 -15.87 50.16 11.79
C PHE L 90 -15.25 51.24 10.91
N THR L 91 -16.03 51.72 9.95
CA THR L 91 -15.57 52.71 8.98
C THR L 91 -16.22 54.05 9.27
N GLY L 92 -15.43 55.11 9.24
CA GLY L 92 -15.91 56.44 9.51
C GLY L 92 -15.17 57.09 10.65
N PRO L 93 -15.68 58.22 11.15
CA PRO L 93 -15.04 58.88 12.30
C PRO L 93 -15.06 57.97 13.52
N GLU L 94 -13.87 57.58 13.97
CA GLU L 94 -13.74 56.68 15.10
C GLU L 94 -13.73 57.41 16.44
N ASP L 95 -13.31 58.67 16.47
CA ASP L 95 -13.30 59.43 17.71
C ASP L 95 -14.68 59.99 18.05
N LYS L 96 -15.51 60.29 17.06
CA LYS L 96 -16.87 60.76 17.32
C LYS L 96 -17.81 59.65 17.76
N PHE L 97 -17.49 58.39 17.46
CA PHE L 97 -18.35 57.27 17.81
C PHE L 97 -17.73 56.36 18.86
N ASP L 98 -16.78 56.87 19.64
CA ASP L 98 -16.17 56.04 20.67
C ASP L 98 -17.18 55.58 21.72
N MET L 99 -18.17 56.43 22.02
CA MET L 99 -19.16 56.07 23.04
C MET L 99 -20.03 54.91 22.56
N LEU L 100 -20.34 54.85 21.27
CA LEU L 100 -21.15 53.74 20.75
C LEU L 100 -20.35 52.44 20.75
N ILE L 101 -19.06 52.52 20.43
CA ILE L 101 -18.24 51.31 20.40
C ILE L 101 -17.98 50.78 21.81
N ASN L 102 -17.71 51.69 22.76
CA ASN L 102 -17.28 51.24 24.09
C ASN L 102 -18.46 50.72 24.90
N ASP L 103 -19.42 51.58 25.22
CA ASP L 103 -20.61 51.19 25.98
C ASP L 103 -21.82 51.43 25.09
N VAL L 104 -22.16 50.43 24.28
CA VAL L 104 -23.15 50.61 23.21
C VAL L 104 -24.52 50.89 23.80
N ASP L 105 -24.87 50.22 24.89
CA ASP L 105 -26.17 50.37 25.52
C ASP L 105 -26.09 50.77 26.99
N GLY L 106 -24.99 51.39 27.41
CA GLY L 106 -24.87 51.87 28.77
C GLY L 106 -24.36 50.87 29.78
N SER L 107 -24.16 49.62 29.39
CA SER L 107 -23.71 48.58 30.30
C SER L 107 -22.21 48.31 30.18
N GLY L 108 -21.46 49.20 29.52
CA GLY L 108 -20.05 48.97 29.30
C GLY L 108 -19.75 47.88 28.29
N LEU L 109 -20.77 47.34 27.64
CA LEU L 109 -20.57 46.25 26.68
C LEU L 109 -20.12 46.81 25.34
N SER L 110 -19.06 46.26 24.78
CA SER L 110 -18.59 46.71 23.48
C SER L 110 -19.60 46.35 22.40
N ILE L 111 -19.66 47.15 21.34
CA ILE L 111 -20.59 46.88 20.27
C ILE L 111 -20.26 45.58 19.55
N HIS L 112 -18.99 45.18 19.58
CA HIS L 112 -18.61 43.91 18.96
C HIS L 112 -19.19 42.72 19.73
N GLN L 113 -19.21 42.80 21.06
CA GLN L 113 -19.76 41.70 21.84
C GLN L 113 -21.27 41.64 21.73
N GLN L 114 -21.95 42.79 21.69
CA GLN L 114 -23.38 42.78 21.43
C GLN L 114 -23.66 42.25 20.04
N ALA L 115 -22.80 42.56 19.07
CA ALA L 115 -22.94 42.00 17.74
C ALA L 115 -22.77 40.49 17.78
N ARG L 116 -21.87 39.99 18.61
CA ARG L 116 -21.72 38.55 18.77
C ARG L 116 -22.98 37.92 19.36
N ASP L 117 -23.58 38.57 20.35
CA ASP L 117 -24.83 38.07 20.91
C ASP L 117 -25.93 38.05 19.86
N SER L 118 -26.03 39.12 19.07
CA SER L 118 -27.03 39.19 18.01
C SER L 118 -26.81 38.11 16.96
N ALA L 119 -25.55 37.90 16.57
CA ALA L 119 -25.24 36.88 15.59
C ALA L 119 -25.58 35.49 16.11
N GLU L 120 -25.28 35.21 17.38
CA GLU L 120 -25.63 33.92 17.95
C GLU L 120 -27.14 33.73 18.00
N ASP L 121 -27.87 34.80 18.34
CA ASP L 121 -29.33 34.71 18.37
C ASP L 121 -29.90 34.47 16.98
N ALA L 122 -29.34 35.12 15.96
CA ALA L 122 -29.80 34.92 14.60
C ALA L 122 -29.36 33.58 14.02
N LEU L 123 -28.31 32.97 14.59
CA LEU L 123 -27.86 31.66 14.12
C LEU L 123 -28.62 30.53 14.79
N SER L 124 -29.01 30.70 16.04
CA SER L 124 -29.72 29.63 16.75
C SER L 124 -31.18 29.56 16.31
N LEU L 125 -31.93 30.63 16.53
CA LEU L 125 -33.37 30.65 16.23
C LEU L 125 -33.75 31.68 15.18
N GLY L 126 -32.79 32.40 14.60
CA GLY L 126 -33.03 33.19 13.41
C GLY L 126 -33.97 34.38 13.55
N ARG L 127 -33.84 35.16 14.62
CA ARG L 127 -34.59 36.39 14.74
C ARG L 127 -33.90 37.29 15.75
N GLY L 128 -34.24 38.57 15.71
CA GLY L 128 -33.67 39.52 16.64
C GLY L 128 -34.28 40.88 16.48
N GLY L 129 -33.54 41.89 16.94
CA GLY L 129 -33.98 43.27 16.79
C GLY L 129 -32.99 44.27 17.33
N LEU L 130 -33.03 45.50 16.81
CA LEU L 130 -32.17 46.57 17.27
C LEU L 130 -32.98 47.85 17.37
N PHE L 131 -33.02 48.43 18.57
CA PHE L 131 -33.78 49.64 18.82
C PHE L 131 -32.81 50.77 19.14
N VAL L 132 -32.85 51.83 18.34
CA VAL L 132 -32.02 53.01 18.55
C VAL L 132 -32.91 54.09 19.11
N ASP L 133 -32.67 54.48 20.36
CA ASP L 133 -33.46 55.51 21.03
C ASP L 133 -32.53 56.59 21.57
N TYR L 134 -33.14 57.56 22.25
CA TYR L 134 -32.42 58.71 22.77
C TYR L 134 -32.73 58.86 24.26
N SER L 135 -31.72 59.23 25.04
CA SER L 135 -31.82 59.14 26.49
C SER L 135 -32.93 60.04 27.03
N ALA L 152 -26.45 63.46 27.12
CA ALA L 152 -27.20 63.11 25.93
C ALA L 152 -26.41 62.11 25.10
N ARG L 153 -27.08 61.02 24.70
CA ARG L 153 -26.42 59.94 23.99
C ARG L 153 -27.45 58.96 23.46
N PRO L 154 -27.27 58.40 22.27
CA PRO L 154 -28.19 57.35 21.80
C PRO L 154 -27.73 55.96 22.19
N TYR L 155 -28.71 55.11 22.47
CA TYR L 155 -28.46 53.75 22.92
C TYR L 155 -29.01 52.76 21.91
N ILE L 156 -28.21 51.75 21.59
CA ILE L 156 -28.60 50.71 20.65
C ILE L 156 -29.05 49.51 21.47
N LYS L 157 -30.37 49.38 21.63
CA LYS L 157 -30.96 48.29 22.38
C LYS L 157 -30.68 46.96 21.69
N PHE L 158 -31.01 45.88 22.38
CA PHE L 158 -31.11 44.56 21.76
C PHE L 158 -32.39 43.91 22.25
N ILE L 159 -33.21 43.44 21.31
CA ILE L 159 -34.53 42.90 21.61
C ILE L 159 -34.51 41.41 21.28
N ALA L 160 -34.84 40.59 22.26
CA ALA L 160 -34.85 39.15 22.07
C ALA L 160 -35.95 38.76 21.08
N ALA L 161 -35.79 37.57 20.49
CA ALA L 161 -36.74 37.10 19.50
C ALA L 161 -38.14 36.95 20.09
N GLU L 162 -38.23 36.47 21.32
CA GLU L 162 -39.51 36.29 21.98
C GLU L 162 -40.07 37.58 22.57
N ASP L 163 -39.50 38.74 22.23
CA ASP L 163 -39.96 40.02 22.75
C ASP L 163 -40.70 40.86 21.73
N ILE L 164 -40.28 40.85 20.47
CA ILE L 164 -41.04 41.50 19.40
C ILE L 164 -42.34 40.74 19.24
N LEU L 165 -43.47 41.42 19.47
CA LEU L 165 -44.76 40.74 19.55
C LEU L 165 -45.85 41.35 18.69
N ASN L 166 -45.54 42.35 17.86
CA ASN L 166 -46.54 42.93 16.98
C ASN L 166 -45.89 43.79 15.90
N TRP L 167 -46.29 43.61 14.64
CA TRP L 167 -45.77 44.42 13.55
C TRP L 167 -46.76 44.45 12.40
N ARG L 168 -46.79 45.57 11.70
CA ARG L 168 -47.70 45.78 10.57
C ARG L 168 -46.93 46.44 9.43
N GLU L 169 -47.32 46.09 8.19
CA GLU L 169 -46.64 46.61 7.00
C GLU L 169 -47.65 46.96 5.93
N ARG L 170 -48.06 48.21 5.88
CA ARG L 170 -48.91 48.68 4.80
C ARG L 170 -48.08 49.05 3.58
N TRP L 171 -48.79 49.25 2.46
CA TRP L 171 -48.21 49.88 1.28
C TRP L 171 -48.66 51.33 1.26
N VAL L 172 -47.75 52.24 1.60
CA VAL L 172 -48.06 53.67 1.61
C VAL L 172 -47.38 54.30 0.41
N ASN L 173 -48.19 54.82 -0.51
CA ASN L 173 -47.71 55.42 -1.75
C ASN L 173 -46.78 54.46 -2.49
N GLY L 174 -47.23 53.21 -2.61
CA GLY L 174 -46.46 52.20 -3.31
C GLY L 174 -45.19 51.75 -2.62
N ALA L 175 -45.04 52.04 -1.32
CA ALA L 175 -43.84 51.71 -0.59
C ALA L 175 -44.16 50.79 0.57
N LYS L 176 -43.49 49.65 0.63
CA LYS L 176 -43.58 48.79 1.80
C LYS L 176 -42.92 49.46 2.99
N ARG L 177 -43.72 49.76 4.01
CA ARG L 177 -43.21 50.39 5.23
C ARG L 177 -43.58 49.52 6.42
N THR L 178 -43.08 49.90 7.60
CA THR L 178 -43.53 49.32 8.84
C THR L 178 -44.23 50.41 9.66
N THR L 179 -45.47 50.15 10.05
CA THR L 179 -46.33 51.17 10.65
C THR L 179 -46.44 51.03 12.16
N LEU L 180 -46.60 49.81 12.66
CA LEU L 180 -46.68 49.55 14.09
C LEU L 180 -45.67 48.47 14.44
N LEU L 181 -45.03 48.62 15.60
CA LEU L 181 -44.11 47.60 16.10
C LEU L 181 -44.02 47.76 17.61
N VAL L 182 -44.58 46.81 18.34
CA VAL L 182 -44.63 46.83 19.80
C VAL L 182 -43.75 45.70 20.32
N PHE L 183 -42.80 46.05 21.17
CA PHE L 183 -41.90 45.08 21.78
C PHE L 183 -41.87 45.28 23.29
N ARG L 184 -41.85 44.18 24.02
CA ARG L 184 -41.81 44.24 25.47
C ARG L 184 -40.39 44.57 25.94
N GLU L 185 -40.32 45.30 27.04
CA GLU L 185 -39.06 45.62 27.70
C GLU L 185 -39.16 45.12 29.14
N GLU L 186 -38.23 44.26 29.53
CA GLU L 186 -38.31 43.57 30.81
C GLU L 186 -37.20 44.08 31.73
N SER L 187 -37.59 44.50 32.93
CA SER L 187 -36.67 45.17 33.84
C SER L 187 -36.81 44.58 35.24
N ASP L 188 -35.79 44.80 36.06
CA ASP L 188 -35.79 44.36 37.45
C ASP L 188 -36.07 45.55 38.34
N ALA L 189 -37.18 45.49 39.08
CA ALA L 189 -37.51 46.56 40.01
C ALA L 189 -36.44 46.66 41.09
N ASP L 190 -35.98 47.88 41.36
CA ASP L 190 -34.90 48.10 42.32
C ASP L 190 -35.51 48.61 43.62
N ASP L 191 -35.96 47.67 44.44
CA ASP L 191 -36.49 47.99 45.76
C ASP L 191 -35.35 48.03 46.78
N ASP L 192 -35.70 48.28 48.04
CA ASP L 192 -34.68 48.30 49.09
C ASP L 192 -34.24 46.89 49.46
N GLY L 193 -35.12 45.91 49.35
CA GLY L 193 -34.78 44.56 49.70
C GLY L 193 -33.88 43.90 48.67
N TYR L 194 -33.50 42.65 48.96
CA TYR L 194 -32.58 41.92 48.12
C TYR L 194 -33.27 40.85 47.28
N GLN L 195 -34.57 40.65 47.47
CA GLN L 195 -35.33 39.72 46.65
C GLN L 195 -35.42 40.24 45.22
N ILE L 196 -35.89 39.38 44.32
CA ILE L 196 -35.96 39.70 42.90
C ILE L 196 -37.42 39.96 42.52
N TYR L 197 -37.68 41.18 42.05
CA TYR L 197 -38.96 41.54 41.45
C TYR L 197 -38.84 41.38 39.95
N LYS L 198 -39.90 41.78 39.24
CA LYS L 198 -39.87 41.80 37.78
C LYS L 198 -40.92 42.78 37.30
N GLU L 199 -40.47 43.88 36.69
CA GLU L 199 -41.36 44.85 36.07
C GLU L 199 -41.11 44.90 34.58
N GLU L 200 -42.18 44.86 33.80
CA GLU L 200 -42.11 44.80 32.35
C GLU L 200 -42.84 46.00 31.76
N VAL L 201 -42.25 46.56 30.71
CA VAL L 201 -42.74 47.79 30.08
C VAL L 201 -42.86 47.56 28.59
N TRP L 202 -43.96 48.02 28.00
CA TRP L 202 -44.23 47.82 26.58
C TRP L 202 -43.99 49.12 25.84
N ARG L 203 -43.16 49.07 24.80
CA ARG L 203 -42.86 50.23 23.97
C ARG L 203 -43.65 50.12 22.68
N GLU L 204 -44.40 51.16 22.35
CA GLU L 204 -45.22 51.19 21.15
C GLU L 204 -44.58 52.14 20.14
N LEU L 205 -43.99 51.57 19.09
CA LEU L 205 -43.38 52.34 18.02
C LEU L 205 -44.36 52.38 16.85
N ARG L 206 -44.92 53.56 16.60
CA ARG L 206 -45.94 53.74 15.57
C ARG L 206 -45.46 54.75 14.55
N LEU L 207 -45.82 54.53 13.29
CA LEU L 207 -45.49 55.43 12.19
C LEU L 207 -46.79 55.96 11.60
N VAL L 208 -47.11 57.22 11.87
CA VAL L 208 -48.29 57.87 11.32
C VAL L 208 -47.83 58.93 10.33
N ASP L 209 -48.59 59.08 9.24
CA ASP L 209 -48.38 60.05 8.16
C ASP L 209 -46.90 60.36 7.94
N GLY L 210 -46.12 59.30 7.77
CA GLY L 210 -44.70 59.44 7.52
C GLY L 210 -43.93 60.07 8.66
N THR L 211 -44.41 59.94 9.89
CA THR L 211 -43.75 60.51 11.05
C THR L 211 -43.69 59.47 12.16
N TYR L 212 -42.51 59.30 12.73
CA TYR L 212 -42.31 58.26 13.74
C TYR L 212 -42.71 58.78 15.13
N TRP L 213 -43.61 58.05 15.77
CA TRP L 213 -44.07 58.36 17.13
C TRP L 213 -43.87 57.15 18.01
N GLN L 214 -43.33 57.37 19.21
CA GLN L 214 -43.12 56.30 20.17
C GLN L 214 -43.90 56.58 21.44
N ARG L 215 -44.38 55.51 22.06
CA ARG L 215 -45.15 55.60 23.29
C ARG L 215 -44.85 54.40 24.16
N THR L 216 -44.81 54.60 25.47
CA THR L 216 -44.49 53.54 26.40
C THR L 216 -45.65 53.27 27.34
N TRP L 217 -45.80 52.00 27.72
CA TRP L 217 -46.91 51.55 28.56
C TRP L 217 -46.35 50.87 29.79
N ARG L 218 -46.78 51.31 30.97
CA ARG L 218 -46.34 50.72 32.22
C ARG L 218 -47.55 50.42 33.08
N GLU L 219 -47.54 49.27 33.75
CA GLU L 219 -48.62 48.84 34.62
C GLU L 219 -48.25 49.10 36.07
N ASN L 220 -49.23 49.54 36.85
CA ASN L 220 -48.99 49.92 38.25
C ASN L 220 -50.31 49.92 39.00
N ASP L 221 -50.42 49.08 40.03
CA ASP L 221 -51.61 48.99 40.89
C ASP L 221 -52.84 48.58 40.08
N GLY L 222 -52.68 47.53 39.28
CA GLY L 222 -53.81 46.98 38.56
C GLY L 222 -54.35 47.84 37.45
N GLN L 223 -53.67 48.95 37.14
CA GLN L 223 -54.11 49.88 36.09
C GLN L 223 -52.97 50.01 35.09
N LEU L 224 -53.27 49.77 33.81
CA LEU L 224 -52.27 49.90 32.77
C LEU L 224 -52.29 51.31 32.20
N TYR L 225 -51.19 52.04 32.39
CA TYR L 225 -51.09 53.44 31.99
C TYR L 225 -50.54 53.56 30.58
N VAL L 226 -50.78 54.73 29.98
CA VAL L 226 -50.46 54.97 28.58
C VAL L 226 -49.30 55.93 28.40
N ASP L 227 -49.00 56.75 29.41
CA ASP L 227 -48.03 57.85 29.30
C ASP L 227 -48.53 58.80 28.22
N ASP L 228 -47.74 59.09 27.18
CA ASP L 228 -48.16 60.07 26.18
C ASP L 228 -47.36 59.84 24.90
N TRP L 229 -47.88 60.40 23.81
CA TRP L 229 -47.25 60.33 22.51
C TRP L 229 -46.09 61.31 22.43
N ILE L 230 -45.04 60.91 21.72
CA ILE L 230 -43.88 61.79 21.53
C ILE L 230 -43.16 61.35 20.27
N SER L 231 -42.67 62.32 19.51
CA SER L 231 -41.89 62.06 18.30
C SER L 231 -40.44 62.43 18.53
N PRO L 232 -39.53 61.47 18.65
CA PRO L 232 -38.11 61.81 18.70
C PRO L 232 -37.68 62.54 17.45
N THR L 233 -36.81 63.54 17.62
CA THR L 233 -36.38 64.40 16.54
C THR L 233 -34.87 64.30 16.36
N LYS L 234 -34.43 64.44 15.12
CA LYS L 234 -33.01 64.51 14.85
C LYS L 234 -32.42 65.80 15.42
N ALA L 235 -31.09 65.84 15.50
CA ALA L 235 -30.43 66.97 16.16
C ALA L 235 -30.79 68.28 15.49
N ASP L 236 -30.76 68.32 14.16
CA ASP L 236 -31.18 69.53 13.45
C ASP L 236 -32.70 69.69 13.52
N GLY L 237 -33.45 68.60 13.48
CA GLY L 237 -34.88 68.60 13.55
C GLY L 237 -35.48 67.64 12.55
N SER L 238 -36.68 67.96 12.09
CA SER L 238 -37.40 67.26 11.03
C SER L 238 -37.87 65.87 11.44
N GLN L 239 -37.82 65.53 12.73
CA GLN L 239 -38.30 64.26 13.31
C GLN L 239 -37.79 63.09 12.47
N PHE L 240 -38.49 61.96 12.41
CA PHE L 240 -38.04 60.78 11.68
C PHE L 240 -39.09 60.37 10.66
N ASP L 241 -38.64 59.82 9.54
CA ASP L 241 -39.52 59.36 8.48
C ASP L 241 -39.83 57.87 8.56
N GLU L 242 -39.08 57.10 9.34
CA GLU L 242 -39.31 55.68 9.49
C GLU L 242 -38.99 55.27 10.92
N ILE L 243 -39.47 54.10 11.31
CA ILE L 243 -39.33 53.61 12.67
C ILE L 243 -37.88 53.16 12.87
N PRO L 244 -37.16 53.69 13.85
CA PRO L 244 -35.77 53.25 14.08
C PRO L 244 -35.69 51.88 14.73
N PHE L 245 -36.07 50.85 13.99
CA PHE L 245 -36.05 49.49 14.52
C PHE L 245 -35.87 48.52 13.37
N VAL L 246 -34.72 47.86 13.33
CA VAL L 246 -34.41 46.87 12.30
C VAL L 246 -34.57 45.49 12.91
N ILE L 247 -35.23 44.59 12.19
CA ILE L 247 -35.42 43.22 12.64
C ILE L 247 -34.59 42.34 11.71
N PHE L 248 -33.35 42.07 12.10
CA PHE L 248 -32.50 41.16 11.36
C PHE L 248 -32.96 39.73 11.59
N GLY L 249 -32.61 38.85 10.66
CA GLY L 249 -33.01 37.47 10.76
C GLY L 249 -32.03 36.58 10.03
N SER L 250 -32.33 35.27 10.07
CA SER L 250 -31.49 34.31 9.36
C SER L 250 -31.50 34.56 7.87
N LYS L 251 -32.68 34.82 7.30
CA LYS L 251 -32.81 34.95 5.85
C LYS L 251 -32.53 36.37 5.38
N ASN L 252 -33.27 37.34 5.92
CA ASN L 252 -33.13 38.73 5.49
C ASN L 252 -33.67 39.63 6.59
N ASN L 253 -33.53 40.94 6.37
CA ASN L 253 -33.99 41.95 7.32
C ASN L 253 -35.50 42.21 7.14
N ASP L 254 -36.26 41.13 7.19
CA ASP L 254 -37.70 41.23 7.04
C ASP L 254 -38.39 41.05 8.39
N PRO L 255 -39.43 41.81 8.68
CA PRO L 255 -40.24 41.52 9.87
C PRO L 255 -40.89 40.15 9.83
N THR L 256 -41.14 39.62 8.63
CA THR L 256 -41.72 38.28 8.50
C THR L 256 -40.80 37.25 9.13
N ILE L 257 -41.41 36.27 9.80
CA ILE L 257 -40.66 35.25 10.52
C ILE L 257 -39.81 34.45 9.54
N ASP L 258 -38.55 34.25 9.89
CA ASP L 258 -37.62 33.49 9.07
C ASP L 258 -37.41 32.11 9.68
N MET L 259 -37.12 31.13 8.82
CA MET L 259 -36.90 29.77 9.28
C MET L 259 -35.65 29.71 10.15
N PRO L 260 -35.70 29.06 11.32
CA PRO L 260 -34.50 28.89 12.12
C PRO L 260 -33.51 27.98 11.42
N PRO L 261 -32.23 28.37 11.36
CA PRO L 261 -31.25 27.55 10.64
C PRO L 261 -30.89 26.25 11.34
N MET L 262 -31.24 26.09 12.61
CA MET L 262 -30.80 24.95 13.40
C MET L 262 -31.85 23.85 13.53
N ARG L 263 -32.98 24.01 12.83
CA ARG L 263 -34.09 23.03 12.98
C ARG L 263 -33.64 21.62 12.57
N ASP L 264 -33.15 21.45 11.35
CA ASP L 264 -32.78 20.09 10.86
C ASP L 264 -31.77 19.46 11.81
N LEU L 265 -30.74 20.20 12.21
CA LEU L 265 -29.72 19.67 13.16
C LEU L 265 -30.42 19.19 14.42
N VAL L 266 -31.29 20.02 15.00
CA VAL L 266 -31.97 19.65 16.24
C VAL L 266 -32.73 18.35 16.06
N GLU L 267 -33.42 18.21 14.92
CA GLU L 267 -34.20 16.97 14.63
C GLU L 267 -33.25 15.78 14.67
N LEU L 268 -32.14 15.85 13.93
CA LEU L 268 -31.17 14.72 13.87
C LEU L 268 -30.63 14.46 15.28
N ASN L 269 -30.27 15.53 16.00
CA ASN L 269 -29.71 15.38 17.37
C ASN L 269 -30.71 14.61 18.24
N ILE L 270 -32.01 14.87 18.04
CA ILE L 270 -33.04 14.17 18.81
C ILE L 270 -33.12 12.70 18.38
N ALA L 271 -33.08 12.45 17.08
CA ALA L 271 -33.10 11.06 16.60
C ALA L 271 -31.88 10.30 17.10
N HIS L 272 -30.70 10.92 17.04
CA HIS L 272 -29.49 10.28 17.56
C HIS L 272 -29.60 10.03 19.05
N PHE L 273 -30.24 10.94 19.78
CA PHE L 273 -30.43 10.75 21.22
C PHE L 273 -31.32 9.54 21.51
N ARG L 274 -32.40 9.38 20.75
CA ARG L 274 -33.27 8.23 20.94
C ARG L 274 -32.53 6.93 20.61
N ASN L 275 -31.78 6.92 19.50
CA ASN L 275 -31.01 5.73 19.17
C ASN L 275 -29.94 5.46 20.23
N SER L 276 -29.35 6.50 20.81
CA SER L 276 -28.38 6.31 21.88
C SER L 276 -29.04 5.71 23.11
N ALA L 277 -30.27 6.14 23.41
CA ALA L 277 -31.00 5.52 24.52
C ALA L 277 -31.18 4.03 24.28
N ASP L 278 -31.64 3.65 23.08
CA ASP L 278 -31.82 2.24 22.77
C ASP L 278 -30.50 1.49 22.90
N TYR L 279 -29.44 2.03 22.31
CA TYR L 279 -28.14 1.37 22.31
C TYR L 279 -27.59 1.23 23.72
N GLU L 280 -27.77 2.24 24.56
CA GLU L 280 -27.22 2.19 25.91
C GLU L 280 -27.99 1.20 26.77
N GLU L 281 -29.30 1.12 26.60
CA GLU L 281 -30.05 0.08 27.31
C GLU L 281 -29.58 -1.31 26.88
N ALA L 282 -29.37 -1.51 25.57
CA ALA L 282 -28.88 -2.80 25.11
C ALA L 282 -27.50 -3.10 25.67
N CYS L 283 -26.62 -2.09 25.72
CA CYS L 283 -25.29 -2.29 26.27
C CYS L 283 -25.34 -2.65 27.74
N PHE L 284 -26.20 -1.99 28.51
CA PHE L 284 -26.31 -2.29 29.93
C PHE L 284 -26.83 -3.70 30.16
N ILE L 285 -27.83 -4.12 29.39
CA ILE L 285 -28.47 -5.42 29.66
C ILE L 285 -27.64 -6.56 29.09
N CYS L 286 -27.46 -6.58 27.77
CA CYS L 286 -26.89 -7.73 27.08
C CYS L 286 -25.43 -7.54 26.71
N GLY L 287 -24.76 -6.52 27.25
CA GLY L 287 -23.36 -6.32 26.92
C GLY L 287 -22.39 -7.20 27.68
N GLN L 288 -22.86 -7.95 28.67
CA GLN L 288 -22.01 -8.79 29.49
C GLN L 288 -22.08 -10.23 29.03
N PRO L 289 -20.95 -10.94 28.97
CA PRO L 289 -21.00 -12.37 28.70
C PRO L 289 -21.68 -13.12 29.83
N THR L 290 -22.33 -14.23 29.48
CA THR L 290 -23.05 -15.05 30.43
C THR L 290 -22.71 -16.52 30.19
N LEU L 291 -22.55 -17.28 31.28
CA LEU L 291 -22.05 -18.65 31.17
C LEU L 291 -23.01 -19.54 30.38
N PHE L 292 -24.28 -19.55 30.75
CA PHE L 292 -25.32 -20.30 30.04
C PHE L 292 -24.96 -21.79 29.97
N LEU L 293 -24.90 -22.41 31.14
CA LEU L 293 -24.61 -23.83 31.24
C LEU L 293 -25.88 -24.60 30.87
N SER L 294 -25.86 -25.24 29.70
CA SER L 294 -26.99 -26.02 29.23
C SER L 294 -26.76 -27.50 29.49
N GLY L 295 -27.82 -28.29 29.41
CA GLY L 295 -27.71 -29.70 29.74
C GLY L 295 -27.37 -29.95 31.19
N LEU L 296 -27.97 -29.18 32.09
CA LEU L 296 -27.68 -29.25 33.51
C LEU L 296 -28.92 -29.72 34.27
N THR L 297 -28.69 -30.51 35.31
CA THR L 297 -29.76 -31.03 36.16
C THR L 297 -29.67 -30.41 37.54
N GLU L 298 -30.83 -30.23 38.17
CA GLU L 298 -30.86 -29.65 39.52
C GLU L 298 -30.08 -30.52 40.50
N HIS L 299 -30.11 -31.84 40.30
CA HIS L 299 -29.32 -32.73 41.14
C HIS L 299 -27.83 -32.42 41.02
N TRP L 300 -27.34 -32.25 39.79
CA TRP L 300 -25.94 -31.91 39.58
C TRP L 300 -25.58 -30.58 40.21
N VAL L 301 -26.46 -29.59 40.06
CA VAL L 301 -26.21 -28.27 40.64
C VAL L 301 -26.09 -28.37 42.16
N LYS L 302 -27.07 -29.01 42.80
CA LYS L 302 -27.07 -29.09 44.25
C LYS L 302 -26.01 -30.06 44.79
N ASN L 303 -25.44 -30.90 43.92
CA ASN L 303 -24.38 -31.80 44.38
C ASN L 303 -23.00 -31.16 44.26
N VAL L 304 -22.63 -30.71 43.06
CA VAL L 304 -21.28 -30.26 42.81
C VAL L 304 -21.16 -28.74 42.68
N LEU L 305 -22.25 -28.05 42.36
CA LEU L 305 -22.20 -26.60 42.23
C LEU L 305 -22.67 -25.91 43.50
N GLY L 306 -23.76 -26.39 44.09
CA GLY L 306 -24.28 -25.80 45.31
C GLY L 306 -24.71 -24.35 45.14
N GLY L 307 -25.25 -24.00 43.99
CA GLY L 307 -25.68 -22.64 43.74
C GLY L 307 -24.55 -21.65 43.62
N ALA L 308 -23.36 -22.10 43.23
CA ALA L 308 -22.22 -21.21 43.07
C ALA L 308 -21.26 -21.81 42.05
N VAL L 309 -20.60 -20.94 41.29
CA VAL L 309 -19.67 -21.35 40.25
C VAL L 309 -18.39 -20.56 40.41
N VAL L 310 -17.26 -21.25 40.32
CA VAL L 310 -15.95 -20.60 40.31
C VAL L 310 -15.52 -20.40 38.86
N ILE L 311 -15.07 -19.19 38.55
CA ILE L 311 -14.84 -18.76 37.17
C ILE L 311 -13.40 -18.30 36.95
N GLY L 312 -12.54 -18.46 37.94
CA GLY L 312 -11.15 -18.09 37.76
C GLY L 312 -10.39 -19.12 36.96
N SER L 313 -9.13 -18.80 36.67
CA SER L 313 -8.26 -19.75 35.99
C SER L 313 -7.74 -20.83 36.92
N ARG L 314 -7.65 -20.53 38.23
CA ARG L 314 -7.12 -21.51 39.17
C ARG L 314 -7.99 -22.74 39.26
N ASP L 315 -9.31 -22.56 39.25
CA ASP L 315 -10.25 -23.66 39.44
C ASP L 315 -11.02 -23.96 38.17
N ALA L 316 -11.28 -25.24 37.94
CA ALA L 316 -12.06 -25.70 36.80
C ALA L 316 -13.25 -26.50 37.30
N VAL L 317 -14.41 -26.30 36.68
CA VAL L 317 -15.63 -26.94 37.14
C VAL L 317 -16.01 -28.07 36.18
N PRO L 318 -16.41 -29.23 36.70
CA PRO L 318 -16.87 -30.31 35.82
C PRO L 318 -18.35 -30.19 35.49
N LEU L 319 -18.72 -30.82 34.37
CA LEU L 319 -20.08 -30.81 33.87
C LEU L 319 -20.53 -32.23 33.56
N PRO L 320 -21.83 -32.49 33.59
CA PRO L 320 -22.32 -33.84 33.25
C PRO L 320 -22.17 -34.16 31.77
N VAL L 321 -22.62 -35.34 31.36
CA VAL L 321 -22.50 -35.75 29.96
C VAL L 321 -23.45 -34.91 29.10
N ASN L 322 -22.96 -34.49 27.94
CA ASN L 322 -23.73 -33.69 26.99
C ASN L 322 -24.21 -32.38 27.60
N ALA L 323 -23.28 -31.66 28.22
CA ALA L 323 -23.53 -30.32 28.72
C ALA L 323 -22.75 -29.33 27.86
N LYS L 324 -23.41 -28.24 27.47
CA LYS L 324 -22.82 -27.29 26.53
C LYS L 324 -22.72 -25.90 27.16
N PRO L 325 -21.56 -25.53 27.70
CA PRO L 325 -21.37 -24.16 28.19
C PRO L 325 -20.88 -23.24 27.08
N GLU L 326 -21.56 -22.11 26.88
CA GLU L 326 -21.18 -21.16 25.85
C GLU L 326 -21.41 -19.75 26.35
N LEU L 327 -20.39 -18.91 26.20
CA LEU L 327 -20.51 -17.51 26.64
C LEU L 327 -21.23 -16.70 25.58
N LEU L 328 -22.35 -16.10 25.95
CA LEU L 328 -23.19 -15.35 25.03
C LEU L 328 -23.19 -13.89 25.41
N GLN L 329 -22.84 -13.03 24.46
CA GLN L 329 -22.87 -11.59 24.65
C GLN L 329 -23.18 -10.92 23.32
N ALA L 330 -23.81 -9.75 23.40
CA ALA L 330 -24.20 -9.04 22.19
C ALA L 330 -22.99 -8.69 21.34
N GLU L 331 -22.99 -9.16 20.11
CA GLU L 331 -21.87 -8.92 19.21
C GLU L 331 -21.89 -7.47 18.73
N GLY L 332 -20.71 -7.00 18.31
CA GLY L 332 -20.56 -5.65 17.85
C GLY L 332 -21.08 -5.45 16.43
N ASN L 333 -20.96 -4.20 15.97
CA ASN L 333 -21.39 -3.81 14.64
C ASN L 333 -22.87 -4.14 14.42
N GLY L 334 -23.68 -3.93 15.44
CA GLY L 334 -25.11 -4.12 15.31
C GLY L 334 -25.74 -3.02 14.48
N MET L 335 -27.03 -3.22 14.17
CA MET L 335 -27.70 -2.29 13.28
C MET L 335 -28.12 -1.00 14.00
N VAL L 336 -28.32 -1.05 15.31
CA VAL L 336 -28.56 0.18 16.05
C VAL L 336 -27.30 1.03 16.11
N LYS L 337 -26.14 0.39 16.30
CA LYS L 337 -24.88 1.12 16.28
C LYS L 337 -24.63 1.72 14.90
N GLU L 338 -24.94 0.96 13.84
CA GLU L 338 -24.74 1.49 12.50
C GLU L 338 -25.74 2.60 12.20
N ALA L 339 -26.93 2.54 12.81
CA ALA L 339 -27.88 3.65 12.67
C ALA L 339 -27.34 4.92 13.33
N MET L 340 -26.76 4.77 14.53
CA MET L 340 -26.17 5.92 15.20
C MET L 340 -25.01 6.50 14.38
N ASP L 341 -24.16 5.63 13.85
CA ASP L 341 -23.05 6.08 13.01
C ASP L 341 -23.58 6.78 11.76
N GLN L 342 -24.62 6.22 11.15
CA GLN L 342 -25.24 6.86 10.00
C GLN L 342 -25.71 8.26 10.34
N LYS L 343 -26.45 8.42 11.44
CA LYS L 343 -26.96 9.74 11.79
C LYS L 343 -25.86 10.73 12.11
N GLU L 344 -24.78 10.27 12.74
CA GLU L 344 -23.63 11.15 12.94
C GLU L 344 -23.05 11.59 11.60
N ARG L 345 -22.96 10.65 10.66
CA ARG L 345 -22.46 10.98 9.30
C ARG L 345 -23.44 11.97 8.65
N GLN L 346 -24.74 11.73 8.79
CA GLN L 346 -25.75 12.61 8.13
C GLN L 346 -25.59 14.05 8.64
N MET L 347 -25.34 14.21 9.95
CA MET L 347 -25.12 15.57 10.52
C MET L 347 -23.89 16.20 9.87
N VAL L 348 -22.80 15.43 9.80
CA VAL L 348 -21.55 15.93 9.15
C VAL L 348 -21.84 16.20 7.67
N ALA L 349 -22.61 15.32 7.03
CA ALA L 349 -22.96 15.49 5.60
C ALA L 349 -23.71 16.82 5.42
N LEU L 350 -24.63 17.14 6.35
CA LEU L 350 -25.39 18.41 6.27
C LEU L 350 -24.41 19.58 6.21
N GLY L 351 -23.11 19.32 6.42
CA GLY L 351 -22.09 20.38 6.35
C GLY L 351 -21.97 21.13 7.66
N ALA L 352 -22.70 20.69 8.69
CA ALA L 352 -22.66 21.37 10.01
C ALA L 352 -21.27 21.21 10.64
N LYS L 353 -20.73 22.30 11.19
CA LYS L 353 -19.37 22.26 11.80
C LYS L 353 -19.49 21.84 13.27
N LEU L 354 -19.78 20.56 13.53
CA LEU L 354 -19.98 20.09 14.92
C LEU L 354 -18.72 19.36 15.42
N ILE L 355 -18.14 18.47 14.60
CA ILE L 355 -16.97 17.66 15.07
C ILE L 355 -15.96 17.50 13.93
N ASP L 356 -14.85 16.78 14.20
CA ASP L 356 -13.83 16.51 13.16
C ASP L 356 -13.46 15.03 13.21
N SER L 357 -12.76 14.52 12.18
CA SER L 357 -12.40 13.11 12.14
C SER L 357 -10.92 13.00 11.80
N ASP L 358 -10.12 12.52 12.76
CA ASP L 358 -8.68 12.46 12.56
C ASP L 358 -8.28 11.41 11.52
N LYS L 359 -8.98 10.27 11.48
CA LYS L 359 -8.64 9.24 10.50
C LYS L 359 -8.87 9.74 9.08
N THR L 360 -9.96 10.46 8.85
CA THR L 360 -10.27 10.95 7.52
C THR L 360 -9.27 12.01 7.08
N GLN L 361 -8.88 11.96 5.81
CA GLN L 361 -7.99 12.94 5.21
C GLN L 361 -8.60 13.47 3.93
N ARG L 362 -8.20 14.68 3.55
CA ARG L 362 -8.69 15.32 2.34
C ARG L 362 -7.51 15.83 1.54
N THR L 363 -7.54 15.59 0.23
CA THR L 363 -6.54 16.16 -0.66
C THR L 363 -6.74 17.67 -0.74
N PHE L 364 -5.71 18.43 -0.35
CA PHE L 364 -5.83 19.87 -0.22
C PHE L 364 -6.07 20.52 -1.59
N GLY L 365 -6.88 21.57 -1.60
CA GLY L 365 -7.31 22.22 -2.81
C GLY L 365 -8.73 21.88 -3.22
N GLU L 366 -9.25 20.74 -2.75
CA GLU L 366 -10.63 20.38 -3.03
C GLU L 366 -11.60 21.23 -2.22
N ALA L 367 -11.31 21.41 -0.93
CA ALA L 367 -12.19 22.18 -0.05
C ALA L 367 -12.17 23.67 -0.33
N SER L 368 -11.15 24.18 -1.03
CA SER L 368 -11.11 25.60 -1.35
C SER L 368 -12.27 25.98 -2.27
N MET L 369 -12.57 25.14 -3.24
CA MET L 369 -13.68 25.40 -4.15
C MET L 369 -15.01 25.37 -3.40
N GLU L 370 -15.10 24.53 -2.37
CA GLU L 370 -16.31 24.17 -1.65
C GLU L 370 -16.58 25.03 -0.43
N ALA L 371 -15.59 25.81 0.01
CA ALA L 371 -15.79 26.69 1.16
C ALA L 371 -16.91 27.69 0.93
N ALA L 372 -17.12 28.11 -0.32
CA ALA L 372 -18.21 29.03 -0.61
C ALA L 372 -19.56 28.42 -0.28
N ALA L 373 -19.70 27.12 -0.57
CA ALA L 373 -20.96 26.42 -0.21
C ALA L 373 -20.97 26.14 1.29
N GLN L 374 -19.79 25.91 1.89
CA GLN L 374 -19.70 25.60 3.35
C GLN L 374 -20.03 26.84 4.17
N ASN L 375 -19.57 28.02 3.74
CA ASN L 375 -19.77 29.26 4.55
C ASN L 375 -21.00 30.02 4.03
N SER L 376 -21.90 29.34 3.31
CA SER L 376 -23.11 30.01 2.75
C SER L 376 -23.91 30.65 3.89
N VAL L 377 -24.24 29.88 4.92
CA VAL L 377 -25.04 30.40 6.06
C VAL L 377 -24.21 31.46 6.79
N LEU L 378 -22.92 31.19 6.99
CA LEU L 378 -22.03 32.14 7.71
C LEU L 378 -22.11 33.50 7.03
N SER L 379 -21.99 33.53 5.70
CA SER L 379 -22.02 34.81 4.96
C SER L 379 -23.40 35.45 5.08
N ARG L 380 -24.47 34.65 4.97
CA ARG L 380 -25.81 35.21 5.01
C ARG L 380 -26.07 35.95 6.31
N VAL L 381 -25.78 35.29 7.43
CA VAL L 381 -26.00 35.90 8.74
C VAL L 381 -25.08 37.10 8.93
N SER L 382 -23.83 37.00 8.49
CA SER L 382 -22.89 38.11 8.65
C SER L 382 -23.37 39.34 7.89
N LYS L 383 -23.83 39.15 6.64
CA LYS L 383 -24.34 40.27 5.88
C LYS L 383 -25.58 40.88 6.53
N ASN L 384 -26.50 40.03 6.99
CA ASN L 384 -27.71 40.55 7.62
C ASN L 384 -27.38 41.38 8.85
N VAL L 385 -26.52 40.86 9.72
CA VAL L 385 -26.18 41.56 10.96
C VAL L 385 -25.39 42.83 10.66
N SER L 386 -24.49 42.78 9.68
CA SER L 386 -23.73 43.97 9.33
C SER L 386 -24.64 45.06 8.80
N ASP L 387 -25.61 44.69 7.97
CA ASP L 387 -26.57 45.69 7.47
C ASP L 387 -27.39 46.27 8.60
N ALA L 388 -27.86 45.42 9.52
CA ALA L 388 -28.66 45.91 10.63
C ALA L 388 -27.88 46.88 11.49
N TYR L 389 -26.64 46.53 11.82
CA TYR L 389 -25.84 47.42 12.66
C TYR L 389 -25.44 48.68 11.93
N THR L 390 -25.22 48.61 10.61
CA THR L 390 -24.95 49.81 9.84
C THR L 390 -26.14 50.76 9.89
N LYS L 391 -27.35 50.23 9.72
CA LYS L 391 -28.54 51.08 9.80
C LYS L 391 -28.69 51.67 11.20
N ALA L 392 -28.42 50.88 12.24
CA ALA L 392 -28.52 51.38 13.61
C ALA L 392 -27.52 52.50 13.86
N LEU L 393 -26.29 52.34 13.38
CA LEU L 393 -25.28 53.38 13.54
C LEU L 393 -25.66 54.64 12.77
N ARG L 394 -26.21 54.49 11.56
CA ARG L 394 -26.67 55.65 10.81
C ARG L 394 -27.77 56.38 11.57
N TRP L 395 -28.71 55.65 12.16
CA TRP L 395 -29.76 56.28 12.93
C TRP L 395 -29.20 57.01 14.15
N ALA L 396 -28.23 56.39 14.83
CA ALA L 396 -27.61 57.06 15.96
C ALA L 396 -26.90 58.34 15.53
N ALA L 397 -26.22 58.30 14.40
CA ALA L 397 -25.58 59.50 13.86
C ALA L 397 -26.61 60.58 13.55
N MET L 398 -27.77 60.16 13.02
CA MET L 398 -28.84 61.12 12.77
C MET L 398 -29.32 61.76 14.07
N PHE L 399 -29.45 60.96 15.14
CA PHE L 399 -29.80 61.53 16.43
C PHE L 399 -28.76 62.54 16.90
N LEU L 400 -27.48 62.20 16.80
CA LEU L 400 -26.43 63.07 17.30
C LEU L 400 -26.11 64.22 16.35
N GLY L 401 -26.68 64.24 15.16
CA GLY L 401 -26.30 65.24 14.18
C GLY L 401 -24.88 65.08 13.69
N LEU L 402 -24.47 63.84 13.43
CA LEU L 402 -23.13 63.53 12.97
C LEU L 402 -23.17 63.12 11.51
N ASP L 403 -22.03 62.71 10.97
CA ASP L 403 -21.97 62.21 9.60
C ASP L 403 -22.70 60.87 9.51
N GLU L 404 -23.48 60.70 8.44
CA GLU L 404 -24.34 59.54 8.31
C GLU L 404 -23.81 58.46 7.38
N LYS L 405 -22.75 58.73 6.61
CA LYS L 405 -22.21 57.75 5.68
C LYS L 405 -21.16 56.87 6.36
N ILE L 406 -21.59 56.25 7.46
CA ILE L 406 -20.74 55.35 8.23
C ILE L 406 -21.18 53.91 7.97
N GLU L 407 -20.23 52.98 8.13
CA GLU L 407 -20.49 51.57 7.88
C GLU L 407 -19.88 50.73 9.00
N TYR L 408 -20.41 49.53 9.15
CA TYR L 408 -19.97 48.58 10.17
C TYR L 408 -20.05 47.19 9.57
N GLU L 409 -18.90 46.59 9.26
CA GLU L 409 -18.84 45.31 8.57
C GLU L 409 -18.31 44.23 9.50
N LEU L 410 -18.87 43.03 9.38
CA LEU L 410 -18.39 41.88 10.13
C LEU L 410 -17.25 41.21 9.36
N ASN L 411 -16.85 40.03 9.79
CA ASN L 411 -15.77 39.30 9.14
C ASN L 411 -16.35 38.50 7.99
N SER L 412 -16.17 38.98 6.77
CA SER L 412 -16.63 38.28 5.57
C SER L 412 -15.61 37.28 5.05
N ASP L 413 -14.39 37.28 5.57
CA ASP L 413 -13.34 36.37 5.16
C ASP L 413 -13.15 35.33 6.26
N PHE L 414 -13.82 34.20 6.12
CA PHE L 414 -13.78 33.14 7.12
C PHE L 414 -12.49 32.33 6.96
N ASP L 415 -12.39 31.27 7.75
CA ASP L 415 -11.19 30.41 7.76
C ASP L 415 -9.94 31.23 8.06
N ILE L 416 -9.97 31.97 9.18
CA ILE L 416 -8.85 32.81 9.56
C ILE L 416 -7.61 31.96 9.78
N ASN L 417 -6.48 32.43 9.27
CA ASN L 417 -5.23 31.71 9.42
C ASN L 417 -4.08 32.72 9.48
N LYS L 418 -2.97 32.28 10.07
CA LYS L 418 -1.77 33.09 10.10
C LYS L 418 -1.22 33.29 8.70
N MET L 419 -0.82 34.51 8.38
CA MET L 419 -0.26 34.78 7.06
C MET L 419 1.07 34.08 6.89
N SER L 420 1.24 33.46 5.72
CA SER L 420 2.53 32.88 5.36
C SER L 420 3.51 34.00 5.04
N PRO L 421 4.81 33.69 5.03
CA PRO L 421 5.79 34.70 4.55
C PRO L 421 5.49 35.17 3.14
N GLU L 422 5.01 34.27 2.28
CA GLU L 422 4.68 34.64 0.92
C GLU L 422 3.51 35.62 0.89
N GLU L 423 2.46 35.36 1.68
CA GLU L 423 1.34 36.29 1.75
C GLU L 423 1.78 37.64 2.31
N LEU L 424 2.65 37.62 3.32
CA LEU L 424 3.18 38.86 3.87
C LEU L 424 3.90 39.67 2.79
N ALA L 425 4.84 39.03 2.08
CA ALA L 425 5.57 39.74 1.04
C ALA L 425 4.63 40.24 -0.05
N ALA L 426 3.62 39.44 -0.39
CA ALA L 426 2.68 39.82 -1.44
C ALA L 426 1.89 41.06 -1.06
N VAL L 427 1.34 41.09 0.16
CA VAL L 427 0.55 42.25 0.56
C VAL L 427 1.44 43.48 0.73
N ILE L 428 2.67 43.29 1.22
CA ILE L 428 3.58 44.44 1.33
C ILE L 428 3.87 45.01 -0.05
N SER L 429 4.26 44.15 -1.00
CA SER L 429 4.54 44.60 -2.35
C SER L 429 3.33 45.24 -2.99
N ALA L 430 2.12 44.74 -2.67
CA ALA L 430 0.91 45.38 -3.12
C ALA L 430 0.74 46.76 -2.50
N TRP L 431 1.33 46.99 -1.33
CA TRP L 431 1.11 48.28 -0.66
C TRP L 431 1.80 49.43 -1.38
N GLN L 432 3.08 49.29 -1.74
CA GLN L 432 3.74 50.42 -2.40
C GLN L 432 3.19 50.63 -3.80
N SER L 433 2.81 49.56 -4.48
CA SER L 433 1.97 49.70 -5.66
C SER L 433 0.65 50.34 -5.26
N ASN L 434 0.15 51.23 -6.12
CA ASN L 434 -1.05 51.97 -5.75
C ASN L 434 -2.28 51.09 -5.86
N ALA L 435 -2.30 49.99 -5.09
CA ALA L 435 -3.37 49.02 -5.16
C ALA L 435 -3.97 48.66 -3.81
N ILE L 436 -3.28 48.91 -2.71
CA ILE L 436 -3.81 48.66 -1.37
C ILE L 436 -3.57 49.89 -0.53
N SER L 437 -4.65 50.41 0.07
CA SER L 437 -4.52 51.54 0.98
C SER L 437 -3.75 51.14 2.22
N PHE L 438 -3.14 52.13 2.88
CA PHE L 438 -2.35 51.85 4.08
C PHE L 438 -3.21 51.20 5.16
N THR L 439 -4.42 51.72 5.37
CA THR L 439 -5.29 51.13 6.37
C THR L 439 -5.79 49.75 5.93
N GLU L 440 -5.94 49.51 4.63
CA GLU L 440 -6.27 48.17 4.15
C GLU L 440 -5.13 47.20 4.43
N MET L 441 -3.89 47.62 4.20
CA MET L 441 -2.75 46.78 4.52
C MET L 441 -2.67 46.52 6.03
N ARG L 442 -2.96 47.53 6.84
CA ARG L 442 -2.98 47.34 8.29
C ARG L 442 -4.08 46.38 8.70
N TRP L 443 -5.26 46.48 8.08
CA TRP L 443 -6.33 45.54 8.34
C TRP L 443 -5.91 44.12 8.02
N GLN L 444 -5.23 43.93 6.88
CA GLN L 444 -4.74 42.60 6.53
C GLN L 444 -3.70 42.12 7.54
N ILE L 445 -2.77 42.99 7.92
CA ILE L 445 -1.66 42.57 8.77
C ILE L 445 -2.17 42.20 10.16
N LYS L 446 -3.18 42.90 10.66
CA LYS L 446 -3.82 42.48 11.91
C LYS L 446 -4.67 41.24 11.70
N LYS L 447 -5.26 41.10 10.50
CA LYS L 447 -6.08 39.94 10.18
C LYS L 447 -5.25 38.66 10.18
N GLY L 448 -4.01 38.75 9.71
CA GLY L 448 -3.13 37.60 9.63
C GLY L 448 -2.35 37.29 10.88
N GLY L 449 -2.59 38.02 11.97
CA GLY L 449 -1.87 37.78 13.21
C GLY L 449 -0.39 38.09 13.14
N ARG L 450 0.00 39.13 12.40
CA ARG L 450 1.39 39.55 12.31
C ARG L 450 1.61 40.97 12.82
N ALA L 451 0.57 41.61 13.35
CA ALA L 451 0.67 42.94 13.93
C ALA L 451 -0.56 43.18 14.79
N TYR L 452 -0.40 43.93 15.87
CA TYR L 452 -1.50 44.06 16.82
C TYR L 452 -1.83 45.49 17.22
N LEU L 453 -0.87 46.40 17.18
CA LEU L 453 -1.16 47.76 17.61
C LEU L 453 -1.74 48.57 16.45
N GLU L 454 -2.49 49.61 16.81
CA GLU L 454 -3.31 50.35 15.87
C GLU L 454 -2.43 51.11 14.86
N ASP L 455 -3.03 51.42 13.70
CA ASP L 455 -2.29 52.01 12.60
C ASP L 455 -1.70 53.37 12.98
N GLU L 456 -2.47 54.18 13.72
CA GLU L 456 -1.96 55.49 14.11
C GLU L 456 -0.77 55.36 15.06
N ASP L 457 -0.82 54.40 15.97
CA ASP L 457 0.33 54.14 16.84
C ASP L 457 1.55 53.72 16.03
N MET L 458 1.35 52.84 15.04
CA MET L 458 2.45 52.44 14.19
C MET L 458 3.04 53.63 13.44
N ARG L 459 2.18 54.49 12.90
CA ARG L 459 2.67 55.68 12.21
C ARG L 459 3.46 56.58 13.14
N ASN L 460 2.95 56.79 14.36
CA ASN L 460 3.63 57.64 15.31
C ASN L 460 5.01 57.09 15.67
N GLU L 461 5.09 55.78 15.89
CA GLU L 461 6.37 55.20 16.32
C GLU L 461 7.36 55.13 15.16
N SER L 462 6.91 54.75 13.96
CA SER L 462 7.80 54.58 12.83
C SER L 462 8.12 55.89 12.11
N GLU L 463 7.43 56.98 12.43
CA GLU L 463 7.76 58.26 11.80
C GLU L 463 9.01 58.89 12.39
N GLN L 464 9.53 58.32 13.48
CA GLN L 464 10.79 58.80 14.04
C GLN L 464 11.97 58.31 13.20
N ASP L 465 13.13 58.91 13.43
CA ASP L 465 14.35 58.44 12.78
C ASP L 465 14.71 57.05 13.27
N ASP L 466 15.05 56.18 12.34
CA ASP L 466 15.41 54.81 12.72
C ASP L 466 16.67 54.82 13.57
N PRO L 467 16.68 54.11 14.70
CA PRO L 467 17.86 54.16 15.58
C PRO L 467 19.13 53.70 14.92
N LEU L 468 19.04 52.71 14.03
CA LEU L 468 20.20 52.20 13.29
C LEU L 468 21.32 51.76 14.22
N VAL M 8 -55.22 21.18 -39.09
CA VAL M 8 -54.33 20.06 -39.35
C VAL M 8 -53.74 19.57 -38.02
N PHE M 9 -54.37 19.98 -36.92
CA PHE M 9 -53.89 19.68 -35.57
C PHE M 9 -54.64 18.47 -35.02
N ASN M 10 -53.92 17.37 -34.82
CA ASN M 10 -54.47 16.18 -34.19
C ASN M 10 -53.68 15.70 -32.99
N ASP M 11 -52.36 15.73 -33.04
CA ASP M 11 -51.54 15.28 -31.91
C ASP M 11 -51.73 16.20 -30.71
N TRP M 12 -51.87 15.62 -29.54
CA TRP M 12 -52.21 16.36 -28.33
C TRP M 12 -51.05 16.36 -27.35
N ALA M 13 -51.27 17.03 -26.22
CA ALA M 13 -50.48 16.83 -25.01
C ALA M 13 -51.17 15.77 -24.16
N TYR M 14 -50.78 15.64 -22.90
CA TYR M 14 -51.40 14.66 -22.02
C TYR M 14 -52.69 15.20 -21.43
N LYS M 15 -53.74 14.38 -21.45
CA LYS M 15 -55.02 14.65 -20.80
C LYS M 15 -55.70 15.91 -21.33
N THR M 16 -55.26 16.43 -22.48
CA THR M 16 -56.04 17.45 -23.15
C THR M 16 -57.33 16.89 -23.72
N MET M 17 -57.41 15.56 -23.90
CA MET M 17 -58.63 14.92 -24.34
C MET M 17 -59.74 14.98 -23.29
N SER M 18 -59.41 15.33 -22.05
CA SER M 18 -60.42 15.46 -21.01
C SER M 18 -61.45 16.50 -21.43
N GLU M 19 -62.69 16.07 -21.64
CA GLU M 19 -63.72 16.97 -22.12
C GLU M 19 -63.90 18.13 -21.16
N VAL M 20 -63.92 19.34 -21.71
CA VAL M 20 -64.03 20.55 -20.91
C VAL M 20 -65.42 21.18 -21.02
N LEU M 21 -66.01 21.15 -22.22
CA LEU M 21 -67.33 21.71 -22.44
C LEU M 21 -67.77 21.38 -23.86
N ASP M 22 -69.07 21.30 -24.06
CA ASP M 22 -69.64 21.08 -25.37
C ASP M 22 -70.50 22.23 -25.86
N GLN M 23 -71.01 23.05 -24.95
CA GLN M 23 -71.79 24.22 -25.33
C GLN M 23 -70.89 25.44 -25.41
N GLN M 24 -71.07 26.23 -26.47
CA GLN M 24 -70.28 27.44 -26.63
C GLN M 24 -70.73 28.51 -25.64
N VAL M 25 -69.77 29.10 -24.94
CA VAL M 25 -70.07 30.07 -23.88
C VAL M 25 -69.30 31.35 -24.14
N GLU M 26 -68.84 31.54 -25.37
CA GLU M 26 -68.10 32.74 -25.76
C GLU M 26 -69.08 33.84 -26.16
N LEU M 27 -69.93 34.21 -25.21
CA LEU M 27 -71.07 35.09 -25.45
C LEU M 27 -71.06 36.24 -24.44
N PHE M 28 -69.90 36.86 -24.26
CA PHE M 28 -69.76 37.89 -23.23
C PHE M 28 -69.11 39.14 -23.80
N ASN M 29 -69.63 40.30 -23.38
CA ASN M 29 -69.02 41.61 -23.64
C ASN M 29 -68.90 41.81 -25.15
N GLY M 30 -67.69 42.01 -25.69
CA GLY M 30 -67.55 42.33 -27.10
C GLY M 30 -67.95 41.21 -28.02
N ALA M 31 -68.03 39.99 -27.50
CA ALA M 31 -68.40 38.85 -28.33
C ALA M 31 -69.81 39.00 -28.89
N THR M 32 -70.73 39.53 -28.07
CA THR M 32 -72.12 39.75 -28.47
C THR M 32 -72.41 41.23 -28.61
N ARG M 33 -71.42 41.99 -29.05
CA ARG M 33 -71.57 43.43 -29.29
C ARG M 33 -72.01 44.17 -28.04
N GLY M 34 -71.52 43.73 -26.88
CA GLY M 34 -71.88 44.37 -25.63
C GLY M 34 -73.26 44.03 -25.12
N ALA M 35 -73.86 42.94 -25.60
CA ALA M 35 -75.20 42.57 -25.14
C ALA M 35 -75.17 41.98 -23.74
N ILE M 36 -74.18 41.13 -23.46
CA ILE M 36 -74.05 40.46 -22.17
C ILE M 36 -72.81 41.01 -21.49
N ILE M 37 -72.99 41.71 -20.37
CA ILE M 37 -71.89 42.33 -19.64
C ILE M 37 -71.43 41.36 -18.55
N LEU M 38 -70.16 40.99 -18.58
CA LEU M 38 -69.56 40.18 -17.53
C LEU M 38 -68.50 41.02 -16.83
N ARG M 39 -68.95 41.78 -15.83
CA ARG M 39 -68.04 42.58 -15.04
C ARG M 39 -67.54 41.78 -13.84
N SER M 40 -66.73 42.43 -13.00
CA SER M 40 -66.21 41.85 -11.78
C SER M 40 -66.13 42.93 -10.71
N ALA M 41 -67.14 43.00 -9.86
CA ALA M 41 -67.23 44.01 -8.81
C ALA M 41 -67.92 43.40 -7.60
N GLY M 42 -67.44 43.74 -6.41
CA GLY M 42 -68.07 43.25 -5.20
C GLY M 42 -69.31 44.05 -4.83
N ASN M 43 -70.20 43.41 -4.09
CA ASN M 43 -71.41 44.04 -3.59
C ASN M 43 -71.93 43.28 -2.37
N THR M 44 -72.31 44.04 -1.35
CA THR M 44 -72.65 43.47 -0.05
C THR M 44 -74.12 43.07 -0.01
N GLY M 45 -74.41 42.00 0.71
CA GLY M 45 -75.78 41.58 0.90
C GLY M 45 -76.32 40.76 -0.26
N ASP M 46 -77.51 40.18 -0.05
CA ASP M 46 -78.11 39.35 -1.09
C ASP M 46 -78.80 40.18 -2.16
N LEU M 47 -78.88 41.49 -1.97
CA LEU M 47 -79.56 42.39 -2.89
C LEU M 47 -78.73 43.65 -3.09
N SER M 48 -78.80 44.23 -4.28
CA SER M 48 -78.13 45.49 -4.60
C SER M 48 -79.09 46.30 -5.47
N GLU M 49 -79.71 47.31 -4.89
CA GLU M 49 -80.75 48.08 -5.58
C GLU M 49 -80.30 49.52 -5.78
N ALA M 50 -80.68 50.10 -6.91
CA ALA M 50 -80.38 51.48 -7.26
C ALA M 50 -81.68 52.19 -7.60
N ALA M 51 -81.85 53.40 -7.09
CA ALA M 51 -83.08 54.16 -7.24
C ALA M 51 -82.87 55.32 -8.19
N PHE M 52 -83.80 55.52 -9.12
CA PHE M 52 -83.75 56.61 -10.08
C PHE M 52 -85.13 57.21 -10.22
N TRP M 53 -85.16 58.47 -10.68
CA TRP M 53 -86.41 59.20 -10.79
C TRP M 53 -87.30 58.61 -11.88
N ALA M 54 -88.59 58.55 -11.59
CA ALA M 54 -89.57 58.05 -12.56
C ALA M 54 -89.98 59.15 -13.53
N LYS M 55 -90.48 58.73 -14.69
CA LYS M 55 -90.93 59.67 -15.71
C LYS M 55 -92.33 60.14 -15.37
N ILE M 56 -92.50 61.46 -15.24
CA ILE M 56 -93.80 62.03 -14.91
C ILE M 56 -94.75 61.81 -16.08
N GLN M 57 -95.96 61.33 -15.79
CA GLN M 57 -96.89 60.95 -16.85
C GLN M 57 -97.52 62.18 -17.49
N GLY M 58 -98.26 62.97 -16.72
CA GLY M 58 -98.91 64.13 -17.24
C GLY M 58 -98.10 65.40 -17.12
N LEU M 59 -96.91 65.42 -17.74
CA LEU M 59 -96.08 66.62 -17.67
C LEU M 59 -96.67 67.75 -18.50
N VAL M 60 -97.09 67.45 -19.73
CA VAL M 60 -97.65 68.44 -20.64
C VAL M 60 -99.15 68.21 -20.72
N ARG M 61 -99.93 69.27 -20.45
CA ARG M 61 -101.37 69.20 -20.43
C ARG M 61 -101.96 70.30 -21.29
N PRO M 62 -103.16 70.08 -21.83
CA PRO M 62 -103.89 71.19 -22.45
C PRO M 62 -104.24 72.24 -21.41
N ARG M 63 -104.24 73.50 -21.84
CA ARG M 63 -104.57 74.60 -20.96
C ARG M 63 -105.53 75.55 -21.67
N ASP M 64 -106.40 76.17 -20.88
CA ASP M 64 -107.38 77.14 -21.40
C ASP M 64 -107.09 78.49 -20.76
N PRO M 65 -106.40 79.39 -21.46
CA PRO M 65 -106.17 80.73 -20.89
C PRO M 65 -107.45 81.50 -20.64
N TYR M 66 -108.51 81.21 -21.38
CA TYR M 66 -109.78 81.92 -21.19
C TYR M 66 -110.37 81.64 -19.81
N SER M 67 -110.27 80.38 -19.35
CA SER M 67 -110.78 79.98 -18.03
C SER M 67 -109.92 78.81 -17.56
N ASN M 68 -108.93 79.11 -16.71
CA ASN M 68 -108.07 78.04 -16.20
C ASN M 68 -108.83 77.13 -15.24
N ALA M 69 -109.80 77.70 -14.51
CA ALA M 69 -110.68 76.94 -13.60
C ALA M 69 -109.79 76.25 -12.57
N ASP M 70 -109.90 74.95 -12.38
CA ASP M 70 -109.10 74.23 -11.40
C ASP M 70 -107.82 73.70 -12.04
N VAL M 71 -106.84 73.39 -11.20
CA VAL M 71 -105.55 72.89 -11.62
C VAL M 71 -105.38 71.47 -11.08
N ALA M 72 -105.04 70.54 -11.98
CA ALA M 72 -104.83 69.16 -11.56
C ALA M 72 -103.53 69.03 -10.80
N ALA M 73 -103.57 68.38 -9.65
CA ALA M 73 -102.37 68.19 -8.84
C ALA M 73 -101.45 67.15 -9.48
N LYS M 74 -100.16 67.25 -9.14
CA LYS M 74 -99.15 66.35 -9.67
C LYS M 74 -98.16 66.01 -8.57
N ASP M 75 -97.33 65.00 -8.83
CA ASP M 75 -96.31 64.59 -7.89
C ASP M 75 -95.27 63.76 -8.63
N LEU M 76 -94.10 63.58 -8.01
CA LEU M 76 -93.00 62.86 -8.60
C LEU M 76 -92.59 61.70 -7.70
N ARG M 77 -92.22 60.58 -8.33
CA ARG M 77 -91.88 59.34 -7.64
C ARG M 77 -90.44 58.95 -7.93
N GLN M 78 -90.05 57.79 -7.43
CA GLN M 78 -88.68 57.29 -7.58
C GLN M 78 -88.73 55.78 -7.78
N LEU M 79 -88.49 55.33 -9.00
CA LEU M 79 -88.41 53.91 -9.29
C LEU M 79 -87.14 53.34 -8.69
N VAL M 80 -87.17 52.03 -8.41
CA VAL M 80 -86.05 51.34 -7.78
C VAL M 80 -85.69 50.15 -8.64
N ASP M 81 -84.44 50.10 -9.11
CA ASP M 81 -83.94 48.97 -9.87
C ASP M 81 -83.45 47.90 -8.89
N ASN M 82 -82.80 46.86 -9.41
CA ASN M 82 -82.40 45.75 -8.56
C ASN M 82 -81.26 44.99 -9.21
N THR M 83 -80.52 44.25 -8.39
CA THR M 83 -79.47 43.34 -8.86
C THR M 83 -79.41 42.21 -7.85
N ILE M 84 -79.95 41.05 -8.21
CA ILE M 84 -80.06 39.93 -7.29
C ILE M 84 -78.76 39.14 -7.30
N LYS M 85 -78.36 38.67 -6.12
CA LYS M 85 -77.15 37.87 -5.95
C LYS M 85 -77.53 36.41 -5.85
N VAL M 86 -76.85 35.56 -6.62
CA VAL M 86 -77.04 34.12 -6.59
C VAL M 86 -75.72 33.48 -6.15
N ALA M 87 -75.82 32.33 -5.49
CA ALA M 87 -74.65 31.62 -5.01
C ALA M 87 -74.57 30.25 -5.66
N SER M 88 -73.49 30.00 -6.39
CA SER M 88 -73.24 28.70 -6.99
C SER M 88 -72.25 27.92 -6.15
N GLY M 89 -71.89 26.73 -6.62
CA GLY M 89 -70.98 25.89 -5.88
C GLY M 89 -70.61 24.66 -6.68
N THR M 90 -69.99 23.71 -5.97
CA THR M 90 -69.53 22.46 -6.56
C THR M 90 -69.80 21.35 -5.55
N PRO M 91 -70.38 20.23 -5.98
CA PRO M 91 -70.52 19.10 -5.07
C PRO M 91 -69.16 18.57 -4.69
N PRO M 92 -69.02 17.97 -3.50
CA PRO M 92 -67.73 17.42 -3.09
C PRO M 92 -67.27 16.34 -4.07
N ILE M 93 -66.07 16.52 -4.60
CA ILE M 93 -65.53 15.65 -5.64
C ILE M 93 -64.50 14.73 -5.00
N ASN M 94 -64.74 13.41 -5.11
CA ASN M 94 -63.76 12.46 -4.62
C ASN M 94 -62.50 12.52 -5.47
N ILE M 95 -61.36 12.39 -4.82
CA ILE M 95 -60.08 12.32 -5.52
C ILE M 95 -59.64 10.86 -5.50
N PRO M 96 -59.84 10.11 -6.57
CA PRO M 96 -59.63 8.67 -6.52
C PRO M 96 -58.17 8.31 -6.71
N PRO M 97 -57.72 7.18 -6.17
CA PRO M 97 -56.41 6.64 -6.57
C PRO M 97 -56.46 6.09 -7.98
N SER M 98 -55.32 6.09 -8.66
CA SER M 98 -55.26 5.72 -10.07
C SER M 98 -55.44 4.21 -10.25
N MET M 99 -56.70 3.82 -10.47
CA MET M 99 -57.04 2.41 -10.61
C MET M 99 -57.43 2.01 -12.03
N LEU M 100 -57.47 2.95 -12.98
CA LEU M 100 -57.62 2.62 -14.40
C LEU M 100 -56.25 2.29 -14.98
N ARG M 101 -55.69 1.15 -14.56
CA ARG M 101 -54.35 0.76 -14.96
C ARG M 101 -54.31 -0.73 -15.33
N TRP M 102 -55.31 -1.20 -16.06
CA TRP M 102 -55.22 -2.52 -16.67
C TRP M 102 -54.17 -2.49 -17.79
N ILE M 103 -54.46 -1.73 -18.85
CA ILE M 103 -53.46 -1.33 -19.83
C ILE M 103 -53.49 0.18 -20.04
N GLN M 104 -54.61 0.84 -19.76
CA GLN M 104 -54.73 2.28 -19.86
C GLN M 104 -54.01 2.94 -18.71
N LYS M 105 -53.60 4.19 -18.92
CA LYS M 105 -52.90 4.95 -17.90
C LYS M 105 -53.87 5.72 -17.03
N ASN M 106 -53.38 6.20 -15.88
CA ASN M 106 -54.22 6.93 -14.93
C ASN M 106 -53.40 7.90 -14.10
N PRO M 107 -53.62 9.21 -14.27
CA PRO M 107 -52.80 10.22 -13.60
C PRO M 107 -53.27 10.57 -12.19
N GLN M 108 -52.61 11.57 -11.60
CA GLN M 108 -52.98 12.12 -10.29
C GLN M 108 -53.26 13.62 -10.34
N GLU M 109 -53.44 14.18 -11.53
CA GLU M 109 -53.69 15.62 -11.68
C GLU M 109 -55.16 15.94 -11.50
N ALA M 110 -55.76 15.45 -10.42
CA ALA M 110 -57.18 15.67 -10.20
C ALA M 110 -57.48 17.14 -9.99
N GLY M 111 -56.62 17.84 -9.25
CA GLY M 111 -56.84 19.26 -9.02
C GLY M 111 -56.84 20.05 -10.31
N ALA M 112 -55.87 19.78 -11.19
CA ALA M 112 -55.81 20.48 -12.46
C ALA M 112 -57.02 20.16 -13.34
N VAL M 113 -57.41 18.89 -13.42
CA VAL M 113 -58.54 18.51 -14.25
C VAL M 113 -59.81 19.19 -13.74
N ILE M 114 -60.03 19.15 -12.43
CA ILE M 114 -61.19 19.81 -11.84
C ILE M 114 -61.13 21.31 -12.08
N GLY M 115 -59.94 21.91 -12.05
CA GLY M 115 -59.84 23.34 -12.31
C GLY M 115 -60.27 23.70 -13.72
N GLN M 116 -59.79 22.93 -14.71
CA GLN M 116 -60.19 23.19 -16.09
C GLN M 116 -61.69 23.04 -16.27
N GLN M 117 -62.23 21.89 -15.86
CA GLN M 117 -63.66 21.65 -16.03
C GLN M 117 -64.49 22.67 -15.25
N LEU M 118 -63.99 23.11 -14.10
CA LEU M 118 -64.73 24.05 -13.27
C LEU M 118 -64.74 25.44 -13.88
N ALA M 119 -63.63 25.88 -14.47
CA ALA M 119 -63.65 27.15 -15.19
C ALA M 119 -64.65 27.11 -16.33
N GLY M 120 -64.62 26.03 -17.12
CA GLY M 120 -65.56 25.91 -18.23
C GLY M 120 -67.00 25.93 -17.77
N ASP M 121 -67.31 25.13 -16.75
CA ASP M 121 -68.69 25.03 -16.29
C ASP M 121 -69.13 26.28 -15.52
N THR M 122 -68.20 27.02 -14.92
CA THR M 122 -68.58 28.30 -14.30
C THR M 122 -69.01 29.29 -15.37
N MET M 123 -68.22 29.40 -16.45
CA MET M 123 -68.64 30.24 -17.56
C MET M 123 -70.01 29.79 -18.07
N GLN M 124 -70.17 28.48 -18.26
CA GLN M 124 -71.42 27.94 -18.79
C GLN M 124 -72.59 28.26 -17.87
N ASP M 125 -72.39 28.10 -16.56
CA ASP M 125 -73.48 28.29 -15.62
C ASP M 125 -73.91 29.75 -15.56
N MET M 126 -72.96 30.69 -15.51
CA MET M 126 -73.37 32.08 -15.52
C MET M 126 -74.09 32.44 -16.81
N LEU M 127 -73.59 31.95 -17.95
CA LEU M 127 -74.25 32.26 -19.21
C LEU M 127 -75.67 31.69 -19.24
N ASN M 128 -75.85 30.44 -18.81
CA ASN M 128 -77.16 29.81 -18.86
C ASN M 128 -78.13 30.48 -17.90
N ASN M 129 -77.68 30.81 -16.69
CA ASN M 129 -78.55 31.49 -15.74
C ASN M 129 -78.93 32.88 -16.25
N GLY M 130 -77.98 33.60 -16.84
CA GLY M 130 -78.32 34.89 -17.41
C GLY M 130 -79.35 34.78 -18.53
N LEU M 131 -79.18 33.79 -19.41
CA LEU M 131 -80.13 33.61 -20.50
C LEU M 131 -81.53 33.25 -19.96
N ALA M 132 -81.58 32.35 -18.98
CA ALA M 132 -82.88 31.97 -18.42
C ALA M 132 -83.56 33.14 -17.73
N ALA M 133 -82.80 33.91 -16.95
CA ALA M 133 -83.36 35.08 -16.28
C ALA M 133 -83.86 36.09 -17.30
N GLY M 134 -83.08 36.31 -18.36
CA GLY M 134 -83.51 37.25 -19.39
C GLY M 134 -84.79 36.81 -20.07
N LYS M 135 -84.87 35.53 -20.43
CA LYS M 135 -86.07 35.03 -21.10
C LYS M 135 -87.29 35.17 -20.19
N ALA M 136 -87.15 34.75 -18.93
CA ALA M 136 -88.27 34.84 -18.00
C ALA M 136 -88.69 36.28 -17.78
N ALA M 137 -87.73 37.18 -17.62
CA ALA M 137 -88.03 38.57 -17.38
C ALA M 137 -88.73 39.21 -18.57
N PHE M 138 -88.24 38.93 -19.78
CA PHE M 138 -88.89 39.50 -20.96
C PHE M 138 -90.30 38.94 -21.14
N THR M 139 -90.49 37.65 -20.85
CA THR M 139 -91.82 37.08 -20.92
C THR M 139 -92.76 37.73 -19.91
N ALA M 140 -92.26 38.00 -18.70
CA ALA M 140 -93.05 38.71 -17.71
C ALA M 140 -93.32 40.15 -18.13
N GLY M 141 -92.45 40.73 -18.95
CA GLY M 141 -92.66 42.07 -19.44
C GLY M 141 -93.55 42.20 -20.66
N GLY M 142 -93.94 41.07 -21.25
CA GLY M 142 -94.80 41.08 -22.41
C GLY M 142 -94.09 41.19 -23.75
N ALA M 143 -92.76 41.24 -23.75
CA ALA M 143 -91.99 41.38 -24.99
C ALA M 143 -91.63 39.99 -25.53
N VAL M 144 -92.66 39.27 -25.94
CA VAL M 144 -92.49 37.93 -26.51
C VAL M 144 -93.40 37.81 -27.72
N HIS M 145 -92.90 37.16 -28.77
CA HIS M 145 -93.69 36.85 -29.95
C HIS M 145 -93.69 35.34 -30.16
N ASP M 146 -94.87 34.74 -30.07
CA ASP M 146 -95.02 33.30 -30.18
C ASP M 146 -95.33 32.96 -31.63
N ILE M 147 -94.41 32.26 -32.29
CA ILE M 147 -94.58 31.81 -33.66
C ILE M 147 -94.45 30.29 -33.64
N SER M 148 -95.59 29.60 -33.53
CA SER M 148 -95.59 28.14 -33.51
C SER M 148 -96.64 27.59 -34.46
N ALA M 149 -97.70 28.36 -34.72
CA ALA M 149 -98.80 27.88 -35.52
C ALA M 149 -98.66 28.26 -36.99
N ALA M 150 -97.98 29.38 -37.27
CA ALA M 150 -97.85 29.87 -38.63
C ALA M 150 -96.86 29.00 -39.40
N GLY M 151 -97.37 28.25 -40.37
CA GLY M 151 -96.55 27.41 -41.21
C GLY M 151 -95.79 26.36 -40.42
N THR M 152 -94.56 26.10 -40.85
CA THR M 152 -93.72 25.12 -40.15
C THR M 152 -93.41 25.58 -38.74
N GLY M 153 -93.12 26.86 -38.55
CA GLY M 153 -92.84 27.38 -37.23
C GLY M 153 -91.75 28.43 -37.18
N LEU M 154 -90.82 28.41 -38.14
CA LEU M 154 -89.78 29.42 -38.19
C LEU M 154 -89.47 29.79 -39.64
N MET M 155 -89.40 31.09 -39.89
CA MET M 155 -89.04 31.65 -41.18
C MET M 155 -87.64 32.25 -41.08
N THR M 156 -86.95 32.30 -42.23
CA THR M 156 -85.59 32.83 -42.24
C THR M 156 -85.53 34.25 -41.71
N GLN M 157 -86.35 35.14 -42.26
CA GLN M 157 -86.27 36.56 -41.92
C GLN M 157 -87.59 37.20 -41.54
N ARG M 158 -88.73 36.68 -42.01
CA ARG M 158 -89.99 37.37 -41.77
C ARG M 158 -90.40 37.26 -40.31
N ALA M 159 -89.79 36.33 -39.56
CA ALA M 159 -90.10 36.20 -38.14
C ALA M 159 -89.49 37.33 -37.33
N PHE M 160 -88.28 37.78 -37.69
CA PHE M 160 -87.61 38.84 -36.94
C PHE M 160 -88.37 40.17 -37.02
N ASN M 161 -89.07 40.40 -38.12
CA ASN M 161 -89.88 41.61 -38.24
C ASN M 161 -90.94 41.68 -37.16
N ALA M 162 -91.43 40.53 -36.69
CA ALA M 162 -92.39 40.53 -35.59
C ALA M 162 -91.76 41.08 -34.32
N ALA M 163 -90.54 40.66 -34.01
CA ALA M 163 -89.85 41.19 -32.84
C ALA M 163 -89.56 42.68 -32.99
N GLN M 164 -89.21 43.11 -34.21
CA GLN M 164 -89.03 44.54 -34.44
C GLN M 164 -90.32 45.30 -34.20
N ARG M 165 -91.45 44.76 -34.66
CA ARG M 165 -92.73 45.42 -34.43
C ARG M 165 -93.05 45.48 -32.95
N ILE M 166 -92.64 44.46 -32.19
CA ILE M 166 -92.82 44.50 -30.74
C ILE M 166 -92.01 45.65 -30.15
N PHE M 167 -90.73 45.75 -30.51
CA PHE M 167 -89.88 46.73 -29.86
C PHE M 167 -90.13 48.15 -30.34
N GLY M 168 -90.78 48.31 -31.49
CA GLY M 168 -91.31 49.61 -31.86
C GLY M 168 -90.34 50.56 -32.53
N ASP M 169 -90.51 51.87 -32.24
CA ASP M 169 -89.73 52.91 -32.91
C ASP M 169 -88.25 52.82 -32.59
N ARG M 170 -87.87 52.16 -31.50
CA ARG M 170 -86.47 52.00 -31.12
C ARG M 170 -85.86 50.71 -31.63
N SER M 171 -86.28 50.25 -32.81
CA SER M 171 -85.82 48.96 -33.34
C SER M 171 -84.31 48.92 -33.53
N THR M 172 -83.67 50.08 -33.69
CA THR M 172 -82.22 50.11 -33.89
C THR M 172 -81.49 49.58 -32.66
N ASP M 173 -82.10 49.70 -31.48
CA ASP M 173 -81.44 49.40 -30.22
C ASP M 173 -81.19 47.90 -30.04
N ILE M 174 -81.73 47.05 -30.91
CA ILE M 174 -81.45 45.62 -30.91
C ILE M 174 -80.37 45.36 -31.96
N GLN M 175 -79.28 44.70 -31.55
CA GLN M 175 -78.18 44.43 -32.48
C GLN M 175 -77.59 43.04 -32.32
N VAL M 176 -78.35 42.08 -31.79
CA VAL M 176 -77.86 40.71 -31.66
C VAL M 176 -79.05 39.79 -31.47
N TRP M 177 -78.88 38.52 -31.84
CA TRP M 177 -79.92 37.50 -31.71
C TRP M 177 -79.29 36.24 -31.15
N VAL M 178 -79.35 36.08 -29.84
CA VAL M 178 -78.90 34.83 -29.22
C VAL M 178 -79.92 33.75 -29.55
N SER M 179 -79.44 32.60 -30.02
CA SER M 179 -80.33 31.58 -30.55
C SER M 179 -79.75 30.20 -30.32
N HIS M 180 -80.65 29.21 -30.27
CA HIS M 180 -80.26 27.81 -30.31
C HIS M 180 -79.78 27.45 -31.71
N SER M 181 -79.13 26.28 -31.81
CA SER M 181 -78.58 25.88 -33.09
C SER M 181 -79.65 25.43 -34.08
N SER M 182 -80.73 24.83 -33.57
CA SER M 182 -81.80 24.40 -34.46
C SER M 182 -82.45 25.54 -35.24
N PRO M 183 -82.79 26.69 -34.62
CA PRO M 183 -83.26 27.81 -35.45
C PRO M 183 -82.27 28.27 -36.48
N LEU M 184 -80.97 28.28 -36.16
CA LEU M 184 -79.97 28.65 -37.16
C LEU M 184 -80.00 27.70 -38.34
N PHE M 185 -80.08 26.40 -38.06
CA PHE M 185 -80.13 25.42 -39.14
C PHE M 185 -81.42 25.54 -39.94
N ASP M 186 -82.52 25.93 -39.30
CA ASP M 186 -83.75 26.16 -40.05
C ASP M 186 -83.62 27.36 -40.98
N LEU M 187 -83.00 28.44 -40.50
CA LEU M 187 -82.69 29.57 -41.37
C LEU M 187 -81.79 29.13 -42.53
N TYR M 188 -80.80 28.29 -42.23
CA TYR M 188 -79.91 27.80 -43.28
C TYR M 188 -80.68 27.00 -44.33
N ASP M 189 -81.60 26.15 -43.88
CA ASP M 189 -82.34 25.29 -44.81
C ASP M 189 -83.29 26.11 -45.67
N ASN M 190 -84.06 27.00 -45.04
CA ASN M 190 -84.98 27.84 -45.81
C ASN M 190 -84.21 28.77 -46.75
N ALA M 191 -83.10 29.32 -46.29
CA ALA M 191 -82.24 30.10 -47.19
C ALA M 191 -81.68 29.23 -48.29
N LEU M 192 -81.26 28.00 -47.95
CA LEU M 192 -80.75 27.08 -48.96
C LEU M 192 -81.83 26.64 -49.94
N ALA M 193 -83.10 26.91 -49.64
CA ALA M 193 -84.21 26.66 -50.56
C ALA M 193 -84.99 27.97 -50.70
N ASN M 194 -84.48 28.87 -51.55
CA ASN M 194 -85.02 30.22 -51.63
C ASN M 194 -86.27 30.19 -52.51
N ALA M 195 -87.42 29.98 -51.87
CA ALA M 195 -88.69 30.07 -52.58
C ALA M 195 -88.87 31.45 -53.19
N GLU M 196 -88.46 32.49 -52.47
CA GLU M 196 -88.33 33.82 -53.01
C GLU M 196 -86.85 34.08 -53.29
N GLN M 197 -86.52 34.33 -54.55
CA GLN M 197 -85.12 34.37 -54.97
C GLN M 197 -84.48 35.68 -54.51
N LEU M 198 -83.90 35.66 -53.31
CA LEU M 198 -83.06 36.75 -52.84
C LEU M 198 -81.70 36.26 -52.35
N TYR M 199 -81.38 34.99 -52.56
CA TYR M 199 -80.05 34.47 -52.23
C TYR M 199 -79.39 33.90 -53.48
N VAL M 200 -78.06 34.02 -53.52
CA VAL M 200 -77.23 33.35 -54.49
C VAL M 200 -76.33 32.41 -53.71
N PHE M 201 -75.74 31.44 -54.41
CA PHE M 201 -74.97 30.38 -53.75
C PHE M 201 -73.87 30.94 -52.87
N GLY M 202 -73.31 32.09 -53.24
CA GLY M 202 -72.26 32.67 -52.43
C GLY M 202 -72.72 33.38 -51.18
N THR M 203 -74.04 33.56 -51.01
CA THR M 203 -74.58 34.29 -49.87
C THR M 203 -75.54 33.45 -49.04
N VAL M 204 -75.63 32.14 -49.27
CA VAL M 204 -76.55 31.32 -48.50
C VAL M 204 -76.12 31.13 -47.06
N ASN M 205 -74.88 31.48 -46.72
CA ASN M 205 -74.35 31.29 -45.37
C ASN M 205 -74.34 32.59 -44.56
N VAL M 206 -75.34 33.45 -44.76
CA VAL M 206 -75.43 34.68 -43.97
C VAL M 206 -75.76 34.33 -42.53
N ARG M 207 -75.01 34.92 -41.60
CA ARG M 207 -75.27 34.76 -40.19
C ARG M 207 -76.14 35.88 -39.62
N ALA M 208 -76.11 37.07 -40.22
CA ALA M 208 -76.92 38.18 -39.75
C ALA M 208 -78.38 37.99 -40.14
N ASP M 209 -79.20 38.97 -39.77
CA ASP M 209 -80.64 38.92 -40.04
C ASP M 209 -81.08 39.94 -41.07
N ALA M 210 -80.25 40.26 -42.06
CA ALA M 210 -80.56 41.22 -43.11
C ALA M 210 -80.90 42.60 -42.56
N PHE M 211 -80.52 42.88 -41.32
CA PHE M 211 -80.73 44.18 -40.69
C PHE M 211 -79.47 44.65 -39.96
N GLY M 212 -78.34 44.00 -40.21
CA GLY M 212 -77.11 44.35 -39.53
C GLY M 212 -76.96 43.77 -38.16
N ARG M 213 -77.84 42.86 -37.75
CA ARG M 213 -77.75 42.23 -36.43
C ARG M 213 -77.20 40.82 -36.56
N PRO M 214 -76.00 40.55 -36.06
CA PRO M 214 -75.48 39.17 -36.11
C PRO M 214 -76.27 38.27 -35.19
N ILE M 215 -76.28 36.98 -35.54
CA ILE M 215 -76.95 35.96 -34.74
C ILE M 215 -75.88 35.11 -34.07
N ILE M 216 -75.90 35.09 -32.74
CA ILE M 216 -74.93 34.33 -31.95
C ILE M 216 -75.59 33.03 -31.52
N ILE M 217 -74.86 31.92 -31.67
CA ILE M 217 -75.43 30.58 -31.55
C ILE M 217 -74.87 29.91 -30.31
N THR M 218 -75.78 29.41 -29.47
CA THR M 218 -75.41 28.59 -28.32
C THR M 218 -76.53 27.61 -28.05
N ASP M 219 -76.17 26.47 -27.45
CA ASP M 219 -77.12 25.39 -27.17
C ASP M 219 -77.50 25.34 -25.70
N SER M 220 -77.67 26.50 -25.07
CA SER M 220 -78.02 26.53 -23.66
C SER M 220 -79.39 25.87 -23.44
N PRO M 221 -79.53 25.05 -22.40
CA PRO M 221 -80.86 24.48 -22.11
C PRO M 221 -81.90 25.51 -21.75
N ALA M 222 -81.48 26.72 -21.38
CA ALA M 222 -82.45 27.77 -21.07
C ALA M 222 -83.21 28.25 -22.29
N LEU M 223 -82.65 28.06 -23.49
CA LEU M 223 -83.28 28.51 -24.72
C LEU M 223 -84.01 27.39 -25.45
N VAL M 224 -84.16 26.22 -24.82
CA VAL M 224 -84.88 25.10 -25.41
C VAL M 224 -85.74 24.47 -24.34
N SER M 225 -86.90 23.95 -24.75
CA SER M 225 -87.81 23.32 -23.81
C SER M 225 -88.72 22.35 -24.56
N GLY M 226 -89.22 21.36 -23.84
CA GLY M 226 -90.11 20.38 -24.41
C GLY M 226 -89.38 19.34 -25.23
N ALA M 227 -90.16 18.43 -25.80
CA ALA M 227 -89.62 17.38 -26.65
C ALA M 227 -90.69 16.94 -27.63
N ALA M 228 -90.25 16.32 -28.73
CA ALA M 228 -91.11 15.80 -29.79
C ALA M 228 -91.95 16.95 -30.33
N GLU M 229 -93.27 16.90 -30.28
CA GLU M 229 -94.10 17.94 -30.86
C GLU M 229 -94.26 19.17 -29.97
N THR M 230 -93.85 19.09 -28.71
CA THR M 230 -93.90 20.23 -27.81
C THR M 230 -92.59 21.01 -27.76
N LEU M 231 -91.62 20.64 -28.58
CA LEU M 231 -90.33 21.32 -28.57
C LEU M 231 -90.48 22.76 -29.04
N ARG M 232 -89.99 23.70 -28.24
CA ARG M 232 -90.05 25.12 -28.56
C ARG M 232 -88.70 25.75 -28.30
N HIS M 233 -88.25 26.57 -29.24
CA HIS M 233 -86.96 27.25 -29.13
C HIS M 233 -87.17 28.75 -28.95
N SER M 234 -86.38 29.34 -28.07
CA SER M 234 -86.42 30.77 -27.81
C SER M 234 -85.17 31.40 -28.41
N THR M 235 -85.36 32.37 -29.30
CA THR M 235 -84.27 33.12 -29.91
C THR M 235 -84.48 34.58 -29.56
N LEU M 236 -83.88 35.02 -28.46
CA LEU M 236 -84.18 36.32 -27.87
C LEU M 236 -83.08 37.32 -28.23
N GLY M 237 -83.50 38.52 -28.63
CA GLY M 237 -82.58 39.57 -29.02
C GLY M 237 -82.33 40.54 -27.88
N LEU M 238 -81.17 41.17 -27.89
CA LEU M 238 -80.72 41.98 -26.77
C LEU M 238 -80.56 43.43 -27.20
N THR M 239 -80.24 44.28 -26.23
CA THR M 239 -79.86 45.66 -26.45
C THR M 239 -78.46 45.91 -25.90
N THR M 240 -78.06 47.17 -25.87
CA THR M 240 -76.74 47.52 -25.34
C THR M 240 -76.70 47.25 -23.84
N GLY M 241 -75.98 46.21 -23.45
CA GLY M 241 -75.84 45.88 -22.05
C GLY M 241 -77.13 45.56 -21.34
N ALA M 242 -78.00 44.76 -21.98
CA ALA M 242 -79.30 44.47 -21.41
C ALA M 242 -79.20 43.56 -20.19
N ILE M 243 -78.44 42.47 -20.30
CA ILE M 243 -78.29 41.49 -19.23
C ILE M 243 -76.91 41.66 -18.62
N LEU M 244 -76.88 41.99 -17.33
CA LEU M 244 -75.64 42.23 -16.60
C LEU M 244 -75.36 41.08 -15.65
N ILE M 245 -74.15 40.54 -15.70
CA ILE M 245 -73.70 39.50 -14.79
C ILE M 245 -72.45 40.02 -14.09
N GLU M 246 -72.53 40.15 -12.77
CA GLU M 246 -71.44 40.71 -11.97
C GLU M 246 -70.96 39.64 -11.00
N GLN M 247 -69.84 39.00 -11.30
CA GLN M 247 -69.22 38.10 -10.34
C GLN M 247 -68.49 38.89 -9.27
N ASN M 248 -68.58 38.40 -8.03
CA ASN M 248 -68.29 39.22 -6.85
C ASN M 248 -66.91 38.96 -6.26
N GLN M 249 -66.10 38.11 -6.88
CA GLN M 249 -64.74 37.83 -6.40
C GLN M 249 -64.75 37.30 -4.97
N ASP M 250 -65.42 36.17 -4.78
CA ASP M 250 -65.45 35.49 -3.50
C ASP M 250 -65.27 33.99 -3.67
N PHE M 251 -64.37 33.61 -4.58
CA PHE M 251 -64.13 32.19 -4.85
C PHE M 251 -63.37 31.58 -3.68
N ASP M 252 -63.87 30.46 -3.17
CA ASP M 252 -63.20 29.68 -2.15
C ASP M 252 -63.18 28.21 -2.54
N SER M 253 -62.11 27.53 -2.15
CA SER M 253 -61.96 26.11 -2.49
C SER M 253 -61.12 25.45 -1.42
N THR M 254 -61.43 24.19 -1.13
CA THR M 254 -60.71 23.41 -0.14
C THR M 254 -60.48 22.01 -0.66
N VAL M 255 -59.49 21.34 -0.09
CA VAL M 255 -59.30 19.89 -0.25
C VAL M 255 -59.23 19.29 1.15
N VAL M 256 -60.15 18.39 1.45
CA VAL M 256 -60.31 17.85 2.79
C VAL M 256 -60.35 16.34 2.71
N ASP M 257 -59.56 15.67 3.54
CA ASP M 257 -59.57 14.22 3.60
C ASP M 257 -60.57 13.74 4.65
N GLY M 258 -60.97 12.47 4.53
CA GLY M 258 -61.94 11.89 5.43
C GLY M 258 -61.41 10.62 6.07
N THR M 259 -61.88 10.39 7.29
CA THR M 259 -61.44 9.23 8.07
C THR M 259 -62.66 8.49 8.58
N GLY M 260 -62.64 7.17 8.47
CA GLY M 260 -63.74 6.35 8.94
C GLY M 260 -64.16 5.29 7.95
N LYS M 261 -63.76 5.44 6.70
CA LYS M 261 -64.10 4.51 5.64
C LYS M 261 -62.89 3.64 5.31
N GLN M 262 -63.07 2.77 4.30
CA GLN M 262 -62.02 1.81 3.96
C GLN M 262 -60.81 2.51 3.35
N ASN M 263 -61.02 3.59 2.61
CA ASN M 263 -59.94 4.41 2.09
C ASN M 263 -60.10 5.85 2.58
N ILE M 264 -58.98 6.55 2.66
CA ILE M 264 -59.02 7.96 3.05
C ILE M 264 -59.72 8.76 1.96
N THR M 265 -60.95 9.18 2.23
CA THR M 265 -61.77 9.85 1.24
C THR M 265 -61.33 11.30 1.10
N ARG M 266 -60.79 11.64 -0.07
CA ARG M 266 -60.42 13.01 -0.39
C ARG M 266 -61.58 13.72 -1.06
N GLN M 267 -61.66 15.03 -0.84
CA GLN M 267 -62.76 15.82 -1.36
C GLN M 267 -62.23 17.13 -1.95
N TYR M 268 -62.96 17.64 -2.93
CA TYR M 268 -62.75 18.98 -3.45
C TYR M 268 -64.09 19.69 -3.46
N GLN M 269 -64.17 20.84 -2.80
CA GLN M 269 -65.39 21.62 -2.69
C GLN M 269 -65.06 23.07 -2.98
N ALA M 270 -65.91 23.71 -3.80
CA ALA M 270 -65.71 25.10 -4.18
C ALA M 270 -66.99 25.86 -3.97
N GLU M 271 -66.87 27.18 -3.95
CA GLU M 271 -68.02 28.05 -3.78
C GLU M 271 -67.69 29.43 -4.33
N TRP M 272 -68.68 30.07 -4.93
CA TRP M 272 -68.53 31.40 -5.49
C TRP M 272 -69.92 32.00 -5.65
N SER M 273 -69.96 33.25 -6.12
CA SER M 273 -71.22 33.95 -6.27
C SER M 273 -71.10 34.97 -7.38
N TYR M 274 -72.26 35.42 -7.88
CA TYR M 274 -72.34 36.47 -8.87
C TYR M 274 -73.72 37.11 -8.78
N ASN M 275 -73.91 38.19 -9.53
CA ASN M 275 -75.13 38.97 -9.47
C ASN M 275 -75.74 39.09 -10.85
N LEU M 276 -77.07 39.03 -10.92
CA LEU M 276 -77.80 39.17 -12.16
C LEU M 276 -78.55 40.48 -12.20
N GLY M 277 -78.57 41.12 -13.35
CA GLY M 277 -79.36 42.30 -13.55
C GLY M 277 -79.82 42.45 -14.99
N VAL M 278 -81.12 42.56 -15.18
CA VAL M 278 -81.72 42.71 -16.51
C VAL M 278 -82.27 44.13 -16.59
N ASN M 279 -81.95 44.83 -17.68
CA ASN M 279 -82.24 46.25 -17.78
C ASN M 279 -83.73 46.53 -17.61
N GLY M 280 -84.06 47.48 -16.74
CA GLY M 280 -85.43 47.88 -16.54
C GLY M 280 -86.28 46.91 -15.74
N TYR M 281 -85.68 45.85 -15.21
CA TYR M 281 -86.39 44.80 -14.48
C TYR M 281 -85.78 44.59 -13.11
N ALA M 282 -86.64 44.31 -12.14
CA ALA M 282 -86.25 44.06 -10.76
C ALA M 282 -86.73 42.69 -10.34
N TYR M 283 -85.90 41.96 -9.63
CA TYR M 283 -86.26 40.63 -9.14
C TYR M 283 -87.11 40.77 -7.89
N ASP M 284 -88.34 40.28 -7.94
CA ASP M 284 -89.26 40.40 -6.82
C ASP M 284 -88.84 39.47 -5.69
N ILE M 285 -88.07 40.01 -4.74
CA ILE M 285 -87.50 39.20 -3.69
C ILE M 285 -88.59 38.67 -2.75
N ALA M 286 -89.69 39.39 -2.61
CA ALA M 286 -90.77 38.93 -1.74
C ALA M 286 -91.40 37.66 -2.30
N THR M 287 -91.75 37.67 -3.59
CA THR M 287 -92.30 36.46 -4.21
C THR M 287 -91.21 35.43 -4.48
N GLY M 288 -89.97 35.87 -4.66
CA GLY M 288 -88.87 34.97 -4.88
C GLY M 288 -88.23 34.53 -3.59
N GLY M 289 -86.94 34.81 -3.43
CA GLY M 289 -86.25 34.44 -2.22
C GLY M 289 -84.93 35.17 -2.10
N LYS M 290 -84.29 35.00 -0.95
CA LYS M 290 -82.99 35.63 -0.72
C LYS M 290 -81.95 35.07 -1.68
N ALA M 291 -81.82 33.75 -1.75
CA ALA M 291 -80.91 33.10 -2.69
C ALA M 291 -81.73 32.27 -3.67
N PRO M 292 -81.93 32.73 -4.89
CA PRO M 292 -82.80 32.01 -5.82
C PRO M 292 -82.11 30.85 -6.50
N ASN M 293 -82.85 29.79 -6.73
CA ASN M 293 -82.40 28.67 -7.53
C ASN M 293 -82.41 29.05 -9.01
N PRO M 294 -81.68 28.31 -9.85
CA PRO M 294 -81.77 28.57 -11.29
C PRO M 294 -83.19 28.43 -11.84
N THR M 295 -84.00 27.55 -11.26
CA THR M 295 -85.39 27.46 -11.67
C THR M 295 -86.25 28.53 -11.01
N ALA M 296 -85.75 29.16 -9.95
CA ALA M 296 -86.46 30.29 -9.35
C ALA M 296 -86.30 31.55 -10.18
N LEU M 297 -85.15 31.71 -10.85
CA LEU M 297 -84.96 32.83 -11.74
C LEU M 297 -85.83 32.71 -12.99
N ALA M 298 -85.96 31.50 -13.52
CA ALA M 298 -86.71 31.28 -14.75
C ALA M 298 -88.21 31.42 -14.55
N THR M 299 -88.67 31.51 -13.31
CA THR M 299 -90.10 31.64 -13.05
C THR M 299 -90.54 33.09 -13.15
N ALA M 300 -91.48 33.37 -14.03
CA ALA M 300 -92.02 34.71 -14.17
C ALA M 300 -92.83 35.10 -12.94
N ALA M 301 -93.34 36.32 -12.93
CA ALA M 301 -94.01 36.98 -11.81
C ALA M 301 -93.05 37.27 -10.66
N ASN M 302 -91.80 36.84 -10.76
CA ASN M 302 -90.73 37.24 -9.87
C ASN M 302 -89.93 38.40 -10.45
N TRP M 303 -90.29 38.86 -11.64
CA TRP M 303 -89.54 39.88 -12.38
C TRP M 303 -90.48 41.05 -12.62
N ASP M 304 -90.32 42.11 -11.84
CA ASP M 304 -91.13 43.31 -12.02
C ASP M 304 -90.60 44.13 -13.19
N LYS M 305 -91.49 44.86 -13.85
CA LYS M 305 -91.14 45.75 -14.94
C LYS M 305 -90.99 47.17 -14.37
N ILE M 306 -89.75 47.59 -14.18
CA ILE M 306 -89.50 48.89 -13.56
C ILE M 306 -89.67 50.01 -14.57
N SER M 307 -89.02 49.91 -15.73
CA SER M 307 -89.10 50.96 -16.73
C SER M 307 -90.53 51.11 -17.23
N THR M 308 -90.94 52.37 -17.43
CA THR M 308 -92.31 52.65 -17.83
C THR M 308 -92.61 52.09 -19.21
N SER M 309 -91.69 52.23 -20.15
CA SER M 309 -91.89 51.82 -21.52
C SER M 309 -91.11 50.55 -21.82
N ILE M 310 -91.68 49.72 -22.70
CA ILE M 310 -91.01 48.49 -23.12
C ILE M 310 -89.71 48.80 -23.85
N LYS M 311 -89.63 49.98 -24.49
CA LYS M 311 -88.43 50.33 -25.23
C LYS M 311 -87.22 50.46 -24.30
N ASP M 312 -87.40 51.07 -23.13
CA ASP M 312 -86.30 51.22 -22.20
C ASP M 312 -85.81 49.86 -21.71
N THR M 313 -86.74 48.94 -21.44
CA THR M 313 -86.36 47.59 -21.06
C THR M 313 -85.60 46.93 -22.21
N GLY M 314 -84.45 46.33 -21.89
CA GLY M 314 -83.58 45.82 -22.92
C GLY M 314 -83.78 44.36 -23.25
N GLY M 315 -84.43 44.08 -24.37
CA GLY M 315 -84.54 42.72 -24.88
C GLY M 315 -85.93 42.39 -25.37
N VAL M 316 -86.02 41.34 -26.16
CA VAL M 316 -87.29 40.79 -26.64
C VAL M 316 -87.07 39.32 -26.99
N VAL M 317 -88.08 38.50 -26.74
CA VAL M 317 -87.98 37.05 -26.92
C VAL M 317 -88.81 36.66 -28.14
N LEU M 318 -88.23 35.80 -28.98
CA LEU M 318 -88.93 35.22 -30.11
C LEU M 318 -89.03 33.72 -29.89
N VAL M 319 -90.26 33.20 -29.92
CA VAL M 319 -90.52 31.78 -29.66
C VAL M 319 -90.85 31.10 -30.97
N THR M 320 -90.03 30.13 -31.35
CA THR M 320 -90.21 29.37 -32.58
C THR M 320 -90.04 27.90 -32.30
N LYS M 321 -90.76 27.08 -33.06
CA LYS M 321 -90.66 25.63 -32.93
C LYS M 321 -89.67 25.09 -33.96
N GLN N 7 -12.92 -12.09 -54.58
CA GLN N 7 -14.35 -12.11 -54.34
C GLN N 7 -14.83 -13.50 -53.93
N VAL N 8 -14.18 -14.52 -54.48
CA VAL N 8 -14.51 -15.90 -54.11
C VAL N 8 -14.18 -16.10 -52.63
N PHE N 9 -15.08 -16.80 -51.93
CA PHE N 9 -14.87 -17.01 -50.50
C PHE N 9 -13.60 -17.82 -50.23
N ASN N 10 -13.38 -18.87 -51.02
CA ASN N 10 -12.19 -19.72 -50.88
C ASN N 10 -11.56 -19.90 -52.25
N ASP N 11 -10.27 -19.58 -52.35
CA ASP N 11 -9.54 -19.86 -53.57
C ASP N 11 -9.07 -21.30 -53.58
N TRP N 12 -8.69 -21.77 -54.77
CA TRP N 12 -8.38 -23.19 -54.96
C TRP N 12 -6.93 -23.46 -54.58
N ALA N 13 -6.74 -24.41 -53.66
CA ALA N 13 -5.41 -24.75 -53.19
C ALA N 13 -4.83 -25.93 -53.97
N TYR N 14 -3.61 -26.31 -53.61
CA TYR N 14 -2.93 -27.42 -54.29
C TYR N 14 -3.72 -28.72 -54.13
N LYS N 15 -4.22 -28.99 -52.92
CA LYS N 15 -5.00 -30.21 -52.72
C LYS N 15 -6.29 -30.19 -53.53
N THR N 16 -6.90 -29.00 -53.69
CA THR N 16 -8.15 -28.88 -54.41
C THR N 16 -7.88 -28.83 -55.91
N MET N 17 -7.13 -29.83 -56.38
CA MET N 17 -6.86 -30.00 -57.80
C MET N 17 -7.97 -30.88 -58.37
N SER N 18 -9.18 -30.32 -58.37
CA SER N 18 -10.30 -30.97 -59.02
C SER N 18 -10.00 -31.13 -60.50
N GLU N 19 -10.17 -32.34 -61.02
CA GLU N 19 -9.86 -32.58 -62.42
C GLU N 19 -10.68 -31.65 -63.29
N VAL N 20 -10.01 -30.69 -63.93
CA VAL N 20 -10.70 -29.59 -64.58
C VAL N 20 -11.52 -30.09 -65.77
N LEU N 21 -10.89 -30.87 -66.64
CA LEU N 21 -11.49 -31.25 -67.92
C LEU N 21 -10.47 -32.15 -68.61
N ASP N 22 -10.93 -32.85 -69.65
CA ASP N 22 -10.06 -33.71 -70.43
C ASP N 22 -10.01 -33.36 -71.91
N GLN N 23 -10.63 -32.26 -72.32
CA GLN N 23 -10.69 -31.87 -73.73
C GLN N 23 -10.22 -30.43 -73.87
N GLN N 24 -9.33 -30.18 -74.83
CA GLN N 24 -8.89 -28.82 -75.10
C GLN N 24 -10.06 -28.00 -75.63
N VAL N 25 -10.29 -26.83 -75.03
CA VAL N 25 -11.45 -26.03 -75.37
C VAL N 25 -11.03 -24.59 -75.68
N GLU N 26 -9.75 -24.40 -75.97
CA GLU N 26 -9.26 -23.09 -76.41
C GLU N 26 -9.19 -23.07 -77.93
N LEU N 27 -10.37 -23.01 -78.54
CA LEU N 27 -10.52 -23.10 -80.00
C LEU N 27 -11.35 -21.92 -80.51
N PHE N 28 -10.99 -20.72 -80.09
CA PHE N 28 -11.78 -19.54 -80.42
C PHE N 28 -10.88 -18.41 -80.93
N ASN N 29 -11.31 -17.79 -82.03
CA ASN N 29 -10.55 -16.73 -82.72
C ASN N 29 -9.11 -17.12 -83.00
N GLY N 30 -8.16 -16.46 -82.34
CA GLY N 30 -6.76 -16.60 -82.71
C GLY N 30 -6.27 -18.03 -82.67
N ALA N 31 -6.74 -18.81 -81.70
CA ALA N 31 -6.38 -20.21 -81.63
C ALA N 31 -6.92 -20.98 -82.84
N THR N 32 -7.99 -20.48 -83.44
CA THR N 32 -8.62 -21.12 -84.60
C THR N 32 -8.64 -20.17 -85.78
N ARG N 33 -7.78 -19.15 -85.74
CA ARG N 33 -7.62 -18.18 -86.83
C ARG N 33 -8.96 -17.52 -87.19
N GLY N 34 -9.78 -17.29 -86.18
CA GLY N 34 -11.05 -16.63 -86.38
C GLY N 34 -12.13 -17.49 -87.01
N ALA N 35 -11.89 -18.79 -87.17
CA ALA N 35 -12.90 -19.65 -87.78
C ALA N 35 -14.09 -19.86 -86.85
N ILE N 36 -13.85 -20.03 -85.56
CA ILE N 36 -14.90 -20.14 -84.56
C ILE N 36 -14.75 -18.92 -83.64
N ILE N 37 -15.69 -18.00 -83.71
CA ILE N 37 -15.62 -16.79 -82.89
C ILE N 37 -16.53 -16.98 -81.68
N LEU N 38 -16.21 -16.25 -80.62
CA LEU N 38 -16.94 -16.32 -79.36
C LEU N 38 -17.24 -14.91 -78.86
N ARG N 39 -17.78 -14.08 -79.75
CA ARG N 39 -18.14 -12.71 -79.38
C ARG N 39 -19.19 -12.71 -78.27
N SER N 40 -19.37 -11.55 -77.65
CA SER N 40 -20.34 -11.36 -76.59
C SER N 40 -21.31 -10.25 -76.99
N ALA N 41 -22.59 -10.59 -77.09
CA ALA N 41 -23.60 -9.61 -77.45
C ALA N 41 -24.97 -10.15 -77.02
N GLY N 42 -25.56 -9.51 -76.02
CA GLY N 42 -26.87 -9.92 -75.55
C GLY N 42 -27.96 -9.54 -76.54
N ASN N 43 -28.96 -10.41 -76.68
CA ASN N 43 -30.07 -10.18 -77.58
C ASN N 43 -31.33 -10.84 -77.05
N THR N 44 -32.48 -10.24 -77.35
CA THR N 44 -33.75 -10.69 -76.83
C THR N 44 -34.32 -11.81 -77.70
N GLY N 45 -35.41 -12.40 -77.22
CA GLY N 45 -36.14 -13.39 -77.99
C GLY N 45 -35.42 -14.71 -78.09
N ASP N 46 -35.97 -15.59 -78.91
CA ASP N 46 -35.37 -16.88 -79.20
C ASP N 46 -34.69 -16.91 -80.57
N LEU N 47 -34.61 -15.78 -81.26
CA LEU N 47 -33.98 -15.70 -82.56
C LEU N 47 -33.35 -14.33 -82.73
N SER N 48 -32.42 -14.25 -83.69
CA SER N 48 -31.86 -12.96 -84.10
C SER N 48 -31.55 -13.08 -85.59
N GLU N 49 -32.51 -12.68 -86.42
CA GLU N 49 -32.40 -12.82 -87.86
C GLU N 49 -32.05 -11.49 -88.51
N ALA N 50 -31.33 -11.57 -89.62
CA ALA N 50 -30.97 -10.41 -90.41
C ALA N 50 -31.22 -10.72 -91.88
N ALA N 51 -31.55 -9.68 -92.64
CA ALA N 51 -31.92 -9.82 -94.04
C ALA N 51 -30.89 -9.13 -94.92
N PHE N 52 -30.48 -9.82 -95.98
CA PHE N 52 -29.57 -9.27 -96.97
C PHE N 52 -30.10 -9.58 -98.36
N TRP N 53 -29.71 -8.75 -99.33
CA TRP N 53 -30.22 -8.90 -100.69
C TRP N 53 -29.62 -10.13 -101.36
N ALA N 54 -30.46 -10.90 -102.03
CA ALA N 54 -30.02 -12.10 -102.72
C ALA N 54 -29.35 -11.74 -104.05
N LYS N 55 -28.60 -12.69 -104.58
CA LYS N 55 -27.98 -12.53 -105.88
C LYS N 55 -28.99 -12.86 -106.98
N ILE N 56 -29.16 -11.92 -107.91
CA ILE N 56 -30.05 -12.16 -109.04
C ILE N 56 -29.43 -13.21 -109.96
N GLN N 57 -30.23 -14.19 -110.36
CA GLN N 57 -29.71 -15.29 -111.17
C GLN N 57 -29.38 -14.82 -112.57
N GLY N 58 -30.39 -14.35 -113.31
CA GLY N 58 -30.18 -13.90 -114.67
C GLY N 58 -29.95 -12.40 -114.77
N LEU N 59 -29.01 -11.87 -113.99
CA LEU N 59 -28.73 -10.44 -114.05
C LEU N 59 -28.20 -10.04 -115.42
N VAL N 60 -27.32 -10.86 -116.00
CA VAL N 60 -26.79 -10.64 -117.33
C VAL N 60 -27.38 -11.70 -118.26
N ARG N 61 -27.91 -11.27 -119.39
CA ARG N 61 -28.61 -12.15 -120.31
C ARG N 61 -28.08 -11.96 -121.73
N PRO N 62 -28.14 -13.00 -122.55
CA PRO N 62 -27.86 -12.81 -123.97
C PRO N 62 -28.94 -11.95 -124.63
N ARG N 63 -28.55 -11.23 -125.67
CA ARG N 63 -29.44 -10.30 -126.35
C ARG N 63 -29.32 -10.48 -127.85
N ASP N 64 -30.43 -10.26 -128.55
CA ASP N 64 -30.49 -10.29 -130.01
C ASP N 64 -30.98 -8.94 -130.49
N PRO N 65 -30.07 -8.02 -130.83
CA PRO N 65 -30.50 -6.66 -131.21
C PRO N 65 -31.40 -6.63 -132.43
N TYR N 66 -31.23 -7.57 -133.37
CA TYR N 66 -31.99 -7.52 -134.62
C TYR N 66 -33.48 -7.74 -134.36
N SER N 67 -33.83 -8.60 -133.42
CA SER N 67 -35.22 -8.98 -133.17
C SER N 67 -35.69 -8.39 -131.86
N ASN N 68 -36.75 -7.57 -131.92
CA ASN N 68 -37.36 -7.06 -130.70
C ASN N 68 -37.95 -8.20 -129.88
N ALA N 69 -38.78 -9.03 -130.52
CA ALA N 69 -39.40 -10.23 -129.91
C ALA N 69 -40.07 -9.83 -128.61
N ASP N 70 -39.94 -10.60 -127.54
CA ASP N 70 -40.59 -10.31 -126.28
C ASP N 70 -39.65 -9.53 -125.37
N VAL N 71 -40.07 -9.34 -124.12
CA VAL N 71 -39.24 -8.72 -123.09
C VAL N 71 -39.42 -9.52 -121.80
N ALA N 72 -38.32 -9.93 -121.19
CA ALA N 72 -38.38 -10.71 -119.98
C ALA N 72 -38.59 -9.79 -118.76
N ALA N 73 -39.09 -10.39 -117.69
CA ALA N 73 -39.33 -9.67 -116.44
C ALA N 73 -38.53 -10.31 -115.33
N LYS N 74 -37.88 -9.47 -114.52
CA LYS N 74 -37.03 -9.93 -113.43
C LYS N 74 -37.39 -9.20 -112.16
N ASP N 75 -37.21 -9.88 -111.03
CA ASP N 75 -37.52 -9.31 -109.73
C ASP N 75 -36.39 -9.66 -108.77
N LEU N 76 -36.21 -8.82 -107.75
CA LEU N 76 -35.16 -8.98 -106.76
C LEU N 76 -35.79 -9.34 -105.42
N ARG N 77 -35.21 -10.32 -104.74
CA ARG N 77 -35.74 -10.87 -103.50
C ARG N 77 -34.83 -10.50 -102.34
N GLN N 78 -35.17 -11.03 -101.17
CA GLN N 78 -34.41 -10.80 -99.94
C GLN N 78 -34.26 -12.12 -99.21
N LEU N 79 -33.04 -12.42 -98.78
CA LEU N 79 -32.76 -13.60 -97.98
C LEU N 79 -32.76 -13.25 -96.50
N VAL N 80 -32.78 -14.28 -95.67
CA VAL N 80 -32.90 -14.11 -94.22
C VAL N 80 -31.85 -14.97 -93.54
N ASP N 81 -30.82 -14.33 -92.99
CA ASP N 81 -29.90 -14.99 -92.09
C ASP N 81 -30.61 -15.27 -90.77
N ASN N 82 -30.05 -16.21 -89.99
CA ASN N 82 -30.70 -16.59 -88.75
C ASN N 82 -29.64 -16.95 -87.72
N THR N 83 -30.04 -16.88 -86.45
CA THR N 83 -29.15 -17.20 -85.34
C THR N 83 -30.01 -17.68 -84.18
N ILE N 84 -30.03 -19.00 -83.99
CA ILE N 84 -30.85 -19.61 -82.93
C ILE N 84 -30.19 -19.34 -81.58
N LYS N 85 -31.00 -19.37 -80.52
CA LYS N 85 -30.52 -19.20 -79.15
C LYS N 85 -30.66 -20.52 -78.43
N VAL N 86 -29.55 -21.02 -77.88
CA VAL N 86 -29.51 -22.30 -77.20
C VAL N 86 -29.39 -22.05 -75.70
N ALA N 87 -30.33 -22.59 -74.94
CA ALA N 87 -30.34 -22.43 -73.50
C ALA N 87 -29.73 -23.63 -72.81
N SER N 88 -28.86 -23.38 -71.84
CA SER N 88 -28.20 -24.42 -71.08
C SER N 88 -28.38 -24.15 -69.59
N GLY N 89 -28.03 -25.14 -68.78
CA GLY N 89 -28.17 -25.03 -67.34
C GLY N 89 -27.38 -26.11 -66.63
N THR N 90 -27.37 -26.00 -65.30
CA THR N 90 -26.64 -26.91 -64.45
C THR N 90 -27.60 -27.71 -63.59
N PRO N 91 -27.44 -29.02 -63.46
CA PRO N 91 -28.32 -29.80 -62.60
C PRO N 91 -28.17 -29.35 -61.16
N PRO N 92 -29.21 -29.52 -60.34
CA PRO N 92 -29.10 -29.12 -58.93
C PRO N 92 -28.01 -29.90 -58.24
N ILE N 93 -27.04 -29.18 -57.69
CA ILE N 93 -25.83 -29.77 -57.15
C ILE N 93 -25.97 -29.90 -55.65
N ASN N 94 -25.80 -31.12 -55.13
CA ASN N 94 -25.91 -31.39 -53.69
C ASN N 94 -24.56 -31.10 -53.05
N ILE N 95 -24.40 -29.89 -52.52
CA ILE N 95 -23.22 -29.57 -51.73
C ILE N 95 -23.28 -30.38 -50.43
N PRO N 96 -22.24 -31.11 -50.09
CA PRO N 96 -22.27 -31.95 -48.88
C PRO N 96 -22.53 -31.12 -47.65
N PRO N 97 -23.38 -31.61 -46.72
CA PRO N 97 -23.73 -30.83 -45.52
C PRO N 97 -22.73 -31.03 -44.38
N SER N 98 -21.51 -30.54 -44.60
CA SER N 98 -20.44 -30.61 -43.60
C SER N 98 -20.19 -32.04 -43.15
N MET N 99 -20.38 -33.01 -44.05
CA MET N 99 -20.17 -34.41 -43.71
C MET N 99 -18.91 -34.99 -44.30
N LEU N 100 -18.48 -34.52 -45.48
CA LEU N 100 -17.25 -34.98 -46.12
C LEU N 100 -16.08 -34.28 -45.42
N ARG N 101 -15.69 -34.82 -44.26
CA ARG N 101 -14.68 -34.17 -43.43
C ARG N 101 -13.61 -35.12 -42.87
N TRP N 102 -13.81 -36.43 -42.88
CA TRP N 102 -12.86 -37.31 -42.21
C TRP N 102 -11.50 -37.31 -42.90
N ILE N 103 -11.49 -37.30 -44.23
CA ILE N 103 -10.24 -37.26 -44.98
C ILE N 103 -10.04 -35.93 -45.70
N GLN N 104 -11.12 -35.25 -46.10
CA GLN N 104 -11.02 -33.93 -46.70
C GLN N 104 -10.82 -32.87 -45.63
N LYS N 105 -10.09 -31.82 -45.98
CA LYS N 105 -9.87 -30.71 -45.04
C LYS N 105 -11.18 -30.03 -44.67
N ASN N 106 -12.06 -29.81 -45.67
CA ASN N 106 -13.29 -29.07 -45.45
C ASN N 106 -14.18 -29.20 -46.68
N PRO N 107 -15.51 -29.33 -46.52
CA PRO N 107 -16.40 -29.42 -47.68
C PRO N 107 -17.00 -28.10 -48.13
N GLN N 108 -16.79 -27.00 -47.40
CA GLN N 108 -17.42 -25.74 -47.73
C GLN N 108 -16.87 -25.10 -49.02
N GLU N 109 -15.77 -25.62 -49.55
CA GLU N 109 -15.19 -25.12 -50.80
C GLU N 109 -15.88 -25.70 -52.03
N ALA N 110 -17.05 -26.31 -51.83
CA ALA N 110 -17.81 -26.84 -52.94
C ALA N 110 -18.21 -25.75 -53.92
N GLY N 111 -18.56 -24.57 -53.40
CA GLY N 111 -18.90 -23.47 -54.30
C GLY N 111 -17.77 -23.13 -55.26
N ALA N 112 -16.55 -23.03 -54.75
CA ALA N 112 -15.40 -22.71 -55.60
C ALA N 112 -15.12 -23.82 -56.60
N VAL N 113 -15.15 -25.08 -56.15
CA VAL N 113 -14.85 -26.16 -57.09
C VAL N 113 -15.92 -26.22 -58.18
N ILE N 114 -17.18 -26.02 -57.81
CA ILE N 114 -18.25 -25.97 -58.80
C ILE N 114 -18.02 -24.82 -59.78
N GLY N 115 -17.63 -23.65 -59.26
CA GLY N 115 -17.40 -22.53 -60.15
C GLY N 115 -16.33 -22.81 -61.19
N GLN N 116 -15.20 -23.36 -60.74
CA GLN N 116 -14.10 -23.61 -61.67
C GLN N 116 -14.44 -24.70 -62.68
N GLN N 117 -14.95 -25.85 -62.19
CA GLN N 117 -15.35 -26.91 -63.10
C GLN N 117 -16.47 -26.45 -64.02
N LEU N 118 -17.29 -25.51 -63.58
CA LEU N 118 -18.40 -25.04 -64.40
C LEU N 118 -17.92 -24.11 -65.49
N ALA N 119 -16.92 -23.28 -65.21
CA ALA N 119 -16.29 -22.51 -66.28
C ALA N 119 -15.73 -23.44 -67.34
N GLY N 120 -14.98 -24.45 -66.91
CA GLY N 120 -14.43 -25.39 -67.87
C GLY N 120 -15.51 -26.11 -68.67
N ASP N 121 -16.56 -26.55 -67.99
CA ASP N 121 -17.59 -27.34 -68.66
C ASP N 121 -18.49 -26.50 -69.55
N THR N 122 -18.72 -25.23 -69.21
CA THR N 122 -19.47 -24.38 -70.12
C THR N 122 -18.65 -24.06 -71.37
N MET N 123 -17.33 -23.92 -71.20
CA MET N 123 -16.48 -23.79 -72.38
C MET N 123 -16.60 -25.01 -73.28
N GLN N 124 -16.48 -26.20 -72.71
CA GLN N 124 -16.56 -27.41 -73.53
C GLN N 124 -17.94 -27.57 -74.15
N ASP N 125 -18.99 -27.20 -73.40
CA ASP N 125 -20.35 -27.34 -73.91
C ASP N 125 -20.58 -26.42 -75.10
N MET N 126 -20.14 -25.17 -74.99
CA MET N 126 -20.29 -24.25 -76.12
C MET N 126 -19.52 -24.75 -77.32
N LEU N 127 -18.29 -25.24 -77.11
CA LEU N 127 -17.50 -25.74 -78.24
C LEU N 127 -18.18 -26.94 -78.89
N ASN N 128 -18.67 -27.88 -78.07
CA ASN N 128 -19.32 -29.07 -78.59
C ASN N 128 -20.59 -28.73 -79.37
N ASN N 129 -21.41 -27.82 -78.84
CA ASN N 129 -22.63 -27.45 -79.53
C ASN N 129 -22.31 -26.75 -80.85
N GLY N 130 -21.32 -25.86 -80.84
CA GLY N 130 -20.91 -25.23 -82.08
C GLY N 130 -20.43 -26.22 -83.12
N LEU N 131 -19.61 -27.19 -82.71
CA LEU N 131 -19.10 -28.17 -83.65
C LEU N 131 -20.20 -29.07 -84.19
N ALA N 132 -21.12 -29.52 -83.32
CA ALA N 132 -22.21 -30.37 -83.77
C ALA N 132 -23.14 -29.63 -84.73
N ALA N 133 -23.45 -28.36 -84.41
CA ALA N 133 -24.28 -27.57 -85.31
C ALA N 133 -23.59 -27.34 -86.64
N GLY N 134 -22.29 -27.07 -86.62
CA GLY N 134 -21.56 -26.91 -87.87
C GLY N 134 -21.58 -28.17 -88.70
N LYS N 135 -21.36 -29.32 -88.08
CA LYS N 135 -21.38 -30.58 -88.82
C LYS N 135 -22.76 -30.85 -89.41
N ALA N 136 -23.81 -30.63 -88.63
CA ALA N 136 -25.16 -30.84 -89.15
C ALA N 136 -25.47 -29.90 -90.30
N ALA N 137 -25.11 -28.63 -90.16
CA ALA N 137 -25.38 -27.67 -91.22
C ALA N 137 -24.61 -28.03 -92.50
N PHE N 138 -23.35 -28.41 -92.37
CA PHE N 138 -22.57 -28.75 -93.56
C PHE N 138 -23.09 -30.04 -94.20
N THR N 139 -23.59 -30.98 -93.40
CA THR N 139 -24.25 -32.15 -93.98
C THR N 139 -25.50 -31.74 -94.74
N ALA N 140 -26.28 -30.81 -94.18
CA ALA N 140 -27.48 -30.34 -94.86
C ALA N 140 -27.13 -29.63 -96.15
N GLY N 141 -25.97 -28.98 -96.20
CA GLY N 141 -25.57 -28.23 -97.37
C GLY N 141 -24.98 -29.07 -98.49
N GLY N 142 -24.85 -30.37 -98.30
CA GLY N 142 -24.29 -31.23 -99.34
C GLY N 142 -22.78 -31.15 -99.48
N ALA N 143 -22.08 -30.64 -98.47
CA ALA N 143 -20.63 -30.46 -98.53
C ALA N 143 -19.88 -31.51 -97.72
N VAL N 144 -20.33 -32.76 -97.74
CA VAL N 144 -19.71 -33.83 -96.98
C VAL N 144 -18.92 -34.73 -97.92
N HIS N 145 -17.68 -35.03 -97.53
CA HIS N 145 -16.86 -36.02 -98.23
C HIS N 145 -16.65 -37.21 -97.31
N ASP N 146 -16.97 -38.41 -97.80
CA ASP N 146 -16.87 -39.63 -97.03
C ASP N 146 -15.70 -40.45 -97.55
N ILE N 147 -14.81 -40.84 -96.65
CA ILE N 147 -13.69 -41.73 -96.97
C ILE N 147 -13.78 -42.88 -95.97
N SER N 148 -14.48 -43.95 -96.34
CA SER N 148 -14.61 -45.10 -95.46
C SER N 148 -14.40 -46.39 -96.25
N ALA N 149 -14.59 -46.32 -97.57
CA ALA N 149 -14.43 -47.47 -98.44
C ALA N 149 -13.10 -47.49 -99.17
N ALA N 150 -12.37 -46.37 -99.18
CA ALA N 150 -11.12 -46.25 -99.92
C ALA N 150 -9.95 -46.57 -99.00
N GLY N 151 -9.30 -47.70 -99.22
CA GLY N 151 -8.12 -48.09 -98.48
C GLY N 151 -8.40 -48.28 -97.00
N THR N 152 -7.43 -47.89 -96.19
CA THR N 152 -7.56 -48.03 -94.74
C THR N 152 -8.71 -47.18 -94.20
N GLY N 153 -8.88 -45.97 -94.73
CA GLY N 153 -9.92 -45.09 -94.25
C GLY N 153 -9.51 -43.63 -94.17
N LEU N 154 -8.22 -43.38 -93.97
CA LEU N 154 -7.69 -42.02 -93.96
C LEU N 154 -6.44 -41.96 -94.83
N MET N 155 -6.32 -40.87 -95.60
CA MET N 155 -5.12 -40.60 -96.38
C MET N 155 -4.31 -39.51 -95.71
N THR N 156 -3.05 -39.38 -96.14
CA THR N 156 -2.13 -38.44 -95.50
C THR N 156 -2.52 -37.00 -95.79
N GLN N 157 -2.50 -36.62 -97.05
CA GLN N 157 -3.08 -35.35 -97.48
C GLN N 157 -4.07 -35.48 -98.63
N ARG N 158 -4.18 -36.65 -99.26
CA ARG N 158 -5.07 -36.79 -100.41
C ARG N 158 -6.53 -36.66 -99.98
N ALA N 159 -6.79 -36.86 -98.68
CA ALA N 159 -8.16 -36.67 -98.18
C ALA N 159 -8.50 -35.19 -98.09
N PHE N 160 -7.57 -34.37 -97.62
CA PHE N 160 -7.81 -32.92 -97.54
C PHE N 160 -8.05 -32.33 -98.92
N ASN N 161 -7.28 -32.80 -99.92
CA ASN N 161 -7.42 -32.29 -101.27
C ASN N 161 -8.83 -32.55 -101.81
N ALA N 162 -9.44 -33.66 -101.40
CA ALA N 162 -10.82 -33.92 -101.82
C ALA N 162 -11.77 -32.87 -101.26
N ALA N 163 -11.58 -32.49 -99.99
CA ALA N 163 -12.43 -31.47 -99.39
C ALA N 163 -12.26 -30.11 -100.07
N GLN N 164 -11.01 -29.74 -100.37
CA GLN N 164 -10.82 -28.48 -101.09
C GLN N 164 -11.36 -28.56 -102.51
N ARG N 165 -11.31 -29.74 -103.12
CA ARG N 165 -11.96 -29.93 -104.42
C ARG N 165 -13.45 -29.65 -104.32
N ILE N 166 -14.09 -30.16 -103.27
CA ILE N 166 -15.52 -29.92 -103.08
C ILE N 166 -15.80 -28.45 -102.89
N PHE N 167 -14.98 -27.78 -102.06
CA PHE N 167 -15.23 -26.36 -101.81
C PHE N 167 -15.01 -25.52 -103.07
N GLY N 168 -14.13 -25.96 -103.97
CA GLY N 168 -14.13 -25.41 -105.31
C GLY N 168 -13.04 -24.43 -105.65
N ASP N 169 -13.34 -23.52 -106.60
CA ASP N 169 -12.36 -22.54 -107.04
C ASP N 169 -11.95 -21.60 -105.92
N ARG N 170 -12.82 -21.41 -104.93
CA ARG N 170 -12.54 -20.56 -103.79
C ARG N 170 -11.96 -21.36 -102.61
N SER N 171 -11.28 -22.47 -102.89
CA SER N 171 -10.76 -23.30 -101.81
C SER N 171 -9.73 -22.59 -100.95
N THR N 172 -9.16 -21.49 -101.44
CA THR N 172 -8.07 -20.84 -100.72
C THR N 172 -8.52 -20.27 -99.38
N ASP N 173 -9.81 -19.92 -99.24
CA ASP N 173 -10.21 -19.21 -98.02
C ASP N 173 -10.43 -20.16 -96.84
N ILE N 174 -10.49 -21.47 -97.07
CA ILE N 174 -10.46 -22.41 -95.95
C ILE N 174 -9.05 -22.41 -95.37
N GLN N 175 -8.92 -22.06 -94.09
CA GLN N 175 -7.61 -21.94 -93.48
C GLN N 175 -7.47 -22.70 -92.17
N VAL N 176 -8.49 -23.44 -91.74
CA VAL N 176 -8.45 -24.14 -90.46
C VAL N 176 -9.09 -25.51 -90.61
N TRP N 177 -8.45 -26.53 -90.05
CA TRP N 177 -9.03 -27.86 -89.89
C TRP N 177 -9.14 -28.17 -88.40
N VAL N 178 -10.34 -28.51 -87.96
CA VAL N 178 -10.55 -29.07 -86.63
C VAL N 178 -10.81 -30.56 -86.77
N SER N 179 -10.34 -31.33 -85.81
CA SER N 179 -10.39 -32.77 -85.94
C SER N 179 -10.25 -33.43 -84.58
N HIS N 180 -10.62 -34.71 -84.52
CA HIS N 180 -10.34 -35.54 -83.37
C HIS N 180 -8.86 -35.92 -83.37
N SER N 181 -8.38 -36.44 -82.23
CA SER N 181 -6.97 -36.76 -82.12
C SER N 181 -6.62 -38.02 -82.90
N SER N 182 -7.56 -38.94 -83.06
CA SER N 182 -7.28 -40.18 -83.79
C SER N 182 -6.90 -39.94 -85.24
N PRO N 183 -7.60 -39.08 -86.01
CA PRO N 183 -7.09 -38.77 -87.36
C PRO N 183 -5.70 -38.17 -87.34
N LEU N 184 -5.37 -37.34 -86.36
CA LEU N 184 -4.03 -36.77 -86.28
C LEU N 184 -2.99 -37.87 -86.07
N PHE N 185 -3.29 -38.82 -85.18
CA PHE N 185 -2.34 -39.89 -84.92
C PHE N 185 -2.20 -40.82 -86.13
N ASP N 186 -3.29 -41.04 -86.87
CA ASP N 186 -3.17 -41.77 -88.13
C ASP N 186 -2.31 -41.01 -89.13
N LEU N 187 -2.45 -39.67 -89.16
CA LEU N 187 -1.64 -38.86 -90.04
C LEU N 187 -0.16 -38.96 -89.65
N TYR N 188 0.14 -38.96 -88.36
CA TYR N 188 1.51 -39.16 -87.91
C TYR N 188 2.03 -40.53 -88.29
N ASP N 189 1.19 -41.56 -88.14
CA ASP N 189 1.60 -42.91 -88.49
C ASP N 189 1.95 -43.01 -89.97
N ASN N 190 1.12 -42.41 -90.84
CA ASN N 190 1.43 -42.47 -92.26
C ASN N 190 2.55 -41.51 -92.64
N ALA N 191 2.77 -40.47 -91.82
CA ALA N 191 3.91 -39.59 -92.06
C ALA N 191 5.21 -40.27 -91.64
N LEU N 192 5.21 -40.96 -90.51
CA LEU N 192 6.36 -41.74 -90.09
C LEU N 192 6.56 -42.98 -90.95
N ALA N 193 5.59 -43.32 -91.81
CA ALA N 193 5.70 -44.43 -92.76
C ALA N 193 5.39 -43.87 -94.14
N ASN N 194 6.38 -43.25 -94.77
CA ASN N 194 6.17 -42.52 -96.02
C ASN N 194 6.30 -43.48 -97.20
N ALA N 195 5.16 -43.96 -97.70
CA ALA N 195 5.17 -44.77 -98.90
C ALA N 195 5.67 -43.99 -100.11
N GLU N 196 5.25 -42.74 -100.25
CA GLU N 196 5.84 -41.81 -101.19
C GLU N 196 6.85 -40.96 -100.43
N GLN N 197 8.12 -41.06 -100.83
CA GLN N 197 9.22 -40.52 -100.03
C GLN N 197 9.25 -39.00 -100.13
N LEU N 198 8.24 -38.38 -99.51
CA LEU N 198 8.17 -36.93 -99.42
C LEU N 198 8.35 -36.43 -97.99
N TYR N 199 8.95 -37.23 -97.12
CA TYR N 199 9.20 -36.85 -95.75
C TYR N 199 10.64 -37.13 -95.37
N VAL N 200 11.17 -36.30 -94.46
CA VAL N 200 12.45 -36.53 -93.81
C VAL N 200 12.17 -36.42 -92.31
N PHE N 201 13.06 -37.03 -91.52
CA PHE N 201 12.81 -37.14 -90.07
C PHE N 201 12.57 -35.78 -89.43
N GLY N 202 13.18 -34.73 -89.96
CA GLY N 202 12.99 -33.41 -89.37
C GLY N 202 11.61 -32.82 -89.58
N THR N 203 10.88 -33.30 -90.59
CA THR N 203 9.60 -32.72 -90.97
C THR N 203 8.47 -33.73 -90.96
N VAL N 204 8.56 -34.77 -90.11
CA VAL N 204 7.48 -35.74 -90.00
C VAL N 204 6.46 -35.38 -88.93
N ASN N 205 6.64 -34.25 -88.23
CA ASN N 205 5.73 -33.83 -87.18
C ASN N 205 4.91 -32.61 -87.58
N VAL N 206 4.63 -32.45 -88.88
CA VAL N 206 3.94 -31.27 -89.37
C VAL N 206 2.46 -31.37 -89.07
N ARG N 207 1.90 -30.29 -88.53
CA ARG N 207 0.47 -30.21 -88.25
C ARG N 207 -0.32 -29.55 -89.38
N ALA N 208 0.35 -29.15 -90.46
CA ALA N 208 -0.32 -28.54 -91.60
C ALA N 208 -0.91 -29.63 -92.48
N ASP N 209 -1.36 -29.26 -93.68
CA ASP N 209 -1.92 -30.19 -94.64
C ASP N 209 -1.35 -29.95 -96.03
N ALA N 210 -0.06 -29.63 -96.10
CA ALA N 210 0.66 -29.37 -97.35
C ALA N 210 0.07 -28.21 -98.13
N PHE N 211 -0.77 -27.39 -97.49
CA PHE N 211 -1.33 -26.22 -98.14
C PHE N 211 -1.38 -25.01 -97.21
N GLY N 212 -0.71 -25.07 -96.06
CA GLY N 212 -0.72 -23.96 -95.13
C GLY N 212 -1.87 -23.95 -94.15
N ARG N 213 -2.75 -24.94 -94.19
CA ARG N 213 -3.86 -25.01 -93.26
C ARG N 213 -3.45 -25.84 -92.04
N PRO N 214 -3.38 -25.25 -90.84
CA PRO N 214 -3.03 -26.04 -89.66
C PRO N 214 -4.18 -26.95 -89.25
N ILE N 215 -3.84 -27.96 -88.45
CA ILE N 215 -4.80 -28.89 -87.90
C ILE N 215 -4.89 -28.65 -86.41
N ILE N 216 -6.10 -28.35 -85.93
CA ILE N 216 -6.35 -28.12 -84.51
C ILE N 216 -7.08 -29.33 -83.96
N ILE N 217 -6.58 -29.84 -82.83
CA ILE N 217 -6.98 -31.14 -82.32
C ILE N 217 -7.82 -30.96 -81.05
N THR N 218 -8.98 -31.59 -81.04
CA THR N 218 -9.84 -31.63 -79.86
C THR N 218 -10.60 -32.95 -79.89
N ASP N 219 -10.96 -33.44 -78.70
CA ASP N 219 -11.66 -34.72 -78.57
C ASP N 219 -13.14 -34.55 -78.30
N SER N 220 -13.77 -33.57 -78.95
CA SER N 220 -15.19 -33.36 -78.77
C SER N 220 -15.96 -34.57 -79.28
N PRO N 221 -16.95 -35.07 -78.54
CA PRO N 221 -17.74 -36.23 -79.02
C PRO N 221 -18.58 -35.92 -80.25
N ALA N 222 -18.71 -34.66 -80.64
CA ALA N 222 -19.46 -34.34 -81.85
C ALA N 222 -18.69 -34.74 -83.11
N LEU N 223 -17.41 -35.05 -83.00
CA LEU N 223 -16.59 -35.44 -84.14
C LEU N 223 -16.29 -36.93 -84.19
N VAL N 224 -16.91 -37.72 -83.31
CA VAL N 224 -16.68 -39.15 -83.26
C VAL N 224 -17.98 -39.85 -82.89
N SER N 225 -18.27 -40.95 -83.57
CA SER N 225 -19.50 -41.69 -83.33
C SER N 225 -19.29 -43.16 -83.67
N GLY N 226 -20.12 -44.01 -83.08
CA GLY N 226 -20.04 -45.43 -83.33
C GLY N 226 -18.88 -46.08 -82.60
N ALA N 227 -18.64 -47.33 -82.96
CA ALA N 227 -17.53 -48.10 -82.39
C ALA N 227 -17.07 -49.14 -83.38
N ALA N 228 -15.82 -49.59 -83.21
CA ALA N 228 -15.21 -50.61 -84.04
C ALA N 228 -15.32 -50.30 -85.53
N GLU N 229 -16.06 -51.13 -86.27
CA GLU N 229 -16.18 -50.91 -87.71
C GLU N 229 -17.09 -49.72 -88.01
N THR N 230 -18.01 -49.39 -87.11
CA THR N 230 -18.90 -48.26 -87.29
C THR N 230 -18.30 -46.96 -86.77
N LEU N 231 -17.05 -46.98 -86.34
CA LEU N 231 -16.42 -45.80 -85.75
C LEU N 231 -15.95 -44.86 -86.85
N ARG N 232 -16.60 -43.71 -86.97
CA ARG N 232 -16.27 -42.71 -87.97
C ARG N 232 -15.84 -41.42 -87.28
N HIS N 233 -14.68 -40.90 -87.67
CA HIS N 233 -14.19 -39.62 -87.19
C HIS N 233 -14.51 -38.55 -88.22
N SER N 234 -15.07 -37.43 -87.77
CA SER N 234 -15.51 -36.35 -88.65
C SER N 234 -14.65 -35.12 -88.39
N THR N 235 -13.81 -34.78 -89.36
CA THR N 235 -13.03 -33.55 -89.34
C THR N 235 -13.66 -32.57 -90.32
N LEU N 236 -13.84 -31.34 -89.89
CA LEU N 236 -14.54 -30.33 -90.69
C LEU N 236 -13.67 -29.09 -90.83
N GLY N 237 -13.46 -28.66 -92.08
CA GLY N 237 -12.64 -27.50 -92.36
C GLY N 237 -13.49 -26.24 -92.34
N LEU N 238 -12.97 -25.21 -91.68
CA LEU N 238 -13.72 -23.99 -91.45
C LEU N 238 -13.10 -22.82 -92.20
N THR N 239 -13.97 -21.93 -92.67
CA THR N 239 -13.55 -20.68 -93.29
C THR N 239 -13.42 -19.62 -92.20
N THR N 240 -13.29 -18.36 -92.59
CA THR N 240 -13.15 -17.27 -91.63
C THR N 240 -14.53 -16.95 -91.04
N GLY N 241 -14.67 -17.11 -89.73
CA GLY N 241 -15.93 -16.83 -89.07
C GLY N 241 -17.06 -17.73 -89.49
N ALA N 242 -16.79 -19.02 -89.66
CA ALA N 242 -17.83 -19.94 -90.11
C ALA N 242 -18.88 -20.16 -89.03
N ILE N 243 -18.45 -20.37 -87.79
CA ILE N 243 -19.35 -20.68 -86.68
C ILE N 243 -19.31 -19.52 -85.69
N LEU N 244 -20.50 -19.01 -85.35
CA LEU N 244 -20.62 -17.87 -84.46
C LEU N 244 -21.28 -18.33 -83.16
N ILE N 245 -20.60 -18.07 -82.04
CA ILE N 245 -21.15 -18.34 -80.72
C ILE N 245 -21.12 -17.05 -79.92
N GLU N 246 -22.30 -16.55 -79.57
CA GLU N 246 -22.44 -15.30 -78.85
C GLU N 246 -23.13 -15.58 -77.52
N GLN N 247 -22.50 -15.20 -76.41
CA GLN N 247 -23.23 -15.28 -75.16
C GLN N 247 -24.20 -14.11 -75.04
N ASN N 248 -25.11 -14.23 -74.08
CA ASN N 248 -26.04 -13.17 -73.76
C ASN N 248 -25.74 -12.55 -72.40
N GLN N 249 -24.57 -12.86 -71.83
CA GLN N 249 -24.08 -12.30 -70.57
C GLN N 249 -25.19 -12.20 -69.53
N ASP N 250 -25.83 -13.33 -69.28
CA ASP N 250 -26.98 -13.42 -68.38
C ASP N 250 -26.85 -14.61 -67.45
N PHE N 251 -25.64 -14.85 -66.93
CA PHE N 251 -25.43 -15.96 -66.03
C PHE N 251 -26.23 -15.76 -64.75
N ASP N 252 -26.88 -16.83 -64.30
CA ASP N 252 -27.70 -16.79 -63.10
C ASP N 252 -27.26 -17.91 -62.16
N SER N 253 -27.51 -17.69 -60.87
CA SER N 253 -27.13 -18.68 -59.87
C SER N 253 -28.01 -18.52 -58.65
N THR N 254 -28.12 -19.60 -57.87
CA THR N 254 -28.85 -19.56 -56.62
C THR N 254 -28.36 -20.69 -55.73
N VAL N 255 -28.50 -20.49 -54.42
CA VAL N 255 -28.20 -21.50 -53.42
C VAL N 255 -29.37 -21.55 -52.46
N VAL N 256 -30.01 -22.71 -52.35
CA VAL N 256 -31.22 -22.87 -51.55
C VAL N 256 -30.99 -23.95 -50.52
N ASP N 257 -31.36 -23.67 -49.28
CA ASP N 257 -31.25 -24.61 -48.16
C ASP N 257 -32.64 -25.19 -47.91
N GLY N 258 -32.91 -26.35 -48.51
CA GLY N 258 -34.18 -27.01 -48.29
C GLY N 258 -34.21 -27.74 -46.97
N THR N 259 -34.27 -26.97 -45.88
CA THR N 259 -34.04 -27.51 -44.53
C THR N 259 -34.96 -28.67 -44.20
N GLY N 260 -36.20 -28.67 -44.71
CA GLY N 260 -37.16 -29.67 -44.31
C GLY N 260 -36.79 -31.07 -44.77
N LYS N 261 -36.33 -31.21 -46.02
CA LYS N 261 -36.13 -32.52 -46.64
C LYS N 261 -34.86 -33.21 -46.11
N GLN N 262 -34.93 -33.61 -44.84
CA GLN N 262 -33.96 -34.47 -44.16
C GLN N 262 -32.58 -33.84 -44.01
N ASN N 263 -32.38 -32.61 -44.49
CA ASN N 263 -31.09 -31.93 -44.43
C ASN N 263 -31.31 -30.53 -45.00
N ILE N 264 -30.41 -29.60 -44.64
CA ILE N 264 -30.46 -28.28 -45.26
C ILE N 264 -30.25 -28.42 -46.77
N THR N 265 -29.34 -29.29 -47.19
CA THR N 265 -29.18 -29.70 -48.58
C THR N 265 -28.91 -28.47 -49.47
N ARG N 266 -27.73 -27.89 -49.26
CA ARG N 266 -27.27 -26.80 -50.12
C ARG N 266 -27.35 -27.23 -51.58
N GLN N 267 -28.22 -26.59 -52.35
CA GLN N 267 -28.39 -26.89 -53.77
C GLN N 267 -27.90 -25.71 -54.59
N TYR N 268 -27.16 -26.01 -55.65
CA TYR N 268 -26.59 -24.99 -56.52
C TYR N 268 -27.20 -25.13 -57.92
N GLN N 269 -27.69 -24.03 -58.45
CA GLN N 269 -28.29 -23.98 -59.78
C GLN N 269 -27.62 -22.88 -60.58
N ALA N 270 -27.67 -23.02 -61.91
CA ALA N 270 -27.11 -22.02 -62.79
C ALA N 270 -27.81 -22.07 -64.14
N GLU N 271 -28.01 -20.89 -64.73
CA GLU N 271 -28.52 -20.80 -66.09
C GLU N 271 -27.64 -19.86 -66.90
N TRP N 272 -27.54 -20.16 -68.19
CA TRP N 272 -26.89 -19.28 -69.15
C TRP N 272 -27.32 -19.70 -70.54
N SER N 273 -27.44 -18.72 -71.43
CA SER N 273 -27.85 -18.97 -72.80
C SER N 273 -26.87 -18.30 -73.75
N TYR N 274 -26.70 -18.91 -74.92
CA TYR N 274 -25.82 -18.36 -75.93
C TYR N 274 -26.46 -18.54 -77.30
N ASN N 275 -26.15 -17.62 -78.20
CA ASN N 275 -26.61 -17.69 -79.58
C ASN N 275 -25.61 -18.47 -80.40
N LEU N 276 -26.12 -19.28 -81.33
CA LEU N 276 -25.29 -20.06 -82.22
C LEU N 276 -25.80 -19.92 -83.64
N GLY N 277 -24.89 -19.66 -84.57
CA GLY N 277 -25.24 -19.47 -85.96
C GLY N 277 -24.12 -19.83 -86.90
N VAL N 278 -24.44 -20.57 -87.96
CA VAL N 278 -23.45 -21.05 -88.92
C VAL N 278 -23.53 -20.15 -90.16
N ASN N 279 -22.37 -19.73 -90.65
CA ASN N 279 -22.30 -18.85 -91.81
C ASN N 279 -22.98 -19.50 -93.00
N GLY N 280 -23.87 -18.75 -93.65
CA GLY N 280 -24.55 -19.21 -94.83
C GLY N 280 -25.72 -20.14 -94.59
N TYR N 281 -26.06 -20.43 -93.33
CA TYR N 281 -27.14 -21.34 -93.01
C TYR N 281 -28.10 -20.68 -92.03
N ALA N 282 -29.31 -21.21 -91.98
CA ALA N 282 -30.34 -20.73 -91.06
C ALA N 282 -30.96 -21.91 -90.33
N TYR N 283 -31.38 -21.69 -89.10
CA TYR N 283 -32.02 -22.74 -88.32
C TYR N 283 -33.50 -22.81 -88.65
N ASP N 284 -33.98 -24.00 -88.98
CA ASP N 284 -35.39 -24.22 -89.32
C ASP N 284 -36.16 -24.36 -88.03
N ILE N 285 -36.56 -23.22 -87.46
CA ILE N 285 -37.23 -23.23 -86.16
C ILE N 285 -38.57 -23.94 -86.24
N ALA N 286 -39.28 -23.81 -87.37
CA ALA N 286 -40.54 -24.52 -87.52
C ALA N 286 -40.32 -26.03 -87.50
N THR N 287 -39.30 -26.51 -88.19
CA THR N 287 -38.97 -27.93 -88.16
C THR N 287 -38.30 -28.33 -86.85
N GLY N 288 -37.52 -27.44 -86.25
CA GLY N 288 -36.83 -27.73 -85.01
C GLY N 288 -37.63 -27.31 -83.79
N GLY N 289 -37.08 -26.39 -83.00
CA GLY N 289 -37.78 -25.93 -81.81
C GLY N 289 -37.29 -24.56 -81.40
N LYS N 290 -38.07 -23.92 -80.52
CA LYS N 290 -37.69 -22.61 -80.02
C LYS N 290 -36.41 -22.68 -79.21
N ALA N 291 -36.25 -23.71 -78.40
CA ALA N 291 -35.07 -23.91 -77.56
C ALA N 291 -34.48 -25.27 -77.89
N PRO N 292 -33.64 -25.37 -78.92
CA PRO N 292 -33.15 -26.68 -79.34
C PRO N 292 -32.19 -27.29 -78.33
N ASN N 293 -32.19 -28.62 -78.28
CA ASN N 293 -31.23 -29.38 -77.50
C ASN N 293 -30.05 -29.77 -78.38
N PRO N 294 -28.95 -30.27 -77.80
CA PRO N 294 -27.80 -30.65 -78.62
C PRO N 294 -28.12 -31.68 -79.69
N THR N 295 -29.09 -32.56 -79.47
CA THR N 295 -29.52 -33.46 -80.53
C THR N 295 -30.28 -32.70 -81.61
N ALA N 296 -31.11 -31.73 -81.22
CA ALA N 296 -31.82 -30.92 -82.20
C ALA N 296 -30.86 -30.10 -83.05
N LEU N 297 -29.82 -29.54 -82.42
CA LEU N 297 -28.81 -28.83 -83.18
C LEU N 297 -28.08 -29.75 -84.14
N ALA N 298 -27.74 -30.96 -83.69
CA ALA N 298 -26.97 -31.90 -84.48
C ALA N 298 -27.80 -32.63 -85.53
N THR N 299 -29.12 -32.42 -85.54
CA THR N 299 -30.00 -33.10 -86.47
C THR N 299 -30.08 -32.33 -87.79
N ALA N 300 -29.79 -33.01 -88.89
CA ALA N 300 -29.93 -32.40 -90.20
C ALA N 300 -31.41 -32.09 -90.48
N ALA N 301 -31.63 -31.28 -91.51
CA ALA N 301 -32.93 -30.74 -91.92
C ALA N 301 -33.49 -29.76 -90.92
N ASN N 302 -32.84 -29.56 -89.76
CA ASN N 302 -33.11 -28.42 -88.91
C ASN N 302 -32.28 -27.21 -89.31
N TRP N 303 -31.30 -27.40 -90.19
CA TRP N 303 -30.47 -26.32 -90.71
C TRP N 303 -30.73 -26.21 -92.21
N ASP N 304 -31.01 -24.99 -92.67
CA ASP N 304 -31.35 -24.73 -94.06
C ASP N 304 -30.29 -23.81 -94.66
N LYS N 305 -29.79 -24.18 -95.83
CA LYS N 305 -28.79 -23.36 -96.52
C LYS N 305 -29.44 -22.11 -97.07
N ILE N 306 -28.78 -20.97 -96.86
CA ILE N 306 -29.30 -19.67 -97.30
C ILE N 306 -28.54 -19.16 -98.51
N SER N 307 -27.21 -19.06 -98.40
CA SER N 307 -26.40 -18.55 -99.50
C SER N 307 -26.52 -19.47 -100.71
N THR N 308 -26.70 -18.87 -101.89
CA THR N 308 -26.93 -19.66 -103.10
C THR N 308 -25.71 -20.50 -103.45
N SER N 309 -24.51 -19.93 -103.31
CA SER N 309 -23.28 -20.60 -103.71
C SER N 309 -22.67 -21.32 -102.51
N ILE N 310 -22.25 -22.56 -102.72
CA ILE N 310 -21.61 -23.33 -101.64
C ILE N 310 -20.34 -22.64 -101.17
N LYS N 311 -19.67 -21.92 -102.06
CA LYS N 311 -18.43 -21.23 -101.68
C LYS N 311 -18.67 -20.15 -100.64
N ASP N 312 -19.85 -19.52 -100.66
CA ASP N 312 -20.15 -18.52 -99.65
C ASP N 312 -20.44 -19.17 -98.30
N THR N 313 -21.09 -20.33 -98.31
CA THR N 313 -21.30 -21.06 -97.07
C THR N 313 -19.96 -21.55 -96.54
N GLY N 314 -19.68 -21.25 -95.27
CA GLY N 314 -18.36 -21.51 -94.72
C GLY N 314 -18.24 -22.83 -93.99
N GLY N 315 -17.63 -23.82 -94.63
CA GLY N 315 -17.33 -25.08 -93.98
C GLY N 315 -17.47 -26.27 -94.91
N VAL N 316 -16.72 -27.32 -94.60
CA VAL N 316 -16.79 -28.59 -95.32
C VAL N 316 -16.40 -29.70 -94.36
N VAL N 317 -17.16 -30.80 -94.38
CA VAL N 317 -16.98 -31.91 -93.46
C VAL N 317 -16.30 -33.06 -94.18
N LEU N 318 -15.22 -33.57 -93.60
CA LEU N 318 -14.52 -34.74 -94.09
C LEU N 318 -14.70 -35.87 -93.08
N VAL N 319 -15.23 -37.00 -93.55
CA VAL N 319 -15.54 -38.13 -92.68
C VAL N 319 -14.59 -39.26 -93.02
N THR N 320 -13.87 -39.74 -92.00
CA THR N 320 -12.97 -40.87 -92.13
C THR N 320 -13.18 -41.81 -90.96
N LYS N 321 -12.90 -43.10 -91.17
CA LYS N 321 -13.07 -44.08 -90.12
C LYS N 321 -11.80 -44.16 -89.27
N ALA O 2 59.30 -43.96 -0.46
CA ALA O 2 59.07 -43.08 -1.60
C ALA O 2 57.92 -42.12 -1.32
N LEU O 3 57.25 -41.68 -2.38
CA LEU O 3 56.12 -40.78 -2.21
C LEU O 3 54.95 -41.49 -1.54
N SER O 4 54.28 -40.78 -0.64
CA SER O 4 53.09 -41.32 0.01
C SER O 4 51.87 -40.48 -0.36
N ASP O 5 51.95 -39.18 -0.15
CA ASP O 5 50.86 -38.25 -0.46
C ASP O 5 49.56 -38.65 0.22
N LEU O 6 49.66 -39.36 1.34
CA LEU O 6 48.52 -39.70 2.17
C LEU O 6 48.01 -38.50 2.96
N GLN O 7 48.85 -37.49 3.13
CA GLN O 7 48.50 -36.35 3.97
C GLN O 7 47.32 -35.58 3.40
N VAL O 8 47.41 -35.18 2.14
CA VAL O 8 46.38 -34.36 1.50
C VAL O 8 45.73 -35.17 0.39
N PHE O 9 44.41 -35.17 0.38
CA PHE O 9 43.63 -35.84 -0.65
C PHE O 9 42.90 -34.79 -1.47
N ASN O 10 43.60 -34.26 -2.48
CA ASN O 10 42.98 -33.34 -3.42
C ASN O 10 41.78 -33.99 -4.09
N ASP O 11 41.96 -35.22 -4.56
CA ASP O 11 40.87 -36.04 -5.04
C ASP O 11 41.09 -37.47 -4.55
N TRP O 12 40.05 -38.27 -4.66
CA TRP O 12 40.11 -39.64 -4.14
C TRP O 12 41.05 -40.48 -5.00
N ALA O 13 42.12 -40.98 -4.39
CA ALA O 13 43.17 -41.72 -5.08
C ALA O 13 43.68 -40.91 -6.27
N TYR O 14 43.95 -39.63 -6.01
CA TYR O 14 44.31 -38.68 -7.05
C TYR O 14 45.73 -38.97 -7.53
N LYS O 15 45.84 -39.98 -8.39
CA LYS O 15 47.11 -40.36 -8.99
C LYS O 15 48.12 -40.79 -7.94
N THR O 16 47.62 -41.08 -6.73
CA THR O 16 48.50 -41.21 -5.58
C THR O 16 49.43 -42.41 -5.71
N MET O 17 48.91 -43.54 -6.21
CA MET O 17 49.70 -44.74 -6.42
C MET O 17 48.92 -45.68 -7.32
N SER O 18 49.64 -46.35 -8.20
CA SER O 18 49.07 -47.46 -8.97
C SER O 18 50.07 -48.61 -9.09
N GLU O 19 51.16 -48.58 -8.32
CA GLU O 19 52.26 -49.53 -8.44
C GLU O 19 52.54 -49.78 -9.91
N VAL O 20 52.93 -48.70 -10.59
CA VAL O 20 52.89 -48.67 -12.06
C VAL O 20 53.78 -49.75 -12.65
N LEU O 21 54.94 -49.98 -12.05
CA LEU O 21 55.88 -50.94 -12.61
C LEU O 21 57.01 -51.15 -11.60
N ASP O 22 57.56 -52.36 -11.59
CA ASP O 22 58.64 -52.70 -10.70
C ASP O 22 59.96 -53.01 -11.39
N GLN O 23 59.96 -53.01 -12.73
CA GLN O 23 61.18 -53.36 -13.49
C GLN O 23 61.77 -52.09 -14.13
N GLN O 24 63.09 -51.96 -14.16
CA GLN O 24 63.72 -50.80 -14.85
C GLN O 24 63.51 -50.94 -16.35
N VAL O 25 62.84 -49.98 -16.98
CA VAL O 25 62.53 -50.09 -18.45
C VAL O 25 63.12 -48.89 -19.18
N GLU O 26 63.87 -48.04 -18.48
CA GLU O 26 64.52 -46.88 -19.13
C GLU O 26 65.79 -47.35 -19.84
N LEU O 27 65.64 -48.19 -20.86
CA LEU O 27 66.81 -48.72 -21.61
C LEU O 27 66.56 -48.52 -23.11
N PHE O 28 66.52 -47.26 -23.56
CA PHE O 28 66.24 -46.96 -24.99
C PHE O 28 67.13 -45.80 -25.46
N ASN O 29 67.58 -45.85 -26.72
CA ASN O 29 68.39 -44.74 -27.29
C ASN O 29 69.60 -44.47 -26.40
N GLY O 30 69.76 -43.22 -25.95
CA GLY O 30 70.93 -42.83 -25.13
C GLY O 30 71.04 -43.66 -23.86
N ALA O 31 69.91 -44.06 -23.29
CA ALA O 31 69.92 -44.90 -22.07
C ALA O 31 70.73 -46.17 -22.34
N THR O 32 70.60 -46.74 -23.54
CA THR O 32 71.39 -47.94 -23.90
C THR O 32 72.59 -47.51 -24.77
N ARG O 33 72.91 -46.22 -24.77
CA ARG O 33 74.06 -45.70 -25.57
C ARG O 33 73.84 -46.04 -27.04
N GLY O 34 72.57 -46.03 -27.49
CA GLY O 34 72.26 -46.31 -28.91
C GLY O 34 72.08 -47.79 -29.18
N ALA O 35 72.48 -48.65 -28.22
CA ALA O 35 72.39 -50.11 -28.42
C ALA O 35 70.94 -50.48 -28.72
N ILE O 36 70.00 -50.06 -27.86
CA ILE O 36 68.56 -50.31 -28.12
C ILE O 36 67.92 -48.96 -28.48
N ILE O 37 67.86 -48.64 -29.77
CA ILE O 37 67.33 -47.31 -30.20
C ILE O 37 65.81 -47.37 -30.33
N LEU O 38 65.10 -46.50 -29.59
CA LEU O 38 63.61 -46.44 -29.69
C LEU O 38 63.23 -45.32 -30.65
N ARG O 39 62.64 -45.66 -31.79
CA ARG O 39 62.32 -44.62 -32.82
C ARG O 39 60.83 -44.59 -33.12
N SER O 40 60.39 -43.65 -33.96
CA SER O 40 58.98 -43.56 -34.35
C SER O 40 58.94 -43.24 -35.84
N ALA O 41 58.87 -44.28 -36.67
CA ALA O 41 58.79 -44.15 -38.13
C ALA O 41 58.02 -45.36 -38.65
N GLY O 42 56.84 -45.10 -39.20
CA GLY O 42 55.98 -46.19 -39.62
C GLY O 42 56.43 -46.77 -40.96
N ASN O 43 56.04 -48.03 -41.19
CA ASN O 43 56.24 -48.69 -42.47
C ASN O 43 55.13 -49.72 -42.67
N THR O 44 54.83 -50.00 -43.93
CA THR O 44 53.64 -50.77 -44.28
C THR O 44 53.91 -52.27 -44.24
N GLY O 45 52.85 -53.05 -44.47
CA GLY O 45 52.98 -54.49 -44.53
C GLY O 45 53.34 -55.08 -43.19
N ASP O 46 53.92 -56.28 -43.24
CA ASP O 46 54.41 -56.93 -42.03
C ASP O 46 55.91 -57.15 -42.04
N LEU O 47 56.66 -56.39 -42.83
CA LEU O 47 58.10 -56.55 -42.93
C LEU O 47 58.72 -55.21 -43.29
N SER O 48 60.04 -55.20 -43.41
CA SER O 48 60.80 -54.05 -43.91
C SER O 48 62.12 -54.59 -44.44
N GLU O 49 62.25 -54.68 -45.75
CA GLU O 49 63.42 -55.29 -46.37
C GLU O 49 64.31 -54.23 -46.99
N ALA O 50 65.60 -54.30 -46.68
CA ALA O 50 66.61 -53.45 -47.29
C ALA O 50 67.68 -54.33 -47.92
N ALA O 51 68.22 -53.88 -49.05
CA ALA O 51 69.23 -54.63 -49.78
C ALA O 51 70.54 -53.86 -49.81
N PHE O 52 71.64 -54.58 -49.57
CA PHE O 52 72.97 -54.00 -49.63
C PHE O 52 73.92 -55.02 -50.24
N TRP O 53 74.98 -54.51 -50.85
CA TRP O 53 75.90 -55.37 -51.57
C TRP O 53 76.73 -56.21 -50.60
N ALA O 54 77.23 -57.33 -51.11
CA ALA O 54 78.00 -58.27 -50.33
C ALA O 54 79.50 -58.09 -50.53
N LYS O 55 80.28 -58.69 -49.65
CA LYS O 55 81.73 -58.69 -49.78
C LYS O 55 82.15 -59.83 -50.70
N ILE O 56 82.91 -59.50 -51.74
CA ILE O 56 83.37 -60.52 -52.67
C ILE O 56 84.47 -61.34 -51.99
N GLN O 57 84.21 -62.63 -51.80
CA GLN O 57 85.11 -63.45 -51.00
C GLN O 57 86.50 -63.57 -51.64
N GLY O 58 86.55 -63.89 -52.93
CA GLY O 58 87.82 -63.99 -53.62
C GLY O 58 88.18 -62.72 -54.36
N LEU O 59 88.03 -61.57 -53.71
CA LEU O 59 88.27 -60.29 -54.37
C LEU O 59 89.74 -60.16 -54.79
N VAL O 60 90.66 -60.53 -53.91
CA VAL O 60 92.09 -60.45 -54.17
C VAL O 60 92.63 -61.87 -54.28
N ARG O 61 93.34 -62.15 -55.37
CA ARG O 61 93.85 -63.48 -55.63
C ARG O 61 95.33 -63.40 -55.98
N PRO O 62 96.09 -64.47 -55.68
CA PRO O 62 97.46 -64.54 -56.18
C PRO O 62 97.50 -64.63 -57.70
N ARG O 63 98.50 -64.00 -58.30
CA ARG O 63 98.63 -63.95 -59.74
C ARG O 63 100.01 -64.47 -60.14
N ASP O 64 100.04 -65.34 -61.15
CA ASP O 64 101.30 -65.85 -61.69
C ASP O 64 101.58 -65.11 -63.00
N PRO O 65 102.51 -64.16 -63.03
CA PRO O 65 102.73 -63.38 -64.25
C PRO O 65 103.17 -64.24 -65.43
N TYR O 66 103.93 -65.30 -65.20
CA TYR O 66 104.46 -66.10 -66.29
C TYR O 66 103.36 -66.88 -67.00
N SER O 67 102.35 -67.34 -66.25
CA SER O 67 101.22 -68.07 -66.83
C SER O 67 99.97 -67.64 -66.07
N ASN O 68 99.14 -66.83 -66.72
CA ASN O 68 97.89 -66.40 -66.11
C ASN O 68 96.90 -67.57 -65.99
N ALA O 69 97.15 -68.65 -66.73
CA ALA O 69 96.33 -69.88 -66.70
C ALA O 69 94.91 -69.49 -67.09
N ASP O 70 93.89 -69.88 -66.35
CA ASP O 70 92.50 -69.57 -66.68
C ASP O 70 91.93 -68.63 -65.63
N VAL O 71 91.21 -67.61 -66.08
CA VAL O 71 90.63 -66.61 -65.20
C VAL O 71 89.45 -67.23 -64.47
N ALA O 72 89.54 -67.29 -63.14
CA ALA O 72 88.43 -67.80 -62.35
C ALA O 72 87.25 -66.85 -62.43
N ALA O 73 86.06 -67.41 -62.65
CA ALA O 73 84.87 -66.61 -62.79
C ALA O 73 84.34 -66.19 -61.43
N LYS O 74 84.09 -64.89 -61.27
CA LYS O 74 83.56 -64.34 -60.04
C LYS O 74 82.25 -63.62 -60.33
N ASP O 75 81.47 -63.39 -59.29
CA ASP O 75 80.19 -62.71 -59.42
C ASP O 75 79.84 -62.06 -58.09
N LEU O 76 78.96 -61.06 -58.15
CA LEU O 76 78.59 -60.27 -56.98
C LEU O 76 77.12 -60.50 -56.65
N ARG O 77 76.82 -60.51 -55.35
CA ARG O 77 75.50 -60.78 -54.83
C ARG O 77 74.89 -59.51 -54.26
N GLN O 78 73.72 -59.66 -53.62
CA GLN O 78 73.07 -58.55 -52.93
C GLN O 78 72.29 -59.15 -51.76
N LEU O 79 72.76 -58.89 -50.54
CA LEU O 79 72.09 -59.40 -49.35
C LEU O 79 70.80 -58.63 -49.10
N VAL O 80 69.99 -59.17 -48.18
CA VAL O 80 68.70 -58.59 -47.84
C VAL O 80 68.63 -58.40 -46.34
N ASP O 81 68.23 -57.20 -45.91
CA ASP O 81 68.05 -56.90 -44.50
C ASP O 81 66.60 -57.27 -44.16
N ASN O 82 66.19 -57.10 -42.90
CA ASN O 82 64.85 -57.50 -42.52
C ASN O 82 64.48 -56.79 -41.22
N THR O 83 63.18 -56.49 -41.09
CA THR O 83 62.66 -55.83 -39.88
C THR O 83 61.22 -56.29 -39.71
N ILE O 84 61.02 -57.28 -38.85
CA ILE O 84 59.68 -57.82 -38.61
C ILE O 84 58.83 -56.79 -37.86
N LYS O 85 57.53 -56.81 -38.12
CA LYS O 85 56.57 -55.99 -37.40
C LYS O 85 55.90 -56.82 -36.32
N VAL O 86 55.89 -56.30 -35.09
CA VAL O 86 55.35 -56.99 -33.94
C VAL O 86 54.07 -56.30 -33.51
N ALA O 87 53.02 -57.10 -33.29
CA ALA O 87 51.72 -56.59 -32.88
C ALA O 87 51.49 -56.93 -31.41
N SER O 88 51.12 -55.91 -30.62
CA SER O 88 50.87 -56.08 -29.20
C SER O 88 49.58 -55.36 -28.85
N GLY O 89 48.72 -56.03 -28.07
CA GLY O 89 47.43 -55.50 -27.71
C GLY O 89 47.25 -55.36 -26.21
N THR O 90 45.99 -55.43 -25.77
CA THR O 90 45.65 -55.30 -24.38
C THR O 90 44.41 -56.16 -24.11
N PRO O 91 44.43 -57.01 -23.09
CA PRO O 91 43.24 -57.78 -22.76
C PRO O 91 42.10 -56.86 -22.40
N PRO O 92 40.86 -57.24 -22.72
CA PRO O 92 39.72 -56.40 -22.34
C PRO O 92 39.70 -56.16 -20.84
N ILE O 93 39.61 -54.89 -20.46
CA ILE O 93 39.66 -54.47 -19.07
C ILE O 93 38.25 -54.07 -18.66
N ASN O 94 37.75 -54.69 -17.60
CA ASN O 94 36.39 -54.45 -17.14
C ASN O 94 36.38 -53.22 -16.23
N ILE O 95 36.11 -52.06 -16.82
CA ILE O 95 35.90 -50.85 -16.03
C ILE O 95 34.65 -51.02 -15.18
N PRO O 96 34.63 -50.63 -13.92
CA PRO O 96 33.38 -50.60 -13.16
C PRO O 96 32.56 -49.39 -13.53
N PRO O 97 31.47 -49.57 -14.29
CA PRO O 97 30.67 -48.40 -14.68
C PRO O 97 30.01 -47.70 -13.51
N SER O 98 29.21 -48.43 -12.74
CA SER O 98 28.69 -47.90 -11.49
C SER O 98 29.84 -47.74 -10.50
N MET O 99 30.03 -46.51 -10.02
CA MET O 99 31.08 -46.26 -9.05
C MET O 99 30.83 -47.09 -7.78
N LEU O 100 31.88 -47.72 -7.30
CA LEU O 100 31.77 -48.87 -6.40
C LEU O 100 31.71 -48.49 -4.93
N ARG O 101 31.68 -47.20 -4.59
CA ARG O 101 31.48 -46.75 -3.22
C ARG O 101 32.56 -47.24 -2.27
N TRP O 102 33.81 -46.92 -2.60
CA TRP O 102 34.92 -47.15 -1.68
C TRP O 102 35.18 -45.87 -0.89
N ILE O 103 36.21 -45.88 -0.05
CA ILE O 103 36.67 -44.64 0.56
C ILE O 103 37.12 -43.66 -0.52
N GLN O 104 37.54 -44.19 -1.66
CA GLN O 104 37.90 -43.40 -2.83
C GLN O 104 36.96 -43.78 -3.98
N LYS O 105 36.00 -42.90 -4.26
CA LYS O 105 34.99 -43.14 -5.29
C LYS O 105 35.44 -42.47 -6.58
N ASN O 106 35.88 -43.26 -7.56
CA ASN O 106 36.48 -42.73 -8.78
C ASN O 106 36.18 -43.62 -9.97
N PRO O 107 35.07 -43.36 -10.69
CA PRO O 107 34.76 -44.15 -11.89
C PRO O 107 35.68 -43.91 -13.07
N GLN O 108 35.85 -42.65 -13.49
CA GLN O 108 36.66 -42.32 -14.66
C GLN O 108 38.15 -42.38 -14.37
N GLU O 109 38.55 -42.32 -13.10
CA GLU O 109 39.92 -42.59 -12.73
C GLU O 109 40.36 -43.98 -13.18
N ALA O 110 39.40 -44.89 -13.40
CA ALA O 110 39.74 -46.20 -13.93
C ALA O 110 40.50 -46.07 -15.25
N GLY O 111 39.85 -45.48 -16.26
CA GLY O 111 40.54 -45.25 -17.52
C GLY O 111 41.74 -44.34 -17.37
N ALA O 112 41.64 -43.34 -16.49
CA ALA O 112 42.75 -42.41 -16.29
C ALA O 112 44.01 -43.13 -15.84
N VAL O 113 43.87 -44.16 -15.00
CA VAL O 113 45.04 -44.87 -14.50
C VAL O 113 45.43 -46.01 -15.45
N ILE O 114 44.46 -46.59 -16.17
CA ILE O 114 44.80 -47.56 -17.19
C ILE O 114 45.71 -46.93 -18.22
N GLY O 115 45.51 -45.65 -18.53
CA GLY O 115 46.41 -44.99 -19.48
C GLY O 115 47.87 -45.07 -19.08
N GLN O 116 48.18 -44.66 -17.84
CA GLN O 116 49.57 -44.63 -17.40
C GLN O 116 50.12 -46.04 -17.19
N GLN O 117 49.32 -46.93 -16.60
CA GLN O 117 49.80 -48.29 -16.42
C GLN O 117 50.07 -48.96 -17.76
N LEU O 118 49.22 -48.70 -18.74
CA LEU O 118 49.42 -49.24 -20.08
C LEU O 118 50.66 -48.68 -20.73
N ALA O 119 50.93 -47.38 -20.56
CA ALA O 119 52.16 -46.81 -21.11
C ALA O 119 53.39 -47.50 -20.51
N GLY O 120 53.40 -47.65 -19.19
CA GLY O 120 54.54 -48.30 -18.55
C GLY O 120 54.72 -49.74 -19.01
N ASP O 121 53.63 -50.51 -19.04
CA ASP O 121 53.73 -51.90 -19.46
C ASP O 121 54.05 -52.02 -20.94
N THR O 122 53.64 -51.05 -21.76
CA THR O 122 53.98 -51.07 -23.18
C THR O 122 55.48 -50.90 -23.38
N MET O 123 56.08 -49.93 -22.68
CA MET O 123 57.52 -49.75 -22.79
C MET O 123 58.26 -50.97 -22.22
N GLN O 124 57.74 -51.53 -21.13
CA GLN O 124 58.32 -52.76 -20.58
C GLN O 124 58.28 -53.89 -21.59
N ASP O 125 57.15 -54.06 -22.27
CA ASP O 125 57.02 -55.12 -23.26
C ASP O 125 57.97 -54.89 -24.44
N MET O 126 58.09 -53.65 -24.90
CA MET O 126 59.05 -53.35 -25.95
C MET O 126 60.45 -53.77 -25.55
N LEU O 127 60.88 -53.36 -24.36
CA LEU O 127 62.23 -53.68 -23.91
C LEU O 127 62.42 -55.19 -23.78
N ASN O 128 61.46 -55.88 -23.17
CA ASN O 128 61.60 -57.32 -22.95
C ASN O 128 61.64 -58.08 -24.27
N ASN O 129 60.76 -57.72 -25.21
CA ASN O 129 60.77 -58.39 -26.51
C ASN O 129 62.08 -58.12 -27.25
N GLY O 130 62.56 -56.88 -27.19
CA GLY O 130 63.84 -56.58 -27.83
C GLY O 130 64.97 -57.39 -27.25
N LEU O 131 65.02 -57.51 -25.92
CA LEU O 131 66.09 -58.26 -25.28
C LEU O 131 66.00 -59.75 -25.63
N ALA O 132 64.80 -60.32 -25.59
CA ALA O 132 64.63 -61.72 -25.93
C ALA O 132 65.03 -61.99 -27.38
N ALA O 133 64.60 -61.11 -28.30
CA ALA O 133 64.94 -61.30 -29.70
C ALA O 133 66.44 -61.15 -29.93
N GLY O 134 67.08 -60.20 -29.23
CA GLY O 134 68.51 -60.08 -29.33
C GLY O 134 69.25 -61.32 -28.86
N LYS O 135 68.83 -61.86 -27.71
CA LYS O 135 69.41 -63.11 -27.24
C LYS O 135 69.25 -64.23 -28.25
N ALA O 136 68.04 -64.37 -28.80
CA ALA O 136 67.79 -65.45 -29.75
C ALA O 136 68.64 -65.29 -31.00
N ALA O 137 68.72 -64.07 -31.54
CA ALA O 137 69.50 -63.84 -32.74
C ALA O 137 70.98 -64.10 -32.51
N PHE O 138 71.51 -63.62 -31.39
CA PHE O 138 72.93 -63.84 -31.10
C PHE O 138 73.23 -65.32 -30.91
N THR O 139 72.33 -66.05 -30.23
CA THR O 139 72.53 -67.47 -30.07
C THR O 139 72.49 -68.19 -31.40
N ALA O 140 71.57 -67.79 -32.29
CA ALA O 140 71.51 -68.42 -33.61
C ALA O 140 72.74 -68.09 -34.44
N GLY O 141 73.34 -66.92 -34.21
CA GLY O 141 74.54 -66.52 -34.93
C GLY O 141 75.83 -67.07 -34.38
N GLY O 142 75.79 -67.83 -33.29
CA GLY O 142 77.00 -68.36 -32.71
C GLY O 142 77.83 -67.38 -31.92
N ALA O 143 77.19 -66.38 -31.32
CA ALA O 143 77.86 -65.35 -30.53
C ALA O 143 77.67 -65.55 -29.04
N VAL O 144 77.70 -66.80 -28.56
CA VAL O 144 77.38 -67.12 -27.18
C VAL O 144 78.64 -67.61 -26.47
N HIS O 145 78.69 -67.39 -25.16
CA HIS O 145 79.69 -68.00 -24.30
C HIS O 145 78.99 -68.52 -23.05
N ASP O 146 79.53 -69.59 -22.48
CA ASP O 146 78.97 -70.19 -21.28
C ASP O 146 80.08 -70.44 -20.27
N ILE O 147 79.95 -69.85 -19.09
CA ILE O 147 80.89 -70.05 -17.99
C ILE O 147 80.23 -70.74 -16.81
N SER O 148 79.08 -71.38 -17.03
CA SER O 148 78.35 -72.01 -15.93
C SER O 148 79.13 -73.17 -15.32
N ALA O 149 79.77 -73.99 -16.16
CA ALA O 149 80.43 -75.19 -15.67
C ALA O 149 81.71 -74.88 -14.89
N ALA O 150 82.26 -73.68 -15.04
CA ALA O 150 83.55 -73.35 -14.42
C ALA O 150 83.31 -72.60 -13.11
N GLY O 151 83.65 -73.25 -12.00
CA GLY O 151 83.60 -72.58 -10.71
C GLY O 151 82.20 -72.23 -10.28
N THR O 152 82.05 -71.07 -9.65
CA THR O 152 80.75 -70.64 -9.17
C THR O 152 79.81 -70.31 -10.32
N GLY O 153 80.33 -70.23 -11.55
CA GLY O 153 79.54 -69.90 -12.71
C GLY O 153 79.49 -68.44 -13.07
N LEU O 154 80.07 -67.57 -12.25
CA LEU O 154 80.12 -66.14 -12.57
C LEU O 154 81.39 -65.55 -11.96
N MET O 155 82.30 -65.11 -12.82
CA MET O 155 83.48 -64.38 -12.37
C MET O 155 83.21 -62.88 -12.37
N THR O 156 84.01 -62.15 -11.60
CA THR O 156 83.83 -60.70 -11.51
C THR O 156 84.05 -60.03 -12.86
N GLN O 157 85.27 -60.13 -13.41
CA GLN O 157 85.58 -59.54 -14.70
C GLN O 157 86.19 -60.53 -15.69
N ARG O 158 86.63 -61.70 -15.24
CA ARG O 158 87.18 -62.68 -16.16
C ARG O 158 86.14 -63.14 -17.17
N ALA O 159 84.86 -63.01 -16.82
CA ALA O 159 83.79 -63.37 -17.74
C ALA O 159 83.77 -62.51 -18.99
N PHE O 160 83.93 -61.20 -18.84
CA PHE O 160 83.84 -60.27 -19.95
C PHE O 160 84.95 -60.46 -20.98
N ASN O 161 86.14 -60.88 -20.53
CA ASN O 161 87.24 -61.11 -21.46
C ASN O 161 86.92 -62.22 -22.45
N ALA O 162 86.13 -63.22 -22.03
CA ALA O 162 85.74 -64.27 -22.97
C ALA O 162 84.89 -63.71 -24.09
N ALA O 163 83.93 -62.83 -23.77
CA ALA O 163 83.13 -62.21 -24.81
C ALA O 163 83.98 -61.33 -25.70
N GLN O 164 84.97 -60.62 -25.12
CA GLN O 164 85.89 -59.85 -25.94
C GLN O 164 86.64 -60.75 -26.93
N ARG O 165 87.13 -61.91 -26.44
CA ARG O 165 87.81 -62.85 -27.32
C ARG O 165 86.89 -63.31 -28.44
N ILE O 166 85.63 -63.61 -28.11
CA ILE O 166 84.69 -64.08 -29.13
C ILE O 166 84.45 -63.02 -30.19
N PHE O 167 84.21 -61.78 -29.75
CA PHE O 167 83.84 -60.77 -30.73
C PHE O 167 85.05 -60.32 -31.54
N GLY O 168 86.25 -60.51 -31.01
CA GLY O 168 87.45 -60.41 -31.84
C GLY O 168 88.12 -59.04 -31.83
N ASP O 169 88.80 -58.74 -32.93
CA ASP O 169 89.67 -57.57 -33.01
C ASP O 169 88.89 -56.28 -32.83
N ARG O 170 87.62 -56.26 -33.22
CA ARG O 170 86.79 -55.06 -33.15
C ARG O 170 86.12 -54.89 -31.80
N SER O 171 86.66 -55.48 -30.73
CA SER O 171 85.99 -55.49 -29.44
C SER O 171 85.77 -54.10 -28.86
N THR O 172 86.48 -53.09 -29.36
CA THR O 172 86.35 -51.75 -28.81
C THR O 172 84.92 -51.22 -28.94
N ASP O 173 84.20 -51.63 -29.99
CA ASP O 173 82.90 -51.04 -30.28
C ASP O 173 81.77 -51.63 -29.45
N ILE O 174 82.07 -52.45 -28.45
CA ILE O 174 81.05 -52.87 -27.49
C ILE O 174 80.98 -51.86 -26.35
N GLN O 175 79.83 -51.22 -26.19
CA GLN O 175 79.65 -50.15 -25.21
C GLN O 175 78.97 -50.56 -23.93
N VAL O 176 77.96 -51.41 -23.96
CA VAL O 176 77.10 -51.61 -22.80
C VAL O 176 76.79 -53.09 -22.64
N TRP O 177 76.82 -53.56 -21.39
CA TRP O 177 76.30 -54.85 -20.99
C TRP O 177 74.98 -54.63 -20.27
N VAL O 178 73.93 -55.31 -20.72
CA VAL O 178 72.64 -55.30 -20.04
C VAL O 178 72.44 -56.65 -19.38
N SER O 179 72.02 -56.64 -18.11
CA SER O 179 72.02 -57.86 -17.31
C SER O 179 70.98 -57.74 -16.20
N HIS O 180 70.63 -58.91 -15.66
CA HIS O 180 69.78 -58.97 -14.48
C HIS O 180 70.55 -58.46 -13.25
N SER O 181 69.83 -58.23 -12.16
CA SER O 181 70.45 -57.67 -10.97
C SER O 181 71.32 -58.69 -10.24
N SER O 182 70.97 -59.97 -10.34
CA SER O 182 71.77 -61.00 -9.65
C SER O 182 73.21 -61.08 -10.15
N PRO O 183 73.50 -61.03 -11.45
CA PRO O 183 74.91 -60.95 -11.87
C PRO O 183 75.63 -59.74 -11.30
N LEU O 184 74.96 -58.59 -11.21
CA LEU O 184 75.60 -57.43 -10.61
C LEU O 184 75.90 -57.64 -9.14
N PHE O 185 74.98 -58.27 -8.42
CA PHE O 185 75.22 -58.53 -6.99
C PHE O 185 76.33 -59.55 -6.80
N ASP O 186 76.42 -60.55 -7.68
CA ASP O 186 77.57 -61.46 -7.65
C ASP O 186 78.87 -60.71 -7.93
N LEU O 187 78.83 -59.77 -8.87
CA LEU O 187 79.97 -58.92 -9.15
C LEU O 187 80.41 -58.16 -7.90
N TYR O 188 79.44 -57.56 -7.21
CA TYR O 188 79.74 -56.84 -5.97
C TYR O 188 80.35 -57.76 -4.93
N ASP O 189 79.75 -58.95 -4.75
CA ASP O 189 80.25 -59.86 -3.72
C ASP O 189 81.67 -60.31 -4.02
N ASN O 190 81.97 -60.63 -5.28
CA ASN O 190 83.33 -61.01 -5.63
C ASN O 190 84.29 -59.85 -5.45
N ALA O 191 83.88 -58.65 -5.86
CA ALA O 191 84.73 -57.48 -5.69
C ALA O 191 84.92 -57.13 -4.22
N LEU O 192 83.87 -57.32 -3.41
CA LEU O 192 83.92 -56.97 -2.00
C LEU O 192 84.88 -57.86 -1.22
N ALA O 193 85.24 -59.02 -1.76
CA ALA O 193 86.25 -59.90 -1.18
C ALA O 193 87.21 -60.26 -2.33
N ASN O 194 88.21 -59.40 -2.54
CA ASN O 194 89.08 -59.54 -3.71
C ASN O 194 90.18 -60.55 -3.45
N ALA O 195 90.28 -61.56 -4.32
CA ALA O 195 91.35 -62.54 -4.19
C ALA O 195 92.69 -61.91 -4.53
N GLU O 196 92.84 -61.45 -5.78
CA GLU O 196 93.90 -60.52 -6.13
C GLU O 196 93.41 -59.12 -5.82
N GLN O 197 94.05 -58.46 -4.85
CA GLN O 197 93.52 -57.20 -4.30
C GLN O 197 93.77 -56.08 -5.30
N LEU O 198 92.97 -56.07 -6.36
CA LEU O 198 92.93 -54.95 -7.29
C LEU O 198 91.78 -54.01 -7.01
N TYR O 199 91.09 -54.19 -5.89
CA TYR O 199 90.01 -53.32 -5.46
C TYR O 199 90.35 -52.70 -4.11
N VAL O 200 89.89 -51.46 -3.92
CA VAL O 200 90.02 -50.75 -2.66
C VAL O 200 88.62 -50.30 -2.25
N PHE O 201 88.44 -50.07 -0.95
CA PHE O 201 87.11 -49.80 -0.42
C PHE O 201 86.43 -48.66 -1.15
N GLY O 202 87.19 -47.66 -1.61
CA GLY O 202 86.60 -46.58 -2.37
C GLY O 202 86.21 -46.96 -3.78
N THR O 203 86.76 -48.05 -4.31
CA THR O 203 86.49 -48.47 -5.68
C THR O 203 85.88 -49.87 -5.76
N VAL O 204 85.19 -50.32 -4.71
CA VAL O 204 84.52 -51.62 -4.77
C VAL O 204 83.11 -51.53 -5.36
N ASN O 205 82.56 -50.32 -5.48
CA ASN O 205 81.23 -50.12 -6.02
C ASN O 205 81.25 -49.70 -7.49
N VAL O 206 82.25 -50.14 -8.24
CA VAL O 206 82.34 -49.77 -9.65
C VAL O 206 81.26 -50.51 -10.43
N ARG O 207 80.43 -49.75 -11.14
CA ARG O 207 79.38 -50.33 -11.97
C ARG O 207 79.87 -50.72 -13.34
N ALA O 208 81.04 -50.24 -13.75
CA ALA O 208 81.57 -50.54 -15.07
C ALA O 208 82.19 -51.94 -15.10
N ASP O 209 82.66 -52.33 -16.28
CA ASP O 209 83.20 -53.66 -16.51
C ASP O 209 84.72 -53.68 -16.56
N ALA O 210 85.38 -52.65 -16.02
CA ALA O 210 86.83 -52.49 -16.00
C ALA O 210 87.42 -52.33 -17.40
N PHE O 211 86.61 -51.99 -18.40
CA PHE O 211 87.08 -51.69 -19.74
C PHE O 211 86.37 -50.49 -20.33
N GLY O 212 85.62 -49.74 -19.51
CA GLY O 212 84.87 -48.61 -20.00
C GLY O 212 83.52 -48.95 -20.60
N ARG O 213 82.97 -50.11 -20.25
CA ARG O 213 81.64 -50.52 -20.71
C ARG O 213 80.75 -50.66 -19.48
N PRO O 214 79.94 -49.65 -19.17
CA PRO O 214 79.09 -49.73 -17.98
C PRO O 214 78.06 -50.83 -18.08
N ILE O 215 77.76 -51.45 -16.94
CA ILE O 215 76.72 -52.47 -16.85
C ILE O 215 75.41 -51.77 -16.56
N ILE O 216 74.42 -51.98 -17.42
CA ILE O 216 73.08 -51.43 -17.24
C ILE O 216 72.17 -52.56 -16.76
N ILE O 217 71.46 -52.32 -15.67
CA ILE O 217 70.77 -53.37 -14.93
C ILE O 217 69.27 -53.25 -15.15
N THR O 218 68.65 -54.36 -15.56
CA THR O 218 67.20 -54.43 -15.67
C THR O 218 66.76 -55.84 -15.30
N ASP O 219 65.62 -55.95 -14.62
CA ASP O 219 65.08 -57.23 -14.21
C ASP O 219 64.15 -57.81 -15.28
N SER O 220 64.66 -57.92 -16.50
CA SER O 220 63.87 -58.46 -17.58
C SER O 220 63.72 -59.97 -17.44
N PRO O 221 62.51 -60.52 -17.51
CA PRO O 221 62.36 -61.98 -17.46
C PRO O 221 63.04 -62.68 -18.63
N ALA O 222 63.29 -61.98 -19.73
CA ALA O 222 63.96 -62.58 -20.88
C ALA O 222 65.41 -62.93 -20.59
N LEU O 223 66.00 -62.40 -19.54
CA LEU O 223 67.40 -62.63 -19.20
C LEU O 223 67.58 -63.67 -18.12
N VAL O 224 66.52 -64.34 -17.68
CA VAL O 224 66.59 -65.37 -16.67
C VAL O 224 65.73 -66.55 -17.09
N SER O 225 66.14 -67.75 -16.68
CA SER O 225 65.41 -68.97 -16.99
C SER O 225 65.82 -70.06 -16.03
N GLY O 226 64.87 -70.91 -15.66
CA GLY O 226 65.13 -71.97 -14.71
C GLY O 226 64.87 -71.55 -13.29
N ALA O 227 65.17 -72.47 -12.37
CA ALA O 227 65.00 -72.21 -10.94
C ALA O 227 66.00 -73.05 -10.17
N ALA O 228 66.43 -72.50 -9.03
CA ALA O 228 67.40 -73.15 -8.15
C ALA O 228 68.66 -73.60 -8.90
N GLU O 229 68.86 -74.92 -8.98
CA GLU O 229 70.09 -75.44 -9.56
C GLU O 229 70.20 -75.14 -11.04
N THR O 230 69.09 -75.13 -11.76
CA THR O 230 69.10 -74.87 -13.19
C THR O 230 68.86 -73.39 -13.53
N LEU O 231 68.89 -72.51 -12.53
CA LEU O 231 68.71 -71.09 -12.78
C LEU O 231 69.89 -70.54 -13.56
N ARG O 232 69.60 -69.80 -14.64
CA ARG O 232 70.62 -69.21 -15.48
C ARG O 232 70.30 -67.74 -15.72
N HIS O 233 71.34 -66.91 -15.71
CA HIS O 233 71.23 -65.50 -16.02
C HIS O 233 71.94 -65.23 -17.33
N SER O 234 71.36 -64.39 -18.17
CA SER O 234 71.92 -64.05 -19.47
C SER O 234 72.34 -62.59 -19.46
N THR O 235 73.61 -62.33 -19.78
CA THR O 235 74.13 -60.99 -19.94
C THR O 235 74.61 -60.86 -21.38
N LEU O 236 74.12 -59.86 -22.09
CA LEU O 236 74.42 -59.68 -23.50
C LEU O 236 74.94 -58.28 -23.74
N GLY O 237 76.10 -58.19 -24.41
CA GLY O 237 76.70 -56.90 -24.72
C GLY O 237 76.26 -56.42 -26.09
N LEU O 238 76.15 -55.10 -26.23
CA LEU O 238 75.56 -54.49 -27.40
C LEU O 238 76.45 -53.37 -27.94
N THR O 239 76.61 -53.34 -29.26
CA THR O 239 77.21 -52.19 -29.93
C THR O 239 76.13 -51.15 -30.24
N THR O 240 76.56 -50.06 -30.88
CA THR O 240 75.61 -49.01 -31.25
C THR O 240 74.64 -49.53 -32.31
N GLY O 241 73.36 -49.31 -32.07
CA GLY O 241 72.32 -49.76 -32.98
C GLY O 241 72.10 -51.25 -33.04
N ALA O 242 72.46 -51.99 -31.98
CA ALA O 242 72.32 -53.43 -32.00
C ALA O 242 70.86 -53.84 -32.05
N ILE O 243 70.02 -53.22 -31.22
CA ILE O 243 68.60 -53.54 -31.14
C ILE O 243 67.80 -52.34 -31.58
N LEU O 244 66.94 -52.54 -32.58
CA LEU O 244 66.09 -51.49 -33.13
C LEU O 244 64.63 -51.78 -32.78
N ILE O 245 64.10 -51.04 -31.82
CA ILE O 245 62.66 -51.03 -31.54
C ILE O 245 62.10 -49.74 -32.11
N GLU O 246 61.24 -49.86 -33.11
CA GLU O 246 60.76 -48.71 -33.87
C GLU O 246 59.24 -48.69 -33.82
N GLN O 247 58.67 -47.70 -33.15
CA GLN O 247 57.23 -47.60 -33.04
C GLN O 247 56.61 -47.11 -34.34
N ASN O 248 55.36 -47.49 -34.56
CA ASN O 248 54.59 -47.02 -35.70
C ASN O 248 53.58 -45.95 -35.33
N GLN O 249 53.47 -45.61 -34.04
CA GLN O 249 52.56 -44.56 -33.56
C GLN O 249 51.14 -44.79 -34.03
N ASP O 250 50.68 -46.05 -33.95
CA ASP O 250 49.35 -46.43 -34.39
C ASP O 250 48.53 -46.94 -33.22
N PHE O 251 48.61 -46.25 -32.09
CA PHE O 251 47.87 -46.66 -30.91
C PHE O 251 46.37 -46.48 -31.11
N ASP O 252 45.61 -47.53 -30.82
CA ASP O 252 44.16 -47.52 -30.95
C ASP O 252 43.53 -47.87 -29.61
N SER O 253 42.46 -47.18 -29.26
CA SER O 253 41.84 -47.38 -27.95
C SER O 253 40.36 -47.09 -28.02
N THR O 254 39.54 -48.05 -27.61
CA THR O 254 38.09 -47.93 -27.65
C THR O 254 37.50 -48.35 -26.31
N VAL O 255 36.45 -47.65 -25.89
CA VAL O 255 35.67 -47.99 -24.70
C VAL O 255 34.26 -48.32 -25.16
N VAL O 256 33.78 -49.51 -24.81
CA VAL O 256 32.51 -50.02 -25.30
C VAL O 256 31.58 -50.28 -24.12
N ASP O 257 30.30 -49.95 -24.30
CA ASP O 257 29.26 -50.24 -23.32
C ASP O 257 28.56 -51.52 -23.76
N GLY O 258 29.24 -52.65 -23.53
CA GLY O 258 28.70 -53.94 -23.97
C GLY O 258 27.41 -54.31 -23.27
N THR O 259 27.37 -54.15 -21.94
CA THR O 259 26.20 -54.46 -21.11
C THR O 259 25.87 -55.94 -21.32
N GLY O 260 24.64 -56.29 -21.67
CA GLY O 260 24.25 -57.68 -21.85
C GLY O 260 23.92 -58.43 -20.59
N LYS O 261 24.05 -57.80 -19.42
CA LYS O 261 23.81 -58.44 -18.14
C LYS O 261 22.88 -57.57 -17.30
N GLN O 262 22.74 -57.95 -16.03
CA GLN O 262 21.92 -57.18 -15.09
C GLN O 262 22.48 -55.77 -14.91
N ASN O 263 23.79 -55.67 -14.74
CA ASN O 263 24.46 -54.38 -14.64
C ASN O 263 25.21 -54.06 -15.93
N ILE O 264 25.40 -52.76 -16.18
CA ILE O 264 26.09 -52.32 -17.38
C ILE O 264 27.51 -52.85 -17.37
N THR O 265 28.02 -53.20 -18.56
CA THR O 265 29.40 -53.64 -18.72
C THR O 265 30.13 -52.64 -19.60
N ARG O 266 31.14 -51.98 -19.03
CA ARG O 266 32.00 -51.06 -19.76
C ARG O 266 33.40 -51.63 -19.82
N GLN O 267 33.97 -51.68 -21.01
CA GLN O 267 35.23 -52.36 -21.25
C GLN O 267 36.29 -51.37 -21.69
N TYR O 268 37.52 -51.86 -21.79
CA TYR O 268 38.64 -51.08 -22.33
C TYR O 268 39.50 -52.00 -23.18
N GLN O 269 39.99 -51.47 -24.30
CA GLN O 269 40.85 -52.24 -25.19
C GLN O 269 41.85 -51.29 -25.83
N ALA O 270 43.04 -51.80 -26.11
CA ALA O 270 44.08 -51.01 -26.75
C ALA O 270 44.83 -51.86 -27.76
N GLU O 271 45.38 -51.19 -28.76
CA GLU O 271 46.12 -51.87 -29.83
C GLU O 271 47.25 -50.96 -30.27
N TRP O 272 48.41 -51.55 -30.55
CA TRP O 272 49.55 -50.82 -31.09
C TRP O 272 50.48 -51.82 -31.75
N SER O 273 51.53 -51.28 -32.36
CA SER O 273 52.50 -52.12 -33.06
C SER O 273 53.84 -51.39 -33.15
N TYR O 274 54.88 -52.18 -33.40
CA TYR O 274 56.22 -51.64 -33.58
C TYR O 274 57.03 -52.61 -34.41
N ASN O 275 58.17 -52.13 -34.90
CA ASN O 275 59.05 -52.93 -35.75
C ASN O 275 60.32 -53.27 -34.96
N LEU O 276 60.61 -54.55 -34.85
CA LEU O 276 61.78 -55.03 -34.13
C LEU O 276 62.82 -55.50 -35.13
N GLY O 277 64.04 -54.99 -34.99
CA GLY O 277 65.13 -55.39 -35.85
C GLY O 277 66.40 -55.55 -35.05
N VAL O 278 67.21 -56.53 -35.46
CA VAL O 278 68.49 -56.81 -34.84
C VAL O 278 69.57 -56.64 -35.90
N ASN O 279 70.57 -55.83 -35.59
CA ASN O 279 71.61 -55.50 -36.56
C ASN O 279 72.34 -56.75 -37.00
N GLY O 280 72.47 -56.93 -38.32
CA GLY O 280 73.17 -58.05 -38.88
C GLY O 280 72.38 -59.34 -38.97
N TYR O 281 71.11 -59.34 -38.56
CA TYR O 281 70.30 -60.54 -38.56
C TYR O 281 68.95 -60.27 -39.22
N ALA O 282 68.39 -61.32 -39.80
CA ALA O 282 67.09 -61.26 -40.47
C ALA O 282 66.14 -62.26 -39.83
N TYR O 283 64.93 -61.81 -39.55
CA TYR O 283 63.90 -62.72 -39.05
C TYR O 283 63.40 -63.60 -40.19
N ASP O 284 63.52 -64.90 -40.02
CA ASP O 284 63.02 -65.85 -41.02
C ASP O 284 61.50 -65.83 -40.99
N ILE O 285 60.90 -65.18 -41.99
CA ILE O 285 59.45 -65.01 -41.99
C ILE O 285 58.74 -66.34 -42.20
N ALA O 286 59.28 -67.18 -43.08
CA ALA O 286 58.63 -68.46 -43.37
C ALA O 286 58.70 -69.40 -42.17
N THR O 287 59.86 -69.46 -41.50
CA THR O 287 60.00 -70.38 -40.36
C THR O 287 59.15 -69.92 -39.18
N GLY O 288 59.03 -68.62 -38.98
CA GLY O 288 58.28 -68.10 -37.84
C GLY O 288 56.84 -67.81 -38.16
N GLY O 289 56.46 -66.54 -38.14
CA GLY O 289 55.10 -66.15 -38.45
C GLY O 289 55.05 -64.72 -38.95
N LYS O 290 53.88 -64.38 -39.52
CA LYS O 290 53.72 -63.03 -40.05
C LYS O 290 53.51 -62.00 -38.95
N ALA O 291 52.94 -62.41 -37.82
CA ALA O 291 52.75 -61.56 -36.65
C ALA O 291 53.29 -62.30 -35.44
N PRO O 292 54.61 -62.38 -35.30
CA PRO O 292 55.20 -63.28 -34.29
C PRO O 292 54.87 -62.83 -32.87
N ASN O 293 54.81 -63.80 -31.98
CA ASN O 293 54.68 -63.57 -30.55
C ASN O 293 56.05 -63.72 -29.88
N PRO O 294 56.16 -63.28 -28.62
CA PRO O 294 57.46 -63.41 -27.93
C PRO O 294 58.02 -64.82 -27.90
N THR O 295 57.16 -65.85 -27.86
CA THR O 295 57.66 -67.21 -27.93
C THR O 295 58.35 -67.48 -29.25
N ALA O 296 57.80 -66.97 -30.35
CA ALA O 296 58.43 -67.17 -31.66
C ALA O 296 59.63 -66.24 -31.83
N LEU O 297 59.55 -65.02 -31.29
CA LEU O 297 60.67 -64.09 -31.40
C LEU O 297 61.89 -64.61 -30.65
N ALA O 298 61.68 -65.16 -29.45
CA ALA O 298 62.78 -65.66 -28.63
C ALA O 298 63.28 -67.02 -29.08
N THR O 299 62.63 -67.65 -30.04
CA THR O 299 63.03 -68.97 -30.50
C THR O 299 64.06 -68.85 -31.61
N ALA O 300 65.19 -69.51 -31.44
CA ALA O 300 66.22 -69.54 -32.46
C ALA O 300 65.73 -70.25 -33.71
N ALA O 301 66.57 -70.24 -34.75
CA ALA O 301 66.25 -70.77 -36.07
C ALA O 301 65.20 -69.93 -36.77
N ASN O 302 64.67 -68.92 -36.07
CA ASN O 302 63.86 -67.88 -36.68
C ASN O 302 64.70 -66.66 -37.05
N TRP O 303 65.99 -66.69 -36.78
CA TRP O 303 66.90 -65.59 -37.08
C TRP O 303 68.02 -66.14 -37.96
N ASP O 304 68.39 -65.38 -38.98
CA ASP O 304 69.42 -65.78 -39.93
C ASP O 304 70.56 -64.77 -39.90
N LYS O 305 71.80 -65.27 -40.07
CA LYS O 305 72.95 -64.40 -40.10
C LYS O 305 73.11 -63.80 -41.49
N ILE O 306 73.00 -62.48 -41.58
CA ILE O 306 73.09 -61.79 -42.86
C ILE O 306 74.51 -61.29 -43.12
N SER O 307 75.10 -60.60 -42.14
CA SER O 307 76.45 -60.12 -42.28
C SER O 307 77.42 -61.29 -42.42
N THR O 308 78.46 -61.11 -43.23
CA THR O 308 79.40 -62.19 -43.48
C THR O 308 80.18 -62.56 -42.22
N SER O 309 80.58 -61.57 -41.43
CA SER O 309 81.41 -61.79 -40.27
C SER O 309 80.67 -61.39 -39.00
N ILE O 310 81.00 -62.08 -37.91
CA ILE O 310 80.42 -61.75 -36.60
C ILE O 310 80.81 -60.34 -36.20
N LYS O 311 81.99 -59.88 -36.60
CA LYS O 311 82.43 -58.54 -36.27
C LYS O 311 81.49 -57.48 -36.84
N ASP O 312 80.87 -57.76 -37.99
CA ASP O 312 79.93 -56.80 -38.58
C ASP O 312 78.67 -56.68 -37.73
N THR O 313 78.07 -57.80 -37.37
CA THR O 313 76.87 -57.75 -36.54
C THR O 313 77.21 -57.32 -35.13
N GLY O 314 76.27 -56.65 -34.48
CA GLY O 314 76.52 -56.09 -33.16
C GLY O 314 75.83 -56.81 -32.04
N GLY O 315 76.59 -57.50 -31.21
CA GLY O 315 76.05 -58.14 -30.03
C GLY O 315 76.73 -59.47 -29.72
N VAL O 316 76.99 -59.69 -28.44
CA VAL O 316 77.50 -60.96 -27.93
C VAL O 316 76.77 -61.25 -26.63
N VAL O 317 76.42 -62.51 -26.42
CA VAL O 317 75.62 -62.93 -25.27
C VAL O 317 76.46 -63.83 -24.39
N LEU O 318 76.33 -63.64 -23.08
CA LEU O 318 77.06 -64.39 -22.08
C LEU O 318 76.05 -64.98 -21.09
N VAL O 319 76.20 -66.27 -20.81
CA VAL O 319 75.29 -66.99 -19.91
C VAL O 319 76.04 -67.27 -18.61
N THR O 320 75.46 -66.84 -17.49
CA THR O 320 76.04 -67.05 -16.18
C THR O 320 74.99 -67.65 -15.26
N LYS O 321 75.43 -68.55 -14.38
CA LYS O 321 74.52 -69.18 -13.43
C LYS O 321 74.70 -68.62 -12.03
N PHE P 9 23.79 -12.90 47.98
CA PHE P 9 23.28 -11.77 47.21
C PHE P 9 22.21 -10.99 47.98
N ASN P 10 21.74 -11.57 49.08
CA ASN P 10 20.78 -10.84 49.94
C ASN P 10 21.58 -9.79 50.71
N ASP P 11 22.55 -10.23 51.52
CA ASP P 11 23.44 -9.26 52.21
C ASP P 11 24.26 -8.54 51.14
N TRP P 12 24.73 -9.27 50.12
CA TRP P 12 25.49 -8.66 49.00
C TRP P 12 26.65 -7.82 49.54
N ALA P 13 27.32 -8.33 50.58
CA ALA P 13 28.48 -7.61 51.16
C ALA P 13 29.36 -8.61 51.92
N TYR P 14 30.67 -8.35 52.01
CA TYR P 14 31.57 -9.23 52.79
C TYR P 14 31.20 -9.16 54.27
N LYS P 15 31.00 -10.32 54.91
CA LYS P 15 30.58 -10.35 56.33
C LYS P 15 31.81 -10.22 57.24
N THR P 16 32.37 -9.00 57.34
CA THR P 16 33.59 -8.79 58.16
C THR P 16 33.24 -8.83 59.64
N MET P 17 31.95 -8.91 59.96
CA MET P 17 31.49 -8.98 61.38
C MET P 17 32.07 -10.26 62.00
N SER P 18 32.40 -11.26 61.16
CA SER P 18 32.99 -12.53 61.66
C SER P 18 34.06 -12.23 62.71
N GLU P 19 34.05 -12.97 63.83
CA GLU P 19 35.07 -12.77 64.89
C GLU P 19 36.39 -13.35 64.40
N VAL P 20 37.01 -12.74 63.39
CA VAL P 20 38.26 -13.28 62.78
C VAL P 20 39.30 -13.55 63.86
N LEU P 21 39.34 -12.73 64.91
CA LEU P 21 40.36 -12.90 65.98
C LEU P 21 39.88 -12.21 67.26
N ASP P 22 40.40 -12.64 68.42
CA ASP P 22 40.01 -12.03 69.71
C ASP P 22 41.28 -11.66 70.50
N GLN P 23 42.26 -12.56 70.53
CA GLN P 23 43.51 -12.28 71.22
C GLN P 23 44.26 -11.15 70.52
N GLN P 24 44.76 -10.20 71.31
CA GLN P 24 45.58 -9.13 70.75
C GLN P 24 46.92 -9.68 70.31
N VAL P 25 47.22 -9.53 69.02
CA VAL P 25 48.44 -10.07 68.44
C VAL P 25 49.33 -8.99 67.83
N GLU P 26 49.13 -7.73 68.22
CA GLU P 26 49.98 -6.63 67.77
C GLU P 26 51.22 -6.62 68.66
N LEU P 27 52.08 -7.61 68.45
CA LEU P 27 53.24 -7.85 69.31
C LEU P 27 54.53 -7.97 68.50
N PHE P 28 54.58 -7.40 67.29
CA PHE P 28 55.67 -7.65 66.36
C PHE P 28 56.42 -6.36 66.05
N ASN P 29 57.75 -6.46 65.98
CA ASN P 29 58.64 -5.37 65.57
C ASN P 29 58.49 -4.22 66.57
N GLY P 30 58.18 -3.00 66.13
CA GLY P 30 58.16 -1.85 67.02
C GLY P 30 57.08 -1.86 68.07
N ALA P 31 56.11 -2.78 67.97
CA ALA P 31 55.06 -2.85 68.97
C ALA P 31 55.59 -3.29 70.34
N THR P 32 56.77 -3.90 70.39
CA THR P 32 57.36 -4.36 71.65
C THR P 32 58.76 -3.77 71.83
N ARG P 33 59.01 -2.59 71.25
CA ARG P 33 60.34 -1.98 71.26
C ARG P 33 61.37 -2.91 70.64
N GLY P 34 60.96 -3.68 69.63
CA GLY P 34 61.86 -4.57 68.94
C GLY P 34 62.25 -5.82 69.70
N ALA P 35 61.46 -6.22 70.70
CA ALA P 35 61.76 -7.46 71.42
C ALA P 35 61.45 -8.68 70.55
N ILE P 36 60.30 -8.69 69.90
CA ILE P 36 59.89 -9.77 69.01
C ILE P 36 59.96 -9.25 67.58
N ILE P 37 60.83 -9.85 66.78
CA ILE P 37 61.06 -9.41 65.40
C ILE P 37 60.30 -10.33 64.47
N LEU P 38 59.77 -9.76 63.39
CA LEU P 38 58.98 -10.49 62.40
C LEU P 38 59.50 -10.18 61.00
N ARG P 39 60.81 -10.31 60.83
CA ARG P 39 61.40 -10.11 59.51
C ARG P 39 60.90 -11.17 58.54
N SER P 40 60.89 -10.81 57.25
CA SER P 40 60.50 -11.73 56.19
C SER P 40 61.78 -12.12 55.45
N ALA P 41 62.36 -13.25 55.86
CA ALA P 41 63.58 -13.76 55.26
C ALA P 41 63.42 -15.25 54.99
N GLY P 42 63.70 -15.65 53.76
CA GLY P 42 63.58 -17.04 53.37
C GLY P 42 64.91 -17.78 53.47
N ASN P 43 64.87 -18.94 54.10
CA ASN P 43 66.05 -19.78 54.27
C ASN P 43 65.69 -21.24 54.08
N THR P 44 66.66 -22.04 53.69
CA THR P 44 66.44 -23.41 53.26
C THR P 44 66.58 -24.39 54.42
N GLY P 45 66.23 -25.65 54.15
CA GLY P 45 66.38 -26.72 55.09
C GLY P 45 65.43 -26.59 56.27
N ASP P 46 65.64 -27.45 57.26
CA ASP P 46 64.91 -27.37 58.52
C ASP P 46 65.73 -26.74 59.64
N LEU P 47 66.96 -26.32 59.35
CA LEU P 47 67.78 -25.60 60.30
C LEU P 47 68.45 -24.43 59.61
N SER P 48 68.77 -23.40 60.39
CA SER P 48 69.56 -22.27 59.92
C SER P 48 70.54 -21.95 61.04
N GLU P 49 71.72 -22.56 60.97
CA GLU P 49 72.72 -22.43 62.02
C GLU P 49 73.82 -21.46 61.60
N ALA P 50 74.26 -20.65 62.56
CA ALA P 50 75.39 -19.75 62.36
C ALA P 50 76.31 -19.88 63.57
N ALA P 51 77.61 -19.79 63.32
CA ALA P 51 78.62 -20.01 64.35
C ALA P 51 79.45 -18.75 64.54
N PHE P 52 79.55 -18.30 65.79
CA PHE P 52 80.44 -17.21 66.16
C PHE P 52 81.52 -17.75 67.09
N TRP P 53 82.56 -16.95 67.28
CA TRP P 53 83.68 -17.39 68.11
C TRP P 53 83.29 -17.45 69.57
N ALA P 54 83.74 -18.50 70.25
CA ALA P 54 83.48 -18.67 71.66
C ALA P 54 84.39 -17.76 72.49
N LYS P 55 83.92 -17.41 73.68
CA LYS P 55 84.68 -16.54 74.58
C LYS P 55 85.64 -17.39 75.40
N ILE P 56 86.94 -17.07 75.30
CA ILE P 56 87.95 -17.84 76.01
C ILE P 56 87.83 -17.57 77.51
N GLN P 57 87.84 -18.63 78.31
CA GLN P 57 87.61 -18.50 79.74
C GLN P 57 88.81 -17.88 80.44
N GLY P 58 89.96 -18.54 80.38
CA GLY P 58 91.15 -18.05 81.06
C GLY P 58 92.02 -17.18 80.19
N LEU P 59 91.41 -16.21 79.49
CA LEU P 59 92.18 -15.33 78.62
C LEU P 59 93.20 -14.52 79.41
N VAL P 60 92.81 -14.02 80.57
CA VAL P 60 93.69 -13.27 81.46
C VAL P 60 94.03 -14.17 82.64
N ARG P 61 95.32 -14.34 82.90
CA ARG P 61 95.80 -15.23 83.95
C ARG P 61 96.78 -14.51 84.85
N PRO P 62 96.88 -14.93 86.11
CA PRO P 62 97.97 -14.43 86.96
C PRO P 62 99.31 -14.93 86.42
N ARG P 63 100.33 -14.09 86.59
CA ARG P 63 101.67 -14.38 86.09
C ARG P 63 102.68 -14.16 87.19
N ASP P 64 103.69 -15.03 87.23
CA ASP P 64 104.76 -14.92 88.23
C ASP P 64 106.06 -14.58 87.53
N PRO P 65 106.49 -13.31 87.55
CA PRO P 65 107.71 -12.94 86.81
C PRO P 65 108.96 -13.64 87.32
N TYR P 66 109.04 -13.97 88.61
CA TYR P 66 110.26 -14.53 89.17
C TYR P 66 110.49 -15.95 88.65
N SER P 67 109.43 -16.71 88.46
CA SER P 67 109.53 -18.09 87.98
C SER P 67 108.25 -18.44 87.21
N ASN P 68 108.41 -18.75 85.92
CA ASN P 68 107.23 -19.06 85.11
C ASN P 68 106.82 -20.52 85.28
N ALA P 69 107.78 -21.39 85.56
CA ALA P 69 107.55 -22.83 85.84
C ALA P 69 106.87 -23.43 84.60
N ASP P 70 105.86 -24.29 84.78
CA ASP P 70 105.19 -24.93 83.66
C ASP P 70 104.30 -23.93 82.92
N VAL P 71 104.13 -24.16 81.63
CA VAL P 71 103.31 -23.32 80.76
C VAL P 71 102.05 -24.09 80.41
N ALA P 72 100.90 -23.50 80.71
CA ALA P 72 99.62 -24.12 80.39
C ALA P 72 99.33 -23.96 78.90
N ALA P 73 98.17 -24.42 78.47
CA ALA P 73 97.79 -24.30 77.06
C ALA P 73 96.30 -24.01 76.98
N LYS P 74 95.95 -22.99 76.19
CA LYS P 74 94.57 -22.56 76.03
C LYS P 74 94.19 -22.68 74.56
N ASP P 75 92.93 -23.02 74.34
CA ASP P 75 92.42 -23.25 72.99
C ASP P 75 91.14 -22.45 72.81
N LEU P 76 90.90 -22.02 71.57
CA LEU P 76 89.71 -21.25 71.22
C LEU P 76 88.71 -22.17 70.52
N ARG P 77 87.45 -22.07 70.91
CA ARG P 77 86.38 -22.91 70.40
C ARG P 77 85.41 -22.07 69.59
N GLN P 78 84.35 -22.70 69.12
CA GLN P 78 83.38 -22.06 68.24
C GLN P 78 81.99 -22.58 68.58
N LEU P 79 81.12 -21.68 69.04
CA LEU P 79 79.77 -22.01 69.44
C LEU P 79 78.81 -21.85 68.26
N VAL P 80 77.69 -22.55 68.33
CA VAL P 80 76.76 -22.64 67.21
C VAL P 80 75.38 -22.18 67.67
N ASP P 81 74.81 -21.21 66.96
CA ASP P 81 73.42 -20.83 67.15
C ASP P 81 72.53 -21.72 66.26
N ASN P 82 71.24 -21.75 66.58
CA ASN P 82 70.31 -22.59 65.84
C ASN P 82 69.02 -21.83 65.60
N THR P 83 68.32 -22.21 64.53
CA THR P 83 67.04 -21.60 64.18
C THR P 83 66.20 -22.68 63.51
N ILE P 84 65.30 -23.28 64.27
CA ILE P 84 64.53 -24.44 63.79
C ILE P 84 63.33 -23.95 62.98
N LYS P 85 63.09 -24.62 61.86
CA LYS P 85 61.99 -24.27 60.98
C LYS P 85 60.71 -24.95 61.44
N VAL P 86 59.65 -24.16 61.59
CA VAL P 86 58.35 -24.65 62.06
C VAL P 86 57.34 -24.51 60.93
N ALA P 87 56.65 -25.60 60.63
CA ALA P 87 55.67 -25.64 59.56
C ALA P 87 54.27 -25.74 60.14
N SER P 88 53.37 -24.88 59.66
CA SER P 88 51.98 -24.86 60.09
C SER P 88 51.09 -25.11 58.86
N GLY P 89 49.79 -25.08 59.09
CA GLY P 89 48.86 -25.31 57.99
C GLY P 89 47.43 -25.13 58.43
N THR P 90 46.52 -25.42 57.51
CA THR P 90 45.09 -25.28 57.73
C THR P 90 44.38 -26.60 57.43
N PRO P 91 43.46 -27.03 58.29
CA PRO P 91 42.71 -28.25 57.99
C PRO P 91 41.82 -28.06 56.78
N PRO P 92 41.49 -29.14 56.07
CA PRO P 92 40.64 -29.00 54.88
C PRO P 92 39.28 -28.42 55.24
N ILE P 93 38.97 -27.27 54.66
CA ILE P 93 37.73 -26.57 54.91
C ILE P 93 36.82 -26.76 53.71
N ASN P 94 35.67 -27.36 53.93
CA ASN P 94 34.68 -27.57 52.87
C ASN P 94 33.78 -26.34 52.80
N ILE P 95 34.06 -25.48 51.82
CA ILE P 95 33.32 -24.23 51.66
C ILE P 95 31.88 -24.56 51.30
N PRO P 96 30.90 -24.03 52.03
CA PRO P 96 29.50 -24.34 51.73
C PRO P 96 29.03 -23.56 50.51
N PRO P 97 28.16 -24.15 49.70
CA PRO P 97 27.56 -23.38 48.60
C PRO P 97 26.79 -22.16 49.08
N SER P 98 26.13 -22.25 50.24
CA SER P 98 25.39 -21.14 50.82
C SER P 98 24.40 -20.56 49.83
N MET P 99 24.23 -19.23 49.86
CA MET P 99 23.44 -18.54 48.85
C MET P 99 24.16 -17.26 48.43
N LEU P 100 25.24 -16.92 49.13
CA LEU P 100 26.01 -15.71 48.84
C LEU P 100 27.12 -16.04 47.85
N ARG P 101 26.70 -16.43 46.65
CA ARG P 101 27.64 -16.75 45.57
C ARG P 101 27.47 -15.82 44.37
N TRP P 102 27.16 -14.55 44.64
CA TRP P 102 27.24 -13.55 43.59
C TRP P 102 28.69 -13.27 43.25
N ILE P 103 28.92 -12.73 42.06
CA ILE P 103 30.28 -12.45 41.59
C ILE P 103 30.96 -11.50 42.58
N GLN P 104 32.07 -11.97 43.16
CA GLN P 104 32.79 -11.18 44.15
C GLN P 104 33.67 -10.18 43.44
N LYS P 105 33.40 -8.88 43.67
CA LYS P 105 34.11 -7.83 42.94
C LYS P 105 35.61 -7.93 43.14
N ASN P 106 36.06 -8.08 44.39
CA ASN P 106 37.47 -8.24 44.67
C ASN P 106 37.79 -9.71 44.82
N PRO P 107 38.69 -10.27 44.01
CA PRO P 107 38.95 -11.71 44.07
C PRO P 107 39.78 -12.09 45.30
N GLN P 108 39.36 -13.16 45.95
CA GLN P 108 40.10 -13.72 47.09
C GLN P 108 40.28 -15.21 46.85
N GLU P 109 41.53 -15.68 46.98
CA GLU P 109 41.86 -17.07 46.66
C GLU P 109 40.95 -18.04 47.39
N ALA P 110 40.67 -17.76 48.66
CA ALA P 110 39.72 -18.55 49.44
C ALA P 110 38.32 -17.96 49.47
N GLY P 111 38.19 -16.64 49.35
CA GLY P 111 36.89 -16.01 49.34
C GLY P 111 36.24 -16.05 50.72
N ALA P 112 35.06 -15.44 50.77
CA ALA P 112 34.22 -15.39 51.98
C ALA P 112 35.07 -14.86 53.14
N VAL P 113 35.17 -15.58 54.26
CA VAL P 113 35.87 -15.10 55.45
C VAL P 113 37.10 -15.94 55.75
N ILE P 114 37.43 -16.90 54.88
CA ILE P 114 38.49 -17.85 55.20
C ILE P 114 39.82 -17.13 55.42
N GLY P 115 40.22 -16.29 54.47
CA GLY P 115 41.46 -15.56 54.62
C GLY P 115 41.38 -14.44 55.63
N GLN P 116 40.20 -13.81 55.74
CA GLN P 116 39.99 -12.77 56.73
C GLN P 116 40.28 -13.29 58.13
N GLN P 117 39.93 -14.56 58.38
CA GLN P 117 40.27 -15.17 59.66
C GLN P 117 41.67 -15.76 59.63
N LEU P 118 42.15 -16.20 58.46
CA LEU P 118 43.41 -16.89 58.36
C LEU P 118 44.59 -15.98 58.65
N ALA P 119 44.53 -14.72 58.21
CA ALA P 119 45.61 -13.78 58.49
C ALA P 119 45.79 -13.59 59.99
N GLY P 120 44.69 -13.28 60.67
CA GLY P 120 44.75 -13.10 62.11
C GLY P 120 45.19 -14.36 62.84
N ASP P 121 44.68 -15.52 62.42
CA ASP P 121 45.05 -16.75 63.11
C ASP P 121 46.50 -17.14 62.82
N THR P 122 47.02 -16.80 61.64
CA THR P 122 48.44 -17.03 61.36
C THR P 122 49.30 -16.18 62.28
N MET P 123 48.97 -14.90 62.41
CA MET P 123 49.74 -14.05 63.33
C MET P 123 49.63 -14.54 64.76
N GLN P 124 48.42 -14.97 65.15
CA GLN P 124 48.22 -15.48 66.51
C GLN P 124 49.04 -16.74 66.77
N ASP P 125 49.07 -17.66 65.81
CA ASP P 125 49.86 -18.87 65.98
C ASP P 125 51.35 -18.55 66.04
N MET P 126 51.81 -17.64 65.17
CA MET P 126 53.22 -17.24 65.22
C MET P 126 53.57 -16.70 66.60
N LEU P 127 52.74 -15.79 67.12
CA LEU P 127 53.04 -15.18 68.42
C LEU P 127 52.97 -16.21 69.54
N ASN P 128 51.99 -17.11 69.50
CA ASN P 128 51.88 -18.12 70.55
C ASN P 128 53.06 -19.05 70.54
N ASN P 129 53.49 -19.50 69.36
CA ASN P 129 54.65 -20.38 69.28
C ASN P 129 55.92 -19.66 69.74
N GLY P 130 56.07 -18.39 69.36
CA GLY P 130 57.23 -17.64 69.80
C GLY P 130 57.27 -17.47 71.31
N LEU P 131 56.12 -17.14 71.91
CA LEU P 131 56.07 -16.99 73.37
C LEU P 131 56.35 -18.31 74.07
N ALA P 132 55.78 -19.41 73.58
CA ALA P 132 56.02 -20.71 74.20
C ALA P 132 57.49 -21.10 74.08
N ALA P 133 58.10 -20.88 72.91
CA ALA P 133 59.51 -21.19 72.74
C ALA P 133 60.38 -20.33 73.64
N GLY P 134 60.04 -19.05 73.78
CA GLY P 134 60.78 -18.20 74.68
C GLY P 134 60.71 -18.68 76.12
N LYS P 135 59.50 -19.03 76.58
CA LYS P 135 59.36 -19.55 77.93
C LYS P 135 60.17 -20.83 78.12
N ALA P 136 60.10 -21.74 77.15
CA ALA P 136 60.84 -23.00 77.27
C ALA P 136 62.35 -22.74 77.34
N ALA P 137 62.86 -21.87 76.46
CA ALA P 137 64.28 -21.59 76.45
C ALA P 137 64.73 -20.93 77.74
N PHE P 138 63.94 -19.98 78.26
CA PHE P 138 64.33 -19.30 79.49
C PHE P 138 64.28 -20.24 80.67
N THR P 139 63.30 -21.14 80.71
CA THR P 139 63.26 -22.14 81.78
C THR P 139 64.44 -23.09 81.69
N ALA P 140 64.82 -23.49 80.47
CA ALA P 140 65.96 -24.39 80.32
C ALA P 140 67.29 -23.68 80.60
N GLY P 141 67.31 -22.35 80.51
CA GLY P 141 68.51 -21.59 80.79
C GLY P 141 68.67 -21.11 82.21
N GLY P 142 67.67 -21.34 83.07
CA GLY P 142 67.72 -20.88 84.44
C GLY P 142 67.23 -19.48 84.66
N ALA P 143 66.78 -18.78 83.62
CA ALA P 143 66.27 -17.41 83.75
C ALA P 143 64.78 -17.43 84.09
N VAL P 144 64.47 -18.10 85.19
CA VAL P 144 63.08 -18.29 85.61
C VAL P 144 62.98 -17.93 87.09
N HIS P 145 61.89 -17.26 87.45
CA HIS P 145 61.57 -17.00 88.84
C HIS P 145 60.13 -17.45 89.10
N ASP P 146 59.92 -18.10 90.24
CA ASP P 146 58.62 -18.65 90.59
C ASP P 146 58.17 -18.01 91.90
N ILE P 147 57.48 -16.88 91.79
CA ILE P 147 56.88 -16.23 92.96
C ILE P 147 55.44 -16.70 93.07
N SER P 148 55.23 -17.81 93.77
CA SER P 148 53.88 -18.35 93.95
C SER P 148 53.58 -18.76 95.39
N ALA P 149 54.60 -19.07 96.19
CA ALA P 149 54.36 -19.43 97.59
C ALA P 149 54.04 -18.21 98.46
N ALA P 150 54.54 -17.04 98.08
CA ALA P 150 54.45 -15.85 98.91
C ALA P 150 53.16 -15.10 98.61
N GLY P 151 52.34 -14.91 99.64
CA GLY P 151 51.18 -14.03 99.53
C GLY P 151 50.19 -14.48 98.48
N THR P 152 49.52 -13.50 97.87
CA THR P 152 48.58 -13.81 96.79
C THR P 152 49.29 -14.42 95.60
N GLY P 153 50.49 -13.95 95.30
CA GLY P 153 51.30 -14.50 94.23
C GLY P 153 51.97 -13.46 93.36
N LEU P 154 51.33 -12.31 93.18
CA LEU P 154 51.91 -11.22 92.40
C LEU P 154 51.94 -9.95 93.23
N MET P 155 53.11 -9.32 93.31
CA MET P 155 53.28 -8.04 93.96
C MET P 155 53.07 -6.92 92.94
N THR P 156 53.12 -5.68 93.43
CA THR P 156 52.92 -4.55 92.53
C THR P 156 54.09 -4.40 91.56
N GLN P 157 55.28 -4.11 92.08
CA GLN P 157 56.47 -4.08 91.24
C GLN P 157 57.65 -4.83 91.85
N ARG P 158 57.55 -5.29 93.10
CA ARG P 158 58.63 -6.08 93.67
C ARG P 158 58.87 -7.36 92.89
N ALA P 159 57.84 -7.86 92.21
CA ALA P 159 58.01 -9.03 91.36
C ALA P 159 58.96 -8.74 90.21
N PHE P 160 58.82 -7.57 89.58
CA PHE P 160 59.70 -7.21 88.48
C PHE P 160 61.13 -6.96 88.97
N ASN P 161 61.27 -6.34 90.14
CA ASN P 161 62.59 -6.13 90.72
C ASN P 161 63.32 -7.45 90.94
N ALA P 162 62.58 -8.53 91.18
CA ALA P 162 63.21 -9.83 91.31
C ALA P 162 63.84 -10.28 89.99
N ALA P 163 63.14 -10.05 88.87
CA ALA P 163 63.71 -10.37 87.57
C ALA P 163 64.91 -9.49 87.26
N GLN P 164 64.85 -8.21 87.66
CA GLN P 164 66.02 -7.35 87.55
C GLN P 164 67.20 -7.93 88.33
N ARG P 165 66.93 -8.42 89.54
CA ARG P 165 67.98 -9.06 90.34
C ARG P 165 68.56 -10.26 89.60
N ILE P 166 67.70 -11.08 89.00
CA ILE P 166 68.16 -12.28 88.30
C ILE P 166 69.06 -11.90 87.13
N PHE P 167 68.65 -10.91 86.35
CA PHE P 167 69.41 -10.56 85.17
C PHE P 167 70.70 -9.81 85.48
N GLY P 168 70.74 -9.08 86.61
CA GLY P 168 71.99 -8.53 87.08
C GLY P 168 72.32 -7.12 86.62
N ASP P 169 73.61 -6.86 86.38
CA ASP P 169 74.05 -5.52 85.99
C ASP P 169 73.57 -5.12 84.61
N ARG P 170 73.28 -6.07 83.73
CA ARG P 170 72.77 -5.78 82.40
C ARG P 170 71.25 -5.66 82.38
N SER P 171 70.63 -5.35 83.52
CA SER P 171 69.18 -5.22 83.57
C SER P 171 68.66 -4.08 82.70
N THR P 172 69.52 -3.12 82.34
CA THR P 172 69.07 -2.03 81.49
C THR P 172 68.71 -2.52 80.09
N ASP P 173 69.18 -3.70 79.71
CA ASP P 173 68.84 -4.24 78.39
C ASP P 173 67.39 -4.69 78.34
N ILE P 174 66.90 -5.34 79.39
CA ILE P 174 65.49 -5.71 79.47
C ILE P 174 64.65 -4.43 79.52
N GLN P 175 63.75 -4.27 78.55
CA GLN P 175 63.00 -3.03 78.46
C GLN P 175 61.53 -3.24 78.11
N VAL P 176 61.00 -4.46 78.19
CA VAL P 176 59.60 -4.70 77.88
C VAL P 176 59.17 -5.99 78.58
N TRP P 177 57.91 -6.02 79.00
CA TRP P 177 57.30 -7.20 79.61
C TRP P 177 56.10 -7.63 78.79
N VAL P 178 55.97 -8.93 78.55
CA VAL P 178 54.79 -9.51 77.93
C VAL P 178 54.06 -10.30 78.99
N SER P 179 52.82 -9.93 79.27
CA SER P 179 52.07 -10.49 80.38
C SER P 179 50.65 -10.82 79.95
N HIS P 180 50.05 -11.76 80.67
CA HIS P 180 48.64 -12.05 80.50
C HIS P 180 47.82 -10.93 81.14
N SER P 181 46.52 -10.93 80.83
CA SER P 181 45.65 -9.87 81.32
C SER P 181 45.46 -9.95 82.84
N SER P 182 45.37 -11.17 83.37
CA SER P 182 45.13 -11.34 84.80
C SER P 182 46.22 -10.74 85.67
N PRO P 183 47.52 -10.93 85.39
CA PRO P 183 48.54 -10.24 86.20
C PRO P 183 48.39 -8.72 86.19
N LEU P 184 48.04 -8.13 85.05
CA LEU P 184 47.90 -6.68 85.03
C LEU P 184 46.65 -6.22 85.78
N PHE P 185 45.58 -7.01 85.73
CA PHE P 185 44.42 -6.68 86.56
C PHE P 185 44.76 -6.78 88.04
N ASP P 186 45.57 -7.76 88.41
CA ASP P 186 46.03 -7.87 89.80
C ASP P 186 46.86 -6.65 90.18
N LEU P 187 47.74 -6.20 89.27
CA LEU P 187 48.55 -5.01 89.53
C LEU P 187 47.66 -3.78 89.68
N TYR P 188 46.64 -3.66 88.84
CA TYR P 188 45.69 -2.55 88.96
C TYR P 188 44.98 -2.57 90.30
N ASP P 189 44.53 -3.76 90.74
CA ASP P 189 43.85 -3.86 92.02
C ASP P 189 44.79 -3.50 93.17
N ASN P 190 46.04 -3.95 93.09
CA ASN P 190 47.02 -3.60 94.12
C ASN P 190 47.27 -2.10 94.16
N ALA P 191 47.34 -1.47 92.98
CA ALA P 191 47.57 -0.03 92.93
C ALA P 191 46.42 0.74 93.57
N LEU P 192 45.19 0.29 93.36
CA LEU P 192 44.04 1.01 93.87
C LEU P 192 44.05 1.06 95.39
N ALA P 193 44.40 -0.05 96.03
CA ALA P 193 44.59 -0.08 97.48
C ALA P 193 46.09 -0.11 97.77
N ASN P 194 46.68 1.09 97.78
CA ASN P 194 48.12 1.22 97.97
C ASN P 194 48.46 1.11 99.46
N ALA P 195 49.09 0.01 99.86
CA ALA P 195 49.49 -0.16 101.24
C ALA P 195 50.59 0.83 101.61
N GLU P 196 51.72 0.75 100.93
CA GLU P 196 52.73 1.81 100.97
C GLU P 196 52.30 2.85 99.94
N GLN P 197 51.72 3.95 100.42
CA GLN P 197 51.04 4.89 99.53
C GLN P 197 52.07 5.56 98.63
N LEU P 198 52.10 5.11 97.37
CA LEU P 198 52.87 5.78 96.33
C LEU P 198 52.04 6.06 95.09
N TYR P 199 50.76 5.70 95.09
CA TYR P 199 49.86 5.92 93.96
C TYR P 199 48.83 6.96 94.35
N VAL P 200 48.71 8.00 93.55
CA VAL P 200 47.59 8.93 93.64
C VAL P 200 46.62 8.58 92.52
N PHE P 201 45.40 9.12 92.61
CA PHE P 201 44.38 8.75 91.64
C PHE P 201 44.78 9.13 90.23
N GLY P 202 45.55 10.21 90.08
CA GLY P 202 46.03 10.58 88.76
C GLY P 202 46.99 9.55 88.17
N THR P 203 47.87 9.00 89.00
CA THR P 203 48.87 8.04 88.56
C THR P 203 48.57 6.62 88.98
N VAL P 204 47.34 6.30 89.37
CA VAL P 204 47.00 4.92 89.71
C VAL P 204 47.01 4.06 88.45
N ASN P 205 46.67 4.65 87.30
CA ASN P 205 46.65 3.93 86.03
C ASN P 205 48.04 4.07 85.40
N VAL P 206 48.87 3.06 85.63
CA VAL P 206 50.21 2.99 85.08
C VAL P 206 50.35 1.67 84.32
N ARG P 207 50.97 1.73 83.15
CA ARG P 207 51.23 0.54 82.35
C ARG P 207 52.63 -0.02 82.60
N ALA P 208 53.61 0.85 82.79
CA ALA P 208 54.99 0.42 83.00
C ALA P 208 55.16 -0.18 84.39
N ASP P 209 56.40 -0.54 84.71
CA ASP P 209 56.72 -1.18 85.98
C ASP P 209 57.59 -0.30 86.88
N ALA P 210 57.38 1.01 86.87
CA ALA P 210 58.14 1.97 87.68
C ALA P 210 59.64 1.95 87.37
N PHE P 211 60.02 1.44 86.21
CA PHE P 211 61.42 1.40 85.79
C PHE P 211 61.58 1.74 84.31
N GLY P 212 60.54 2.30 83.69
CA GLY P 212 60.61 2.65 82.29
C GLY P 212 60.34 1.51 81.34
N ARG P 213 59.87 0.37 81.83
CA ARG P 213 59.61 -0.79 80.98
C ARG P 213 58.11 -0.94 80.74
N PRO P 214 57.63 -0.68 79.52
CA PRO P 214 56.20 -0.87 79.26
C PRO P 214 55.80 -2.34 79.36
N ILE P 215 54.56 -2.56 79.78
CA ILE P 215 53.98 -3.89 79.89
C ILE P 215 52.95 -4.04 78.78
N ILE P 216 53.00 -5.16 78.07
CA ILE P 216 52.10 -5.43 76.96
C ILE P 216 51.21 -6.61 77.32
N ILE P 217 49.91 -6.45 77.14
CA ILE P 217 48.94 -7.48 77.49
C ILE P 217 48.72 -8.38 76.29
N THR P 218 48.69 -9.69 76.53
CA THR P 218 48.24 -10.65 75.54
C THR P 218 47.62 -11.84 76.27
N ASP P 219 46.59 -12.42 75.65
CA ASP P 219 45.87 -13.54 76.24
C ASP P 219 46.31 -14.87 75.67
N SER P 220 47.60 -14.99 75.37
CA SER P 220 48.12 -16.21 74.78
C SER P 220 47.99 -17.38 75.75
N PRO P 221 47.53 -18.55 75.29
CA PRO P 221 47.53 -19.72 76.17
C PRO P 221 48.93 -20.18 76.57
N ALA P 222 49.96 -19.77 75.82
CA ALA P 222 51.32 -20.15 76.16
C ALA P 222 51.81 -19.51 77.44
N LEU P 223 51.12 -18.49 77.94
CA LEU P 223 51.52 -17.79 79.17
C LEU P 223 50.66 -18.17 80.37
N VAL P 224 49.75 -19.12 80.21
CA VAL P 224 48.87 -19.56 81.29
C VAL P 224 48.92 -21.08 81.36
N SER P 225 49.11 -21.62 82.57
CA SER P 225 49.18 -23.05 82.77
C SER P 225 48.31 -23.45 83.95
N GLY P 226 47.79 -24.67 83.91
CA GLY P 226 47.03 -25.21 85.02
C GLY P 226 45.64 -24.62 85.13
N ALA P 227 45.00 -24.93 86.26
CA ALA P 227 43.65 -24.45 86.54
C ALA P 227 43.44 -24.48 88.05
N ALA P 228 42.34 -23.83 88.48
CA ALA P 228 41.97 -23.74 89.88
C ALA P 228 43.10 -23.16 90.72
N GLU P 229 43.61 -23.94 91.68
CA GLU P 229 44.72 -23.46 92.50
C GLU P 229 46.03 -23.54 91.73
N THR P 230 46.16 -24.52 90.82
CA THR P 230 47.36 -24.67 90.03
C THR P 230 47.46 -23.67 88.89
N LEU P 231 46.44 -22.84 88.69
CA LEU P 231 46.48 -21.82 87.67
C LEU P 231 47.69 -20.91 87.86
N ARG P 232 48.50 -20.79 86.81
CA ARG P 232 49.72 -19.99 86.86
C ARG P 232 49.80 -19.11 85.63
N HIS P 233 50.22 -17.86 85.82
CA HIS P 233 50.47 -16.93 84.74
C HIS P 233 51.96 -16.65 84.65
N SER P 234 52.47 -16.54 83.43
CA SER P 234 53.89 -16.37 83.18
C SER P 234 54.13 -15.02 82.51
N THR P 235 54.75 -14.10 83.25
CA THR P 235 55.14 -12.81 82.73
C THR P 235 56.62 -12.88 82.38
N LEU P 236 56.95 -12.72 81.10
CA LEU P 236 58.32 -12.83 80.62
C LEU P 236 58.78 -11.48 80.09
N GLY P 237 59.97 -11.07 80.51
CA GLY P 237 60.58 -9.83 80.04
C GLY P 237 61.68 -10.13 79.05
N LEU P 238 61.70 -9.38 77.96
CA LEU P 238 62.60 -9.64 76.85
C LEU P 238 63.57 -8.48 76.68
N THR P 239 64.78 -8.79 76.20
CA THR P 239 65.72 -7.78 75.79
C THR P 239 65.42 -7.38 74.36
N THR P 240 66.33 -6.64 73.72
CA THR P 240 66.11 -6.19 72.36
C THR P 240 66.38 -7.34 71.40
N GLY P 241 65.39 -7.69 70.59
CA GLY P 241 65.53 -8.79 69.66
C GLY P 241 65.69 -10.13 70.33
N ALA P 242 64.94 -10.39 71.40
CA ALA P 242 65.12 -11.62 72.15
C ALA P 242 64.54 -12.82 71.41
N ILE P 243 63.36 -12.66 70.81
CA ILE P 243 62.69 -13.73 70.08
C ILE P 243 62.58 -13.31 68.63
N LEU P 244 63.17 -14.10 67.73
CA LEU P 244 63.21 -13.81 66.31
C LEU P 244 62.29 -14.77 65.57
N ILE P 245 61.40 -14.22 64.74
CA ILE P 245 60.51 -15.00 63.90
C ILE P 245 60.77 -14.62 62.46
N GLU P 246 61.12 -15.61 61.64
CA GLU P 246 61.45 -15.39 60.23
C GLU P 246 60.43 -16.07 59.35
N GLN P 247 59.63 -15.29 58.64
CA GLN P 247 58.66 -15.82 57.70
C GLN P 247 59.40 -16.34 56.47
N ASN P 248 59.07 -17.57 56.05
CA ASN P 248 59.74 -18.18 54.91
C ASN P 248 59.05 -17.87 53.59
N GLN P 249 58.00 -17.06 53.60
CA GLN P 249 57.27 -16.61 52.41
C GLN P 249 57.07 -17.75 51.41
N ASP P 250 56.52 -18.85 51.90
CA ASP P 250 56.25 -20.02 51.06
C ASP P 250 54.80 -20.45 51.16
N PHE P 251 53.88 -19.48 51.07
CA PHE P 251 52.47 -19.77 51.26
C PHE P 251 51.85 -20.36 50.00
N ASP P 252 51.15 -21.49 50.19
CA ASP P 252 50.46 -22.16 49.09
C ASP P 252 49.07 -22.53 49.56
N SER P 253 48.06 -22.18 48.76
CA SER P 253 46.67 -22.46 49.09
C SER P 253 45.98 -23.06 47.87
N THR P 254 45.03 -23.95 48.12
CA THR P 254 44.36 -24.66 47.03
C THR P 254 42.88 -24.77 47.32
N VAL P 255 42.08 -24.84 46.26
CA VAL P 255 40.65 -25.07 46.34
C VAL P 255 40.30 -26.24 45.42
N VAL P 256 39.92 -27.37 46.01
CA VAL P 256 39.69 -28.60 45.28
C VAL P 256 38.23 -29.01 45.42
N ASP P 257 37.65 -29.49 44.32
CA ASP P 257 36.28 -29.98 44.30
C ASP P 257 36.28 -31.50 44.23
N GLY P 258 35.70 -32.14 45.24
CA GLY P 258 35.60 -33.59 45.31
C GLY P 258 34.27 -34.05 44.73
N THR P 259 34.33 -35.10 43.92
CA THR P 259 33.17 -35.62 43.22
C THR P 259 33.01 -37.11 43.48
N GLY P 260 31.80 -37.61 43.31
CA GLY P 260 31.48 -39.01 43.52
C GLY P 260 30.36 -39.26 44.51
N LYS P 261 30.12 -38.36 45.46
CA LYS P 261 29.09 -38.51 46.47
C LYS P 261 27.81 -37.82 46.01
N GLN P 262 26.80 -37.81 46.90
CA GLN P 262 25.52 -37.23 46.57
C GLN P 262 25.63 -35.74 46.25
N ASN P 263 26.59 -35.05 46.85
CA ASN P 263 26.79 -33.63 46.61
C ASN P 263 28.28 -33.35 46.52
N ILE P 264 28.61 -32.26 45.82
CA ILE P 264 30.01 -31.91 45.61
C ILE P 264 30.61 -31.36 46.90
N THR P 265 31.89 -31.64 47.12
CA THR P 265 32.63 -31.16 48.27
C THR P 265 33.74 -30.24 47.77
N ARG P 266 33.64 -28.95 48.08
CA ARG P 266 34.63 -27.97 47.68
C ARG P 266 35.52 -27.67 48.89
N GLN P 267 36.74 -28.20 48.87
CA GLN P 267 37.65 -28.13 50.00
C GLN P 267 38.67 -27.02 49.79
N TYR P 268 39.21 -26.52 50.90
CA TYR P 268 40.27 -25.52 50.89
C TYR P 268 41.36 -25.93 51.87
N GLN P 269 42.61 -25.80 51.44
CA GLN P 269 43.75 -26.05 52.32
C GLN P 269 44.85 -25.05 51.99
N ALA P 270 45.48 -24.53 53.04
CA ALA P 270 46.55 -23.56 52.91
C ALA P 270 47.81 -24.13 53.57
N GLU P 271 48.96 -23.52 53.26
CA GLU P 271 50.23 -24.06 53.69
C GLU P 271 51.27 -22.95 53.76
N TRP P 272 52.02 -22.91 54.87
CA TRP P 272 53.08 -21.92 55.04
C TRP P 272 54.07 -22.46 56.06
N SER P 273 55.13 -21.68 56.30
CA SER P 273 56.18 -22.07 57.22
C SER P 273 56.88 -20.81 57.73
N TYR P 274 57.61 -20.97 58.84
CA TYR P 274 58.36 -19.87 59.42
C TYR P 274 59.42 -20.43 60.35
N ASN P 275 60.37 -19.59 60.71
CA ASN P 275 61.47 -19.97 61.60
C ASN P 275 61.31 -19.30 62.95
N LEU P 276 61.82 -19.98 63.98
CA LEU P 276 61.87 -19.44 65.34
C LEU P 276 63.30 -19.48 65.85
N GLY P 277 63.68 -18.44 66.57
CA GLY P 277 64.99 -18.38 67.18
C GLY P 277 65.00 -17.51 68.41
N VAL P 278 65.59 -18.01 69.49
CA VAL P 278 65.68 -17.28 70.76
C VAL P 278 67.13 -16.88 70.98
N ASN P 279 67.34 -15.61 71.31
CA ASN P 279 68.69 -15.09 71.48
C ASN P 279 69.42 -15.83 72.57
N GLY P 280 70.49 -16.52 72.21
CA GLY P 280 71.30 -17.24 73.16
C GLY P 280 70.87 -18.66 73.46
N TYR P 281 70.10 -19.29 72.57
CA TYR P 281 69.66 -20.65 72.76
C TYR P 281 69.62 -21.37 71.42
N ALA P 282 69.76 -22.70 71.47
CA ALA P 282 69.73 -23.55 70.30
C ALA P 282 68.70 -24.65 70.51
N TYR P 283 68.02 -25.03 69.43
CA TYR P 283 67.03 -26.09 69.50
C TYR P 283 67.71 -27.43 69.27
N ASP P 284 67.60 -28.32 70.26
CA ASP P 284 68.24 -29.63 70.21
C ASP P 284 67.46 -30.51 69.26
N ILE P 285 67.76 -30.39 67.96
CA ILE P 285 67.04 -31.15 66.95
C ILE P 285 67.23 -32.65 67.15
N ALA P 286 68.36 -33.05 67.72
CA ALA P 286 68.56 -34.46 68.05
C ALA P 286 67.58 -34.93 69.11
N THR P 287 67.34 -34.11 70.13
CA THR P 287 66.38 -34.47 71.16
C THR P 287 64.95 -34.40 70.65
N GLY P 288 64.62 -33.33 69.92
CA GLY P 288 63.26 -33.12 69.47
C GLY P 288 62.98 -33.77 68.13
N GLY P 289 62.55 -32.98 67.14
CA GLY P 289 62.21 -33.52 65.84
C GLY P 289 62.56 -32.55 64.74
N LYS P 290 62.47 -33.05 63.51
CA LYS P 290 62.79 -32.23 62.34
C LYS P 290 61.81 -31.08 62.19
N ALA P 291 60.52 -31.34 62.42
CA ALA P 291 59.47 -30.33 62.37
C ALA P 291 58.78 -30.30 63.72
N PRO P 292 59.24 -29.47 64.65
CA PRO P 292 58.72 -29.51 66.02
C PRO P 292 57.24 -29.16 66.08
N ASN P 293 56.56 -29.79 67.03
CA ASN P 293 55.19 -29.44 67.36
C ASN P 293 55.17 -28.27 68.33
N PRO P 294 54.03 -27.57 68.44
CA PRO P 294 53.92 -26.56 69.49
C PRO P 294 54.15 -27.11 70.88
N THR P 295 53.79 -28.37 71.12
CA THR P 295 54.14 -29.02 72.38
C THR P 295 55.64 -29.26 72.48
N ALA P 296 56.26 -29.68 71.37
CA ALA P 296 57.70 -29.90 71.37
C ALA P 296 58.47 -28.60 71.57
N LEU P 297 58.01 -27.52 70.93
CA LEU P 297 58.67 -26.23 71.11
C LEU P 297 58.53 -25.73 72.55
N ALA P 298 57.33 -25.86 73.13
CA ALA P 298 57.11 -25.39 74.49
C ALA P 298 57.78 -26.29 75.51
N THR P 299 58.09 -27.53 75.14
CA THR P 299 58.76 -28.44 76.07
C THR P 299 60.21 -28.02 76.26
N ALA P 300 60.66 -28.04 77.51
CA ALA P 300 62.05 -27.74 77.82
C ALA P 300 62.92 -28.94 77.43
N ALA P 301 64.21 -28.85 77.79
CA ALA P 301 65.20 -29.90 77.54
C ALA P 301 65.50 -30.06 76.05
N ASN P 302 64.78 -29.31 75.21
CA ASN P 302 65.10 -29.22 73.80
C ASN P 302 65.79 -27.91 73.44
N TRP P 303 66.00 -27.04 74.42
CA TRP P 303 66.56 -25.70 74.21
C TRP P 303 67.86 -25.60 75.00
N ASP P 304 68.98 -25.92 74.36
CA ASP P 304 70.28 -25.79 74.99
C ASP P 304 70.66 -24.32 75.10
N LYS P 305 71.48 -24.01 76.09
CA LYS P 305 71.98 -22.65 76.29
C LYS P 305 73.34 -22.53 75.62
N ILE P 306 73.47 -21.57 74.70
CA ILE P 306 74.69 -21.41 73.93
C ILE P 306 75.60 -20.35 74.52
N SER P 307 75.02 -19.20 74.88
CA SER P 307 75.83 -18.11 75.42
C SER P 307 76.45 -18.50 76.75
N THR P 308 77.68 -18.03 76.98
CA THR P 308 78.39 -18.38 78.20
C THR P 308 77.77 -17.75 79.44
N SER P 309 77.14 -16.59 79.29
CA SER P 309 76.55 -15.87 80.40
C SER P 309 75.07 -15.65 80.16
N ILE P 310 74.29 -15.68 81.24
CA ILE P 310 72.87 -15.41 81.16
C ILE P 310 72.59 -13.98 80.73
N LYS P 311 73.54 -13.08 80.96
CA LYS P 311 73.36 -11.70 80.52
C LYS P 311 73.37 -11.59 78.99
N ASP P 312 74.08 -12.48 78.32
CA ASP P 312 74.13 -12.44 76.85
C ASP P 312 72.81 -12.93 76.25
N THR P 313 72.21 -13.96 76.85
CA THR P 313 70.91 -14.43 76.39
C THR P 313 69.86 -13.35 76.65
N GLY P 314 68.84 -13.31 75.79
CA GLY P 314 67.83 -12.29 75.87
C GLY P 314 66.52 -12.81 76.42
N GLY P 315 66.23 -12.46 77.67
CA GLY P 315 64.93 -12.77 78.24
C GLY P 315 64.96 -13.43 79.60
N VAL P 316 63.97 -13.09 80.43
CA VAL P 316 63.75 -13.74 81.72
C VAL P 316 62.25 -13.89 81.91
N VAL P 317 61.86 -15.03 82.50
CA VAL P 317 60.45 -15.35 82.70
C VAL P 317 60.16 -15.31 84.20
N LEU P 318 59.07 -14.64 84.57
CA LEU P 318 58.63 -14.53 85.95
C LEU P 318 57.31 -15.27 86.10
N VAL P 319 57.26 -16.23 87.01
CA VAL P 319 56.08 -17.06 87.21
C VAL P 319 55.35 -16.56 88.45
N THR P 320 54.10 -16.16 88.28
CA THR P 320 53.26 -15.72 89.38
C THR P 320 51.89 -16.35 89.25
N LYS P 321 51.28 -16.68 90.39
CA LYS P 321 49.94 -17.28 90.39
C LYS P 321 48.88 -16.19 90.43
N SER Q 4 -37.59 15.90 41.89
CA SER Q 4 -38.16 16.01 43.23
C SER Q 4 -37.06 16.17 44.26
N ASP Q 5 -35.99 15.39 44.09
CA ASP Q 5 -34.77 15.46 44.90
C ASP Q 5 -34.97 14.98 46.33
N LEU Q 6 -36.19 14.62 46.71
CA LEU Q 6 -36.45 14.08 48.04
C LEU Q 6 -36.19 12.59 48.02
N GLN Q 7 -35.17 12.14 48.76
CA GLN Q 7 -34.85 10.74 48.95
C GLN Q 7 -34.37 10.12 47.63
N VAL Q 8 -34.33 10.93 46.57
CA VAL Q 8 -33.74 10.53 45.30
C VAL Q 8 -32.63 11.48 44.86
N PHE Q 9 -32.65 12.72 45.33
CA PHE Q 9 -31.51 13.63 45.25
C PHE Q 9 -31.04 13.87 43.80
N ASN Q 10 -31.91 14.52 43.03
CA ASN Q 10 -31.59 14.78 41.59
C ASN Q 10 -30.60 15.95 41.49
N ASP Q 11 -30.89 17.06 42.16
CA ASP Q 11 -30.02 18.26 42.04
C ASP Q 11 -29.58 18.74 43.43
N TRP Q 12 -28.28 18.70 43.70
CA TRP Q 12 -27.77 19.22 45.00
C TRP Q 12 -28.15 20.69 45.13
N ALA Q 13 -28.14 21.43 44.01
CA ALA Q 13 -28.49 22.87 44.01
C ALA Q 13 -29.20 23.25 45.31
N TYR Q 14 -28.49 23.92 46.23
CA TYR Q 14 -29.08 24.30 47.54
C TYR Q 14 -30.29 25.21 47.30
N LYS Q 15 -31.18 25.31 48.29
CA LYS Q 15 -32.42 26.12 48.11
C LYS Q 15 -32.41 27.29 49.10
N THR Q 16 -32.99 28.42 48.72
CA THR Q 16 -33.00 29.63 49.59
C THR Q 16 -34.17 29.51 50.60
N MET Q 17 -35.29 28.91 50.20
CA MET Q 17 -36.43 28.80 51.10
C MET Q 17 -36.25 27.63 52.06
N SER Q 18 -35.08 27.58 52.71
CA SER Q 18 -34.75 26.60 53.73
C SER Q 18 -35.35 26.95 55.07
N GLU Q 19 -36.23 27.96 55.14
CA GLU Q 19 -36.90 28.36 56.37
C GLU Q 19 -35.87 28.68 57.47
N VAL Q 20 -35.11 29.75 57.21
CA VAL Q 20 -34.02 30.13 58.10
C VAL Q 20 -34.52 30.33 59.51
N LEU Q 21 -35.63 31.05 59.67
CA LEU Q 21 -36.18 31.34 60.98
C LEU Q 21 -37.60 31.84 60.80
N ASP Q 22 -38.27 32.10 61.94
CA ASP Q 22 -39.64 32.59 61.93
C ASP Q 22 -39.87 33.77 62.86
N GLN Q 23 -38.82 34.34 63.46
CA GLN Q 23 -38.94 35.48 64.35
C GLN Q 23 -37.86 36.49 64.01
N GLN Q 24 -38.21 37.78 64.10
CA GLN Q 24 -37.26 38.83 63.81
C GLN Q 24 -36.19 38.89 64.89
N VAL Q 25 -34.92 38.88 64.48
CA VAL Q 25 -33.83 38.75 65.44
C VAL Q 25 -32.75 39.81 65.22
N GLU Q 26 -33.05 40.83 64.41
CA GLU Q 26 -32.10 41.91 64.17
C GLU Q 26 -32.45 43.05 65.11
N LEU Q 27 -32.10 42.87 66.39
CA LEU Q 27 -32.42 43.83 67.44
C LEU Q 27 -31.19 44.18 68.25
N PHE Q 28 -30.05 44.36 67.59
CA PHE Q 28 -28.79 44.56 68.27
C PHE Q 28 -28.11 45.85 67.80
N ASN Q 29 -27.40 46.48 68.72
CA ASN Q 29 -26.55 47.66 68.45
C ASN Q 29 -27.42 48.76 67.85
N GLY Q 30 -27.19 49.18 66.60
CA GLY Q 30 -27.93 50.30 66.04
C GLY Q 30 -29.38 50.02 65.76
N ALA Q 31 -29.78 48.74 65.69
CA ALA Q 31 -31.17 48.41 65.43
C ALA Q 31 -32.08 48.93 66.53
N THR Q 32 -31.63 48.82 67.79
CA THR Q 32 -32.38 49.33 68.93
C THR Q 32 -31.66 50.50 69.58
N ARG Q 33 -30.96 51.30 68.77
CA ARG Q 33 -30.26 52.50 69.24
C ARG Q 33 -29.37 52.20 70.44
N GLY Q 34 -28.67 51.06 70.38
CA GLY Q 34 -27.74 50.72 71.44
C GLY Q 34 -28.39 50.33 72.75
N ALA Q 35 -29.66 49.93 72.72
CA ALA Q 35 -30.28 49.42 73.95
C ALA Q 35 -29.78 48.02 74.27
N ILE Q 36 -29.59 47.20 73.25
CA ILE Q 36 -29.01 45.87 73.40
C ILE Q 36 -27.68 45.87 72.65
N ILE Q 37 -26.62 45.45 73.33
CA ILE Q 37 -25.26 45.52 72.80
C ILE Q 37 -24.78 44.09 72.57
N LEU Q 38 -24.33 43.81 71.35
CA LEU Q 38 -23.81 42.50 70.99
C LEU Q 38 -22.38 42.67 70.49
N ARG Q 39 -21.44 42.62 71.43
CA ARG Q 39 -20.02 42.71 71.11
C ARG Q 39 -19.39 41.32 71.11
N SER Q 40 -18.18 41.25 70.56
CA SER Q 40 -17.40 40.02 70.53
C SER Q 40 -16.13 40.25 71.37
N ALA Q 41 -16.20 39.88 72.64
CA ALA Q 41 -15.08 40.05 73.55
C ALA Q 41 -15.07 38.87 74.52
N GLY Q 42 -14.14 37.95 74.32
CA GLY Q 42 -14.08 36.77 75.15
C GLY Q 42 -13.44 37.03 76.50
N ASN Q 43 -13.89 36.28 77.50
CA ASN Q 43 -13.32 36.34 78.83
C ASN Q 43 -13.31 34.95 79.44
N THR Q 44 -12.44 34.76 80.41
CA THR Q 44 -12.22 33.45 81.02
C THR Q 44 -13.23 33.21 82.14
N GLY Q 45 -13.26 31.97 82.61
CA GLY Q 45 -14.07 31.62 83.76
C GLY Q 45 -15.55 31.64 83.46
N ASP Q 46 -16.34 31.51 84.52
CA ASP Q 46 -17.79 31.54 84.43
C ASP Q 46 -18.38 32.84 84.96
N LEU Q 47 -17.54 33.84 85.21
CA LEU Q 47 -17.99 35.13 85.73
C LEU Q 47 -17.11 36.23 85.19
N SER Q 48 -17.61 37.46 85.30
CA SER Q 48 -16.82 38.65 85.00
C SER Q 48 -17.42 39.79 85.82
N GLU Q 49 -16.79 40.11 86.94
CA GLU Q 49 -17.27 41.13 87.85
C GLU Q 49 -16.39 42.36 87.77
N ALA Q 50 -17.02 43.54 87.86
CA ALA Q 50 -16.33 44.81 87.88
C ALA Q 50 -16.78 45.58 89.12
N ALA Q 51 -15.81 46.09 89.88
CA ALA Q 51 -16.09 46.79 91.12
C ALA Q 51 -15.98 48.30 90.92
N PHE Q 52 -16.96 49.03 91.41
CA PHE Q 52 -16.99 50.48 91.34
C PHE Q 52 -17.29 51.03 92.73
N TRP Q 53 -17.10 52.34 92.88
CA TRP Q 53 -17.35 52.98 94.16
C TRP Q 53 -18.84 53.29 94.31
N ALA Q 54 -19.39 52.94 95.46
CA ALA Q 54 -20.80 53.18 95.72
C ALA Q 54 -21.04 54.64 96.10
N LYS Q 55 -22.27 55.08 95.91
CA LYS Q 55 -22.66 56.45 96.25
C LYS Q 55 -22.88 56.53 97.75
N ILE Q 56 -22.13 57.41 98.43
CA ILE Q 56 -22.28 57.57 99.87
C ILE Q 56 -23.62 58.24 100.15
N GLN Q 57 -24.38 57.66 101.08
CA GLN Q 57 -25.73 58.13 101.33
C GLN Q 57 -25.71 59.51 102.00
N GLY Q 58 -25.13 59.60 103.18
CA GLY Q 58 -25.08 60.85 103.91
C GLY Q 58 -23.80 61.64 103.68
N LEU Q 59 -23.50 61.99 102.43
CA LEU Q 59 -22.30 62.77 102.17
C LEU Q 59 -22.46 64.20 102.64
N VAL Q 60 -23.62 64.80 102.40
CA VAL Q 60 -23.93 66.15 102.85
C VAL Q 60 -24.85 66.05 104.07
N ARG Q 61 -24.55 66.85 105.08
CA ARG Q 61 -25.24 66.77 106.36
C ARG Q 61 -25.57 68.18 106.84
N PRO Q 62 -26.60 68.33 107.67
CA PRO Q 62 -26.83 69.62 108.32
C PRO Q 62 -25.74 69.88 109.35
N ARG Q 63 -25.53 71.16 109.64
CA ARG Q 63 -24.47 71.59 110.54
C ARG Q 63 -25.05 72.44 111.65
N ASP Q 64 -24.43 72.38 112.83
CA ASP Q 64 -24.78 73.20 113.98
C ASP Q 64 -23.51 73.91 114.42
N PRO Q 65 -23.18 75.05 113.81
CA PRO Q 65 -21.92 75.73 114.14
C PRO Q 65 -21.82 76.16 115.58
N TYR Q 66 -22.93 76.34 116.28
CA TYR Q 66 -22.87 76.76 117.68
C TYR Q 66 -22.35 75.65 118.56
N SER Q 67 -22.74 74.40 118.30
CA SER Q 67 -22.26 73.23 119.04
C SER Q 67 -22.22 72.05 118.07
N ASN Q 68 -21.03 71.81 117.50
CA ASN Q 68 -20.89 70.69 116.57
C ASN Q 68 -21.03 69.35 117.30
N ALA Q 69 -20.59 69.29 118.55
CA ALA Q 69 -20.69 68.10 119.42
C ALA Q 69 -20.02 66.94 118.69
N ASP Q 70 -20.60 65.74 118.68
CA ASP Q 70 -19.97 64.61 118.02
C ASP Q 70 -20.66 64.30 116.70
N VAL Q 71 -19.86 63.86 115.73
CA VAL Q 71 -20.35 63.46 114.42
C VAL Q 71 -19.88 62.04 114.16
N ALA Q 72 -20.83 61.16 113.82
CA ALA Q 72 -20.50 59.77 113.57
C ALA Q 72 -19.65 59.64 112.31
N ALA Q 73 -18.75 58.66 112.31
CA ALA Q 73 -17.87 58.42 111.18
C ALA Q 73 -18.60 57.66 110.07
N LYS Q 74 -18.05 57.73 108.88
CA LYS Q 74 -18.64 57.07 107.73
C LYS Q 74 -17.53 56.51 106.86
N ASP Q 75 -17.84 55.41 106.18
CA ASP Q 75 -16.88 54.74 105.31
C ASP Q 75 -17.47 54.60 103.91
N LEU Q 76 -16.58 54.54 102.93
CA LEU Q 76 -16.98 54.41 101.53
C LEU Q 76 -16.80 52.97 101.08
N ARG Q 77 -17.82 52.44 100.41
CA ARG Q 77 -17.87 51.03 100.03
C ARG Q 77 -17.56 50.88 98.55
N GLN Q 78 -17.67 49.65 98.07
CA GLN Q 78 -17.33 49.30 96.69
C GLN Q 78 -18.29 48.22 96.21
N LEU Q 79 -19.34 48.62 95.53
CA LEU Q 79 -20.27 47.64 94.97
C LEU Q 79 -19.62 46.91 93.79
N VAL Q 80 -20.12 45.71 93.54
CA VAL Q 80 -19.56 44.83 92.52
C VAL Q 80 -20.68 44.40 91.58
N ASP Q 81 -20.49 44.63 90.28
CA ASP Q 81 -21.44 44.18 89.27
C ASP Q 81 -21.15 42.72 88.92
N ASN Q 82 -21.78 42.23 87.86
CA ASN Q 82 -21.61 40.84 87.47
C ASN Q 82 -21.94 40.69 86.00
N THR Q 83 -21.42 39.62 85.40
CA THR Q 83 -21.69 39.30 84.00
C THR Q 83 -21.59 37.78 83.88
N ILE Q 84 -22.73 37.09 83.92
CA ILE Q 84 -22.72 35.64 83.89
C ILE Q 84 -22.43 35.14 82.48
N LYS Q 85 -21.73 34.02 82.39
CA LYS Q 85 -21.43 33.38 81.12
C LYS Q 85 -22.43 32.26 80.89
N VAL Q 86 -23.12 32.30 79.75
CA VAL Q 86 -24.17 31.35 79.42
C VAL Q 86 -23.65 30.44 78.31
N ALA Q 87 -23.89 29.15 78.47
CA ALA Q 87 -23.44 28.14 77.53
C ALA Q 87 -24.61 27.67 76.66
N SER Q 88 -24.33 27.44 75.38
CA SER Q 88 -25.33 26.96 74.44
C SER Q 88 -24.72 25.87 73.57
N GLY Q 89 -25.58 25.13 72.89
CA GLY Q 89 -25.13 24.04 72.06
C GLY Q 89 -26.21 23.57 71.12
N THR Q 90 -25.82 22.65 70.24
CA THR Q 90 -26.71 22.12 69.23
C THR Q 90 -26.81 20.60 69.38
N PRO Q 91 -28.02 20.04 69.40
CA PRO Q 91 -28.14 18.59 69.51
C PRO Q 91 -27.58 17.91 68.27
N PRO Q 92 -27.11 16.67 68.39
CA PRO Q 92 -26.57 15.97 67.23
C PRO Q 92 -27.59 15.87 66.12
N ILE Q 93 -27.14 16.12 64.89
CA ILE Q 93 -28.00 16.15 63.71
C ILE Q 93 -27.55 15.06 62.75
N ASN Q 94 -28.46 14.14 62.44
CA ASN Q 94 -28.15 13.03 61.54
C ASN Q 94 -28.10 13.55 60.11
N ILE Q 95 -26.89 13.71 59.59
CA ILE Q 95 -26.68 14.22 58.24
C ILE Q 95 -27.14 13.17 57.24
N PRO Q 96 -28.02 13.52 56.29
CA PRO Q 96 -28.51 12.51 55.35
C PRO Q 96 -27.40 12.02 54.45
N PRO Q 97 -27.49 10.79 53.97
CA PRO Q 97 -26.43 10.24 53.09
C PRO Q 97 -26.31 10.93 51.75
N SER Q 98 -27.32 11.72 51.37
CA SER Q 98 -27.29 12.45 50.08
C SER Q 98 -26.40 13.69 50.17
N MET Q 99 -26.04 14.08 51.40
CA MET Q 99 -25.22 15.32 51.60
C MET Q 99 -23.82 15.12 51.02
N LEU Q 100 -23.30 16.11 50.31
CA LEU Q 100 -21.95 16.03 49.71
C LEU Q 100 -20.94 16.65 50.67
N ARG Q 101 -20.80 16.08 51.87
CA ARG Q 101 -19.88 16.66 52.89
C ARG Q 101 -18.44 16.61 52.39
N TRP Q 102 -18.03 15.50 51.75
CA TRP Q 102 -16.62 15.35 51.31
C TRP Q 102 -16.24 16.49 50.36
N ILE Q 103 -17.14 16.86 49.44
CA ILE Q 103 -16.86 17.95 48.46
C ILE Q 103 -16.67 19.25 49.24
N GLN Q 104 -15.76 20.12 48.77
CA GLN Q 104 -15.49 21.40 49.48
C GLN Q 104 -15.84 22.58 48.58
N LYS Q 105 -16.44 22.31 47.41
CA LYS Q 105 -16.84 23.40 46.48
C LYS Q 105 -18.21 23.94 46.92
N ASN Q 106 -18.28 24.55 48.10
CA ASN Q 106 -19.57 25.07 48.64
C ASN Q 106 -20.73 24.15 48.19
N PRO Q 107 -20.71 22.84 48.48
CA PRO Q 107 -21.75 21.91 48.04
C PRO Q 107 -22.73 21.58 49.16
N GLN Q 108 -23.17 20.32 49.23
CA GLN Q 108 -24.10 19.89 50.30
C GLN Q 108 -23.30 19.36 51.50
N GLU Q 109 -22.45 20.20 52.10
CA GLU Q 109 -21.66 19.78 53.28
C GLU Q 109 -22.58 19.72 54.51
N ALA Q 110 -22.15 18.99 55.55
CA ALA Q 110 -22.98 18.84 56.76
C ALA Q 110 -23.27 20.21 57.37
N GLY Q 111 -22.24 21.05 57.53
CA GLY Q 111 -22.44 22.37 58.17
C GLY Q 111 -22.92 23.42 57.18
N ALA Q 112 -22.91 23.10 55.88
CA ALA Q 112 -23.31 24.08 54.84
C ALA Q 112 -24.76 24.52 55.09
N VAL Q 113 -25.64 23.59 55.44
CA VAL Q 113 -27.08 23.92 55.66
C VAL Q 113 -27.29 24.25 57.14
N ILE Q 114 -26.62 23.55 58.04
CA ILE Q 114 -26.83 23.78 59.45
C ILE Q 114 -26.22 25.11 59.86
N GLY Q 115 -25.18 25.55 59.16
CA GLY Q 115 -24.61 26.86 59.46
C GLY Q 115 -25.54 28.00 59.14
N GLN Q 116 -26.20 27.96 57.97
CA GLN Q 116 -27.08 29.06 57.61
C GLN Q 116 -28.36 29.03 58.44
N GLN Q 117 -28.74 27.86 58.96
CA GLN Q 117 -29.83 27.84 59.94
C GLN Q 117 -29.34 28.32 61.31
N LEU Q 118 -28.11 27.95 61.67
CA LEU Q 118 -27.59 28.15 63.01
C LEU Q 118 -27.21 29.60 63.27
N ALA Q 119 -26.85 30.36 62.23
CA ALA Q 119 -26.64 31.79 62.44
C ALA Q 119 -27.91 32.45 62.97
N GLY Q 120 -29.04 32.22 62.28
CA GLY Q 120 -30.29 32.79 62.74
C GLY Q 120 -30.72 32.22 64.09
N ASP Q 121 -30.52 30.92 64.31
CA ASP Q 121 -30.90 30.35 65.58
C ASP Q 121 -30.05 30.87 66.74
N THR Q 122 -28.76 31.11 66.52
CA THR Q 122 -27.92 31.70 67.55
C THR Q 122 -28.36 33.13 67.85
N MET Q 123 -28.69 33.89 66.81
CA MET Q 123 -29.25 35.22 67.04
C MET Q 123 -30.52 35.14 67.88
N GLN Q 124 -31.39 34.18 67.57
CA GLN Q 124 -32.64 34.02 68.30
C GLN Q 124 -32.38 33.65 69.75
N ASP Q 125 -31.42 32.75 70.00
CA ASP Q 125 -31.08 32.40 71.38
C ASP Q 125 -30.59 33.61 72.15
N MET Q 126 -29.64 34.36 71.59
CA MET Q 126 -29.12 35.51 72.30
C MET Q 126 -30.22 36.52 72.59
N LEU Q 127 -31.07 36.79 71.60
CA LEU Q 127 -32.14 37.77 71.79
C LEU Q 127 -33.13 37.30 72.85
N ASN Q 128 -33.54 36.03 72.81
CA ASN Q 128 -34.53 35.53 73.75
C ASN Q 128 -33.97 35.47 75.17
N ASN Q 129 -32.73 34.99 75.32
CA ASN Q 129 -32.13 34.95 76.64
C ASN Q 129 -31.95 36.35 77.20
N GLY Q 130 -31.51 37.30 76.36
CA GLY Q 130 -31.39 38.67 76.81
C GLY Q 130 -32.72 39.25 77.27
N LEU Q 131 -33.77 39.03 76.48
CA LEU Q 131 -35.07 39.57 76.85
C LEU Q 131 -35.60 38.96 78.14
N ALA Q 132 -35.48 37.63 78.28
CA ALA Q 132 -35.96 36.98 79.49
C ALA Q 132 -35.17 37.44 80.72
N ALA Q 133 -33.84 37.53 80.59
CA ALA Q 133 -33.03 37.99 81.70
C ALA Q 133 -33.36 39.43 82.06
N GLY Q 134 -33.58 40.28 81.05
CA GLY Q 134 -33.96 41.65 81.34
C GLY Q 134 -35.29 41.74 82.06
N LYS Q 135 -36.28 40.96 81.63
CA LYS Q 135 -37.57 40.95 82.32
C LYS Q 135 -37.40 40.49 83.76
N ALA Q 136 -36.66 39.41 83.97
CA ALA Q 136 -36.47 38.89 85.32
C ALA Q 136 -35.77 39.91 86.20
N ALA Q 137 -34.71 40.54 85.69
CA ALA Q 137 -33.95 41.50 86.47
C ALA Q 137 -34.80 42.71 86.82
N PHE Q 138 -35.57 43.22 85.85
CA PHE Q 138 -36.38 44.40 86.11
C PHE Q 138 -37.50 44.09 87.10
N THR Q 139 -38.08 42.90 87.01
CA THR Q 139 -39.07 42.49 87.99
C THR Q 139 -38.45 42.38 89.39
N ALA Q 140 -37.26 41.79 89.48
CA ALA Q 140 -36.60 41.63 90.77
C ALA Q 140 -36.22 42.98 91.36
N GLY Q 141 -35.90 43.96 90.51
CA GLY Q 141 -35.55 45.28 90.98
C GLY Q 141 -36.73 46.17 91.32
N GLY Q 142 -37.95 45.69 91.12
CA GLY Q 142 -39.13 46.48 91.42
C GLY Q 142 -39.52 47.48 90.37
N ALA Q 143 -39.00 47.35 89.14
CA ALA Q 143 -39.30 48.27 88.06
C ALA Q 143 -40.35 47.72 87.10
N VAL Q 144 -41.31 46.96 87.62
CA VAL Q 144 -42.36 46.35 86.82
C VAL Q 144 -43.68 47.05 87.11
N HIS Q 145 -44.44 47.33 86.05
CA HIS Q 145 -45.78 47.87 86.18
C HIS Q 145 -46.73 46.97 85.37
N ASP Q 146 -47.76 46.47 86.04
CA ASP Q 146 -48.71 45.55 85.42
C ASP Q 146 -50.02 46.29 85.16
N ILE Q 147 -50.40 46.36 83.90
CA ILE Q 147 -51.66 46.99 83.48
C ILE Q 147 -52.52 45.88 82.91
N SER Q 148 -53.35 45.28 83.77
CA SER Q 148 -54.27 44.23 83.35
C SER Q 148 -55.68 44.38 83.90
N ALA Q 149 -55.88 45.10 85.00
CA ALA Q 149 -57.20 45.29 85.56
C ALA Q 149 -57.89 46.54 85.02
N ALA Q 150 -57.25 47.28 84.12
CA ALA Q 150 -57.83 48.49 83.54
C ALA Q 150 -58.41 48.19 82.16
N GLY Q 151 -59.59 47.57 82.17
CA GLY Q 151 -60.28 47.23 80.94
C GLY Q 151 -59.58 46.17 80.10
N THR Q 152 -59.30 46.50 78.84
CA THR Q 152 -58.71 45.51 77.93
C THR Q 152 -57.32 45.09 78.39
N GLY Q 153 -56.54 46.04 78.90
CA GLY Q 153 -55.20 45.78 79.38
C GLY Q 153 -54.14 46.66 78.76
N LEU Q 154 -54.25 46.96 77.47
CA LEU Q 154 -53.32 47.84 76.78
C LEU Q 154 -54.04 49.09 76.30
N MET Q 155 -53.46 50.24 76.59
CA MET Q 155 -53.99 51.53 76.16
C MET Q 155 -53.21 52.02 74.96
N THR Q 156 -53.65 53.16 74.41
CA THR Q 156 -53.00 53.71 73.23
C THR Q 156 -51.55 54.02 73.53
N GLN Q 157 -51.31 54.99 74.42
CA GLN Q 157 -49.99 55.19 75.00
C GLN Q 157 -50.03 55.53 76.48
N ARG Q 158 -51.20 55.49 77.12
CA ARG Q 158 -51.25 55.76 78.55
C ARG Q 158 -50.49 54.70 79.34
N ALA Q 159 -50.40 53.48 78.80
CA ALA Q 159 -49.59 52.44 79.44
C ALA Q 159 -48.12 52.84 79.49
N PHE Q 160 -47.61 53.43 78.40
CA PHE Q 160 -46.23 53.87 78.38
C PHE Q 160 -45.99 55.00 79.37
N ASN Q 161 -46.98 55.89 79.51
CA ASN Q 161 -46.87 56.96 80.49
C ASN Q 161 -46.72 56.41 81.91
N ALA Q 162 -47.33 55.25 82.17
CA ALA Q 162 -47.15 54.62 83.48
C ALA Q 162 -45.70 54.23 83.71
N ALA Q 163 -45.04 53.67 82.69
CA ALA Q 163 -43.62 53.34 82.82
C ALA Q 163 -42.77 54.60 82.95
N GLN Q 164 -43.15 55.68 82.27
CA GLN Q 164 -42.47 56.94 82.49
C GLN Q 164 -42.58 57.37 83.95
N ARG Q 165 -43.78 57.21 84.53
CA ARG Q 165 -43.98 57.52 85.95
C ARG Q 165 -43.07 56.65 86.82
N ILE Q 166 -42.96 55.37 86.48
CA ILE Q 166 -42.10 54.46 87.25
C ILE Q 166 -40.65 54.93 87.20
N PHE Q 167 -40.16 55.30 86.01
CA PHE Q 167 -38.75 55.64 85.88
C PHE Q 167 -38.43 57.06 86.36
N GLY Q 168 -39.43 57.91 86.52
CA GLY Q 168 -39.20 59.21 87.12
C GLY Q 168 -38.66 60.26 86.16
N ASP Q 169 -37.97 61.23 86.74
CA ASP Q 169 -37.53 62.40 85.99
C ASP Q 169 -36.46 62.09 84.94
N ARG Q 170 -35.70 61.02 85.13
CA ARG Q 170 -34.65 60.65 84.18
C ARG Q 170 -35.21 59.81 83.01
N SER Q 171 -36.54 59.67 82.95
CA SER Q 171 -37.18 58.84 81.94
C SER Q 171 -36.85 59.25 80.51
N THR Q 172 -36.21 60.40 80.32
CA THR Q 172 -35.80 60.82 78.99
C THR Q 172 -34.85 59.79 78.36
N ASP Q 173 -34.10 59.07 79.19
CA ASP Q 173 -33.11 58.13 78.67
C ASP Q 173 -33.73 56.84 78.13
N ILE Q 174 -35.02 56.62 78.32
CA ILE Q 174 -35.70 55.47 77.73
C ILE Q 174 -36.11 55.83 76.31
N GLN Q 175 -35.62 55.08 75.32
CA GLN Q 175 -35.93 55.41 73.94
C GLN Q 175 -36.25 54.19 73.09
N VAL Q 176 -36.41 53.00 73.67
CA VAL Q 176 -36.74 51.81 72.91
C VAL Q 176 -37.82 51.05 73.65
N TRP Q 177 -38.82 50.59 72.92
CA TRP Q 177 -39.92 49.79 73.46
C TRP Q 177 -39.97 48.47 72.70
N VAL Q 178 -39.34 47.43 73.25
CA VAL Q 178 -39.37 46.10 72.65
C VAL Q 178 -40.65 45.42 73.09
N SER Q 179 -41.46 44.98 72.14
CA SER Q 179 -42.79 44.48 72.43
C SER Q 179 -43.17 43.38 71.46
N HIS Q 180 -44.19 42.62 71.84
CA HIS Q 180 -44.73 41.56 71.01
C HIS Q 180 -45.64 42.14 69.94
N SER Q 181 -46.00 41.28 68.98
CA SER Q 181 -46.82 41.75 67.85
C SER Q 181 -48.25 42.04 68.27
N SER Q 182 -48.79 41.23 69.18
CA SER Q 182 -50.18 41.44 69.63
C SER Q 182 -50.39 42.79 70.29
N PRO Q 183 -49.53 43.26 71.21
CA PRO Q 183 -49.70 44.63 71.70
C PRO Q 183 -49.61 45.67 70.60
N LEU Q 184 -48.72 45.47 69.62
CA LEU Q 184 -48.64 46.42 68.51
C LEU Q 184 -49.95 46.49 67.74
N PHE Q 185 -50.56 45.34 67.48
CA PHE Q 185 -51.80 45.34 66.70
C PHE Q 185 -52.96 45.86 67.52
N ASP Q 186 -52.97 45.63 68.83
CA ASP Q 186 -53.97 46.27 69.68
C ASP Q 186 -53.80 47.78 69.68
N LEU Q 187 -52.56 48.25 69.67
CA LEU Q 187 -52.31 49.69 69.57
C LEU Q 187 -52.81 50.24 68.25
N TYR Q 188 -52.56 49.53 67.16
CA TYR Q 188 -53.11 49.94 65.85
C TYR Q 188 -54.63 50.00 65.90
N ASP Q 189 -55.28 48.98 66.47
CA ASP Q 189 -56.73 48.96 66.51
C ASP Q 189 -57.26 50.13 67.34
N ASN Q 190 -56.61 50.43 68.46
CA ASN Q 190 -57.01 51.59 69.24
C ASN Q 190 -56.81 52.89 68.48
N ALA Q 191 -55.71 52.99 67.73
CA ALA Q 191 -55.51 54.15 66.87
C ALA Q 191 -56.56 54.21 65.77
N LEU Q 192 -56.89 53.06 65.18
CA LEU Q 192 -57.86 53.02 64.08
C LEU Q 192 -59.28 53.28 64.54
N ALA Q 193 -59.52 53.34 65.85
CA ALA Q 193 -60.80 53.81 66.40
C ALA Q 193 -60.46 54.63 67.64
N ASN Q 194 -60.24 55.92 67.44
CA ASN Q 194 -59.74 56.78 68.50
C ASN Q 194 -60.90 57.40 69.29
N ALA Q 195 -60.93 57.14 70.59
CA ALA Q 195 -61.93 57.76 71.45
C ALA Q 195 -61.71 59.27 71.54
N GLU Q 196 -60.48 59.69 71.83
CA GLU Q 196 -60.08 61.09 71.72
C GLU Q 196 -59.48 61.30 70.34
N GLN Q 197 -60.01 62.26 69.60
CA GLN Q 197 -59.62 62.48 68.22
C GLN Q 197 -58.27 63.18 68.19
N LEU Q 198 -57.20 62.39 68.14
CA LEU Q 198 -55.86 62.94 67.98
C LEU Q 198 -55.14 62.32 66.79
N TYR Q 199 -55.81 61.48 66.00
CA TYR Q 199 -55.23 60.86 64.82
C TYR Q 199 -55.97 61.31 63.57
N VAL Q 200 -55.31 61.11 62.44
CA VAL Q 200 -55.91 61.18 61.12
C VAL Q 200 -55.55 59.90 60.38
N PHE Q 201 -56.08 59.75 59.16
CA PHE Q 201 -55.82 58.53 58.41
C PHE Q 201 -54.34 58.36 58.11
N GLY Q 202 -53.64 59.46 57.81
CA GLY Q 202 -52.24 59.37 57.45
C GLY Q 202 -51.32 59.02 58.61
N THR Q 203 -51.76 59.22 59.85
CA THR Q 203 -50.90 59.04 61.01
C THR Q 203 -51.41 57.96 61.96
N VAL Q 204 -52.18 56.99 61.46
CA VAL Q 204 -52.59 55.88 62.30
C VAL Q 204 -51.52 54.80 62.39
N ASN Q 205 -50.48 54.87 61.55
CA ASN Q 205 -49.46 53.84 61.48
C ASN Q 205 -48.10 54.32 61.99
N VAL Q 206 -48.09 55.18 63.00
CA VAL Q 206 -46.83 55.67 63.55
C VAL Q 206 -46.30 54.65 64.56
N ARG Q 207 -45.01 54.36 64.46
CA ARG Q 207 -44.39 53.33 65.29
C ARG Q 207 -43.94 53.85 66.65
N ALA Q 208 -43.94 55.16 66.85
CA ALA Q 208 -43.43 55.75 68.09
C ALA Q 208 -44.49 55.65 69.18
N ASP Q 209 -44.25 56.32 70.29
CA ASP Q 209 -45.15 56.30 71.45
C ASP Q 209 -45.45 57.71 71.93
N ALA Q 210 -45.61 58.63 70.98
CA ALA Q 210 -45.90 60.04 71.26
C ALA Q 210 -44.80 60.72 72.07
N PHE Q 211 -43.61 60.12 72.11
CA PHE Q 211 -42.46 60.73 72.76
C PHE Q 211 -41.18 60.56 71.96
N GLY Q 212 -41.26 60.09 70.72
CA GLY Q 212 -40.08 59.87 69.92
C GLY Q 212 -39.36 58.56 70.19
N ARG Q 213 -39.98 57.64 70.92
CA ARG Q 213 -39.36 56.37 71.22
C ARG Q 213 -39.92 55.31 70.28
N PRO Q 214 -39.14 54.78 69.34
CA PRO Q 214 -39.66 53.74 68.46
C PRO Q 214 -39.97 52.46 69.22
N ILE Q 215 -40.97 51.74 68.72
CA ILE Q 215 -41.40 50.48 69.32
C ILE Q 215 -40.90 49.36 68.42
N ILE Q 216 -39.98 48.56 68.93
CA ILE Q 216 -39.37 47.48 68.17
C ILE Q 216 -40.17 46.20 68.42
N ILE Q 217 -40.53 45.50 67.36
CA ILE Q 217 -41.46 44.38 67.43
C ILE Q 217 -40.69 43.08 67.23
N THR Q 218 -40.84 42.17 68.19
CA THR Q 218 -40.33 40.82 68.06
C THR Q 218 -41.35 39.86 68.68
N ASP Q 219 -41.36 38.62 68.19
CA ASP Q 219 -42.27 37.59 68.67
C ASP Q 219 -41.58 36.66 69.64
N SER Q 220 -40.70 37.19 70.47
CA SER Q 220 -39.93 36.37 71.40
C SER Q 220 -40.86 35.64 72.37
N PRO Q 221 -40.69 34.34 72.59
CA PRO Q 221 -41.51 33.65 73.60
C PRO Q 221 -41.23 34.10 75.01
N ALA Q 222 -40.13 34.83 75.24
CA ALA Q 222 -39.87 35.36 76.57
C ALA Q 222 -40.90 36.40 76.98
N LEU Q 223 -41.44 37.14 76.02
CA LEU Q 223 -42.38 38.22 76.30
C LEU Q 223 -43.82 37.75 76.32
N VAL Q 224 -44.08 36.45 76.16
CA VAL Q 224 -45.43 35.90 76.18
C VAL Q 224 -45.55 35.00 77.40
N SER Q 225 -46.57 35.26 78.21
CA SER Q 225 -46.82 34.48 79.42
C SER Q 225 -48.27 34.02 79.44
N GLY Q 226 -48.49 32.77 79.83
CA GLY Q 226 -49.82 32.23 79.94
C GLY Q 226 -50.42 31.88 78.59
N ALA Q 227 -51.70 31.50 78.63
CA ALA Q 227 -52.43 31.14 77.43
C ALA Q 227 -53.92 31.39 77.67
N ALA Q 228 -54.66 31.50 76.57
CA ALA Q 228 -56.11 31.65 76.57
C ALA Q 228 -56.45 32.94 77.31
N GLU Q 229 -57.21 32.90 78.40
CA GLU Q 229 -57.55 34.12 79.12
C GLU Q 229 -56.36 34.65 79.91
N THR Q 230 -55.50 33.77 80.40
CA THR Q 230 -54.33 34.17 81.17
C THR Q 230 -53.19 34.66 80.29
N LEU Q 231 -53.46 34.96 79.02
CA LEU Q 231 -52.43 35.49 78.14
C LEU Q 231 -51.90 36.81 78.66
N ARG Q 232 -50.58 36.93 78.71
CA ARG Q 232 -49.91 38.14 79.17
C ARG Q 232 -48.76 38.46 78.23
N HIS Q 233 -48.63 39.74 77.90
CA HIS Q 233 -47.55 40.22 77.03
C HIS Q 233 -46.68 41.18 77.81
N SER Q 234 -45.38 40.95 77.80
CA SER Q 234 -44.42 41.78 78.52
C SER Q 234 -43.67 42.66 77.54
N THR Q 235 -43.99 43.95 77.55
CA THR Q 235 -43.23 44.95 76.80
C THR Q 235 -42.33 45.68 77.78
N LEU Q 236 -41.06 45.86 77.40
CA LEU Q 236 -40.06 46.44 78.28
C LEU Q 236 -39.34 47.57 77.57
N GLY Q 237 -39.20 48.70 78.28
CA GLY Q 237 -38.50 49.85 77.76
C GLY Q 237 -37.06 49.86 78.26
N LEU Q 238 -36.12 49.97 77.33
CA LEU Q 238 -34.70 49.85 77.63
C LEU Q 238 -33.99 51.17 77.42
N THR Q 239 -33.00 51.43 78.26
CA THR Q 239 -32.16 52.62 78.11
C THR Q 239 -30.95 52.26 77.26
N THR Q 240 -29.97 53.16 77.20
CA THR Q 240 -28.77 52.91 76.41
C THR Q 240 -27.94 51.81 77.06
N GLY Q 241 -27.60 50.79 76.29
CA GLY Q 241 -26.80 49.69 76.82
C GLY Q 241 -27.45 48.97 77.98
N ALA Q 242 -28.77 48.81 77.93
CA ALA Q 242 -29.48 48.19 79.05
C ALA Q 242 -29.12 46.71 79.17
N ILE Q 243 -29.08 45.99 78.06
CA ILE Q 243 -28.79 44.56 78.04
C ILE Q 243 -27.51 44.36 77.24
N LEU Q 244 -26.53 43.71 77.86
CA LEU Q 244 -25.25 43.45 77.23
C LEU Q 244 -25.10 41.97 76.96
N ILE Q 245 -24.63 41.64 75.75
CA ILE Q 245 -24.39 40.25 75.36
C ILE Q 245 -23.04 40.22 74.65
N GLU Q 246 -22.00 39.78 75.37
CA GLU Q 246 -20.65 39.69 74.82
C GLU Q 246 -20.40 38.25 74.40
N GLN Q 247 -20.10 38.04 73.12
CA GLN Q 247 -19.69 36.73 72.64
C GLN Q 247 -18.30 36.40 73.19
N ASN Q 248 -18.06 35.11 73.39
CA ASN Q 248 -16.76 34.64 73.86
C ASN Q 248 -15.89 34.13 72.72
N GLN Q 249 -16.30 34.35 71.47
CA GLN Q 249 -15.61 33.88 70.27
C GLN Q 249 -15.02 32.48 70.48
N ASP Q 250 -15.88 31.57 70.89
CA ASP Q 250 -15.50 30.19 71.21
C ASP Q 250 -16.41 29.20 70.50
N PHE Q 251 -16.67 29.45 69.22
CA PHE Q 251 -17.48 28.54 68.44
C PHE Q 251 -16.76 27.22 68.24
N ASP Q 252 -17.52 26.16 68.00
CA ASP Q 252 -16.95 24.83 67.87
C ASP Q 252 -17.89 23.95 67.06
N SER Q 253 -17.32 22.95 66.39
CA SER Q 253 -18.10 22.05 65.56
C SER Q 253 -17.33 20.75 65.36
N THR Q 254 -18.07 19.72 64.92
CA THR Q 254 -17.44 18.39 64.68
C THR Q 254 -18.38 17.54 63.82
N VAL Q 255 -17.84 16.70 62.94
CA VAL Q 255 -18.69 15.87 62.04
C VAL Q 255 -18.24 14.41 62.12
N VAL Q 256 -19.15 13.51 62.48
CA VAL Q 256 -18.82 12.05 62.53
C VAL Q 256 -19.61 11.32 61.45
N ASP Q 257 -19.48 10.00 61.37
CA ASP Q 257 -20.21 9.21 60.34
C ASP Q 257 -20.86 7.99 61.03
N GLY Q 258 -21.66 7.22 60.28
CA GLY Q 258 -22.28 6.01 60.85
C GLY Q 258 -21.32 4.84 60.84
N THR Q 259 -20.31 4.88 61.71
CA THR Q 259 -19.30 3.79 61.78
C THR Q 259 -19.95 2.52 62.32
N GLY Q 260 -19.80 1.40 61.61
CA GLY Q 260 -20.40 0.12 62.06
C GLY Q 260 -21.92 0.22 62.18
N LYS Q 261 -22.54 0.98 61.28
CA LYS Q 261 -24.03 1.13 61.30
C LYS Q 261 -24.59 0.66 59.96
N GLN Q 262 -25.85 0.22 59.94
CA GLN Q 262 -26.51 -0.21 58.67
C GLN Q 262 -26.48 0.95 57.68
N ASN Q 263 -26.75 2.17 58.16
CA ASN Q 263 -26.70 3.37 57.29
C ASN Q 263 -25.68 4.36 57.87
N ILE Q 264 -25.09 5.21 57.02
CA ILE Q 264 -24.04 6.15 57.51
C ILE Q 264 -24.74 7.29 58.26
N THR Q 265 -24.92 7.15 59.57
CA THR Q 265 -25.59 8.19 60.39
C THR Q 265 -24.60 9.30 60.71
N ARG Q 266 -24.21 10.09 59.71
CA ARG Q 266 -23.28 11.22 59.94
C ARG Q 266 -23.93 12.20 60.92
N GLN Q 267 -23.17 12.78 61.85
CA GLN Q 267 -23.79 13.66 62.88
C GLN Q 267 -23.04 14.99 62.97
N TYR Q 268 -23.69 16.01 63.56
CA TYR Q 268 -23.07 17.31 63.71
C TYR Q 268 -23.50 17.92 65.04
N GLN Q 269 -22.50 18.37 65.81
CA GLN Q 269 -22.74 19.12 67.04
C GLN Q 269 -21.99 20.44 66.97
N ALA Q 270 -22.54 21.45 67.63
CA ALA Q 270 -21.90 22.74 67.76
C ALA Q 270 -22.14 23.25 69.17
N GLU Q 271 -21.14 23.94 69.71
CA GLU Q 271 -21.21 24.49 71.06
C GLU Q 271 -20.54 25.86 71.07
N TRP Q 272 -21.15 26.81 71.77
CA TRP Q 272 -20.64 28.15 71.86
C TRP Q 272 -21.09 28.74 73.19
N SER Q 273 -20.66 29.98 73.44
CA SER Q 273 -20.98 30.63 74.70
C SER Q 273 -20.98 32.14 74.51
N TYR Q 274 -21.60 32.83 75.46
CA TYR Q 274 -21.62 34.28 75.46
C TYR Q 274 -21.79 34.76 76.89
N ASN Q 275 -21.38 35.99 77.14
CA ASN Q 275 -21.56 36.64 78.44
C ASN Q 275 -22.81 37.49 78.40
N LEU Q 276 -23.61 37.40 79.46
CA LEU Q 276 -24.88 38.11 79.54
C LEU Q 276 -24.94 38.89 80.83
N GLY Q 277 -25.04 40.21 80.72
CA GLY Q 277 -25.17 41.05 81.88
C GLY Q 277 -26.09 42.23 81.64
N VAL Q 278 -27.10 42.37 82.47
CA VAL Q 278 -28.02 43.50 82.37
C VAL Q 278 -27.46 44.64 83.20
N ASN Q 279 -27.86 45.87 82.86
CA ASN Q 279 -27.26 47.04 83.45
C ASN Q 279 -27.79 47.26 84.87
N GLY Q 280 -26.87 47.40 85.81
CA GLY Q 280 -27.24 47.69 87.19
C GLY Q 280 -27.72 46.52 88.00
N TYR Q 281 -27.57 45.29 87.50
CA TYR Q 281 -27.98 44.10 88.23
C TYR Q 281 -26.86 43.07 88.19
N ALA Q 282 -26.87 42.19 89.19
CA ALA Q 282 -25.86 41.14 89.31
C ALA Q 282 -26.54 39.79 89.43
N TYR Q 283 -26.07 38.82 88.66
CA TYR Q 283 -26.60 37.47 88.75
C TYR Q 283 -26.19 36.84 90.08
N ASP Q 284 -27.16 36.25 90.77
CA ASP Q 284 -26.91 35.60 92.06
C ASP Q 284 -26.39 34.19 91.79
N ILE Q 285 -25.09 34.08 91.52
CA ILE Q 285 -24.52 32.80 91.15
C ILE Q 285 -24.60 31.81 92.31
N ALA Q 286 -24.46 32.30 93.55
CA ALA Q 286 -24.62 31.43 94.70
C ALA Q 286 -26.04 30.88 94.78
N THR Q 287 -27.04 31.73 94.54
CA THR Q 287 -28.42 31.27 94.54
C THR Q 287 -28.73 30.47 93.29
N GLY Q 288 -28.23 30.91 92.14
CA GLY Q 288 -28.44 30.19 90.90
C GLY Q 288 -27.35 29.15 90.66
N GLY Q 289 -27.06 28.87 89.39
CA GLY Q 289 -26.06 27.88 89.04
C GLY Q 289 -24.85 28.54 88.38
N LYS Q 290 -23.87 27.70 88.05
CA LYS Q 290 -22.67 28.19 87.38
C LYS Q 290 -22.95 28.53 85.93
N ALA Q 291 -23.68 27.66 85.23
CA ALA Q 291 -24.08 27.87 83.84
C ALA Q 291 -25.61 27.88 83.79
N PRO Q 292 -26.23 29.06 83.88
CA PRO Q 292 -27.68 29.11 84.06
C PRO Q 292 -28.44 28.54 82.87
N ASN Q 293 -29.57 27.92 83.18
CA ASN Q 293 -30.55 27.51 82.20
C ASN Q 293 -31.43 28.71 81.82
N PRO Q 294 -32.08 28.66 80.66
CA PRO Q 294 -33.03 29.74 80.33
C PRO Q 294 -34.07 29.97 81.40
N THR Q 295 -34.57 28.90 82.03
CA THR Q 295 -35.48 29.07 83.16
C THR Q 295 -34.77 29.72 84.34
N ALA Q 296 -33.52 29.33 84.59
CA ALA Q 296 -32.77 29.91 85.70
C ALA Q 296 -32.56 31.41 85.51
N LEU Q 297 -32.25 31.82 84.27
CA LEU Q 297 -32.13 33.24 83.99
C LEU Q 297 -33.45 33.97 84.20
N ALA Q 298 -34.55 33.36 83.74
CA ALA Q 298 -35.86 34.00 83.84
C ALA Q 298 -36.37 34.07 85.27
N THR Q 299 -35.80 33.27 86.18
CA THR Q 299 -36.28 33.24 87.55
C THR Q 299 -35.79 34.45 88.33
N ALA Q 300 -36.73 35.15 88.97
CA ALA Q 300 -36.37 36.25 89.85
C ALA Q 300 -35.65 35.72 91.09
N ALA Q 301 -35.16 36.64 91.91
CA ALA Q 301 -34.31 36.38 93.07
C ALA Q 301 -32.94 35.84 92.67
N ASN Q 302 -32.71 35.62 91.38
CA ASN Q 302 -31.37 35.36 90.85
C ASN Q 302 -30.73 36.64 90.34
N TRP Q 303 -31.39 37.79 90.51
CA TRP Q 303 -30.95 39.06 89.96
C TRP Q 303 -31.01 40.09 91.09
N ASP Q 304 -29.84 40.37 91.69
CA ASP Q 304 -29.77 41.35 92.76
C ASP Q 304 -29.52 42.74 92.18
N LYS Q 305 -30.26 43.72 92.67
CA LYS Q 305 -30.09 45.10 92.23
C LYS Q 305 -28.87 45.70 92.92
N ILE Q 306 -27.92 46.17 92.13
CA ILE Q 306 -26.68 46.71 92.66
C ILE Q 306 -26.77 48.22 92.89
N SER Q 307 -27.26 48.96 91.91
CA SER Q 307 -27.33 50.41 92.03
C SER Q 307 -28.28 50.82 93.15
N THR Q 308 -27.98 51.96 93.77
CA THR Q 308 -28.82 52.47 94.85
C THR Q 308 -30.04 53.22 94.34
N SER Q 309 -30.12 53.50 93.04
CA SER Q 309 -31.23 54.23 92.46
C SER Q 309 -31.75 53.45 91.25
N ILE Q 310 -33.08 53.46 91.08
CA ILE Q 310 -33.68 52.80 89.92
C ILE Q 310 -33.27 53.51 88.65
N LYS Q 311 -33.14 54.84 88.71
CA LYS Q 311 -32.80 55.61 87.51
C LYS Q 311 -31.46 55.20 86.92
N ASP Q 312 -30.51 54.77 87.75
CA ASP Q 312 -29.23 54.31 87.22
C ASP Q 312 -29.36 52.94 86.56
N THR Q 313 -30.25 52.09 87.07
CA THR Q 313 -30.53 50.82 86.41
C THR Q 313 -31.28 51.06 85.11
N GLY Q 314 -30.93 50.31 84.08
CA GLY Q 314 -31.50 50.54 82.78
C GLY Q 314 -32.58 49.57 82.36
N GLY Q 315 -33.84 49.99 82.43
CA GLY Q 315 -34.95 49.20 81.93
C GLY Q 315 -36.18 49.23 82.81
N VAL Q 316 -37.34 49.09 82.18
CA VAL Q 316 -38.63 49.03 82.87
C VAL Q 316 -39.50 48.02 82.13
N VAL Q 317 -40.15 47.12 82.88
CA VAL Q 317 -41.01 46.09 82.32
C VAL Q 317 -42.46 46.51 82.48
N LEU Q 318 -43.21 46.47 81.38
CA LEU Q 318 -44.64 46.74 81.39
C LEU Q 318 -45.38 45.47 80.96
N VAL Q 319 -46.40 45.10 81.73
CA VAL Q 319 -47.14 43.86 81.51
C VAL Q 319 -48.58 44.22 81.15
N THR Q 320 -49.04 43.75 80.00
CA THR Q 320 -50.39 44.00 79.52
C THR Q 320 -51.02 42.70 79.06
N LYS Q 321 -52.33 42.60 79.25
CA LYS Q 321 -53.07 41.40 78.83
C LYS Q 321 -53.84 41.67 77.55
N ALA R 2 -41.81 -6.97 -105.68
CA ALA R 2 -42.99 -6.59 -104.92
C ALA R 2 -42.70 -6.63 -103.43
N LEU R 3 -43.59 -6.05 -102.63
CA LEU R 3 -43.42 -6.03 -101.19
C LEU R 3 -43.45 -7.43 -100.58
N SER R 4 -44.07 -8.39 -101.26
CA SER R 4 -44.06 -9.76 -100.75
C SER R 4 -42.67 -10.37 -100.81
N ASP R 5 -41.86 -9.97 -101.79
CA ASP R 5 -40.49 -10.50 -101.89
C ASP R 5 -39.64 -10.08 -100.70
N LEU R 6 -39.80 -8.83 -100.24
CA LEU R 6 -39.07 -8.37 -99.07
C LEU R 6 -39.51 -9.14 -97.83
N GLN R 7 -38.74 -8.98 -96.76
CA GLN R 7 -39.05 -9.56 -95.47
C GLN R 7 -39.44 -8.43 -94.52
N VAL R 8 -40.74 -8.23 -94.35
CA VAL R 8 -41.21 -7.13 -93.51
C VAL R 8 -41.01 -7.48 -92.04
N PHE R 9 -40.37 -6.55 -91.32
CA PHE R 9 -40.12 -6.70 -89.89
C PHE R 9 -40.97 -5.70 -89.14
N ASN R 10 -41.77 -6.20 -88.20
CA ASN R 10 -42.67 -5.35 -87.42
C ASN R 10 -41.88 -4.81 -86.24
N ASP R 11 -41.86 -3.48 -86.10
CA ASP R 11 -41.11 -2.85 -85.02
C ASP R 11 -41.71 -3.19 -83.67
N TRP R 12 -40.84 -3.33 -82.67
CA TRP R 12 -41.25 -3.65 -81.31
C TRP R 12 -40.38 -2.87 -80.33
N ALA R 13 -40.90 -2.70 -79.12
CA ALA R 13 -40.15 -2.02 -78.06
C ALA R 13 -40.73 -2.42 -76.72
N TYR R 14 -39.83 -2.60 -75.74
CA TYR R 14 -40.21 -2.88 -74.36
C TYR R 14 -40.16 -1.54 -73.63
N LYS R 15 -41.26 -0.79 -73.66
CA LYS R 15 -41.30 0.49 -72.97
C LYS R 15 -41.38 0.33 -71.46
N THR R 16 -41.57 -0.91 -70.97
CA THR R 16 -41.61 -1.25 -69.55
C THR R 16 -42.34 -0.21 -68.72
N MET R 17 -43.60 0.03 -69.09
CA MET R 17 -44.33 1.18 -68.58
C MET R 17 -45.55 0.66 -67.83
N SER R 18 -45.34 0.28 -66.57
CA SER R 18 -46.35 -0.49 -65.85
C SER R 18 -47.52 0.39 -65.40
N GLU R 19 -48.66 -0.25 -65.19
CA GLU R 19 -49.84 0.42 -64.63
C GLU R 19 -49.68 0.56 -63.12
N VAL R 20 -50.36 1.54 -62.53
CA VAL R 20 -50.20 1.80 -61.11
C VAL R 20 -51.45 1.42 -60.32
N LEU R 21 -52.58 2.08 -60.57
CA LEU R 21 -53.82 1.80 -59.87
C LEU R 21 -54.95 2.58 -60.53
N ASP R 22 -56.14 2.50 -59.94
CA ASP R 22 -57.35 3.08 -60.50
C ASP R 22 -57.81 4.34 -59.78
N GLN R 23 -58.05 4.24 -58.47
CA GLN R 23 -58.60 5.41 -57.71
C GLN R 23 -57.45 6.31 -57.24
N GLN R 24 -57.77 7.55 -56.87
CA GLN R 24 -56.74 8.50 -56.34
C GLN R 24 -56.73 8.41 -54.81
N VAL R 25 -55.54 8.21 -54.22
CA VAL R 25 -55.46 8.05 -52.74
C VAL R 25 -54.57 9.16 -52.17
N GLU R 26 -54.33 10.23 -52.94
CA GLU R 26 -53.48 11.35 -52.47
C GLU R 26 -54.31 12.31 -51.62
N LEU R 27 -54.93 11.81 -50.54
CA LEU R 27 -55.72 12.67 -49.64
C LEU R 27 -55.36 12.34 -48.18
N PHE R 28 -54.22 12.84 -47.71
CA PHE R 28 -53.77 12.58 -46.31
C PHE R 28 -53.23 13.87 -45.70
N ASN R 29 -53.39 14.04 -44.38
CA ASN R 29 -52.83 15.22 -43.67
C ASN R 29 -53.33 16.51 -44.34
N GLY R 30 -52.41 17.35 -44.81
CA GLY R 30 -52.80 18.65 -45.41
C GLY R 30 -53.80 18.48 -46.53
N ALA R 31 -53.69 17.41 -47.32
CA ALA R 31 -54.62 17.20 -48.47
C ALA R 31 -56.06 17.19 -47.96
N THR R 32 -56.29 16.65 -46.76
CA THR R 32 -57.66 16.60 -46.18
C THR R 32 -57.79 17.67 -45.09
N ARG R 33 -57.03 18.77 -45.20
CA ARG R 33 -57.04 19.82 -44.13
C ARG R 33 -56.77 19.16 -42.78
N GLY R 34 -56.37 17.89 -42.79
CA GLY R 34 -56.16 17.18 -41.55
C GLY R 34 -57.27 16.24 -41.15
N ALA R 35 -58.29 16.08 -41.99
CA ALA R 35 -59.37 15.13 -41.70
C ALA R 35 -58.77 13.72 -41.57
N ILE R 36 -58.06 13.27 -42.61
CA ILE R 36 -57.40 11.93 -42.56
C ILE R 36 -55.92 12.14 -42.23
N ILE R 37 -55.42 11.49 -41.18
CA ILE R 37 -54.01 11.72 -40.74
C ILE R 37 -53.18 10.46 -41.02
N LEU R 38 -52.07 10.62 -41.76
CA LEU R 38 -51.17 9.50 -42.00
C LEU R 38 -49.88 9.75 -41.24
N ARG R 39 -49.62 8.94 -40.23
CA ARG R 39 -48.39 8.98 -39.47
C ARG R 39 -47.47 7.85 -39.90
N SER R 40 -46.35 7.70 -39.20
CA SER R 40 -45.42 6.60 -39.41
C SER R 40 -44.94 6.06 -38.07
N ALA R 41 -45.86 5.95 -37.11
CA ALA R 41 -45.53 5.52 -35.77
C ALA R 41 -45.73 4.03 -35.61
N GLY R 42 -44.91 3.41 -34.77
CA GLY R 42 -45.03 2.00 -34.45
C GLY R 42 -45.75 1.80 -33.13
N ASN R 43 -46.35 0.62 -32.98
CA ASN R 43 -47.09 0.30 -31.76
C ASN R 43 -46.98 -1.19 -31.47
N THR R 44 -47.22 -1.53 -30.21
CA THR R 44 -47.18 -2.92 -29.77
C THR R 44 -48.57 -3.54 -29.80
N GLY R 45 -48.61 -4.86 -29.69
CA GLY R 45 -49.84 -5.63 -29.70
C GLY R 45 -50.72 -5.28 -30.87
N ASP R 46 -52.03 -5.41 -30.66
CA ASP R 46 -53.01 -4.99 -31.64
C ASP R 46 -53.80 -3.78 -31.20
N LEU R 47 -53.72 -3.40 -29.92
CA LEU R 47 -54.45 -2.26 -29.38
C LEU R 47 -53.46 -1.28 -28.79
N SER R 48 -53.74 0.01 -28.98
CA SER R 48 -52.94 1.07 -28.38
C SER R 48 -53.92 2.08 -27.80
N GLU R 49 -54.24 1.93 -26.51
CA GLU R 49 -55.26 2.71 -25.85
C GLU R 49 -54.63 3.66 -24.84
N ALA R 50 -55.16 4.88 -24.77
CA ALA R 50 -54.68 5.91 -23.85
C ALA R 50 -55.87 6.56 -23.18
N ALA R 51 -56.01 6.35 -21.87
CA ALA R 51 -57.17 6.84 -21.15
C ALA R 51 -57.10 8.36 -20.98
N PHE R 52 -58.27 8.95 -20.74
CA PHE R 52 -58.39 10.37 -20.44
C PHE R 52 -59.57 10.58 -19.52
N TRP R 53 -59.59 11.73 -18.86
CA TRP R 53 -60.64 12.02 -17.89
C TRP R 53 -61.96 12.30 -18.60
N ALA R 54 -63.05 11.85 -18.00
CA ALA R 54 -64.38 12.12 -18.54
C ALA R 54 -64.89 13.45 -17.98
N LYS R 55 -66.03 13.89 -18.50
CA LYS R 55 -66.60 15.17 -18.11
C LYS R 55 -67.64 14.96 -17.02
N ILE R 56 -67.52 15.76 -15.95
CA ILE R 56 -68.46 15.71 -14.83
C ILE R 56 -69.69 16.50 -15.23
N GLN R 57 -70.87 15.87 -15.13
CA GLN R 57 -72.09 16.54 -15.55
C GLN R 57 -72.54 17.58 -14.53
N GLY R 58 -72.77 17.16 -13.28
CA GLY R 58 -73.22 18.07 -12.27
C GLY R 58 -72.10 18.78 -11.54
N LEU R 59 -71.13 19.29 -12.29
CA LEU R 59 -69.99 19.96 -11.68
C LEU R 59 -70.42 21.25 -10.96
N VAL R 60 -71.37 21.97 -11.54
CA VAL R 60 -71.87 23.21 -10.95
C VAL R 60 -73.25 22.93 -10.36
N ARG R 61 -73.44 23.32 -9.10
CA ARG R 61 -74.68 23.10 -8.40
C ARG R 61 -75.12 24.39 -7.71
N PRO R 62 -76.42 24.61 -7.55
CA PRO R 62 -76.88 25.72 -6.72
C PRO R 62 -76.56 25.47 -5.26
N ARG R 63 -76.34 26.54 -4.52
CA ARG R 63 -76.13 26.45 -3.08
C ARG R 63 -76.90 27.55 -2.37
N ASP R 64 -77.28 27.26 -1.14
CA ASP R 64 -78.04 28.20 -0.32
C ASP R 64 -77.22 28.52 0.92
N PRO R 65 -76.63 29.72 1.02
CA PRO R 65 -75.84 30.04 2.21
C PRO R 65 -76.63 29.98 3.51
N TYR R 66 -77.93 30.29 3.46
CA TYR R 66 -78.72 30.36 4.68
C TYR R 66 -79.14 28.97 5.15
N SER R 67 -79.36 28.04 4.22
CA SER R 67 -79.68 26.68 4.60
C SER R 67 -78.42 25.88 4.86
N ASN R 68 -78.60 24.66 5.36
CA ASN R 68 -77.46 23.81 5.70
C ASN R 68 -77.90 22.37 5.46
N ALA R 69 -77.57 21.83 4.28
CA ALA R 69 -78.02 20.51 3.86
C ALA R 69 -76.87 19.73 3.25
N ASP R 70 -76.99 18.41 3.31
CA ASP R 70 -76.00 17.53 2.71
C ASP R 70 -76.13 17.53 1.19
N VAL R 71 -75.00 17.39 0.51
CA VAL R 71 -74.96 17.25 -0.94
C VAL R 71 -74.15 16.01 -1.29
N ALA R 72 -74.67 15.21 -2.20
CA ALA R 72 -74.04 13.95 -2.55
C ALA R 72 -72.68 14.17 -3.20
N ALA R 73 -71.71 13.34 -2.84
CA ALA R 73 -70.37 13.42 -3.39
C ALA R 73 -70.37 12.96 -4.85
N LYS R 74 -69.28 13.26 -5.54
CA LYS R 74 -69.13 12.93 -6.94
C LYS R 74 -67.79 12.24 -7.18
N ASP R 75 -67.75 11.40 -8.19
CA ASP R 75 -66.57 10.61 -8.54
C ASP R 75 -65.89 11.20 -9.78
N LEU R 76 -64.86 10.50 -10.24
CA LEU R 76 -64.13 10.87 -11.45
C LEU R 76 -64.01 9.65 -12.34
N ARG R 77 -64.81 9.62 -13.40
CA ARG R 77 -64.79 8.55 -14.39
C ARG R 77 -63.76 8.87 -15.48
N GLN R 78 -63.16 7.83 -16.05
CA GLN R 78 -62.28 7.99 -17.20
C GLN R 78 -62.77 7.17 -18.37
N LEU R 79 -62.37 7.58 -19.56
CA LEU R 79 -62.74 6.94 -20.81
C LEU R 79 -61.48 6.47 -21.52
N VAL R 80 -61.59 5.38 -22.27
CA VAL R 80 -60.46 4.75 -22.92
C VAL R 80 -60.71 4.74 -24.42
N ASP R 81 -59.79 5.36 -25.18
CA ASP R 81 -59.86 5.35 -26.63
C ASP R 81 -59.24 4.06 -27.16
N ASN R 82 -59.13 3.95 -28.48
CA ASN R 82 -58.58 2.73 -29.05
C ASN R 82 -58.07 2.98 -30.46
N THR R 83 -57.00 2.29 -30.82
CA THR R 83 -56.45 2.29 -32.18
C THR R 83 -56.12 0.84 -32.53
N ILE R 84 -56.95 0.23 -33.38
CA ILE R 84 -56.80 -1.17 -33.72
C ILE R 84 -55.70 -1.33 -34.77
N LYS R 85 -54.98 -2.44 -34.69
CA LYS R 85 -53.93 -2.78 -35.63
C LYS R 85 -54.48 -3.70 -36.71
N VAL R 86 -54.32 -3.30 -37.97
CA VAL R 86 -54.75 -4.09 -39.12
C VAL R 86 -53.50 -4.59 -39.83
N ALA R 87 -53.47 -5.88 -40.15
CA ALA R 87 -52.34 -6.51 -40.81
C ALA R 87 -52.71 -6.85 -42.24
N SER R 88 -51.89 -6.40 -43.18
CA SER R 88 -52.06 -6.68 -44.60
C SER R 88 -50.87 -7.51 -45.09
N GLY R 89 -50.92 -7.88 -46.36
CA GLY R 89 -49.87 -8.72 -46.90
C GLY R 89 -49.84 -8.66 -48.41
N THR R 90 -49.29 -9.71 -49.01
CA THR R 90 -49.15 -9.80 -50.45
C THR R 90 -49.10 -11.28 -50.85
N PRO R 91 -49.92 -11.71 -51.80
CA PRO R 91 -49.81 -13.08 -52.28
C PRO R 91 -48.45 -13.33 -52.88
N PRO R 92 -47.92 -14.55 -52.74
CA PRO R 92 -46.63 -14.85 -53.36
C PRO R 92 -46.68 -14.63 -54.86
N ILE R 93 -45.67 -13.92 -55.36
CA ILE R 93 -45.62 -13.54 -56.76
C ILE R 93 -44.41 -14.21 -57.39
N ASN R 94 -44.65 -15.00 -58.44
CA ASN R 94 -43.55 -15.68 -59.11
C ASN R 94 -42.75 -14.69 -59.94
N ILE R 95 -41.46 -14.58 -59.67
CA ILE R 95 -40.57 -13.75 -60.47
C ILE R 95 -39.33 -14.54 -60.84
N PRO R 96 -39.45 -15.67 -61.54
CA PRO R 96 -38.27 -16.44 -61.89
C PRO R 96 -37.38 -15.66 -62.83
N PRO R 97 -36.05 -15.76 -62.68
CA PRO R 97 -35.16 -14.97 -63.52
C PRO R 97 -35.05 -15.49 -64.95
N SER R 98 -35.43 -16.75 -65.20
CA SER R 98 -35.26 -17.31 -66.54
C SER R 98 -36.10 -16.57 -67.58
N MET R 99 -37.35 -16.26 -67.24
CA MET R 99 -38.20 -15.56 -68.20
C MET R 99 -37.69 -14.15 -68.47
N LEU R 100 -37.19 -13.47 -67.44
CA LEU R 100 -36.65 -12.13 -67.60
C LEU R 100 -35.28 -12.12 -68.26
N ARG R 101 -34.60 -13.27 -68.32
CA ARG R 101 -33.33 -13.37 -69.02
C ARG R 101 -33.48 -13.83 -70.47
N TRP R 102 -34.55 -14.57 -70.78
CA TRP R 102 -34.76 -14.99 -72.16
C TRP R 102 -34.92 -13.78 -73.08
N ILE R 103 -35.68 -12.80 -72.65
CA ILE R 103 -35.65 -11.47 -73.26
C ILE R 103 -34.58 -10.67 -72.52
N GLN R 104 -33.99 -9.70 -73.21
CA GLN R 104 -32.88 -8.95 -72.63
C GLN R 104 -33.42 -8.02 -71.55
N LYS R 105 -33.46 -8.55 -70.32
CA LYS R 105 -34.00 -7.83 -69.19
C LYS R 105 -33.33 -8.39 -67.94
N ASN R 106 -33.57 -7.75 -66.80
CA ASN R 106 -32.90 -8.15 -65.57
C ASN R 106 -33.93 -8.41 -64.48
N PRO R 107 -33.65 -9.37 -63.60
CA PRO R 107 -34.59 -9.66 -62.50
C PRO R 107 -34.79 -8.50 -61.54
N GLN R 108 -33.88 -7.52 -61.52
CA GLN R 108 -34.09 -6.32 -60.72
C GLN R 108 -35.39 -5.63 -61.08
N GLU R 109 -35.77 -5.69 -62.35
CA GLU R 109 -36.90 -4.92 -62.85
C GLU R 109 -38.23 -5.49 -62.37
N ALA R 110 -38.32 -6.81 -62.19
CA ALA R 110 -39.51 -7.37 -61.58
C ALA R 110 -39.70 -6.84 -60.17
N GLY R 111 -38.61 -6.80 -59.39
CA GLY R 111 -38.69 -6.23 -58.06
C GLY R 111 -39.10 -4.77 -58.09
N ALA R 112 -38.58 -4.00 -59.05
CA ALA R 112 -38.96 -2.59 -59.16
C ALA R 112 -40.44 -2.43 -59.48
N VAL R 113 -40.96 -3.24 -60.42
CA VAL R 113 -42.36 -3.15 -60.81
C VAL R 113 -43.25 -3.50 -59.63
N ILE R 114 -42.93 -4.60 -58.94
CA ILE R 114 -43.68 -4.97 -57.74
C ILE R 114 -43.61 -3.86 -56.71
N GLY R 115 -42.44 -3.22 -56.57
CA GLY R 115 -42.30 -2.16 -55.59
C GLY R 115 -43.21 -0.99 -55.86
N GLN R 116 -43.26 -0.52 -57.12
CA GLN R 116 -44.08 0.65 -57.41
C GLN R 116 -45.58 0.32 -57.37
N GLN R 117 -45.97 -0.83 -57.91
CA GLN R 117 -47.38 -1.22 -57.81
C GLN R 117 -47.78 -1.41 -56.36
N LEU R 118 -46.88 -1.95 -55.53
CA LEU R 118 -47.15 -2.09 -54.10
C LEU R 118 -47.25 -0.74 -53.42
N ALA R 119 -46.42 0.22 -53.83
CA ALA R 119 -46.51 1.56 -53.27
C ALA R 119 -47.86 2.17 -53.54
N GLY R 120 -48.40 1.96 -54.73
CA GLY R 120 -49.77 2.42 -55.00
C GLY R 120 -50.81 1.67 -54.18
N ASP R 121 -50.73 0.34 -54.18
CA ASP R 121 -51.81 -0.46 -53.59
C ASP R 121 -51.83 -0.36 -52.07
N THR R 122 -50.67 -0.13 -51.44
CA THR R 122 -50.65 0.02 -49.99
C THR R 122 -51.44 1.26 -49.57
N MET R 123 -51.18 2.39 -50.23
CA MET R 123 -51.99 3.58 -49.96
C MET R 123 -53.46 3.31 -50.27
N GLN R 124 -53.72 2.59 -51.35
CA GLN R 124 -55.12 2.31 -51.71
C GLN R 124 -55.85 1.57 -50.60
N ASP R 125 -55.30 0.45 -50.12
CA ASP R 125 -56.07 -0.31 -49.15
C ASP R 125 -56.06 0.34 -47.78
N MET R 126 -54.98 1.05 -47.45
CA MET R 126 -54.90 1.77 -46.16
C MET R 126 -56.04 2.80 -46.09
N LEU R 127 -56.18 3.62 -47.14
CA LEU R 127 -57.25 4.64 -47.18
C LEU R 127 -58.62 3.94 -47.16
N ASN R 128 -58.80 2.93 -48.01
CA ASN R 128 -60.10 2.22 -48.10
C ASN R 128 -60.50 1.74 -46.69
N ASN R 129 -59.61 1.01 -46.02
CA ASN R 129 -59.90 0.52 -44.68
C ASN R 129 -60.21 1.67 -43.74
N GLY R 130 -59.47 2.77 -43.84
CA GLY R 130 -59.76 3.93 -43.00
C GLY R 130 -61.16 4.47 -43.23
N LEU R 131 -61.55 4.61 -44.50
CA LEU R 131 -62.89 5.11 -44.80
C LEU R 131 -63.96 4.15 -44.32
N ALA R 132 -63.76 2.85 -44.53
CA ALA R 132 -64.74 1.86 -44.06
C ALA R 132 -64.89 1.90 -42.55
N ALA R 133 -63.77 1.99 -41.83
CA ALA R 133 -63.82 2.06 -40.38
C ALA R 133 -64.52 3.33 -39.91
N GLY R 134 -64.25 4.45 -40.58
CA GLY R 134 -64.93 5.68 -40.22
C GLY R 134 -66.43 5.59 -40.42
N LYS R 135 -66.86 5.04 -41.55
CA LYS R 135 -68.29 4.89 -41.80
C LYS R 135 -68.94 3.97 -40.77
N ALA R 136 -68.29 2.85 -40.46
CA ALA R 136 -68.84 1.92 -39.48
C ALA R 136 -68.93 2.55 -38.10
N ALA R 137 -67.88 3.27 -37.68
CA ALA R 137 -67.90 3.91 -36.38
C ALA R 137 -68.98 4.98 -36.30
N PHE R 138 -69.16 5.74 -37.38
CA PHE R 138 -70.18 6.78 -37.38
C PHE R 138 -71.58 6.18 -37.35
N THR R 139 -71.77 5.05 -38.03
CA THR R 139 -73.05 4.34 -37.92
C THR R 139 -73.28 3.85 -36.49
N ALA R 140 -72.21 3.36 -35.84
CA ALA R 140 -72.33 2.89 -34.47
C ALA R 140 -72.64 4.04 -33.52
N GLY R 141 -72.13 5.23 -33.80
CA GLY R 141 -72.34 6.39 -32.94
C GLY R 141 -73.64 7.12 -33.13
N GLY R 142 -74.48 6.69 -34.06
CA GLY R 142 -75.75 7.33 -34.28
C GLY R 142 -75.72 8.60 -35.11
N ALA R 143 -74.54 9.00 -35.60
CA ALA R 143 -74.45 10.19 -36.43
C ALA R 143 -74.74 9.84 -37.88
N VAL R 144 -75.88 9.21 -38.13
CA VAL R 144 -76.29 8.78 -39.46
C VAL R 144 -77.46 9.64 -39.90
N HIS R 145 -77.41 10.12 -41.13
CA HIS R 145 -78.54 10.82 -41.75
C HIS R 145 -78.69 10.31 -43.17
N ASP R 146 -79.83 9.66 -43.45
CA ASP R 146 -80.15 9.21 -44.79
C ASP R 146 -81.12 10.18 -45.44
N ILE R 147 -80.98 10.34 -46.76
CA ILE R 147 -81.82 11.27 -47.51
C ILE R 147 -82.72 10.58 -48.50
N SER R 148 -82.60 9.26 -48.68
CA SER R 148 -83.49 8.56 -49.61
C SER R 148 -84.89 8.41 -49.02
N ALA R 149 -85.01 8.39 -47.71
CA ALA R 149 -86.33 8.34 -47.07
C ALA R 149 -87.11 9.63 -47.26
N ALA R 150 -86.45 10.74 -47.58
CA ALA R 150 -87.11 12.01 -47.84
C ALA R 150 -87.12 12.24 -49.34
N GLY R 151 -88.18 11.77 -49.99
CA GLY R 151 -88.29 11.94 -51.43
C GLY R 151 -87.23 11.13 -52.18
N THR R 152 -86.96 11.56 -53.40
CA THR R 152 -85.92 10.93 -54.19
C THR R 152 -84.57 11.10 -53.52
N GLY R 153 -83.79 10.03 -53.50
CA GLY R 153 -82.50 10.06 -52.83
C GLY R 153 -81.37 10.42 -53.76
N LEU R 154 -81.00 11.70 -53.77
CA LEU R 154 -79.86 12.17 -54.55
C LEU R 154 -79.23 13.32 -53.80
N MET R 155 -77.93 13.51 -54.02
CA MET R 155 -77.19 14.48 -53.23
C MET R 155 -77.63 15.90 -53.56
N THR R 156 -77.79 16.71 -52.52
CA THR R 156 -78.22 18.09 -52.67
C THR R 156 -77.65 18.89 -51.50
N GLN R 157 -77.57 20.22 -51.68
CA GLN R 157 -77.09 21.09 -50.62
C GLN R 157 -77.92 20.93 -49.35
N ARG R 158 -79.23 20.75 -49.51
CA ARG R 158 -80.09 20.53 -48.36
C ARG R 158 -79.67 19.28 -47.59
N ALA R 159 -79.19 18.26 -48.30
CA ALA R 159 -78.68 17.07 -47.61
C ALA R 159 -77.45 17.42 -46.77
N PHE R 160 -76.55 18.25 -47.31
CA PHE R 160 -75.41 18.71 -46.53
C PHE R 160 -75.88 19.41 -45.26
N ASN R 161 -76.85 20.32 -45.39
CA ASN R 161 -77.33 21.05 -44.21
C ASN R 161 -77.97 20.09 -43.20
N ALA R 162 -78.79 19.16 -43.67
CA ALA R 162 -79.47 18.24 -42.76
C ALA R 162 -78.47 17.35 -42.01
N ALA R 163 -77.45 16.86 -42.72
CA ALA R 163 -76.38 16.13 -42.03
C ALA R 163 -75.60 17.04 -41.09
N GLN R 164 -75.52 18.32 -41.43
CA GLN R 164 -74.84 19.29 -40.59
C GLN R 164 -75.66 19.66 -39.35
N ARG R 165 -76.94 19.29 -39.33
CA ARG R 165 -77.77 19.59 -38.17
C ARG R 165 -77.25 18.93 -36.90
N ILE R 166 -76.43 17.89 -37.03
CA ILE R 166 -75.74 17.28 -35.88
C ILE R 166 -74.67 18.25 -35.42
N PHE R 167 -74.08 17.99 -34.25
CA PHE R 167 -72.97 18.77 -33.69
C PHE R 167 -73.44 20.09 -33.11
N GLY R 168 -74.72 20.40 -33.27
CA GLY R 168 -75.27 21.60 -32.64
C GLY R 168 -74.57 22.86 -33.11
N ASP R 169 -74.07 23.65 -32.16
CA ASP R 169 -73.40 24.89 -32.50
C ASP R 169 -72.00 24.65 -33.05
N ARG R 170 -71.44 23.47 -32.80
CA ARG R 170 -70.09 23.15 -33.24
C ARG R 170 -70.06 22.49 -34.61
N SER R 171 -71.07 22.75 -35.45
CA SER R 171 -71.06 22.22 -36.81
C SER R 171 -69.90 22.76 -37.63
N THR R 172 -69.34 23.90 -37.23
CA THR R 172 -68.22 24.49 -37.96
C THR R 172 -66.99 23.59 -37.92
N ASP R 173 -66.91 22.70 -36.94
CA ASP R 173 -65.76 21.81 -36.83
C ASP R 173 -65.63 20.88 -38.03
N ILE R 174 -66.74 20.54 -38.69
CA ILE R 174 -66.67 19.73 -39.90
C ILE R 174 -65.94 20.53 -40.96
N GLN R 175 -64.78 20.03 -41.38
CA GLN R 175 -63.91 20.75 -42.30
C GLN R 175 -64.12 20.35 -43.76
N VAL R 176 -64.22 19.06 -44.04
CA VAL R 176 -64.26 18.57 -45.42
C VAL R 176 -65.32 17.50 -45.54
N TRP R 177 -65.79 17.29 -46.77
CA TRP R 177 -66.69 16.20 -47.10
C TRP R 177 -65.98 15.24 -48.05
N VAL R 178 -65.96 13.97 -47.70
CA VAL R 178 -65.37 12.92 -48.54
C VAL R 178 -66.51 12.11 -49.14
N SER R 179 -66.51 11.97 -50.47
CA SER R 179 -67.64 11.36 -51.15
C SER R 179 -67.15 10.57 -52.35
N HIS R 180 -67.99 9.65 -52.79
CA HIS R 180 -67.76 8.93 -54.03
C HIS R 180 -67.94 9.89 -55.22
N SER R 181 -67.53 9.43 -56.40
CA SER R 181 -67.62 10.28 -57.58
C SER R 181 -69.08 10.52 -57.98
N SER R 182 -69.89 9.47 -58.00
CA SER R 182 -71.26 9.61 -58.46
C SER R 182 -72.10 10.57 -57.63
N PRO R 183 -72.00 10.64 -56.29
CA PRO R 183 -72.73 11.71 -55.59
C PRO R 183 -72.33 13.11 -56.03
N LEU R 184 -71.05 13.34 -56.26
CA LEU R 184 -70.61 14.64 -56.75
C LEU R 184 -71.17 14.91 -58.15
N PHE R 185 -71.24 13.88 -58.99
CA PHE R 185 -71.77 14.08 -60.33
C PHE R 185 -73.27 14.31 -60.30
N ASP R 186 -73.97 13.69 -59.34
CA ASP R 186 -75.38 14.01 -59.13
C ASP R 186 -75.56 15.44 -58.66
N LEU R 187 -74.64 15.91 -57.81
CA LEU R 187 -74.67 17.30 -57.39
C LEU R 187 -74.47 18.23 -58.57
N TYR R 188 -73.52 17.90 -59.45
CA TYR R 188 -73.34 18.67 -60.69
C TYR R 188 -74.60 18.64 -61.54
N ASP R 189 -75.24 17.47 -61.64
CA ASP R 189 -76.45 17.34 -62.45
C ASP R 189 -77.57 18.22 -61.89
N ASN R 190 -77.70 18.27 -60.57
CA ASN R 190 -78.70 19.14 -59.96
C ASN R 190 -78.36 20.61 -60.18
N ALA R 191 -77.09 20.97 -60.02
CA ALA R 191 -76.69 22.37 -60.11
C ALA R 191 -76.79 22.89 -61.54
N LEU R 192 -76.54 22.03 -62.53
CA LEU R 192 -76.53 22.47 -63.92
C LEU R 192 -77.90 23.01 -64.33
N ALA R 193 -78.96 22.31 -63.92
CA ALA R 193 -80.32 22.83 -64.07
C ALA R 193 -80.88 23.03 -62.67
N ASN R 194 -80.59 24.20 -62.11
CA ASN R 194 -81.03 24.54 -60.77
C ASN R 194 -82.55 24.72 -60.77
N ALA R 195 -83.26 23.76 -60.18
CA ALA R 195 -84.70 23.89 -60.05
C ALA R 195 -85.09 25.11 -59.25
N GLU R 196 -84.17 25.65 -58.46
CA GLU R 196 -84.35 26.87 -57.71
C GLU R 196 -83.10 27.74 -57.90
N GLN R 197 -83.32 29.04 -58.05
CA GLN R 197 -82.27 29.96 -58.48
C GLN R 197 -81.24 30.15 -57.38
N LEU R 198 -80.08 29.51 -57.54
CA LEU R 198 -78.91 29.80 -56.73
C LEU R 198 -77.62 29.84 -57.53
N TYR R 199 -77.64 29.42 -58.79
CA TYR R 199 -76.43 29.23 -59.56
C TYR R 199 -76.48 30.02 -60.85
N VAL R 200 -75.29 30.34 -61.37
CA VAL R 200 -75.12 30.90 -62.70
C VAL R 200 -74.04 30.05 -63.39
N PHE R 201 -73.97 30.16 -64.72
CA PHE R 201 -73.00 29.37 -65.47
C PHE R 201 -71.58 29.60 -64.97
N GLY R 202 -71.30 30.80 -64.48
CA GLY R 202 -69.99 31.07 -63.90
C GLY R 202 -69.73 30.24 -62.66
N THR R 203 -70.74 30.06 -61.82
CA THR R 203 -70.59 29.39 -60.53
C THR R 203 -71.18 27.98 -60.52
N VAL R 204 -71.55 27.43 -61.67
CA VAL R 204 -72.20 26.13 -61.70
C VAL R 204 -71.27 25.01 -61.26
N ASN R 205 -69.98 25.09 -61.58
CA ASN R 205 -69.01 24.08 -61.18
C ASN R 205 -68.31 24.52 -59.91
N VAL R 206 -68.46 23.72 -58.85
CA VAL R 206 -67.86 24.05 -57.56
C VAL R 206 -67.82 22.79 -56.73
N ARG R 207 -66.72 22.63 -55.97
CA ARG R 207 -66.57 21.52 -55.04
C ARG R 207 -66.89 21.91 -53.61
N ALA R 208 -66.44 23.08 -53.16
CA ALA R 208 -66.70 23.53 -51.79
C ALA R 208 -68.15 23.96 -51.64
N ASP R 209 -69.07 22.99 -51.74
CA ASP R 209 -70.50 23.32 -51.75
C ASP R 209 -70.98 23.76 -50.37
N ALA R 210 -70.60 23.02 -49.33
CA ALA R 210 -71.22 23.17 -48.02
C ALA R 210 -70.45 24.19 -47.19
N PHE R 211 -70.88 25.45 -47.26
CA PHE R 211 -70.41 26.51 -46.39
C PHE R 211 -68.88 26.64 -46.41
N GLY R 212 -68.28 26.45 -47.57
CA GLY R 212 -66.84 26.55 -47.73
C GLY R 212 -66.09 25.24 -47.54
N ARG R 213 -66.77 24.21 -47.05
CA ARG R 213 -66.12 22.91 -46.87
C ARG R 213 -65.89 22.26 -48.24
N PRO R 214 -64.66 21.91 -48.59
CA PRO R 214 -64.41 21.27 -49.88
C PRO R 214 -64.96 19.85 -49.89
N ILE R 215 -65.08 19.29 -51.10
CA ILE R 215 -65.56 17.89 -51.25
C ILE R 215 -64.45 17.04 -51.85
N ILE R 216 -64.00 16.01 -51.13
CA ILE R 216 -62.93 15.10 -51.64
C ILE R 216 -63.59 13.97 -52.44
N ILE R 217 -63.16 13.77 -53.68
CA ILE R 217 -63.73 12.69 -54.54
C ILE R 217 -62.88 11.42 -54.35
N THR R 218 -63.54 10.28 -54.17
CA THR R 218 -62.79 8.98 -54.02
C THR R 218 -63.68 7.83 -54.52
N ASP R 219 -63.14 7.01 -55.42
CA ASP R 219 -63.91 5.83 -55.92
C ASP R 219 -63.57 4.62 -55.03
N SER R 220 -63.68 4.79 -53.71
CA SER R 220 -63.33 3.72 -52.80
C SER R 220 -64.51 2.75 -52.66
N PRO R 221 -64.29 1.44 -52.78
CA PRO R 221 -65.40 0.49 -52.63
C PRO R 221 -66.00 0.47 -51.23
N ALA R 222 -65.47 1.26 -50.29
CA ALA R 222 -66.07 1.38 -48.97
C ALA R 222 -67.20 2.39 -48.94
N LEU R 223 -67.49 3.06 -50.05
CA LEU R 223 -68.48 4.13 -50.07
C LEU R 223 -69.59 3.89 -51.09
N VAL R 224 -69.70 2.69 -51.65
CA VAL R 224 -70.74 2.37 -52.64
C VAL R 224 -71.74 1.36 -52.09
N SER R 225 -71.28 0.18 -51.68
CA SER R 225 -72.06 -0.80 -50.92
C SER R 225 -73.42 -1.08 -51.55
N GLY R 226 -73.38 -1.64 -52.76
CA GLY R 226 -74.61 -2.05 -53.41
C GLY R 226 -74.48 -2.02 -54.93
N ALA R 227 -75.59 -2.35 -55.57
CA ALA R 227 -75.66 -2.39 -57.03
C ALA R 227 -77.11 -2.30 -57.46
N ALA R 228 -77.30 -1.95 -58.74
CA ALA R 228 -78.62 -1.88 -59.38
C ALA R 228 -79.44 -0.80 -58.67
N GLU R 229 -80.65 -1.10 -58.21
CA GLU R 229 -81.49 -0.11 -57.56
C GLU R 229 -81.32 -0.11 -56.04
N THR R 230 -80.31 -0.80 -55.51
CA THR R 230 -80.03 -0.79 -54.08
C THR R 230 -78.59 -0.40 -53.79
N LEU R 231 -77.91 0.28 -54.71
CA LEU R 231 -76.60 0.82 -54.44
C LEU R 231 -76.73 2.09 -53.62
N ARG R 232 -76.03 2.14 -52.50
CA ARG R 232 -76.23 3.16 -51.46
C ARG R 232 -74.92 3.90 -51.24
N HIS R 233 -74.70 4.98 -51.98
CA HIS R 233 -73.49 5.77 -51.79
C HIS R 233 -73.49 6.42 -50.42
N SER R 234 -72.34 6.40 -49.76
CA SER R 234 -72.17 6.97 -48.43
C SER R 234 -71.11 8.06 -48.48
N THR R 235 -71.45 9.24 -47.97
CA THR R 235 -70.55 10.38 -47.93
C THR R 235 -70.27 10.72 -46.47
N LEU R 236 -69.02 11.11 -46.20
CA LEU R 236 -68.57 11.35 -44.84
C LEU R 236 -68.26 12.82 -44.65
N GLY R 237 -68.75 13.38 -43.54
CA GLY R 237 -68.37 14.73 -43.15
C GLY R 237 -67.39 14.70 -41.99
N LEU R 238 -66.11 14.92 -42.29
CA LEU R 238 -65.07 14.71 -41.31
C LEU R 238 -64.63 16.01 -40.67
N THR R 239 -64.04 15.91 -39.48
CA THR R 239 -63.43 17.03 -38.79
C THR R 239 -61.92 16.83 -38.73
N THR R 240 -61.23 17.77 -38.11
CA THR R 240 -59.78 17.72 -38.01
C THR R 240 -59.33 16.49 -37.22
N GLY R 241 -58.48 15.68 -37.83
CA GLY R 241 -58.02 14.46 -37.18
C GLY R 241 -59.13 13.48 -36.89
N ALA R 242 -60.11 13.38 -37.79
CA ALA R 242 -61.21 12.46 -37.57
C ALA R 242 -60.76 11.01 -37.71
N ILE R 243 -60.00 10.70 -38.76
CA ILE R 243 -59.51 9.35 -39.02
C ILE R 243 -57.99 9.38 -38.92
N LEU R 244 -57.44 8.48 -38.13
CA LEU R 244 -56.01 8.40 -37.90
C LEU R 244 -55.47 7.08 -38.44
N ILE R 245 -54.43 7.15 -39.26
CA ILE R 245 -53.76 5.99 -39.81
C ILE R 245 -52.28 6.11 -39.50
N GLU R 246 -51.72 5.10 -38.83
CA GLU R 246 -50.29 5.04 -38.55
C GLU R 246 -49.69 3.83 -39.24
N GLN R 247 -48.68 4.06 -40.05
CA GLN R 247 -47.95 2.98 -40.71
C GLN R 247 -46.84 2.50 -39.77
N ASN R 248 -46.98 1.28 -39.27
CA ASN R 248 -46.14 0.77 -38.19
C ASN R 248 -44.74 0.39 -38.64
N GLN R 249 -44.35 0.73 -39.87
CA GLN R 249 -43.00 0.53 -40.40
C GLN R 249 -42.39 -0.82 -40.03
N ASP R 250 -43.22 -1.86 -39.99
CA ASP R 250 -42.79 -3.23 -39.73
C ASP R 250 -42.71 -4.01 -41.04
N PHE R 251 -42.35 -3.33 -42.12
CA PHE R 251 -42.33 -3.93 -43.45
C PHE R 251 -41.31 -5.06 -43.50
N ASP R 252 -41.73 -6.20 -44.03
CA ASP R 252 -40.85 -7.34 -44.26
C ASP R 252 -41.19 -7.93 -45.62
N SER R 253 -40.18 -8.04 -46.48
CA SER R 253 -40.35 -8.61 -47.81
C SER R 253 -39.27 -9.68 -48.00
N THR R 254 -39.69 -10.88 -48.37
CA THR R 254 -38.78 -11.99 -48.58
C THR R 254 -38.81 -12.40 -50.05
N VAL R 255 -37.65 -12.84 -50.55
CA VAL R 255 -37.55 -13.47 -51.86
C VAL R 255 -37.04 -14.89 -51.64
N VAL R 256 -37.83 -15.87 -52.05
CA VAL R 256 -37.53 -17.27 -51.84
C VAL R 256 -37.41 -17.95 -53.19
N ASP R 257 -36.42 -18.81 -53.33
CA ASP R 257 -36.11 -19.45 -54.59
C ASP R 257 -36.06 -20.96 -54.42
N GLY R 258 -36.35 -21.67 -55.50
CA GLY R 258 -36.41 -23.12 -55.47
C GLY R 258 -35.58 -23.72 -56.59
N THR R 259 -35.05 -24.91 -56.32
CA THR R 259 -34.24 -25.65 -57.26
C THR R 259 -34.92 -26.98 -57.60
N GLY R 260 -34.22 -27.82 -58.34
CA GLY R 260 -34.74 -29.11 -58.74
C GLY R 260 -35.62 -29.09 -59.96
N LYS R 261 -35.78 -27.95 -60.61
CA LYS R 261 -36.56 -27.82 -61.83
C LYS R 261 -35.64 -27.56 -63.01
N GLN R 262 -36.24 -27.41 -64.19
CA GLN R 262 -35.48 -27.03 -65.37
C GLN R 262 -34.95 -25.61 -65.22
N ASN R 263 -35.71 -24.73 -64.58
CA ASN R 263 -35.33 -23.34 -64.38
C ASN R 263 -35.57 -22.94 -62.94
N ILE R 264 -34.78 -21.97 -62.47
CA ILE R 264 -34.94 -21.47 -61.11
C ILE R 264 -36.28 -20.77 -60.97
N THR R 265 -36.95 -21.01 -59.85
CA THR R 265 -38.23 -20.39 -59.55
C THR R 265 -38.06 -19.48 -58.34
N ARG R 266 -38.52 -18.24 -58.46
CA ARG R 266 -38.48 -17.28 -57.36
C ARG R 266 -39.91 -16.95 -56.92
N GLN R 267 -40.02 -16.37 -55.73
CA GLN R 267 -41.29 -15.86 -55.25
C GLN R 267 -41.02 -14.61 -54.42
N TYR R 268 -42.03 -13.73 -54.36
CA TYR R 268 -41.95 -12.49 -53.60
C TYR R 268 -43.14 -12.39 -52.68
N GLN R 269 -42.90 -11.92 -51.45
CA GLN R 269 -43.97 -11.83 -50.46
C GLN R 269 -43.62 -10.74 -49.46
N ALA R 270 -44.42 -9.68 -49.44
CA ALA R 270 -44.22 -8.57 -48.53
C ALA R 270 -45.27 -8.62 -47.44
N GLU R 271 -44.93 -8.06 -46.28
CA GLU R 271 -45.80 -8.11 -45.11
C GLU R 271 -45.59 -6.83 -44.29
N TRP R 272 -46.69 -6.23 -43.85
CA TRP R 272 -46.63 -5.04 -43.01
C TRP R 272 -47.96 -4.91 -42.27
N SER R 273 -48.11 -3.80 -41.58
CA SER R 273 -49.33 -3.56 -40.80
C SER R 273 -49.46 -2.06 -40.56
N TYR R 274 -50.64 -1.66 -40.09
CA TYR R 274 -50.91 -0.27 -39.81
C TYR R 274 -52.01 -0.17 -38.77
N ASN R 275 -51.81 0.67 -37.76
CA ASN R 275 -52.86 0.96 -36.80
C ASN R 275 -53.90 1.88 -37.43
N LEU R 276 -55.13 1.75 -36.94
CA LEU R 276 -56.26 2.48 -37.49
C LEU R 276 -57.03 3.12 -36.33
N GLY R 277 -57.28 4.42 -36.43
CA GLY R 277 -57.95 5.12 -35.35
C GLY R 277 -59.04 6.05 -35.81
N VAL R 278 -60.13 6.10 -35.04
CA VAL R 278 -61.25 7.00 -35.31
C VAL R 278 -61.44 7.87 -34.08
N ASN R 279 -61.43 9.19 -34.29
CA ASN R 279 -61.52 10.11 -33.17
C ASN R 279 -62.86 9.96 -32.45
N GLY R 280 -62.80 9.88 -31.12
CA GLY R 280 -63.99 9.77 -30.31
C GLY R 280 -64.60 8.39 -30.24
N TYR R 281 -64.02 7.39 -30.89
CA TYR R 281 -64.57 6.06 -30.92
C TYR R 281 -63.51 5.05 -30.52
N ALA R 282 -63.97 3.89 -30.03
CA ALA R 282 -63.09 2.83 -29.58
C ALA R 282 -63.48 1.52 -30.23
N TYR R 283 -62.48 0.74 -30.64
CA TYR R 283 -62.73 -0.56 -31.24
C TYR R 283 -62.92 -1.61 -30.16
N ASP R 284 -63.92 -2.47 -30.36
CA ASP R 284 -64.31 -3.46 -29.35
C ASP R 284 -63.79 -4.83 -29.76
N ILE R 285 -62.98 -5.44 -28.89
CA ILE R 285 -62.49 -6.79 -29.14
C ILE R 285 -63.47 -7.85 -28.66
N ALA R 286 -64.46 -7.48 -27.84
CA ALA R 286 -65.44 -8.45 -27.39
C ALA R 286 -66.21 -9.03 -28.57
N THR R 287 -66.56 -8.20 -29.54
CA THR R 287 -67.19 -8.66 -30.77
C THR R 287 -66.22 -8.78 -31.94
N GLY R 288 -65.31 -7.81 -32.09
CA GLY R 288 -64.36 -7.85 -33.17
C GLY R 288 -63.23 -8.83 -32.93
N GLY R 289 -62.51 -9.15 -34.00
CA GLY R 289 -61.41 -10.08 -33.92
C GLY R 289 -60.13 -9.44 -33.43
N LYS R 290 -59.11 -10.28 -33.27
CA LYS R 290 -57.80 -9.80 -32.84
C LYS R 290 -57.08 -9.06 -33.97
N ALA R 291 -57.17 -9.57 -35.19
CA ALA R 291 -56.62 -8.91 -36.38
C ALA R 291 -57.79 -8.76 -37.36
N PRO R 292 -58.53 -7.66 -37.27
CA PRO R 292 -59.82 -7.58 -37.97
C PRO R 292 -59.65 -7.59 -39.48
N ASN R 293 -60.64 -8.18 -40.15
CA ASN R 293 -60.75 -8.12 -41.59
C ASN R 293 -61.35 -6.79 -42.02
N PRO R 294 -61.22 -6.42 -43.30
CA PRO R 294 -61.96 -5.23 -43.77
C PRO R 294 -63.44 -5.34 -43.54
N THR R 295 -64.02 -6.53 -43.70
CA THR R 295 -65.43 -6.72 -43.37
C THR R 295 -65.66 -6.59 -41.86
N ALA R 296 -64.69 -7.00 -41.05
CA ALA R 296 -64.81 -6.83 -39.61
C ALA R 296 -64.82 -5.35 -39.24
N LEU R 297 -63.95 -4.56 -39.87
CA LEU R 297 -63.96 -3.12 -39.64
C LEU R 297 -65.27 -2.50 -40.11
N ALA R 298 -65.77 -2.92 -41.28
CA ALA R 298 -66.97 -2.31 -41.84
C ALA R 298 -68.20 -2.65 -41.02
N THR R 299 -68.21 -3.81 -40.37
CA THR R 299 -69.36 -4.19 -39.56
C THR R 299 -69.47 -3.29 -38.34
N ALA R 300 -70.67 -2.81 -38.07
CA ALA R 300 -70.92 -2.02 -36.88
C ALA R 300 -70.93 -2.95 -35.66
N ALA R 301 -71.22 -2.36 -34.49
CA ALA R 301 -71.19 -3.03 -33.19
C ALA R 301 -69.79 -3.44 -32.78
N ASN R 302 -68.79 -3.22 -33.63
CA ASN R 302 -67.39 -3.34 -33.26
C ASN R 302 -66.83 -2.03 -32.72
N TRP R 303 -67.52 -0.92 -32.94
CA TRP R 303 -67.14 0.38 -32.43
C TRP R 303 -68.26 0.89 -31.55
N ASP R 304 -67.91 1.79 -30.63
CA ASP R 304 -68.89 2.38 -29.74
C ASP R 304 -68.38 3.72 -29.25
N LYS R 305 -69.19 4.76 -29.42
CA LYS R 305 -68.80 6.10 -29.01
C LYS R 305 -68.48 6.14 -27.52
N ILE R 306 -67.34 6.70 -27.17
CA ILE R 306 -66.93 6.83 -25.79
C ILE R 306 -67.08 8.26 -25.27
N SER R 307 -67.01 9.26 -26.14
CA SER R 307 -67.22 10.64 -25.70
C SER R 307 -68.67 10.85 -25.30
N THR R 308 -68.87 11.67 -24.26
CA THR R 308 -70.22 11.90 -23.76
C THR R 308 -71.10 12.56 -24.82
N SER R 309 -70.54 13.50 -25.57
CA SER R 309 -71.28 14.24 -26.59
C SER R 309 -70.82 13.83 -27.98
N ILE R 310 -71.77 13.81 -28.92
CA ILE R 310 -71.46 13.46 -30.30
C ILE R 310 -70.54 14.48 -30.93
N LYS R 311 -70.66 15.75 -30.54
CA LYS R 311 -69.93 16.81 -31.23
C LYS R 311 -68.43 16.75 -30.95
N ASP R 312 -68.02 16.04 -29.91
CA ASP R 312 -66.59 15.81 -29.71
C ASP R 312 -66.08 14.70 -30.64
N THR R 313 -66.92 13.70 -30.91
CA THR R 313 -66.58 12.64 -31.85
C THR R 313 -66.67 13.20 -33.26
N GLY R 314 -65.51 13.53 -33.81
CA GLY R 314 -65.44 14.16 -35.10
C GLY R 314 -65.95 13.31 -36.25
N GLY R 315 -67.00 13.77 -36.91
CA GLY R 315 -67.45 13.10 -38.13
C GLY R 315 -68.91 12.69 -38.13
N VAL R 316 -69.54 12.87 -39.30
CA VAL R 316 -70.89 12.41 -39.57
C VAL R 316 -70.88 11.71 -40.92
N VAL R 317 -71.91 10.90 -41.16
CA VAL R 317 -72.05 10.15 -42.39
C VAL R 317 -73.42 10.47 -42.99
N LEU R 318 -73.48 10.57 -44.31
CA LEU R 318 -74.68 10.97 -45.03
C LEU R 318 -74.95 9.97 -46.15
N VAL R 319 -75.93 9.09 -45.94
CA VAL R 319 -76.29 8.08 -46.94
C VAL R 319 -77.14 8.75 -48.00
N THR R 320 -76.74 8.60 -49.26
CA THR R 320 -77.26 9.42 -50.35
C THR R 320 -78.07 8.65 -51.38
N LYS R 321 -77.72 7.41 -51.66
CA LYS R 321 -78.27 6.64 -52.79
C LYS R 321 -77.90 7.27 -54.12
N ALA S 2 74.71 -61.50 -62.91
CA ALA S 2 73.59 -62.44 -62.90
C ALA S 2 72.41 -61.87 -62.13
N LEU S 3 71.31 -61.63 -62.82
CA LEU S 3 70.13 -61.09 -62.18
C LEU S 3 69.54 -62.05 -61.14
N SER S 4 69.80 -63.34 -61.27
CA SER S 4 69.32 -64.30 -60.28
C SER S 4 69.92 -64.03 -58.91
N ASP S 5 71.22 -63.70 -58.86
CA ASP S 5 71.85 -63.38 -57.59
C ASP S 5 71.29 -62.10 -56.99
N LEU S 6 70.90 -61.14 -57.83
CA LEU S 6 70.36 -59.89 -57.34
C LEU S 6 69.00 -60.11 -56.69
N GLN S 7 68.45 -59.04 -56.14
CA GLN S 7 67.17 -59.08 -55.43
C GLN S 7 66.22 -58.10 -56.08
N VAL S 8 65.02 -58.56 -56.40
CA VAL S 8 64.01 -57.77 -57.11
C VAL S 8 62.79 -57.62 -56.21
N PHE S 9 62.32 -56.39 -56.05
CA PHE S 9 61.22 -56.08 -55.14
C PHE S 9 59.90 -55.75 -55.84
N ASN S 10 59.88 -55.67 -57.16
CA ASN S 10 58.71 -55.19 -57.89
C ASN S 10 58.30 -53.81 -57.37
N ASP S 11 57.00 -53.54 -57.35
CA ASP S 11 56.53 -52.22 -56.95
C ASP S 11 55.08 -52.33 -56.51
N TRP S 12 54.67 -51.40 -55.65
CA TRP S 12 53.30 -51.37 -55.14
C TRP S 12 52.88 -49.94 -54.85
N ALA S 13 51.57 -49.73 -54.84
CA ALA S 13 50.99 -48.44 -54.50
C ALA S 13 49.54 -48.66 -54.08
N TYR S 14 48.98 -47.69 -53.37
CA TYR S 14 47.60 -47.74 -52.90
C TYR S 14 46.88 -46.52 -53.47
N LYS S 15 45.97 -46.76 -54.42
CA LYS S 15 45.31 -45.66 -55.12
C LYS S 15 44.13 -45.09 -54.36
N THR S 16 43.75 -45.68 -53.23
CA THR S 16 42.62 -45.25 -52.39
C THR S 16 41.40 -44.84 -53.23
N MET S 17 41.18 -45.59 -54.31
CA MET S 17 40.09 -45.35 -55.24
C MET S 17 39.18 -46.58 -55.24
N SER S 18 37.88 -46.36 -55.39
CA SER S 18 36.88 -47.42 -55.38
C SER S 18 35.92 -47.20 -56.54
N GLU S 19 35.65 -48.25 -57.31
CA GLU S 19 34.61 -48.17 -58.33
C GLU S 19 33.26 -47.97 -57.66
N VAL S 20 32.45 -47.06 -58.21
CA VAL S 20 31.25 -46.63 -57.52
C VAL S 20 30.06 -47.53 -57.87
N LEU S 21 29.69 -47.61 -59.15
CA LEU S 21 28.58 -48.45 -59.59
C LEU S 21 28.63 -48.53 -61.12
N ASP S 22 27.58 -49.11 -61.72
CA ASP S 22 27.57 -49.40 -63.14
C ASP S 22 26.54 -48.55 -63.90
N GLN S 23 25.27 -48.63 -63.53
CA GLN S 23 24.23 -48.00 -64.31
C GLN S 23 24.20 -46.49 -64.09
N GLN S 24 23.62 -45.79 -65.07
CA GLN S 24 23.49 -44.34 -65.02
C GLN S 24 22.32 -43.96 -64.12
N VAL S 25 22.59 -43.12 -63.12
CA VAL S 25 21.58 -42.75 -62.14
C VAL S 25 21.52 -41.24 -62.01
N GLU S 26 22.27 -40.54 -62.84
CA GLU S 26 22.35 -39.08 -62.79
C GLU S 26 21.33 -38.42 -63.69
N LEU S 27 20.21 -39.08 -63.95
CA LEU S 27 19.13 -38.58 -64.80
C LEU S 27 17.93 -38.17 -63.98
N PHE S 28 18.11 -38.05 -62.66
CA PHE S 28 16.99 -38.25 -61.76
C PHE S 28 16.03 -37.07 -61.80
N ASN S 29 16.51 -35.86 -61.50
CA ASN S 29 15.63 -34.70 -61.49
C ASN S 29 16.22 -33.64 -62.42
N GLY S 30 15.33 -32.97 -63.15
CA GLY S 30 15.79 -31.99 -64.13
C GLY S 30 16.26 -32.55 -65.45
N ALA S 31 17.08 -33.62 -65.42
CA ALA S 31 17.49 -34.25 -66.67
C ALA S 31 16.31 -34.85 -67.41
N THR S 32 15.36 -35.42 -66.67
CA THR S 32 14.12 -35.92 -67.24
C THR S 32 13.09 -34.81 -67.45
N ARG S 33 13.51 -33.56 -67.37
CA ARG S 33 12.63 -32.40 -67.56
C ARG S 33 11.44 -32.47 -66.61
N GLY S 34 11.74 -32.70 -65.33
CA GLY S 34 10.72 -32.73 -64.30
C GLY S 34 9.89 -33.98 -64.23
N ALA S 35 10.19 -35.00 -65.05
CA ALA S 35 9.44 -36.24 -64.98
C ALA S 35 9.58 -36.90 -63.62
N ILE S 36 10.82 -37.00 -63.14
CA ILE S 36 11.11 -37.49 -61.79
C ILE S 36 11.74 -36.34 -61.02
N ILE S 37 11.27 -36.10 -59.80
CA ILE S 37 11.71 -34.97 -59.01
C ILE S 37 12.22 -35.47 -57.66
N LEU S 38 12.83 -34.56 -56.90
CA LEU S 38 13.48 -34.91 -55.63
C LEU S 38 13.26 -33.78 -54.65
N ARG S 39 12.59 -34.08 -53.54
CA ARG S 39 12.39 -33.15 -52.44
C ARG S 39 13.01 -33.72 -51.17
N SER S 40 12.81 -33.04 -50.06
CA SER S 40 13.32 -33.48 -48.76
C SER S 40 12.21 -33.46 -47.72
N ALA S 41 11.02 -33.89 -48.13
CA ALA S 41 9.85 -33.91 -47.26
C ALA S 41 9.89 -35.10 -46.32
N GLY S 42 9.31 -34.94 -45.14
CA GLY S 42 9.28 -35.97 -44.12
C GLY S 42 7.89 -36.57 -44.00
N ASN S 43 7.83 -37.90 -44.06
CA ASN S 43 6.59 -38.62 -43.85
C ASN S 43 6.86 -39.78 -42.91
N THR S 44 5.82 -40.18 -42.17
CA THR S 44 5.90 -41.30 -41.25
C THR S 44 4.78 -42.28 -41.53
N GLY S 45 4.63 -43.25 -40.63
CA GLY S 45 3.71 -44.34 -40.92
C GLY S 45 4.18 -45.10 -42.13
N ASP S 46 3.31 -45.18 -43.13
CA ASP S 46 3.66 -45.76 -44.42
C ASP S 46 2.98 -45.05 -45.58
N LEU S 47 2.30 -43.93 -45.33
CA LEU S 47 1.34 -43.45 -46.30
C LEU S 47 1.05 -41.98 -46.08
N SER S 48 0.81 -41.27 -47.18
CA SER S 48 0.39 -39.88 -47.16
C SER S 48 -0.77 -39.69 -48.14
N GLU S 49 -1.79 -38.98 -47.69
CA GLU S 49 -3.01 -38.79 -48.48
C GLU S 49 -3.18 -37.33 -48.89
N ALA S 50 -4.01 -37.14 -49.91
CA ALA S 50 -4.43 -35.82 -50.36
C ALA S 50 -5.74 -35.98 -51.10
N ALA S 51 -6.68 -35.07 -50.87
CA ALA S 51 -8.01 -35.15 -51.43
C ALA S 51 -8.22 -34.02 -52.44
N PHE S 52 -8.81 -34.36 -53.60
CA PHE S 52 -8.89 -33.43 -54.71
C PHE S 52 -10.26 -33.42 -55.42
N TRP S 53 -11.34 -33.60 -54.68
CA TRP S 53 -12.71 -33.25 -55.10
C TRP S 53 -13.21 -33.97 -56.34
N ALA S 54 -12.43 -34.88 -56.91
CA ALA S 54 -12.87 -35.71 -58.05
C ALA S 54 -13.37 -34.79 -59.17
N LYS S 55 -14.49 -35.12 -59.82
CA LYS S 55 -14.96 -34.38 -60.99
C LYS S 55 -16.41 -34.75 -61.25
N ILE S 56 -17.23 -33.73 -61.54
CA ILE S 56 -18.64 -33.91 -61.82
C ILE S 56 -18.82 -34.15 -63.32
N GLN S 57 -19.46 -35.26 -63.67
CA GLN S 57 -19.59 -35.63 -65.08
C GLN S 57 -20.58 -34.72 -65.79
N GLY S 58 -21.83 -34.72 -65.35
CA GLY S 58 -22.83 -33.88 -65.99
C GLY S 58 -23.02 -32.55 -65.32
N LEU S 59 -22.37 -31.50 -65.85
CA LEU S 59 -22.52 -30.16 -65.34
C LEU S 59 -23.37 -29.26 -66.22
N VAL S 60 -23.43 -29.53 -67.52
CA VAL S 60 -24.23 -28.75 -68.46
C VAL S 60 -25.40 -29.60 -68.92
N ARG S 61 -26.60 -29.03 -68.91
CA ARG S 61 -27.80 -29.76 -69.27
C ARG S 61 -28.60 -28.95 -70.28
N PRO S 62 -29.14 -29.60 -71.32
CA PRO S 62 -30.05 -28.91 -72.23
C PRO S 62 -31.27 -28.40 -71.48
N ARG S 63 -31.47 -27.08 -71.52
CA ARG S 63 -32.50 -26.42 -70.75
C ARG S 63 -33.65 -25.97 -71.64
N ASP S 64 -34.85 -25.94 -71.06
CA ASP S 64 -36.06 -25.49 -71.76
C ASP S 64 -36.71 -24.39 -70.94
N PRO S 65 -36.53 -23.13 -71.32
CA PRO S 65 -37.13 -22.03 -70.54
C PRO S 65 -38.65 -22.04 -70.59
N TYR S 66 -39.27 -22.71 -71.55
CA TYR S 66 -40.71 -22.70 -71.72
C TYR S 66 -41.40 -23.84 -70.99
N SER S 67 -40.65 -24.72 -70.33
CA SER S 67 -41.23 -25.89 -69.66
C SER S 67 -40.70 -25.98 -68.23
N ASN S 68 -41.57 -26.41 -67.33
CA ASN S 68 -41.20 -26.63 -65.93
C ASN S 68 -41.23 -28.14 -65.66
N ALA S 69 -40.05 -28.72 -65.49
CA ALA S 69 -39.94 -30.16 -65.26
C ALA S 69 -38.80 -30.41 -64.29
N ASP S 70 -38.86 -31.57 -63.63
CA ASP S 70 -37.88 -31.92 -62.61
C ASP S 70 -36.65 -32.56 -63.23
N VAL S 71 -35.50 -32.25 -62.65
CA VAL S 71 -34.22 -32.81 -63.09
C VAL S 71 -33.49 -33.37 -61.88
N ALA S 72 -32.91 -34.55 -62.04
CA ALA S 72 -32.27 -35.23 -60.92
C ALA S 72 -31.02 -34.51 -60.48
N ALA S 73 -30.75 -34.55 -59.17
CA ALA S 73 -29.62 -33.84 -58.59
C ALA S 73 -28.34 -34.67 -58.74
N LYS S 74 -27.21 -34.01 -58.46
CA LYS S 74 -25.90 -34.65 -58.51
C LYS S 74 -25.11 -34.28 -57.26
N ASP S 75 -24.15 -35.12 -56.91
CA ASP S 75 -23.38 -34.97 -55.69
C ASP S 75 -21.95 -34.52 -56.00
N LEU S 76 -21.15 -34.36 -54.96
CA LEU S 76 -19.72 -34.10 -55.07
C LEU S 76 -18.97 -35.32 -54.56
N ARG S 77 -18.07 -35.83 -55.38
CA ARG S 77 -17.22 -36.93 -54.97
C ARG S 77 -15.87 -36.40 -54.49
N GLN S 78 -15.06 -37.29 -53.92
CA GLN S 78 -13.70 -36.96 -53.52
C GLN S 78 -12.84 -38.19 -53.72
N LEU S 79 -11.54 -37.95 -53.88
CA LEU S 79 -10.59 -39.00 -54.19
C LEU S 79 -9.32 -38.77 -53.38
N VAL S 80 -8.58 -39.84 -53.13
CA VAL S 80 -7.40 -39.78 -52.28
C VAL S 80 -6.18 -40.23 -53.08
N ASP S 81 -5.15 -39.41 -53.05
CA ASP S 81 -3.85 -39.79 -53.56
C ASP S 81 -3.10 -40.59 -52.50
N ASN S 82 -1.97 -41.17 -52.88
CA ASN S 82 -1.23 -42.03 -51.96
C ASN S 82 0.25 -41.92 -52.24
N THR S 83 1.05 -42.16 -51.22
CA THR S 83 2.50 -42.13 -51.34
C THR S 83 3.07 -43.11 -50.33
N ILE S 84 3.43 -44.31 -50.80
CA ILE S 84 3.99 -45.32 -49.92
C ILE S 84 5.38 -44.89 -49.47
N LYS S 85 5.75 -45.32 -48.26
CA LYS S 85 7.08 -45.08 -47.72
C LYS S 85 7.92 -46.35 -47.82
N VAL S 86 9.07 -46.24 -48.47
CA VAL S 86 10.00 -47.35 -48.62
C VAL S 86 11.22 -47.06 -47.75
N ALA S 87 11.65 -48.05 -46.97
CA ALA S 87 12.79 -47.92 -46.07
C ALA S 87 13.88 -48.88 -46.51
N SER S 88 15.08 -48.35 -46.70
CA SER S 88 16.24 -49.12 -47.11
C SER S 88 17.33 -49.00 -46.06
N GLY S 89 18.37 -49.82 -46.22
CA GLY S 89 19.46 -49.82 -45.28
C GLY S 89 20.67 -50.52 -45.85
N THR S 90 21.68 -50.69 -45.00
CA THR S 90 22.95 -51.27 -45.40
C THR S 90 23.29 -52.42 -44.45
N PRO S 91 23.70 -53.57 -44.96
CA PRO S 91 24.13 -54.65 -44.08
C PRO S 91 25.36 -54.22 -43.30
N PRO S 92 25.55 -54.75 -42.09
CA PRO S 92 26.71 -54.35 -41.29
C PRO S 92 28.01 -54.61 -42.04
N ILE S 93 28.92 -53.65 -41.97
CA ILE S 93 30.18 -53.69 -42.71
C ILE S 93 31.31 -53.70 -41.68
N ASN S 94 32.16 -54.70 -41.76
CA ASN S 94 33.29 -54.80 -40.84
C ASN S 94 34.39 -53.86 -41.31
N ILE S 95 34.74 -52.89 -40.47
CA ILE S 95 35.83 -51.96 -40.78
C ILE S 95 36.75 -51.86 -39.57
N PRO S 96 37.44 -52.94 -39.20
CA PRO S 96 38.29 -52.91 -38.01
C PRO S 96 39.50 -52.00 -38.25
N PRO S 97 39.86 -51.19 -37.26
CA PRO S 97 41.02 -50.31 -37.43
C PRO S 97 42.33 -51.08 -37.60
N SER S 98 42.43 -52.28 -37.05
CA SER S 98 43.68 -53.03 -37.14
C SER S 98 43.99 -53.41 -38.58
N MET S 99 42.98 -53.85 -39.34
CA MET S 99 43.20 -54.27 -40.72
C MET S 99 43.59 -53.12 -41.63
N LEU S 100 43.46 -51.87 -41.17
CA LEU S 100 43.89 -50.71 -41.92
C LEU S 100 45.20 -50.13 -41.41
N ARG S 101 45.45 -50.22 -40.10
CA ARG S 101 46.76 -49.81 -39.60
C ARG S 101 47.85 -50.80 -39.95
N TRP S 102 47.52 -52.08 -40.18
CA TRP S 102 48.53 -53.03 -40.62
C TRP S 102 49.07 -52.65 -42.00
N ILE S 103 48.20 -52.12 -42.85
CA ILE S 103 48.59 -51.67 -44.18
C ILE S 103 49.07 -50.23 -44.07
N GLN S 104 48.95 -49.67 -42.87
CA GLN S 104 49.29 -48.27 -42.60
C GLN S 104 48.42 -47.35 -43.47
N LYS S 105 47.13 -47.35 -43.17
CA LYS S 105 46.16 -46.47 -43.81
C LYS S 105 45.27 -45.85 -42.75
N ASN S 106 44.76 -44.66 -43.02
CA ASN S 106 43.88 -43.99 -42.07
C ASN S 106 42.58 -44.76 -41.95
N PRO S 107 42.11 -45.06 -40.74
CA PRO S 107 40.85 -45.81 -40.60
C PRO S 107 39.65 -45.14 -41.23
N GLN S 108 39.62 -43.80 -41.28
CA GLN S 108 38.50 -43.08 -41.87
C GLN S 108 38.38 -43.30 -43.36
N GLU S 109 39.41 -43.85 -44.01
CA GLU S 109 39.33 -44.16 -45.43
C GLU S 109 38.23 -45.16 -45.72
N ALA S 110 38.06 -46.15 -44.83
CA ALA S 110 36.98 -47.12 -45.00
C ALA S 110 35.62 -46.43 -44.95
N GLY S 111 35.43 -45.52 -44.00
CA GLY S 111 34.19 -44.77 -43.93
C GLY S 111 33.95 -43.94 -45.18
N ALA S 112 35.00 -43.31 -45.70
CA ALA S 112 34.85 -42.52 -46.91
C ALA S 112 34.47 -43.39 -48.12
N VAL S 113 35.12 -44.55 -48.25
CA VAL S 113 34.80 -45.46 -49.35
C VAL S 113 33.36 -45.91 -49.26
N ILE S 114 32.94 -46.31 -48.06
CA ILE S 114 31.56 -46.72 -47.86
C ILE S 114 30.62 -45.56 -48.18
N GLY S 115 31.01 -44.35 -47.81
CA GLY S 115 30.14 -43.20 -48.07
C GLY S 115 29.93 -42.95 -49.55
N GLN S 116 31.00 -42.99 -50.34
CA GLN S 116 30.85 -42.73 -51.77
C GLN S 116 30.07 -43.85 -52.46
N GLN S 117 30.41 -45.11 -52.15
CA GLN S 117 29.66 -46.21 -52.73
C GLN S 117 28.19 -46.17 -52.29
N LEU S 118 27.94 -45.78 -51.04
CA LEU S 118 26.59 -45.70 -50.52
C LEU S 118 25.79 -44.61 -51.21
N ALA S 119 26.42 -43.46 -51.49
CA ALA S 119 25.72 -42.42 -52.24
C ALA S 119 25.32 -42.92 -53.62
N GLY S 120 26.26 -43.55 -54.33
CA GLY S 120 25.95 -44.09 -55.64
C GLY S 120 24.82 -45.10 -55.59
N ASP S 121 24.90 -46.05 -54.65
CA ASP S 121 23.91 -47.11 -54.56
C ASP S 121 22.56 -46.61 -54.08
N THR S 122 22.54 -45.57 -53.25
CA THR S 122 21.27 -44.98 -52.82
C THR S 122 20.57 -44.30 -53.99
N MET S 123 21.32 -43.54 -54.79
CA MET S 123 20.76 -42.96 -56.01
C MET S 123 20.17 -44.07 -56.88
N GLN S 124 20.96 -45.13 -57.09
CA GLN S 124 20.53 -46.24 -57.93
C GLN S 124 19.26 -46.90 -57.40
N ASP S 125 19.21 -47.13 -56.08
CA ASP S 125 18.09 -47.85 -55.50
C ASP S 125 16.81 -47.04 -55.60
N MET S 126 16.87 -45.74 -55.29
CA MET S 126 15.65 -44.94 -55.44
C MET S 126 15.21 -44.86 -56.89
N LEU S 127 16.15 -44.69 -57.82
CA LEU S 127 15.78 -44.63 -59.23
C LEU S 127 15.10 -45.93 -59.67
N ASN S 128 15.69 -47.07 -59.31
CA ASN S 128 15.14 -48.35 -59.74
C ASN S 128 13.77 -48.60 -59.14
N ASN S 129 13.59 -48.31 -57.84
CA ASN S 129 12.29 -48.53 -57.23
C ASN S 129 11.24 -47.60 -57.81
N GLY S 130 11.61 -46.34 -58.08
CA GLY S 130 10.67 -45.43 -58.72
C GLY S 130 10.23 -45.93 -60.09
N LEU S 131 11.19 -46.38 -60.90
CA LEU S 131 10.83 -46.87 -62.23
C LEU S 131 9.96 -48.11 -62.15
N ALA S 132 10.28 -49.03 -61.24
CA ALA S 132 9.48 -50.24 -61.10
C ALA S 132 8.05 -49.91 -60.66
N ALA S 133 7.90 -49.02 -59.68
CA ALA S 133 6.58 -48.64 -59.23
C ALA S 133 5.80 -47.93 -60.33
N GLY S 134 6.48 -47.08 -61.10
CA GLY S 134 5.83 -46.42 -62.22
C GLY S 134 5.31 -47.40 -63.24
N LYS S 135 6.14 -48.38 -63.60
CA LYS S 135 5.72 -49.39 -64.56
C LYS S 135 4.53 -50.18 -64.05
N ALA S 136 4.59 -50.59 -62.77
CA ALA S 136 3.49 -51.36 -62.19
C ALA S 136 2.19 -50.54 -62.18
N ALA S 137 2.28 -49.27 -61.80
CA ALA S 137 1.08 -48.43 -61.74
C ALA S 137 0.51 -48.21 -63.14
N PHE S 138 1.37 -48.00 -64.13
CA PHE S 138 0.88 -47.78 -65.49
C PHE S 138 0.24 -49.05 -66.05
N THR S 139 0.78 -50.22 -65.70
CA THR S 139 0.13 -51.47 -66.08
C THR S 139 -1.22 -51.62 -65.38
N ALA S 140 -1.30 -51.23 -64.11
CA ALA S 140 -2.56 -51.32 -63.38
C ALA S 140 -3.61 -50.40 -63.98
N GLY S 141 -3.22 -49.21 -64.40
CA GLY S 141 -4.16 -48.24 -64.94
C GLY S 141 -4.60 -48.48 -66.37
N GLY S 142 -4.02 -49.48 -67.04
CA GLY S 142 -4.42 -49.79 -68.39
C GLY S 142 -3.77 -48.96 -69.46
N ALA S 143 -2.72 -48.19 -69.14
CA ALA S 143 -2.01 -47.41 -70.14
C ALA S 143 -0.77 -48.19 -70.59
N VAL S 144 -1.02 -49.27 -71.33
CA VAL S 144 0.02 -50.16 -71.82
C VAL S 144 -0.17 -50.36 -73.32
N HIS S 145 0.92 -50.32 -74.06
CA HIS S 145 0.92 -50.67 -75.48
C HIS S 145 2.02 -51.69 -75.73
N ASP S 146 1.68 -52.79 -76.38
CA ASP S 146 2.61 -53.89 -76.60
C ASP S 146 3.00 -53.98 -78.07
N ILE S 147 4.30 -54.06 -78.33
CA ILE S 147 4.83 -54.21 -79.67
C ILE S 147 5.32 -55.64 -79.84
N SER S 148 5.56 -56.33 -78.72
CA SER S 148 6.05 -57.70 -78.77
C SER S 148 5.10 -58.59 -79.56
N ALA S 149 3.79 -58.40 -79.40
CA ALA S 149 2.82 -59.17 -80.16
C ALA S 149 2.76 -58.70 -81.61
N ALA S 150 2.76 -57.38 -81.82
CA ALA S 150 2.52 -56.79 -83.15
C ALA S 150 3.73 -57.03 -84.03
N GLY S 151 3.63 -58.02 -84.91
CA GLY S 151 4.70 -58.29 -85.86
C GLY S 151 6.00 -58.60 -85.13
N THR S 152 7.09 -57.99 -85.60
CA THR S 152 8.35 -58.07 -84.88
C THR S 152 8.43 -56.92 -83.87
N GLY S 153 8.68 -57.29 -82.62
CA GLY S 153 8.69 -56.36 -81.52
C GLY S 153 10.00 -55.64 -81.34
N LEU S 154 10.26 -54.63 -82.17
CA LEU S 154 11.47 -53.82 -82.05
C LEU S 154 11.10 -52.35 -82.01
N MET S 155 11.94 -51.56 -81.35
CA MET S 155 11.73 -50.11 -81.32
C MET S 155 11.69 -49.52 -82.71
N THR S 156 10.65 -48.73 -82.96
CA THR S 156 10.48 -48.00 -84.20
C THR S 156 9.68 -46.75 -83.87
N GLN S 157 9.82 -45.72 -84.71
CA GLN S 157 9.04 -44.50 -84.51
C GLN S 157 7.55 -44.80 -84.50
N ARG S 158 7.15 -45.86 -85.21
CA ARG S 158 5.75 -46.27 -85.21
C ARG S 158 5.30 -46.65 -83.79
N ALA S 159 6.15 -47.35 -83.04
CA ALA S 159 5.80 -47.71 -81.67
C ALA S 159 5.65 -46.48 -80.80
N PHE S 160 6.54 -45.50 -80.96
CA PHE S 160 6.41 -44.26 -80.21
C PHE S 160 5.12 -43.54 -80.54
N ASN S 161 4.75 -43.51 -81.83
CA ASN S 161 3.48 -42.90 -82.21
C ASN S 161 2.31 -43.66 -81.60
N ALA S 162 2.39 -44.99 -81.58
CA ALA S 162 1.31 -45.80 -81.01
C ALA S 162 1.15 -45.52 -79.52
N ALA S 163 2.25 -45.39 -78.80
CA ALA S 163 2.15 -45.00 -77.39
C ALA S 163 1.64 -43.57 -77.24
N GLN S 164 2.00 -42.69 -78.19
CA GLN S 164 1.46 -41.34 -78.24
C GLN S 164 -0.04 -41.34 -78.51
N ARG S 165 -0.58 -42.43 -79.08
CA ARG S 165 -2.01 -42.50 -79.37
C ARG S 165 -2.83 -42.43 -78.09
N ILE S 166 -2.35 -43.08 -77.02
CA ILE S 166 -2.94 -42.88 -75.71
C ILE S 166 -2.71 -41.43 -75.30
N PHE S 167 -3.51 -40.95 -74.35
CA PHE S 167 -3.62 -39.57 -73.90
C PHE S 167 -4.43 -38.71 -74.86
N GLY S 168 -4.95 -39.27 -75.95
CA GLY S 168 -5.87 -38.57 -76.83
C GLY S 168 -5.34 -37.26 -77.36
N ASP S 169 -6.13 -36.20 -77.19
CA ASP S 169 -5.72 -34.87 -77.67
C ASP S 169 -4.55 -34.34 -76.87
N ARG S 170 -4.48 -34.65 -75.58
CA ARG S 170 -3.39 -34.19 -74.72
C ARG S 170 -2.18 -35.12 -74.79
N SER S 171 -1.58 -35.27 -75.97
CA SER S 171 -0.40 -36.11 -76.10
C SER S 171 0.90 -35.31 -76.04
N THR S 172 0.82 -33.98 -75.97
CA THR S 172 2.02 -33.18 -75.88
C THR S 172 2.63 -33.20 -74.48
N ASP S 173 1.79 -33.47 -73.47
CA ASP S 173 2.27 -33.42 -72.09
C ASP S 173 3.34 -34.47 -71.80
N ILE S 174 3.39 -35.55 -72.57
CA ILE S 174 4.48 -36.52 -72.43
C ILE S 174 5.78 -35.80 -72.79
N GLN S 175 6.75 -35.85 -71.89
CA GLN S 175 7.97 -35.06 -72.04
C GLN S 175 9.18 -35.89 -72.46
N VAL S 176 9.40 -37.04 -71.83
CA VAL S 176 10.60 -37.84 -72.09
C VAL S 176 10.21 -39.30 -72.20
N TRP S 177 11.15 -40.10 -72.74
CA TRP S 177 11.04 -41.55 -72.77
C TRP S 177 12.21 -42.12 -71.97
N VAL S 178 11.89 -42.95 -70.97
CA VAL S 178 12.90 -43.62 -70.17
C VAL S 178 12.92 -45.09 -70.59
N SER S 179 14.11 -45.59 -70.93
CA SER S 179 14.21 -46.91 -71.52
C SER S 179 15.55 -47.54 -71.19
N HIS S 180 15.60 -48.86 -71.34
CA HIS S 180 16.85 -49.61 -71.25
C HIS S 180 17.73 -49.30 -72.45
N SER S 181 18.99 -49.72 -72.37
CA SER S 181 19.92 -49.44 -73.48
C SER S 181 19.57 -50.27 -74.71
N SER S 182 19.10 -51.50 -74.51
CA SER S 182 18.77 -52.36 -75.63
C SER S 182 17.70 -51.79 -76.56
N PRO S 183 16.59 -51.21 -76.06
CA PRO S 183 15.67 -50.55 -76.99
C PRO S 183 16.31 -49.44 -77.80
N LEU S 184 17.19 -48.63 -77.19
CA LEU S 184 17.84 -47.57 -77.93
C LEU S 184 18.75 -48.14 -79.02
N PHE S 185 19.48 -49.21 -78.71
CA PHE S 185 20.37 -49.77 -79.70
C PHE S 185 19.59 -50.47 -80.81
N ASP S 186 18.44 -51.08 -80.49
CA ASP S 186 17.58 -51.61 -81.53
C ASP S 186 17.03 -50.50 -82.42
N LEU S 187 16.67 -49.37 -81.82
CA LEU S 187 16.26 -48.21 -82.62
C LEU S 187 17.39 -47.74 -83.52
N TYR S 188 18.61 -47.70 -82.99
CA TYR S 188 19.77 -47.33 -83.81
C TYR S 188 19.92 -48.28 -84.98
N ASP S 189 19.83 -49.60 -84.71
CA ASP S 189 19.97 -50.58 -85.78
C ASP S 189 18.89 -50.42 -86.83
N ASN S 190 17.67 -50.12 -86.41
CA ASN S 190 16.61 -49.84 -87.37
C ASN S 190 16.94 -48.61 -88.21
N ALA S 191 17.45 -47.56 -87.57
CA ALA S 191 17.75 -46.32 -88.28
C ALA S 191 18.90 -46.49 -89.26
N LEU S 192 19.88 -47.35 -88.93
CA LEU S 192 21.03 -47.54 -89.81
C LEU S 192 20.59 -48.08 -91.17
N ALA S 193 19.74 -49.09 -91.16
CA ALA S 193 19.14 -49.61 -92.38
C ALA S 193 17.72 -49.06 -92.52
N ASN S 194 17.65 -47.78 -92.89
CA ASN S 194 16.35 -47.15 -93.01
C ASN S 194 15.64 -47.62 -94.26
N ALA S 195 14.78 -48.64 -94.11
CA ALA S 195 13.97 -49.09 -95.24
C ALA S 195 13.07 -47.97 -95.73
N GLU S 196 12.49 -47.22 -94.81
CA GLU S 196 11.78 -45.98 -95.14
C GLU S 196 12.77 -44.83 -95.07
N GLN S 197 12.86 -44.07 -96.16
CA GLN S 197 13.95 -43.10 -96.34
C GLN S 197 13.70 -41.89 -95.44
N LEU S 198 13.93 -42.10 -94.14
CA LEU S 198 13.74 -41.07 -93.15
C LEU S 198 15.03 -40.44 -92.64
N TYR S 199 16.17 -41.08 -92.85
CA TYR S 199 17.42 -40.64 -92.26
C TYR S 199 18.51 -40.50 -93.32
N VAL S 200 19.51 -39.69 -92.99
CA VAL S 200 20.78 -39.68 -93.70
C VAL S 200 21.87 -39.84 -92.65
N PHE S 201 23.09 -40.12 -93.13
CA PHE S 201 24.17 -40.46 -92.22
C PHE S 201 24.44 -39.36 -91.21
N GLY S 202 24.18 -38.11 -91.57
CA GLY S 202 24.37 -37.02 -90.62
C GLY S 202 23.42 -37.07 -89.45
N THR S 203 22.17 -37.47 -89.69
CA THR S 203 21.12 -37.46 -88.67
C THR S 203 20.62 -38.86 -88.37
N VAL S 204 21.53 -39.85 -88.41
CA VAL S 204 21.12 -41.23 -88.15
C VAL S 204 20.98 -41.49 -86.66
N ASN S 205 21.72 -40.75 -85.84
CA ASN S 205 21.67 -40.89 -84.39
C ASN S 205 20.93 -39.71 -83.77
N VAL S 206 19.74 -39.97 -83.24
CA VAL S 206 18.93 -38.93 -82.60
C VAL S 206 18.42 -39.45 -81.27
N ARG S 207 19.02 -38.99 -80.16
CA ARG S 207 18.54 -39.35 -78.84
C ARG S 207 17.14 -38.79 -78.60
N ALA S 208 16.97 -37.49 -78.80
CA ALA S 208 15.65 -36.87 -78.71
C ALA S 208 14.84 -37.23 -79.94
N ASP S 209 14.30 -38.45 -79.96
CA ASP S 209 13.81 -39.03 -81.20
C ASP S 209 12.34 -38.73 -81.46
N ALA S 210 11.45 -39.17 -80.57
CA ALA S 210 10.02 -39.13 -80.86
C ALA S 210 9.50 -37.70 -80.69
N PHE S 211 9.34 -37.00 -81.81
CA PHE S 211 8.70 -35.68 -81.83
C PHE S 211 9.38 -34.70 -80.87
N GLY S 212 10.70 -34.78 -80.80
CA GLY S 212 11.47 -33.92 -79.93
C GLY S 212 11.53 -34.36 -78.48
N ARG S 213 10.93 -35.48 -78.13
CA ARG S 213 11.01 -35.98 -76.76
C ARG S 213 12.33 -36.73 -76.57
N PRO S 214 13.14 -36.39 -75.58
CA PRO S 214 14.40 -37.10 -75.37
C PRO S 214 14.15 -38.55 -74.97
N ILE S 215 15.09 -39.41 -75.38
CA ILE S 215 15.13 -40.79 -74.93
C ILE S 215 16.28 -40.90 -73.94
N ILE S 216 15.94 -41.15 -72.68
CA ILE S 216 16.92 -41.16 -71.59
C ILE S 216 17.19 -42.60 -71.20
N ILE S 217 18.46 -42.96 -71.16
CA ILE S 217 18.90 -44.36 -71.11
C ILE S 217 19.47 -44.66 -69.73
N THR S 218 19.00 -45.74 -69.12
CA THR S 218 19.57 -46.27 -67.90
C THR S 218 19.37 -47.78 -67.86
N ASP S 219 20.39 -48.50 -67.42
CA ASP S 219 20.32 -49.96 -67.34
C ASP S 219 19.68 -50.40 -66.03
N SER S 220 18.45 -49.97 -65.84
CA SER S 220 17.71 -50.31 -64.64
C SER S 220 17.15 -51.73 -64.76
N PRO S 221 17.42 -52.61 -63.79
CA PRO S 221 16.84 -53.95 -63.85
C PRO S 221 15.32 -53.97 -63.84
N ALA S 222 14.70 -52.88 -63.36
CA ALA S 222 13.24 -52.83 -63.31
C ALA S 222 12.63 -52.87 -64.70
N LEU S 223 13.24 -52.17 -65.66
CA LEU S 223 12.66 -52.10 -66.99
C LEU S 223 12.91 -53.38 -67.79
N VAL S 224 13.89 -54.19 -67.38
CA VAL S 224 14.27 -55.35 -68.17
C VAL S 224 13.17 -56.41 -68.11
N SER S 225 12.91 -56.96 -66.91
CA SER S 225 11.82 -57.88 -66.66
C SER S 225 11.72 -58.98 -67.73
N GLY S 226 12.82 -59.72 -67.90
CA GLY S 226 12.83 -60.79 -68.89
C GLY S 226 14.10 -61.60 -68.80
N ALA S 227 14.13 -62.68 -69.57
CA ALA S 227 15.30 -63.56 -69.62
C ALA S 227 15.28 -64.33 -70.93
N ALA S 228 16.48 -64.66 -71.42
CA ALA S 228 16.66 -65.44 -72.64
C ALA S 228 15.81 -64.94 -73.80
N GLU S 229 15.06 -65.86 -74.42
CA GLU S 229 14.21 -65.46 -75.55
C GLU S 229 13.05 -64.59 -75.09
N THR S 230 12.43 -64.94 -73.97
CA THR S 230 11.28 -64.19 -73.44
C THR S 230 11.75 -62.96 -72.67
N LEU S 231 12.60 -62.19 -73.31
CA LEU S 231 13.10 -60.92 -72.78
C LEU S 231 12.17 -59.81 -73.23
N ARG S 232 11.64 -59.04 -72.28
CA ARG S 232 10.62 -58.03 -72.55
C ARG S 232 11.05 -56.69 -71.97
N HIS S 233 11.88 -55.96 -72.70
CA HIS S 233 12.27 -54.61 -72.30
C HIS S 233 11.04 -53.70 -72.32
N SER S 234 11.00 -52.76 -71.38
CA SER S 234 9.84 -51.88 -71.22
C SER S 234 10.32 -50.43 -71.30
N THR S 235 9.86 -49.72 -72.31
CA THR S 235 10.12 -48.29 -72.48
C THR S 235 8.87 -47.53 -72.04
N LEU S 236 9.00 -46.68 -71.04
CA LEU S 236 7.88 -45.96 -70.47
C LEU S 236 8.09 -44.46 -70.63
N GLY S 237 7.06 -43.77 -71.11
CA GLY S 237 7.14 -42.33 -71.29
C GLY S 237 6.45 -41.60 -70.15
N LEU S 238 7.00 -40.45 -69.78
CA LEU S 238 6.59 -39.72 -68.59
C LEU S 238 6.24 -38.29 -68.94
N THR S 239 5.22 -37.76 -68.27
CA THR S 239 4.95 -36.33 -68.24
C THR S 239 5.70 -35.71 -67.05
N THR S 240 5.55 -34.40 -66.91
CA THR S 240 6.16 -33.72 -65.77
C THR S 240 5.53 -34.20 -64.47
N GLY S 241 6.36 -34.43 -63.46
CA GLY S 241 5.88 -34.89 -62.17
C GLY S 241 5.34 -36.30 -62.16
N ALA S 242 5.74 -37.15 -63.11
CA ALA S 242 5.18 -38.50 -63.17
C ALA S 242 5.58 -39.33 -61.96
N ILE S 243 6.87 -39.37 -61.65
CA ILE S 243 7.39 -40.16 -60.55
C ILE S 243 7.82 -39.24 -59.42
N LEU S 244 7.24 -39.45 -58.24
CA LEU S 244 7.50 -38.64 -57.07
C LEU S 244 8.30 -39.44 -56.06
N ILE S 245 9.47 -38.91 -55.68
CA ILE S 245 10.34 -39.56 -54.70
C ILE S 245 10.82 -38.49 -53.72
N GLU S 246 10.37 -38.57 -52.48
CA GLU S 246 10.77 -37.64 -51.44
C GLU S 246 11.70 -38.35 -50.46
N GLN S 247 12.74 -37.65 -50.02
CA GLN S 247 13.67 -38.18 -49.04
C GLN S 247 13.23 -37.73 -47.66
N ASN S 248 12.99 -38.69 -46.78
CA ASN S 248 12.47 -38.38 -45.44
C ASN S 248 13.53 -37.80 -44.52
N GLN S 249 14.75 -37.59 -45.02
CA GLN S 249 15.90 -37.04 -44.30
C GLN S 249 16.04 -37.62 -42.90
N ASP S 250 15.60 -38.86 -42.71
CA ASP S 250 15.88 -39.62 -41.49
C ASP S 250 16.96 -40.65 -41.78
N PHE S 251 18.20 -40.17 -41.78
CA PHE S 251 19.36 -40.97 -42.14
C PHE S 251 20.17 -41.26 -40.88
N ASP S 252 20.11 -42.50 -40.43
CA ASP S 252 20.90 -42.95 -39.28
C ASP S 252 22.17 -43.61 -39.77
N SER S 253 23.28 -43.28 -39.13
CA SER S 253 24.59 -43.85 -39.49
C SER S 253 25.39 -44.00 -38.21
N THR S 254 25.38 -45.20 -37.64
CA THR S 254 26.11 -45.49 -36.42
C THR S 254 27.26 -46.45 -36.70
N VAL S 255 28.34 -46.28 -35.97
CA VAL S 255 29.50 -47.15 -36.03
C VAL S 255 29.70 -47.77 -34.66
N VAL S 256 29.41 -49.07 -34.54
CA VAL S 256 29.49 -49.79 -33.28
C VAL S 256 30.79 -50.58 -33.26
N ASP S 257 31.52 -50.47 -32.15
CA ASP S 257 32.78 -51.17 -31.97
C ASP S 257 32.71 -52.06 -30.73
N GLY S 258 33.38 -53.22 -30.81
CA GLY S 258 33.32 -54.22 -29.77
C GLY S 258 34.70 -54.61 -29.26
N THR S 259 34.70 -55.43 -28.22
CA THR S 259 35.92 -55.93 -27.60
C THR S 259 35.80 -57.44 -27.43
N GLY S 260 36.77 -58.01 -26.72
CA GLY S 260 36.78 -59.43 -26.41
C GLY S 260 37.48 -60.27 -27.44
N LYS S 261 37.71 -59.76 -28.64
CA LYS S 261 38.41 -60.48 -29.69
C LYS S 261 39.88 -60.06 -29.72
N GLN S 262 40.65 -60.75 -30.57
CA GLN S 262 42.07 -60.43 -30.68
C GLN S 262 42.29 -59.03 -31.23
N ASN S 263 41.31 -58.48 -31.95
CA ASN S 263 41.40 -57.15 -32.50
C ASN S 263 40.12 -56.38 -32.21
N ILE S 264 40.24 -55.06 -32.14
CA ILE S 264 39.05 -54.22 -32.03
C ILE S 264 38.25 -54.34 -33.31
N THR S 265 36.96 -54.62 -33.18
CA THR S 265 36.07 -54.78 -34.32
C THR S 265 35.21 -53.53 -34.45
N ARG S 266 34.89 -53.17 -35.69
CA ARG S 266 33.99 -52.05 -35.98
C ARG S 266 32.97 -52.49 -37.02
N GLN S 267 31.76 -51.96 -36.88
CA GLN S 267 30.69 -52.23 -37.82
C GLN S 267 30.06 -50.92 -38.26
N TYR S 268 29.79 -50.79 -39.55
CA TYR S 268 29.09 -49.64 -40.09
C TYR S 268 27.65 -50.03 -40.39
N GLN S 269 26.70 -49.23 -39.89
CA GLN S 269 25.29 -49.50 -40.08
C GLN S 269 24.59 -48.20 -40.44
N ALA S 270 23.97 -48.17 -41.61
CA ALA S 270 23.23 -47.00 -42.07
C ALA S 270 21.84 -47.41 -42.52
N GLU S 271 20.85 -46.62 -42.16
CA GLU S 271 19.47 -46.91 -42.52
C GLU S 271 18.72 -45.60 -42.69
N TRP S 272 17.86 -45.55 -43.71
CA TRP S 272 17.12 -44.35 -44.05
C TRP S 272 15.76 -44.77 -44.63
N SER S 273 15.06 -43.80 -45.21
CA SER S 273 13.78 -44.07 -45.85
C SER S 273 13.50 -42.96 -46.85
N TYR S 274 12.58 -43.24 -47.77
CA TYR S 274 12.19 -42.26 -48.77
C TYR S 274 10.79 -42.57 -49.26
N ASN S 275 9.98 -41.53 -49.41
CA ASN S 275 8.62 -41.69 -49.91
C ASN S 275 8.62 -41.82 -51.43
N LEU S 276 7.71 -42.64 -51.94
CA LEU S 276 7.61 -42.91 -53.36
C LEU S 276 6.16 -42.84 -53.77
N GLY S 277 5.88 -42.18 -54.89
CA GLY S 277 4.53 -42.07 -55.38
C GLY S 277 4.50 -41.76 -56.86
N VAL S 278 3.35 -42.02 -57.47
CA VAL S 278 3.14 -41.77 -58.89
C VAL S 278 1.92 -40.87 -59.02
N ASN S 279 2.01 -39.87 -59.91
CA ASN S 279 0.92 -38.93 -60.09
C ASN S 279 -0.32 -39.64 -60.60
N GLY S 280 -1.45 -39.40 -59.95
CA GLY S 280 -2.72 -39.94 -60.37
C GLY S 280 -2.95 -41.39 -60.02
N TYR S 281 -2.16 -41.96 -59.12
CA TYR S 281 -2.33 -43.35 -58.72
C TYR S 281 -2.22 -43.45 -57.20
N ALA S 282 -2.83 -44.50 -56.66
CA ALA S 282 -2.84 -44.76 -55.23
C ALA S 282 -2.32 -46.16 -54.96
N TYR S 283 -1.55 -46.31 -53.89
CA TYR S 283 -1.06 -47.61 -53.48
C TYR S 283 -2.09 -48.28 -52.57
N ASP S 284 -2.22 -49.60 -52.72
CA ASP S 284 -3.21 -50.38 -51.98
C ASP S 284 -2.54 -51.02 -50.77
N ILE S 285 -2.79 -50.46 -49.59
CA ILE S 285 -2.23 -51.03 -48.36
C ILE S 285 -2.88 -52.37 -48.04
N ALA S 286 -4.19 -52.51 -48.29
CA ALA S 286 -4.88 -53.75 -47.97
C ALA S 286 -4.29 -54.93 -48.74
N THR S 287 -3.92 -54.70 -50.01
CA THR S 287 -3.31 -55.75 -50.81
C THR S 287 -1.80 -55.78 -50.67
N GLY S 288 -1.16 -54.63 -50.51
CA GLY S 288 0.28 -54.54 -50.40
C GLY S 288 0.77 -54.86 -49.01
N GLY S 289 1.80 -54.12 -48.59
CA GLY S 289 2.39 -54.32 -47.27
C GLY S 289 2.68 -52.99 -46.60
N LYS S 290 3.09 -53.09 -45.33
CA LYS S 290 3.45 -51.89 -44.58
C LYS S 290 4.66 -51.21 -45.17
N ALA S 291 5.75 -51.96 -45.38
CA ALA S 291 6.98 -51.46 -45.99
C ALA S 291 7.33 -52.40 -47.13
N PRO S 292 6.90 -52.10 -48.36
CA PRO S 292 7.00 -53.07 -49.46
C PRO S 292 8.42 -53.20 -49.97
N ASN S 293 8.85 -54.43 -50.20
CA ASN S 293 10.07 -54.67 -50.95
C ASN S 293 9.81 -54.41 -52.44
N PRO S 294 10.89 -54.24 -53.23
CA PRO S 294 10.68 -53.88 -54.65
C PRO S 294 9.75 -54.82 -55.41
N THR S 295 9.75 -56.11 -55.09
CA THR S 295 8.86 -57.04 -55.76
C THR S 295 7.40 -56.71 -55.45
N ALA S 296 7.10 -56.29 -54.23
CA ALA S 296 5.74 -55.92 -53.88
C ALA S 296 5.28 -54.71 -54.69
N LEU S 297 6.15 -53.72 -54.85
CA LEU S 297 5.82 -52.57 -55.68
C LEU S 297 5.64 -52.96 -57.14
N ALA S 298 6.51 -53.84 -57.66
CA ALA S 298 6.55 -54.13 -59.08
C ALA S 298 5.32 -54.88 -59.58
N THR S 299 4.47 -55.38 -58.71
CA THR S 299 3.31 -56.16 -59.12
C THR S 299 2.14 -55.25 -59.43
N ALA S 300 1.54 -55.43 -60.61
CA ALA S 300 0.30 -54.74 -60.94
C ALA S 300 -0.82 -55.26 -60.04
N ALA S 301 -1.95 -54.55 -60.08
CA ALA S 301 -3.10 -54.74 -59.20
C ALA S 301 -2.78 -54.41 -57.75
N ASN S 302 -1.54 -54.04 -57.44
CA ASN S 302 -1.20 -53.47 -56.15
C ASN S 302 -1.40 -51.96 -56.12
N TRP S 303 -1.51 -51.34 -57.30
CA TRP S 303 -1.93 -49.96 -57.46
C TRP S 303 -3.32 -49.94 -58.06
N ASP S 304 -3.90 -48.74 -58.13
CA ASP S 304 -5.17 -48.54 -58.80
C ASP S 304 -5.30 -47.09 -59.19
N LYS S 305 -5.85 -46.85 -60.37
CA LYS S 305 -6.01 -45.49 -60.87
C LYS S 305 -7.12 -44.77 -60.11
N ILE S 306 -6.88 -43.52 -59.75
CA ILE S 306 -7.87 -42.71 -59.07
C ILE S 306 -8.41 -41.59 -59.94
N SER S 307 -7.58 -40.98 -60.79
CA SER S 307 -8.06 -39.90 -61.65
C SER S 307 -9.10 -40.43 -62.63
N THR S 308 -10.10 -39.60 -62.92
CA THR S 308 -11.19 -40.02 -63.78
C THR S 308 -10.72 -40.28 -65.20
N SER S 309 -9.74 -39.50 -65.68
CA SER S 309 -9.25 -39.61 -67.04
C SER S 309 -7.79 -40.06 -67.03
N ILE S 310 -7.44 -40.92 -68.00
CA ILE S 310 -6.05 -41.37 -68.12
C ILE S 310 -5.14 -40.18 -68.37
N LYS S 311 -5.62 -39.18 -69.11
CA LYS S 311 -4.80 -38.03 -69.49
C LYS S 311 -4.23 -37.29 -68.30
N ASP S 312 -4.89 -37.35 -67.14
CA ASP S 312 -4.33 -36.74 -65.94
C ASP S 312 -3.22 -37.58 -65.34
N THR S 313 -3.30 -38.90 -65.44
CA THR S 313 -2.29 -39.80 -64.89
C THR S 313 -1.12 -39.87 -65.87
N GLY S 314 -0.10 -39.07 -65.60
CA GLY S 314 1.04 -39.04 -66.50
C GLY S 314 1.76 -40.37 -66.54
N GLY S 315 1.98 -40.88 -67.75
CA GLY S 315 2.72 -42.11 -67.92
C GLY S 315 2.14 -43.08 -68.93
N VAL S 316 2.97 -43.50 -69.89
CA VAL S 316 2.61 -44.53 -70.86
C VAL S 316 3.79 -45.49 -70.95
N VAL S 317 3.53 -46.78 -70.74
CA VAL S 317 4.57 -47.79 -70.78
C VAL S 317 4.42 -48.60 -72.06
N LEU S 318 5.55 -48.94 -72.68
CA LEU S 318 5.56 -49.63 -73.97
C LEU S 318 6.43 -50.87 -73.83
N VAL S 319 5.83 -52.05 -73.97
CA VAL S 319 6.56 -53.31 -73.84
C VAL S 319 7.15 -53.65 -75.21
N THR S 320 8.47 -53.89 -75.24
CA THR S 320 9.23 -53.85 -76.48
C THR S 320 9.80 -55.21 -76.87
N LYS S 321 9.56 -56.25 -76.09
CA LYS S 321 10.40 -57.44 -76.02
C LYS S 321 11.90 -57.11 -76.21
N ALA T 2 92.76 -26.44 67.54
CA ALA T 2 92.62 -27.66 66.78
C ALA T 2 91.34 -27.63 65.95
N LEU T 3 91.29 -28.47 64.90
CA LEU T 3 90.11 -28.53 64.05
C LEU T 3 88.93 -29.19 64.75
N SER T 4 89.18 -30.00 65.78
CA SER T 4 88.09 -30.67 66.48
C SER T 4 87.21 -29.68 67.22
N ASP T 5 87.77 -28.56 67.65
CA ASP T 5 86.98 -27.58 68.41
C ASP T 5 86.16 -26.69 67.48
N LEU T 6 86.45 -26.69 66.19
CA LEU T 6 85.78 -25.82 65.24
C LEU T 6 84.63 -26.56 64.58
N GLN T 7 83.45 -25.94 64.56
CA GLN T 7 82.32 -26.52 63.85
C GLN T 7 82.46 -26.31 62.35
N VAL T 8 82.73 -27.38 61.62
CA VAL T 8 83.00 -27.31 60.19
C VAL T 8 81.73 -27.66 59.43
N PHE T 9 81.40 -26.83 58.44
CA PHE T 9 80.28 -27.07 57.55
C PHE T 9 80.82 -27.43 56.18
N ASN T 10 80.20 -28.42 55.54
CA ASN T 10 80.57 -28.77 54.18
C ASN T 10 79.71 -27.99 53.18
N ASP T 11 80.27 -27.72 52.01
CA ASP T 11 79.53 -27.00 50.99
C ASP T 11 78.45 -27.88 50.37
N TRP T 12 77.40 -27.22 49.91
CA TRP T 12 76.29 -27.91 49.28
C TRP T 12 75.64 -26.95 48.30
N ALA T 13 75.07 -27.51 47.23
CA ALA T 13 74.43 -26.69 46.21
C ALA T 13 73.43 -27.56 45.46
N TYR T 14 72.53 -26.88 44.74
CA TYR T 14 71.57 -27.54 43.86
C TYR T 14 71.91 -27.09 42.44
N LYS T 15 72.47 -28.00 41.64
CA LYS T 15 72.97 -27.65 40.32
C LYS T 15 71.88 -27.62 39.26
N THR T 16 70.61 -27.73 39.66
CA THR T 16 69.43 -27.56 38.82
C THR T 16 69.61 -28.16 37.41
N MET T 17 69.79 -29.47 37.39
CA MET T 17 69.89 -30.20 36.12
C MET T 17 69.15 -31.53 36.25
N SER T 18 68.79 -32.09 35.08
CA SER T 18 68.25 -33.43 35.00
C SER T 18 68.68 -34.04 33.67
N GLU T 19 68.77 -35.37 33.65
CA GLU T 19 69.32 -36.09 32.51
C GLU T 19 68.18 -36.65 31.65
N VAL T 20 68.15 -36.23 30.38
CA VAL T 20 66.97 -36.46 29.54
C VAL T 20 66.78 -37.95 29.27
N LEU T 21 67.81 -38.63 28.75
CA LEU T 21 67.73 -40.05 28.46
C LEU T 21 69.13 -40.55 28.12
N ASP T 22 69.21 -41.83 27.75
CA ASP T 22 70.48 -42.48 27.48
C ASP T 22 70.75 -42.66 25.99
N GLN T 23 69.78 -43.16 25.23
CA GLN T 23 69.98 -43.42 23.81
C GLN T 23 69.88 -42.11 23.02
N GLN T 24 70.11 -42.21 21.72
CA GLN T 24 70.10 -41.05 20.83
C GLN T 24 68.78 -41.02 20.08
N VAL T 25 68.06 -39.92 20.20
CA VAL T 25 66.78 -39.73 19.53
C VAL T 25 66.81 -38.56 18.56
N GLU T 26 67.94 -37.85 18.48
CA GLU T 26 68.13 -36.85 17.44
C GLU T 26 68.10 -37.48 16.05
N LEU T 27 68.66 -38.68 15.94
CA LEU T 27 68.89 -39.33 14.66
C LEU T 27 67.59 -39.92 14.13
N PHE T 28 66.62 -39.07 13.82
CA PHE T 28 65.26 -39.51 13.54
C PHE T 28 64.71 -39.01 12.21
N ASN T 29 65.01 -37.78 11.82
CA ASN T 29 64.51 -37.25 10.55
C ASN T 29 65.49 -36.21 10.05
N GLY T 30 65.67 -36.19 8.73
CA GLY T 30 66.71 -35.36 8.15
C GLY T 30 68.06 -36.01 8.31
N ALA T 31 68.39 -36.39 9.53
CA ALA T 31 69.57 -37.22 9.78
C ALA T 31 69.46 -38.59 9.11
N THR T 32 68.24 -39.04 8.81
CA THR T 32 68.02 -40.30 8.13
C THR T 32 67.54 -40.13 6.69
N ARG T 33 67.69 -38.94 6.11
CA ARG T 33 67.35 -38.70 4.71
C ARG T 33 65.90 -39.08 4.38
N GLY T 34 64.98 -38.78 5.28
CA GLY T 34 63.57 -39.01 5.05
C GLY T 34 63.13 -40.46 5.19
N ALA T 35 64.02 -41.33 5.67
CA ALA T 35 63.62 -42.71 5.93
C ALA T 35 62.56 -42.78 7.01
N ILE T 36 62.71 -41.96 8.05
CA ILE T 36 61.74 -41.86 9.14
C ILE T 36 61.25 -40.42 9.19
N ILE T 37 59.93 -40.23 9.19
CA ILE T 37 59.31 -38.92 9.06
C ILE T 37 58.54 -38.59 10.32
N LEU T 38 58.60 -37.33 10.73
CA LEU T 38 57.76 -36.79 11.79
C LEU T 38 57.00 -35.60 11.21
N ARG T 39 55.85 -35.90 10.62
CA ARG T 39 54.95 -34.85 10.15
C ARG T 39 53.85 -34.66 11.17
N SER T 40 53.10 -33.56 11.06
CA SER T 40 52.24 -33.11 12.14
C SER T 40 50.77 -33.20 11.74
N ALA T 41 50.41 -34.25 11.01
CA ALA T 41 49.04 -34.51 10.64
C ALA T 41 48.51 -35.67 11.47
N GLY T 42 47.42 -35.43 12.18
CA GLY T 42 46.80 -36.45 13.01
C GLY T 42 45.50 -36.94 12.41
N ASN T 43 45.16 -38.18 12.72
CA ASN T 43 44.01 -38.85 12.14
C ASN T 43 43.01 -39.23 13.22
N THR T 44 41.73 -39.08 12.90
CA THR T 44 40.67 -39.38 13.86
C THR T 44 40.42 -40.88 13.91
N GLY T 45 39.47 -41.27 14.75
CA GLY T 45 39.20 -42.67 14.93
C GLY T 45 40.40 -43.39 15.54
N ASP T 46 40.60 -44.62 15.09
CA ASP T 46 41.74 -45.42 15.53
C ASP T 46 42.58 -45.92 14.36
N LEU T 47 42.38 -45.37 13.17
CA LEU T 47 42.93 -45.95 11.96
C LEU T 47 42.65 -45.02 10.78
N SER T 48 43.41 -45.18 9.71
CA SER T 48 43.19 -44.46 8.47
C SER T 48 43.54 -45.35 7.29
N GLU T 49 42.94 -45.08 6.13
CA GLU T 49 43.07 -45.94 4.97
C GLU T 49 43.09 -45.13 3.68
N ALA T 50 43.61 -45.78 2.63
CA ALA T 50 43.67 -45.21 1.29
C ALA T 50 43.81 -46.34 0.28
N ALA T 51 43.36 -46.12 -0.95
CA ALA T 51 43.37 -47.13 -1.99
C ALA T 51 44.25 -46.71 -3.17
N PHE T 52 44.89 -47.68 -3.80
CA PHE T 52 45.81 -47.41 -4.90
C PHE T 52 45.69 -48.39 -6.07
N TRP T 53 44.67 -49.23 -6.10
CA TRP T 53 44.29 -50.00 -7.30
C TRP T 53 45.37 -50.93 -7.81
N ALA T 54 46.23 -51.43 -6.92
CA ALA T 54 47.07 -52.62 -7.16
C ALA T 54 47.75 -52.50 -8.52
N LYS T 55 47.67 -53.51 -9.38
CA LYS T 55 48.13 -53.44 -10.76
C LYS T 55 47.43 -54.52 -11.56
N ILE T 56 47.09 -54.19 -12.80
CA ILE T 56 46.57 -55.17 -13.74
C ILE T 56 47.77 -55.98 -14.23
N GLN T 57 47.79 -57.28 -13.93
CA GLN T 57 48.99 -58.06 -14.15
C GLN T 57 49.35 -58.12 -15.63
N GLY T 58 48.39 -58.50 -16.47
CA GLY T 58 48.64 -58.49 -17.91
C GLY T 58 47.96 -57.34 -18.63
N LEU T 59 48.72 -56.30 -18.96
CA LEU T 59 48.25 -55.24 -19.85
C LEU T 59 48.88 -55.27 -21.23
N VAL T 60 49.74 -56.24 -21.51
CA VAL T 60 50.32 -56.42 -22.83
C VAL T 60 50.16 -57.88 -23.23
N ARG T 61 49.70 -58.11 -24.45
CA ARG T 61 49.46 -59.46 -24.94
C ARG T 61 49.87 -59.53 -26.40
N PRO T 62 50.31 -60.69 -26.86
CA PRO T 62 50.73 -60.85 -28.28
C PRO T 62 49.56 -61.11 -29.23
N ARG T 63 48.85 -60.06 -29.59
CA ARG T 63 47.72 -60.19 -30.49
C ARG T 63 48.20 -60.54 -31.90
N ASP T 64 47.35 -61.26 -32.63
CA ASP T 64 47.60 -61.57 -34.03
C ASP T 64 46.52 -60.90 -34.87
N PRO T 65 46.86 -59.86 -35.65
CA PRO T 65 45.82 -59.19 -36.44
C PRO T 65 45.19 -60.06 -37.50
N TYR T 66 45.85 -61.14 -37.91
CA TYR T 66 45.29 -62.06 -38.88
C TYR T 66 44.27 -63.01 -38.28
N SER T 67 44.08 -62.99 -36.96
CA SER T 67 43.18 -63.90 -36.29
C SER T 67 42.15 -63.13 -35.50
N ASN T 68 41.02 -63.78 -35.21
CA ASN T 68 39.93 -63.19 -34.43
C ASN T 68 39.45 -64.27 -33.46
N ALA T 69 40.02 -64.27 -32.26
CA ALA T 69 39.71 -65.27 -31.24
C ALA T 69 39.37 -64.56 -29.93
N ASP T 70 38.62 -65.26 -29.09
CA ASP T 70 38.18 -64.68 -27.82
C ASP T 70 39.36 -64.49 -26.89
N VAL T 71 39.31 -63.40 -26.11
CA VAL T 71 40.35 -63.04 -25.16
C VAL T 71 39.70 -62.75 -23.82
N ALA T 72 40.25 -63.31 -22.75
CA ALA T 72 39.68 -63.17 -21.42
C ALA T 72 39.78 -61.73 -20.92
N ALA T 73 38.90 -61.38 -19.98
CA ALA T 73 38.85 -60.03 -19.44
C ALA T 73 39.51 -59.97 -18.06
N LYS T 74 39.88 -58.76 -17.67
CA LYS T 74 40.54 -58.50 -16.39
C LYS T 74 39.82 -57.37 -15.68
N ASP T 75 39.98 -57.33 -14.35
CA ASP T 75 39.28 -56.37 -13.51
C ASP T 75 40.28 -55.63 -12.63
N LEU T 76 39.91 -54.41 -12.25
CA LEU T 76 40.77 -53.56 -11.43
C LEU T 76 40.50 -53.82 -9.95
N ARG T 77 41.53 -54.26 -9.24
CA ARG T 77 41.41 -54.52 -7.81
C ARG T 77 41.59 -53.20 -7.05
N GLN T 78 41.54 -53.28 -5.72
CA GLN T 78 41.64 -52.09 -4.89
C GLN T 78 42.25 -52.49 -3.55
N LEU T 79 43.54 -52.26 -3.40
CA LEU T 79 44.27 -52.61 -2.18
C LEU T 79 44.26 -51.42 -1.25
N VAL T 80 44.06 -51.68 0.03
CA VAL T 80 43.92 -50.60 1.01
C VAL T 80 45.21 -50.45 1.81
N ASP T 81 45.55 -49.21 2.14
CA ASP T 81 46.69 -48.92 2.98
C ASP T 81 46.18 -48.68 4.41
N ASN T 82 47.09 -48.66 5.38
CA ASN T 82 46.67 -48.53 6.77
C ASN T 82 47.68 -47.69 7.53
N THR T 83 47.18 -46.96 8.53
CA THR T 83 48.01 -46.14 9.41
C THR T 83 47.39 -46.23 10.80
N ILE T 84 47.92 -47.13 11.63
CA ILE T 84 47.33 -47.37 12.94
C ILE T 84 47.74 -46.25 13.90
N LYS T 85 46.88 -45.99 14.89
CA LYS T 85 47.12 -44.97 15.89
C LYS T 85 47.63 -45.61 17.17
N VAL T 86 48.69 -45.04 17.73
CA VAL T 86 49.30 -45.52 18.97
C VAL T 86 49.14 -44.45 20.03
N ALA T 87 48.61 -44.84 21.19
CA ALA T 87 48.36 -43.92 22.29
C ALA T 87 49.38 -44.18 23.39
N SER T 88 50.00 -43.10 23.87
CA SER T 88 50.99 -43.18 24.94
C SER T 88 50.66 -42.14 26.01
N GLY T 89 51.28 -42.30 27.16
CA GLY T 89 51.01 -41.43 28.28
C GLY T 89 52.11 -41.51 29.31
N THR T 90 51.83 -40.93 30.47
CA THR T 90 52.79 -40.82 31.56
C THR T 90 52.14 -41.30 32.85
N PRO T 91 52.83 -42.14 33.63
CA PRO T 91 52.28 -42.52 34.92
C PRO T 91 52.11 -41.32 35.80
N PRO T 92 51.15 -41.34 36.72
CA PRO T 92 50.94 -40.20 37.61
C PRO T 92 52.21 -39.88 38.39
N ILE T 93 52.50 -38.59 38.53
CA ILE T 93 53.74 -38.15 39.15
C ILE T 93 53.39 -37.20 40.29
N ASN T 94 53.87 -37.52 41.49
CA ASN T 94 53.60 -36.70 42.66
C ASN T 94 54.57 -35.53 42.71
N ILE T 95 54.03 -34.31 42.77
CA ILE T 95 54.85 -33.12 42.95
C ILE T 95 54.25 -32.22 44.03
N PRO T 96 54.18 -32.66 45.29
CA PRO T 96 53.64 -31.81 46.35
C PRO T 96 54.49 -30.57 46.53
N PRO T 97 53.87 -29.40 46.72
CA PRO T 97 54.66 -28.17 46.88
C PRO T 97 55.49 -28.15 48.16
N SER T 98 55.08 -28.88 49.18
CA SER T 98 55.75 -28.79 50.47
C SER T 98 57.20 -29.25 50.38
N MET T 99 57.48 -30.32 49.65
CA MET T 99 58.83 -30.83 49.59
C MET T 99 59.76 -29.86 48.86
N LEU T 100 59.23 -29.05 47.95
CA LEU T 100 60.04 -28.11 47.20
C LEU T 100 60.19 -26.78 47.92
N ARG T 101 59.16 -26.31 48.62
CA ARG T 101 59.29 -25.08 49.38
C ARG T 101 60.01 -25.33 50.71
N TRP T 102 60.18 -26.58 51.10
CA TRP T 102 60.95 -26.88 52.30
C TRP T 102 62.42 -26.59 52.10
N ILE T 103 62.91 -26.70 50.86
CA ILE T 103 64.32 -26.50 50.57
C ILE T 103 64.49 -25.32 49.63
N GLN T 104 63.48 -24.45 49.59
CA GLN T 104 63.52 -23.20 48.81
C GLN T 104 63.78 -23.47 47.33
N LYS T 105 62.85 -24.19 46.71
CA LYS T 105 62.81 -24.35 45.26
C LYS T 105 61.37 -24.11 44.82
N ASN T 106 61.21 -23.38 43.73
CA ASN T 106 59.87 -23.08 43.24
C ASN T 106 59.16 -24.37 42.84
N PRO T 107 57.86 -24.50 43.07
CA PRO T 107 57.16 -25.72 42.64
C PRO T 107 57.24 -25.95 41.14
N GLN T 108 57.45 -24.91 40.34
CA GLN T 108 57.60 -25.08 38.91
C GLN T 108 58.90 -25.77 38.51
N GLU T 109 59.87 -25.85 39.42
CA GLU T 109 61.10 -26.57 39.10
C GLU T 109 60.83 -28.05 38.87
N ALA T 110 59.91 -28.63 39.65
CA ALA T 110 59.52 -30.02 39.42
C ALA T 110 58.93 -30.19 38.03
N GLY T 111 58.03 -29.29 37.63
CA GLY T 111 57.44 -29.38 36.31
C GLY T 111 58.47 -29.19 35.21
N ALA T 112 59.45 -28.31 35.45
CA ALA T 112 60.52 -28.13 34.47
C ALA T 112 61.33 -29.41 34.31
N VAL T 113 61.63 -30.08 35.42
CA VAL T 113 62.33 -31.37 35.34
C VAL T 113 61.48 -32.39 34.58
N ILE T 114 60.18 -32.43 34.89
CA ILE T 114 59.27 -33.34 34.19
C ILE T 114 59.35 -33.11 32.69
N GLY T 115 59.24 -31.85 32.27
CA GLY T 115 59.25 -31.55 30.85
C GLY T 115 60.59 -31.86 30.20
N GLN T 116 61.69 -31.54 30.89
CA GLN T 116 63.01 -31.77 30.33
C GLN T 116 63.25 -33.26 30.08
N GLN T 117 62.87 -34.12 31.03
CA GLN T 117 63.00 -35.55 30.78
C GLN T 117 61.96 -36.04 29.79
N LEU T 118 60.76 -35.44 29.83
CA LEU T 118 59.62 -35.96 29.08
C LEU T 118 59.79 -35.77 27.59
N ALA T 119 60.39 -34.66 27.18
CA ALA T 119 60.62 -34.45 25.75
C ALA T 119 61.43 -35.60 25.15
N GLY T 120 62.59 -35.86 25.73
CA GLY T 120 63.44 -36.94 25.25
C GLY T 120 62.79 -38.29 25.37
N ASP T 121 62.01 -38.50 26.45
CA ASP T 121 61.38 -39.80 26.63
C ASP T 121 60.27 -40.04 25.62
N THR T 122 59.49 -39.00 25.30
CA THR T 122 58.48 -39.13 24.25
C THR T 122 59.13 -39.45 22.91
N MET T 123 60.23 -38.76 22.58
CA MET T 123 60.90 -39.07 21.33
C MET T 123 61.46 -40.49 21.32
N GLN T 124 62.01 -40.94 22.45
CA GLN T 124 62.50 -42.30 22.54
C GLN T 124 61.38 -43.31 22.32
N ASP T 125 60.23 -43.09 22.95
CA ASP T 125 59.10 -44.00 22.79
C ASP T 125 58.65 -44.04 21.33
N MET T 126 58.54 -42.88 20.70
CA MET T 126 58.09 -42.83 19.30
C MET T 126 59.07 -43.58 18.40
N LEU T 127 60.36 -43.30 18.55
CA LEU T 127 61.36 -43.93 17.69
C LEU T 127 61.42 -45.44 17.91
N ASN T 128 61.35 -45.87 19.17
CA ASN T 128 61.40 -47.29 19.46
C ASN T 128 60.19 -48.02 18.89
N ASN T 129 59.00 -47.44 19.05
CA ASN T 129 57.81 -48.06 18.48
C ASN T 129 57.90 -48.12 16.97
N GLY T 130 58.40 -47.06 16.34
CA GLY T 130 58.55 -47.06 14.89
C GLY T 130 59.50 -48.15 14.42
N LEU T 131 60.65 -48.28 15.09
CA LEU T 131 61.62 -49.29 14.70
C LEU T 131 61.06 -50.70 14.89
N ALA T 132 60.39 -50.93 16.02
CA ALA T 132 59.82 -52.26 16.27
C ALA T 132 58.77 -52.61 15.23
N ALA T 133 57.87 -51.66 14.92
CA ALA T 133 56.85 -51.91 13.92
C ALA T 133 57.46 -52.15 12.55
N GLY T 134 58.50 -51.38 12.20
CA GLY T 134 59.15 -51.59 10.93
C GLY T 134 59.78 -52.97 10.82
N LYS T 135 60.48 -53.40 11.86
CA LYS T 135 61.06 -54.73 11.85
C LYS T 135 59.99 -55.81 11.74
N ALA T 136 58.90 -55.66 12.49
CA ALA T 136 57.82 -56.64 12.44
C ALA T 136 57.21 -56.71 11.04
N ALA T 137 56.95 -55.56 10.43
CA ALA T 137 56.37 -55.55 9.09
C ALA T 137 57.31 -56.16 8.07
N PHE T 138 58.61 -55.84 8.18
CA PHE T 138 59.56 -56.37 7.21
C PHE T 138 59.71 -57.88 7.35
N THR T 139 59.69 -58.39 8.58
CA THR T 139 59.72 -59.83 8.78
C THR T 139 58.45 -60.49 8.24
N ALA T 140 57.30 -59.83 8.42
CA ALA T 140 56.05 -60.37 7.90
C ALA T 140 56.06 -60.42 6.38
N GLY T 141 56.67 -59.42 5.74
CA GLY T 141 56.74 -59.36 4.30
C GLY T 141 57.79 -60.24 3.67
N GLY T 142 58.60 -60.92 4.48
CA GLY T 142 59.63 -61.81 3.97
C GLY T 142 60.94 -61.15 3.59
N ALA T 143 61.05 -59.83 3.73
CA ALA T 143 62.28 -59.12 3.39
C ALA T 143 63.24 -59.20 4.58
N VAL T 144 63.82 -60.38 4.77
CA VAL T 144 64.74 -60.63 5.86
C VAL T 144 65.89 -61.50 5.35
N HIS T 145 67.11 -61.16 5.77
CA HIS T 145 68.28 -61.98 5.52
C HIS T 145 68.99 -62.23 6.84
N ASP T 146 69.33 -63.50 7.10
CA ASP T 146 69.95 -63.89 8.36
C ASP T 146 71.33 -64.46 8.06
N ILE T 147 72.37 -63.75 8.52
CA ILE T 147 73.74 -64.21 8.32
C ILE T 147 74.25 -64.97 9.54
N SER T 148 73.47 -65.00 10.63
CA SER T 148 73.94 -65.64 11.86
C SER T 148 74.22 -67.13 11.66
N ALA T 149 73.36 -67.84 10.93
CA ALA T 149 73.53 -69.26 10.75
C ALA T 149 74.67 -69.62 9.80
N ALA T 150 75.08 -68.69 8.93
CA ALA T 150 76.12 -68.93 7.94
C ALA T 150 77.45 -68.46 8.51
N GLY T 151 78.28 -69.42 8.92
CA GLY T 151 79.56 -69.06 9.52
C GLY T 151 79.34 -68.32 10.83
N THR T 152 80.33 -67.49 11.17
CA THR T 152 80.16 -66.61 12.31
C THR T 152 79.09 -65.56 12.02
N GLY T 153 78.25 -65.30 13.01
CA GLY T 153 77.21 -64.32 12.84
C GLY T 153 77.66 -62.94 13.29
N LEU T 154 78.10 -62.13 12.35
CA LEU T 154 78.65 -60.82 12.66
C LEU T 154 78.41 -59.88 11.49
N MET T 155 78.50 -58.59 11.76
CA MET T 155 78.36 -57.60 10.69
C MET T 155 79.54 -57.66 9.74
N THR T 156 79.26 -57.48 8.46
CA THR T 156 80.29 -57.52 7.42
C THR T 156 79.72 -56.83 6.19
N GLN T 157 80.62 -56.31 5.35
CA GLN T 157 80.19 -55.71 4.09
C GLN T 157 79.42 -56.70 3.24
N ARG T 158 79.87 -57.95 3.20
CA ARG T 158 79.15 -58.98 2.47
C ARG T 158 77.72 -59.14 2.99
N ALA T 159 77.51 -58.95 4.30
CA ALA T 159 76.16 -59.01 4.84
C ALA T 159 75.30 -57.89 4.27
N PHE T 160 75.86 -56.69 4.17
CA PHE T 160 75.11 -55.58 3.56
C PHE T 160 74.78 -55.89 2.11
N ASN T 161 75.73 -56.45 1.37
CA ASN T 161 75.45 -56.81 -0.02
C ASN T 161 74.35 -57.85 -0.10
N ALA T 162 74.41 -58.89 0.73
CA ALA T 162 73.42 -59.94 0.69
C ALA T 162 72.03 -59.41 1.03
N ALA T 163 71.94 -58.52 2.02
CA ALA T 163 70.67 -57.88 2.31
C ALA T 163 70.21 -57.02 1.14
N GLN T 164 71.15 -56.37 0.46
CA GLN T 164 70.84 -55.56 -0.71
C GLN T 164 70.43 -56.41 -1.90
N ARG T 165 70.66 -57.73 -1.85
CA ARG T 165 70.25 -58.59 -2.95
C ARG T 165 68.73 -58.57 -3.16
N ILE T 166 67.98 -58.30 -2.10
CA ILE T 166 66.55 -58.03 -2.26
C ILE T 166 66.38 -56.68 -2.96
N PHE T 167 65.16 -56.43 -3.44
CA PHE T 167 64.75 -55.25 -4.21
C PHE T 167 65.21 -55.35 -5.65
N GLY T 168 65.98 -56.35 -6.03
CA GLY T 168 66.35 -56.54 -7.43
C GLY T 168 67.10 -55.35 -7.98
N ASP T 169 66.76 -54.97 -9.22
CA ASP T 169 67.46 -53.87 -9.88
C ASP T 169 67.22 -52.56 -9.14
N ARG T 170 65.99 -52.33 -8.69
CA ARG T 170 65.67 -51.11 -7.95
C ARG T 170 66.04 -51.26 -6.47
N SER T 171 67.31 -51.58 -6.24
CA SER T 171 67.86 -51.64 -4.88
C SER T 171 68.64 -50.40 -4.50
N THR T 172 69.01 -49.57 -5.48
CA THR T 172 69.73 -48.34 -5.18
C THR T 172 68.88 -47.34 -4.42
N ASP T 173 67.56 -47.57 -4.35
CA ASP T 173 66.69 -46.66 -3.61
C ASP T 173 66.79 -46.85 -2.11
N ILE T 174 67.45 -47.92 -1.65
CA ILE T 174 67.73 -48.05 -0.22
C ILE T 174 68.78 -47.02 0.16
N GLN T 175 68.50 -46.27 1.22
CA GLN T 175 69.30 -45.10 1.55
C GLN T 175 70.10 -45.25 2.84
N VAL T 176 69.46 -45.68 3.92
CA VAL T 176 70.03 -45.60 5.26
C VAL T 176 69.93 -46.96 5.93
N TRP T 177 71.01 -47.35 6.63
CA TRP T 177 71.05 -48.57 7.42
C TRP T 177 71.00 -48.19 8.91
N VAL T 178 69.79 -48.13 9.45
CA VAL T 178 69.64 -47.93 10.89
C VAL T 178 69.95 -49.22 11.61
N SER T 179 70.76 -49.14 12.67
CA SER T 179 71.23 -50.34 13.33
C SER T 179 71.56 -50.03 14.78
N HIS T 180 71.90 -51.09 15.53
CA HIS T 180 72.39 -50.99 16.88
C HIS T 180 73.88 -50.64 16.87
N SER T 181 74.40 -50.21 18.02
CA SER T 181 75.80 -49.81 18.09
C SER T 181 76.72 -51.01 18.02
N SER T 182 76.33 -52.12 18.64
CA SER T 182 77.18 -53.31 18.61
C SER T 182 77.46 -53.83 17.20
N PRO T 183 76.50 -53.89 16.28
CA PRO T 183 76.87 -54.20 14.88
C PRO T 183 77.88 -53.24 14.29
N LEU T 184 77.78 -51.95 14.60
CA LEU T 184 78.77 -51.00 14.11
C LEU T 184 80.15 -51.32 14.64
N PHE T 185 80.24 -51.68 15.93
CA PHE T 185 81.54 -51.98 16.50
C PHE T 185 82.09 -53.31 15.98
N ASP T 186 81.19 -54.25 15.67
CA ASP T 186 81.63 -55.47 15.00
C ASP T 186 82.18 -55.16 13.61
N LEU T 187 81.54 -54.24 12.90
CA LEU T 187 82.05 -53.80 11.61
C LEU T 187 83.41 -53.13 11.76
N TYR T 188 83.57 -52.32 12.81
CA TYR T 188 84.86 -51.70 13.10
C TYR T 188 85.94 -52.74 13.35
N ASP T 189 85.61 -53.77 14.14
CA ASP T 189 86.56 -54.85 14.41
C ASP T 189 86.94 -55.58 13.14
N ASN T 190 85.96 -55.85 12.28
CA ASN T 190 86.25 -56.52 11.01
C ASN T 190 87.14 -55.65 10.13
N ALA T 191 86.86 -54.35 10.08
CA ALA T 191 87.63 -53.45 9.21
C ALA T 191 89.05 -53.26 9.73
N LEU T 192 89.22 -53.24 11.05
CA LEU T 192 90.55 -53.01 11.61
C LEU T 192 91.51 -54.12 11.22
N ALA T 193 91.04 -55.37 11.28
CA ALA T 193 91.83 -56.51 10.83
C ALA T 193 91.34 -56.93 9.44
N ASN T 194 91.62 -56.08 8.48
CA ASN T 194 91.13 -56.27 7.12
C ASN T 194 91.86 -57.46 6.49
N ALA T 195 91.26 -58.65 6.64
CA ALA T 195 91.77 -59.82 5.95
C ALA T 195 91.71 -59.67 4.45
N GLU T 196 90.86 -58.76 3.97
CA GLU T 196 90.82 -58.37 2.58
C GLU T 196 91.38 -56.95 2.47
N GLN T 197 92.37 -56.78 1.59
CA GLN T 197 93.15 -55.53 1.57
C GLN T 197 92.29 -54.42 1.00
N LEU T 198 91.35 -53.96 1.82
CA LEU T 198 90.44 -52.88 1.45
C LEU T 198 90.66 -51.61 2.27
N TYR T 199 90.81 -51.73 3.58
CA TYR T 199 90.92 -50.58 4.47
C TYR T 199 92.39 -50.26 4.75
N VAL T 200 92.73 -48.98 4.67
CA VAL T 200 93.99 -48.47 5.18
C VAL T 200 93.67 -47.74 6.47
N PHE T 201 94.69 -47.56 7.32
CA PHE T 201 94.45 -46.99 8.65
C PHE T 201 93.69 -45.67 8.59
N GLY T 202 94.00 -44.83 7.60
CA GLY T 202 93.31 -43.56 7.49
C GLY T 202 91.85 -43.66 7.15
N THR T 203 91.43 -44.77 6.53
CA THR T 203 90.05 -44.95 6.11
C THR T 203 89.42 -46.16 6.81
N VAL T 204 89.92 -46.53 7.99
CA VAL T 204 89.42 -47.72 8.65
C VAL T 204 88.11 -47.45 9.40
N ASN T 205 87.81 -46.21 9.73
CA ASN T 205 86.58 -45.85 10.43
C ASN T 205 85.68 -45.09 9.46
N VAL T 206 84.70 -45.80 8.90
CA VAL T 206 83.70 -45.20 8.02
C VAL T 206 82.32 -45.66 8.45
N ARG T 207 81.38 -44.73 8.51
CA ARG T 207 80.01 -45.03 8.89
C ARG T 207 79.08 -45.11 7.69
N ALA T 208 79.63 -45.20 6.49
CA ALA T 208 78.87 -45.17 5.24
C ALA T 208 79.33 -46.33 4.37
N ASP T 209 79.36 -47.52 4.96
CA ASP T 209 80.01 -48.66 4.33
C ASP T 209 79.29 -49.13 3.07
N ALA T 210 77.95 -49.15 3.09
CA ALA T 210 77.18 -49.84 2.05
C ALA T 210 77.03 -48.94 0.81
N PHE T 211 78.13 -48.85 0.06
CA PHE T 211 78.15 -48.10 -1.21
C PHE T 211 77.67 -46.67 -1.03
N GLY T 212 78.18 -46.02 0.02
CA GLY T 212 77.76 -44.67 0.32
C GLY T 212 76.54 -44.56 1.19
N ARG T 213 75.91 -45.67 1.55
CA ARG T 213 74.78 -45.63 2.47
C ARG T 213 75.30 -45.54 3.90
N PRO T 214 74.97 -44.48 4.63
CA PRO T 214 75.47 -44.37 6.01
C PRO T 214 74.80 -45.36 6.93
N ILE T 215 75.31 -45.47 8.14
CA ILE T 215 74.81 -46.40 9.14
C ILE T 215 74.43 -45.58 10.38
N ILE T 216 73.16 -45.22 10.47
CA ILE T 216 72.67 -44.51 11.64
C ILE T 216 72.63 -45.45 12.84
N ILE T 217 73.10 -44.96 13.98
CA ILE T 217 73.39 -45.78 15.15
C ILE T 217 72.52 -45.32 16.31
N THR T 218 71.82 -46.28 16.93
CA THR T 218 71.06 -46.00 18.14
C THR T 218 70.94 -47.30 18.94
N ASP T 219 70.96 -47.18 20.27
CA ASP T 219 70.73 -48.32 21.14
C ASP T 219 69.24 -48.51 21.39
N SER T 220 68.55 -49.01 20.37
CA SER T 220 67.13 -49.28 20.48
C SER T 220 66.91 -50.71 20.96
N PRO T 221 66.24 -50.93 22.08
CA PRO T 221 65.94 -52.31 22.51
C PRO T 221 65.09 -53.07 21.52
N ALA T 222 64.38 -52.38 20.63
CA ALA T 222 63.62 -53.07 19.58
C ALA T 222 64.54 -53.74 18.58
N LEU T 223 65.83 -53.40 18.59
CA LEU T 223 66.78 -53.96 17.64
C LEU T 223 67.67 -55.05 18.22
N VAL T 224 67.85 -55.07 19.55
CA VAL T 224 68.72 -56.07 20.16
C VAL T 224 68.15 -57.46 19.97
N SER T 225 66.87 -57.63 20.30
CA SER T 225 66.11 -58.84 19.97
C SER T 225 66.78 -60.12 20.47
N GLY T 226 67.39 -60.04 21.65
CA GLY T 226 68.03 -61.23 22.21
C GLY T 226 68.53 -61.01 23.61
N ALA T 227 69.17 -62.05 24.15
CA ALA T 227 69.77 -62.01 25.48
C ALA T 227 70.82 -63.09 25.58
N ALA T 228 71.75 -62.91 26.52
CA ALA T 228 72.83 -63.84 26.81
C ALA T 228 73.57 -64.16 25.51
N GLU T 229 73.87 -65.42 25.22
CA GLU T 229 74.60 -65.79 24.01
C GLU T 229 73.69 -66.06 22.82
N THR T 230 72.38 -66.13 23.04
CA THR T 230 71.42 -66.33 21.96
C THR T 230 70.83 -65.03 21.45
N LEU T 231 71.57 -63.92 21.60
CA LEU T 231 71.10 -62.64 21.10
C LEU T 231 71.24 -62.58 19.58
N ARG T 232 70.37 -61.78 18.96
CA ARG T 232 70.33 -61.63 17.50
C ARG T 232 70.16 -60.15 17.19
N HIS T 233 71.28 -59.45 17.04
CA HIS T 233 71.21 -58.04 16.66
C HIS T 233 70.66 -57.91 15.24
N SER T 234 69.80 -56.92 15.04
CA SER T 234 69.07 -56.75 13.80
C SER T 234 69.27 -55.35 13.26
N THR T 235 69.66 -55.25 11.99
CA THR T 235 69.83 -53.99 11.30
C THR T 235 68.85 -53.95 10.13
N LEU T 236 68.31 -52.77 9.87
CA LEU T 236 67.29 -52.61 8.84
C LEU T 236 67.61 -51.42 7.95
N GLY T 237 67.67 -51.67 6.65
CA GLY T 237 67.91 -50.63 5.67
C GLY T 237 66.59 -50.12 5.12
N LEU T 238 66.51 -48.81 4.94
CA LEU T 238 65.26 -48.14 4.62
C LEU T 238 65.39 -47.29 3.36
N THR T 239 64.26 -47.14 2.67
CA THR T 239 64.11 -46.13 1.65
C THR T 239 63.47 -44.88 2.24
N THR T 240 63.39 -43.83 1.43
CA THR T 240 62.78 -42.59 1.91
C THR T 240 61.31 -42.83 2.25
N GLY T 241 60.92 -42.38 3.45
CA GLY T 241 59.56 -42.57 3.91
C GLY T 241 59.19 -43.98 4.29
N ALA T 242 60.17 -44.84 4.56
CA ALA T 242 59.86 -46.23 4.89
C ALA T 242 59.04 -46.34 6.16
N ILE T 243 59.47 -45.66 7.22
CA ILE T 243 58.75 -45.63 8.49
C ILE T 243 58.18 -44.23 8.66
N LEU T 244 56.87 -44.15 8.84
CA LEU T 244 56.16 -42.87 8.91
C LEU T 244 55.44 -42.79 10.25
N ILE T 245 55.80 -41.78 11.05
CA ILE T 245 55.26 -41.59 12.38
C ILE T 245 54.57 -40.23 12.41
N GLU T 246 53.25 -40.24 12.61
CA GLU T 246 52.44 -39.03 12.55
C GLU T 246 51.82 -38.77 13.91
N GLN T 247 52.24 -37.70 14.57
CA GLN T 247 51.61 -37.28 15.80
C GLN T 247 50.27 -36.62 15.51
N ASN T 248 49.36 -36.69 16.48
CA ASN T 248 48.01 -36.17 16.28
C ASN T 248 47.81 -34.78 16.85
N GLN T 249 48.87 -34.14 17.32
CA GLN T 249 48.79 -32.78 17.87
C GLN T 249 47.76 -32.69 18.98
N ASP T 250 47.72 -33.72 19.82
CA ASP T 250 46.82 -33.78 20.96
C ASP T 250 47.62 -34.12 22.23
N PHE T 251 48.21 -33.09 22.81
CA PHE T 251 48.99 -33.21 24.03
C PHE T 251 48.22 -32.52 25.15
N ASP T 252 47.94 -33.26 26.22
CA ASP T 252 47.21 -32.74 27.36
C ASP T 252 48.01 -33.00 28.63
N SER T 253 48.24 -31.95 29.41
CA SER T 253 48.94 -32.05 30.68
C SER T 253 47.97 -31.55 31.75
N THR T 254 47.84 -32.32 32.83
CA THR T 254 46.88 -32.02 33.89
C THR T 254 47.57 -32.11 35.24
N VAL T 255 47.39 -31.07 36.05
CA VAL T 255 47.89 -31.04 37.42
C VAL T 255 46.67 -30.93 38.33
N VAL T 256 46.33 -32.03 39.00
CA VAL T 256 45.18 -32.08 39.90
C VAL T 256 45.68 -32.13 41.34
N ASP T 257 45.08 -31.33 42.20
CA ASP T 257 45.48 -31.25 43.59
C ASP T 257 44.48 -32.00 44.47
N GLY T 258 44.96 -32.43 45.63
CA GLY T 258 44.13 -33.13 46.59
C GLY T 258 44.36 -32.59 47.98
N THR T 259 43.29 -32.59 48.78
CA THR T 259 43.32 -32.09 50.14
C THR T 259 42.78 -33.18 51.07
N GLY T 260 43.21 -33.15 52.32
CA GLY T 260 42.80 -34.13 53.29
C GLY T 260 43.98 -34.75 54.00
N LYS T 261 45.16 -34.62 53.40
CA LYS T 261 46.39 -35.16 53.95
C LYS T 261 47.09 -34.08 54.77
N GLN T 262 48.25 -34.43 55.32
CA GLN T 262 49.01 -33.47 56.13
C GLN T 262 49.48 -32.31 55.27
N ASN T 263 49.77 -32.54 53.99
CA ASN T 263 50.21 -31.51 53.08
C ASN T 263 49.39 -31.57 51.80
N ILE T 264 49.26 -30.43 51.13
CA ILE T 264 48.60 -30.41 49.84
C ILE T 264 49.43 -31.23 48.86
N THR T 265 48.76 -32.10 48.13
CA THR T 265 49.41 -32.96 47.16
C THR T 265 49.04 -32.51 45.75
N ARG T 266 49.99 -32.71 44.83
CA ARG T 266 49.78 -32.45 43.42
C ARG T 266 49.98 -33.75 42.66
N GLN T 267 49.62 -33.73 41.38
CA GLN T 267 49.66 -34.94 40.57
C GLN T 267 49.78 -34.53 39.11
N TYR T 268 50.93 -34.81 38.50
CA TYR T 268 51.16 -34.45 37.11
C TYR T 268 50.83 -35.64 36.21
N GLN T 269 50.02 -35.40 35.19
CA GLN T 269 49.63 -36.43 34.24
C GLN T 269 49.72 -35.85 32.83
N ALA T 270 50.40 -36.56 31.93
CA ALA T 270 50.54 -36.16 30.54
C ALA T 270 50.20 -37.34 29.64
N GLU T 271 49.56 -37.03 28.52
CA GLU T 271 49.15 -38.09 27.59
C GLU T 271 48.98 -37.49 26.20
N TRP T 272 49.32 -38.29 25.19
CA TRP T 272 49.34 -37.85 23.80
C TRP T 272 49.03 -39.05 22.92
N SER T 273 49.20 -38.88 21.62
CA SER T 273 48.96 -39.96 20.67
C SER T 273 49.73 -39.66 19.38
N TYR T 274 49.99 -40.72 18.61
CA TYR T 274 50.69 -40.57 17.35
C TYR T 274 50.37 -41.76 16.45
N ASN T 275 50.08 -41.46 15.19
CA ASN T 275 49.87 -42.48 14.17
C ASN T 275 51.21 -43.10 13.76
N LEU T 276 51.14 -44.34 13.29
CA LEU T 276 52.33 -45.04 12.81
C LEU T 276 51.97 -45.76 11.53
N GLY T 277 52.86 -45.69 10.54
CA GLY T 277 52.61 -46.34 9.27
C GLY T 277 53.87 -46.71 8.53
N VAL T 278 53.94 -47.97 8.07
CA VAL T 278 55.08 -48.47 7.32
C VAL T 278 54.70 -48.51 5.85
N ASN T 279 55.58 -48.01 5.00
CA ASN T 279 55.31 -47.96 3.57
C ASN T 279 55.19 -49.37 3.00
N GLY T 280 54.13 -49.60 2.23
CA GLY T 280 53.90 -50.88 1.61
C GLY T 280 53.29 -51.95 2.49
N TYR T 281 52.82 -51.60 3.68
CA TYR T 281 52.23 -52.56 4.59
C TYR T 281 50.97 -52.00 5.21
N ALA T 282 50.15 -52.88 5.76
CA ALA T 282 48.91 -52.52 6.42
C ALA T 282 48.79 -53.27 7.74
N TYR T 283 48.19 -52.62 8.74
CA TYR T 283 48.01 -53.20 10.05
C TYR T 283 46.69 -53.95 10.12
N ASP T 284 46.72 -55.16 10.67
CA ASP T 284 45.56 -56.04 10.71
C ASP T 284 44.88 -55.91 12.07
N ILE T 285 43.72 -55.27 12.10
CA ILE T 285 42.94 -55.15 13.34
C ILE T 285 42.42 -56.52 13.78
N ALA T 286 42.09 -57.39 12.82
CA ALA T 286 41.50 -58.68 13.16
C ALA T 286 42.41 -59.48 14.08
N THR T 287 43.68 -59.64 13.68
CA THR T 287 44.61 -60.41 14.50
C THR T 287 45.17 -59.58 15.66
N GLY T 288 45.55 -58.32 15.38
CA GLY T 288 46.15 -57.49 16.39
C GLY T 288 45.13 -56.76 17.25
N GLY T 289 45.64 -56.03 18.23
CA GLY T 289 44.77 -55.22 19.05
C GLY T 289 44.31 -53.97 18.32
N LYS T 290 43.12 -53.50 18.69
CA LYS T 290 42.59 -52.27 18.11
C LYS T 290 43.24 -51.03 18.72
N ALA T 291 43.93 -51.18 19.84
CA ALA T 291 44.76 -50.14 20.43
C ALA T 291 46.12 -50.79 20.68
N PRO T 292 46.98 -50.83 19.67
CA PRO T 292 48.17 -51.69 19.75
C PRO T 292 49.16 -51.25 20.80
N ASN T 293 49.87 -52.22 21.33
CA ASN T 293 50.94 -52.05 22.30
C ASN T 293 52.29 -52.27 21.64
N PRO T 294 53.40 -51.97 22.33
CA PRO T 294 54.70 -52.28 21.74
C PRO T 294 54.86 -53.75 21.39
N THR T 295 54.34 -54.66 22.22
CA THR T 295 54.38 -56.07 21.85
C THR T 295 53.45 -56.37 20.69
N ALA T 296 52.28 -55.71 20.65
CA ALA T 296 51.35 -55.91 19.54
C ALA T 296 51.91 -55.36 18.24
N LEU T 297 52.61 -54.23 18.28
CA LEU T 297 53.21 -53.67 17.08
C LEU T 297 54.42 -54.46 16.63
N ALA T 298 55.26 -54.90 17.58
CA ALA T 298 56.53 -55.55 17.25
C ALA T 298 56.37 -57.01 16.85
N THR T 299 55.17 -57.57 16.93
CA THR T 299 54.99 -58.97 16.60
C THR T 299 54.71 -59.13 15.10
N ALA T 300 55.19 -60.23 14.54
CA ALA T 300 54.90 -60.56 13.15
C ALA T 300 53.47 -61.06 13.03
N ALA T 301 53.08 -61.38 11.80
CA ALA T 301 51.74 -61.83 11.43
C ALA T 301 50.66 -60.79 11.75
N ASN T 302 51.06 -59.61 12.20
CA ASN T 302 50.12 -58.52 12.45
C ASN T 302 50.11 -57.48 11.34
N TRP T 303 51.12 -57.48 10.48
CA TRP T 303 51.21 -56.60 9.34
C TRP T 303 51.11 -57.46 8.09
N ASP T 304 50.29 -57.03 7.14
CA ASP T 304 50.14 -57.75 5.88
C ASP T 304 50.61 -56.87 4.72
N LYS T 305 51.59 -57.36 3.97
CA LYS T 305 52.13 -56.61 2.85
C LYS T 305 51.07 -56.46 1.77
N ILE T 306 50.88 -55.23 1.30
CA ILE T 306 49.83 -54.91 0.34
C ILE T 306 50.38 -54.71 -1.06
N SER T 307 51.57 -54.13 -1.19
CA SER T 307 52.13 -53.86 -2.51
C SER T 307 52.36 -55.17 -3.26
N THR T 308 52.17 -55.11 -4.58
CA THR T 308 52.25 -56.32 -5.39
C THR T 308 53.66 -56.90 -5.38
N SER T 309 54.69 -56.05 -5.42
CA SER T 309 56.06 -56.48 -5.44
C SER T 309 56.76 -56.11 -4.14
N ILE T 310 57.71 -56.94 -3.73
CA ILE T 310 58.45 -56.69 -2.50
C ILE T 310 59.31 -55.45 -2.63
N LYS T 311 59.77 -55.13 -3.85
CA LYS T 311 60.65 -53.98 -4.03
C LYS T 311 59.92 -52.66 -3.89
N ASP T 312 58.58 -52.67 -3.88
CA ASP T 312 57.84 -51.45 -3.61
C ASP T 312 57.83 -51.14 -2.11
N THR T 313 57.74 -52.18 -1.28
CA THR T 313 57.72 -52.02 0.17
C THR T 313 59.10 -51.58 0.63
N GLY T 314 59.26 -50.29 0.88
CA GLY T 314 60.55 -49.74 1.25
C GLY T 314 61.10 -50.28 2.56
N GLY T 315 62.18 -51.05 2.49
CA GLY T 315 62.84 -51.52 3.68
C GLY T 315 63.16 -53.01 3.68
N VAL T 316 64.30 -53.36 4.26
CA VAL T 316 64.71 -54.75 4.42
C VAL T 316 65.43 -54.87 5.76
N VAL T 317 65.20 -55.98 6.45
CA VAL T 317 65.77 -56.20 7.79
C VAL T 317 66.86 -57.25 7.68
N LEU T 318 67.84 -57.16 8.58
CA LEU T 318 69.03 -58.00 8.51
C LEU T 318 69.41 -58.42 9.93
N VAL T 319 69.14 -59.68 10.28
CA VAL T 319 69.46 -60.22 11.59
C VAL T 319 70.86 -60.84 11.52
N THR T 320 71.77 -60.34 12.35
CA THR T 320 73.18 -60.69 12.23
C THR T 320 73.81 -61.21 13.51
N LYS T 321 73.02 -61.49 14.55
CA LYS T 321 73.53 -62.02 15.81
C LYS T 321 74.55 -61.07 16.45
N ALA U 2 -12.46 50.50 106.09
CA ALA U 2 -11.36 49.53 106.10
C ALA U 2 -11.38 48.67 104.85
N LEU U 3 -10.50 47.67 104.80
CA LEU U 3 -10.45 46.78 103.65
C LEU U 3 -11.68 45.87 103.57
N SER U 4 -12.45 45.76 104.64
CA SER U 4 -13.64 44.92 104.62
C SER U 4 -14.68 45.45 103.63
N ASP U 5 -14.84 46.78 103.57
CA ASP U 5 -15.80 47.35 102.64
C ASP U 5 -15.44 47.04 101.19
N LEU U 6 -14.15 47.09 100.87
CA LEU U 6 -13.71 46.81 99.51
C LEU U 6 -13.86 45.33 99.19
N GLN U 7 -13.69 45.01 97.91
CA GLN U 7 -13.66 43.63 97.44
C GLN U 7 -12.27 43.34 96.91
N VAL U 8 -11.58 42.38 97.53
CA VAL U 8 -10.25 42.02 97.10
C VAL U 8 -10.36 41.08 95.90
N PHE U 9 -9.53 41.34 94.89
CA PHE U 9 -9.50 40.56 93.66
C PHE U 9 -8.10 40.01 93.49
N ASN U 10 -7.96 38.70 93.69
CA ASN U 10 -6.64 38.06 93.72
C ASN U 10 -6.15 37.85 92.29
N ASP U 11 -4.91 38.23 92.03
CA ASP U 11 -4.32 38.05 90.70
C ASP U 11 -4.13 36.56 90.42
N TRP U 12 -4.24 36.19 89.14
CA TRP U 12 -4.05 34.83 88.69
C TRP U 12 -3.45 34.84 87.30
N ALA U 13 -2.92 33.69 86.88
CA ALA U 13 -2.33 33.56 85.55
C ALA U 13 -2.27 32.10 85.16
N TYR U 14 -2.14 31.86 83.86
CA TYR U 14 -1.95 30.53 83.30
C TYR U 14 -0.59 30.51 82.63
N LYS U 15 0.37 29.77 83.22
CA LYS U 15 1.73 29.80 82.72
C LYS U 15 1.92 28.99 81.45
N THR U 16 0.89 28.28 80.99
CA THR U 16 0.90 27.42 79.80
C THR U 16 2.19 26.61 79.66
N MET U 17 2.73 26.15 80.79
CA MET U 17 3.91 25.30 80.81
C MET U 17 3.65 24.11 81.73
N SER U 18 4.28 22.99 81.41
CA SER U 18 4.08 21.77 82.19
C SER U 18 5.44 21.15 82.51
N GLU U 19 5.55 20.57 83.70
CA GLU U 19 6.77 19.90 84.09
C GLU U 19 7.06 18.74 83.14
N VAL U 20 8.31 18.64 82.70
CA VAL U 20 8.64 17.75 81.59
C VAL U 20 8.84 16.31 82.05
N LEU U 21 9.78 16.07 82.94
CA LEU U 21 10.20 14.70 83.24
C LEU U 21 11.01 14.71 84.53
N ASP U 22 11.18 13.51 85.11
CA ASP U 22 11.94 13.32 86.33
C ASP U 22 13.37 12.86 86.10
N GLN U 23 13.56 11.75 85.39
CA GLN U 23 14.89 11.18 85.27
C GLN U 23 15.63 11.83 84.10
N GLN U 24 16.92 11.49 83.98
CA GLN U 24 17.77 12.06 82.94
C GLN U 24 17.75 11.17 81.71
N VAL U 25 17.55 11.78 80.54
CA VAL U 25 17.53 11.06 79.28
C VAL U 25 18.46 11.66 78.25
N GLU U 26 19.22 12.70 78.59
CA GLU U 26 20.16 13.32 77.67
C GLU U 26 21.31 12.40 77.32
N LEU U 27 21.54 11.34 78.09
CA LEU U 27 22.64 10.42 77.89
C LEU U 27 22.36 9.39 76.79
N PHE U 28 21.27 9.57 76.04
CA PHE U 28 20.72 8.43 75.33
C PHE U 28 21.56 8.06 74.11
N ASN U 29 22.27 9.04 73.54
CA ASN U 29 23.13 8.78 72.40
C ASN U 29 24.20 9.86 72.31
N GLY U 30 25.42 9.43 71.98
CA GLY U 30 26.50 10.38 71.81
C GLY U 30 27.07 10.88 73.12
N ALA U 31 26.18 11.28 74.05
CA ALA U 31 26.63 11.78 75.34
C ALA U 31 27.42 10.72 76.09
N THR U 32 26.98 9.47 76.04
CA THR U 32 27.71 8.36 76.65
C THR U 32 28.74 7.76 75.71
N ARG U 33 29.60 8.59 75.11
CA ARG U 33 30.72 8.13 74.29
C ARG U 33 30.30 7.10 73.25
N GLY U 34 29.05 7.17 72.79
CA GLY U 34 28.56 6.22 71.83
C GLY U 34 28.25 4.85 72.38
N ALA U 35 28.12 4.71 73.70
CA ALA U 35 27.81 3.40 74.28
C ALA U 35 26.40 2.95 73.89
N ILE U 36 25.42 3.81 74.10
CA ILE U 36 24.04 3.57 73.67
C ILE U 36 23.77 4.47 72.48
N ILE U 37 23.38 3.86 71.36
CA ILE U 37 23.16 4.60 70.13
C ILE U 37 21.68 4.62 69.81
N LEU U 38 21.21 5.74 69.28
CA LEU U 38 19.85 5.88 68.81
C LEU U 38 19.88 6.08 67.29
N ARG U 39 19.14 5.24 66.58
CA ARG U 39 19.04 5.31 65.15
C ARG U 39 17.60 5.64 64.74
N SER U 40 17.39 5.74 63.43
CA SER U 40 16.07 5.95 62.86
C SER U 40 15.93 5.02 61.66
N ALA U 41 15.42 3.81 61.90
CA ALA U 41 15.29 2.79 60.88
C ALA U 41 13.92 2.17 60.97
N GLY U 42 13.20 2.14 59.85
CA GLY U 42 11.92 1.47 59.80
C GLY U 42 12.10 0.00 59.46
N ASN U 43 11.67 -0.87 60.36
CA ASN U 43 11.86 -2.30 60.22
C ASN U 43 10.51 -2.99 60.18
N THR U 44 10.30 -3.81 59.15
CA THR U 44 9.06 -4.54 59.00
C THR U 44 9.02 -5.75 59.92
N GLY U 45 7.86 -6.37 60.03
CA GLY U 45 7.73 -7.52 60.89
C GLY U 45 7.92 -7.13 62.35
N ASP U 46 8.39 -8.10 63.14
CA ASP U 46 8.71 -7.88 64.53
C ASP U 46 10.11 -8.34 64.87
N LEU U 47 10.98 -8.48 63.86
CA LEU U 47 12.30 -9.06 64.06
C LEU U 47 13.23 -8.52 62.99
N SER U 48 14.53 -8.70 63.23
CA SER U 48 15.56 -8.34 62.27
C SER U 48 16.76 -9.23 62.53
N GLU U 49 17.13 -10.06 61.55
CA GLU U 49 18.23 -11.03 61.79
C GLU U 49 19.41 -10.78 60.85
N ALA U 50 20.64 -10.97 61.34
CA ALA U 50 21.86 -10.81 60.50
C ALA U 50 22.84 -11.93 60.87
N ALA U 51 23.90 -12.13 60.08
CA ALA U 51 24.83 -13.25 60.36
C ALA U 51 26.29 -12.79 60.19
N PHE U 52 27.25 -13.64 60.56
CA PHE U 52 28.69 -13.29 60.41
C PHE U 52 29.54 -14.55 60.22
N TRP U 53 28.95 -15.64 59.72
CA TRP U 53 29.71 -16.89 59.44
C TRP U 53 30.48 -17.35 60.68
N ALA U 54 29.94 -17.13 61.88
CA ALA U 54 30.58 -17.65 63.12
C ALA U 54 32.10 -17.47 63.07
N LYS U 55 32.84 -18.55 63.35
CA LYS U 55 34.33 -18.50 63.36
C LYS U 55 34.89 -19.92 63.26
N ILE U 56 36.06 -20.10 62.65
CA ILE U 56 36.71 -21.44 62.57
C ILE U 56 37.68 -21.57 63.76
N GLN U 57 37.36 -22.46 64.71
CA GLN U 57 38.19 -22.56 65.91
C GLN U 57 39.57 -23.14 65.60
N GLY U 58 39.63 -24.27 64.92
CA GLY U 58 40.90 -24.90 64.62
C GLY U 58 41.44 -24.55 63.25
N LEU U 59 41.57 -23.24 62.97
CA LEU U 59 42.01 -22.80 61.65
C LEU U 59 43.49 -23.04 61.39
N VAL U 60 44.31 -23.13 62.43
CA VAL U 60 45.75 -23.34 62.27
C VAL U 60 46.11 -24.62 63.02
N ARG U 61 46.77 -25.53 62.33
CA ARG U 61 47.15 -26.82 62.90
C ARG U 61 48.59 -27.14 62.56
N PRO U 62 49.28 -27.86 63.44
CA PRO U 62 50.65 -28.28 63.14
C PRO U 62 50.68 -29.33 62.04
N ARG U 63 51.84 -29.46 61.41
CA ARG U 63 52.01 -30.45 60.36
C ARG U 63 53.43 -30.99 60.38
N ASP U 64 53.60 -32.15 59.75
CA ASP U 64 54.91 -32.76 59.57
C ASP U 64 55.17 -32.91 58.07
N PRO U 65 56.02 -32.08 57.47
CA PRO U 65 56.26 -32.22 56.02
C PRO U 65 56.89 -33.54 55.63
N TYR U 66 57.56 -34.23 56.56
CA TYR U 66 58.19 -35.50 56.25
C TYR U 66 57.21 -36.67 56.22
N SER U 67 55.99 -36.48 56.73
CA SER U 67 55.01 -37.55 56.83
C SER U 67 53.76 -37.19 56.03
N ASN U 68 52.90 -38.19 55.86
CA ASN U 68 51.65 -38.05 55.12
C ASN U 68 50.56 -38.75 55.92
N ALA U 69 49.81 -37.97 56.70
CA ALA U 69 48.78 -38.50 57.58
C ALA U 69 47.46 -37.80 57.30
N ASP U 70 46.37 -38.45 57.70
CA ASP U 70 45.03 -37.95 57.44
C ASP U 70 44.73 -36.75 58.34
N VAL U 71 43.88 -35.86 57.83
CA VAL U 71 43.41 -34.69 58.56
C VAL U 71 41.90 -34.58 58.40
N ALA U 72 41.21 -34.28 59.50
CA ALA U 72 39.76 -34.16 59.47
C ALA U 72 39.33 -32.81 58.92
N ALA U 73 38.22 -32.81 58.19
CA ALA U 73 37.69 -31.58 57.61
C ALA U 73 36.94 -30.76 58.66
N LYS U 74 36.79 -29.47 58.36
CA LYS U 74 36.08 -28.56 59.23
C LYS U 74 35.09 -27.74 58.40
N ASP U 75 33.93 -27.48 59.00
CA ASP U 75 32.82 -26.82 58.31
C ASP U 75 32.75 -25.35 58.68
N LEU U 76 31.94 -24.61 57.92
CA LEU U 76 31.71 -23.19 58.15
C LEU U 76 30.34 -23.01 58.77
N ARG U 77 30.30 -22.61 60.05
CA ARG U 77 29.00 -22.33 60.71
C ARG U 77 28.69 -20.85 60.50
N GLN U 78 27.42 -20.45 60.67
CA GLN U 78 27.02 -19.03 60.48
C GLN U 78 26.11 -18.60 61.63
N LEU U 79 26.68 -18.08 62.72
CA LEU U 79 25.87 -17.60 63.87
C LEU U 79 25.00 -16.43 63.42
N VAL U 80 23.73 -16.41 63.83
CA VAL U 80 22.78 -15.35 63.34
C VAL U 80 22.43 -14.42 64.51
N ASP U 81 22.39 -13.11 64.24
CA ASP U 81 22.03 -12.14 65.27
C ASP U 81 20.52 -11.89 65.27
N ASN U 82 20.09 -10.95 66.10
CA ASN U 82 18.67 -10.69 66.27
C ASN U 82 18.45 -9.25 66.69
N THR U 83 17.23 -8.76 66.46
CA THR U 83 16.84 -7.41 66.88
C THR U 83 15.32 -7.42 67.04
N ILE U 84 14.86 -7.43 68.30
CA ILE U 84 13.44 -7.52 68.57
C ILE U 84 12.77 -6.17 68.34
N LYS U 85 11.46 -6.20 68.17
CA LYS U 85 10.65 -4.99 68.03
C LYS U 85 9.74 -4.84 69.24
N VAL U 86 9.71 -3.63 69.81
CA VAL U 86 8.88 -3.31 70.95
C VAL U 86 7.88 -2.24 70.52
N ALA U 87 6.61 -2.47 70.81
CA ALA U 87 5.54 -1.54 70.46
C ALA U 87 5.00 -0.90 71.73
N SER U 88 5.03 0.42 71.78
CA SER U 88 4.50 1.18 72.91
C SER U 88 3.42 2.11 72.40
N GLY U 89 2.63 2.63 73.34
CA GLY U 89 1.51 3.47 72.96
C GLY U 89 1.12 4.41 74.08
N THR U 90 0.04 5.13 73.86
CA THR U 90 -0.44 6.15 74.77
C THR U 90 -1.87 5.82 75.21
N PRO U 91 -2.18 5.88 76.50
CA PRO U 91 -3.55 5.69 76.92
C PRO U 91 -4.43 6.80 76.38
N PRO U 92 -5.71 6.53 76.15
CA PRO U 92 -6.61 7.57 75.64
C PRO U 92 -6.68 8.74 76.60
N ILE U 93 -6.65 9.95 76.05
CA ILE U 93 -6.66 11.18 76.82
C ILE U 93 -7.90 11.97 76.46
N ASN U 94 -8.73 12.27 77.46
CA ASN U 94 -9.92 13.08 77.25
C ASN U 94 -9.52 14.55 77.19
N ILE U 95 -9.65 15.15 76.03
CA ILE U 95 -9.31 16.57 75.86
C ILE U 95 -10.47 17.29 75.18
N PRO U 96 -11.66 17.33 75.78
CA PRO U 96 -12.77 18.02 75.15
C PRO U 96 -12.49 19.50 75.01
N PRO U 97 -12.90 20.11 73.89
CA PRO U 97 -12.69 21.56 73.74
C PRO U 97 -13.55 22.40 74.67
N SER U 98 -14.55 21.80 75.32
CA SER U 98 -15.42 22.57 76.20
C SER U 98 -14.64 23.14 77.38
N MET U 99 -13.83 22.31 78.04
CA MET U 99 -13.09 22.79 79.20
C MET U 99 -12.06 23.83 78.82
N LEU U 100 -11.39 23.65 77.68
CA LEU U 100 -10.37 24.62 77.26
C LEU U 100 -11.01 25.93 76.86
N ARG U 101 -12.19 25.88 76.21
CA ARG U 101 -12.88 27.10 75.82
C ARG U 101 -13.54 27.79 77.01
N TRP U 102 -13.86 27.06 78.06
CA TRP U 102 -14.49 27.67 79.22
C TRP U 102 -13.51 28.60 79.95
N ILE U 103 -12.21 28.39 79.76
CA ILE U 103 -11.20 29.22 80.38
C ILE U 103 -10.36 29.97 79.34
N GLN U 104 -10.89 30.09 78.11
CA GLN U 104 -10.26 30.88 77.05
C GLN U 104 -8.86 30.38 76.70
N LYS U 105 -8.75 29.06 76.49
CA LYS U 105 -7.55 28.46 75.95
C LYS U 105 -7.90 27.69 74.69
N ASN U 106 -7.13 27.89 73.63
CA ASN U 106 -7.41 27.24 72.37
C ASN U 106 -7.28 25.72 72.54
N PRO U 107 -8.13 24.93 71.86
CA PRO U 107 -8.04 23.47 72.01
C PRO U 107 -6.73 22.89 71.56
N GLN U 108 -5.94 23.61 70.78
CA GLN U 108 -4.65 23.09 70.33
C GLN U 108 -3.65 22.98 71.48
N GLU U 109 -3.90 23.68 72.60
CA GLU U 109 -2.98 23.58 73.73
C GLU U 109 -2.97 22.19 74.32
N ALA U 110 -4.08 21.45 74.23
CA ALA U 110 -4.09 20.08 74.69
C ALA U 110 -3.07 19.23 73.93
N GLY U 111 -3.11 19.32 72.60
CA GLY U 111 -2.12 18.60 71.80
C GLY U 111 -0.71 19.09 72.05
N ALA U 112 -0.55 20.41 72.25
CA ALA U 112 0.76 20.96 72.53
C ALA U 112 1.35 20.37 73.81
N VAL U 113 0.57 20.37 74.90
CA VAL U 113 1.03 19.82 76.16
C VAL U 113 1.29 18.32 76.03
N ILE U 114 0.40 17.61 75.33
CA ILE U 114 0.56 16.17 75.18
C ILE U 114 1.87 15.86 74.47
N GLY U 115 2.17 16.57 73.38
CA GLY U 115 3.43 16.36 72.68
C GLY U 115 4.64 16.75 73.51
N GLN U 116 4.54 17.86 74.24
CA GLN U 116 5.65 18.32 75.06
C GLN U 116 6.03 17.30 76.11
N GLN U 117 5.03 16.69 76.75
CA GLN U 117 5.33 15.63 77.71
C GLN U 117 5.69 14.32 77.02
N LEU U 118 5.14 14.09 75.83
CA LEU U 118 5.33 12.81 75.14
C LEU U 118 6.75 12.64 74.65
N ALA U 119 7.41 13.73 74.23
CA ALA U 119 8.81 13.61 73.83
C ALA U 119 9.66 13.04 74.96
N GLY U 120 9.57 13.65 76.14
CA GLY U 120 10.33 13.18 77.28
C GLY U 120 9.93 11.78 77.71
N ASP U 121 8.63 11.49 77.71
CA ASP U 121 8.19 10.17 78.18
C ASP U 121 8.60 9.07 77.21
N THR U 122 8.57 9.36 75.90
CA THR U 122 9.07 8.41 74.92
C THR U 122 10.54 8.13 75.12
N MET U 123 11.34 9.19 75.29
CA MET U 123 12.76 8.96 75.55
C MET U 123 12.95 8.15 76.83
N GLN U 124 12.12 8.41 77.84
CA GLN U 124 12.25 7.71 79.11
C GLN U 124 12.00 6.22 78.95
N ASP U 125 10.90 5.84 78.30
CA ASP U 125 10.59 4.41 78.21
C ASP U 125 11.58 3.72 77.28
N MET U 126 12.01 4.39 76.21
CA MET U 126 13.00 3.81 75.32
C MET U 126 14.29 3.51 76.08
N LEU U 127 14.77 4.48 76.87
CA LEU U 127 15.99 4.27 77.64
C LEU U 127 15.80 3.17 78.69
N ASN U 128 14.66 3.17 79.38
CA ASN U 128 14.44 2.17 80.43
C ASN U 128 14.40 0.76 79.85
N ASN U 129 13.69 0.59 78.73
CA ASN U 129 13.63 -0.73 78.11
C ASN U 129 14.99 -1.16 77.58
N GLY U 130 15.75 -0.22 77.00
CA GLY U 130 17.09 -0.55 76.55
C GLY U 130 17.98 -1.02 77.68
N LEU U 131 17.96 -0.29 78.80
CA LEU U 131 18.79 -0.67 79.93
C LEU U 131 18.37 -2.01 80.52
N ALA U 132 17.06 -2.24 80.66
CA ALA U 132 16.60 -3.51 81.20
C ALA U 132 16.99 -4.67 80.29
N ALA U 133 16.82 -4.50 78.98
CA ALA U 133 17.21 -5.55 78.05
C ALA U 133 18.71 -5.81 78.11
N GLY U 134 19.50 -4.75 78.20
CA GLY U 134 20.94 -4.93 78.30
C GLY U 134 21.34 -5.69 79.55
N LYS U 135 20.73 -5.33 80.69
CA LYS U 135 21.05 -6.02 81.93
C LYS U 135 20.65 -7.50 81.86
N ALA U 136 19.47 -7.78 81.29
CA ALA U 136 19.05 -9.16 81.14
C ALA U 136 19.99 -9.94 80.25
N ALA U 137 20.40 -9.36 79.12
CA ALA U 137 21.31 -10.04 78.22
C ALA U 137 22.66 -10.29 78.88
N PHE U 138 23.16 -9.32 79.65
CA PHE U 138 24.46 -9.48 80.30
C PHE U 138 24.39 -10.53 81.40
N THR U 139 23.27 -10.62 82.11
CA THR U 139 23.10 -11.71 83.06
C THR U 139 23.04 -13.06 82.35
N ALA U 140 22.38 -13.11 81.19
CA ALA U 140 22.28 -14.36 80.45
C ALA U 140 23.64 -14.82 79.93
N GLY U 141 24.46 -13.87 79.46
CA GLY U 141 25.74 -14.25 78.87
C GLY U 141 26.79 -14.60 79.91
N GLY U 142 26.55 -14.28 81.17
CA GLY U 142 27.49 -14.56 82.24
C GLY U 142 28.44 -13.43 82.58
N ALA U 143 28.29 -12.26 81.94
CA ALA U 143 29.13 -11.10 82.23
C ALA U 143 28.55 -10.30 83.38
N VAL U 144 28.63 -10.88 84.58
CA VAL U 144 28.03 -10.30 85.78
C VAL U 144 28.76 -10.83 87.00
N HIS U 145 28.86 -10.00 88.03
CA HIS U 145 29.27 -10.45 89.35
C HIS U 145 28.79 -9.44 90.38
N ASP U 146 28.61 -9.92 91.61
CA ASP U 146 27.98 -9.15 92.67
C ASP U 146 29.00 -8.79 93.74
N ILE U 147 28.88 -7.56 94.25
CA ILE U 147 29.71 -7.10 95.35
C ILE U 147 28.99 -7.18 96.69
N SER U 148 27.74 -7.63 96.71
CA SER U 148 26.99 -7.72 97.96
C SER U 148 27.64 -8.70 98.93
N ALA U 149 28.10 -9.85 98.44
CA ALA U 149 28.70 -10.84 99.31
C ALA U 149 30.00 -10.34 99.94
N ALA U 150 30.82 -9.63 99.17
CA ALA U 150 32.18 -9.26 99.61
C ALA U 150 32.09 -8.08 100.57
N GLY U 151 32.27 -8.36 101.85
CA GLY U 151 32.24 -7.32 102.86
C GLY U 151 30.91 -6.59 102.85
N THR U 152 30.98 -5.27 102.87
CA THR U 152 29.80 -4.44 102.63
C THR U 152 29.74 -4.06 101.15
N GLY U 153 28.56 -4.21 100.57
CA GLY U 153 28.41 -3.98 99.15
C GLY U 153 28.22 -2.52 98.82
N LEU U 154 29.28 -1.88 98.36
CA LEU U 154 29.25 -0.47 97.99
C LEU U 154 30.18 -0.25 96.80
N MET U 155 30.01 0.89 96.15
CA MET U 155 30.79 1.24 94.96
C MET U 155 32.21 1.58 95.39
N THR U 156 33.18 1.00 94.69
CA THR U 156 34.60 1.24 94.92
C THR U 156 35.35 1.05 93.61
N GLN U 157 36.50 1.72 93.49
CA GLN U 157 37.35 1.53 92.32
C GLN U 157 37.72 0.07 92.13
N ARG U 158 37.96 -0.65 93.22
CA ARG U 158 38.30 -2.07 93.12
C ARG U 158 37.14 -2.86 92.52
N ALA U 159 35.90 -2.44 92.77
CA ALA U 159 34.76 -3.09 92.11
C ALA U 159 34.81 -2.88 90.60
N PHE U 160 35.15 -1.65 90.17
CA PHE U 160 35.28 -1.39 88.75
C PHE U 160 36.39 -2.23 88.14
N ASN U 161 37.51 -2.37 88.86
CA ASN U 161 38.59 -3.22 88.36
C ASN U 161 38.17 -4.68 88.28
N ALA U 162 37.42 -5.16 89.27
CA ALA U 162 36.95 -6.53 89.26
C ALA U 162 36.02 -6.78 88.08
N ALA U 163 35.15 -5.82 87.77
CA ALA U 163 34.34 -5.94 86.57
C ALA U 163 35.20 -5.87 85.31
N GLN U 164 36.22 -5.02 85.31
CA GLN U 164 37.15 -4.92 84.20
C GLN U 164 37.97 -6.19 84.02
N ARG U 165 38.00 -7.07 85.02
CA ARG U 165 38.72 -8.33 84.87
C ARG U 165 38.15 -9.17 83.75
N ILE U 166 36.83 -9.10 83.54
CA ILE U 166 36.24 -9.70 82.36
C ILE U 166 36.68 -8.91 81.12
N PHE U 167 36.52 -9.53 79.96
CA PHE U 167 36.96 -9.07 78.63
C PHE U 167 38.44 -9.31 78.41
N GLY U 168 39.17 -9.85 79.37
CA GLY U 168 40.57 -10.19 79.15
C GLY U 168 41.39 -8.99 78.72
N ASP U 169 42.22 -9.20 77.70
CA ASP U 169 43.05 -8.11 77.20
C ASP U 169 42.21 -7.01 76.57
N ARG U 170 41.06 -7.36 75.99
CA ARG U 170 40.18 -6.38 75.36
C ARG U 170 39.25 -5.74 76.38
N SER U 171 39.82 -5.25 77.48
CA SER U 171 39.04 -4.52 78.46
C SER U 171 39.10 -3.02 78.25
N THR U 172 39.90 -2.55 77.30
CA THR U 172 40.00 -1.12 77.05
C THR U 172 38.87 -0.61 76.17
N ASP U 173 38.12 -1.52 75.54
CA ASP U 173 37.02 -1.10 74.70
C ASP U 173 35.77 -0.76 75.50
N ILE U 174 35.73 -1.10 76.79
CA ILE U 174 34.66 -0.65 77.66
C ILE U 174 34.79 0.86 77.83
N GLN U 175 33.73 1.58 77.47
CA GLN U 175 33.77 3.04 77.45
C GLN U 175 33.04 3.70 78.61
N VAL U 176 31.88 3.18 79.00
CA VAL U 176 30.97 3.89 79.89
C VAL U 176 30.48 2.96 80.99
N TRP U 177 30.17 3.55 82.14
CA TRP U 177 29.46 2.87 83.24
C TRP U 177 28.16 3.62 83.49
N VAL U 178 27.10 3.21 82.79
CA VAL U 178 25.78 3.78 83.05
C VAL U 178 25.24 3.19 84.34
N SER U 179 24.83 4.04 85.26
CA SER U 179 24.48 3.57 86.60
C SER U 179 23.49 4.51 87.26
N HIS U 180 22.88 4.01 88.34
CA HIS U 180 21.96 4.79 89.14
C HIS U 180 22.71 5.87 89.92
N SER U 181 21.94 6.80 90.51
CA SER U 181 22.54 7.90 91.25
C SER U 181 23.05 7.45 92.62
N SER U 182 22.35 6.52 93.25
CA SER U 182 22.77 6.06 94.57
C SER U 182 24.14 5.41 94.58
N PRO U 183 24.51 4.54 93.63
CA PRO U 183 25.91 4.07 93.59
C PRO U 183 26.91 5.19 93.42
N LEU U 184 26.60 6.20 92.61
CA LEU U 184 27.53 7.32 92.44
C LEU U 184 27.71 8.08 93.75
N PHE U 185 26.63 8.30 94.49
CA PHE U 185 26.74 9.01 95.75
C PHE U 185 27.45 8.18 96.80
N ASP U 186 27.28 6.86 96.76
CA ASP U 186 28.07 5.99 97.64
C ASP U 186 29.55 6.08 97.28
N LEU U 187 29.88 6.11 95.98
CA LEU U 187 31.26 6.29 95.57
C LEU U 187 31.81 7.64 96.03
N TYR U 188 30.98 8.68 95.96
CA TYR U 188 31.39 10.00 96.45
C TYR U 188 31.67 9.96 97.94
N ASP U 189 30.82 9.27 98.69
CA ASP U 189 31.05 9.13 100.13
C ASP U 189 32.34 8.37 100.40
N ASN U 190 32.61 7.34 99.62
CA ASN U 190 33.87 6.59 99.77
C ASN U 190 35.07 7.46 99.45
N ALA U 191 34.97 8.28 98.40
CA ALA U 191 36.07 9.18 98.05
C ALA U 191 36.30 10.22 99.14
N LEU U 192 35.22 10.79 99.68
CA LEU U 192 35.35 11.70 100.82
C LEU U 192 35.86 10.95 102.05
N ALA U 193 35.76 9.63 102.04
CA ALA U 193 36.21 8.81 103.16
C ALA U 193 37.39 7.92 102.77
N ASN U 194 38.34 8.51 102.05
CA ASN U 194 39.46 7.74 101.52
C ASN U 194 40.31 7.19 102.65
N ALA U 195 40.18 5.89 102.93
CA ALA U 195 41.10 5.25 103.86
C ALA U 195 42.51 5.27 103.32
N GLU U 196 42.67 5.01 102.03
CA GLU U 196 43.92 5.20 101.34
C GLU U 196 44.09 6.70 101.03
N GLN U 197 45.14 7.05 100.29
CA GLN U 197 45.45 8.44 100.01
C GLN U 197 45.51 8.74 98.51
N LEU U 198 44.66 8.09 97.72
CA LEU U 198 44.58 8.42 96.31
C LEU U 198 43.92 9.77 96.08
N TYR U 199 43.14 10.25 97.04
CA TYR U 199 42.30 11.41 96.82
C TYR U 199 42.78 12.61 97.62
N VAL U 200 42.63 13.79 97.03
CA VAL U 200 42.82 15.06 97.70
C VAL U 200 41.49 15.80 97.58
N PHE U 201 41.34 16.91 98.29
CA PHE U 201 40.06 17.63 98.26
C PHE U 201 39.72 18.11 96.86
N GLY U 202 40.74 18.57 96.12
CA GLY U 202 40.47 19.12 94.80
C GLY U 202 39.94 18.09 93.81
N THR U 203 40.39 16.84 93.94
CA THR U 203 40.05 15.79 92.97
C THR U 203 39.05 14.78 93.50
N VAL U 204 38.41 15.05 94.64
CA VAL U 204 37.52 14.08 95.24
C VAL U 204 36.22 13.93 94.47
N ASN U 205 35.84 14.93 93.66
CA ASN U 205 34.62 14.88 92.86
C ASN U 205 34.93 14.60 91.38
N VAL U 206 35.09 13.32 91.06
CA VAL U 206 35.39 12.90 89.70
C VAL U 206 34.35 11.90 89.23
N ARG U 207 33.72 12.22 88.09
CA ARG U 207 32.80 11.30 87.43
C ARG U 207 33.49 10.11 86.78
N ALA U 208 34.57 10.35 86.03
CA ALA U 208 35.27 9.29 85.32
C ALA U 208 36.22 8.53 86.22
N ASP U 209 35.66 7.91 87.27
CA ASP U 209 36.47 7.23 88.27
C ASP U 209 37.18 6.02 87.67
N ALA U 210 36.53 5.31 86.75
CA ALA U 210 37.01 4.01 86.30
C ALA U 210 37.92 4.18 85.09
N PHE U 211 39.17 4.56 85.37
CA PHE U 211 40.26 4.54 84.38
C PHE U 211 39.90 5.33 83.13
N GLY U 212 39.43 6.56 83.34
CA GLY U 212 39.04 7.41 82.23
C GLY U 212 37.71 7.09 81.60
N ARG U 213 36.91 6.22 82.20
CA ARG U 213 35.57 5.94 81.70
C ARG U 213 34.57 6.78 82.48
N PRO U 214 33.86 7.70 81.85
CA PRO U 214 32.89 8.52 82.58
C PRO U 214 31.76 7.66 83.14
N ILE U 215 31.23 8.06 84.28
CA ILE U 215 30.11 7.38 84.91
C ILE U 215 28.91 8.31 84.73
N ILE U 216 28.15 8.09 83.66
CA ILE U 216 26.96 8.88 83.42
C ILE U 216 25.79 8.30 84.20
N ILE U 217 25.00 9.18 84.82
CA ILE U 217 24.07 8.82 85.87
C ILE U 217 22.63 8.98 85.38
N THR U 218 21.78 8.02 85.72
CA THR U 218 20.36 8.11 85.45
C THR U 218 19.60 7.32 86.51
N ASP U 219 18.42 7.82 86.89
CA ASP U 219 17.57 7.14 87.86
C ASP U 219 16.63 6.16 87.16
N SER U 220 17.22 5.26 86.39
CA SER U 220 16.43 4.29 85.64
C SER U 220 15.79 3.30 86.60
N PRO U 221 14.48 3.07 86.49
CA PRO U 221 13.86 2.02 87.31
C PRO U 221 14.39 0.63 87.03
N ALA U 222 14.91 0.39 85.83
CA ALA U 222 15.51 -0.91 85.51
C ALA U 222 16.82 -1.15 86.24
N LEU U 223 17.39 -0.13 86.87
CA LEU U 223 18.68 -0.25 87.54
C LEU U 223 18.58 -0.42 89.04
N VAL U 224 17.38 -0.31 89.62
CA VAL U 224 17.24 -0.44 91.06
C VAL U 224 16.89 -1.89 91.40
N SER U 225 15.72 -2.34 90.95
CA SER U 225 15.26 -3.72 91.10
C SER U 225 15.48 -4.23 92.52
N GLY U 226 14.86 -3.57 93.48
CA GLY U 226 14.99 -3.97 94.87
C GLY U 226 14.02 -3.22 95.74
N ALA U 227 14.09 -3.52 97.05
CA ALA U 227 13.22 -2.89 98.03
C ALA U 227 13.88 -2.95 99.40
N ALA U 228 13.42 -2.09 100.30
CA ALA U 228 13.85 -2.05 101.69
C ALA U 228 15.36 -2.09 101.83
N GLU U 229 15.88 -3.15 102.44
CA GLU U 229 17.31 -3.36 102.57
C GLU U 229 17.89 -4.29 101.52
N THR U 230 17.07 -5.15 100.92
CA THR U 230 17.53 -6.08 99.91
C THR U 230 17.59 -5.46 98.52
N LEU U 231 17.59 -4.13 98.43
CA LEU U 231 17.75 -3.47 97.15
C LEU U 231 19.19 -3.63 96.66
N ARG U 232 19.33 -3.94 95.38
CA ARG U 232 20.65 -4.14 94.76
C ARG U 232 20.68 -3.37 93.46
N HIS U 233 21.41 -2.25 93.44
CA HIS U 233 21.53 -1.45 92.24
C HIS U 233 22.48 -2.11 91.23
N SER U 234 22.24 -1.81 89.97
CA SER U 234 23.02 -2.39 88.87
C SER U 234 23.81 -1.29 88.18
N THR U 235 25.13 -1.47 88.11
CA THR U 235 26.02 -0.57 87.38
C THR U 235 26.66 -1.38 86.26
N LEU U 236 26.22 -1.15 85.03
CA LEU U 236 26.65 -1.96 83.89
C LEU U 236 27.64 -1.17 83.05
N GLY U 237 28.77 -1.80 82.72
CA GLY U 237 29.73 -1.19 81.84
C GLY U 237 29.37 -1.46 80.39
N LEU U 238 29.67 -0.48 79.53
CA LEU U 238 29.24 -0.53 78.15
C LEU U 238 30.45 -0.37 77.24
N THR U 239 30.41 -1.03 76.08
CA THR U 239 31.36 -0.82 75.02
C THR U 239 30.76 0.14 74.00
N THR U 240 31.43 0.29 72.86
CA THR U 240 30.92 1.14 71.80
C THR U 240 29.81 0.43 71.04
N GLY U 241 28.63 1.02 71.01
CA GLY U 241 27.51 0.42 70.31
C GLY U 241 27.05 -0.88 70.93
N ALA U 242 26.91 -0.92 72.26
CA ALA U 242 26.45 -2.15 72.91
C ALA U 242 24.93 -2.25 72.91
N ILE U 243 24.25 -1.21 73.38
CA ILE U 243 22.79 -1.18 73.42
C ILE U 243 22.30 -0.58 72.12
N LEU U 244 21.47 -1.32 71.39
CA LEU U 244 21.01 -0.92 70.07
C LEU U 244 19.53 -0.55 70.17
N ILE U 245 19.22 0.73 69.95
CA ILE U 245 17.85 1.22 70.02
C ILE U 245 17.56 2.01 68.75
N GLU U 246 16.51 1.61 68.03
CA GLU U 246 16.17 2.20 66.75
C GLU U 246 14.70 2.59 66.72
N GLN U 247 14.42 3.84 66.41
CA GLN U 247 13.05 4.30 66.20
C GLN U 247 12.59 3.85 64.82
N ASN U 248 11.37 3.31 64.74
CA ASN U 248 10.88 2.72 63.52
C ASN U 248 10.13 3.69 62.61
N GLN U 249 9.94 4.94 63.05
CA GLN U 249 9.28 5.96 62.24
C GLN U 249 7.87 5.52 61.83
N ASP U 250 7.12 4.98 62.78
CA ASP U 250 5.71 4.66 62.59
C ASP U 250 4.95 5.28 63.76
N PHE U 251 4.62 6.57 63.63
CA PHE U 251 3.93 7.31 64.67
C PHE U 251 2.55 7.69 64.14
N ASP U 252 1.52 7.41 64.94
CA ASP U 252 0.15 7.77 64.60
C ASP U 252 -0.42 8.57 65.77
N SER U 253 -0.94 9.75 65.48
CA SER U 253 -1.59 10.59 66.48
C SER U 253 -3.01 10.86 65.99
N THR U 254 -3.91 9.92 66.29
CA THR U 254 -5.31 10.05 65.90
C THR U 254 -6.08 10.77 66.98
N VAL U 255 -7.00 11.64 66.56
CA VAL U 255 -7.81 12.43 67.48
C VAL U 255 -9.27 12.20 67.08
N VAL U 256 -9.91 11.23 67.74
CA VAL U 256 -11.30 10.91 67.46
C VAL U 256 -12.18 11.67 68.44
N ASP U 257 -13.46 11.80 68.08
CA ASP U 257 -14.41 12.61 68.84
C ASP U 257 -15.81 12.04 68.69
N GLY U 258 -16.69 12.45 69.60
CA GLY U 258 -18.06 11.96 69.61
C GLY U 258 -19.05 13.11 69.66
N THR U 259 -20.28 12.82 69.28
CA THR U 259 -21.30 13.85 69.09
C THR U 259 -22.61 13.52 69.78
N GLY U 260 -22.74 12.32 70.34
CA GLY U 260 -24.00 11.91 70.91
C GLY U 260 -24.13 12.32 72.36
N LYS U 261 -23.31 13.28 72.78
CA LYS U 261 -23.07 13.50 74.19
C LYS U 261 -23.59 14.90 74.52
N GLN U 262 -23.43 15.33 75.77
CA GLN U 262 -23.75 16.72 76.11
C GLN U 262 -22.75 17.68 75.48
N ASN U 263 -21.46 17.36 75.57
CA ASN U 263 -20.40 18.16 75.03
C ASN U 263 -19.55 17.29 74.11
N ILE U 264 -18.82 17.93 73.21
CA ILE U 264 -17.97 17.18 72.29
C ILE U 264 -16.91 16.45 73.10
N THR U 265 -16.78 15.15 72.85
CA THR U 265 -15.88 14.27 73.60
C THR U 265 -14.66 14.01 72.70
N ARG U 266 -13.71 14.93 72.73
CA ARG U 266 -12.47 14.77 71.98
C ARG U 266 -11.55 13.81 72.74
N GLN U 267 -10.85 12.96 71.98
CA GLN U 267 -10.06 11.91 72.58
C GLN U 267 -8.78 11.73 71.76
N TYR U 268 -7.66 11.51 72.45
CA TYR U 268 -6.34 11.49 71.85
C TYR U 268 -5.70 10.13 72.05
N GLN U 269 -5.00 9.66 71.01
CA GLN U 269 -4.33 8.37 71.05
C GLN U 269 -3.05 8.44 70.22
N ALA U 270 -2.03 7.72 70.67
CA ALA U 270 -0.75 7.69 69.98
C ALA U 270 -0.17 6.29 70.06
N GLU U 271 0.71 5.98 69.11
CA GLU U 271 1.36 4.68 69.08
C GLU U 271 2.63 4.79 68.24
N TRP U 272 3.66 4.05 68.65
CA TRP U 272 4.92 4.02 67.93
C TRP U 272 5.64 2.72 68.26
N SER U 273 6.63 2.38 67.43
CA SER U 273 7.41 1.18 67.61
C SER U 273 8.89 1.51 67.57
N TYR U 274 9.69 0.74 68.31
CA TYR U 274 11.13 0.91 68.28
C TYR U 274 11.79 -0.46 68.47
N ASN U 275 12.89 -0.66 67.78
CA ASN U 275 13.62 -1.92 67.83
C ASN U 275 14.69 -1.88 68.91
N LEU U 276 14.83 -2.99 69.63
CA LEU U 276 15.86 -3.14 70.65
C LEU U 276 16.79 -4.29 70.28
N GLY U 277 18.06 -4.14 70.64
CA GLY U 277 19.04 -5.18 70.40
C GLY U 277 20.26 -5.00 71.28
N VAL U 278 20.82 -6.09 71.76
CA VAL U 278 22.04 -6.06 72.58
C VAL U 278 23.17 -6.63 71.74
N ASN U 279 24.28 -5.90 71.69
CA ASN U 279 25.42 -6.31 70.87
C ASN U 279 25.91 -7.69 71.29
N GLY U 280 26.01 -8.60 70.33
CA GLY U 280 26.44 -9.95 70.62
C GLY U 280 25.45 -10.81 71.35
N TYR U 281 24.15 -10.51 71.23
CA TYR U 281 23.11 -11.30 71.85
C TYR U 281 21.89 -11.34 70.94
N ALA U 282 21.06 -12.34 71.14
CA ALA U 282 19.85 -12.54 70.35
C ALA U 282 18.66 -12.70 71.27
N TYR U 283 17.50 -12.24 70.80
CA TYR U 283 16.25 -12.41 71.53
C TYR U 283 15.51 -13.62 71.00
N ASP U 284 15.12 -14.51 71.91
CA ASP U 284 14.49 -15.77 71.52
C ASP U 284 13.00 -15.57 71.32
N ILE U 285 12.51 -15.94 70.13
CA ILE U 285 11.08 -15.86 69.86
C ILE U 285 10.33 -17.06 70.43
N ALA U 286 10.99 -18.22 70.51
CA ALA U 286 10.34 -19.42 71.00
C ALA U 286 9.88 -19.25 72.45
N THR U 287 10.76 -18.74 73.31
CA THR U 287 10.44 -18.56 74.72
C THR U 287 9.90 -17.18 75.04
N GLY U 288 10.44 -16.14 74.41
CA GLY U 288 9.95 -14.79 74.65
C GLY U 288 8.74 -14.46 73.79
N GLY U 289 7.96 -13.49 74.25
CA GLY U 289 6.80 -13.07 73.49
C GLY U 289 7.17 -12.49 72.14
N LYS U 290 6.26 -12.64 71.19
CA LYS U 290 6.50 -12.14 69.84
C LYS U 290 6.49 -10.62 69.80
N ALA U 291 5.73 -9.98 70.70
CA ALA U 291 5.77 -8.54 70.92
C ALA U 291 6.07 -8.34 72.41
N PRO U 292 7.33 -8.32 72.81
CA PRO U 292 7.65 -8.39 74.23
C PRO U 292 7.22 -7.16 75.01
N ASN U 293 6.90 -7.39 76.28
CA ASN U 293 6.66 -6.37 77.28
C ASN U 293 7.92 -6.16 78.11
N PRO U 294 7.99 -5.08 78.89
CA PRO U 294 9.21 -4.84 79.68
C PRO U 294 9.58 -5.98 80.60
N THR U 295 8.59 -6.64 81.21
CA THR U 295 8.89 -7.79 82.07
C THR U 295 9.44 -8.95 81.25
N ALA U 296 8.99 -9.10 80.01
CA ALA U 296 9.54 -10.14 79.14
C ALA U 296 10.93 -9.79 78.66
N LEU U 297 11.24 -8.49 78.54
CA LEU U 297 12.58 -8.07 78.15
C LEU U 297 13.56 -8.26 79.30
N ALA U 298 13.15 -7.94 80.52
CA ALA U 298 14.04 -8.05 81.67
C ALA U 298 14.39 -9.49 82.00
N THR U 299 13.69 -10.46 81.42
CA THR U 299 13.97 -11.87 81.68
C THR U 299 15.30 -12.25 81.05
N ALA U 300 16.17 -12.88 81.85
CA ALA U 300 17.48 -13.29 81.34
C ALA U 300 17.35 -14.45 80.35
N ALA U 301 16.41 -15.36 80.60
CA ALA U 301 16.31 -16.57 79.77
C ALA U 301 15.91 -16.25 78.33
N ASN U 302 15.26 -15.12 78.11
CA ASN U 302 14.87 -14.73 76.76
C ASN U 302 16.05 -14.38 75.87
N TRP U 303 17.18 -14.00 76.44
CA TRP U 303 18.38 -13.67 75.69
C TRP U 303 19.37 -14.81 75.78
N ASP U 304 20.04 -15.07 74.66
CA ASP U 304 21.06 -16.11 74.62
C ASP U 304 22.27 -15.58 73.90
N LYS U 305 23.45 -15.76 74.51
CA LYS U 305 24.70 -15.22 73.92
C LYS U 305 25.03 -15.96 72.61
N ILE U 306 25.25 -15.22 71.53
CA ILE U 306 25.52 -15.85 70.20
C ILE U 306 27.02 -15.72 69.89
N SER U 307 27.68 -14.67 70.41
CA SER U 307 29.11 -14.41 70.08
C SER U 307 29.99 -15.62 70.43
N THR U 308 31.10 -15.78 69.71
CA THR U 308 32.05 -16.90 69.99
C THR U 308 32.60 -16.76 71.41
N SER U 309 33.00 -15.54 71.80
CA SER U 309 33.58 -15.33 73.15
C SER U 309 32.88 -14.14 73.84
N ILE U 310 33.09 -14.00 75.16
CA ILE U 310 32.48 -12.89 75.89
C ILE U 310 33.11 -11.56 75.49
N LYS U 311 34.36 -11.61 75.01
CA LYS U 311 35.05 -10.38 74.57
C LYS U 311 34.35 -9.83 73.32
N ASP U 312 33.83 -10.73 72.47
CA ASP U 312 33.08 -10.30 71.26
C ASP U 312 31.84 -9.53 71.69
N THR U 313 31.18 -9.97 72.76
CA THR U 313 29.96 -9.29 73.26
C THR U 313 30.32 -7.91 73.83
N GLY U 314 29.38 -6.97 73.82
CA GLY U 314 29.64 -5.65 74.35
C GLY U 314 28.85 -5.40 75.63
N GLY U 315 29.56 -5.38 76.75
CA GLY U 315 28.94 -4.97 78.00
C GLY U 315 29.05 -5.95 79.15
N VAL U 316 29.28 -5.43 80.34
CA VAL U 316 29.31 -6.20 81.57
C VAL U 316 28.55 -5.42 82.64
N VAL U 317 27.78 -6.14 83.46
CA VAL U 317 26.93 -5.53 84.47
C VAL U 317 27.49 -5.90 85.85
N LEU U 318 27.58 -4.90 86.73
CA LEU U 318 28.06 -5.06 88.09
C LEU U 318 26.92 -4.80 89.07
N VAL U 319 26.73 -5.72 90.00
CA VAL U 319 25.67 -5.60 91.00
C VAL U 319 26.23 -4.82 92.19
N THR U 320 25.75 -3.59 92.36
CA THR U 320 26.31 -2.69 93.36
C THR U 320 25.88 -3.09 94.77
N LYS U 321 24.62 -3.48 94.93
CA LYS U 321 23.97 -3.62 96.24
C LYS U 321 23.90 -2.28 96.96
N ALA V 2 -94.54 63.45 -2.59
CA ALA V 2 -94.50 63.25 -1.15
C ALA V 2 -93.29 62.40 -0.77
N LEU V 3 -92.88 62.51 0.50
CA LEU V 3 -91.76 61.70 0.99
C LEU V 3 -92.07 60.21 0.91
N SER V 4 -93.35 59.84 1.07
CA SER V 4 -93.73 58.44 0.96
C SER V 4 -93.45 57.90 -0.45
N ASP V 5 -93.67 58.74 -1.47
CA ASP V 5 -93.37 58.31 -2.83
C ASP V 5 -91.88 58.16 -3.06
N LEU V 6 -91.06 58.88 -2.30
CA LEU V 6 -89.62 58.72 -2.39
C LEU V 6 -89.19 57.38 -1.77
N GLN V 7 -87.89 57.13 -1.80
CA GLN V 7 -87.32 55.90 -1.30
C GLN V 7 -86.16 56.22 -0.38
N VAL V 8 -86.14 55.59 0.80
CA VAL V 8 -85.08 55.79 1.78
C VAL V 8 -84.32 54.49 1.96
N PHE V 9 -83.03 54.61 2.25
CA PHE V 9 -82.14 53.45 2.34
C PHE V 9 -81.49 53.26 3.70
N ASN V 10 -81.70 54.17 4.64
CA ASN V 10 -81.04 54.10 5.95
C ASN V 10 -79.53 54.12 5.73
N ASP V 11 -78.78 53.49 6.63
CA ASP V 11 -77.33 53.42 6.51
C ASP V 11 -76.83 52.17 7.22
N TRP V 12 -75.61 51.78 6.90
CA TRP V 12 -75.00 50.62 7.53
C TRP V 12 -73.49 50.72 7.42
N ALA V 13 -72.81 50.09 8.35
CA ALA V 13 -71.35 50.05 8.37
C ALA V 13 -70.91 48.92 9.27
N TYR V 14 -69.71 48.41 9.00
CA TYR V 14 -69.11 47.35 9.81
C TYR V 14 -67.89 47.92 10.50
N LYS V 15 -67.89 47.87 11.83
CA LYS V 15 -66.87 48.56 12.62
C LYS V 15 -65.65 47.70 12.92
N THR V 16 -65.63 46.45 12.47
CA THR V 16 -64.55 45.49 12.69
C THR V 16 -63.93 45.61 14.09
N MET V 17 -64.80 45.72 15.08
CA MET V 17 -64.39 45.70 16.47
C MET V 17 -65.28 44.74 17.24
N SER V 18 -64.71 44.11 18.26
CA SER V 18 -65.42 43.12 19.06
C SER V 18 -65.25 43.45 20.52
N GLU V 19 -66.31 43.26 21.30
CA GLU V 19 -66.24 43.43 22.74
C GLU V 19 -65.16 42.53 23.33
N VAL V 20 -64.27 43.12 24.13
CA VAL V 20 -63.09 42.38 24.55
C VAL V 20 -63.40 41.49 25.76
N LEU V 21 -63.75 42.08 26.89
CA LEU V 21 -64.10 41.34 28.10
C LEU V 21 -64.63 42.34 29.12
N ASP V 22 -64.87 41.87 30.35
CA ASP V 22 -65.57 42.68 31.35
C ASP V 22 -64.66 43.11 32.50
N GLN V 23 -64.02 42.19 33.20
CA GLN V 23 -63.35 42.54 34.44
C GLN V 23 -61.91 43.01 34.17
N GLN V 24 -61.34 43.67 35.18
CA GLN V 24 -59.94 44.08 35.11
C GLN V 24 -59.04 42.86 35.11
N VAL V 25 -57.99 42.92 34.31
CA VAL V 25 -57.12 41.76 34.08
C VAL V 25 -55.66 42.04 34.29
N GLU V 26 -55.19 43.28 34.12
CA GLU V 26 -53.77 43.58 34.23
C GLU V 26 -53.37 43.65 35.70
N LEU V 27 -53.26 42.47 36.30
CA LEU V 27 -52.91 42.31 37.72
C LEU V 27 -51.76 41.31 37.85
N PHE V 28 -50.74 41.46 37.01
CA PHE V 28 -49.62 40.53 37.00
C PHE V 28 -48.32 41.29 37.18
N ASN V 29 -47.31 40.57 37.70
CA ASN V 29 -45.97 41.12 37.87
C ASN V 29 -45.98 42.46 38.61
N GLY V 30 -45.52 43.50 37.93
CA GLY V 30 -45.45 44.82 38.54
C GLY V 30 -46.80 45.45 38.81
N ALA V 31 -47.86 44.94 38.19
CA ALA V 31 -49.19 45.49 38.43
C ALA V 31 -49.62 45.31 39.88
N THR V 32 -49.32 44.15 40.47
CA THR V 32 -49.60 43.89 41.86
C THR V 32 -48.34 43.91 42.72
N ARG V 33 -47.33 44.68 42.32
CA ARG V 33 -46.08 44.82 43.06
C ARG V 33 -45.43 43.46 43.35
N GLY V 34 -45.48 42.57 42.36
CA GLY V 34 -44.87 41.27 42.48
C GLY V 34 -45.66 40.24 43.24
N ALA V 35 -46.87 40.59 43.72
CA ALA V 35 -47.67 39.62 44.45
C ALA V 35 -48.09 38.45 43.57
N ILE V 36 -48.49 38.73 42.33
CA ILE V 36 -48.82 37.72 41.35
C ILE V 36 -47.79 37.81 40.24
N ILE V 37 -47.12 36.69 39.94
CA ILE V 37 -46.04 36.65 38.97
C ILE V 37 -46.52 35.91 37.74
N LEU V 38 -46.17 36.42 36.56
CA LEU V 38 -46.50 35.78 35.29
C LEU V 38 -45.19 35.60 34.52
N ARG V 39 -44.71 34.36 34.46
CA ARG V 39 -43.45 34.01 33.84
C ARG V 39 -43.72 33.28 32.52
N SER V 40 -42.64 32.83 31.88
CA SER V 40 -42.72 32.14 30.61
C SER V 40 -41.81 30.90 30.63
N ALA V 41 -41.90 30.12 31.70
CA ALA V 41 -41.05 28.94 31.87
C ALA V 41 -41.74 27.70 31.32
N GLY V 42 -40.93 26.77 30.83
CA GLY V 42 -41.44 25.54 30.25
C GLY V 42 -41.33 24.36 31.21
N ASN V 43 -42.43 23.62 31.31
CA ASN V 43 -42.50 22.46 32.19
C ASN V 43 -43.17 21.30 31.47
N THR V 44 -42.70 20.10 31.73
CA THR V 44 -43.31 18.89 31.21
C THR V 44 -43.89 18.07 32.36
N GLY V 45 -45.04 17.46 32.12
CA GLY V 45 -45.73 16.73 33.15
C GLY V 45 -46.65 17.64 33.95
N ASP V 46 -47.68 17.04 34.54
CA ASP V 46 -48.64 17.84 35.30
C ASP V 46 -48.14 18.25 36.66
N LEU V 47 -47.03 17.68 37.12
CA LEU V 47 -46.53 17.89 38.48
C LEU V 47 -45.06 18.29 38.42
N SER V 48 -44.74 19.43 39.02
CA SER V 48 -43.36 19.89 39.16
C SER V 48 -43.10 20.21 40.63
N GLU V 49 -42.02 19.68 41.16
CA GLU V 49 -41.74 19.76 42.59
C GLU V 49 -40.31 20.25 42.83
N ALA V 50 -40.08 20.67 44.08
CA ALA V 50 -38.76 21.10 44.53
C ALA V 50 -38.69 20.96 46.04
N ALA V 51 -37.54 20.52 46.54
CA ALA V 51 -37.33 20.30 47.96
C ALA V 51 -36.64 21.51 48.58
N PHE V 52 -36.89 21.73 49.89
CA PHE V 52 -36.36 22.94 50.52
C PHE V 52 -35.90 22.73 51.96
N TRP V 53 -35.40 21.53 52.29
CA TRP V 53 -34.65 21.31 53.53
C TRP V 53 -35.43 21.48 54.83
N ALA V 54 -36.72 21.81 54.76
CA ALA V 54 -37.56 21.93 55.94
C ALA V 54 -36.97 22.85 57.00
N LYS V 55 -37.05 22.44 58.27
CA LYS V 55 -36.60 23.27 59.39
C LYS V 55 -36.43 22.41 60.62
N ILE V 56 -35.32 22.61 61.33
CA ILE V 56 -35.05 21.90 62.58
C ILE V 56 -35.57 22.77 63.72
N GLN V 57 -36.47 22.22 64.54
CA GLN V 57 -37.08 23.01 65.59
C GLN V 57 -36.13 23.23 66.76
N GLY V 58 -35.72 22.16 67.41
CA GLY V 58 -34.82 22.27 68.53
C GLY V 58 -33.36 22.27 68.11
N LEU V 59 -33.02 23.13 67.16
CA LEU V 59 -31.66 23.23 66.65
C LEU V 59 -30.69 23.75 67.71
N VAL V 60 -31.19 24.32 68.80
CA VAL V 60 -30.34 24.89 69.83
C VAL V 60 -30.75 24.34 71.19
N ARG V 61 -29.75 24.00 71.99
CA ARG V 61 -29.98 23.36 73.28
C ARG V 61 -29.16 24.04 74.36
N PRO V 62 -29.77 24.37 75.50
CA PRO V 62 -28.98 24.89 76.62
C PRO V 62 -28.10 23.83 77.21
N ARG V 63 -26.79 23.97 77.07
CA ARG V 63 -25.84 22.97 77.54
C ARG V 63 -25.15 23.45 78.81
N ASP V 64 -24.60 22.48 79.55
CA ASP V 64 -23.88 22.76 80.79
C ASP V 64 -22.48 22.18 80.68
N PRO V 65 -21.43 23.01 80.68
CA PRO V 65 -20.07 22.48 80.53
C PRO V 65 -19.63 21.58 81.67
N TYR V 66 -20.26 21.68 82.84
CA TYR V 66 -19.87 20.83 83.97
C TYR V 66 -20.55 19.48 83.95
N SER V 67 -21.73 19.37 83.35
CA SER V 67 -22.52 18.15 83.35
C SER V 67 -22.09 17.24 82.22
N ASN V 68 -22.51 15.98 82.30
CA ASN V 68 -22.09 14.98 81.33
C ASN V 68 -23.28 14.11 80.94
N ALA V 69 -24.47 14.70 80.85
CA ALA V 69 -25.68 13.95 80.58
C ALA V 69 -26.04 14.02 79.09
N ASP V 70 -26.45 12.88 78.53
CA ASP V 70 -26.67 12.77 77.10
C ASP V 70 -27.92 13.55 76.66
N VAL V 71 -28.01 13.77 75.35
CA VAL V 71 -29.13 14.48 74.74
C VAL V 71 -29.56 13.72 73.50
N ALA V 72 -30.87 13.69 73.26
CA ALA V 72 -31.41 13.03 72.07
C ALA V 72 -31.02 13.81 70.80
N ALA V 73 -30.97 13.09 69.69
CA ALA V 73 -30.56 13.66 68.41
C ALA V 73 -31.76 14.08 67.58
N LYS V 74 -31.47 14.86 66.53
CA LYS V 74 -32.46 15.31 65.56
C LYS V 74 -31.95 14.98 64.15
N ASP V 75 -32.66 15.49 63.14
CA ASP V 75 -32.37 15.11 61.77
C ASP V 75 -32.71 16.25 60.82
N LEU V 76 -32.20 16.15 59.60
CA LEU V 76 -32.44 17.13 58.54
C LEU V 76 -33.56 16.61 57.65
N ARG V 77 -34.80 16.89 58.05
CA ARG V 77 -35.94 16.54 57.21
C ARG V 77 -35.92 17.36 55.92
N GLN V 78 -36.48 16.80 54.86
CA GLN V 78 -36.58 17.49 53.58
C GLN V 78 -38.03 17.51 53.14
N LEU V 79 -38.58 18.71 52.94
CA LEU V 79 -39.94 18.91 52.48
C LEU V 79 -39.93 19.37 51.03
N VAL V 80 -41.05 19.20 50.35
CA VAL V 80 -41.13 19.38 48.90
C VAL V 80 -42.25 20.36 48.55
N ASP V 81 -41.95 21.29 47.64
CA ASP V 81 -42.93 22.23 47.13
C ASP V 81 -43.59 21.67 45.88
N ASN V 82 -44.53 22.42 45.30
CA ASN V 82 -45.31 21.89 44.19
C ASN V 82 -45.88 23.01 43.34
N THR V 83 -46.06 22.71 42.05
CA THR V 83 -46.74 23.59 41.10
C THR V 83 -47.54 22.71 40.16
N ILE V 84 -48.86 22.70 40.30
CA ILE V 84 -49.71 21.87 39.46
C ILE V 84 -49.86 22.50 38.10
N LYS V 85 -49.96 21.66 37.07
CA LYS V 85 -50.15 22.13 35.70
C LYS V 85 -51.64 22.19 35.37
N VAL V 86 -52.03 23.28 34.71
CA VAL V 86 -53.41 23.48 34.27
C VAL V 86 -53.42 23.55 32.76
N ALA V 87 -54.36 22.83 32.15
CA ALA V 87 -54.53 22.83 30.71
C ALA V 87 -55.91 23.39 30.37
N SER V 88 -55.93 24.39 29.50
CA SER V 88 -57.18 24.99 29.04
C SER V 88 -57.18 25.02 27.52
N GLY V 89 -58.27 25.53 26.96
CA GLY V 89 -58.40 25.54 25.52
C GLY V 89 -59.63 26.31 25.08
N THR V 90 -59.95 26.17 23.80
CA THR V 90 -61.04 26.87 23.16
C THR V 90 -61.99 25.87 22.51
N PRO V 91 -63.29 25.95 22.77
CA PRO V 91 -64.23 25.06 22.09
C PRO V 91 -64.28 25.37 20.61
N PRO V 92 -64.59 24.39 19.76
CA PRO V 92 -64.58 24.62 18.31
C PRO V 92 -65.53 25.74 17.92
N ILE V 93 -65.00 26.74 17.23
CA ILE V 93 -65.75 27.92 16.81
C ILE V 93 -65.89 27.86 15.30
N ASN V 94 -67.14 27.91 14.82
CA ASN V 94 -67.38 27.92 13.39
C ASN V 94 -66.94 29.26 12.80
N ILE V 95 -65.98 29.21 11.87
CA ILE V 95 -65.61 30.39 11.12
C ILE V 95 -65.60 30.04 9.63
N PRO V 96 -66.73 29.64 9.05
CA PRO V 96 -66.76 29.31 7.63
C PRO V 96 -66.64 30.57 6.79
N PRO V 97 -66.04 30.48 5.60
CA PRO V 97 -65.89 31.68 4.76
C PRO V 97 -67.19 32.15 4.14
N SER V 98 -68.24 31.32 4.15
CA SER V 98 -69.45 31.64 3.39
C SER V 98 -70.12 32.90 3.91
N MET V 99 -70.31 33.00 5.23
CA MET V 99 -71.03 34.14 5.78
C MET V 99 -70.24 35.44 5.62
N LEU V 100 -68.92 35.36 5.70
CA LEU V 100 -68.12 36.57 5.56
C LEU V 100 -68.06 37.02 4.11
N ARG V 101 -67.95 36.06 3.18
CA ARG V 101 -67.95 36.39 1.76
C ARG V 101 -69.30 36.95 1.32
N TRP V 102 -70.39 36.43 1.90
CA TRP V 102 -71.72 36.84 1.47
C TRP V 102 -71.95 38.34 1.72
N ILE V 103 -71.45 38.85 2.84
CA ILE V 103 -71.57 40.28 3.14
C ILE V 103 -70.29 40.97 2.67
N GLN V 104 -69.53 40.29 1.81
CA GLN V 104 -68.33 40.85 1.18
C GLN V 104 -67.33 41.30 2.24
N LYS V 105 -66.83 40.33 3.00
CA LYS V 105 -65.88 40.61 4.07
C LYS V 105 -64.79 39.55 4.04
N ASN V 106 -63.60 39.94 4.46
CA ASN V 106 -62.44 39.06 4.39
C ASN V 106 -62.63 37.88 5.33
N PRO V 107 -62.42 36.64 4.87
CA PRO V 107 -62.56 35.48 5.77
C PRO V 107 -61.54 35.45 6.90
N GLN V 108 -60.51 36.28 6.86
CA GLN V 108 -59.54 36.39 7.94
C GLN V 108 -60.03 37.30 9.06
N GLU V 109 -61.11 38.05 8.83
CA GLU V 109 -61.68 38.89 9.88
C GLU V 109 -62.12 38.05 11.07
N ALA V 110 -62.69 36.87 10.81
CA ALA V 110 -63.13 36.00 11.89
C ALA V 110 -61.94 35.55 12.74
N GLY V 111 -60.84 35.16 12.09
CA GLY V 111 -59.65 34.78 12.84
C GLY V 111 -59.10 35.94 13.65
N ALA V 112 -59.09 37.13 13.06
CA ALA V 112 -58.61 38.31 13.79
C ALA V 112 -59.46 38.58 15.01
N VAL V 113 -60.79 38.46 14.89
CA VAL V 113 -61.68 38.68 16.02
C VAL V 113 -61.45 37.63 17.10
N ILE V 114 -61.30 36.36 16.70
CA ILE V 114 -61.04 35.30 17.65
C ILE V 114 -59.77 35.59 18.42
N GLY V 115 -58.71 35.99 17.71
CA GLY V 115 -57.46 36.31 18.39
C GLY V 115 -57.60 37.49 19.33
N GLN V 116 -58.33 38.53 18.90
CA GLN V 116 -58.50 39.71 19.73
C GLN V 116 -59.21 39.39 21.03
N GLN V 117 -60.23 38.52 20.97
CA GLN V 117 -60.93 38.15 22.19
C GLN V 117 -60.10 37.20 23.04
N LEU V 118 -59.42 36.24 22.40
CA LEU V 118 -58.66 35.25 23.14
C LEU V 118 -57.50 35.88 23.90
N ALA V 119 -56.87 36.91 23.32
CA ALA V 119 -55.73 37.53 23.98
C ALA V 119 -56.08 38.01 25.38
N GLY V 120 -57.32 38.45 25.59
CA GLY V 120 -57.76 38.85 26.90
C GLY V 120 -58.36 37.71 27.71
N ASP V 121 -59.07 36.81 27.04
CA ASP V 121 -59.75 35.74 27.75
C ASP V 121 -58.77 34.76 28.39
N THR V 122 -57.64 34.48 27.74
CA THR V 122 -56.65 33.59 28.34
C THR V 122 -56.14 34.15 29.66
N MET V 123 -55.78 35.43 29.69
CA MET V 123 -55.30 36.05 30.92
C MET V 123 -56.41 36.13 31.97
N GLN V 124 -57.65 36.39 31.54
CA GLN V 124 -58.76 36.38 32.48
C GLN V 124 -58.90 35.04 33.17
N ASP V 125 -58.89 33.96 32.38
CA ASP V 125 -58.98 32.62 32.96
C ASP V 125 -57.80 32.33 33.87
N MET V 126 -56.60 32.73 33.45
CA MET V 126 -55.41 32.46 34.24
C MET V 126 -55.50 33.12 35.61
N LEU V 127 -55.88 34.40 35.65
CA LEU V 127 -55.92 35.08 36.94
C LEU V 127 -57.11 34.63 37.77
N ASN V 128 -58.24 34.28 37.14
CA ASN V 128 -59.36 33.76 37.90
C ASN V 128 -58.98 32.45 38.59
N ASN V 129 -58.31 31.55 37.87
CA ASN V 129 -57.84 30.32 38.48
C ASN V 129 -56.81 30.59 39.56
N GLY V 130 -55.92 31.56 39.32
CA GLY V 130 -54.93 31.90 40.34
C GLY V 130 -55.56 32.39 41.63
N LEU V 131 -56.54 33.29 41.52
CA LEU V 131 -57.21 33.80 42.71
C LEU V 131 -58.00 32.71 43.42
N ALA V 132 -58.69 31.86 42.66
CA ALA V 132 -59.43 30.76 43.27
C ALA V 132 -58.50 29.83 44.03
N ALA V 133 -57.37 29.46 43.41
CA ALA V 133 -56.41 28.58 44.06
C ALA V 133 -55.80 29.24 45.28
N GLY V 134 -55.50 30.53 45.20
CA GLY V 134 -54.95 31.22 46.36
C GLY V 134 -55.91 31.24 47.53
N LYS V 135 -57.17 31.55 47.26
CA LYS V 135 -58.17 31.54 48.33
C LYS V 135 -58.31 30.15 48.93
N ALA V 136 -58.39 29.12 48.08
CA ALA V 136 -58.53 27.76 48.58
C ALA V 136 -57.34 27.34 49.42
N ALA V 137 -56.12 27.65 48.96
CA ALA V 137 -54.93 27.26 49.70
C ALA V 137 -54.82 28.01 51.02
N PHE V 138 -55.18 29.29 51.04
CA PHE V 138 -55.12 30.04 52.28
C PHE V 138 -56.15 29.53 53.28
N THR V 139 -57.33 29.14 52.79
CA THR V 139 -58.32 28.52 53.66
C THR V 139 -57.81 27.19 54.21
N ALA V 140 -57.18 26.39 53.35
CA ALA V 140 -56.69 25.08 53.78
C ALA V 140 -55.58 25.22 54.80
N GLY V 141 -54.71 26.21 54.64
CA GLY V 141 -53.61 26.40 55.57
C GLY V 141 -53.99 27.02 56.89
N GLY V 142 -55.25 27.41 57.06
CA GLY V 142 -55.70 28.02 58.29
C GLY V 142 -55.47 29.51 58.39
N ALA V 143 -54.98 30.15 57.33
CA ALA V 143 -54.74 31.59 57.33
C ALA V 143 -55.98 32.33 56.84
N VAL V 144 -57.02 32.31 57.68
CA VAL V 144 -58.28 32.95 57.35
C VAL V 144 -58.99 33.30 58.65
N HIS V 145 -59.63 34.47 58.68
CA HIS V 145 -60.56 34.81 59.73
C HIS V 145 -61.76 35.50 59.09
N ASP V 146 -62.93 35.33 59.70
CA ASP V 146 -64.16 35.82 59.12
C ASP V 146 -64.67 37.04 59.89
N ILE V 147 -65.36 37.92 59.17
CA ILE V 147 -65.93 39.12 59.75
C ILE V 147 -67.45 39.16 59.62
N SER V 148 -68.05 38.27 58.81
CA SER V 148 -69.48 38.33 58.53
C SER V 148 -70.32 38.32 59.80
N ALA V 149 -70.01 37.44 60.74
CA ALA V 149 -70.78 37.35 61.98
C ALA V 149 -70.38 38.38 63.01
N ALA V 150 -69.23 39.04 62.85
CA ALA V 150 -68.75 40.03 63.81
C ALA V 150 -69.57 41.30 63.64
N GLY V 151 -70.75 41.32 64.27
CA GLY V 151 -71.65 42.44 64.08
C GLY V 151 -72.07 42.53 62.63
N THR V 152 -72.22 43.75 62.13
CA THR V 152 -72.38 43.93 60.69
C THR V 152 -71.07 43.57 59.99
N GLY V 153 -71.17 42.73 58.97
CA GLY V 153 -69.99 42.28 58.26
C GLY V 153 -69.71 43.15 57.06
N LEU V 154 -68.78 44.09 57.20
CA LEU V 154 -68.45 45.00 56.12
C LEU V 154 -66.98 45.38 56.22
N MET V 155 -66.42 45.82 55.09
CA MET V 155 -65.02 46.19 55.07
C MET V 155 -64.77 47.45 55.89
N THR V 156 -63.70 47.43 56.67
CA THR V 156 -63.31 48.56 57.50
C THR V 156 -61.84 48.40 57.82
N GLN V 157 -61.19 49.51 58.17
CA GLN V 157 -59.76 49.47 58.50
C GLN V 157 -59.48 48.49 59.64
N ARG V 158 -60.43 48.33 60.57
CA ARG V 158 -60.24 47.38 61.65
C ARG V 158 -60.14 45.95 61.13
N ALA V 159 -60.92 45.62 60.09
CA ALA V 159 -60.80 44.29 59.49
C ALA V 159 -59.43 44.08 58.88
N PHE V 160 -58.89 45.11 58.22
CA PHE V 160 -57.55 45.00 57.65
C PHE V 160 -56.51 44.81 58.75
N ASN V 161 -56.64 45.54 59.85
CA ASN V 161 -55.72 45.35 60.97
C ASN V 161 -55.82 43.94 61.54
N ALA V 162 -57.04 43.43 61.71
CA ALA V 162 -57.22 42.08 62.23
C ALA V 162 -56.59 41.06 61.30
N ALA V 163 -56.71 41.25 60.00
CA ALA V 163 -55.99 40.39 59.06
C ALA V 163 -54.49 40.52 59.23
N GLN V 164 -54.00 41.73 59.46
CA GLN V 164 -52.58 41.94 59.70
C GLN V 164 -52.12 41.28 61.00
N ARG V 165 -53.05 40.96 61.90
CA ARG V 165 -52.64 40.25 63.11
C ARG V 165 -52.02 38.90 62.78
N ILE V 166 -52.55 38.19 61.80
CA ILE V 166 -51.84 37.05 61.24
C ILE V 166 -50.51 37.54 60.66
N PHE V 167 -49.52 36.63 60.62
CA PHE V 167 -48.12 36.85 60.22
C PHE V 167 -47.30 37.45 61.35
N GLY V 168 -47.90 37.83 62.47
CA GLY V 168 -47.12 38.29 63.61
C GLY V 168 -46.28 39.50 63.30
N ASP V 169 -45.02 39.47 63.73
CA ASP V 169 -44.12 40.59 63.49
C ASP V 169 -43.78 40.72 62.01
N ARG V 170 -43.62 39.59 61.33
CA ARG V 170 -43.31 39.60 59.91
C ARG V 170 -44.60 39.76 59.11
N SER V 171 -45.33 40.84 59.39
CA SER V 171 -46.56 41.15 58.66
C SER V 171 -46.43 42.37 57.78
N THR V 172 -45.36 43.16 57.94
CA THR V 172 -45.14 44.31 57.07
C THR V 172 -44.92 43.88 55.62
N ASP V 173 -44.42 42.67 55.41
CA ASP V 173 -44.17 42.20 54.06
C ASP V 173 -45.45 41.94 53.28
N ILE V 174 -46.61 41.91 53.93
CA ILE V 174 -47.87 41.88 53.20
C ILE V 174 -47.99 43.17 52.40
N GLN V 175 -48.34 43.04 51.13
CA GLN V 175 -48.22 44.17 50.20
C GLN V 175 -49.52 44.59 49.55
N VAL V 176 -50.33 43.63 49.08
CA VAL V 176 -51.43 43.91 48.17
C VAL V 176 -52.69 43.24 48.66
N TRP V 177 -53.82 43.95 48.58
CA TRP V 177 -55.13 43.41 48.93
C TRP V 177 -55.98 43.32 47.66
N VAL V 178 -55.87 42.20 46.95
CA VAL V 178 -56.72 41.96 45.80
C VAL V 178 -58.14 41.68 46.29
N SER V 179 -59.11 42.42 45.76
CA SER V 179 -60.46 42.35 46.29
C SER V 179 -61.48 42.61 45.18
N HIS V 180 -62.72 42.21 45.47
CA HIS V 180 -63.83 42.53 44.59
C HIS V 180 -64.19 44.01 44.71
N SER V 181 -64.97 44.49 43.73
CA SER V 181 -65.36 45.90 43.75
C SER V 181 -66.27 46.22 44.91
N SER V 182 -67.23 45.35 45.21
CA SER V 182 -68.20 45.64 46.25
C SER V 182 -67.59 45.89 47.63
N PRO V 183 -66.60 45.11 48.10
CA PRO V 183 -65.93 45.49 49.35
C PRO V 183 -65.30 46.86 49.29
N LEU V 184 -64.70 47.25 48.16
CA LEU V 184 -64.10 48.57 48.05
C LEU V 184 -65.17 49.66 48.12
N PHE V 185 -66.32 49.44 47.49
CA PHE V 185 -67.38 50.44 47.53
C PHE V 185 -67.96 50.55 48.93
N ASP V 186 -68.07 49.43 49.63
CA ASP V 186 -68.50 49.46 51.02
C ASP V 186 -67.49 50.21 51.88
N LEU V 187 -66.19 50.04 51.58
CA LEU V 187 -65.16 50.78 52.30
C LEU V 187 -65.27 52.27 52.03
N TYR V 188 -65.55 52.66 50.79
CA TYR V 188 -65.81 54.06 50.47
C TYR V 188 -67.00 54.59 51.26
N ASP V 189 -68.08 53.81 51.32
CA ASP V 189 -69.26 54.25 52.06
C ASP V 189 -68.94 54.44 53.54
N ASN V 190 -68.16 53.52 54.11
CA ASN V 190 -67.77 53.65 55.51
C ASN V 190 -66.88 54.86 55.72
N ALA V 191 -65.96 55.11 54.79
CA ALA V 191 -65.08 56.28 54.91
C ALA V 191 -65.88 57.58 54.85
N LEU V 192 -66.86 57.64 53.94
CA LEU V 192 -67.72 58.81 53.88
C LEU V 192 -68.52 58.97 55.16
N ALA V 193 -68.93 57.86 55.78
CA ALA V 193 -69.63 57.90 57.06
C ALA V 193 -68.62 57.70 58.17
N ASN V 194 -67.81 58.74 58.38
CA ASN V 194 -66.74 58.71 59.37
C ASN V 194 -67.28 59.27 60.68
N ALA V 195 -67.93 58.40 61.46
CA ALA V 195 -68.25 58.77 62.83
C ALA V 195 -66.97 59.06 63.62
N GLU V 196 -65.97 58.21 63.45
CA GLU V 196 -64.62 58.55 63.86
C GLU V 196 -64.09 59.69 63.01
N GLN V 197 -63.27 60.55 63.61
CA GLN V 197 -62.75 61.72 62.90
C GLN V 197 -61.41 61.35 62.25
N LEU V 198 -61.51 60.62 61.14
CA LEU V 198 -60.34 60.11 60.44
C LEU V 198 -60.16 60.66 59.03
N TYR V 199 -61.17 61.30 58.45
CA TYR V 199 -61.10 61.74 57.07
C TYR V 199 -61.64 63.16 56.91
N VAL V 200 -61.21 63.80 55.84
CA VAL V 200 -61.81 65.02 55.35
C VAL V 200 -62.34 64.73 53.94
N PHE V 201 -62.96 65.72 53.31
CA PHE V 201 -63.55 65.48 51.99
C PHE V 201 -62.48 65.12 50.97
N GLY V 202 -61.33 65.80 51.02
CA GLY V 202 -60.29 65.52 50.05
C GLY V 202 -59.71 64.13 50.18
N THR V 203 -59.32 63.75 51.40
CA THR V 203 -58.72 62.45 51.64
C THR V 203 -59.77 61.49 52.22
N VAL V 204 -60.69 61.09 51.36
CA VAL V 204 -61.74 60.14 51.75
C VAL V 204 -61.83 59.03 50.69
N ASN V 205 -61.22 59.27 49.53
CA ASN V 205 -61.23 58.32 48.43
C ASN V 205 -59.90 57.57 48.31
N VAL V 206 -59.23 57.33 49.43
CA VAL V 206 -57.94 56.67 49.40
C VAL V 206 -58.15 55.21 48.99
N ARG V 207 -57.43 54.79 47.94
CA ARG V 207 -57.51 53.40 47.52
C ARG V 207 -56.72 52.49 48.44
N ALA V 208 -55.43 52.79 48.63
CA ALA V 208 -54.63 52.08 49.62
C ALA V 208 -55.12 52.45 51.01
N ASP V 209 -55.40 51.44 51.81
CA ASP V 209 -55.96 51.71 53.14
C ASP V 209 -55.17 51.05 54.26
N ALA V 210 -54.65 49.84 54.04
CA ALA V 210 -53.99 49.09 55.09
C ALA V 210 -52.52 49.51 55.17
N PHE V 211 -52.29 50.65 55.82
CA PHE V 211 -50.93 51.10 56.16
C PHE V 211 -50.04 51.19 54.92
N GLY V 212 -50.58 51.79 53.86
CA GLY V 212 -49.86 51.94 52.62
C GLY V 212 -49.97 50.77 51.66
N ARG V 213 -50.77 49.77 51.97
CA ARG V 213 -50.97 48.64 51.07
C ARG V 213 -52.06 48.96 50.06
N PRO V 214 -51.79 48.89 48.77
CA PRO V 214 -52.83 49.18 47.77
C PRO V 214 -53.91 48.13 47.79
N ILE V 215 -55.09 48.52 47.29
CA ILE V 215 -56.23 47.62 47.13
C ILE V 215 -56.45 47.47 45.63
N ILE V 216 -56.38 46.24 45.13
CA ILE V 216 -56.61 45.98 43.72
C ILE V 216 -58.02 45.44 43.53
N ILE V 217 -58.64 45.80 42.41
CA ILE V 217 -60.07 45.58 42.20
C ILE V 217 -60.25 44.72 40.95
N THR V 218 -61.09 43.69 41.07
CA THR V 218 -61.46 42.84 39.94
C THR V 218 -62.75 42.11 40.27
N ASP V 219 -63.61 41.94 39.27
CA ASP V 219 -64.84 41.17 39.43
C ASP V 219 -64.59 39.69 39.14
N SER V 220 -63.64 39.12 39.86
CA SER V 220 -63.37 37.69 39.73
C SER V 220 -64.50 36.92 40.38
N PRO V 221 -65.19 36.05 39.66
CA PRO V 221 -66.27 35.27 40.28
C PRO V 221 -65.78 34.35 41.39
N ALA V 222 -64.49 34.04 41.41
CA ALA V 222 -63.94 33.24 42.50
C ALA V 222 -63.97 34.00 43.81
N LEU V 223 -64.15 35.32 43.75
CA LEU V 223 -64.09 36.12 44.97
C LEU V 223 -65.47 36.27 45.61
N VAL V 224 -66.54 36.31 44.81
CA VAL V 224 -67.86 36.57 45.37
C VAL V 224 -68.39 35.35 46.11
N SER V 225 -68.37 34.19 45.47
CA SER V 225 -68.72 32.90 46.07
C SER V 225 -70.02 32.97 46.88
N GLY V 226 -71.09 33.27 46.19
CA GLY V 226 -72.41 33.26 46.81
C GLY V 226 -73.27 34.39 46.29
N ALA V 227 -74.54 34.37 46.72
CA ALA V 227 -75.51 35.37 46.30
C ALA V 227 -76.52 35.58 47.42
N ALA V 228 -77.62 36.25 47.08
CA ALA V 228 -78.68 36.58 48.02
C ALA V 228 -78.14 37.34 49.22
N GLU V 229 -78.46 36.90 50.43
CA GLU V 229 -77.87 37.46 51.64
C GLU V 229 -76.74 36.60 52.19
N THR V 230 -76.45 35.46 51.56
CA THR V 230 -75.33 34.61 51.93
C THR V 230 -74.09 34.86 51.10
N LEU V 231 -74.11 35.86 50.23
CA LEU V 231 -72.93 36.17 49.42
C LEU V 231 -71.77 36.55 50.33
N ARG V 232 -70.59 35.98 50.03
CA ARG V 232 -69.43 36.10 50.91
C ARG V 232 -68.23 36.54 50.08
N HIS V 233 -68.07 37.86 49.93
CA HIS V 233 -66.91 38.39 49.22
C HIS V 233 -65.63 38.08 49.98
N SER V 234 -64.63 37.58 49.25
CA SER V 234 -63.34 37.23 49.82
C SER V 234 -62.27 38.14 49.24
N THR V 235 -61.54 38.83 50.10
CA THR V 235 -60.44 39.68 49.70
C THR V 235 -59.13 39.06 50.18
N LEU V 236 -58.18 38.93 49.26
CA LEU V 236 -56.91 38.27 49.52
C LEU V 236 -55.83 39.30 49.77
N GLY V 237 -55.13 39.17 50.90
CA GLY V 237 -53.93 39.93 51.16
C GLY V 237 -52.72 39.07 50.83
N LEU V 238 -51.82 39.64 50.03
CA LEU V 238 -50.72 38.88 49.46
C LEU V 238 -49.38 39.54 49.75
N THR V 239 -48.36 38.71 49.92
CA THR V 239 -46.98 39.16 49.99
C THR V 239 -46.36 39.04 48.60
N THR V 240 -45.04 39.20 48.52
CA THR V 240 -44.35 39.07 47.25
C THR V 240 -44.39 37.64 46.76
N GLY V 241 -44.80 37.44 45.51
CA GLY V 241 -44.84 36.11 44.94
C GLY V 241 -45.79 35.17 45.64
N ALA V 242 -46.94 35.66 46.10
CA ALA V 242 -47.88 34.80 46.81
C ALA V 242 -48.48 33.75 45.89
N ILE V 243 -48.92 34.18 44.70
CA ILE V 243 -49.48 33.29 43.69
C ILE V 243 -48.60 33.37 42.45
N LEU V 244 -48.18 32.22 41.95
CA LEU V 244 -47.27 32.14 40.82
C LEU V 244 -47.95 31.43 39.67
N ILE V 245 -48.03 32.11 38.53
CA ILE V 245 -48.54 31.54 37.28
C ILE V 245 -47.49 31.76 36.21
N GLU V 246 -47.17 30.72 35.46
CA GLU V 246 -46.18 30.84 34.39
C GLU V 246 -46.64 30.04 33.18
N GLN V 247 -46.56 30.64 32.00
CA GLN V 247 -47.03 30.02 30.78
C GLN V 247 -46.00 29.02 30.28
N ASN V 248 -46.48 27.86 29.82
CA ASN V 248 -45.60 26.79 29.39
C ASN V 248 -45.09 26.95 27.98
N GLN V 249 -45.49 28.01 27.27
CA GLN V 249 -45.00 28.30 25.92
C GLN V 249 -45.27 27.12 24.98
N ASP V 250 -46.51 26.62 25.01
CA ASP V 250 -46.97 25.60 24.07
C ASP V 250 -48.36 26.01 23.58
N PHE V 251 -48.40 26.80 22.51
CA PHE V 251 -49.65 27.28 21.93
C PHE V 251 -49.87 26.56 20.61
N ASP V 252 -50.97 25.82 20.52
CA ASP V 252 -51.36 25.15 19.29
C ASP V 252 -52.72 25.64 18.85
N SER V 253 -52.81 26.08 17.60
CA SER V 253 -54.07 26.55 17.03
C SER V 253 -54.21 25.95 15.64
N THR V 254 -55.30 25.23 15.40
CA THR V 254 -55.53 24.55 14.15
C THR V 254 -56.75 25.14 13.44
N VAL V 255 -56.66 25.21 12.13
CA VAL V 255 -57.76 25.72 11.29
C VAL V 255 -58.19 24.56 10.41
N VAL V 256 -59.19 23.81 10.86
CA VAL V 256 -59.67 22.62 10.17
C VAL V 256 -60.97 22.96 9.44
N ASP V 257 -61.04 22.59 8.17
CA ASP V 257 -62.22 22.80 7.36
C ASP V 257 -62.74 21.47 6.86
N GLY V 258 -64.04 21.42 6.57
CA GLY V 258 -64.68 20.21 6.12
C GLY V 258 -65.46 20.43 4.84
N THR V 259 -65.86 19.32 4.23
CA THR V 259 -66.59 19.34 2.97
C THR V 259 -67.85 18.48 3.09
N GLY V 260 -68.52 18.31 1.97
CA GLY V 260 -69.69 17.47 1.92
C GLY V 260 -70.96 18.09 2.42
N LYS V 261 -71.02 19.41 2.55
CA LYS V 261 -72.19 20.10 3.06
C LYS V 261 -72.61 21.14 2.02
N GLN V 262 -73.65 21.91 2.33
CA GLN V 262 -74.09 22.95 1.39
C GLN V 262 -73.01 23.99 1.17
N ASN V 263 -72.37 24.45 2.24
CA ASN V 263 -71.34 25.47 2.16
C ASN V 263 -70.05 24.96 2.80
N ILE V 264 -68.95 25.62 2.45
CA ILE V 264 -67.68 25.34 3.11
C ILE V 264 -67.83 25.56 4.60
N THR V 265 -67.38 24.60 5.39
CA THR V 265 -67.41 24.69 6.84
C THR V 265 -65.99 24.73 7.37
N ARG V 266 -65.78 25.52 8.42
CA ARG V 266 -64.48 25.64 9.07
C ARG V 266 -64.68 25.73 10.57
N GLN V 267 -63.60 25.44 11.30
CA GLN V 267 -63.62 25.52 12.76
C GLN V 267 -62.27 26.00 13.26
N TYR V 268 -62.29 26.63 14.42
CA TYR V 268 -61.09 27.11 15.09
C TYR V 268 -60.93 26.37 16.41
N GLN V 269 -59.68 26.10 16.78
CA GLN V 269 -59.37 25.34 17.99
C GLN V 269 -57.99 25.76 18.47
N ALA V 270 -57.92 26.35 19.66
CA ALA V 270 -56.67 26.78 20.27
C ALA V 270 -56.50 26.09 21.62
N GLU V 271 -55.30 25.60 21.88
CA GLU V 271 -55.04 24.86 23.11
C GLU V 271 -53.65 25.24 23.61
N TRP V 272 -53.56 25.52 24.91
CA TRP V 272 -52.32 25.96 25.53
C TRP V 272 -52.29 25.43 26.96
N SER V 273 -51.16 25.65 27.65
CA SER V 273 -50.97 25.11 28.98
C SER V 273 -50.25 26.12 29.85
N TYR V 274 -50.62 26.15 31.13
CA TYR V 274 -49.95 26.99 32.13
C TYR V 274 -50.05 26.28 33.47
N ASN V 275 -48.95 26.24 34.21
CA ASN V 275 -48.96 25.62 35.52
C ASN V 275 -48.95 26.67 36.62
N LEU V 276 -49.55 26.31 37.75
CA LEU V 276 -49.89 27.26 38.79
C LEU V 276 -49.36 26.75 40.13
N GLY V 277 -48.98 27.69 40.99
CA GLY V 277 -48.53 27.34 42.32
C GLY V 277 -48.74 28.48 43.28
N VAL V 278 -48.91 28.15 44.55
CA VAL V 278 -49.05 29.13 45.62
C VAL V 278 -47.87 28.97 46.57
N ASN V 279 -47.22 30.10 46.89
CA ASN V 279 -46.02 30.06 47.71
C ASN V 279 -46.32 29.51 49.10
N GLY V 280 -45.67 28.40 49.44
CA GLY V 280 -45.86 27.77 50.74
C GLY V 280 -46.85 26.64 50.77
N TYR V 281 -47.47 26.30 49.64
CA TYR V 281 -48.50 25.26 49.61
C TYR V 281 -48.23 24.33 48.44
N ALA V 282 -48.80 23.13 48.53
CA ALA V 282 -48.62 22.10 47.51
C ALA V 282 -49.97 21.51 47.13
N TYR V 283 -50.08 21.12 45.87
CA TYR V 283 -51.31 20.49 45.38
C TYR V 283 -51.29 19.00 45.72
N ASP V 284 -52.45 18.47 46.10
CA ASP V 284 -52.57 17.07 46.48
C ASP V 284 -53.11 16.30 45.28
N ILE V 285 -52.25 15.54 44.61
CA ILE V 285 -52.65 14.81 43.42
C ILE V 285 -53.63 13.69 43.76
N ALA V 286 -53.35 12.92 44.82
CA ALA V 286 -54.22 11.79 45.15
C ALA V 286 -55.63 12.25 45.50
N THR V 287 -55.74 13.33 46.26
CA THR V 287 -57.05 13.92 46.54
C THR V 287 -57.65 14.60 45.32
N GLY V 288 -56.85 15.33 44.56
CA GLY V 288 -57.30 16.04 43.38
C GLY V 288 -57.19 15.21 42.13
N GLY V 289 -57.08 15.89 40.99
CA GLY V 289 -56.97 15.23 39.71
C GLY V 289 -55.61 15.49 39.08
N LYS V 290 -55.37 14.80 37.97
CA LYS V 290 -54.12 14.98 37.25
C LYS V 290 -54.12 16.28 36.47
N ALA V 291 -55.27 16.65 35.90
CA ALA V 291 -55.48 17.93 35.26
C ALA V 291 -56.60 18.66 35.99
N PRO V 292 -56.30 19.54 36.93
CA PRO V 292 -57.36 20.09 37.80
C PRO V 292 -58.31 21.03 37.08
N ASN V 293 -59.61 20.82 37.31
CA ASN V 293 -60.63 21.75 36.86
C ASN V 293 -60.68 22.97 37.78
N PRO V 294 -61.19 24.10 37.30
CA PRO V 294 -61.29 25.28 38.17
C PRO V 294 -62.08 25.03 39.44
N THR V 295 -63.17 24.26 39.36
CA THR V 295 -63.92 23.92 40.57
C THR V 295 -63.11 23.01 41.47
N ALA V 296 -62.20 22.22 40.90
CA ALA V 296 -61.33 21.39 41.72
C ALA V 296 -60.28 22.23 42.45
N LEU V 297 -59.70 23.21 41.74
CA LEU V 297 -58.72 24.08 42.37
C LEU V 297 -59.35 24.97 43.43
N ALA V 298 -60.59 25.40 43.21
CA ALA V 298 -61.25 26.30 44.15
C ALA V 298 -61.58 25.62 45.47
N THR V 299 -61.66 24.29 45.50
CA THR V 299 -62.01 23.60 46.73
C THR V 299 -60.82 23.56 47.68
N ALA V 300 -61.07 23.92 48.94
CA ALA V 300 -60.07 23.74 49.97
C ALA V 300 -59.87 22.25 50.25
N ALA V 301 -58.94 21.96 51.16
CA ALA V 301 -58.60 20.59 51.54
C ALA V 301 -58.01 19.82 50.36
N ASN V 302 -57.79 20.51 49.24
CA ASN V 302 -57.06 19.91 48.13
C ASN V 302 -55.62 20.40 48.11
N TRP V 303 -55.32 21.44 48.87
CA TRP V 303 -53.96 21.92 49.10
C TRP V 303 -53.55 21.60 50.53
N ASP V 304 -52.27 21.76 50.81
CA ASP V 304 -51.74 21.53 52.15
C ASP V 304 -50.56 22.44 52.39
N LYS V 305 -50.51 23.03 53.58
CA LYS V 305 -49.42 23.91 53.94
C LYS V 305 -48.17 23.08 54.23
N ILE V 306 -47.09 23.39 53.52
CA ILE V 306 -45.84 22.67 53.69
C ILE V 306 -44.81 23.47 54.48
N SER V 307 -44.91 24.80 54.51
CA SER V 307 -44.03 25.60 55.34
C SER V 307 -44.35 25.39 56.81
N THR V 308 -43.30 25.37 57.63
CA THR V 308 -43.49 25.11 59.05
C THR V 308 -44.28 26.22 59.72
N SER V 309 -44.03 27.47 59.35
CA SER V 309 -44.68 28.62 59.95
C SER V 309 -45.58 29.31 58.93
N ILE V 310 -46.71 29.82 59.41
CA ILE V 310 -47.68 30.44 58.51
C ILE V 310 -47.13 31.70 57.87
N LYS V 311 -46.25 32.42 58.56
CA LYS V 311 -45.75 33.68 58.03
C LYS V 311 -44.80 33.47 56.86
N ASP V 312 -44.28 32.26 56.69
CA ASP V 312 -43.51 31.94 55.49
C ASP V 312 -44.44 31.81 54.29
N THR V 313 -45.62 31.24 54.49
CA THR V 313 -46.61 31.10 53.43
C THR V 313 -47.20 32.47 53.14
N GLY V 314 -46.72 33.09 52.05
CA GLY V 314 -47.19 34.43 51.72
C GLY V 314 -48.67 34.44 51.43
N GLY V 315 -49.40 35.31 52.11
CA GLY V 315 -50.80 35.51 51.77
C GLY V 315 -51.79 35.15 52.87
N VAL V 316 -52.80 36.02 53.02
CA VAL V 316 -53.94 35.77 53.88
C VAL V 316 -55.21 36.17 53.12
N VAL V 317 -56.32 35.59 53.53
CA VAL V 317 -57.61 35.83 52.89
C VAL V 317 -58.61 36.30 53.96
N LEU V 318 -59.39 37.32 53.61
CA LEU V 318 -60.35 37.94 54.52
C LEU V 318 -61.75 37.86 53.94
N VAL V 319 -62.70 37.43 54.75
CA VAL V 319 -64.10 37.31 54.35
C VAL V 319 -64.88 38.44 54.98
N THR V 320 -65.71 39.12 54.18
CA THR V 320 -66.41 40.31 54.62
C THR V 320 -67.90 40.34 54.28
N LYS V 321 -68.34 39.55 53.30
CA LYS V 321 -69.70 39.59 52.73
C LYS V 321 -70.20 41.01 52.45
#